data_6CND
#
_entry.id   6CND
#
loop_
_entity.id
_entity.type
_entity.pdbx_description
1 polymer 'DNA-directed RNA polymerase III subunit RPC1'
2 polymer 'DNA-directed RNA polymerase III subunit RPC2'
3 polymer 'DNA-directed RNA polymerases I and III subunit RPAC1'
4 polymer 'DNA-directed RNA polymerase III subunit RPC9'
5 polymer 'DNA-directed RNA polymerases I, II, and III subunit RPABC1'
6 polymer 'DNA-directed RNA polymerases I, II, and III subunit RPABC2'
7 polymer 'DNA-directed RNA polymerase III subunit RPC8'
8 polymer 'DNA-directed RNA polymerases I, II, and III subunit RPABC3'
9 polymer 'DNA-directed RNA polymerase III subunit RPC10'
10 polymer 'DNA-directed RNA polymerases I, II, and III subunit RPABC5'
11 polymer 'DNA-directed RNA polymerases I and III subunit RPAC2'
12 polymer 'DNA-directed RNA polymerases I, II, and III subunit RPABC4'
13 polymer 'DNA-directed RNA polymerase III subunit RPC5'
14 polymer 'DNA-directed RNA polymerase III subunit RPC4'
15 polymer 'DNA-directed RNA polymerase III subunit RPC3'
16 polymer 'DNA-directed RNA polymerase III subunit RPC6'
17 polymer 'DNA-directed RNA polymerase III subunit RPC7,DNA-directed RNA polymerase III subunit RPC7,DNA-directed RNA polymerase III subunit RPC7,DNA-directed RNA polymerase III subunit RPC7,DNA-directed RNA polymerase III subunit RPC7'
18 polymer 'Transcription factor IIIB 70 kDa subunit,TATA-box-binding protein,Transcription factor IIIB 70 kDa subunit'
19 polymer "Transcription factor TFIIIB component B'',Transcription factor TFIIIB component B'',Transcription factor TFIIIB component B'',Transcription factor TFIIIB component B'',Transcription factor TFIIIB component B''"
20 polymer 'DNA (71-MER)'
21 polymer 'DNA (71-MER)'
22 non-polymer 'ZINC ION'
#
loop_
_entity_poly.entity_id
_entity_poly.type
_entity_poly.pdbx_seq_one_letter_code
_entity_poly.pdbx_strand_id
1 'polypeptide(L)'
;MKEVVVSETPKRIKGLEFSALSAADIVAQSEVEVSTRDLFDLEKDRAPKANGALDPKMGVSSSSLECATCHGNLASCHGH
FGHLKLALPVFHIGYFKATIQILQGICKNCSAILLSETDKRQFLHELRRPGVDNLRRMGILKKILDQCKKQRRCLHCGAL
NGVVKKAAAGAGSAALKIIHDTFRWVGKKSAPEKDIWVGEWKEVLAHNPELERYVKRCMDDLNPLKTLNLFKQIKSADCE
LLGIDATVPSGRPETYIWRYLPAPPVCIRPSVMMQDSPASNEDDLTVKLTEIVWTSSLIKAGLDKGISINNMMEHWDYLQ
LTVAMYINSDSVNPAMLPGSSNGGGKVKPIRGFCQRLKGKQGRFRGNLSGKRVDFSGRTVISPDPNLSIDEVAVPDRVAK
VLTYPEKVTRYNRHKLQELIVNGPNVHPGANYLLKRNEDARRNLRYGDRMKLAKNLQIGDVVERHLEDGDVVLFNRQPSL
HRLSILSHYAKIRPWRTFRLNECVCTPYNADFDGDEMNLHVPQTEEARAEAINLMGVKNNLLTPKSGEPIIAATQDFITG
SYLISHKDSFYDRATLTQLLSMMSDGIEHFDIPPPAIMKPYYLWTGKQVFSLLIKPNHNSPVVINLDAKNKVFVPPKSKS
LPNEMSQNDGFVIIRGSQILSGVMDKSVLGDGKKHSVFYTILRDYGPQEAANAMNRMAKLCARFLGNRGFSIGINDVTPA
DDLKQKKEELVEIAYHKCDELITLFNKGELETQPGCNEEQTLEAKIGGLLSKVREEVGDVCINELDNWNAPLIMATCGSK
GSTLNVSQMVAVVGQQIISGNRVPDGFQDRSLPHFPKNSKTPQSKGFVRNSFFSGLSPPEFLFHAISGREGLVDTAVKTA
ETGYMSRRLMKSLEDLSCQYDNTVRTSANGIVQFTYGGDGLDPLEMEGNAQPVNFNRSWDHAYNITFNNQDKGLLPYAIM
ETANEILGPLEERLVRYDNSGCLVKREDLNKAEYVDQYDAERDFYHSLREYINGKATALANLRKSRGMLGLLEPPAKELQ
GIDPDETVPDNVKTSVSQLYRISEKSVRKFLEIALFKYRKARLEPGTAIGAIGAQSIGEPGTQMTLKTFHFAGVASMNVT
LGVPRIKEIINASKVISTPIINAVLVNDNDERAARVVKGRVEKTLLSDVAFYVQDVYKDNLSFIQVRIDLGTIDKLQLEL
TIEDIAVAITRASKLKIQASDVNIIGKDRIAINVFPEGYKAKSISTSAKEPSENDVFYRMQQLRRALPDVVVKGLPDISR
AVINIRDDGKRELLVEGYGLRDVMCTDGVIGSRTTTNHVLEVFSVLGIEAARYSIIREINYTMSNHGMSVDPRHIQLLGD
VMTYKGEVLGITRFGLSKMRDSVLQLASFEKTTDHLFDAAFYMKKDAVEGVSECIILGQTMSIGTGSFKVVKGTNISEKD
LVPKRCLFESLSNEAALKAN
;
A
2 'polypeptide(L)'
;MVAATKRRKTHIHKHVKDEAFDDLLKPVYKGKKLTDEINTAQDKWHLLPAFLKVKGLVKQHLDSFNYFVDTDLKKIIKAN
QLILSDVDPEFYLKYVDIRVGKKSSSSTKDYLTPPHECRLRDMTYSAPIYVDIEYTRGRNIIMHKDVEIGRMPIMLRSNK
CILYDADESKMAKLNECPLDPGGYFIVNGTEKVILVQEQLSKNRIIVEADEKKGIVQASVTSSTHERKSKTYVITKNGKI
YLKHNSIAEEIPIAIVLKACGILSDLEIMQLVCGNDSSYQDIFAVNLEESSKLDIYTQQQALEYIGAKVKTMRRQKLTIL
QEGIEAIATTVIAHLTVEALDFREKALYIAMMTRRVVMAMYNPKMIDDRDYVGNKRLELAGQLISLLFEDLFKKFNNDFK
LSIDKVLKKPNRAMEYDALLSINVHSNNITSGLNRAISTGNWSLKRFKMERAGVTHVLSRLSYISALGMMTRISSQFEKS
RKVSGPRALQPSQFGMLCTADTPEGEACGLVKNLALMTHITTDDEEEPIKKLCYVLGVEDITLIDSASLHLNYGVYLNGT
LIGSIRFPTKFVTQFRHLRRTGKVSEFISIYSNSHQMAVHIATDGGRICRPLIIVSDGQSRVKDIHLRKLLDGELDFDDF
LKLGLVEYLDVNEENDSYIALYEKDIVPSMTHLEIEPFTILGAVAGLIPYPHHNQSPRNTYQCAMGKQAIGAIAYNQFKR
IDTLLYLMTYPQQPMVKTKTIELIDYDKLPAGQNATVAVMSYSGYDIEDALVLNKSSIDRGFGRCETRRKTTTVLKRYAN
HTQDIIGGMRVDENGDPIWQHQSLGPDGLGEVGMKVQSGQIYINKSVPTNSADAPNPNNVNVQTQYREAPVIYRGPEPSH
IDQVMMSVSDNDQALIKVLLRQNRRPELGDKFSSRHGQKGVCGIIVKQEDMPFNDQGIVPDIIMNPHGFPSRMTVGKMIE
LISGKAGVLNGTLEYGTCFGGSKLEDMSKILVDQGFNYSGKDMLYSGITGECLQAYIFFGPIYYQKLKHMVLDKMHARAR
GPRAVLTRQPTEGRSRDGGLRLGEMERDCVIAYGASQLLLERLMISSDAFEVDVCDKCGLMGYSGWCTTCKSAENIIKMT
IPYAAKLLFQELLSMNIAPRLRLEDIFQQ
;
B
3 'polypeptide(L)'
;MSNIVGIEYNRVTNTTSTDFPGFSKDAENEWNVEKFKKDFEVNISSLDAREANFDLINIDTSIANAFRRIMISEVPSVAA
EYVYFFNNTSVIQDEVLAHRIGLVPLKVDPDMLTWVDSNLPDDEKFTDENTIVLSLNVKCTRNPDAPKGSTDPKELYNNA
HVYARDLKFEPQGRQSTTFADCPVVPADPDILLAKLRPGQEISLKAHCILGIGGDHAKFSPVSTASYRLLPQINILQPIK
GESARRFQKCFPPGVIGIDEGSDEAYVKDARKDTVSREVLRYEEFADKVKLGRVRNHFIFNVESAGAMTPEEIFFKSVRI
LKNKAEYLKNCPITQ
;
C
4 'polypeptide(L)'
;MKVLEERNAFLSDYEVLKFLTDLEKKHLWDQKSLAALKKSRSKGKQNRPYNHPELQGITRNVVNYLSINKNFINQEDEGE
ERESSGAKDAEKSGISKMSDESFAELMTKLNSFKLFKAEKLQIVNQLPANMVHLYSIVEECDARFDEKTIEEMLEIISGY
A
;
D
5 'polypeptide(L)'
;MDQENERNISRLWRAFRTVKEMVKDRGYFITQEEVELPLEDFKAKYCDSMGRPQRKMMSFQANPTEESISKFPDMGSLWV
EFCDEPSVGVKTMKTFVIHIQEKNFQTGIFVYQNNITPSAMKLVPSIPPATIETFNEAALVVNITHHELVPKHIRLSSDE
KRELLKRYRLKESQLPRIQRADPVALYLGLKRGEVVKIIRKSETSGRYASYRICM
;
E
6 'polypeptide(L)'
;MSDYEEAFNDGNENFEDFDVEHFSDEETYEEKPQFKDGETTDANGKTIVTGGNGPEDFQQHEQIRRKTLKEKAIPKDQRA
TTPYMTKYERARILGTRALQISMNAPVFVDLEGETDPLRIAMKELAEKKIPLVIRRYLPDGSFEDWSVEELIVDL
;
F
7 'polypeptide(L)'
;MFILSKIADLVRIPPDQFHRDTISAITHQLNNKFANKIIPNVGLCITIYDLLTVEEGQLKPGDGSSYINVTFRAVVFKPF
LGEIVTGWISKCTAEGIKVSLLGIFDDIFIPQNMLFEGCYYTPEESAWIWPMDEETKLYFDVNEKIRFRIEREVFVDVKP
KSPKERELEERAQLENEIEGKNEETPQNEKPPAYALLGSCQTDGMGLVSWWE
;
G
8 'polypeptide(L)'
;MSNTLFDDIFQVSEVDPGRYNKVCRIEAASTTQDQCKLTLDINVELFPVAAQDSLTVTIASSLNLEDTPANDSSATRSWR
PPQAGDRSLADDYDYVMYGTAYKFEEVSKDLIAVYYSFGGLLMRLEGNYRNLNNLKQENAYLLIRR
;
H
9 'polypeptide(L)'
;MLSFCPSCNNMLLITSGDSGVYTLACRSCPYEFPIEGIEIYDRKKLPRKEVDDVLGGGWDNVDQTKTQCPNYDTCGGESA
YFFQLQIRSADEPMTTFYKCVNCGHRWKEN
;
I
10 'polypeptide(L)' MIVPVRCFSCGKVVGDKWESYLNLLQEDELDEGTALSRLGLKRYCCRRMILTHVDLIEKFLRYNPLEKRD J
11 'polypeptide(L)'
;MTEDIEQKKTATEVTPQEPKHIQEEEEQDVDMTGDEEQEEEPDREKIKLLTQATSEDGTSASFQIVEEDHTLGNALRYVI
MKNPDVEFCGYSIPHPSENLLNIRIQTYGETTAVDALQKGLKDLMDLCDVVESKFTEKIKSM
;
K
12 'polypeptide(L)' MSREGFQIPTNLDAAAAGTSQARTATLKYICAECSSKLSLSRTDAVRCKDCGHRILLKARTKRLVQFEAR L
13 'polypeptide(L)'
;MSIDNKLFVTEEDEEDRTQDRADVEDESNDIDMIADENGTNSAIANEQEEKSEEVKAEDDTGEEEEDDPVIEEFPLKISG
EEESLHVFQYANRPRLVGRKPAEHPFISAARYKPKSHLWEIDIPLDEQAFYNKDKAESEWNGVNVQTLKGVGVENNGQYA
AFVKDMQVYLVPIERVAQLKPFFKYIDDANVTRKQEDARRNPNPSSQRAQVVTMSVKSVNDPSQNRLTGSLLAHKVADEE
ANIELTWAEGTFEQFKDTIVKEAEDKTLVALEKQEDYIDNLV
;
M
14 'polypeptide(L)'
;MSSNKGNGRLPSLKDSSSNGGGSAKPSLKFKPKAVARKSKEEREAAASKVKLEEESKRGNDKKHFNNKNKRVTGAGGQQR
RMAKYLNNTHVISSGPLAAGNFVSEKGDLRRGFIKSEGSGSSLVQKGLETIDNGAESSENEAEDDDNEGVASKSKKKFNM
GKEFEARNLIEDEDDGESEKSSDVDMDDEEWRSKRIEQLFPVRPVRVRHEDVETVKREIQEALSEKPTREPTPSVKTEPV
GTGLQSYLEERERQVNEKLADLGLEKEFQSVDGKEAAAELELLNADHQHILRKLKKMNNKPERFMVFQLPTRLPAFERPA
VKEEKEDMETQASDPSKKKKNIKKKDTKDALSTRELAGKVGSIRVHKSGKLSVKIGNVVMDIGKGAETTFLQDVIALSIA
DDASSAELLGRVDGKIVVTPQI
;
N
15 'polypeptide(L)'
;MDELLGEALSAENQTGESTVESEKLVTPEDVMTISSLEQRTLNPDLFLYKELVKAHLGERAASVIGMLVALGRLSVRELV
EKIDGMDVDSVKTTLVSLTQLRCVKYLQETAISGKKTTYYYYNEEGIHILLYSGLIIDEIITQMRVNDEEEHKQLVAEIV
QNVISLGSLTVEDYLSSVTSDSMKYTISSLFVQLCEMGYLIQISKLHYTPIEDLWQFLYEKHYKNIPRNSPLSDLKKRSQ
AKMNAKTDFAKIINKPNELSQILTVDPKTSLRIVKPTVSLTINLDRFMKGRRSKQLINLAKTRVGSVTAQVYKIALRLTE
QKSPKIRDPLTQTGLLQDLEEAKSFQDEAELVEEKTPGLTFNAIDLARHLPAELDLRGSLLSRKPSDNKKRSGSNAAASL
PSKKLKTEDGFVIPALPAAVSKSLQESGDTQEEDEEEEDLDADTEDPHSASLINSHLKILASSNFPFLNETKPGVYYVPY
SKLMPVLKSSVYEYVIASTLGPSAMRLSRCIRDNKLVSEKIINSTALMKEKDIRSTLASLIRYNSVEIQEVPRTADRSAS
RAVFLFRCKETHSYNFMRQNLEWNMANLLFKKEKLKQENSTLLKKANRDDVKGRENELLLPSELNQLKMVNERELNVFAR
LSRLLSLWEVFQMA
;
O
16 'polypeptide(L)'
;MSGMIENGLQLSDNAKTLHSQMMSKGIGALFTQQELQKQMGIGSLTDLMSIVQELLDKNLIKLVKQNDELKFQGVLESEA
QKKATMSAEEALVYSYIEASGREGIWSKTIKARTNLHQHVVLKCLKSLESQRYVKSVKSVKFPTRKIYMLYSLQPSVDIT
GGPWFTDGELDIEFINSLLTIVWRFISENTFPNGFKNFENGPKKNVFYAPNVKNYSTTQEILEFITAAQVANVELTPSNI
RSLCEVLVYDDKLEKVTHDCYRVTLESILQMNQGEGEPEAGNKALEDEEEFSIFNYFKMFPASKHDKEVVYFDEWTI
;
P
17 'polypeptide(L)'
;MSSYRGGSRGGGSNYMSNLPFGLGYGDVGKNHITEFPSIPLPINGPITNKERSLAVKYINFGKTVKDGPF(UNK)(UNK)
(UNK)(UNK)(UNK)(UNK)(UNK)(UNK)(UNK)(UNK)(UNK)(UNK)(UNK)(UNK)(UNK)(UNK)(UNK)(UNK)
(UNK)RKPNIILDEDDTNDGIERYSDKYLKKRKIGISIDDHPYNLNLFPNELYNVMGINKKKLLAISKFNNADDVFTGTG
LQDENIGLSMLAKLKELAEDVDDASTGDGAAKGSKTGEGEDDDLADDDFEEDEDEEDDDDYNAEKYFNNGDDDDYGDEED
PNEEAAF
;
Q
18 'polypeptide(L)'
;MPVCKNCHGTEFERDLSNANNDLVCKACGVVSEDNPIVSEVTFGETSAGAAVVQGSFIGAGQSHAAFGGSSALESREATL
NNARRKLRAVSYALHIPEYITDAAFQWYKLALANNFVQGRRSQNVIASCLYVACRKEKTHHMLIDFSSRLQVSVYSIGAT
FLKMVKKLHITELPLADPSLFIQHFAEKLDLADKKIKVVKDAVKLAQRMSKDWMFEGRRPAGIAGACILLACRMNNLRRT
HTEIVAVSHVAEETLQQRLNEFKNTKAAKLSVQKFRENDVEDGEARPPSFVKNRKKERKIKDSLDKEEMFQTSEEALNKN
PILTQVLGEQELSSKEVLFYLKQFSERRARVVERIKATNGIDGENIYHEGSENETRKRKLSEAMPWSGIVPTLQNIVATV
TLGCRLDLKTVALHARNAEYNPKRFAAVIMRIREPKTTALIFASGKMVVTGAKSEDDSKLASRKYARIIQKIGFAAKFTD
FKIQNIVGSCDVKFPIRLEGLAFSHGTFSSYEPELFPGLIYRMVKPKIVLLIFVSGKIVLTGAKQREEIYQAFEAIYPVL
SEFRKMGSGSGSGSGSGSPRNLHLLPTTDTYLSKVSDDPDNLEDVDDEELNAHLLNEEASKLKERIWIGLNADFLLEQES
KRLKQEADIATGNTSVKKKRTRRRNNTRSDEPTKTVDAAAAIGLMSDLQDKSGLHAALKAAEESGDFTTADSVKNMLQKA
SFSKKINYDAIDGLFR
;
R
19 'polypeptide(L)'
;MSSIVNKSGTRFAPKVRQRRAATGGTPTPKPRTPQLFIPESKEIEEDNSDNDKGVDENETAIVEKPSLVGERSLEGFTLT
GTNGHDNEIGDEGPIDASTQNPKADVIEDNVTLKPAPLQTHRDQKVPRSSRLASLSKDNESRPSFKPSFLDSSSNSNGTA
RRLSTISNKLPKKIRLGSITENDMNLKTFKRHRVLGKPSSAKKPAGAHRISIVSKISPPTAMTDSLDRNEFSSETSTSRE
ADENENYVISKVKDIPKKVRDGESAKYFIDEENFTMAELCKPNFPIGQISENFEKSKMAKKAKLEKRRHLRELRMR
(UNK)(UNK)(UNK)(UNK)(UNK)(UNK)(UNK)(UNK)(UNK)(UNK)(UNK)(UNK)(UNK)(UNK)(UNK)(UNK)
(UNK)(UNK)(UNK)(UNK)(UNK)(UNK)(UNK)(UNK)(UNK)(UNK)(UNK)(UNK)(UNK)(UNK)(UNK)(UNK)
(UNK)(UNK)(UNK)(UNK)(UNK)(UNK)(UNK)(UNK)(UNK)(UNK)(UNK)TAIQLKLNPDGTMAIDEETMVVDRH
KNASIENEYKEKVDENPFANLYNYGSYGRGSYTDPWTVEEMIKFYKALSMWGTDFNLISQLYPYRSRKQVKAKFVNEEKK
RPILIELALRSKLPPNFDEYCCEIKKNIGTVADFNEKLIELQNEHKHHMKEIEEAKNTAKEEDQTAQRLNDANLNKKGSG
GIMTNDLKVYRKTEVVLGTIDDLKRKKLKERNNDDNEDNEGSEEEPEIDQ
;
S
20 'polydeoxyribonucleotide'
;(DT)(DT)(DT)(DT)(DC)(DA)(DA)(DC)(DA)(DT)(DA)(DT)(DA)(DT)(DT)(DA)(DG)(DT)(DA)(DA)
(DT)(DA)(DC)(DT)(DT)(DT)(DT)(DT)(DC)(DT)(DG)(DT)(DA)(DA)(DA)(DA)(DG)(DT)(DG)(DA)
(DC)(DA)(DC)(DA)(DA)(DG)(DA)(DT)(DA)(DA)(DA)(DA)(DT)(DG)(DA)(DC)(DT)(DC)(DC)(DA)
(DT)(DG)(DG)(DC)(DC)(DA)(DA)(DG)(DT)(DT)(DG)
;
X
21 'polydeoxyribonucleotide'
;(DC)(DA)(DA)(DC)(DT)(DT)(DG)(DG)(DC)(DC)(DA)(DT)(DG)(DG)(DA)(DG)(DT)(DC)(DA)(DT)
(DT)(DT)(DT)(DA)(DT)(DC)(DT)(DT)(DG)(DT)(DG)(DT)(DC)(DA)(DC)(DT)(DT)(DT)(DT)(DA)
(DC)(DA)(DG)(DA)(DA)(DA)(DA)(DA)(DG)(DT)(DA)(DT)(DT)(DA)(DC)(DT)(DA)(DA)(DT)(DA)
(DT)(DA)(DT)(DG)(DT)(DT)(DG)(DA)(DA)(DA)(DA)
;
Y
#
# COMPACT_ATOMS: atom_id res chain seq x y z
N LYS A 2 -53.74 -9.62 24.85
CA LYS A 2 -52.44 -8.97 24.78
C LYS A 2 -51.86 -9.05 23.38
N GLU A 3 -50.55 -8.80 23.28
CA GLU A 3 -49.79 -9.11 22.07
C GLU A 3 -50.31 -8.39 20.84
N VAL A 4 -50.02 -7.09 20.72
CA VAL A 4 -50.24 -6.40 19.45
C VAL A 4 -49.60 -7.20 18.32
N VAL A 5 -50.35 -7.34 17.24
CA VAL A 5 -49.85 -8.12 16.09
C VAL A 5 -48.70 -7.35 15.46
N VAL A 6 -47.56 -8.01 15.33
CA VAL A 6 -46.40 -7.42 14.66
C VAL A 6 -46.52 -7.79 13.19
N SER A 7 -46.69 -6.79 12.35
CA SER A 7 -46.67 -6.98 10.90
C SER A 7 -45.33 -6.45 10.41
N GLU A 8 -44.45 -7.37 10.02
CA GLU A 8 -43.16 -7.02 9.46
C GLU A 8 -43.13 -7.45 8.01
N THR A 9 -42.39 -6.70 7.19
CA THR A 9 -42.46 -6.93 5.77
C THR A 9 -41.07 -7.10 5.19
N PRO A 10 -40.89 -8.03 4.25
CA PRO A 10 -39.65 -8.05 3.48
C PRO A 10 -39.51 -6.75 2.70
N LYS A 11 -38.36 -6.11 2.86
CA LYS A 11 -38.08 -4.81 2.27
C LYS A 11 -36.64 -4.83 1.77
N ARG A 12 -36.44 -4.41 0.53
CA ARG A 12 -35.10 -4.44 -0.03
C ARG A 12 -34.65 -3.01 -0.34
N ILE A 13 -33.34 -2.83 -0.36
CA ILE A 13 -32.78 -1.50 -0.58
C ILE A 13 -33.18 -1.01 -1.96
N LYS A 14 -33.61 0.25 -2.04
CA LYS A 14 -33.61 0.98 -3.30
C LYS A 14 -33.05 2.36 -3.00
N GLY A 15 -31.96 2.70 -3.64
CA GLY A 15 -31.45 4.06 -3.59
C GLY A 15 -30.71 4.35 -2.29
N LEU A 16 -29.83 5.33 -2.36
CA LEU A 16 -29.06 5.80 -1.22
C LEU A 16 -29.13 7.32 -1.22
N GLU A 17 -29.69 7.88 -0.16
CA GLU A 17 -29.67 9.33 0.02
C GLU A 17 -28.34 9.73 0.63
N PHE A 18 -27.58 10.54 -0.09
CA PHE A 18 -26.29 11.04 0.37
C PHE A 18 -26.41 12.49 0.76
N SER A 19 -26.03 12.81 2.00
CA SER A 19 -26.13 14.17 2.48
C SER A 19 -25.15 14.33 3.63
N ALA A 20 -25.06 15.55 4.15
CA ALA A 20 -24.17 15.87 5.24
C ALA A 20 -24.80 15.40 6.55
N LEU A 21 -24.17 15.79 7.65
CA LEU A 21 -24.65 15.46 8.97
C LEU A 21 -24.91 16.74 9.73
N SER A 22 -26.11 16.87 10.28
CA SER A 22 -26.41 18.04 11.10
C SER A 22 -25.53 18.02 12.34
N ALA A 23 -25.20 19.22 12.81
CA ALA A 23 -24.66 19.29 14.15
C ALA A 23 -25.52 18.51 15.13
N ALA A 24 -26.84 18.63 15.03
CA ALA A 24 -27.75 17.84 15.82
C ALA A 24 -27.59 16.34 15.62
N ASP A 25 -27.95 15.79 14.46
CA ASP A 25 -28.03 14.35 14.29
C ASP A 25 -26.80 13.63 14.81
N ILE A 26 -25.61 14.16 14.52
CA ILE A 26 -24.38 13.57 15.04
C ILE A 26 -24.48 13.39 16.54
N VAL A 27 -24.46 14.49 17.27
CA VAL A 27 -24.55 14.40 18.73
C VAL A 27 -25.88 13.81 19.13
N ALA A 28 -26.92 13.97 18.30
CA ALA A 28 -28.20 13.38 18.62
C ALA A 28 -28.09 11.87 18.80
N GLN A 29 -27.17 11.25 18.06
CA GLN A 29 -26.99 9.81 18.17
C GLN A 29 -26.13 9.38 19.34
N SER A 30 -24.85 9.73 19.32
CA SER A 30 -23.85 9.04 20.10
C SER A 30 -24.06 9.17 21.60
N GLU A 31 -23.40 8.29 22.34
CA GLU A 31 -23.54 8.21 23.78
C GLU A 31 -22.80 9.34 24.49
N VAL A 32 -21.47 9.34 24.43
CA VAL A 32 -20.66 10.17 25.31
C VAL A 32 -19.87 11.18 24.50
N GLU A 33 -19.80 12.39 25.03
CA GLU A 33 -18.72 13.27 24.63
C GLU A 33 -17.40 12.61 24.96
N VAL A 34 -16.46 12.69 24.03
CA VAL A 34 -15.18 12.04 24.26
C VAL A 34 -14.50 12.70 25.45
N SER A 35 -14.50 14.03 25.47
CA SER A 35 -14.03 14.85 26.58
C SER A 35 -12.66 14.35 27.02
N THR A 36 -12.40 14.35 28.33
CA THR A 36 -11.33 13.57 28.94
C THR A 36 -10.00 13.65 28.20
N ARG A 37 -9.39 12.48 28.03
CA ARG A 37 -8.22 12.24 27.18
C ARG A 37 -8.23 10.73 26.96
N ASP A 38 -7.15 10.19 26.37
CA ASP A 38 -7.15 8.74 26.38
C ASP A 38 -6.84 8.28 27.80
N LEU A 39 -5.56 8.31 28.17
CA LEU A 39 -5.09 8.12 29.54
C LEU A 39 -5.50 6.76 30.07
N PHE A 40 -6.61 6.24 29.56
CA PHE A 40 -7.23 4.98 29.99
C PHE A 40 -7.36 4.91 31.50
N ASP A 41 -7.21 6.06 32.16
CA ASP A 41 -7.16 6.25 33.62
C ASP A 41 -6.59 5.02 34.30
N LEU A 42 -5.33 4.68 34.02
CA LEU A 42 -4.93 3.31 34.29
C LEU A 42 -4.74 3.10 35.78
N GLU A 43 -5.64 2.31 36.35
CA GLU A 43 -5.61 1.93 37.75
C GLU A 43 -6.33 0.59 37.87
N LYS A 44 -5.78 -0.29 38.70
CA LYS A 44 -6.32 -1.61 39.03
C LYS A 44 -6.48 -2.48 37.79
N ASP A 45 -6.23 -1.91 36.62
CA ASP A 45 -6.53 -2.55 35.35
C ASP A 45 -5.67 -1.94 34.25
N ARG A 46 -5.51 -2.70 33.18
CA ARG A 46 -5.01 -2.12 31.94
C ARG A 46 -6.19 -1.50 31.22
N ALA A 47 -6.13 -0.19 31.03
CA ALA A 47 -7.22 0.60 30.44
C ALA A 47 -8.56 0.35 31.13
N PRO A 48 -8.72 0.75 32.40
CA PRO A 48 -10.09 0.86 32.95
C PRO A 48 -10.88 2.02 32.34
N LYS A 49 -10.20 3.06 31.87
CA LYS A 49 -10.71 3.99 30.85
C LYS A 49 -12.14 4.45 31.13
N ALA A 50 -12.30 5.20 32.22
CA ALA A 50 -13.62 5.78 32.49
C ALA A 50 -13.86 6.92 31.52
N ASN A 51 -15.01 6.91 30.86
CA ASN A 51 -15.27 7.83 29.75
C ASN A 51 -14.12 7.64 28.75
N GLY A 52 -13.54 8.72 28.27
CA GLY A 52 -12.36 8.59 27.41
C GLY A 52 -12.71 8.15 26.01
N ALA A 53 -11.73 8.23 25.12
CA ALA A 53 -11.92 7.89 23.71
C ALA A 53 -12.38 6.44 23.55
N LEU A 54 -12.01 5.59 24.49
CA LEU A 54 -12.48 4.22 24.45
C LEU A 54 -13.33 3.92 25.67
N ASP A 55 -14.62 3.71 25.45
CA ASP A 55 -15.52 3.47 26.54
C ASP A 55 -16.25 2.16 26.27
N PRO A 56 -16.41 1.31 27.28
CA PRO A 56 -17.20 0.09 27.10
C PRO A 56 -18.58 0.33 26.50
N LYS A 57 -19.28 1.37 26.93
CA LYS A 57 -20.57 1.63 26.29
C LYS A 57 -20.41 2.05 24.84
N MET A 58 -19.29 2.69 24.48
CA MET A 58 -19.03 3.08 23.10
C MET A 58 -18.84 1.87 22.18
N GLY A 59 -18.08 0.89 22.65
CA GLY A 59 -17.79 -0.29 21.86
C GLY A 59 -16.67 -1.05 22.52
N VAL A 60 -16.40 -2.24 21.98
CA VAL A 60 -15.44 -3.14 22.60
C VAL A 60 -14.34 -3.45 21.59
N SER A 61 -13.20 -3.88 22.10
CA SER A 61 -12.05 -4.24 21.27
C SER A 61 -11.75 -5.72 21.32
N SER A 62 -11.15 -6.18 22.40
CA SER A 62 -10.97 -7.61 22.62
C SER A 62 -12.32 -8.24 22.95
N SER A 63 -12.31 -9.54 23.22
CA SER A 63 -13.47 -10.17 23.82
C SER A 63 -13.14 -10.35 25.30
N SER A 64 -13.59 -9.40 26.10
CA SER A 64 -13.57 -9.56 27.55
C SER A 64 -14.82 -8.98 28.16
N LEU A 65 -14.85 -7.66 28.22
CA LEU A 65 -15.94 -6.90 28.81
C LEU A 65 -17.08 -6.71 27.81
N GLU A 66 -18.28 -6.51 28.35
CA GLU A 66 -19.44 -6.26 27.52
C GLU A 66 -19.42 -4.84 26.98
N CYS A 67 -20.39 -4.53 26.13
CA CYS A 67 -20.48 -3.23 25.49
C CYS A 67 -21.43 -2.28 26.22
N ALA A 68 -21.92 -2.68 27.40
CA ALA A 68 -22.94 -1.85 28.05
C ALA A 68 -24.11 -1.73 27.09
N THR A 69 -24.19 -0.60 26.39
CA THR A 69 -25.33 -0.20 25.57
C THR A 69 -25.98 -1.41 24.90
N CYS A 70 -25.30 -2.07 23.97
CA CYS A 70 -25.68 -3.46 23.70
C CYS A 70 -24.52 -4.39 24.08
N HIS A 71 -24.72 -5.06 25.20
CA HIS A 71 -23.73 -5.99 25.70
C HIS A 71 -23.69 -7.25 24.84
N GLY A 72 -22.79 -8.17 25.20
CA GLY A 72 -22.59 -9.38 24.43
C GLY A 72 -21.33 -9.39 23.58
N ASN A 73 -20.44 -8.44 23.86
CA ASN A 73 -19.10 -8.30 23.29
C ASN A 73 -19.08 -8.36 21.76
N LEU A 74 -18.05 -8.98 21.20
CA LEU A 74 -17.93 -9.08 19.77
C LEU A 74 -19.06 -9.89 19.17
N ALA A 75 -19.59 -10.87 19.90
CA ALA A 75 -20.70 -11.66 19.41
C ALA A 75 -21.96 -10.84 19.19
N SER A 76 -21.97 -9.58 19.61
CA SER A 76 -23.22 -8.82 19.54
C SER A 76 -23.05 -7.43 18.94
N CYS A 77 -22.35 -6.55 19.67
CA CYS A 77 -22.48 -5.12 19.39
C CYS A 77 -21.91 -4.77 18.03
N HIS A 78 -22.61 -3.91 17.33
CA HIS A 78 -22.20 -3.41 16.03
C HIS A 78 -21.47 -2.09 16.14
N GLY A 79 -21.33 -1.58 17.35
CA GLY A 79 -20.62 -0.35 17.61
C GLY A 79 -21.52 0.83 17.93
N HIS A 80 -20.93 1.93 18.34
CA HIS A 80 -21.63 3.18 18.57
C HIS A 80 -20.66 4.33 18.35
N PHE A 81 -21.19 5.48 17.98
CA PHE A 81 -20.34 6.62 17.67
C PHE A 81 -19.81 7.24 18.95
N GLY A 82 -19.14 8.38 18.80
CA GLY A 82 -18.81 9.23 19.91
C GLY A 82 -18.81 10.65 19.38
N HIS A 83 -19.06 11.62 20.24
CA HIS A 83 -19.16 12.98 19.76
C HIS A 83 -18.21 13.89 20.52
N LEU A 84 -17.88 15.02 19.89
CA LEU A 84 -16.75 15.82 20.30
C LEU A 84 -17.10 17.29 20.33
N LYS A 85 -16.99 17.90 21.52
CA LYS A 85 -17.05 19.35 21.67
C LYS A 85 -15.72 19.89 21.19
N LEU A 86 -15.78 20.88 20.31
CA LEU A 86 -14.58 21.38 19.68
C LEU A 86 -14.51 22.90 19.86
N ALA A 87 -13.46 23.36 20.53
CA ALA A 87 -13.28 24.79 20.74
C ALA A 87 -13.03 25.48 19.41
N LEU A 88 -13.82 26.51 19.13
CA LEU A 88 -13.87 27.20 17.85
C LEU A 88 -14.45 26.23 16.83
N PRO A 89 -14.85 26.69 15.66
CA PRO A 89 -15.09 25.71 14.60
C PRO A 89 -13.77 25.19 14.12
N VAL A 90 -13.81 24.25 13.19
CA VAL A 90 -12.59 23.76 12.58
C VAL A 90 -12.85 23.45 11.12
N PHE A 91 -11.88 23.77 10.29
CA PHE A 91 -12.12 23.70 8.87
C PHE A 91 -12.18 22.23 8.44
N HIS A 92 -12.42 21.99 7.17
CA HIS A 92 -12.60 20.64 6.67
C HIS A 92 -11.78 20.41 5.42
N ILE A 93 -11.00 19.33 5.42
CA ILE A 93 -10.22 18.99 4.24
C ILE A 93 -11.05 18.25 3.19
N GLY A 94 -12.01 17.44 3.60
CA GLY A 94 -12.77 16.65 2.65
C GLY A 94 -13.65 17.51 1.75
N TYR A 95 -14.37 18.47 2.33
CA TYR A 95 -15.20 19.36 1.55
C TYR A 95 -14.46 20.59 1.10
N PHE A 96 -13.15 20.64 1.34
CA PHE A 96 -12.38 21.85 1.11
C PHE A 96 -12.69 22.48 -0.24
N LYS A 97 -12.35 21.79 -1.33
CA LYS A 97 -12.35 22.45 -2.63
C LYS A 97 -13.76 22.79 -3.10
N ALA A 98 -14.77 22.08 -2.59
CA ALA A 98 -16.14 22.52 -2.84
C ALA A 98 -16.52 23.67 -1.91
N THR A 99 -16.03 23.64 -0.67
CA THR A 99 -16.29 24.73 0.26
C THR A 99 -15.73 26.05 -0.27
N ILE A 100 -14.63 25.97 -1.01
CA ILE A 100 -14.19 27.11 -1.79
C ILE A 100 -15.34 27.69 -2.57
N GLN A 101 -15.94 26.89 -3.45
CA GLN A 101 -17.07 27.36 -4.24
C GLN A 101 -18.20 27.90 -3.37
N ILE A 102 -18.66 27.12 -2.38
CA ILE A 102 -19.76 27.57 -1.54
C ILE A 102 -19.46 28.92 -0.92
N LEU A 103 -18.20 29.22 -0.67
CA LEU A 103 -17.77 30.55 -0.27
C LEU A 103 -17.71 31.52 -1.43
N GLN A 104 -17.49 31.03 -2.64
CA GLN A 104 -17.09 31.88 -3.75
C GLN A 104 -18.28 32.67 -4.29
N GLY A 105 -19.38 32.00 -4.59
CA GLY A 105 -20.44 32.61 -5.36
C GLY A 105 -21.26 33.65 -4.62
N ILE A 106 -20.83 34.01 -3.40
CA ILE A 106 -21.63 34.90 -2.58
C ILE A 106 -20.76 36.04 -2.11
N CYS A 107 -21.38 37.22 -1.95
CA CYS A 107 -20.65 38.42 -1.59
C CYS A 107 -20.12 38.31 -0.17
N LYS A 108 -18.83 38.56 -0.04
CA LYS A 108 -18.11 38.36 1.21
C LYS A 108 -18.53 39.32 2.30
N ASN A 109 -19.37 40.30 2.00
CA ASN A 109 -19.78 41.24 3.03
C ASN A 109 -21.17 40.90 3.53
N CYS A 110 -22.19 41.25 2.76
CA CYS A 110 -23.56 41.11 3.23
C CYS A 110 -24.15 39.75 2.92
N SER A 111 -23.38 38.85 2.30
CA SER A 111 -23.72 37.44 2.17
C SER A 111 -25.09 37.24 1.53
N ALA A 112 -25.14 37.55 0.24
CA ALA A 112 -26.26 37.18 -0.60
C ALA A 112 -25.70 36.72 -1.93
N ILE A 113 -26.41 35.79 -2.57
CA ILE A 113 -25.92 35.24 -3.83
C ILE A 113 -25.74 36.40 -4.80
N LEU A 114 -24.63 36.38 -5.53
CA LEU A 114 -24.26 37.57 -6.27
C LEU A 114 -25.06 37.77 -7.55
N LEU A 115 -25.37 36.71 -8.29
CA LEU A 115 -26.21 36.86 -9.46
C LEU A 115 -27.66 36.95 -9.00
N SER A 116 -28.49 37.63 -9.77
CA SER A 116 -29.77 38.08 -9.25
C SER A 116 -30.87 38.09 -10.31
N GLU A 117 -31.96 38.78 -9.97
CA GLU A 117 -33.11 39.08 -10.83
C GLU A 117 -33.68 37.85 -11.51
N THR A 118 -34.12 38.02 -12.76
CA THR A 118 -34.67 36.93 -13.54
C THR A 118 -33.62 35.93 -13.98
N ASP A 119 -32.37 36.37 -14.17
CA ASP A 119 -31.35 35.41 -14.55
C ASP A 119 -31.16 34.36 -13.46
N LYS A 120 -31.18 34.79 -12.20
CA LYS A 120 -31.38 33.84 -11.11
C LYS A 120 -32.54 32.92 -11.42
N ARG A 121 -33.74 33.48 -11.56
CA ARG A 121 -34.90 32.71 -12.01
C ARG A 121 -34.62 31.91 -13.26
N GLN A 122 -33.82 32.46 -14.19
CA GLN A 122 -33.50 31.72 -15.40
C GLN A 122 -32.88 30.37 -15.07
N PHE A 123 -31.73 30.39 -14.41
CA PHE A 123 -31.07 29.14 -14.02
C PHE A 123 -31.99 28.27 -13.16
N LEU A 124 -32.69 28.87 -12.20
CA LEU A 124 -33.69 28.12 -11.44
C LEU A 124 -34.62 27.32 -12.34
N HIS A 125 -35.47 27.99 -13.10
CA HIS A 125 -36.38 27.35 -14.04
C HIS A 125 -35.67 26.35 -14.94
N GLU A 126 -34.41 26.60 -15.26
CA GLU A 126 -33.63 25.61 -16.00
C GLU A 126 -33.43 24.35 -15.16
N LEU A 127 -32.93 24.50 -13.93
CA LEU A 127 -32.66 23.32 -13.11
C LEU A 127 -33.92 22.54 -12.76
N ARG A 128 -35.10 23.12 -12.91
CA ARG A 128 -36.31 22.39 -12.57
C ARG A 128 -36.97 21.75 -13.78
N ARG A 129 -36.38 21.85 -14.95
CA ARG A 129 -36.83 21.05 -16.07
C ARG A 129 -36.61 19.58 -15.75
N PRO A 130 -37.61 18.72 -15.99
CA PRO A 130 -37.51 17.32 -15.54
C PRO A 130 -36.31 16.57 -16.11
N GLY A 131 -35.65 17.11 -17.12
CA GLY A 131 -34.55 16.41 -17.77
C GLY A 131 -33.21 16.60 -17.11
N VAL A 132 -33.21 16.92 -15.82
CA VAL A 132 -31.98 17.12 -15.04
C VAL A 132 -31.13 15.88 -15.13
N ASP A 133 -29.84 16.07 -15.31
CA ASP A 133 -28.87 15.00 -15.28
C ASP A 133 -27.82 15.28 -14.22
N ASN A 134 -27.27 14.19 -13.67
CA ASN A 134 -26.10 14.31 -12.82
C ASN A 134 -25.03 15.14 -13.52
N LEU A 135 -24.86 14.91 -14.82
CA LEU A 135 -24.13 15.88 -15.62
C LEU A 135 -24.72 17.27 -15.46
N ARG A 136 -25.95 17.50 -15.93
CA ARG A 136 -26.54 18.82 -15.88
C ARG A 136 -26.44 19.43 -14.49
N ARG A 137 -26.52 18.61 -13.45
CA ARG A 137 -26.05 19.08 -12.16
C ARG A 137 -24.64 19.64 -12.27
N MET A 138 -23.65 18.82 -12.61
CA MET A 138 -22.28 19.29 -12.74
C MET A 138 -22.13 20.48 -13.68
N GLY A 139 -22.26 20.28 -14.98
CA GLY A 139 -22.06 21.31 -15.97
C GLY A 139 -22.93 22.52 -15.80
N ILE A 140 -24.23 22.32 -15.57
CA ILE A 140 -25.11 23.47 -15.39
C ILE A 140 -24.66 24.30 -14.20
N LEU A 141 -24.53 23.68 -13.03
CA LEU A 141 -24.06 24.41 -11.87
C LEU A 141 -22.67 24.99 -12.06
N LYS A 142 -21.87 24.38 -12.93
CA LYS A 142 -20.62 25.00 -13.32
C LYS A 142 -20.86 26.32 -14.06
N LYS A 143 -21.78 26.31 -15.03
CA LYS A 143 -21.96 27.49 -15.88
C LYS A 143 -22.81 28.56 -15.22
N ILE A 144 -23.49 28.25 -14.12
CA ILE A 144 -23.96 29.30 -13.22
C ILE A 144 -22.87 29.75 -12.27
N LEU A 145 -22.03 28.84 -11.79
CA LEU A 145 -20.96 29.22 -10.87
C LEU A 145 -20.09 30.31 -11.47
N ASP A 146 -19.43 30.01 -12.58
CA ASP A 146 -18.48 30.92 -13.22
C ASP A 146 -19.00 32.35 -13.35
N GLN A 147 -20.32 32.53 -13.49
CA GLN A 147 -20.88 33.87 -13.51
C GLN A 147 -20.46 34.68 -12.29
N CYS A 148 -20.11 34.01 -11.19
CA CYS A 148 -19.57 34.71 -10.04
C CYS A 148 -18.33 35.51 -10.42
N LYS A 149 -17.28 34.82 -10.87
CA LYS A 149 -15.95 35.42 -11.02
C LYS A 149 -15.99 36.72 -11.79
N LYS A 150 -16.83 36.81 -12.82
CA LYS A 150 -16.85 38.02 -13.61
C LYS A 150 -17.59 39.17 -12.92
N GLN A 151 -18.51 38.89 -12.00
CA GLN A 151 -19.24 39.95 -11.32
C GLN A 151 -18.32 40.62 -10.32
N ARG A 152 -18.16 41.94 -10.46
CA ARG A 152 -17.23 42.69 -9.63
C ARG A 152 -17.85 43.05 -8.29
N ARG A 153 -19.12 43.43 -8.29
CA ARG A 153 -19.74 44.06 -7.13
C ARG A 153 -21.06 43.39 -6.81
N CYS A 154 -21.32 43.23 -5.51
CA CYS A 154 -22.58 42.71 -5.01
C CYS A 154 -23.72 43.67 -5.29
N LEU A 155 -24.95 43.17 -5.21
CA LEU A 155 -26.13 43.99 -5.49
C LEU A 155 -26.51 45.00 -4.40
N HIS A 156 -26.84 44.50 -3.22
CA HIS A 156 -27.26 45.36 -2.11
C HIS A 156 -26.14 45.90 -1.22
N CYS A 157 -25.03 45.18 -1.12
CA CYS A 157 -23.94 45.62 -0.26
C CYS A 157 -23.17 46.76 -0.90
N GLY A 158 -23.13 46.80 -2.23
CA GLY A 158 -22.40 47.82 -2.94
C GLY A 158 -20.90 47.64 -2.90
N ALA A 159 -20.44 46.71 -2.08
CA ALA A 159 -19.01 46.44 -2.00
C ALA A 159 -18.56 45.56 -3.15
N LEU A 160 -17.28 45.68 -3.50
CA LEU A 160 -16.63 44.77 -4.44
C LEU A 160 -16.42 43.42 -3.77
N ASN A 161 -15.84 42.50 -4.52
CA ASN A 161 -15.63 41.14 -4.04
C ASN A 161 -14.15 40.78 -4.22
N GLY A 162 -13.82 39.53 -3.94
CA GLY A 162 -12.49 39.03 -4.20
C GLY A 162 -12.51 37.52 -4.42
N VAL A 163 -11.53 37.01 -5.16
CA VAL A 163 -11.50 35.60 -5.51
C VAL A 163 -10.56 34.88 -4.56
N VAL A 164 -10.96 33.70 -4.13
CA VAL A 164 -10.13 32.91 -3.23
C VAL A 164 -9.29 31.92 -4.04
N LYS A 165 -7.98 32.09 -3.93
CA LYS A 165 -7.02 31.33 -4.72
C LYS A 165 -6.46 30.10 -4.03
N LYS A 166 -7.04 29.67 -2.90
CA LYS A 166 -6.52 28.51 -2.18
C LYS A 166 -5.11 28.80 -1.67
N ALA A 167 -5.06 29.53 -0.55
CA ALA A 167 -3.85 30.21 -0.10
C ALA A 167 -2.61 29.33 -0.15
N ALA A 168 -1.51 29.95 -0.58
CA ALA A 168 -0.24 29.33 -0.93
C ALA A 168 -0.42 28.23 -1.97
N ALA A 169 0.40 27.19 -1.93
CA ALA A 169 0.19 26.03 -2.79
C ALA A 169 0.80 24.79 -2.12
N GLY A 170 0.02 23.71 -2.06
CA GLY A 170 0.55 22.36 -1.98
C GLY A 170 1.38 22.03 -0.76
N ALA A 171 1.63 22.98 0.14
CA ALA A 171 2.52 22.72 1.26
C ALA A 171 1.76 22.03 2.38
N GLY A 172 0.44 22.14 2.34
CA GLY A 172 -0.42 21.50 3.32
C GLY A 172 -0.63 22.38 4.53
N SER A 173 0.34 23.28 4.79
CA SER A 173 0.21 24.15 5.95
C SER A 173 -0.85 25.22 5.71
N ALA A 174 -0.75 25.92 4.59
CA ALA A 174 -1.79 26.87 4.19
C ALA A 174 -2.82 26.23 3.28
N ALA A 175 -2.67 24.93 2.98
CA ALA A 175 -3.65 24.27 2.13
C ALA A 175 -5.03 24.32 2.77
N LEU A 176 -5.09 24.43 4.08
CA LEU A 176 -6.35 24.67 4.75
C LEU A 176 -6.75 26.14 4.71
N LYS A 177 -5.79 27.04 4.75
CA LYS A 177 -6.05 28.47 4.74
C LYS A 177 -6.58 28.91 3.38
N ILE A 178 -7.35 29.98 3.36
CA ILE A 178 -7.96 30.52 2.15
C ILE A 178 -7.79 32.02 2.14
N ILE A 179 -7.60 32.60 0.96
CA ILE A 179 -7.42 34.04 0.84
C ILE A 179 -8.18 34.54 -0.38
N HIS A 180 -9.03 35.54 -0.18
CA HIS A 180 -9.49 36.38 -1.28
C HIS A 180 -8.91 37.77 -1.07
N ASP A 181 -9.29 38.71 -1.93
CA ASP A 181 -8.65 40.01 -1.83
C ASP A 181 -9.63 41.11 -2.18
N THR A 182 -9.08 42.33 -2.28
CA THR A 182 -9.68 43.40 -3.05
C THR A 182 -8.90 43.45 -4.35
N PHE A 183 -9.53 43.00 -5.42
CA PHE A 183 -8.78 42.87 -6.66
C PHE A 183 -9.31 43.84 -7.71
N ARG A 184 -8.61 43.90 -8.84
CA ARG A 184 -8.87 44.89 -9.87
C ARG A 184 -8.96 46.28 -9.29
N TRP A 185 -8.00 46.63 -8.43
CA TRP A 185 -7.80 48.01 -8.01
C TRP A 185 -7.69 48.96 -9.18
N VAL A 186 -7.23 48.46 -10.34
CA VAL A 186 -7.00 49.13 -11.62
C VAL A 186 -5.88 50.18 -11.47
N GLY A 187 -5.47 50.44 -10.23
CA GLY A 187 -4.33 51.31 -9.99
C GLY A 187 -4.58 52.78 -10.27
N LYS A 188 -5.72 53.10 -10.89
CA LYS A 188 -6.01 54.49 -11.21
C LYS A 188 -7.39 54.89 -10.69
N LYS A 189 -8.44 54.33 -11.30
CA LYS A 189 -9.78 54.55 -10.77
C LYS A 189 -9.84 54.01 -9.36
N SER A 190 -10.23 54.88 -8.42
CA SER A 190 -10.09 54.57 -7.00
C SER A 190 -11.44 54.17 -6.41
N ALA A 191 -11.52 52.91 -6.04
CA ALA A 191 -12.64 52.51 -5.20
C ALA A 191 -12.52 53.18 -3.84
N PRO A 192 -13.64 53.58 -3.23
CA PRO A 192 -13.56 54.22 -1.91
C PRO A 192 -12.86 53.36 -0.88
N GLU A 193 -12.89 52.04 -1.04
CA GLU A 193 -12.26 51.14 -0.10
C GLU A 193 -10.75 51.13 -0.27
N LYS A 194 -10.23 51.80 -1.30
CA LYS A 194 -8.80 52.04 -1.35
C LYS A 194 -8.40 53.10 -0.33
N ASP A 195 -9.09 54.24 -0.34
CA ASP A 195 -8.91 55.22 0.72
C ASP A 195 -9.21 54.61 2.08
N ILE A 196 -10.25 53.80 2.18
CA ILE A 196 -10.55 53.16 3.45
C ILE A 196 -9.46 52.19 3.85
N TRP A 197 -8.85 51.51 2.89
CA TRP A 197 -7.87 50.48 3.20
C TRP A 197 -6.54 51.09 3.62
N VAL A 198 -6.00 52.01 2.81
CA VAL A 198 -4.78 52.69 3.21
C VAL A 198 -5.03 53.50 4.47
N GLY A 199 -6.25 54.01 4.64
CA GLY A 199 -6.63 54.60 5.91
C GLY A 199 -6.66 53.61 7.05
N GLU A 200 -6.95 52.34 6.76
CA GLU A 200 -6.80 51.31 7.79
C GLU A 200 -5.35 51.18 8.20
N TRP A 201 -4.46 50.97 7.24
CA TRP A 201 -3.05 50.84 7.55
C TRP A 201 -2.46 52.12 8.13
N LYS A 202 -3.17 53.24 8.03
CA LYS A 202 -2.64 54.53 8.43
C LYS A 202 -2.06 54.51 9.85
N GLU A 203 -2.78 53.94 10.81
CA GLU A 203 -2.40 54.13 12.21
C GLU A 203 -1.22 53.28 12.64
N VAL A 204 -1.13 52.02 12.22
CA VAL A 204 0.06 51.23 12.47
C VAL A 204 1.24 51.65 11.60
N LEU A 205 0.97 52.07 10.36
CA LEU A 205 1.90 52.98 9.71
C LEU A 205 2.30 54.09 10.66
N ALA A 206 1.35 54.89 11.11
CA ALA A 206 1.59 55.92 12.11
C ALA A 206 2.21 55.35 13.39
N HIS A 207 2.02 54.07 13.67
CA HIS A 207 2.56 53.53 14.92
C HIS A 207 3.91 52.86 14.76
N ASN A 208 3.95 51.72 14.08
CA ASN A 208 5.12 50.86 14.05
C ASN A 208 5.61 50.72 12.62
N PRO A 209 6.11 51.80 12.03
CA PRO A 209 6.32 51.84 10.58
C PRO A 209 7.39 50.88 10.11
N GLU A 210 7.21 49.58 10.35
CA GLU A 210 8.29 48.66 10.07
C GLU A 210 7.87 47.59 9.07
N LEU A 211 7.07 46.63 9.53
CA LEU A 211 6.74 45.47 8.71
C LEU A 211 5.77 45.80 7.59
N GLU A 212 5.07 46.94 7.70
CA GLU A 212 4.03 47.30 6.75
C GLU A 212 4.51 47.22 5.31
N ARG A 213 5.49 48.06 4.95
CA ARG A 213 5.98 48.04 3.59
C ARG A 213 6.91 46.85 3.33
N TYR A 214 7.32 46.13 4.37
CA TYR A 214 8.22 45.00 4.14
C TYR A 214 7.46 43.82 3.53
N VAL A 215 6.60 43.17 4.31
CA VAL A 215 5.61 42.25 3.76
C VAL A 215 4.31 43.06 3.66
N LYS A 216 3.63 42.94 2.52
CA LYS A 216 2.50 43.79 2.24
C LYS A 216 1.60 43.06 1.26
N ARG A 217 0.44 43.67 0.97
CA ARG A 217 -0.50 43.17 -0.03
C ARG A 217 -0.98 41.77 0.32
N CYS A 218 -0.93 41.41 1.61
CA CYS A 218 -1.40 40.12 2.08
C CYS A 218 -2.91 40.00 1.99
N MET A 219 -3.59 41.12 1.80
CA MET A 219 -5.06 41.15 1.61
C MET A 219 -5.70 40.56 2.86
N ASP A 220 -6.70 39.68 2.73
CA ASP A 220 -7.40 39.14 3.87
C ASP A 220 -7.75 37.69 3.63
N ASP A 221 -8.06 36.99 4.71
CA ASP A 221 -8.51 35.62 4.68
C ASP A 221 -9.90 35.54 5.28
N LEU A 222 -10.39 34.33 5.42
CA LEU A 222 -11.55 34.06 6.25
C LEU A 222 -11.14 32.99 7.26
N ASN A 223 -11.40 33.25 8.52
CA ASN A 223 -11.30 32.20 9.52
C ASN A 223 -12.49 31.27 9.40
N PRO A 224 -12.30 29.98 9.61
CA PRO A 224 -13.45 29.09 9.75
C PRO A 224 -14.50 29.60 10.72
N LEU A 225 -14.10 30.35 11.75
CA LEU A 225 -15.10 31.07 12.51
C LEU A 225 -15.76 32.14 11.65
N LYS A 226 -14.96 32.96 10.99
CA LYS A 226 -15.50 34.01 10.14
C LYS A 226 -16.49 33.45 9.13
N THR A 227 -16.16 32.33 8.50
CA THR A 227 -17.09 31.77 7.54
C THR A 227 -18.25 31.05 8.20
N LEU A 228 -18.08 30.55 9.43
CA LEU A 228 -19.21 29.94 10.10
C LEU A 228 -20.34 30.92 10.27
N ASN A 229 -20.17 31.91 11.14
CA ASN A 229 -21.15 32.98 11.25
C ASN A 229 -21.46 33.62 9.93
N LEU A 230 -20.48 33.74 9.05
CA LEU A 230 -20.74 34.25 7.71
C LEU A 230 -21.81 33.48 6.98
N PHE A 231 -21.85 32.16 7.13
CA PHE A 231 -22.93 31.39 6.54
C PHE A 231 -24.26 31.67 7.21
N LYS A 232 -24.25 32.03 8.48
CA LYS A 232 -25.49 32.19 9.21
C LYS A 232 -26.28 33.44 8.81
N GLN A 233 -25.74 34.27 7.91
CA GLN A 233 -26.61 35.13 7.11
C GLN A 233 -26.83 34.62 5.70
N ILE A 234 -26.29 33.46 5.34
CA ILE A 234 -26.50 32.92 4.00
C ILE A 234 -27.66 31.95 4.07
N LYS A 235 -28.81 32.33 3.51
CA LYS A 235 -30.07 31.70 3.85
C LYS A 235 -30.95 31.47 2.64
N SER A 236 -31.61 30.32 2.63
CA SER A 236 -32.67 29.96 1.69
C SER A 236 -32.17 30.31 0.29
N ALA A 237 -33.03 30.95 -0.50
CA ALA A 237 -32.59 31.59 -1.73
C ALA A 237 -31.81 30.62 -2.59
N ASP A 238 -30.52 30.88 -2.74
CA ASP A 238 -29.63 30.09 -3.58
C ASP A 238 -29.80 28.59 -3.38
N CYS A 239 -29.38 28.07 -2.22
CA CYS A 239 -29.54 26.66 -1.93
C CYS A 239 -29.02 25.82 -3.10
N GLU A 240 -29.93 25.11 -3.77
CA GLU A 240 -29.56 24.34 -4.95
C GLU A 240 -28.87 25.20 -6.00
N LEU A 241 -29.09 26.52 -6.02
CA LEU A 241 -28.23 27.36 -6.84
C LEU A 241 -26.78 27.14 -6.49
N LEU A 242 -26.48 26.86 -5.23
CA LEU A 242 -25.18 26.38 -4.84
C LEU A 242 -25.09 24.87 -4.77
N GLY A 243 -26.18 24.16 -5.08
CA GLY A 243 -26.15 22.71 -5.22
C GLY A 243 -26.75 21.90 -4.10
N ILE A 244 -27.45 22.54 -3.16
CA ILE A 244 -27.99 21.85 -2.00
C ILE A 244 -29.47 22.13 -1.90
N ASP A 245 -30.29 21.08 -1.89
CA ASP A 245 -31.69 21.22 -1.51
C ASP A 245 -31.80 21.36 -0.01
N ALA A 246 -32.58 22.34 0.43
CA ALA A 246 -32.76 22.58 1.86
C ALA A 246 -34.11 22.10 2.35
N THR A 247 -34.24 20.79 2.56
CA THR A 247 -35.48 20.21 3.06
C THR A 247 -35.54 20.38 4.57
N VAL A 248 -34.51 19.90 5.25
CA VAL A 248 -34.41 20.01 6.70
C VAL A 248 -32.96 19.88 7.16
N PRO A 249 -32.55 18.64 7.44
CA PRO A 249 -31.23 18.21 7.91
C PRO A 249 -30.08 19.01 7.32
N SER A 250 -29.99 19.02 5.99
CA SER A 250 -28.94 19.76 5.31
C SER A 250 -29.05 21.23 5.71
N GLY A 251 -30.06 21.53 6.52
CA GLY A 251 -30.26 22.90 6.96
C GLY A 251 -29.15 23.84 6.56
N ARG A 252 -28.92 23.96 5.25
CA ARG A 252 -28.06 24.99 4.68
C ARG A 252 -26.60 24.64 4.91
N PRO A 253 -25.69 25.11 4.05
CA PRO A 253 -24.31 24.63 4.16
C PRO A 253 -23.58 25.23 5.34
N GLU A 254 -24.25 25.18 6.49
CA GLU A 254 -23.57 25.31 7.77
C GLU A 254 -23.17 23.96 8.33
N THR A 255 -23.45 22.89 7.62
CA THR A 255 -23.01 21.55 7.95
C THR A 255 -21.57 21.31 7.57
N TYR A 256 -21.10 21.93 6.49
CA TYR A 256 -19.92 21.42 5.81
C TYR A 256 -18.63 21.78 6.52
N ILE A 257 -18.68 22.49 7.61
CA ILE A 257 -17.51 22.70 8.44
C ILE A 257 -17.76 22.03 9.77
N TRP A 258 -16.70 21.46 10.35
CA TRP A 258 -16.93 20.59 11.50
C TRP A 258 -17.18 21.44 12.72
N ARG A 259 -18.39 21.38 13.26
CA ARG A 259 -18.63 21.91 14.59
C ARG A 259 -18.64 20.85 15.67
N TYR A 260 -18.75 19.58 15.29
CA TYR A 260 -18.72 18.47 16.24
C TYR A 260 -18.23 17.25 15.49
N LEU A 261 -17.48 16.38 16.16
CA LEU A 261 -16.82 15.30 15.45
C LEU A 261 -17.37 13.92 15.77
N PRO A 262 -17.93 13.21 14.81
CA PRO A 262 -18.30 11.80 15.05
C PRO A 262 -17.11 10.92 15.36
N ALA A 263 -17.16 10.23 16.49
CA ALA A 263 -16.03 9.40 16.89
C ALA A 263 -16.29 7.99 16.38
N PRO A 264 -15.31 7.37 15.73
CA PRO A 264 -15.53 6.05 15.17
C PRO A 264 -15.80 5.04 16.26
N PRO A 265 -16.79 4.17 16.08
CA PRO A 265 -17.01 3.10 17.05
C PRO A 265 -15.77 2.25 17.25
N VAL A 266 -15.62 1.76 18.48
CA VAL A 266 -14.48 0.93 18.81
C VAL A 266 -14.39 -0.26 17.87
N CYS A 267 -15.52 -0.88 17.55
CA CYS A 267 -15.54 -2.05 16.70
C CYS A 267 -14.85 -1.78 15.36
N ILE A 268 -14.79 -0.53 14.93
CA ILE A 268 -14.20 -0.23 13.63
C ILE A 268 -12.70 -0.44 13.66
N ARG A 269 -12.03 0.13 14.66
CA ARG A 269 -10.58 0.23 14.67
C ARG A 269 -10.06 -0.20 16.04
N PRO A 270 -10.09 -1.50 16.32
CA PRO A 270 -9.64 -1.97 17.64
C PRO A 270 -8.16 -1.86 17.92
N SER A 271 -7.85 -1.45 19.14
CA SER A 271 -6.46 -1.61 19.58
C SER A 271 -6.05 -3.05 19.71
N VAL A 272 -5.05 -3.46 18.90
CA VAL A 272 -4.76 -4.87 18.73
C VAL A 272 -4.49 -5.35 20.14
N MET A 273 -4.96 -6.57 20.44
CA MET A 273 -5.03 -7.03 21.81
C MET A 273 -3.63 -7.27 22.37
N MET A 274 -3.59 -7.68 23.63
CA MET A 274 -2.33 -7.69 24.37
C MET A 274 -1.45 -8.86 23.95
N GLN A 275 -2.04 -9.91 23.38
CA GLN A 275 -1.33 -10.98 22.68
C GLN A 275 -0.09 -11.45 23.44
N ASP A 276 -0.32 -12.18 24.53
CA ASP A 276 0.79 -12.84 25.21
C ASP A 276 1.82 -11.86 25.75
N SER A 277 1.56 -11.32 26.94
CA SER A 277 2.45 -10.35 27.55
C SER A 277 1.74 -9.02 27.80
N PRO A 278 2.51 -7.96 28.09
CA PRO A 278 1.96 -6.63 28.36
C PRO A 278 2.01 -5.69 27.16
N ALA A 279 2.49 -6.18 26.01
CA ALA A 279 2.57 -5.34 24.82
C ALA A 279 1.16 -5.16 24.25
N SER A 280 0.76 -3.90 24.12
CA SER A 280 -0.58 -3.59 23.66
C SER A 280 -0.50 -2.72 22.41
N ASN A 281 -0.91 -3.28 21.29
CA ASN A 281 -0.73 -2.59 20.02
C ASN A 281 -1.79 -1.51 19.84
N GLU A 282 -1.32 -0.32 19.49
CA GLU A 282 -2.14 0.86 19.35
C GLU A 282 -3.01 0.75 18.09
N ASP A 283 -3.77 1.79 17.80
CA ASP A 283 -4.34 1.98 16.48
C ASP A 283 -4.39 3.46 16.17
N ASP A 284 -4.03 3.80 14.93
CA ASP A 284 -3.69 5.18 14.60
C ASP A 284 -4.87 6.13 14.81
N LEU A 285 -6.03 5.82 14.22
CA LEU A 285 -7.20 6.66 14.42
C LEU A 285 -7.44 6.93 15.90
N THR A 286 -7.51 5.87 16.69
CA THR A 286 -7.61 6.01 18.14
C THR A 286 -6.56 6.99 18.67
N VAL A 287 -5.31 6.81 18.26
CA VAL A 287 -4.25 7.69 18.76
C VAL A 287 -4.42 9.11 18.24
N LYS A 288 -4.62 9.27 16.93
CA LYS A 288 -4.68 10.62 16.40
C LYS A 288 -5.83 11.41 17.03
N LEU A 289 -7.05 10.91 16.92
CA LEU A 289 -8.16 11.65 17.51
C LEU A 289 -8.01 11.75 19.01
N THR A 290 -7.43 10.73 19.64
CA THR A 290 -7.29 10.82 21.07
C THR A 290 -6.27 11.88 21.44
N GLU A 291 -5.43 12.30 20.50
CA GLU A 291 -4.73 13.56 20.68
C GLU A 291 -5.63 14.74 20.36
N ILE A 292 -6.49 14.61 19.34
CA ILE A 292 -7.42 15.69 19.01
C ILE A 292 -8.18 16.12 20.26
N VAL A 293 -8.48 15.17 21.14
CA VAL A 293 -8.89 15.54 22.49
C VAL A 293 -7.93 16.56 23.08
N TRP A 294 -6.67 16.18 23.25
CA TRP A 294 -5.68 17.08 23.85
C TRP A 294 -5.72 18.46 23.20
N THR A 295 -5.38 18.54 21.91
CA THR A 295 -5.31 19.83 21.25
C THR A 295 -6.61 20.61 21.37
N SER A 296 -7.75 19.94 21.43
CA SER A 296 -8.97 20.63 21.84
C SER A 296 -8.83 21.21 23.24
N SER A 297 -8.76 20.35 24.26
CA SER A 297 -8.85 20.75 25.65
C SER A 297 -7.86 21.86 25.98
N LEU A 298 -6.69 21.86 25.34
CA LEU A 298 -5.82 23.03 25.39
C LEU A 298 -6.61 24.28 25.08
N ILE A 299 -7.18 24.35 23.87
CA ILE A 299 -7.89 25.55 23.45
C ILE A 299 -9.14 25.75 24.28
N LYS A 300 -9.64 24.69 24.92
CA LYS A 300 -10.69 24.86 25.91
C LYS A 300 -10.21 25.67 27.11
N ALA A 301 -9.31 25.10 27.91
CA ALA A 301 -8.92 25.71 29.18
C ALA A 301 -8.04 26.93 28.96
N GLY A 302 -6.97 26.80 28.18
CA GLY A 302 -6.40 27.95 27.52
C GLY A 302 -7.50 28.50 26.66
N LEU A 303 -7.52 29.83 26.51
CA LEU A 303 -8.60 30.53 25.82
C LEU A 303 -9.85 30.61 26.69
N ASP A 304 -9.92 29.80 27.74
CA ASP A 304 -10.96 30.03 28.74
C ASP A 304 -10.58 31.19 29.64
N LYS A 305 -9.29 31.33 29.95
CA LYS A 305 -8.79 32.46 30.69
C LYS A 305 -7.56 33.07 30.00
N GLY A 306 -6.51 32.27 29.85
CA GLY A 306 -5.17 32.76 29.63
C GLY A 306 -4.75 32.77 28.17
N ILE A 307 -3.48 32.38 27.98
CA ILE A 307 -2.73 32.25 26.74
C ILE A 307 -2.70 33.56 25.96
N SER A 308 -2.75 33.48 24.64
CA SER A 308 -2.51 34.64 23.79
C SER A 308 -3.21 34.45 22.47
N ILE A 309 -3.42 35.56 21.77
CA ILE A 309 -3.77 35.45 20.36
C ILE A 309 -2.62 34.82 19.59
N ASN A 310 -1.39 35.09 20.02
CA ASN A 310 -0.25 34.57 19.29
C ASN A 310 -0.14 33.06 19.43
N ASN A 311 -0.12 32.56 20.65
CA ASN A 311 -0.02 31.12 20.91
C ASN A 311 -1.29 30.39 20.51
N MET A 312 -2.34 31.12 20.22
CA MET A 312 -3.60 30.50 19.88
C MET A 312 -3.63 29.89 18.49
N MET A 313 -3.55 30.71 17.44
CA MET A 313 -3.86 30.27 16.10
C MET A 313 -3.15 28.99 15.70
N GLU A 314 -1.86 28.85 15.97
CA GLU A 314 -1.18 27.62 15.57
C GLU A 314 -1.72 26.39 16.29
N HIS A 315 -2.01 26.49 17.59
CA HIS A 315 -2.78 25.42 18.23
C HIS A 315 -4.04 25.13 17.46
N TRP A 316 -4.92 26.12 17.37
CA TRP A 316 -6.08 26.06 16.50
C TRP A 316 -5.72 25.57 15.11
N ASP A 317 -4.64 26.09 14.53
CA ASP A 317 -4.20 25.56 13.25
C ASP A 317 -3.79 24.10 13.37
N TYR A 318 -2.96 23.78 14.37
CA TYR A 318 -2.57 22.39 14.57
C TYR A 318 -3.78 21.48 14.68
N LEU A 319 -4.90 22.00 15.19
CA LEU A 319 -6.14 21.23 15.19
C LEU A 319 -6.57 20.87 13.77
N GLN A 320 -6.93 21.88 12.97
CA GLN A 320 -7.46 21.59 11.65
C GLN A 320 -6.50 20.81 10.79
N LEU A 321 -5.20 21.12 10.83
CA LEU A 321 -4.25 20.23 10.20
C LEU A 321 -4.36 18.78 10.65
N THR A 322 -4.44 18.57 11.97
CA THR A 322 -4.50 17.21 12.48
C THR A 322 -5.73 16.46 12.00
N VAL A 323 -6.92 16.95 12.32
CA VAL A 323 -8.14 16.27 11.88
C VAL A 323 -8.09 16.10 10.37
N ALA A 324 -7.59 17.11 9.66
CA ALA A 324 -7.38 16.97 8.23
C ALA A 324 -6.63 15.69 7.92
N MET A 325 -5.42 15.55 8.44
CA MET A 325 -4.72 14.27 8.34
C MET A 325 -5.59 13.11 8.81
N TYR A 326 -6.29 13.30 9.93
CA TYR A 326 -7.09 12.25 10.54
C TYR A 326 -7.96 11.53 9.53
N ILE A 327 -8.67 12.26 8.68
CA ILE A 327 -9.38 11.57 7.61
C ILE A 327 -8.47 11.22 6.44
N ASN A 328 -7.60 12.13 5.99
CA ASN A 328 -7.05 12.01 4.64
C ASN A 328 -5.59 12.45 4.56
N SER A 329 -5.10 12.62 3.33
CA SER A 329 -3.67 12.61 3.04
C SER A 329 -3.08 13.98 3.28
N ASP A 330 -3.37 14.97 2.43
CA ASP A 330 -2.74 16.30 2.34
C ASP A 330 -1.21 16.18 2.42
N SER A 331 -0.57 17.05 3.19
CA SER A 331 0.90 17.10 3.28
C SER A 331 1.37 16.11 4.34
N VAL A 332 2.35 15.29 3.96
CA VAL A 332 2.84 14.24 4.83
C VAL A 332 3.83 14.79 5.87
N ASN A 333 4.95 15.35 5.41
CA ASN A 333 5.97 15.81 6.34
C ASN A 333 6.40 17.24 6.03
N PRO A 334 5.51 18.25 6.21
CA PRO A 334 5.86 19.63 5.84
C PRO A 334 6.62 20.37 6.95
N ALA A 335 7.67 19.72 7.47
CA ALA A 335 8.61 20.34 8.42
C ALA A 335 7.89 21.07 9.56
N MET A 336 6.94 20.39 10.19
CA MET A 336 6.11 20.99 11.24
C MET A 336 6.77 21.03 12.61
N LEU A 337 7.58 20.01 12.95
CA LEU A 337 8.03 19.63 14.30
C LEU A 337 6.88 18.90 14.98
N PRO A 338 7.15 17.95 15.88
CA PRO A 338 6.08 17.06 16.33
C PRO A 338 5.35 17.48 17.60
N GLY A 339 4.33 16.71 17.96
CA GLY A 339 3.50 16.93 19.12
C GLY A 339 3.69 15.89 20.21
N SER A 340 2.66 15.64 21.01
CA SER A 340 2.69 14.62 22.04
C SER A 340 2.78 13.23 21.41
N SER A 341 3.48 12.33 22.10
CA SER A 341 3.69 10.93 21.68
C SER A 341 4.24 10.88 20.25
N ASN A 342 5.49 11.31 20.12
CA ASN A 342 6.09 11.51 18.80
C ASN A 342 7.40 10.78 18.55
N GLY A 343 8.53 11.20 19.11
CA GLY A 343 9.81 10.59 18.83
C GLY A 343 10.56 11.26 17.70
N GLY A 344 9.84 11.96 16.82
CA GLY A 344 10.44 12.72 15.75
C GLY A 344 11.21 11.92 14.72
N GLY A 345 10.73 10.72 14.39
CA GLY A 345 11.37 9.91 13.37
C GLY A 345 10.66 9.90 12.05
N LYS A 346 9.44 10.45 12.02
CA LYS A 346 8.60 10.48 10.82
C LYS A 346 8.47 9.08 10.22
N VAL A 347 7.86 8.15 10.95
CA VAL A 347 7.70 6.80 10.44
C VAL A 347 7.00 6.50 9.12
N LYS A 348 6.03 7.33 8.76
CA LYS A 348 5.28 7.09 7.54
C LYS A 348 3.77 6.76 7.92
N PRO A 349 3.71 5.73 8.76
CA PRO A 349 2.44 5.27 9.33
C PRO A 349 1.51 6.24 10.03
N ILE A 350 0.87 7.12 9.25
CA ILE A 350 -0.03 8.12 9.82
C ILE A 350 -1.39 8.17 9.12
N ARG A 351 -1.39 8.05 7.80
CA ARG A 351 -2.62 8.11 7.05
C ARG A 351 -3.36 6.78 7.17
N GLY A 352 -4.33 6.56 6.27
CA GLY A 352 -5.00 5.29 6.26
C GLY A 352 -6.41 5.28 6.80
N PHE A 353 -7.04 6.44 6.92
CA PHE A 353 -8.49 6.44 7.08
C PHE A 353 -9.16 6.69 5.73
N CYS A 354 -8.91 7.83 5.11
CA CYS A 354 -9.31 7.94 3.72
C CYS A 354 -8.57 6.95 2.85
N GLN A 355 -7.28 6.75 3.11
CA GLN A 355 -6.49 5.81 2.34
C GLN A 355 -6.91 4.38 2.60
N ARG A 356 -7.53 4.15 3.76
CA ARG A 356 -8.17 2.88 4.07
C ARG A 356 -9.06 2.39 2.94
N LEU A 357 -9.86 3.28 2.37
CA LEU A 357 -10.74 2.92 1.27
C LEU A 357 -10.27 3.65 0.02
N LYS A 358 -9.04 3.34 -0.42
CA LYS A 358 -8.48 3.99 -1.59
C LYS A 358 -7.74 3.07 -2.57
N GLY A 359 -6.70 2.40 -2.10
CA GLY A 359 -5.93 1.54 -2.98
C GLY A 359 -5.65 0.14 -2.49
N LYS A 360 -5.02 -0.69 -3.33
CA LYS A 360 -4.48 -1.99 -2.98
C LYS A 360 -5.48 -2.89 -2.26
N GLN A 361 -5.00 -3.63 -1.26
CA GLN A 361 -5.86 -4.53 -0.50
C GLN A 361 -6.54 -3.80 0.65
N GLY A 362 -7.86 -3.70 0.59
CA GLY A 362 -8.62 -3.03 1.62
C GLY A 362 -10.09 -2.89 1.23
N ARG A 363 -10.64 -1.72 1.55
CA ARG A 363 -12.05 -1.36 1.35
C ARG A 363 -12.37 -0.84 -0.08
N PHE A 364 -11.45 -0.08 -0.72
CA PHE A 364 -11.66 0.38 -2.12
C PHE A 364 -12.37 -0.71 -2.98
N ARG A 365 -11.55 -1.60 -3.54
CA ARG A 365 -12.06 -2.68 -4.37
C ARG A 365 -11.16 -3.91 -4.28
N GLY A 366 -10.46 -4.03 -3.16
CA GLY A 366 -9.56 -5.16 -2.94
C GLY A 366 -10.06 -6.08 -1.84
N ASN A 367 -11.00 -5.60 -1.04
CA ASN A 367 -11.55 -6.38 0.07
C ASN A 367 -13.06 -6.56 -0.06
N LEU A 368 -13.76 -5.47 -0.30
CA LEU A 368 -15.22 -5.50 -0.45
C LEU A 368 -15.66 -6.03 -1.80
N SER A 369 -15.28 -5.38 -2.90
CA SER A 369 -15.57 -6.00 -4.19
C SER A 369 -14.81 -7.31 -4.35
N GLY A 370 -13.72 -7.50 -3.61
CA GLY A 370 -12.86 -8.66 -3.71
C GLY A 370 -12.97 -9.69 -2.61
N LYS A 371 -14.13 -9.81 -1.96
CA LYS A 371 -14.22 -10.43 -0.65
C LYS A 371 -13.53 -11.79 -0.58
N ARG A 372 -12.85 -12.01 0.53
CA ARG A 372 -12.23 -13.28 0.85
C ARG A 372 -13.30 -14.27 1.30
N VAL A 373 -13.13 -15.52 0.94
CA VAL A 373 -14.24 -16.45 0.77
C VAL A 373 -14.09 -17.62 1.72
N ASP A 374 -15.18 -18.31 2.00
CA ASP A 374 -15.20 -19.49 2.85
C ASP A 374 -15.63 -20.71 2.05
N PHE A 375 -15.60 -21.88 2.71
CA PHE A 375 -15.87 -23.16 2.09
C PHE A 375 -15.04 -23.35 0.81
N SER A 376 -13.74 -23.52 1.01
CA SER A 376 -12.84 -23.61 -0.13
C SER A 376 -11.66 -24.49 0.19
N GLY A 377 -10.80 -24.66 -0.82
CA GLY A 377 -9.62 -25.46 -0.69
C GLY A 377 -8.67 -25.18 -1.85
N ARG A 378 -7.44 -25.64 -1.68
CA ARG A 378 -6.37 -25.29 -2.60
C ARG A 378 -5.46 -26.51 -2.73
N THR A 379 -5.01 -26.81 -3.95
CA THR A 379 -4.13 -27.95 -4.14
C THR A 379 -3.37 -27.74 -5.44
N VAL A 380 -2.72 -28.80 -5.91
CA VAL A 380 -2.07 -28.82 -7.21
C VAL A 380 -2.78 -29.81 -8.10
N ILE A 381 -2.31 -29.98 -9.33
CA ILE A 381 -3.08 -30.61 -10.38
C ILE A 381 -2.39 -31.90 -10.82
N SER A 382 -3.17 -32.82 -11.38
CA SER A 382 -2.64 -34.05 -11.92
C SER A 382 -3.75 -34.81 -12.61
N PRO A 383 -3.46 -35.53 -13.66
CA PRO A 383 -4.51 -35.94 -14.60
C PRO A 383 -5.30 -37.12 -14.09
N ASP A 384 -6.52 -37.25 -14.62
CA ASP A 384 -7.13 -38.57 -14.73
C ASP A 384 -7.98 -38.68 -15.98
N PRO A 385 -7.40 -39.03 -17.12
CA PRO A 385 -8.24 -39.28 -18.30
C PRO A 385 -9.38 -40.21 -18.02
N ASN A 386 -9.16 -41.26 -17.22
CA ASN A 386 -10.25 -42.17 -16.93
C ASN A 386 -11.36 -41.51 -16.13
N LEU A 387 -11.05 -40.43 -15.44
CA LEU A 387 -12.08 -39.56 -14.90
C LEU A 387 -12.81 -38.86 -16.03
N SER A 388 -14.14 -38.92 -16.00
CA SER A 388 -14.94 -38.30 -17.04
C SER A 388 -14.73 -36.80 -17.06
N ILE A 389 -15.04 -36.18 -18.19
CA ILE A 389 -15.10 -34.74 -18.25
C ILE A 389 -16.18 -34.24 -17.30
N ASP A 390 -15.97 -33.02 -16.80
CA ASP A 390 -16.88 -32.26 -15.93
C ASP A 390 -17.01 -32.87 -14.53
N GLU A 391 -16.00 -33.59 -14.09
CA GLU A 391 -15.87 -33.89 -12.68
C GLU A 391 -14.43 -33.66 -12.25
N VAL A 392 -14.22 -32.69 -11.38
CA VAL A 392 -12.99 -32.63 -10.61
C VAL A 392 -13.05 -33.82 -9.68
N ALA A 393 -11.93 -34.52 -9.55
CA ALA A 393 -11.85 -35.57 -8.55
C ALA A 393 -11.13 -34.97 -7.36
N VAL A 394 -11.87 -34.73 -6.30
CA VAL A 394 -11.36 -33.98 -5.16
C VAL A 394 -10.80 -34.96 -4.14
N PRO A 395 -9.59 -34.76 -3.66
CA PRO A 395 -9.01 -35.72 -2.72
C PRO A 395 -9.81 -35.76 -1.43
N ASP A 396 -10.22 -36.97 -1.08
CA ASP A 396 -11.12 -37.16 0.04
C ASP A 396 -10.63 -36.53 1.32
N ARG A 397 -9.32 -36.39 1.47
CA ARG A 397 -8.79 -35.92 2.74
C ARG A 397 -9.22 -34.50 3.02
N VAL A 398 -9.53 -33.72 1.97
CA VAL A 398 -10.21 -32.46 2.21
C VAL A 398 -11.70 -32.67 2.38
N ALA A 399 -12.27 -33.67 1.69
CA ALA A 399 -13.69 -33.91 1.81
C ALA A 399 -14.10 -34.23 3.23
N LYS A 400 -13.20 -34.79 4.03
CA LYS A 400 -13.54 -35.02 5.43
C LYS A 400 -13.88 -33.70 6.12
N VAL A 401 -13.14 -32.65 5.84
CA VAL A 401 -13.38 -31.36 6.48
C VAL A 401 -14.17 -30.41 5.62
N LEU A 402 -14.49 -30.76 4.39
CA LEU A 402 -15.21 -29.84 3.52
C LEU A 402 -16.66 -30.28 3.40
N THR A 403 -17.57 -29.46 3.91
CA THR A 403 -18.94 -29.87 4.16
C THR A 403 -19.89 -29.28 3.13
N TYR A 404 -21.17 -29.62 3.28
CA TYR A 404 -22.21 -28.98 2.53
C TYR A 404 -23.46 -28.90 3.39
N PRO A 405 -24.21 -27.81 3.35
CA PRO A 405 -25.43 -27.73 4.17
C PRO A 405 -26.53 -28.55 3.53
N GLU A 406 -27.41 -29.09 4.35
CA GLU A 406 -28.46 -29.99 3.88
C GLU A 406 -29.69 -29.83 4.77
N LYS A 407 -30.87 -29.84 4.16
CA LYS A 407 -32.09 -29.87 4.93
C LYS A 407 -32.75 -31.23 4.75
N VAL A 408 -33.03 -31.91 5.86
CA VAL A 408 -33.54 -33.26 5.79
C VAL A 408 -35.03 -33.24 5.54
N THR A 409 -35.51 -34.17 4.72
CA THR A 409 -36.88 -34.66 4.86
C THR A 409 -36.94 -36.01 4.14
N ARG A 410 -37.89 -36.84 4.58
CA ARG A 410 -38.49 -37.80 3.69
C ARG A 410 -37.41 -38.58 2.96
N TYR A 411 -37.26 -38.25 1.68
CA TYR A 411 -36.21 -38.79 0.84
C TYR A 411 -34.86 -38.81 1.54
N ASN A 412 -34.54 -37.78 2.30
CA ASN A 412 -33.22 -37.64 2.89
C ASN A 412 -32.93 -38.67 3.98
N ARG A 413 -33.89 -38.90 4.88
CA ARG A 413 -33.59 -39.56 6.15
C ARG A 413 -32.68 -40.75 5.97
N HIS A 414 -33.14 -41.77 5.27
CA HIS A 414 -32.41 -43.03 5.14
C HIS A 414 -30.95 -42.83 4.80
N LYS A 415 -30.60 -41.98 3.85
CA LYS A 415 -29.20 -41.61 3.68
C LYS A 415 -28.64 -40.95 4.92
N LEU A 416 -29.09 -39.72 5.19
CA LEU A 416 -28.60 -38.91 6.30
C LEU A 416 -28.65 -39.63 7.64
N GLN A 417 -29.79 -40.20 8.02
CA GLN A 417 -29.90 -40.87 9.31
C GLN A 417 -28.81 -41.90 9.51
N GLU A 418 -28.53 -42.71 8.49
CA GLU A 418 -27.34 -43.53 8.47
C GLU A 418 -26.08 -42.71 8.21
N LEU A 419 -26.17 -41.70 7.37
CA LEU A 419 -24.97 -40.93 7.04
C LEU A 419 -24.40 -40.31 8.29
N ILE A 420 -25.23 -40.07 9.29
CA ILE A 420 -24.75 -39.59 10.57
C ILE A 420 -23.93 -40.66 11.28
N VAL A 421 -24.51 -41.85 11.48
CA VAL A 421 -23.90 -42.83 12.38
C VAL A 421 -22.48 -43.17 11.98
N ASN A 422 -22.10 -42.90 10.74
CA ASN A 422 -20.71 -43.08 10.34
C ASN A 422 -19.80 -42.08 11.05
N GLY A 423 -20.37 -40.99 11.54
CA GLY A 423 -19.58 -39.99 12.23
C GLY A 423 -18.62 -39.28 11.28
N PRO A 424 -17.85 -38.34 11.81
CA PRO A 424 -17.02 -37.49 10.95
C PRO A 424 -15.88 -38.21 10.25
N ASN A 425 -15.18 -39.11 10.92
CA ASN A 425 -13.91 -39.61 10.41
C ASN A 425 -14.05 -40.41 9.12
N VAL A 426 -14.87 -41.46 9.10
CA VAL A 426 -14.99 -42.26 7.88
C VAL A 426 -15.75 -41.44 6.84
N HIS A 427 -15.45 -41.70 5.56
CA HIS A 427 -15.82 -40.73 4.52
C HIS A 427 -17.32 -40.52 4.34
N PRO A 428 -18.06 -41.48 4.07
CA PRO A 428 -19.45 -41.16 3.71
C PRO A 428 -20.25 -40.80 4.95
N GLY A 429 -20.18 -39.52 5.33
CA GLY A 429 -20.79 -39.10 6.59
C GLY A 429 -21.00 -37.61 6.76
N ALA A 430 -21.24 -37.19 7.99
CA ALA A 430 -21.46 -35.79 8.31
C ALA A 430 -20.47 -35.39 9.40
N ASN A 431 -20.51 -34.11 9.78
CA ASN A 431 -19.93 -33.72 11.06
C ASN A 431 -20.88 -32.82 11.85
N TYR A 432 -21.16 -31.61 11.37
CA TYR A 432 -22.04 -30.74 12.12
C TYR A 432 -23.50 -31.10 11.88
N LEU A 433 -24.31 -30.90 12.91
CA LEU A 433 -25.75 -31.14 12.81
C LEU A 433 -26.50 -29.98 13.44
N LEU A 434 -27.67 -29.67 12.89
CA LEU A 434 -28.47 -28.56 13.35
C LEU A 434 -29.92 -28.99 13.49
N LYS A 435 -30.50 -28.77 14.66
CA LYS A 435 -31.90 -29.09 14.88
C LYS A 435 -32.82 -28.10 14.18
N ARG A 436 -34.13 -28.28 14.36
CA ARG A 436 -35.13 -27.30 13.96
C ARG A 436 -35.15 -26.09 14.87
N ASN A 437 -34.50 -26.16 16.02
CA ASN A 437 -34.55 -25.09 17.01
C ASN A 437 -33.47 -24.04 16.82
N GLU A 438 -32.69 -24.15 15.74
CA GLU A 438 -31.72 -23.12 15.33
C GLU A 438 -30.90 -22.61 16.51
N ASP A 439 -30.49 -23.53 17.37
CA ASP A 439 -29.83 -23.08 18.58
C ASP A 439 -28.43 -22.60 18.23
N ALA A 440 -27.51 -23.52 17.98
CA ALA A 440 -26.28 -23.16 17.31
C ALA A 440 -25.96 -24.17 16.22
N ARG A 441 -25.54 -25.36 16.62
CA ARG A 441 -25.28 -26.52 15.78
C ARG A 441 -24.63 -27.57 16.66
N ARG A 442 -24.63 -28.81 16.18
CA ARG A 442 -23.96 -29.89 16.89
C ARG A 442 -22.88 -30.51 16.00
N ASN A 443 -21.64 -30.24 16.35
CA ASN A 443 -20.53 -31.06 15.88
C ASN A 443 -20.70 -32.46 16.42
N LEU A 444 -20.15 -33.45 15.73
CA LEU A 444 -19.97 -34.73 16.39
C LEU A 444 -18.56 -34.80 16.97
N ARG A 445 -18.51 -34.48 18.23
CA ARG A 445 -17.35 -34.41 19.10
C ARG A 445 -17.67 -34.99 20.46
N TYR A 446 -18.61 -34.34 21.13
CA TYR A 446 -19.27 -34.85 22.32
C TYR A 446 -19.56 -36.34 22.18
N GLY A 447 -20.47 -36.71 21.29
CA GLY A 447 -20.79 -38.11 21.20
C GLY A 447 -22.17 -38.45 20.68
N ASP A 448 -22.73 -39.57 21.12
CA ASP A 448 -24.10 -39.91 20.77
C ASP A 448 -24.47 -40.51 19.41
N ARG A 449 -25.09 -39.67 18.56
CA ARG A 449 -25.65 -40.06 17.25
C ARG A 449 -26.58 -41.20 17.65
N MET A 450 -26.41 -42.39 17.10
CA MET A 450 -27.22 -43.47 17.67
C MET A 450 -28.59 -42.95 18.00
N LYS A 451 -28.91 -42.92 19.31
CA LYS A 451 -30.15 -42.35 19.77
C LYS A 451 -30.57 -40.95 19.30
N LEU A 452 -29.56 -40.10 19.11
CA LEU A 452 -29.77 -38.72 18.68
C LEU A 452 -30.06 -38.65 17.19
N ALA A 453 -29.66 -39.70 16.49
CA ALA A 453 -29.89 -39.80 15.06
C ALA A 453 -31.35 -40.16 14.84
N LYS A 454 -31.88 -40.92 15.79
CA LYS A 454 -33.28 -41.34 15.75
C LYS A 454 -34.20 -40.13 15.83
N ASN A 455 -33.77 -39.08 16.52
CA ASN A 455 -34.62 -37.91 16.62
C ASN A 455 -35.02 -37.45 15.22
N LEU A 456 -34.09 -36.78 14.54
CA LEU A 456 -34.19 -36.43 13.14
C LEU A 456 -35.58 -35.94 12.74
N GLN A 457 -35.96 -34.74 13.17
CA GLN A 457 -37.22 -34.19 12.70
C GLN A 457 -37.10 -33.76 11.25
N ILE A 458 -38.21 -33.29 10.70
CA ILE A 458 -38.22 -32.91 9.28
C ILE A 458 -37.54 -31.57 9.09
N GLY A 459 -37.63 -30.70 10.09
CA GLY A 459 -37.09 -29.36 9.94
C GLY A 459 -35.60 -29.27 10.19
N ASP A 460 -34.90 -30.39 10.11
CA ASP A 460 -33.54 -30.47 10.59
C ASP A 460 -32.54 -30.20 9.47
N VAL A 461 -31.43 -29.60 9.85
CA VAL A 461 -30.35 -29.23 8.94
C VAL A 461 -29.09 -29.93 9.39
N VAL A 462 -28.41 -30.56 8.44
CA VAL A 462 -27.17 -31.26 8.75
C VAL A 462 -26.23 -31.08 7.58
N GLU A 463 -24.93 -31.05 7.88
CA GLU A 463 -23.89 -30.86 6.89
C GLU A 463 -23.41 -32.23 6.46
N ARG A 464 -22.99 -32.35 5.20
CA ARG A 464 -22.36 -33.56 4.74
C ARG A 464 -20.89 -33.29 4.45
N HIS A 465 -20.17 -34.36 4.09
CA HIS A 465 -18.86 -34.21 3.49
C HIS A 465 -19.08 -33.80 2.05
N LEU A 466 -18.05 -33.87 1.24
CA LEU A 466 -18.21 -33.68 -0.20
C LEU A 466 -18.29 -35.10 -0.77
N GLU A 467 -19.44 -35.47 -1.31
CA GLU A 467 -19.64 -36.85 -1.73
C GLU A 467 -19.87 -36.94 -3.23
N ASP A 468 -20.08 -38.16 -3.69
CA ASP A 468 -20.36 -38.44 -5.09
C ASP A 468 -21.54 -37.60 -5.53
N GLY A 469 -21.49 -37.10 -6.76
CA GLY A 469 -22.57 -36.31 -7.33
C GLY A 469 -22.79 -34.98 -6.65
N ASP A 470 -21.84 -34.48 -5.87
CA ASP A 470 -21.99 -33.14 -5.35
C ASP A 470 -21.57 -32.12 -6.40
N VAL A 471 -21.74 -30.85 -6.05
CA VAL A 471 -21.57 -29.75 -6.99
C VAL A 471 -20.37 -28.95 -6.57
N VAL A 472 -19.55 -28.54 -7.53
CA VAL A 472 -18.31 -27.82 -7.24
C VAL A 472 -18.14 -26.76 -8.32
N LEU A 473 -17.46 -25.66 -7.98
CA LEU A 473 -16.90 -24.83 -9.03
C LEU A 473 -15.41 -24.66 -8.78
N PHE A 474 -14.67 -24.45 -9.85
CA PHE A 474 -13.25 -24.74 -9.87
C PHE A 474 -12.50 -23.66 -10.65
N ASN A 475 -11.41 -23.19 -10.05
CA ASN A 475 -10.81 -21.93 -10.50
C ASN A 475 -9.30 -22.01 -10.61
N ARG A 476 -8.76 -21.24 -11.55
CA ARG A 476 -7.34 -20.94 -11.57
C ARG A 476 -7.14 -19.45 -11.43
N GLN A 477 -6.18 -19.02 -10.61
CA GLN A 477 -6.05 -17.63 -10.20
C GLN A 477 -5.88 -16.64 -11.34
N PRO A 478 -4.94 -16.81 -12.26
CA PRO A 478 -4.78 -15.80 -13.30
C PRO A 478 -5.94 -15.85 -14.27
N SER A 479 -7.04 -15.20 -13.89
CA SER A 479 -8.32 -15.40 -14.56
C SER A 479 -8.44 -14.39 -15.70
N LEU A 480 -8.33 -14.89 -16.94
CA LEU A 480 -8.33 -14.00 -18.08
C LEU A 480 -9.75 -13.64 -18.52
N HIS A 481 -10.64 -14.61 -18.55
CA HIS A 481 -11.93 -14.38 -19.18
C HIS A 481 -13.09 -15.28 -18.74
N ARG A 482 -14.15 -15.26 -19.52
CA ARG A 482 -15.36 -16.02 -19.20
C ARG A 482 -15.05 -17.47 -18.81
N LEU A 483 -14.09 -18.09 -19.48
CA LEU A 483 -13.76 -19.46 -19.14
C LEU A 483 -12.92 -19.70 -17.89
N SER A 484 -12.43 -18.64 -17.25
CA SER A 484 -11.55 -18.80 -16.11
C SER A 484 -12.20 -19.47 -14.91
N ILE A 485 -13.53 -19.57 -14.88
CA ILE A 485 -14.24 -20.42 -13.92
C ILE A 485 -14.94 -21.48 -14.75
N LEU A 486 -14.97 -22.70 -14.25
CA LEU A 486 -15.94 -23.70 -14.66
C LEU A 486 -16.54 -24.32 -13.42
N SER A 487 -17.42 -25.30 -13.61
CA SER A 487 -18.01 -25.99 -12.49
C SER A 487 -18.31 -27.44 -12.84
N HIS A 488 -18.07 -28.33 -11.88
CA HIS A 488 -18.02 -29.75 -12.18
C HIS A 488 -18.82 -30.52 -11.15
N TYR A 489 -19.20 -31.74 -11.52
CA TYR A 489 -19.66 -32.71 -10.55
C TYR A 489 -18.46 -33.21 -9.74
N ALA A 490 -18.74 -33.80 -8.60
CA ALA A 490 -17.69 -34.21 -7.68
C ALA A 490 -17.63 -35.74 -7.60
N LYS A 491 -16.44 -36.28 -7.84
CA LYS A 491 -16.13 -37.67 -7.52
C LYS A 491 -14.97 -37.69 -6.54
N ILE A 492 -14.85 -38.79 -5.81
CA ILE A 492 -13.89 -38.92 -4.73
C ILE A 492 -12.96 -40.09 -5.01
N ARG A 493 -11.68 -39.89 -4.75
CA ARG A 493 -10.67 -40.90 -4.96
C ARG A 493 -9.65 -40.80 -3.83
N PRO A 494 -8.69 -41.70 -3.80
CA PRO A 494 -7.60 -41.58 -2.84
C PRO A 494 -6.48 -40.66 -3.29
N TRP A 495 -5.37 -40.80 -2.58
CA TRP A 495 -4.18 -39.95 -2.49
C TRP A 495 -4.63 -38.56 -2.06
N ARG A 496 -3.87 -37.54 -2.46
CA ARG A 496 -4.25 -36.19 -2.14
C ARG A 496 -3.81 -35.29 -3.29
N THR A 497 -4.79 -34.79 -4.04
CA THR A 497 -4.61 -33.68 -4.96
C THR A 497 -5.87 -33.51 -5.78
N PHE A 498 -5.99 -32.34 -6.40
CA PHE A 498 -7.05 -32.10 -7.37
C PHE A 498 -6.72 -32.80 -8.67
N ARG A 499 -7.66 -33.59 -9.17
CA ARG A 499 -7.49 -34.34 -10.39
C ARG A 499 -8.73 -34.11 -11.24
N LEU A 500 -8.52 -33.79 -12.51
CA LEU A 500 -9.61 -33.51 -13.42
C LEU A 500 -9.33 -34.15 -14.76
N ASN A 501 -10.29 -34.01 -15.68
CA ASN A 501 -10.12 -34.55 -17.02
C ASN A 501 -9.54 -33.53 -17.99
N GLU A 502 -8.73 -34.02 -18.90
CA GLU A 502 -7.81 -33.13 -19.56
C GLU A 502 -8.42 -32.16 -20.56
N CYS A 503 -9.40 -32.60 -21.33
CA CYS A 503 -9.96 -31.71 -22.34
C CYS A 503 -10.40 -30.33 -21.87
N VAL A 504 -10.60 -30.13 -20.57
CA VAL A 504 -10.97 -28.83 -20.05
C VAL A 504 -9.75 -28.09 -19.52
N CYS A 505 -8.56 -28.65 -19.72
CA CYS A 505 -7.36 -27.90 -19.38
C CYS A 505 -7.35 -26.51 -19.99
N THR A 506 -7.33 -26.42 -21.31
CA THR A 506 -7.14 -25.16 -22.02
C THR A 506 -8.07 -24.06 -21.54
N PRO A 507 -9.33 -24.34 -21.16
CA PRO A 507 -10.11 -23.28 -20.51
C PRO A 507 -9.42 -22.72 -19.29
N TYR A 508 -8.91 -23.58 -18.42
CA TYR A 508 -8.09 -23.10 -17.32
C TYR A 508 -6.71 -22.66 -17.76
N ASN A 509 -6.36 -22.88 -19.03
CA ASN A 509 -5.01 -22.80 -19.57
C ASN A 509 -4.05 -23.51 -18.62
N ALA A 510 -4.51 -24.61 -18.04
CA ALA A 510 -3.75 -25.37 -17.05
C ALA A 510 -2.60 -26.07 -17.75
N ASP A 511 -1.40 -25.89 -17.23
CA ASP A 511 -0.24 -26.57 -17.77
C ASP A 511 0.06 -27.88 -17.05
N PHE A 512 -0.82 -28.30 -16.14
CA PHE A 512 -0.40 -29.25 -15.12
C PHE A 512 0.86 -28.70 -14.49
N ASP A 513 1.98 -29.40 -14.68
CA ASP A 513 3.27 -28.90 -14.22
C ASP A 513 3.13 -28.79 -12.70
N GLY A 514 3.56 -27.69 -12.08
CA GLY A 514 3.47 -27.57 -10.64
C GLY A 514 2.42 -26.61 -10.11
N ASP A 515 1.42 -26.29 -10.92
CA ASP A 515 0.60 -25.13 -10.59
C ASP A 515 -0.57 -25.52 -9.69
N GLU A 516 -1.33 -24.52 -9.29
CA GLU A 516 -2.40 -24.64 -8.30
C GLU A 516 -3.77 -24.54 -8.94
N MET A 517 -4.79 -24.66 -8.10
CA MET A 517 -6.17 -24.29 -8.36
C MET A 517 -6.82 -23.86 -7.06
N ASN A 518 -8.13 -23.64 -7.09
CA ASN A 518 -8.91 -23.47 -5.89
C ASN A 518 -10.25 -24.16 -6.07
N LEU A 519 -10.85 -24.50 -4.94
CA LEU A 519 -12.00 -25.41 -4.94
C LEU A 519 -13.13 -24.74 -4.20
N HIS A 520 -14.30 -24.65 -4.82
CA HIS A 520 -15.47 -24.07 -4.15
C HIS A 520 -16.65 -25.02 -4.23
N VAL A 521 -17.54 -24.86 -3.26
CA VAL A 521 -18.85 -25.50 -3.32
C VAL A 521 -19.88 -24.44 -3.01
N PRO A 522 -21.01 -24.45 -3.66
CA PRO A 522 -22.09 -23.56 -3.24
C PRO A 522 -22.57 -23.94 -1.87
N GLN A 523 -23.56 -23.23 -1.35
CA GLN A 523 -24.15 -23.60 -0.08
C GLN A 523 -25.63 -23.87 -0.27
N THR A 524 -26.37 -22.83 -0.64
CA THR A 524 -27.78 -22.98 -0.91
C THR A 524 -28.01 -23.82 -2.16
N GLU A 525 -29.16 -24.48 -2.19
CA GLU A 525 -29.48 -25.34 -3.33
C GLU A 525 -29.48 -24.56 -4.63
N GLU A 526 -30.21 -23.45 -4.71
CA GLU A 526 -30.35 -22.75 -5.98
C GLU A 526 -29.01 -22.41 -6.60
N ALA A 527 -27.99 -22.13 -5.80
CA ALA A 527 -26.68 -21.92 -6.37
C ALA A 527 -26.19 -23.15 -7.12
N ARG A 528 -26.34 -24.33 -6.53
CA ARG A 528 -25.97 -25.55 -7.25
C ARG A 528 -26.64 -25.61 -8.61
N ALA A 529 -27.95 -25.81 -8.63
CA ALA A 529 -28.70 -25.89 -9.88
C ALA A 529 -28.30 -24.80 -10.84
N GLU A 530 -28.06 -23.60 -10.34
CA GLU A 530 -27.48 -22.55 -11.14
C GLU A 530 -26.19 -22.98 -11.82
N ALA A 531 -25.11 -23.16 -11.08
CA ALA A 531 -23.81 -23.33 -11.71
C ALA A 531 -23.68 -24.68 -12.39
N ILE A 532 -24.38 -25.70 -11.89
CA ILE A 532 -24.19 -27.01 -12.49
C ILE A 532 -24.91 -27.11 -13.83
N ASN A 533 -26.13 -26.62 -13.90
CA ASN A 533 -26.88 -26.83 -15.12
C ASN A 533 -26.76 -25.66 -16.07
N LEU A 534 -25.95 -24.66 -15.72
CA LEU A 534 -25.70 -23.50 -16.56
C LEU A 534 -24.21 -23.27 -16.73
N MET A 535 -23.53 -23.01 -15.63
CA MET A 535 -22.13 -22.62 -15.61
C MET A 535 -21.20 -23.84 -15.52
N GLY A 536 -21.75 -25.04 -15.64
CA GLY A 536 -20.94 -26.24 -15.71
C GLY A 536 -20.26 -26.35 -17.07
N VAL A 537 -19.83 -27.56 -17.38
CA VAL A 537 -19.06 -27.73 -18.61
C VAL A 537 -19.98 -27.84 -19.81
N LYS A 538 -20.79 -28.90 -19.84
CA LYS A 538 -21.42 -29.34 -21.08
C LYS A 538 -22.21 -28.22 -21.75
N ASN A 539 -22.75 -27.30 -20.97
CA ASN A 539 -23.44 -26.17 -21.58
C ASN A 539 -22.46 -25.09 -22.03
N ASN A 540 -21.33 -24.98 -21.34
CA ASN A 540 -20.40 -23.87 -21.53
C ASN A 540 -19.29 -24.21 -22.50
N LEU A 541 -19.45 -25.36 -23.15
CA LEU A 541 -18.36 -26.00 -23.86
C LEU A 541 -17.68 -25.08 -24.87
N LEU A 542 -18.38 -24.09 -25.40
CA LEU A 542 -17.79 -23.21 -26.40
C LEU A 542 -17.25 -21.94 -25.78
N THR A 543 -16.18 -21.48 -26.33
CA THR A 543 -15.76 -20.15 -25.90
C THR A 543 -16.72 -19.09 -26.41
N PRO A 544 -16.94 -18.04 -25.63
CA PRO A 544 -17.77 -16.93 -26.10
C PRO A 544 -17.12 -16.09 -27.19
N LYS A 545 -15.81 -15.88 -27.14
CA LYS A 545 -15.17 -14.95 -28.05
C LYS A 545 -15.39 -15.27 -29.53
N SER A 546 -14.85 -16.38 -30.04
CA SER A 546 -15.00 -16.70 -31.44
C SER A 546 -16.11 -17.72 -31.65
N GLY A 547 -16.71 -18.18 -30.57
CA GLY A 547 -17.73 -19.21 -30.70
C GLY A 547 -17.15 -20.50 -31.23
N GLU A 548 -15.99 -20.91 -30.69
CA GLU A 548 -15.42 -22.20 -30.99
C GLU A 548 -15.47 -23.03 -29.73
N PRO A 549 -15.54 -24.34 -29.82
CA PRO A 549 -15.25 -25.15 -28.64
C PRO A 549 -13.81 -24.92 -28.23
N ILE A 550 -13.62 -24.52 -26.97
CA ILE A 550 -12.26 -24.36 -26.48
C ILE A 550 -11.71 -25.68 -25.99
N ILE A 551 -12.57 -26.58 -25.54
CA ILE A 551 -12.11 -27.86 -25.01
C ILE A 551 -11.94 -28.82 -26.15
N ALA A 552 -10.90 -29.64 -26.08
CA ALA A 552 -10.64 -30.66 -27.09
C ALA A 552 -9.55 -31.59 -26.58
N ALA A 553 -9.17 -32.57 -27.39
CA ALA A 553 -7.96 -33.30 -27.13
C ALA A 553 -6.79 -32.33 -27.16
N THR A 554 -5.81 -32.58 -26.29
CA THR A 554 -4.64 -31.72 -26.19
C THR A 554 -3.41 -32.60 -26.02
N GLN A 555 -2.36 -32.30 -26.77
CA GLN A 555 -1.13 -33.07 -26.76
C GLN A 555 -1.41 -34.53 -27.08
N ASP A 556 -1.08 -35.43 -26.15
CA ASP A 556 -1.16 -36.87 -26.42
C ASP A 556 -2.43 -37.23 -27.16
N PHE A 557 -3.58 -37.00 -26.52
CA PHE A 557 -4.86 -37.42 -27.09
C PHE A 557 -4.94 -37.07 -28.56
N ILE A 558 -4.54 -35.86 -28.93
CA ILE A 558 -4.39 -35.53 -30.33
C ILE A 558 -3.52 -36.56 -31.04
N THR A 559 -2.22 -36.55 -30.76
CA THR A 559 -1.33 -37.47 -31.44
C THR A 559 -1.71 -38.90 -31.14
N GLY A 560 -2.23 -39.19 -29.95
CA GLY A 560 -2.65 -40.54 -29.65
C GLY A 560 -3.69 -41.04 -30.62
N SER A 561 -4.62 -40.16 -31.00
CA SER A 561 -5.53 -40.55 -32.06
C SER A 561 -4.79 -40.83 -33.36
N TYR A 562 -3.89 -39.93 -33.75
CA TYR A 562 -3.22 -40.03 -35.04
C TYR A 562 -2.66 -41.42 -35.27
N LEU A 563 -1.97 -41.96 -34.27
CA LEU A 563 -1.39 -43.28 -34.43
C LEU A 563 -2.45 -44.33 -34.71
N ILE A 564 -3.54 -44.36 -33.95
CA ILE A 564 -4.65 -45.22 -34.30
C ILE A 564 -5.26 -44.76 -35.61
N SER A 565 -5.41 -43.45 -35.78
CA SER A 565 -5.97 -42.92 -36.99
C SER A 565 -5.18 -43.28 -38.23
N HIS A 566 -3.89 -43.56 -38.07
CA HIS A 566 -2.98 -43.61 -39.21
C HIS A 566 -3.43 -44.67 -40.21
N LYS A 567 -3.35 -44.31 -41.49
CA LYS A 567 -3.74 -45.23 -42.55
C LYS A 567 -2.98 -46.53 -42.46
N ASP A 568 -1.66 -46.47 -42.42
CA ASP A 568 -0.83 -47.65 -42.56
C ASP A 568 -1.12 -48.69 -41.49
N SER A 569 -1.85 -48.32 -40.44
CA SER A 569 -2.19 -49.26 -39.40
C SER A 569 -3.26 -50.23 -39.87
N PHE A 570 -3.35 -51.35 -39.15
CA PHE A 570 -4.42 -52.32 -39.28
C PHE A 570 -4.60 -53.01 -37.94
N TYR A 571 -5.71 -53.71 -37.75
CA TYR A 571 -5.95 -54.34 -36.47
C TYR A 571 -6.60 -55.70 -36.64
N ASP A 572 -6.88 -56.34 -35.52
CA ASP A 572 -7.39 -57.69 -35.48
C ASP A 572 -8.70 -57.73 -34.68
N ARG A 573 -9.55 -58.69 -35.03
CA ARG A 573 -10.81 -58.84 -34.31
C ARG A 573 -10.57 -58.93 -32.82
N ALA A 574 -9.54 -59.66 -32.41
CA ALA A 574 -9.15 -59.59 -31.00
C ALA A 574 -8.62 -58.22 -30.65
N THR A 575 -7.69 -57.70 -31.44
CA THR A 575 -7.17 -56.36 -31.20
C THR A 575 -8.30 -55.36 -31.12
N LEU A 576 -9.03 -55.18 -32.22
CA LEU A 576 -10.17 -54.27 -32.21
C LEU A 576 -11.05 -54.52 -31.01
N THR A 577 -11.26 -55.77 -30.66
CA THR A 577 -12.05 -56.06 -29.48
C THR A 577 -11.50 -55.32 -28.27
N GLN A 578 -10.31 -55.71 -27.80
CA GLN A 578 -9.82 -55.12 -26.55
C GLN A 578 -9.70 -53.62 -26.68
N LEU A 579 -9.41 -53.11 -27.87
CA LEU A 579 -9.46 -51.67 -28.08
C LEU A 579 -10.82 -51.12 -27.71
N LEU A 580 -11.84 -51.50 -28.47
CA LEU A 580 -13.18 -50.97 -28.28
C LEU A 580 -13.62 -51.11 -26.82
N SER A 581 -13.14 -52.15 -26.15
CA SER A 581 -13.22 -52.17 -24.69
C SER A 581 -12.56 -50.95 -24.08
N MET A 582 -11.24 -50.81 -24.28
CA MET A 582 -10.46 -49.74 -23.68
C MET A 582 -11.03 -48.36 -23.97
N MET A 583 -11.77 -48.21 -25.05
CA MET A 583 -12.27 -46.90 -25.42
C MET A 583 -13.35 -46.44 -24.45
N SER A 584 -14.30 -47.32 -24.18
CA SER A 584 -15.33 -47.06 -23.18
C SER A 584 -15.32 -48.22 -22.19
N ASP A 585 -14.97 -47.92 -20.95
CA ASP A 585 -14.72 -48.97 -19.98
C ASP A 585 -15.90 -49.91 -19.87
N GLY A 586 -15.66 -51.19 -20.13
CA GLY A 586 -16.69 -52.21 -19.98
C GLY A 586 -18.00 -51.78 -20.62
N ILE A 587 -19.10 -52.11 -19.95
CA ILE A 587 -20.40 -51.50 -20.20
C ILE A 587 -20.77 -51.63 -21.67
N GLU A 588 -20.81 -50.49 -22.36
CA GLU A 588 -21.66 -50.30 -23.53
C GLU A 588 -21.49 -51.39 -24.57
N HIS A 589 -22.63 -51.90 -25.00
CA HIS A 589 -22.77 -52.96 -25.99
C HIS A 589 -22.28 -52.40 -27.33
N PHE A 590 -21.96 -53.30 -28.26
CA PHE A 590 -21.63 -52.84 -29.60
C PHE A 590 -22.19 -53.75 -30.68
N ASP A 591 -22.02 -53.31 -31.92
CA ASP A 591 -22.36 -54.08 -33.10
C ASP A 591 -21.18 -53.96 -34.05
N ILE A 592 -20.49 -55.07 -34.30
CA ILE A 592 -19.23 -54.98 -35.02
C ILE A 592 -19.52 -54.64 -36.47
N PRO A 593 -18.95 -53.57 -36.99
CA PRO A 593 -19.08 -53.27 -38.40
C PRO A 593 -18.46 -54.37 -39.23
N PRO A 594 -18.83 -54.48 -40.51
CA PRO A 594 -18.25 -55.53 -41.34
C PRO A 594 -16.75 -55.38 -41.41
N PRO A 595 -16.02 -56.45 -41.72
CA PRO A 595 -14.57 -56.37 -41.78
C PRO A 595 -14.10 -55.50 -42.92
N ALA A 596 -13.09 -54.69 -42.62
CA ALA A 596 -12.50 -53.83 -43.65
C ALA A 596 -12.03 -54.65 -44.84
N ILE A 597 -11.02 -55.47 -44.63
CA ILE A 597 -10.47 -56.35 -45.66
C ILE A 597 -10.54 -57.78 -45.18
N MET A 598 -10.71 -58.70 -46.13
CA MET A 598 -11.14 -60.05 -45.84
C MET A 598 -10.07 -61.10 -46.13
N LYS A 599 -9.86 -61.44 -47.40
CA LYS A 599 -9.18 -62.69 -47.75
C LYS A 599 -7.84 -63.00 -47.08
N PRO A 600 -6.93 -62.15 -47.03
CA PRO A 600 -5.82 -62.46 -46.13
C PRO A 600 -6.04 -62.11 -44.66
N TYR A 601 -6.92 -62.88 -44.02
CA TYR A 601 -7.29 -62.50 -42.64
C TYR A 601 -8.14 -61.26 -42.77
N TYR A 602 -9.30 -61.23 -42.13
CA TYR A 602 -10.21 -60.10 -42.26
C TYR A 602 -9.74 -59.03 -41.27
N LEU A 603 -8.84 -58.15 -41.72
CA LEU A 603 -8.39 -57.05 -40.88
C LEU A 603 -9.51 -56.05 -40.66
N TRP A 604 -9.21 -55.00 -39.89
CA TRP A 604 -10.02 -53.79 -39.81
C TRP A 604 -9.08 -52.59 -39.84
N THR A 605 -9.64 -51.39 -39.83
CA THR A 605 -8.81 -50.21 -39.95
C THR A 605 -9.15 -49.19 -38.87
N GLY A 606 -8.12 -48.50 -38.42
CA GLY A 606 -8.28 -47.44 -37.45
C GLY A 606 -9.36 -46.46 -37.83
N LYS A 607 -9.47 -46.13 -39.12
CA LYS A 607 -10.61 -45.36 -39.57
C LYS A 607 -11.91 -45.92 -39.05
N GLN A 608 -12.05 -47.24 -39.08
CA GLN A 608 -13.30 -47.87 -38.67
C GLN A 608 -13.48 -47.82 -37.17
N VAL A 609 -12.48 -48.28 -36.41
CA VAL A 609 -12.65 -48.26 -34.97
C VAL A 609 -12.92 -46.86 -34.48
N PHE A 610 -12.05 -45.91 -34.81
CA PHE A 610 -12.28 -44.54 -34.39
C PHE A 610 -13.60 -44.03 -34.93
N SER A 611 -14.06 -44.56 -36.06
CA SER A 611 -15.42 -44.27 -36.46
C SER A 611 -16.41 -44.75 -35.44
N LEU A 612 -16.26 -45.98 -34.95
CA LEU A 612 -17.19 -46.49 -33.94
C LEU A 612 -17.21 -45.63 -32.70
N LEU A 613 -16.08 -45.01 -32.36
CA LEU A 613 -16.03 -44.08 -31.24
C LEU A 613 -17.18 -43.10 -31.27
N ILE A 614 -17.48 -42.56 -32.44
CA ILE A 614 -18.61 -41.64 -32.57
C ILE A 614 -19.93 -42.36 -32.43
N LYS A 615 -20.15 -43.42 -33.21
CA LYS A 615 -21.43 -44.12 -33.29
C LYS A 615 -21.19 -45.55 -32.82
N PRO A 616 -21.32 -45.80 -31.55
CA PRO A 616 -21.03 -47.14 -31.03
C PRO A 616 -22.02 -48.20 -31.50
N ASN A 617 -23.30 -47.86 -31.62
CA ASN A 617 -24.32 -48.89 -31.69
C ASN A 617 -25.34 -48.62 -32.79
N HIS A 618 -26.01 -49.70 -33.17
CA HIS A 618 -27.23 -49.62 -33.95
C HIS A 618 -28.26 -48.72 -33.28
N ASN A 619 -28.35 -48.78 -31.96
CA ASN A 619 -29.29 -47.95 -31.22
C ASN A 619 -28.66 -46.63 -30.79
N SER A 620 -27.40 -46.43 -31.07
CA SER A 620 -26.75 -45.18 -30.74
C SER A 620 -27.29 -44.06 -31.62
N PRO A 621 -27.86 -43.03 -31.07
CA PRO A 621 -28.55 -42.03 -31.89
C PRO A 621 -27.68 -40.87 -32.32
N VAL A 622 -26.57 -41.13 -33.02
CA VAL A 622 -25.77 -40.04 -33.54
C VAL A 622 -25.45 -40.29 -35.00
N VAL A 623 -25.65 -39.28 -35.83
CA VAL A 623 -25.34 -39.36 -37.26
C VAL A 623 -24.60 -38.07 -37.58
N ILE A 624 -23.52 -38.19 -38.34
CA ILE A 624 -22.65 -37.06 -38.67
C ILE A 624 -22.15 -37.22 -40.10
N ASN A 625 -22.09 -36.10 -40.81
CA ASN A 625 -21.31 -36.01 -42.04
C ASN A 625 -20.59 -34.68 -42.07
N LEU A 626 -19.26 -34.74 -42.11
CA LEU A 626 -18.48 -33.51 -42.25
C LEU A 626 -17.19 -33.81 -42.98
N ASP A 627 -16.79 -32.87 -43.84
CA ASP A 627 -15.47 -32.91 -44.47
C ASP A 627 -14.76 -31.60 -44.16
N ALA A 628 -13.43 -31.63 -44.16
CA ALA A 628 -12.67 -30.43 -43.83
C ALA A 628 -11.20 -30.62 -44.19
N LYS A 629 -10.44 -29.54 -44.00
CA LYS A 629 -9.00 -29.50 -44.26
C LYS A 629 -8.28 -29.77 -42.97
N ASN A 630 -7.54 -30.86 -42.90
CA ASN A 630 -6.57 -30.99 -41.83
C ASN A 630 -5.40 -30.06 -42.14
N LYS A 631 -4.46 -29.94 -41.22
CA LYS A 631 -3.28 -29.19 -41.60
C LYS A 631 -2.33 -30.11 -42.35
N VAL A 632 -1.18 -29.54 -42.74
CA VAL A 632 -0.26 -30.10 -43.73
C VAL A 632 -1.05 -30.67 -44.89
N PHE A 633 -2.05 -29.91 -45.33
CA PHE A 633 -2.80 -30.27 -46.52
C PHE A 633 -1.87 -30.35 -47.72
N VAL A 634 -1.87 -31.49 -48.38
CA VAL A 634 -1.02 -31.73 -49.54
C VAL A 634 -1.88 -31.64 -50.79
N PRO A 635 -1.55 -30.79 -51.74
CA PRO A 635 -2.33 -30.68 -52.96
C PRO A 635 -2.37 -32.00 -53.69
N PRO A 636 -3.55 -32.42 -54.12
CA PRO A 636 -3.63 -33.51 -55.09
C PRO A 636 -3.17 -33.04 -56.45
N LYS A 637 -3.33 -33.85 -57.49
CA LYS A 637 -3.37 -33.27 -58.80
C LYS A 637 -4.66 -32.48 -58.95
N SER A 638 -4.51 -31.19 -59.28
CA SER A 638 -5.64 -30.26 -59.26
C SER A 638 -6.81 -30.74 -60.12
N LYS A 639 -6.57 -31.66 -61.05
CA LYS A 639 -7.66 -32.26 -61.80
C LYS A 639 -8.62 -33.02 -60.89
N SER A 640 -8.12 -33.69 -59.86
CA SER A 640 -9.01 -34.40 -58.95
C SER A 640 -9.82 -33.40 -58.15
N LEU A 641 -11.14 -33.45 -58.30
CA LEU A 641 -11.97 -32.40 -57.70
C LEU A 641 -12.00 -32.49 -56.18
N PRO A 642 -12.35 -33.62 -55.56
CA PRO A 642 -12.30 -33.66 -54.11
C PRO A 642 -10.86 -33.59 -53.64
N ASN A 643 -10.62 -32.68 -52.71
CA ASN A 643 -9.37 -32.67 -51.98
C ASN A 643 -9.26 -33.89 -51.10
N GLU A 644 -10.32 -34.68 -51.03
CA GLU A 644 -10.29 -36.00 -50.42
C GLU A 644 -9.04 -36.77 -50.83
N MET A 645 -8.92 -37.09 -52.11
CA MET A 645 -7.79 -37.87 -52.58
C MET A 645 -6.71 -36.88 -52.96
N SER A 646 -5.66 -36.86 -52.17
CA SER A 646 -4.36 -36.36 -52.56
C SER A 646 -3.43 -37.56 -52.55
N GLN A 647 -2.17 -37.31 -52.87
CA GLN A 647 -1.19 -38.38 -52.72
C GLN A 647 -1.14 -38.88 -51.27
N ASN A 648 -1.32 -37.99 -50.31
CA ASN A 648 -1.46 -38.41 -48.91
C ASN A 648 -2.62 -37.65 -48.28
N ASP A 649 -3.66 -38.38 -47.91
CA ASP A 649 -4.84 -37.87 -47.20
C ASP A 649 -5.39 -36.65 -47.95
N GLY A 650 -5.87 -35.62 -47.25
CA GLY A 650 -6.64 -34.59 -47.90
C GLY A 650 -7.67 -34.04 -46.94
N PHE A 651 -8.80 -33.57 -47.47
CA PHE A 651 -9.98 -33.43 -46.65
C PHE A 651 -10.18 -34.72 -45.88
N VAL A 652 -10.34 -34.62 -44.57
CA VAL A 652 -11.01 -35.71 -43.89
C VAL A 652 -12.44 -35.58 -44.37
N ILE A 653 -13.15 -36.69 -44.49
CA ILE A 653 -14.57 -36.62 -44.83
C ILE A 653 -15.30 -37.77 -44.18
N ILE A 654 -16.53 -37.49 -43.76
CA ILE A 654 -17.40 -38.44 -43.09
C ILE A 654 -18.80 -38.27 -43.66
N ARG A 655 -19.36 -39.36 -44.17
CA ARG A 655 -20.72 -39.35 -44.67
C ARG A 655 -21.40 -40.60 -44.14
N GLY A 656 -22.50 -40.40 -43.42
CA GLY A 656 -23.13 -41.53 -42.76
C GLY A 656 -22.41 -41.92 -41.49
N SER A 657 -21.61 -41.02 -40.93
CA SER A 657 -20.99 -41.21 -39.63
C SER A 657 -20.01 -42.38 -39.60
N GLN A 658 -19.43 -42.70 -40.74
CA GLN A 658 -18.19 -43.45 -40.74
C GLN A 658 -17.11 -42.55 -41.30
N ILE A 659 -15.91 -42.65 -40.74
CA ILE A 659 -14.78 -41.92 -41.30
C ILE A 659 -14.47 -42.51 -42.67
N LEU A 660 -14.38 -41.64 -43.67
CA LEU A 660 -14.08 -42.09 -45.01
C LEU A 660 -12.58 -42.12 -45.21
N SER A 661 -11.93 -40.97 -45.11
CA SER A 661 -10.50 -40.89 -45.38
C SER A 661 -9.84 -39.79 -44.54
N GLY A 662 -8.54 -39.97 -44.34
CA GLY A 662 -7.67 -38.97 -43.76
C GLY A 662 -7.33 -39.15 -42.29
N VAL A 663 -6.11 -38.76 -41.94
CA VAL A 663 -5.73 -38.68 -40.53
C VAL A 663 -6.38 -37.46 -39.90
N MET A 664 -6.47 -37.47 -38.58
CA MET A 664 -7.29 -36.47 -37.92
C MET A 664 -6.43 -35.34 -37.37
N ASP A 665 -5.76 -35.58 -36.24
CA ASP A 665 -4.59 -34.76 -35.91
C ASP A 665 -4.86 -33.27 -35.77
N LYS A 666 -5.37 -32.84 -34.62
CA LYS A 666 -5.88 -31.49 -34.47
C LYS A 666 -7.00 -31.37 -35.48
N SER A 667 -7.06 -30.28 -36.24
CA SER A 667 -8.02 -30.22 -37.34
C SER A 667 -9.40 -30.57 -36.81
N VAL A 668 -9.91 -31.73 -37.27
CA VAL A 668 -11.23 -32.21 -36.87
C VAL A 668 -11.48 -32.22 -35.37
N LEU A 669 -10.64 -32.89 -34.58
CA LEU A 669 -10.91 -32.92 -33.14
C LEU A 669 -10.08 -31.93 -32.33
N GLY A 670 -9.23 -31.13 -32.95
CA GLY A 670 -8.15 -30.44 -32.27
C GLY A 670 -8.36 -29.01 -31.84
N ASP A 671 -9.60 -28.62 -31.58
CA ASP A 671 -9.96 -27.22 -31.33
C ASP A 671 -9.55 -26.43 -32.58
N GLY A 672 -9.12 -25.18 -32.46
CA GLY A 672 -8.40 -24.48 -33.50
C GLY A 672 -9.23 -23.93 -34.65
N LYS A 673 -10.42 -24.49 -34.88
CA LYS A 673 -11.19 -24.21 -36.08
C LYS A 673 -12.68 -24.36 -35.79
N LYS A 674 -13.50 -23.63 -36.56
CA LYS A 674 -14.94 -23.73 -36.41
C LYS A 674 -15.43 -25.14 -36.67
N HIS A 675 -15.10 -25.70 -37.81
CA HIS A 675 -15.45 -27.09 -38.09
C HIS A 675 -14.67 -27.98 -37.13
N SER A 676 -15.39 -28.82 -36.40
CA SER A 676 -14.76 -29.82 -35.58
C SER A 676 -15.70 -31.00 -35.42
N VAL A 677 -15.12 -32.20 -35.40
CA VAL A 677 -15.91 -33.38 -35.08
C VAL A 677 -16.70 -33.16 -33.81
N PHE A 678 -16.02 -32.82 -32.73
CA PHE A 678 -16.72 -32.55 -31.49
C PHE A 678 -17.65 -31.35 -31.62
N TYR A 679 -17.17 -30.24 -32.19
CA TYR A 679 -18.08 -29.12 -32.41
C TYR A 679 -19.32 -29.54 -33.16
N THR A 680 -19.15 -30.32 -34.23
CA THR A 680 -20.31 -30.78 -34.98
C THR A 680 -21.26 -31.59 -34.13
N ILE A 681 -20.73 -32.57 -33.39
CA ILE A 681 -21.56 -33.40 -32.54
C ILE A 681 -22.43 -32.53 -31.66
N LEU A 682 -21.81 -31.61 -30.93
CA LEU A 682 -22.57 -30.67 -30.12
C LEU A 682 -23.64 -29.97 -30.93
N ARG A 683 -23.21 -29.21 -31.95
CA ARG A 683 -24.12 -28.37 -32.71
C ARG A 683 -25.32 -29.14 -33.24
N ASP A 684 -25.19 -30.44 -33.44
CA ASP A 684 -26.38 -31.21 -33.72
C ASP A 684 -27.10 -31.71 -32.48
N TYR A 685 -26.54 -32.69 -31.76
CA TYR A 685 -27.31 -33.51 -30.82
C TYR A 685 -27.31 -32.96 -29.40
N GLY A 686 -26.70 -31.82 -29.17
CA GLY A 686 -26.62 -31.30 -27.82
C GLY A 686 -25.53 -32.02 -27.04
N PRO A 687 -25.05 -31.39 -26.00
CA PRO A 687 -23.77 -31.83 -25.42
C PRO A 687 -23.81 -33.19 -24.76
N GLN A 688 -24.93 -33.55 -24.12
CA GLN A 688 -24.91 -34.67 -23.19
C GLN A 688 -24.26 -35.91 -23.79
N GLU A 689 -24.62 -36.26 -25.02
CA GLU A 689 -23.91 -37.33 -25.69
C GLU A 689 -22.66 -36.83 -26.41
N ALA A 690 -22.58 -35.53 -26.70
CA ALA A 690 -21.39 -35.00 -27.33
C ALA A 690 -20.16 -35.23 -26.48
N ALA A 691 -20.06 -34.55 -25.34
CA ALA A 691 -18.97 -34.82 -24.41
C ALA A 691 -18.83 -36.30 -24.14
N ASN A 692 -19.96 -37.01 -24.04
CA ASN A 692 -19.92 -38.46 -23.89
C ASN A 692 -18.98 -39.08 -24.91
N ALA A 693 -18.95 -38.55 -26.13
CA ALA A 693 -17.85 -38.93 -27.02
C ALA A 693 -16.50 -38.63 -26.39
N MET A 694 -16.19 -37.36 -26.13
CA MET A 694 -14.86 -36.97 -25.70
C MET A 694 -14.33 -37.78 -24.52
N ASN A 695 -15.17 -38.08 -23.52
CA ASN A 695 -14.75 -39.02 -22.48
C ASN A 695 -14.24 -40.30 -23.11
N ARG A 696 -14.93 -40.79 -24.13
CA ARG A 696 -14.49 -41.99 -24.81
C ARG A 696 -13.18 -41.76 -25.53
N MET A 697 -13.02 -40.59 -26.16
CA MET A 697 -11.72 -40.22 -26.71
C MET A 697 -10.61 -40.45 -25.72
N ALA A 698 -10.62 -39.70 -24.62
CA ALA A 698 -9.57 -39.83 -23.63
C ALA A 698 -9.40 -41.28 -23.20
N LYS A 699 -10.44 -41.84 -22.57
CA LYS A 699 -10.30 -43.17 -22.00
C LYS A 699 -9.75 -44.17 -23.01
N LEU A 700 -10.10 -44.04 -24.28
CA LEU A 700 -9.37 -44.78 -25.30
C LEU A 700 -7.89 -44.45 -25.31
N CYS A 701 -7.57 -43.24 -25.76
CA CYS A 701 -6.19 -42.90 -26.06
C CYS A 701 -5.26 -43.19 -24.90
N ALA A 702 -5.66 -42.77 -23.69
CA ALA A 702 -4.80 -42.87 -22.54
C ALA A 702 -4.41 -44.31 -22.23
N ARG A 703 -5.32 -45.23 -22.45
CA ARG A 703 -5.02 -46.63 -22.24
C ARG A 703 -4.30 -47.26 -23.40
N PHE A 704 -4.63 -46.87 -24.63
CA PHE A 704 -3.99 -47.51 -25.77
C PHE A 704 -2.56 -47.06 -25.95
N LEU A 705 -2.36 -45.77 -26.18
CA LEU A 705 -1.09 -45.26 -26.67
C LEU A 705 0.08 -45.90 -25.93
N GLY A 706 0.15 -45.72 -24.61
CA GLY A 706 1.13 -46.43 -23.82
C GLY A 706 1.22 -47.91 -24.07
N ASN A 707 0.09 -48.59 -24.24
CA ASN A 707 0.17 -49.99 -24.59
C ASN A 707 0.89 -50.20 -25.91
N ARG A 708 0.61 -49.38 -26.93
CA ARG A 708 1.36 -49.41 -28.17
C ARG A 708 2.72 -48.76 -28.02
N GLY A 709 2.75 -47.47 -27.74
CA GLY A 709 4.02 -46.83 -27.46
C GLY A 709 4.46 -45.87 -28.54
N PHE A 710 5.37 -44.97 -28.17
CA PHE A 710 5.86 -43.91 -29.02
C PHE A 710 6.90 -43.15 -28.22
N SER A 711 7.79 -42.44 -28.89
CA SER A 711 8.90 -41.79 -28.23
C SER A 711 9.73 -41.04 -29.26
N ILE A 712 10.74 -40.33 -28.78
CA ILE A 712 11.62 -39.54 -29.62
C ILE A 712 12.82 -40.41 -29.94
N GLY A 713 13.75 -39.91 -30.73
CA GLY A 713 15.04 -40.57 -30.90
C GLY A 713 16.07 -39.61 -31.46
N ILE A 714 17.33 -39.89 -31.11
CA ILE A 714 18.44 -39.10 -31.62
C ILE A 714 18.59 -39.31 -33.12
N ASN A 715 18.14 -40.47 -33.60
CA ASN A 715 18.02 -40.68 -35.04
C ASN A 715 17.20 -39.52 -35.57
N ASP A 716 16.17 -39.11 -34.85
CA ASP A 716 15.34 -38.03 -35.33
C ASP A 716 16.05 -36.67 -35.44
N VAL A 717 16.49 -36.16 -34.30
CA VAL A 717 17.16 -34.86 -34.29
C VAL A 717 18.49 -34.73 -35.03
N THR A 718 19.30 -35.77 -35.02
CA THR A 718 20.53 -35.75 -35.80
C THR A 718 20.23 -36.22 -37.22
N PRO A 719 20.42 -35.38 -38.23
CA PRO A 719 20.24 -35.83 -39.61
C PRO A 719 21.36 -36.77 -40.03
N ALA A 720 21.00 -37.76 -40.83
CA ALA A 720 21.95 -38.79 -41.26
C ALA A 720 22.57 -38.37 -42.58
N ASP A 721 23.85 -38.04 -42.52
CA ASP A 721 24.67 -37.60 -43.67
C ASP A 721 23.91 -36.44 -44.34
N ASP A 722 23.92 -36.35 -45.68
CA ASP A 722 22.93 -35.59 -46.42
C ASP A 722 22.81 -34.16 -45.91
N LEU A 723 21.70 -33.89 -45.22
CA LEU A 723 21.26 -32.53 -44.90
C LEU A 723 22.39 -31.68 -44.30
N LYS A 724 23.39 -32.30 -43.70
CA LYS A 724 24.57 -31.53 -43.32
C LYS A 724 25.28 -30.97 -44.54
N GLN A 725 25.46 -31.78 -45.59
CA GLN A 725 26.19 -31.31 -46.77
C GLN A 725 25.37 -30.30 -47.56
N LYS A 726 24.14 -30.64 -47.93
CA LYS A 726 23.26 -29.70 -48.61
C LYS A 726 23.04 -28.44 -47.79
N LYS A 727 22.85 -28.60 -46.48
CA LYS A 727 22.80 -27.47 -45.58
C LYS A 727 24.05 -26.60 -45.70
N GLU A 728 25.22 -27.23 -45.83
CA GLU A 728 26.46 -26.46 -45.90
C GLU A 728 26.41 -25.46 -47.05
N GLU A 729 25.99 -25.88 -48.24
CA GLU A 729 25.70 -24.95 -49.32
C GLU A 729 24.60 -23.98 -48.97
N LEU A 730 23.53 -24.46 -48.33
CA LEU A 730 22.52 -23.55 -47.81
C LEU A 730 23.10 -22.60 -46.77
N VAL A 731 24.07 -23.07 -45.98
CA VAL A 731 24.77 -22.15 -45.08
C VAL A 731 25.64 -21.18 -45.89
N GLU A 732 26.19 -21.64 -47.01
CA GLU A 732 27.03 -20.77 -47.83
C GLU A 732 26.23 -19.82 -48.72
N ILE A 733 25.05 -20.23 -49.18
CA ILE A 733 24.34 -19.47 -50.21
C ILE A 733 24.08 -18.04 -49.77
N ALA A 734 23.88 -17.79 -48.47
CA ALA A 734 23.75 -16.44 -47.96
C ALA A 734 25.08 -15.73 -47.76
N TYR A 735 26.15 -16.48 -47.48
CA TYR A 735 27.42 -15.87 -47.14
C TYR A 735 27.97 -15.04 -48.29
N HIS A 736 27.93 -15.58 -49.51
CA HIS A 736 28.48 -14.83 -50.64
C HIS A 736 27.56 -13.69 -51.05
N LYS A 737 26.25 -13.86 -50.90
CA LYS A 737 25.33 -12.77 -51.20
C LYS A 737 25.56 -11.59 -50.27
N CYS A 738 25.60 -11.83 -48.97
CA CYS A 738 25.96 -10.76 -48.03
C CYS A 738 27.36 -10.23 -48.31
N ASP A 739 28.26 -11.13 -48.73
CA ASP A 739 29.61 -10.70 -49.09
C ASP A 739 29.57 -9.64 -50.18
N GLU A 740 28.70 -9.82 -51.17
CA GLU A 740 28.47 -8.76 -52.13
C GLU A 740 27.82 -7.55 -51.47
N LEU A 741 26.87 -7.78 -50.56
CA LEU A 741 26.14 -6.71 -49.90
C LEU A 741 27.05 -5.78 -49.09
N ILE A 742 28.22 -6.24 -48.67
CA ILE A 742 29.07 -5.43 -47.80
C ILE A 742 30.28 -4.87 -48.53
N THR A 743 31.13 -5.75 -49.10
CA THR A 743 32.40 -5.31 -49.66
C THR A 743 32.24 -4.17 -50.67
N LEU A 744 31.10 -4.07 -51.35
CA LEU A 744 30.80 -2.93 -52.19
C LEU A 744 30.25 -1.74 -51.43
N PHE A 745 29.72 -1.95 -50.21
CA PHE A 745 29.11 -0.87 -49.45
C PHE A 745 30.12 0.16 -48.94
N ASN A 746 31.33 -0.28 -48.59
CA ASN A 746 32.35 0.65 -48.11
C ASN A 746 33.02 1.42 -49.24
N LYS A 747 33.40 0.74 -50.33
CA LYS A 747 34.08 1.40 -51.45
C LYS A 747 33.10 1.89 -52.50
N GLY A 748 31.81 1.77 -52.27
CA GLY A 748 30.83 2.20 -53.24
C GLY A 748 29.45 2.14 -52.64
N GLU A 749 28.43 2.16 -53.50
CA GLU A 749 27.05 2.04 -53.05
C GLU A 749 26.41 0.85 -53.75
N LEU A 750 25.15 0.58 -53.40
CA LEU A 750 24.42 -0.53 -53.97
C LEU A 750 23.03 -0.06 -54.36
N GLU A 751 22.25 -0.97 -54.95
CA GLU A 751 20.88 -0.66 -55.34
C GLU A 751 20.02 -0.53 -54.09
N THR A 752 19.36 0.61 -53.95
CA THR A 752 18.60 0.94 -52.74
C THR A 752 17.12 0.96 -53.08
N GLN A 753 16.37 0.03 -52.51
CA GLN A 753 14.92 0.07 -52.56
C GLN A 753 14.43 1.27 -51.76
N PRO A 754 13.14 1.65 -51.90
CA PRO A 754 12.65 2.81 -51.15
C PRO A 754 12.72 2.60 -49.64
N GLY A 755 13.94 2.48 -49.14
CA GLY A 755 14.20 2.38 -47.72
C GLY A 755 14.73 3.67 -47.15
N CYS A 756 14.46 4.78 -47.85
CA CYS A 756 14.91 6.12 -47.46
C CYS A 756 16.43 6.09 -47.38
N ASN A 757 17.04 6.31 -46.21
CA ASN A 757 18.50 6.38 -46.11
C ASN A 757 19.12 5.00 -46.34
N GLU A 758 20.44 4.95 -46.27
CA GLU A 758 21.17 3.78 -46.74
C GLU A 758 21.59 2.89 -45.57
N GLU A 759 22.19 1.76 -45.90
CA GLU A 759 22.69 0.73 -44.99
C GLU A 759 21.53 -0.01 -44.31
N GLN A 760 20.31 0.52 -44.39
CA GLN A 760 19.17 -0.36 -44.20
C GLN A 760 18.94 -1.24 -45.42
N THR A 761 19.58 -0.89 -46.55
CA THR A 761 19.47 -1.70 -47.75
C THR A 761 19.95 -3.12 -47.51
N LEU A 762 21.26 -3.30 -47.31
CA LEU A 762 21.81 -4.62 -47.04
C LEU A 762 21.24 -5.21 -45.76
N GLU A 763 20.96 -4.36 -44.77
CA GLU A 763 20.36 -4.81 -43.52
C GLU A 763 19.05 -5.55 -43.76
N ALA A 764 18.04 -4.87 -44.29
CA ALA A 764 16.75 -5.50 -44.53
C ALA A 764 16.83 -6.57 -45.61
N LYS A 765 17.73 -6.42 -46.59
CA LYS A 765 17.94 -7.49 -47.57
C LYS A 765 18.33 -8.79 -46.89
N ILE A 766 19.49 -8.81 -46.23
CA ILE A 766 19.90 -10.04 -45.55
C ILE A 766 18.88 -10.43 -44.50
N GLY A 767 18.09 -9.47 -44.00
CA GLY A 767 16.95 -9.81 -43.18
C GLY A 767 15.99 -10.78 -43.84
N GLY A 768 15.86 -10.70 -45.16
CA GLY A 768 15.07 -11.65 -45.91
C GLY A 768 15.90 -12.82 -46.41
N LEU A 769 17.22 -12.62 -46.51
CA LEU A 769 18.09 -13.72 -46.91
C LEU A 769 18.16 -14.79 -45.83
N LEU A 770 18.16 -14.38 -44.56
CA LEU A 770 18.38 -15.34 -43.49
C LEU A 770 17.11 -16.11 -43.14
N SER A 771 15.96 -15.45 -43.19
CA SER A 771 14.70 -16.18 -42.98
C SER A 771 14.29 -16.92 -44.25
N LYS A 772 14.59 -16.36 -45.42
CA LYS A 772 14.41 -17.08 -46.68
C LYS A 772 15.22 -18.37 -46.71
N VAL A 773 16.55 -18.24 -46.73
CA VAL A 773 17.43 -19.41 -46.74
C VAL A 773 17.11 -20.32 -45.56
N ARG A 774 16.94 -19.75 -44.37
CA ARG A 774 16.53 -20.53 -43.21
C ARG A 774 15.32 -21.39 -43.52
N GLU A 775 14.30 -20.79 -44.15
CA GLU A 775 13.11 -21.53 -44.51
C GLU A 775 13.43 -22.66 -45.48
N GLU A 776 14.30 -22.41 -46.47
CA GLU A 776 14.66 -23.49 -47.38
C GLU A 776 15.37 -24.61 -46.64
N VAL A 777 16.26 -24.27 -45.70
CA VAL A 777 16.94 -25.28 -44.90
C VAL A 777 15.93 -26.08 -44.11
N GLY A 778 14.82 -25.46 -43.72
CA GLY A 778 13.73 -26.20 -43.11
C GLY A 778 13.00 -27.11 -44.07
N ASP A 779 12.74 -26.64 -45.30
CA ASP A 779 12.06 -27.47 -46.30
C ASP A 779 12.86 -28.74 -46.56
N VAL A 780 14.08 -28.60 -47.12
CA VAL A 780 14.94 -29.76 -47.31
C VAL A 780 15.23 -30.47 -45.99
N CYS A 781 15.08 -29.79 -44.86
CA CYS A 781 15.14 -30.46 -43.57
C CYS A 781 13.95 -31.38 -43.37
N ILE A 782 12.73 -30.90 -43.63
CA ILE A 782 11.55 -31.73 -43.50
C ILE A 782 11.32 -32.64 -44.70
N ASN A 783 11.66 -32.18 -45.92
CA ASN A 783 11.40 -32.97 -47.12
C ASN A 783 12.10 -34.32 -47.06
N GLU A 784 13.43 -34.30 -47.12
CA GLU A 784 14.21 -35.54 -47.24
C GLU A 784 14.46 -36.18 -45.88
N LEU A 785 13.87 -35.60 -44.83
CA LEU A 785 13.87 -36.18 -43.51
C LEU A 785 13.20 -37.55 -43.57
N ASP A 786 13.65 -38.45 -42.68
CA ASP A 786 13.15 -39.81 -42.71
C ASP A 786 11.73 -39.88 -42.14
N ASN A 787 10.97 -40.87 -42.60
CA ASN A 787 9.62 -41.10 -42.11
C ASN A 787 9.65 -41.82 -40.76
N TRP A 788 8.53 -41.73 -40.05
CA TRP A 788 8.31 -42.43 -38.78
C TRP A 788 9.26 -41.79 -37.76
N ASN A 789 9.51 -40.50 -37.95
CA ASN A 789 10.36 -39.75 -37.04
C ASN A 789 9.50 -39.14 -35.93
N ALA A 790 10.15 -38.66 -34.88
CA ALA A 790 9.43 -38.07 -33.76
C ALA A 790 8.83 -36.77 -34.27
N PRO A 791 9.69 -35.85 -34.72
CA PRO A 791 9.31 -34.55 -35.30
C PRO A 791 8.04 -34.68 -36.27
N LEU A 792 8.21 -35.65 -37.17
CA LEU A 792 7.12 -36.07 -38.05
C LEU A 792 5.78 -36.44 -37.45
N ILE A 793 5.76 -37.53 -36.70
CA ILE A 793 4.54 -37.95 -36.01
C ILE A 793 4.03 -36.85 -35.10
N MET A 794 4.74 -35.74 -34.96
CA MET A 794 4.29 -34.61 -34.16
C MET A 794 4.09 -33.34 -34.97
N ALA A 795 5.14 -32.77 -35.55
CA ALA A 795 5.01 -31.47 -36.21
C ALA A 795 4.41 -31.62 -37.60
N THR A 796 4.71 -32.74 -38.27
CA THR A 796 3.95 -33.06 -39.47
C THR A 796 2.52 -33.44 -39.08
N CYS A 797 2.36 -33.91 -37.86
CA CYS A 797 1.05 -33.93 -37.23
C CYS A 797 0.79 -32.56 -36.64
N GLY A 798 -0.26 -32.42 -35.84
CA GLY A 798 -0.55 -31.15 -35.19
C GLY A 798 -0.37 -31.18 -33.70
N SER A 799 0.21 -32.27 -33.18
CA SER A 799 0.23 -32.54 -31.75
C SER A 799 0.77 -31.36 -30.94
N LYS A 800 2.06 -31.10 -31.05
CA LYS A 800 2.70 -29.97 -30.38
C LYS A 800 3.75 -29.38 -31.28
N GLY A 801 3.75 -28.06 -31.42
CA GLY A 801 4.79 -27.38 -32.16
C GLY A 801 4.60 -27.50 -33.66
N SER A 802 5.18 -26.54 -34.36
CA SER A 802 5.12 -26.52 -35.82
C SER A 802 6.45 -27.05 -36.34
N THR A 803 6.56 -27.16 -37.67
CA THR A 803 7.84 -27.51 -38.27
C THR A 803 8.90 -26.44 -38.06
N LEU A 804 8.49 -25.24 -37.65
CA LEU A 804 9.43 -24.21 -37.23
C LEU A 804 10.34 -24.73 -36.14
N ASN A 805 9.75 -25.09 -34.99
CA ASN A 805 10.50 -25.43 -33.79
C ASN A 805 11.51 -26.54 -34.05
N VAL A 806 11.04 -27.68 -34.58
CA VAL A 806 11.97 -28.76 -34.91
C VAL A 806 12.93 -28.37 -36.03
N SER A 807 12.45 -27.60 -37.00
CA SER A 807 13.32 -27.10 -38.07
C SER A 807 14.54 -26.40 -37.51
N GLN A 808 14.41 -25.75 -36.36
CA GLN A 808 15.58 -25.27 -35.63
C GLN A 808 16.51 -26.39 -35.19
N MET A 809 16.00 -27.41 -34.50
CA MET A 809 16.80 -28.54 -34.04
C MET A 809 17.66 -29.15 -35.13
N VAL A 810 17.04 -29.86 -36.07
CA VAL A 810 17.77 -30.70 -37.00
C VAL A 810 18.62 -29.88 -37.95
N ALA A 811 18.04 -28.84 -38.54
CA ALA A 811 18.75 -28.16 -39.63
C ALA A 811 19.60 -27.02 -39.12
N VAL A 812 18.98 -25.88 -38.81
CA VAL A 812 19.75 -24.71 -38.37
C VAL A 812 18.79 -23.75 -37.69
N VAL A 813 19.35 -22.82 -36.96
CA VAL A 813 18.66 -21.65 -36.43
C VAL A 813 19.35 -20.45 -37.04
N GLY A 814 18.68 -19.30 -37.06
CA GLY A 814 19.39 -18.09 -37.43
C GLY A 814 18.78 -16.84 -36.89
N GLN A 815 19.62 -15.82 -36.67
CA GLN A 815 19.18 -14.51 -36.22
C GLN A 815 18.17 -14.56 -35.10
N GLN A 816 18.61 -14.91 -33.89
CA GLN A 816 17.77 -14.67 -32.71
C GLN A 816 17.48 -13.18 -32.79
N ILE A 817 16.19 -12.85 -32.84
CA ILE A 817 15.82 -11.54 -33.35
C ILE A 817 15.37 -10.64 -32.20
N ILE A 818 15.89 -9.42 -32.19
CA ILE A 818 15.53 -8.41 -31.20
C ILE A 818 15.36 -7.08 -31.91
N SER A 819 14.25 -6.40 -31.62
CA SER A 819 13.90 -5.12 -32.21
C SER A 819 13.82 -5.20 -33.73
N GLY A 820 13.41 -6.35 -34.26
CA GLY A 820 13.19 -6.49 -35.67
C GLY A 820 14.43 -6.50 -36.54
N ASN A 821 15.61 -6.74 -35.96
CA ASN A 821 16.84 -6.78 -36.73
C ASN A 821 17.83 -7.67 -35.98
N ARG A 822 19.10 -7.62 -36.40
CA ARG A 822 20.15 -8.44 -35.79
C ARG A 822 20.45 -7.88 -34.40
N VAL A 823 21.38 -8.51 -33.69
CA VAL A 823 21.74 -7.98 -32.37
C VAL A 823 22.54 -6.70 -32.55
N PRO A 824 22.09 -5.58 -32.01
CA PRO A 824 22.84 -4.33 -32.15
C PRO A 824 24.08 -4.34 -31.28
N ASP A 825 25.14 -3.76 -31.83
CA ASP A 825 26.42 -3.72 -31.11
C ASP A 825 26.28 -2.74 -29.95
N GLY A 826 26.49 -3.24 -28.73
CA GLY A 826 26.54 -2.36 -27.57
C GLY A 826 27.88 -1.70 -27.39
N PHE A 827 28.91 -2.23 -28.03
CA PHE A 827 30.26 -1.67 -27.98
C PHE A 827 30.44 -0.54 -28.96
N GLN A 828 31.70 -0.12 -29.13
CA GLN A 828 32.09 0.87 -30.13
C GLN A 828 32.65 0.13 -31.32
N ASP A 829 31.93 0.18 -32.45
CA ASP A 829 32.40 -0.34 -33.73
C ASP A 829 32.70 -1.84 -33.67
N ARG A 830 32.11 -2.57 -32.71
CA ARG A 830 32.23 -4.01 -32.70
C ARG A 830 31.11 -4.58 -31.83
N SER A 831 30.85 -5.87 -32.00
CA SER A 831 29.78 -6.55 -31.26
C SER A 831 30.31 -7.07 -29.92
N LEU A 832 31.17 -8.08 -30.00
CA LEU A 832 31.75 -8.78 -28.86
C LEU A 832 33.28 -8.80 -28.98
N PRO A 833 33.98 -9.11 -27.90
CA PRO A 833 35.45 -9.10 -27.94
C PRO A 833 36.05 -10.00 -29.01
N HIS A 834 35.26 -10.89 -29.61
CA HIS A 834 35.81 -11.82 -30.60
C HIS A 834 35.75 -11.31 -32.03
N PHE A 835 35.24 -10.10 -32.27
CA PHE A 835 35.16 -9.64 -33.66
C PHE A 835 35.88 -8.31 -33.85
N PRO A 836 36.56 -8.13 -34.98
CA PRO A 836 37.33 -6.89 -35.18
C PRO A 836 36.45 -5.66 -35.30
N LYS A 837 37.06 -4.49 -35.45
CA LYS A 837 36.31 -3.28 -35.69
C LYS A 837 35.72 -3.29 -37.08
N ASN A 838 34.53 -2.69 -37.21
CA ASN A 838 33.84 -2.59 -38.50
C ASN A 838 33.58 -3.97 -39.11
N SER A 839 33.19 -4.92 -38.28
CA SER A 839 32.95 -6.27 -38.78
C SER A 839 31.46 -6.41 -39.07
N LYS A 840 31.12 -6.44 -40.35
CA LYS A 840 29.73 -6.62 -40.79
C LYS A 840 29.40 -8.03 -41.25
N THR A 841 30.34 -8.96 -41.16
CA THR A 841 30.19 -10.29 -41.74
C THR A 841 28.98 -11.01 -41.15
N PRO A 842 28.45 -12.02 -41.84
CA PRO A 842 27.56 -12.96 -41.15
C PRO A 842 28.24 -13.58 -39.96
N GLN A 843 27.47 -13.87 -38.92
CA GLN A 843 27.94 -14.30 -37.59
C GLN A 843 28.50 -13.15 -36.78
N SER A 844 28.85 -12.03 -37.40
CA SER A 844 29.14 -10.82 -36.64
C SER A 844 27.99 -10.38 -35.75
N LYS A 845 26.85 -10.03 -36.32
CA LYS A 845 25.66 -9.85 -35.50
C LYS A 845 24.84 -11.13 -35.51
N GLY A 846 24.85 -11.85 -34.40
CA GLY A 846 23.79 -12.79 -34.06
C GLY A 846 23.27 -13.76 -35.11
N PHE A 847 24.12 -14.46 -35.86
CA PHE A 847 23.65 -15.53 -36.72
C PHE A 847 24.35 -16.84 -36.35
N VAL A 848 23.58 -17.79 -35.84
CA VAL A 848 24.07 -19.14 -35.58
C VAL A 848 23.99 -19.95 -36.86
N ARG A 849 25.10 -20.58 -37.22
CA ARG A 849 25.13 -21.48 -38.36
C ARG A 849 25.03 -22.95 -37.97
N ASN A 850 24.84 -23.26 -36.69
CA ASN A 850 24.91 -24.63 -36.21
C ASN A 850 23.57 -25.07 -35.63
N SER A 851 23.36 -26.38 -35.60
CA SER A 851 22.09 -26.95 -35.14
C SER A 851 22.11 -27.13 -33.63
N PHE A 852 20.97 -27.55 -33.08
CA PHE A 852 20.93 -27.83 -31.65
C PHE A 852 21.58 -29.16 -31.29
N PHE A 853 21.66 -30.10 -32.22
CA PHE A 853 22.54 -31.23 -31.96
C PHE A 853 23.99 -30.83 -32.12
N SER A 854 24.27 -29.93 -33.05
CA SER A 854 25.63 -29.45 -33.26
C SER A 854 26.18 -28.75 -32.03
N GLY A 855 25.36 -27.92 -31.38
CA GLY A 855 25.82 -27.13 -30.24
C GLY A 855 26.27 -25.76 -30.67
N LEU A 856 26.03 -24.77 -29.82
CA LEU A 856 26.31 -23.38 -30.17
C LEU A 856 27.74 -23.02 -29.78
N SER A 857 28.35 -22.18 -30.60
CA SER A 857 29.59 -21.55 -30.18
C SER A 857 29.29 -20.52 -29.11
N PRO A 858 30.25 -20.22 -28.24
CA PRO A 858 29.99 -19.31 -27.12
C PRO A 858 29.39 -17.99 -27.57
N PRO A 859 29.89 -17.34 -28.63
CA PRO A 859 29.24 -16.07 -29.04
C PRO A 859 27.78 -16.23 -29.41
N GLU A 860 27.45 -17.23 -30.23
CA GLU A 860 26.08 -17.44 -30.63
C GLU A 860 25.23 -17.99 -29.50
N PHE A 861 25.85 -18.64 -28.51
CA PHE A 861 25.14 -18.97 -27.28
C PHE A 861 24.60 -17.72 -26.62
N LEU A 862 25.50 -16.83 -26.19
CA LEU A 862 25.09 -15.56 -25.62
C LEU A 862 24.07 -14.84 -26.49
N PHE A 863 24.30 -14.82 -27.81
CA PHE A 863 23.30 -14.25 -28.71
C PHE A 863 21.94 -14.86 -28.48
N HIS A 864 21.87 -16.19 -28.43
CA HIS A 864 20.59 -16.85 -28.25
C HIS A 864 20.01 -16.60 -26.85
N ALA A 865 20.83 -16.18 -25.91
CA ALA A 865 20.35 -15.94 -24.56
C ALA A 865 19.68 -14.59 -24.39
N ILE A 866 19.55 -13.82 -25.46
CA ILE A 866 19.03 -12.45 -25.39
C ILE A 866 17.55 -12.40 -25.75
N SER A 867 17.22 -12.77 -26.99
CA SER A 867 15.86 -12.60 -27.50
C SER A 867 14.81 -13.27 -26.61
N GLY A 868 15.04 -14.51 -26.20
CA GLY A 868 14.11 -15.17 -25.31
C GLY A 868 13.96 -14.39 -24.03
N ARG A 869 15.08 -14.03 -23.40
CA ARG A 869 15.06 -13.15 -22.23
C ARG A 869 14.16 -11.91 -22.39
N GLU A 870 14.49 -11.10 -23.41
CA GLU A 870 13.61 -10.00 -23.78
C GLU A 870 12.13 -10.27 -23.93
N GLY A 871 11.76 -11.29 -24.69
CA GLY A 871 10.37 -11.66 -24.82
C GLY A 871 9.77 -12.26 -23.56
N LEU A 872 10.55 -13.03 -22.80
CA LEU A 872 10.04 -13.63 -21.57
C LEU A 872 9.57 -12.57 -20.58
N VAL A 873 10.50 -11.78 -20.05
CA VAL A 873 10.12 -10.76 -19.07
C VAL A 873 9.27 -9.68 -19.75
N ASP A 874 9.46 -9.48 -21.05
CA ASP A 874 8.55 -8.64 -21.82
C ASP A 874 7.09 -9.04 -21.63
N THR A 875 6.77 -10.32 -21.80
CA THR A 875 5.43 -10.83 -21.54
C THR A 875 5.05 -10.72 -20.08
N ALA A 876 5.94 -11.17 -19.18
CA ALA A 876 5.60 -11.20 -17.76
C ALA A 876 5.19 -9.82 -17.26
N VAL A 877 5.93 -8.77 -17.63
CA VAL A 877 5.61 -7.45 -17.12
C VAL A 877 4.49 -6.77 -17.88
N LYS A 878 4.47 -6.89 -19.21
CA LYS A 878 3.50 -6.14 -20.00
C LYS A 878 2.09 -6.73 -19.91
N THR A 879 1.99 -8.05 -19.71
CA THR A 879 0.68 -8.63 -19.47
C THR A 879 0.04 -8.09 -18.19
N ALA A 880 0.80 -7.40 -17.35
CA ALA A 880 0.17 -6.62 -16.28
C ALA A 880 -0.65 -5.48 -16.87
N GLU A 881 -0.06 -4.75 -17.82
CA GLU A 881 -0.83 -3.74 -18.54
C GLU A 881 -2.02 -4.37 -19.25
N THR A 882 -1.85 -5.60 -19.73
CA THR A 882 -2.98 -6.34 -20.29
C THR A 882 -4.11 -6.52 -19.28
N GLY A 883 -3.83 -7.26 -18.19
CA GLY A 883 -4.85 -7.50 -17.18
C GLY A 883 -5.51 -6.22 -16.71
N TYR A 884 -4.71 -5.17 -16.49
CA TYR A 884 -5.30 -3.86 -16.20
C TYR A 884 -6.28 -3.44 -17.28
N MET A 885 -5.85 -3.52 -18.54
CA MET A 885 -6.74 -3.19 -19.65
C MET A 885 -8.08 -3.89 -19.50
N SER A 886 -8.09 -5.22 -19.50
CA SER A 886 -9.36 -5.93 -19.33
C SER A 886 -10.13 -5.46 -18.11
N ARG A 887 -9.47 -5.37 -16.96
CA ARG A 887 -10.13 -4.92 -15.75
C ARG A 887 -10.91 -3.64 -15.99
N ARG A 888 -10.21 -2.54 -16.25
CA ARG A 888 -10.95 -1.29 -16.40
C ARG A 888 -11.96 -1.37 -17.53
N LEU A 889 -11.66 -2.14 -18.58
CA LEU A 889 -12.63 -2.31 -19.65
C LEU A 889 -13.95 -2.84 -19.12
N MET A 890 -13.90 -3.67 -18.09
CA MET A 890 -15.13 -4.02 -17.40
C MET A 890 -15.89 -2.79 -16.95
N LYS A 891 -15.22 -1.91 -16.20
CA LYS A 891 -15.90 -0.92 -15.36
C LYS A 891 -17.04 -0.21 -16.08
N SER A 892 -16.87 0.13 -17.35
CA SER A 892 -17.95 0.72 -18.12
C SER A 892 -18.87 -0.34 -18.70
N LEU A 893 -18.35 -1.20 -19.56
CA LEU A 893 -19.15 -2.18 -20.28
C LEU A 893 -19.81 -3.18 -19.32
N GLU A 894 -19.38 -3.19 -18.05
CA GLU A 894 -19.80 -4.24 -17.13
C GLU A 894 -21.31 -4.40 -17.09
N ASP A 895 -22.01 -3.40 -16.57
CA ASP A 895 -23.46 -3.48 -16.49
C ASP A 895 -24.03 -3.30 -17.89
N LEU A 896 -24.81 -4.28 -18.30
CA LEU A 896 -25.49 -4.27 -19.60
C LEU A 896 -26.25 -5.58 -19.69
N SER A 897 -27.24 -5.64 -20.57
CA SER A 897 -28.06 -6.85 -20.63
C SER A 897 -28.84 -6.89 -21.93
N CYS A 898 -29.56 -7.99 -22.11
CA CYS A 898 -30.46 -8.18 -23.24
C CYS A 898 -31.89 -8.25 -22.74
N GLN A 899 -32.64 -7.18 -22.96
CA GLN A 899 -34.01 -7.11 -22.52
C GLN A 899 -34.91 -7.82 -23.53
N TYR A 900 -35.99 -8.41 -23.02
CA TYR A 900 -36.79 -9.36 -23.79
C TYR A 900 -37.34 -8.78 -25.08
N ASP A 901 -37.19 -7.48 -25.29
CA ASP A 901 -37.63 -6.85 -26.52
C ASP A 901 -36.57 -6.89 -27.61
N ASN A 902 -35.47 -7.61 -27.38
CA ASN A 902 -34.29 -7.53 -28.22
C ASN A 902 -33.68 -6.14 -28.17
N THR A 903 -33.76 -5.49 -27.01
CA THR A 903 -33.20 -4.17 -26.81
C THR A 903 -32.15 -4.26 -25.71
N VAL A 904 -30.89 -4.13 -26.08
CA VAL A 904 -29.81 -4.20 -25.11
C VAL A 904 -29.76 -2.90 -24.31
N ARG A 905 -29.85 -3.02 -22.99
CA ARG A 905 -30.08 -1.84 -22.16
C ARG A 905 -29.20 -1.86 -20.92
N THR A 906 -29.13 -0.69 -20.28
CA THR A 906 -28.13 -0.45 -19.25
C THR A 906 -28.74 -0.15 -17.90
N SER A 907 -29.16 1.11 -17.70
CA SER A 907 -29.74 1.53 -16.42
C SER A 907 -31.24 1.77 -16.52
N ALA A 908 -31.66 3.02 -16.38
CA ALA A 908 -33.08 3.35 -16.45
C ALA A 908 -33.58 3.23 -17.89
N ASN A 909 -33.99 2.02 -18.26
CA ASN A 909 -34.48 1.72 -19.60
C ASN A 909 -33.51 2.24 -20.66
N GLY A 910 -32.27 2.42 -20.22
CA GLY A 910 -31.20 2.92 -21.07
C GLY A 910 -31.00 2.08 -22.32
N ILE A 911 -31.24 2.69 -23.48
CA ILE A 911 -31.11 1.96 -24.73
C ILE A 911 -29.81 2.37 -25.41
N VAL A 912 -28.89 1.40 -25.49
CA VAL A 912 -27.72 1.59 -26.33
C VAL A 912 -28.00 1.24 -27.78
N GLN A 913 -28.37 0.01 -28.07
CA GLN A 913 -28.50 -0.42 -29.45
C GLN A 913 -29.89 -1.01 -29.63
N PHE A 914 -30.70 -0.37 -30.48
CA PHE A 914 -32.10 -0.78 -30.62
C PHE A 914 -32.27 -2.27 -30.78
N THR A 915 -31.85 -2.82 -31.90
CA THR A 915 -31.65 -4.25 -31.98
C THR A 915 -30.21 -4.53 -31.59
N TYR A 916 -29.77 -5.78 -31.73
CA TYR A 916 -28.38 -6.08 -31.44
C TYR A 916 -27.65 -6.27 -32.77
N GLY A 917 -26.79 -5.30 -33.09
CA GLY A 917 -26.01 -5.35 -34.30
C GLY A 917 -26.81 -5.56 -35.56
N GLY A 918 -28.02 -5.02 -35.64
CA GLY A 918 -28.87 -5.32 -36.77
C GLY A 918 -29.09 -6.81 -36.91
N ASP A 919 -28.85 -7.55 -35.84
CA ASP A 919 -28.73 -9.00 -35.91
C ASP A 919 -29.55 -9.61 -34.80
N GLY A 920 -29.13 -9.37 -33.57
CA GLY A 920 -29.74 -9.98 -32.42
C GLY A 920 -29.33 -11.42 -32.22
N LEU A 921 -28.17 -11.80 -32.75
CA LEU A 921 -27.73 -13.18 -32.71
C LEU A 921 -26.48 -13.34 -31.86
N ASP A 922 -26.59 -14.22 -30.87
CA ASP A 922 -25.46 -14.58 -30.04
C ASP A 922 -24.32 -15.12 -30.90
N PRO A 923 -23.12 -14.57 -30.81
CA PRO A 923 -21.98 -15.22 -31.48
C PRO A 923 -21.75 -16.63 -31.00
N LEU A 924 -22.07 -16.94 -29.75
CA LEU A 924 -21.74 -18.26 -29.20
C LEU A 924 -22.33 -19.37 -30.04
N GLU A 925 -23.65 -19.55 -29.99
CA GLU A 925 -24.33 -20.60 -30.76
C GLU A 925 -24.15 -20.40 -32.26
N MET A 926 -23.84 -19.19 -32.68
CA MET A 926 -23.57 -18.86 -34.08
C MET A 926 -22.44 -19.74 -34.57
N GLU A 927 -22.62 -20.34 -35.75
CA GLU A 927 -21.67 -21.36 -36.17
C GLU A 927 -20.37 -20.80 -36.70
N GLY A 928 -20.39 -20.20 -37.88
CA GLY A 928 -19.18 -19.71 -38.50
C GLY A 928 -19.46 -18.59 -39.48
N ASN A 929 -18.44 -17.76 -39.66
CA ASN A 929 -18.48 -16.67 -40.63
C ASN A 929 -19.72 -15.79 -40.42
N ALA A 930 -20.12 -15.63 -39.16
CA ALA A 930 -21.15 -14.68 -38.76
C ALA A 930 -22.48 -14.93 -39.47
N GLN A 931 -22.67 -16.15 -39.97
CA GLN A 931 -23.90 -16.52 -40.67
C GLN A 931 -24.27 -17.91 -40.22
N PRO A 932 -24.99 -18.04 -39.13
CA PRO A 932 -24.99 -19.28 -38.34
C PRO A 932 -25.59 -20.47 -39.08
N VAL A 933 -25.06 -20.81 -40.23
CA VAL A 933 -25.62 -21.90 -41.01
C VAL A 933 -24.55 -22.86 -41.49
N ASN A 934 -23.63 -22.35 -42.31
CA ASN A 934 -22.84 -23.15 -43.24
C ASN A 934 -23.78 -24.06 -44.00
N PHE A 935 -24.56 -23.46 -44.90
CA PHE A 935 -25.40 -24.21 -45.82
C PHE A 935 -24.64 -25.34 -46.47
N ASN A 936 -23.43 -25.06 -46.94
CA ASN A 936 -22.63 -26.03 -47.67
C ASN A 936 -22.56 -27.34 -46.89
N ARG A 937 -22.14 -27.29 -45.63
CA ARG A 937 -22.18 -28.51 -44.82
C ARG A 937 -23.60 -28.90 -44.44
N SER A 938 -24.45 -27.92 -44.12
CA SER A 938 -25.77 -28.26 -43.65
C SER A 938 -26.57 -28.94 -44.75
N TRP A 939 -26.47 -28.44 -45.98
CA TRP A 939 -27.08 -29.14 -47.10
C TRP A 939 -26.71 -30.60 -47.07
N ASP A 940 -25.44 -30.90 -46.84
CA ASP A 940 -25.03 -32.29 -46.76
C ASP A 940 -25.69 -33.01 -45.59
N HIS A 941 -25.62 -32.41 -44.39
CA HIS A 941 -26.18 -33.07 -43.21
C HIS A 941 -27.63 -33.46 -43.45
N ALA A 942 -28.37 -32.60 -44.11
CA ALA A 942 -29.65 -33.04 -44.63
C ALA A 942 -29.49 -34.14 -45.64
N TYR A 943 -28.64 -33.92 -46.64
CA TYR A 943 -28.58 -34.71 -47.86
C TYR A 943 -28.54 -36.21 -47.57
N ASN A 944 -27.64 -36.66 -46.69
CA ASN A 944 -27.53 -38.09 -46.46
C ASN A 944 -28.60 -38.61 -45.52
N ILE A 945 -28.93 -37.89 -44.46
CA ILE A 945 -29.97 -38.38 -43.54
C ILE A 945 -31.23 -38.69 -44.31
N THR A 946 -31.84 -37.67 -44.92
CA THR A 946 -32.99 -37.85 -45.77
C THR A 946 -32.73 -38.85 -46.88
N PHE A 947 -31.47 -39.07 -47.25
CA PHE A 947 -31.19 -39.87 -48.43
C PHE A 947 -31.70 -41.27 -48.22
N ASN A 948 -32.54 -41.72 -49.14
CA ASN A 948 -32.84 -43.13 -49.31
C ASN A 948 -32.28 -43.51 -50.68
N ASN A 949 -31.90 -44.76 -50.84
CA ASN A 949 -31.58 -45.22 -52.16
C ASN A 949 -32.87 -45.54 -52.91
N GLN A 950 -32.83 -45.32 -54.22
CA GLN A 950 -33.91 -45.76 -55.10
C GLN A 950 -35.23 -45.07 -54.76
N ASP A 951 -35.20 -43.73 -54.65
CA ASP A 951 -36.44 -42.96 -54.57
C ASP A 951 -36.34 -41.69 -55.45
N LYS A 952 -37.07 -41.71 -56.57
CA LYS A 952 -37.59 -40.54 -57.29
C LYS A 952 -36.54 -39.42 -57.34
N GLY A 953 -36.81 -38.23 -56.81
CA GLY A 953 -35.87 -37.13 -56.89
C GLY A 953 -35.95 -36.35 -58.17
N LEU A 954 -37.12 -36.33 -58.80
CA LEU A 954 -37.29 -35.94 -60.20
C LEU A 954 -37.65 -34.47 -60.38
N LEU A 955 -37.52 -33.68 -59.31
CA LEU A 955 -38.22 -32.40 -59.21
C LEU A 955 -37.24 -31.24 -59.10
N PRO A 956 -36.43 -31.03 -60.13
CA PRO A 956 -35.41 -29.97 -60.06
C PRO A 956 -35.98 -28.56 -60.12
N TYR A 957 -37.02 -28.34 -60.94
CA TYR A 957 -37.69 -27.04 -60.91
C TYR A 957 -38.66 -26.96 -59.75
N ALA A 958 -39.37 -28.04 -59.46
CA ALA A 958 -40.27 -28.09 -58.33
C ALA A 958 -39.55 -27.93 -57.01
N ILE A 959 -38.22 -28.02 -57.01
CA ILE A 959 -37.45 -27.51 -55.88
C ILE A 959 -37.94 -26.13 -55.50
N MET A 960 -37.83 -25.17 -56.42
CA MET A 960 -38.30 -23.81 -56.14
C MET A 960 -39.73 -23.79 -55.62
N GLU A 961 -40.59 -24.66 -56.15
CA GLU A 961 -41.93 -24.78 -55.59
C GLU A 961 -41.88 -25.10 -54.10
N THR A 962 -41.35 -26.28 -53.77
CA THR A 962 -41.22 -26.71 -52.39
C THR A 962 -40.59 -25.63 -51.52
N ALA A 963 -39.56 -24.97 -52.02
CA ALA A 963 -39.02 -23.79 -51.36
C ALA A 963 -40.12 -22.80 -51.03
N ASN A 964 -40.81 -22.28 -52.06
CA ASN A 964 -41.88 -21.33 -51.87
C ASN A 964 -42.90 -21.80 -50.85
N GLU A 965 -43.11 -23.11 -50.75
CA GLU A 965 -43.99 -23.65 -49.72
C GLU A 965 -43.68 -23.13 -48.33
N ILE A 966 -42.41 -23.17 -47.91
CA ILE A 966 -42.00 -22.55 -46.66
C ILE A 966 -41.74 -21.06 -46.81
N LEU A 967 -41.04 -20.64 -47.87
CA LEU A 967 -40.67 -19.26 -48.08
C LEU A 967 -41.84 -18.31 -47.90
N GLY A 968 -42.97 -18.61 -48.54
CA GLY A 968 -44.11 -17.73 -48.49
C GLY A 968 -44.52 -17.44 -47.06
N PRO A 969 -44.87 -18.48 -46.31
CA PRO A 969 -45.20 -18.27 -44.90
C PRO A 969 -43.95 -17.97 -44.07
N LEU A 970 -43.16 -17.02 -44.56
CA LEU A 970 -42.12 -16.39 -43.77
C LEU A 970 -42.25 -14.90 -43.96
N GLU A 971 -41.96 -14.45 -45.17
CA GLU A 971 -42.03 -13.04 -45.48
C GLU A 971 -43.43 -12.50 -45.26
N GLU A 972 -44.45 -13.24 -45.71
CA GLU A 972 -45.82 -12.77 -45.51
C GLU A 972 -46.20 -12.71 -44.04
N ARG A 973 -45.62 -13.56 -43.20
CA ARG A 973 -45.80 -13.40 -41.77
C ARG A 973 -45.24 -12.09 -41.27
N LEU A 974 -43.99 -11.80 -41.57
CA LEU A 974 -43.31 -10.62 -41.08
C LEU A 974 -43.61 -9.36 -41.88
N VAL A 975 -43.63 -9.46 -43.21
CA VAL A 975 -43.89 -8.38 -44.17
C VAL A 975 -43.07 -7.13 -43.84
N ARG A 976 -43.67 -5.96 -44.03
CA ARG A 976 -43.01 -4.68 -43.84
C ARG A 976 -44.08 -3.63 -43.57
N TYR A 977 -43.64 -2.49 -43.03
CA TYR A 977 -44.53 -1.37 -42.75
C TYR A 977 -44.01 -0.12 -43.45
N ASP A 978 -44.90 0.84 -43.66
CA ASP A 978 -44.53 2.15 -44.20
C ASP A 978 -44.32 3.08 -43.03
N ASN A 979 -43.05 3.42 -42.77
CA ASN A 979 -42.71 4.45 -41.80
C ASN A 979 -43.49 4.23 -40.52
N SER A 980 -44.39 5.16 -40.21
CA SER A 980 -45.19 5.10 -38.99
C SER A 980 -46.57 4.53 -39.31
N GLY A 981 -46.88 3.38 -38.71
CA GLY A 981 -48.24 2.86 -38.69
C GLY A 981 -48.91 2.63 -40.03
N CYS A 982 -48.13 2.44 -41.09
CA CYS A 982 -48.69 2.20 -42.42
C CYS A 982 -47.92 1.05 -43.06
N LEU A 983 -48.45 0.55 -44.17
CA LEU A 983 -47.83 -0.55 -44.91
C LEU A 983 -47.17 -0.01 -46.17
N VAL A 984 -45.86 -0.19 -46.25
CA VAL A 984 -45.13 0.18 -47.46
C VAL A 984 -45.51 -0.80 -48.56
N LYS A 985 -45.84 -0.29 -49.73
CA LYS A 985 -46.35 -1.11 -50.81
C LYS A 985 -45.57 -0.82 -52.09
N ARG A 986 -44.75 -1.79 -52.51
CA ARG A 986 -44.08 -1.78 -53.81
C ARG A 986 -43.25 -0.51 -54.01
N GLU A 987 -42.79 0.09 -52.92
CA GLU A 987 -42.06 1.34 -53.05
C GLU A 987 -40.73 1.33 -52.31
N ASP A 988 -40.77 1.36 -50.98
CA ASP A 988 -39.54 1.49 -50.20
C ASP A 988 -38.99 0.12 -49.83
N LEU A 989 -39.57 -0.94 -50.40
CA LEU A 989 -39.03 -2.28 -50.21
C LEU A 989 -37.51 -2.28 -50.38
N ASN A 990 -37.05 -2.01 -51.60
CA ASN A 990 -35.64 -1.79 -51.84
C ASN A 990 -35.21 -0.35 -51.55
N LYS A 991 -36.13 0.62 -51.66
CA LYS A 991 -35.77 2.04 -51.62
C LYS A 991 -35.08 2.42 -50.30
N ALA A 992 -35.23 1.59 -49.27
CA ALA A 992 -34.35 1.56 -48.11
C ALA A 992 -34.42 2.86 -47.30
N GLU A 993 -35.61 3.43 -47.27
CA GLU A 993 -35.93 4.38 -46.22
C GLU A 993 -36.32 3.71 -44.91
N TYR A 994 -37.26 2.78 -44.93
CA TYR A 994 -37.92 2.31 -43.73
C TYR A 994 -37.19 1.19 -42.99
N VAL A 995 -36.66 0.18 -43.71
CA VAL A 995 -35.88 -0.90 -43.09
C VAL A 995 -36.61 -1.42 -41.86
N ASP A 996 -36.13 -1.06 -40.67
CA ASP A 996 -36.62 -1.60 -39.39
C ASP A 996 -36.32 -3.09 -39.29
N GLN A 997 -35.02 -3.38 -39.12
CA GLN A 997 -34.47 -4.71 -38.90
C GLN A 997 -35.05 -5.70 -39.89
N TYR A 998 -35.20 -6.96 -39.47
CA TYR A 998 -35.90 -7.97 -40.26
C TYR A 998 -35.23 -8.23 -41.60
N ASP A 999 -34.38 -7.31 -42.05
CA ASP A 999 -33.60 -7.55 -43.25
C ASP A 999 -32.42 -8.44 -42.94
N ALA A 1000 -32.03 -8.49 -41.67
CA ALA A 1000 -31.36 -9.68 -41.20
C ALA A 1000 -32.12 -10.91 -41.64
N GLU A 1001 -33.37 -11.03 -41.18
CA GLU A 1001 -34.17 -12.20 -41.52
C GLU A 1001 -34.53 -12.24 -43.00
N ARG A 1002 -34.94 -11.11 -43.59
CA ARG A 1002 -35.27 -11.12 -45.00
C ARG A 1002 -34.06 -11.54 -45.83
N ASP A 1003 -32.86 -11.31 -45.32
CA ASP A 1003 -31.66 -11.83 -45.96
C ASP A 1003 -31.41 -13.30 -45.67
N PHE A 1004 -31.62 -13.72 -44.43
CA PHE A 1004 -31.42 -15.12 -44.10
C PHE A 1004 -32.28 -15.99 -45.00
N TYR A 1005 -33.59 -15.72 -45.01
CA TYR A 1005 -34.48 -16.34 -45.97
C TYR A 1005 -34.07 -16.04 -47.40
N HIS A 1006 -34.21 -14.78 -47.81
CA HIS A 1006 -34.03 -14.38 -49.21
C HIS A 1006 -32.78 -15.02 -49.80
N SER A 1007 -31.63 -14.67 -49.24
CA SER A 1007 -30.38 -15.36 -49.56
C SER A 1007 -30.57 -16.87 -49.57
N LEU A 1008 -30.97 -17.46 -48.44
CA LEU A 1008 -31.12 -18.91 -48.36
C LEU A 1008 -31.83 -19.48 -49.58
N ARG A 1009 -32.98 -18.91 -49.93
CA ARG A 1009 -33.62 -19.24 -51.20
C ARG A 1009 -32.62 -19.20 -52.32
N GLU A 1010 -32.05 -18.02 -52.61
CA GLU A 1010 -31.14 -17.90 -53.74
C GLU A 1010 -30.07 -19.00 -53.72
N TYR A 1011 -29.64 -19.39 -52.52
CA TYR A 1011 -28.67 -20.47 -52.41
C TYR A 1011 -29.24 -21.78 -52.92
N ILE A 1012 -30.46 -22.10 -52.50
CA ILE A 1012 -31.07 -23.33 -53.00
C ILE A 1012 -31.32 -23.23 -54.49
N ASN A 1013 -31.69 -22.03 -54.95
CA ASN A 1013 -31.94 -21.81 -56.36
C ASN A 1013 -30.70 -22.13 -57.18
N GLY A 1014 -29.61 -21.40 -56.95
CA GLY A 1014 -28.36 -21.72 -57.62
C GLY A 1014 -27.92 -23.16 -57.45
N LYS A 1015 -28.11 -23.73 -56.27
CA LYS A 1015 -27.76 -25.12 -56.13
C LYS A 1015 -28.56 -25.99 -57.08
N ALA A 1016 -29.79 -25.58 -57.39
CA ALA A 1016 -30.55 -26.32 -58.37
C ALA A 1016 -30.10 -26.01 -59.79
N THR A 1017 -29.71 -24.77 -60.07
CA THR A 1017 -29.44 -24.40 -61.44
C THR A 1017 -28.29 -25.19 -62.03
N ALA A 1018 -27.31 -25.59 -61.21
CA ALA A 1018 -26.30 -26.49 -61.69
C ALA A 1018 -26.90 -27.84 -62.05
N LEU A 1019 -27.82 -28.34 -61.21
CA LEU A 1019 -28.47 -29.60 -61.51
C LEU A 1019 -29.16 -29.56 -62.86
N ALA A 1020 -29.95 -28.52 -63.10
CA ALA A 1020 -30.53 -28.35 -64.43
C ALA A 1020 -29.44 -28.27 -65.49
N ASN A 1021 -28.35 -27.59 -65.19
CA ASN A 1021 -27.27 -27.43 -66.16
C ASN A 1021 -26.77 -28.78 -66.64
N LEU A 1022 -26.32 -29.63 -65.73
CA LEU A 1022 -25.94 -30.98 -66.14
C LEU A 1022 -27.09 -31.73 -66.77
N ARG A 1023 -28.33 -31.47 -66.32
CA ARG A 1023 -29.47 -32.13 -66.92
C ARG A 1023 -29.50 -31.89 -68.43
N LYS A 1024 -29.68 -30.64 -68.85
CA LYS A 1024 -29.59 -30.35 -70.28
C LYS A 1024 -28.27 -30.79 -70.87
N SER A 1025 -27.19 -30.72 -70.09
CA SER A 1025 -25.87 -31.09 -70.61
C SER A 1025 -25.79 -32.56 -71.01
N ARG A 1026 -26.62 -33.41 -70.41
CA ARG A 1026 -26.67 -34.80 -70.79
C ARG A 1026 -27.57 -35.03 -71.98
N GLY A 1027 -28.11 -33.96 -72.57
CA GLY A 1027 -29.07 -34.07 -73.64
C GLY A 1027 -30.50 -33.80 -73.23
N MET A 1028 -30.72 -33.33 -72.01
CA MET A 1028 -32.07 -33.07 -71.54
C MET A 1028 -32.46 -31.62 -71.80
N LEU A 1029 -33.58 -31.20 -71.22
CA LEU A 1029 -34.04 -29.83 -71.34
C LEU A 1029 -33.86 -29.14 -70.00
N GLY A 1030 -33.25 -27.95 -70.03
CA GLY A 1030 -33.17 -27.18 -68.80
C GLY A 1030 -34.57 -26.74 -68.41
N LEU A 1031 -35.02 -27.26 -67.27
CA LEU A 1031 -36.39 -27.08 -66.83
C LEU A 1031 -36.57 -26.03 -65.73
N LEU A 1032 -35.50 -25.35 -65.32
CA LEU A 1032 -35.75 -24.46 -64.19
C LEU A 1032 -36.63 -23.35 -64.73
N GLU A 1033 -37.84 -23.31 -64.22
CA GLU A 1033 -38.97 -22.77 -64.95
C GLU A 1033 -40.19 -23.25 -64.18
N PRO A 1034 -41.38 -22.78 -64.49
CA PRO A 1034 -42.56 -23.62 -64.28
C PRO A 1034 -42.50 -24.81 -65.20
N PRO A 1035 -43.30 -25.85 -64.96
CA PRO A 1035 -43.42 -26.90 -65.96
C PRO A 1035 -44.05 -26.33 -67.23
N ALA A 1036 -44.38 -27.20 -68.18
CA ALA A 1036 -44.95 -26.68 -69.40
C ALA A 1036 -46.35 -26.13 -69.11
N LYS A 1037 -46.95 -25.50 -70.12
CA LYS A 1037 -48.25 -24.89 -69.88
C LYS A 1037 -49.35 -25.93 -69.80
N GLU A 1038 -49.26 -26.97 -70.63
CA GLU A 1038 -50.03 -28.17 -70.39
C GLU A 1038 -49.78 -28.67 -68.98
N LEU A 1039 -50.85 -29.11 -68.34
CA LEU A 1039 -50.78 -29.45 -66.93
C LEU A 1039 -49.81 -30.62 -66.70
N GLN A 1040 -49.30 -30.71 -65.48
CA GLN A 1040 -48.30 -31.73 -65.16
C GLN A 1040 -48.92 -33.12 -65.30
N GLY A 1041 -48.06 -34.12 -65.44
CA GLY A 1041 -48.48 -35.43 -65.91
C GLY A 1041 -47.91 -35.64 -67.29
N ILE A 1042 -47.31 -34.57 -67.83
CA ILE A 1042 -46.53 -34.70 -69.05
C ILE A 1042 -45.34 -35.63 -68.84
N ASP A 1043 -44.64 -35.48 -67.72
CA ASP A 1043 -43.51 -36.33 -67.35
C ASP A 1043 -42.47 -36.32 -68.47
N PRO A 1044 -41.76 -35.22 -68.65
CA PRO A 1044 -40.92 -35.06 -69.86
C PRO A 1044 -39.88 -36.15 -70.04
N ASP A 1045 -39.45 -36.81 -68.98
CA ASP A 1045 -38.36 -37.80 -69.08
C ASP A 1045 -38.82 -39.09 -69.76
N GLU A 1046 -40.11 -39.18 -70.08
CA GLU A 1046 -40.69 -40.36 -70.69
C GLU A 1046 -40.02 -40.75 -72.00
N THR A 1047 -39.81 -39.80 -72.91
CA THR A 1047 -39.18 -40.09 -74.18
C THR A 1047 -37.67 -40.22 -74.09
N VAL A 1048 -37.09 -39.93 -72.94
CA VAL A 1048 -35.63 -39.98 -72.77
C VAL A 1048 -35.16 -41.41 -72.92
N PRO A 1049 -34.05 -41.66 -73.63
CA PRO A 1049 -33.58 -43.05 -73.81
C PRO A 1049 -33.08 -43.69 -72.53
N ASP A 1050 -33.93 -43.74 -71.51
CA ASP A 1050 -33.70 -44.58 -70.34
C ASP A 1050 -32.37 -44.26 -69.68
N ASN A 1051 -31.43 -45.21 -69.76
CA ASN A 1051 -30.31 -45.34 -68.84
C ASN A 1051 -29.66 -44.00 -68.50
N VAL A 1052 -29.56 -43.07 -69.45
CA VAL A 1052 -29.06 -41.75 -69.11
C VAL A 1052 -29.86 -41.15 -67.96
N LYS A 1053 -31.14 -41.49 -67.85
CA LYS A 1053 -31.90 -41.12 -66.67
C LYS A 1053 -31.21 -41.64 -65.40
N THR A 1054 -30.85 -42.92 -65.38
CA THR A 1054 -30.10 -43.45 -64.26
C THR A 1054 -28.83 -42.63 -64.03
N SER A 1055 -28.18 -42.22 -65.11
CA SER A 1055 -27.04 -41.32 -64.99
C SER A 1055 -27.43 -40.03 -64.29
N VAL A 1056 -28.69 -39.60 -64.45
CA VAL A 1056 -29.13 -38.39 -63.79
C VAL A 1056 -29.38 -38.64 -62.31
N SER A 1057 -30.04 -39.75 -61.99
CA SER A 1057 -30.29 -40.07 -60.58
C SER A 1057 -28.99 -40.22 -59.81
N GLN A 1058 -28.07 -41.03 -60.32
CA GLN A 1058 -26.74 -41.12 -59.72
C GLN A 1058 -25.99 -39.80 -59.79
N LEU A 1059 -26.32 -38.95 -60.76
CA LEU A 1059 -25.67 -37.64 -60.86
C LEU A 1059 -26.07 -36.77 -59.67
N TYR A 1060 -27.35 -36.56 -59.46
CA TYR A 1060 -27.89 -36.06 -58.21
C TYR A 1060 -29.30 -36.59 -58.07
N ARG A 1061 -29.72 -36.86 -56.83
CA ARG A 1061 -31.12 -37.19 -56.58
C ARG A 1061 -31.55 -36.42 -55.34
N ILE A 1062 -32.52 -35.54 -55.50
CA ILE A 1062 -32.96 -34.64 -54.43
C ILE A 1062 -34.48 -34.65 -54.40
N SER A 1063 -35.05 -35.11 -53.29
CA SER A 1063 -36.51 -35.29 -53.19
C SER A 1063 -37.03 -34.91 -51.81
N GLU A 1064 -38.05 -34.04 -51.80
CA GLU A 1064 -38.94 -33.92 -50.66
C GLU A 1064 -38.16 -33.66 -49.38
N LYS A 1065 -38.16 -34.64 -48.48
CA LYS A 1065 -37.45 -34.50 -47.21
C LYS A 1065 -36.01 -34.07 -47.44
N SER A 1066 -35.50 -34.23 -48.66
CA SER A 1066 -34.24 -33.63 -49.04
C SER A 1066 -34.14 -32.19 -48.55
N VAL A 1067 -34.97 -31.31 -49.09
CA VAL A 1067 -35.00 -29.93 -48.66
C VAL A 1067 -35.61 -29.78 -47.28
N ARG A 1068 -36.58 -30.64 -46.94
CA ARG A 1068 -37.45 -30.37 -45.82
C ARG A 1068 -36.72 -30.53 -44.49
N LYS A 1069 -36.23 -31.72 -44.18
CA LYS A 1069 -35.33 -31.85 -43.05
C LYS A 1069 -34.26 -30.78 -43.10
N PHE A 1070 -33.84 -30.42 -44.31
CA PHE A 1070 -32.94 -29.29 -44.47
C PHE A 1070 -33.53 -28.02 -43.91
N LEU A 1071 -34.63 -27.55 -44.50
CA LEU A 1071 -35.18 -26.24 -44.13
C LEU A 1071 -35.39 -26.11 -42.64
N GLU A 1072 -35.88 -27.17 -42.00
CA GLU A 1072 -35.96 -27.19 -40.54
C GLU A 1072 -34.65 -26.69 -39.95
N ILE A 1073 -33.57 -27.45 -40.16
CA ILE A 1073 -32.26 -27.04 -39.70
C ILE A 1073 -32.00 -25.60 -40.05
N ALA A 1074 -32.32 -25.21 -41.29
CA ALA A 1074 -32.14 -23.83 -41.72
C ALA A 1074 -32.65 -22.87 -40.67
N LEU A 1075 -33.95 -22.90 -40.39
CA LEU A 1075 -34.46 -22.02 -39.36
C LEU A 1075 -34.22 -22.56 -37.96
N PHE A 1076 -34.02 -23.86 -37.80
CA PHE A 1076 -33.87 -24.42 -36.46
C PHE A 1076 -32.71 -23.76 -35.74
N LYS A 1077 -31.50 -24.01 -36.22
CA LYS A 1077 -30.35 -23.28 -35.71
C LYS A 1077 -30.56 -21.78 -35.78
N TYR A 1078 -31.31 -21.30 -36.79
CA TYR A 1078 -31.56 -19.88 -36.81
C TYR A 1078 -32.34 -19.44 -35.59
N ARG A 1079 -33.54 -19.99 -35.38
CA ARG A 1079 -34.30 -19.51 -34.24
C ARG A 1079 -33.64 -19.92 -32.94
N LYS A 1080 -32.80 -20.96 -32.98
CA LYS A 1080 -31.78 -21.08 -31.96
C LYS A 1080 -30.90 -19.83 -31.91
N ALA A 1081 -30.30 -19.46 -33.03
CA ALA A 1081 -29.30 -18.41 -32.95
C ALA A 1081 -30.04 -17.09 -32.79
N ARG A 1082 -29.92 -16.53 -31.60
CA ARG A 1082 -30.46 -15.21 -31.29
C ARG A 1082 -29.80 -14.78 -29.99
N LEU A 1083 -29.84 -13.49 -29.71
CA LEU A 1083 -29.56 -13.20 -28.31
C LEU A 1083 -30.73 -13.72 -27.51
N GLU A 1084 -30.45 -14.63 -26.62
CA GLU A 1084 -31.43 -15.03 -25.66
C GLU A 1084 -31.50 -13.93 -24.62
N PRO A 1085 -32.68 -13.59 -24.12
CA PRO A 1085 -32.79 -12.39 -23.28
C PRO A 1085 -32.01 -12.55 -22.00
N GLY A 1086 -31.66 -11.42 -21.40
CA GLY A 1086 -31.15 -11.38 -20.06
C GLY A 1086 -29.79 -12.01 -19.85
N THR A 1087 -29.01 -12.19 -20.92
CA THR A 1087 -27.60 -12.48 -20.76
C THR A 1087 -26.81 -11.19 -20.93
N ALA A 1088 -25.75 -11.01 -20.15
CA ALA A 1088 -25.15 -9.69 -20.18
C ALA A 1088 -24.12 -9.66 -21.29
N ILE A 1089 -24.48 -9.00 -22.39
CA ILE A 1089 -23.69 -9.11 -23.60
C ILE A 1089 -22.29 -8.59 -23.40
N GLY A 1090 -22.15 -7.28 -23.23
CA GLY A 1090 -20.83 -6.71 -23.13
C GLY A 1090 -19.95 -7.37 -22.10
N ALA A 1091 -20.54 -7.78 -20.97
CA ALA A 1091 -19.81 -8.58 -20.01
C ALA A 1091 -19.09 -9.72 -20.70
N ILE A 1092 -19.77 -10.44 -21.59
CA ILE A 1092 -19.07 -11.40 -22.42
C ILE A 1092 -18.12 -10.71 -23.36
N GLY A 1093 -18.61 -9.76 -24.15
CA GLY A 1093 -17.77 -9.07 -25.11
C GLY A 1093 -16.50 -8.52 -24.51
N ALA A 1094 -16.60 -7.89 -23.34
CA ALA A 1094 -15.40 -7.50 -22.64
C ALA A 1094 -14.42 -8.67 -22.50
N GLN A 1095 -14.86 -9.76 -21.91
CA GLN A 1095 -14.01 -10.92 -21.76
C GLN A 1095 -13.49 -11.45 -23.07
N SER A 1096 -14.12 -11.11 -24.19
CA SER A 1096 -13.62 -11.53 -25.48
C SER A 1096 -12.35 -10.82 -25.89
N ILE A 1097 -12.19 -9.56 -25.50
CA ILE A 1097 -11.00 -8.80 -25.88
C ILE A 1097 -9.82 -9.10 -24.97
N GLY A 1098 -10.05 -9.71 -23.81
CA GLY A 1098 -9.05 -9.84 -22.78
C GLY A 1098 -7.71 -10.40 -23.20
N GLU A 1099 -7.71 -11.55 -23.87
CA GLU A 1099 -6.47 -12.22 -24.23
C GLU A 1099 -5.66 -11.32 -25.18
N PRO A 1100 -4.34 -11.55 -25.28
CA PRO A 1100 -3.49 -12.53 -24.62
C PRO A 1100 -3.03 -12.07 -23.24
N MET A 1117 5.62 5.64 -42.43
CA MET A 1117 5.55 4.21 -42.67
C MET A 1117 5.51 3.46 -41.34
N ASN A 1118 6.15 4.03 -40.33
CA ASN A 1118 6.09 3.45 -38.99
C ASN A 1118 4.69 3.61 -38.43
N VAL A 1119 4.10 2.51 -37.97
CA VAL A 1119 2.75 2.52 -37.44
C VAL A 1119 2.71 1.58 -36.24
N THR A 1120 1.81 1.86 -35.31
CA THR A 1120 1.73 1.06 -34.09
C THR A 1120 0.71 -0.06 -34.24
N LEU A 1121 1.20 -1.29 -34.26
CA LEU A 1121 0.35 -2.46 -34.19
C LEU A 1121 0.00 -2.85 -32.78
N GLY A 1122 0.62 -2.25 -31.77
CA GLY A 1122 0.60 -2.79 -30.43
C GLY A 1122 -0.70 -2.62 -29.67
N VAL A 1123 -0.85 -3.44 -28.62
CA VAL A 1123 -1.95 -3.29 -27.68
C VAL A 1123 -1.98 -1.88 -27.08
N PRO A 1124 -0.85 -1.20 -26.80
CA PRO A 1124 -1.00 0.15 -26.24
C PRO A 1124 -1.71 1.11 -27.17
N ARG A 1125 -1.63 0.89 -28.47
CA ARG A 1125 -2.51 1.63 -29.36
C ARG A 1125 -3.97 1.39 -29.01
N ILE A 1126 -4.31 0.15 -28.70
CA ILE A 1126 -5.68 -0.15 -28.31
C ILE A 1126 -6.00 0.54 -27.00
N LYS A 1127 -5.03 0.61 -26.08
CA LYS A 1127 -5.15 1.49 -24.93
C LYS A 1127 -5.62 2.88 -25.35
N GLU A 1128 -4.82 3.57 -26.16
CA GLU A 1128 -5.17 4.94 -26.52
C GLU A 1128 -6.52 5.05 -27.21
N ILE A 1129 -6.80 4.17 -28.17
CA ILE A 1129 -8.02 4.32 -28.95
C ILE A 1129 -9.24 4.06 -28.08
N ILE A 1130 -9.20 3.03 -27.25
CA ILE A 1130 -10.28 2.86 -26.28
C ILE A 1130 -10.35 4.09 -25.38
N ASN A 1131 -9.20 4.67 -25.07
CA ASN A 1131 -9.17 5.85 -24.21
C ASN A 1131 -9.52 7.11 -24.99
N ALA A 1132 -8.99 7.24 -26.21
CA ALA A 1132 -9.20 8.41 -27.04
C ALA A 1132 -8.75 9.69 -26.34
N SER A 1133 -7.45 9.86 -26.20
CA SER A 1133 -6.90 11.08 -25.65
C SER A 1133 -6.89 12.17 -26.71
N LYS A 1134 -6.45 13.36 -26.31
CA LYS A 1134 -6.38 14.47 -27.25
C LYS A 1134 -5.33 14.21 -28.33
N VAL A 1135 -4.31 13.42 -28.01
CA VAL A 1135 -3.21 13.18 -28.94
C VAL A 1135 -3.04 11.68 -29.12
N ILE A 1136 -2.29 11.32 -30.16
CA ILE A 1136 -1.99 9.93 -30.46
C ILE A 1136 -0.67 9.89 -31.20
N SER A 1137 0.02 8.77 -31.09
CA SER A 1137 1.16 8.53 -31.95
C SER A 1137 0.70 8.34 -33.39
N THR A 1138 1.63 8.52 -34.32
CA THR A 1138 1.49 8.30 -35.75
C THR A 1138 0.10 8.64 -36.30
N PRO A 1139 -0.29 9.92 -36.26
CA PRO A 1139 -1.59 10.28 -36.84
C PRO A 1139 -1.56 10.20 -38.35
N ILE A 1140 -1.70 8.99 -38.87
CA ILE A 1140 -1.66 8.78 -40.31
C ILE A 1140 -2.92 9.33 -40.96
N ILE A 1141 -2.80 9.68 -42.23
CA ILE A 1141 -3.89 10.25 -43.03
C ILE A 1141 -3.91 9.49 -44.34
N ASN A 1142 -5.05 8.92 -44.68
CA ASN A 1142 -5.25 8.23 -45.94
C ASN A 1142 -6.24 9.01 -46.78
N ALA A 1143 -5.86 9.34 -48.01
CA ALA A 1143 -6.74 10.08 -48.89
C ALA A 1143 -6.62 9.57 -50.31
N VAL A 1144 -7.75 9.28 -50.93
CA VAL A 1144 -7.81 9.06 -52.37
C VAL A 1144 -7.81 10.43 -53.04
N LEU A 1145 -7.33 10.48 -54.28
CA LEU A 1145 -6.93 11.77 -54.81
C LEU A 1145 -7.68 12.16 -56.07
N VAL A 1146 -7.24 11.62 -57.20
CA VAL A 1146 -7.91 11.75 -58.49
C VAL A 1146 -7.91 10.38 -59.14
N ASN A 1147 -6.71 9.91 -59.44
CA ASN A 1147 -6.46 8.75 -60.28
C ASN A 1147 -5.23 8.03 -59.76
N ASP A 1148 -4.67 7.12 -60.56
CA ASP A 1148 -3.30 6.69 -60.32
C ASP A 1148 -2.45 7.17 -61.50
N ASN A 1149 -1.68 8.22 -61.24
CA ASN A 1149 -0.47 8.54 -62.00
C ASN A 1149 0.56 9.01 -60.99
N ASP A 1150 1.65 8.26 -60.84
CA ASP A 1150 2.67 8.65 -59.86
C ASP A 1150 3.38 9.91 -60.32
N GLU A 1151 3.48 10.09 -61.63
CA GLU A 1151 4.14 11.25 -62.20
C GLU A 1151 3.42 12.52 -61.79
N ARG A 1152 4.21 13.53 -61.44
CA ARG A 1152 3.69 14.88 -61.28
C ARG A 1152 2.55 14.93 -60.27
N ALA A 1153 1.33 15.18 -60.75
CA ALA A 1153 0.23 15.63 -59.90
C ALA A 1153 0.19 14.87 -58.59
N ALA A 1154 0.44 13.57 -58.63
CA ALA A 1154 0.69 12.82 -57.41
C ALA A 1154 1.74 13.48 -56.53
N ARG A 1155 3.00 13.47 -56.95
CA ARG A 1155 4.04 14.24 -56.29
C ARG A 1155 3.68 15.70 -56.11
N VAL A 1156 2.99 16.29 -57.09
CA VAL A 1156 2.62 17.70 -56.98
C VAL A 1156 1.78 17.94 -55.73
N VAL A 1157 0.56 17.40 -55.69
CA VAL A 1157 -0.28 17.62 -54.53
C VAL A 1157 0.39 17.09 -53.28
N LYS A 1158 1.22 16.06 -53.41
CA LYS A 1158 2.08 15.66 -52.31
C LYS A 1158 2.92 16.83 -51.84
N GLY A 1159 3.20 17.78 -52.74
CA GLY A 1159 3.77 19.04 -52.33
C GLY A 1159 2.73 20.02 -51.82
N ARG A 1160 1.54 19.99 -52.43
CA ARG A 1160 0.51 20.98 -52.07
C ARG A 1160 0.19 20.89 -50.59
N VAL A 1161 0.28 19.71 -50.01
CA VAL A 1161 0.51 19.60 -48.58
C VAL A 1161 1.84 18.88 -48.42
N GLU A 1162 2.91 19.64 -48.18
CA GLU A 1162 4.04 19.06 -47.48
C GLU A 1162 4.73 20.10 -46.61
N LYS A 1163 4.51 20.04 -45.30
CA LYS A 1163 5.30 20.68 -44.22
C LYS A 1163 5.77 22.06 -44.68
N THR A 1164 7.03 22.43 -44.44
CA THR A 1164 7.69 23.58 -45.03
C THR A 1164 9.15 23.21 -45.25
N LEU A 1165 9.62 23.41 -46.48
CA LEU A 1165 11.02 23.15 -46.81
C LEU A 1165 11.89 24.38 -46.72
N LEU A 1166 11.36 25.49 -46.17
CA LEU A 1166 11.98 26.80 -46.31
C LEU A 1166 13.49 26.76 -46.15
N SER A 1167 13.99 25.99 -45.18
CA SER A 1167 15.42 25.76 -45.10
C SER A 1167 15.97 25.16 -46.39
N ASP A 1168 15.60 23.93 -46.73
CA ASP A 1168 16.00 23.35 -48.00
C ASP A 1168 15.58 24.20 -49.19
N VAL A 1169 14.50 24.98 -49.05
CA VAL A 1169 14.20 26.00 -50.04
C VAL A 1169 15.24 27.10 -50.02
N ALA A 1170 15.75 27.45 -48.84
CA ALA A 1170 16.50 28.69 -48.69
C ALA A 1170 17.80 28.74 -49.48
N PHE A 1171 18.23 27.62 -50.08
CA PHE A 1171 19.47 27.62 -50.85
C PHE A 1171 20.56 28.09 -49.90
N TYR A 1172 21.14 29.27 -50.11
CA TYR A 1172 21.90 29.85 -49.02
C TYR A 1172 21.31 31.21 -48.67
N VAL A 1173 21.67 31.69 -47.48
CA VAL A 1173 21.25 32.98 -46.97
C VAL A 1173 22.48 33.84 -46.79
N GLN A 1174 22.37 35.11 -47.18
CA GLN A 1174 23.45 36.07 -46.95
C GLN A 1174 22.84 37.37 -46.45
N ASP A 1175 23.21 37.76 -45.23
CA ASP A 1175 22.70 38.98 -44.60
C ASP A 1175 23.90 39.79 -44.13
N VAL A 1176 24.11 40.95 -44.76
CA VAL A 1176 25.23 41.83 -44.48
C VAL A 1176 24.67 43.24 -44.33
N TYR A 1177 25.45 44.14 -43.75
CA TYR A 1177 24.99 45.46 -43.35
C TYR A 1177 25.94 46.51 -43.92
N LYS A 1178 25.40 47.41 -44.74
CA LYS A 1178 26.16 48.57 -45.22
C LYS A 1178 25.74 49.76 -44.38
N ASP A 1179 26.62 50.16 -43.47
CA ASP A 1179 26.38 51.29 -42.55
C ASP A 1179 25.00 51.14 -41.92
N ASN A 1180 24.17 52.18 -41.90
CA ASN A 1180 22.86 52.18 -41.27
C ASN A 1180 21.89 51.22 -41.93
N LEU A 1181 22.28 50.62 -43.05
CA LEU A 1181 21.44 49.70 -43.79
C LEU A 1181 21.57 48.33 -43.17
N SER A 1182 20.44 47.70 -42.88
CA SER A 1182 20.40 46.32 -42.42
C SER A 1182 19.95 45.45 -43.59
N PHE A 1183 20.87 44.67 -44.15
CA PHE A 1183 20.57 43.83 -45.29
C PHE A 1183 20.31 42.41 -44.84
N ILE A 1184 19.11 41.91 -45.16
CA ILE A 1184 18.76 40.52 -44.99
C ILE A 1184 18.49 39.98 -46.39
N GLN A 1185 19.38 39.12 -46.88
CA GLN A 1185 19.38 38.69 -48.28
C GLN A 1185 19.36 37.17 -48.33
N VAL A 1186 18.74 36.63 -49.37
CA VAL A 1186 18.79 35.21 -49.67
C VAL A 1186 18.82 35.02 -51.17
N ARG A 1187 19.33 33.88 -51.58
CA ARG A 1187 19.05 33.32 -52.90
C ARG A 1187 18.37 31.98 -52.71
N ILE A 1188 17.55 31.59 -53.68
CA ILE A 1188 16.82 30.32 -53.64
C ILE A 1188 16.84 29.71 -55.03
N ASP A 1189 16.98 28.39 -55.07
CA ASP A 1189 16.97 27.65 -56.34
C ASP A 1189 15.54 27.43 -56.81
N LEU A 1190 15.24 27.88 -58.03
CA LEU A 1190 13.95 27.57 -58.63
C LEU A 1190 13.90 26.14 -59.16
N GLY A 1191 15.06 25.59 -59.54
CA GLY A 1191 15.11 24.19 -59.90
C GLY A 1191 14.61 23.28 -58.80
N THR A 1192 14.66 23.76 -57.55
CA THR A 1192 13.98 23.05 -56.47
C THR A 1192 12.50 22.91 -56.77
N ILE A 1193 11.86 24.01 -57.17
CA ILE A 1193 10.46 23.94 -57.58
C ILE A 1193 10.33 23.09 -58.83
N ASP A 1194 11.38 23.04 -59.65
CA ASP A 1194 11.32 22.25 -60.86
C ASP A 1194 11.28 20.76 -60.56
N LYS A 1195 12.05 20.32 -59.56
CA LYS A 1195 12.06 18.91 -59.18
C LYS A 1195 10.80 18.58 -58.40
N LEU A 1196 10.65 19.16 -57.21
CA LEU A 1196 9.41 19.06 -56.46
C LEU A 1196 8.56 20.26 -56.88
N GLN A 1197 7.46 19.98 -57.55
CA GLN A 1197 6.70 21.04 -58.20
C GLN A 1197 5.75 21.69 -57.21
N LEU A 1198 5.97 22.96 -56.94
CA LEU A 1198 5.19 23.70 -55.96
C LEU A 1198 4.62 24.94 -56.62
N GLU A 1199 3.45 25.37 -56.14
CA GLU A 1199 2.80 26.55 -56.69
C GLU A 1199 3.22 27.75 -55.86
N LEU A 1200 4.06 28.58 -56.46
CA LEU A 1200 4.65 29.76 -55.86
C LEU A 1200 5.64 30.33 -56.84
N THR A 1201 5.99 31.60 -56.66
CA THR A 1201 7.14 32.08 -57.41
C THR A 1201 8.19 32.66 -56.47
N ILE A 1202 8.04 33.93 -56.10
CA ILE A 1202 8.72 34.49 -54.95
C ILE A 1202 7.74 35.39 -54.20
N GLU A 1203 7.24 36.42 -54.88
CA GLU A 1203 6.22 37.28 -54.31
C GLU A 1203 5.15 36.46 -53.62
N ASP A 1204 4.78 35.33 -54.23
CA ASP A 1204 4.02 34.29 -53.55
C ASP A 1204 4.61 33.96 -52.18
N ILE A 1205 5.79 33.38 -52.14
CA ILE A 1205 6.42 33.07 -50.86
C ILE A 1205 6.85 34.34 -50.13
N ALA A 1206 7.09 35.43 -50.84
CA ALA A 1206 7.44 36.67 -50.17
C ALA A 1206 6.34 37.08 -49.20
N VAL A 1207 5.13 37.34 -49.70
CA VAL A 1207 4.03 37.63 -48.79
C VAL A 1207 3.84 36.49 -47.81
N ALA A 1208 4.20 35.27 -48.18
CA ALA A 1208 4.17 34.18 -47.22
C ALA A 1208 5.17 34.39 -46.10
N ILE A 1209 6.17 35.24 -46.28
CA ILE A 1209 7.08 35.52 -45.19
C ILE A 1209 6.40 36.36 -44.13
N THR A 1210 5.72 37.44 -44.53
CA THR A 1210 4.97 38.20 -43.56
C THR A 1210 3.79 37.42 -43.02
N ARG A 1211 3.29 36.43 -43.77
CA ARG A 1211 2.46 35.41 -43.16
C ARG A 1211 3.21 34.74 -42.01
N ALA A 1212 4.45 34.32 -42.28
CA ALA A 1212 5.27 33.63 -41.30
C ALA A 1212 5.85 34.56 -40.25
N SER A 1213 6.00 35.86 -40.55
CA SER A 1213 6.51 36.80 -39.57
C SER A 1213 5.62 36.87 -38.33
N LYS A 1214 4.39 36.40 -38.43
CA LYS A 1214 3.40 36.46 -37.36
C LYS A 1214 3.82 35.69 -36.12
N LEU A 1215 4.86 34.87 -36.20
CA LEU A 1215 5.51 34.38 -34.98
C LEU A 1215 6.09 35.55 -34.18
N LYS A 1216 6.98 36.32 -34.80
CA LYS A 1216 7.59 37.46 -34.16
C LYS A 1216 7.56 38.74 -34.98
N ILE A 1217 8.14 38.74 -36.19
CA ILE A 1217 8.53 39.96 -36.89
C ILE A 1217 7.29 40.70 -37.35
N GLN A 1218 7.48 41.87 -37.96
CA GLN A 1218 6.42 42.74 -38.44
C GLN A 1218 6.46 42.79 -39.95
N ALA A 1219 5.29 43.00 -40.56
CA ALA A 1219 5.21 43.29 -41.99
C ALA A 1219 5.92 44.60 -42.27
N SER A 1220 6.90 44.57 -43.18
CA SER A 1220 7.60 45.79 -43.58
C SER A 1220 7.60 45.83 -45.09
N ASP A 1221 8.41 44.98 -45.74
CA ASP A 1221 8.56 44.98 -47.18
C ASP A 1221 9.57 43.89 -47.56
N VAL A 1222 9.52 43.48 -48.82
CA VAL A 1222 10.48 42.55 -49.38
C VAL A 1222 10.51 42.76 -50.89
N ASN A 1223 11.64 42.45 -51.52
CA ASN A 1223 11.75 42.64 -52.94
C ASN A 1223 12.77 41.69 -53.54
N ILE A 1224 12.60 41.40 -54.83
CA ILE A 1224 13.50 40.58 -55.61
C ILE A 1224 13.84 41.29 -56.91
N ILE A 1225 15.14 41.47 -57.16
CA ILE A 1225 15.62 41.74 -58.50
C ILE A 1225 15.79 40.44 -59.30
N GLY A 1226 16.19 39.36 -58.67
CA GLY A 1226 16.41 38.08 -59.32
C GLY A 1226 17.08 37.14 -58.34
N LYS A 1227 17.36 35.91 -58.78
CA LYS A 1227 18.06 34.93 -57.96
C LYS A 1227 17.31 34.66 -56.66
N ASP A 1228 15.99 34.87 -56.68
CA ASP A 1228 15.14 34.73 -55.50
C ASP A 1228 15.69 35.55 -54.35
N ARG A 1229 15.62 36.88 -54.51
CA ARG A 1229 16.17 37.83 -53.54
C ARG A 1229 15.07 38.30 -52.60
N ILE A 1230 15.42 38.48 -51.33
CA ILE A 1230 14.55 39.14 -50.37
C ILE A 1230 15.14 40.50 -50.05
N ALA A 1231 14.26 41.47 -49.80
CA ALA A 1231 14.70 42.74 -49.24
C ALA A 1231 14.07 42.87 -47.86
N ILE A 1232 14.87 42.67 -46.82
CA ILE A 1232 14.40 42.78 -45.44
C ILE A 1232 15.35 43.70 -44.69
N ASN A 1233 14.84 44.85 -44.29
CA ASN A 1233 15.65 45.88 -43.65
C ASN A 1233 14.96 46.29 -42.36
N VAL A 1234 15.66 46.20 -41.25
CA VAL A 1234 15.06 46.41 -39.94
C VAL A 1234 15.79 47.50 -39.18
N PHE A 1235 15.34 47.71 -37.94
CA PHE A 1235 15.79 48.76 -37.03
C PHE A 1235 14.92 48.62 -35.80
N PRO A 1236 15.17 49.36 -34.71
CA PRO A 1236 14.27 49.19 -33.57
C PRO A 1236 12.84 49.66 -33.86
N SER A 1252 19.48 48.38 -22.38
CA SER A 1252 18.88 47.34 -23.23
C SER A 1252 18.98 47.71 -24.70
N GLU A 1253 19.78 48.73 -25.01
CA GLU A 1253 19.91 49.19 -26.38
C GLU A 1253 20.87 48.28 -27.14
N ASN A 1254 21.25 48.70 -28.34
CA ASN A 1254 22.06 47.88 -29.26
C ASN A 1254 21.34 46.57 -29.57
N ASP A 1255 20.02 46.56 -29.41
CA ASP A 1255 19.21 45.41 -29.75
C ASP A 1255 19.15 45.16 -31.25
N VAL A 1256 19.67 46.09 -32.05
CA VAL A 1256 19.78 45.86 -33.49
C VAL A 1256 20.42 44.50 -33.75
N PHE A 1257 21.56 44.25 -33.12
CA PHE A 1257 22.21 42.97 -33.29
C PHE A 1257 21.55 41.88 -32.47
N TYR A 1258 21.02 42.22 -31.29
CA TYR A 1258 20.37 41.20 -30.48
C TYR A 1258 19.19 40.57 -31.21
N ARG A 1259 18.11 41.32 -31.41
CA ARG A 1259 17.02 40.87 -32.26
C ARG A 1259 17.53 40.39 -33.60
N MET A 1260 18.45 41.15 -34.21
CA MET A 1260 19.00 40.81 -35.51
C MET A 1260 19.43 39.35 -35.57
N GLN A 1261 20.11 38.88 -34.53
CA GLN A 1261 20.68 37.55 -34.54
C GLN A 1261 19.60 36.48 -34.53
N GLN A 1262 18.64 36.59 -33.60
CA GLN A 1262 17.57 35.59 -33.55
C GLN A 1262 16.68 35.71 -34.78
N LEU A 1263 16.68 36.87 -35.44
CA LEU A 1263 16.06 36.97 -36.74
C LEU A 1263 16.78 36.09 -37.75
N ARG A 1264 18.08 36.29 -37.89
CA ARG A 1264 18.91 35.44 -38.73
C ARG A 1264 18.69 33.98 -38.43
N ARG A 1265 18.49 33.64 -37.16
CA ARG A 1265 18.39 32.26 -36.72
C ARG A 1265 17.03 31.65 -37.04
N ALA A 1266 15.95 32.36 -36.74
CA ALA A 1266 14.61 31.79 -36.83
C ALA A 1266 14.12 31.66 -38.26
N LEU A 1267 14.56 32.52 -39.17
CA LEU A 1267 13.96 32.53 -40.51
C LEU A 1267 14.19 31.23 -41.26
N PRO A 1268 15.48 30.70 -41.43
CA PRO A 1268 15.67 29.56 -42.36
C PRO A 1268 15.07 28.28 -41.81
N ASP A 1269 13.81 28.38 -41.38
CA ASP A 1269 13.10 27.24 -40.83
C ASP A 1269 11.68 27.62 -40.41
N VAL A 1270 10.94 28.21 -41.34
CA VAL A 1270 9.57 28.64 -41.07
C VAL A 1270 8.63 28.25 -42.20
N VAL A 1271 7.34 28.20 -41.89
CA VAL A 1271 6.32 27.85 -42.87
C VAL A 1271 6.52 28.63 -44.16
N VAL A 1272 6.42 27.92 -45.28
CA VAL A 1272 6.25 28.56 -46.59
C VAL A 1272 5.11 27.93 -47.38
N LYS A 1273 5.25 26.68 -47.80
CA LYS A 1273 4.19 26.03 -48.56
C LYS A 1273 3.98 24.64 -48.01
N GLY A 1274 2.76 24.36 -47.58
CA GLY A 1274 2.41 23.10 -46.98
C GLY A 1274 1.31 23.35 -45.98
N LEU A 1275 0.83 22.31 -45.33
CA LEU A 1275 -0.18 22.53 -44.32
C LEU A 1275 0.45 22.51 -42.94
N PRO A 1276 0.19 23.51 -42.10
CA PRO A 1276 1.08 23.82 -40.97
C PRO A 1276 1.29 22.68 -39.98
N ASP A 1277 0.25 21.98 -39.58
CA ASP A 1277 0.35 21.00 -38.52
C ASP A 1277 0.88 19.66 -38.99
N ILE A 1278 1.22 19.54 -40.26
CA ILE A 1278 1.55 18.26 -40.87
C ILE A 1278 3.06 18.11 -40.97
N SER A 1279 3.56 16.94 -40.59
CA SER A 1279 4.97 16.61 -40.65
C SER A 1279 5.42 16.28 -42.07
N ARG A 1280 4.85 15.23 -42.66
CA ARG A 1280 5.27 14.81 -43.98
C ARG A 1280 4.18 13.96 -44.60
N ALA A 1281 4.48 13.39 -45.77
CA ALA A 1281 3.53 12.55 -46.49
C ALA A 1281 4.28 11.65 -47.44
N VAL A 1282 3.65 10.55 -47.83
CA VAL A 1282 4.24 9.56 -48.72
C VAL A 1282 3.15 9.02 -49.63
N ILE A 1283 3.44 8.91 -50.93
CA ILE A 1283 2.57 8.15 -51.81
C ILE A 1283 2.99 6.69 -51.78
N ASN A 1284 1.99 5.81 -51.72
CA ASN A 1284 2.23 4.38 -51.62
C ASN A 1284 1.34 3.64 -52.60
N ILE A 1285 1.78 2.43 -52.94
CA ILE A 1285 1.09 1.55 -53.86
C ILE A 1285 -0.20 1.11 -53.17
N ARG A 1286 -1.34 1.31 -53.84
CA ARG A 1286 -2.61 0.82 -53.33
C ARG A 1286 -2.96 -0.45 -54.11
N ASP A 1287 -2.88 -1.60 -53.43
CA ASP A 1287 -3.02 -2.87 -54.11
C ASP A 1287 -1.98 -2.95 -55.22
N ASP A 1288 -2.45 -2.98 -56.47
CA ASP A 1288 -1.54 -2.85 -57.60
C ASP A 1288 -1.78 -1.57 -58.37
N GLY A 1289 -2.94 -1.45 -59.02
CA GLY A 1289 -3.16 -0.36 -59.95
C GLY A 1289 -3.11 1.02 -59.33
N LYS A 1290 -3.98 1.29 -58.36
CA LYS A 1290 -4.04 2.62 -57.77
C LYS A 1290 -2.90 2.82 -56.79
N ARG A 1291 -2.58 4.09 -56.53
CA ARG A 1291 -1.62 4.46 -55.49
C ARG A 1291 -2.10 5.72 -54.80
N GLU A 1292 -2.17 5.68 -53.47
CA GLU A 1292 -2.58 6.86 -52.71
C GLU A 1292 -1.68 7.09 -51.51
N LEU A 1293 -1.94 8.16 -50.77
CA LEU A 1293 -0.92 8.73 -49.91
C LEU A 1293 -1.33 8.67 -48.45
N LEU A 1294 -0.33 8.69 -47.58
CA LEU A 1294 -0.47 8.82 -46.14
C LEU A 1294 0.22 10.10 -45.68
N VAL A 1295 -0.25 10.64 -44.56
CA VAL A 1295 0.20 11.93 -44.07
C VAL A 1295 0.37 11.86 -42.56
N GLU A 1296 1.34 12.60 -42.03
CA GLU A 1296 1.47 12.80 -40.60
C GLU A 1296 0.93 14.17 -40.22
N GLY A 1297 -0.22 14.20 -39.54
CA GLY A 1297 -0.81 15.45 -39.12
C GLY A 1297 -2.16 15.21 -38.47
N TYR A 1298 -2.62 16.23 -37.76
CA TYR A 1298 -3.91 16.18 -37.08
C TYR A 1298 -5.04 16.84 -37.86
N GLY A 1299 -4.74 17.48 -38.99
CA GLY A 1299 -5.75 18.34 -39.57
C GLY A 1299 -6.99 17.65 -40.10
N LEU A 1300 -6.80 16.80 -41.11
CA LEU A 1300 -7.85 15.97 -41.71
C LEU A 1300 -8.94 16.82 -42.35
N ARG A 1301 -9.06 18.07 -41.94
CA ARG A 1301 -10.12 18.91 -42.46
C ARG A 1301 -9.63 19.67 -43.68
N ASP A 1302 -8.61 20.50 -43.48
CA ASP A 1302 -7.84 21.08 -44.57
C ASP A 1302 -7.46 20.04 -45.62
N VAL A 1303 -6.71 19.01 -45.25
CA VAL A 1303 -6.21 18.07 -46.24
C VAL A 1303 -7.35 17.46 -47.05
N MET A 1304 -8.48 17.16 -46.41
CA MET A 1304 -9.68 16.87 -47.18
C MET A 1304 -10.00 18.01 -48.12
N CYS A 1305 -10.28 19.18 -47.57
CA CYS A 1305 -10.53 20.40 -48.33
C CYS A 1305 -9.47 20.70 -49.35
N THR A 1306 -8.24 20.24 -49.14
CA THR A 1306 -7.16 20.52 -50.07
C THR A 1306 -7.56 20.13 -51.48
N ASP A 1307 -7.37 21.04 -52.42
CA ASP A 1307 -7.70 20.76 -53.80
C ASP A 1307 -6.74 19.70 -54.36
N GLY A 1308 -7.18 19.00 -55.40
CA GLY A 1308 -6.41 17.96 -56.04
C GLY A 1308 -6.72 16.57 -55.53
N VAL A 1309 -7.32 16.47 -54.35
CA VAL A 1309 -7.69 15.18 -53.79
C VAL A 1309 -9.21 15.10 -53.72
N ILE A 1310 -9.73 13.91 -53.90
CA ILE A 1310 -11.15 13.67 -53.73
C ILE A 1310 -11.41 13.23 -52.30
N GLY A 1311 -12.25 14.00 -51.61
CA GLY A 1311 -12.52 13.74 -50.22
C GLY A 1311 -13.30 12.47 -50.00
N SER A 1312 -13.86 11.91 -51.08
CA SER A 1312 -14.89 10.89 -51.03
C SER A 1312 -14.63 9.85 -49.95
N ARG A 1313 -13.57 9.06 -50.11
CA ARG A 1313 -13.11 8.21 -49.02
C ARG A 1313 -11.75 8.76 -48.59
N THR A 1314 -11.75 9.39 -47.42
CA THR A 1314 -10.54 9.90 -46.78
C THR A 1314 -10.68 9.61 -45.30
N THR A 1315 -9.67 8.94 -44.73
CA THR A 1315 -9.79 8.32 -43.42
C THR A 1315 -8.57 8.67 -42.58
N THR A 1316 -8.73 8.63 -41.27
CA THR A 1316 -7.63 8.80 -40.34
C THR A 1316 -7.89 7.92 -39.12
N ASN A 1317 -7.12 8.17 -38.07
CA ASN A 1317 -7.22 7.41 -36.84
C ASN A 1317 -7.45 8.35 -35.65
N HIS A 1318 -7.40 7.77 -34.45
CA HIS A 1318 -7.85 8.40 -33.21
C HIS A 1318 -9.17 9.10 -33.48
N VAL A 1319 -10.20 8.27 -33.66
CA VAL A 1319 -11.47 8.72 -34.20
C VAL A 1319 -12.03 9.90 -33.42
N LEU A 1320 -11.62 10.05 -32.16
CA LEU A 1320 -11.95 11.26 -31.42
C LEU A 1320 -11.73 12.49 -32.28
N GLU A 1321 -10.65 12.51 -33.04
CA GLU A 1321 -10.47 13.56 -34.04
C GLU A 1321 -11.57 13.52 -35.08
N VAL A 1322 -11.87 12.33 -35.62
CA VAL A 1322 -12.87 12.21 -36.68
C VAL A 1322 -14.17 12.85 -36.26
N PHE A 1323 -14.43 12.91 -34.96
CA PHE A 1323 -15.65 13.56 -34.48
C PHE A 1323 -15.81 14.95 -35.06
N SER A 1324 -14.90 15.86 -34.74
CA SER A 1324 -15.02 17.27 -35.10
C SER A 1324 -15.37 17.49 -36.56
N VAL A 1325 -14.87 16.67 -37.47
CA VAL A 1325 -15.17 16.87 -38.88
C VAL A 1325 -16.51 16.22 -39.21
N LEU A 1326 -16.59 14.90 -39.10
CA LEU A 1326 -17.81 14.21 -39.48
C LEU A 1326 -18.75 14.12 -38.29
N GLY A 1327 -18.38 13.29 -37.31
CA GLY A 1327 -19.05 13.25 -36.03
C GLY A 1327 -20.00 12.10 -35.76
N ILE A 1328 -20.04 11.71 -34.49
CA ILE A 1328 -20.99 10.75 -33.94
C ILE A 1328 -21.03 9.50 -34.80
N GLU A 1329 -22.18 9.22 -35.41
CA GLU A 1329 -22.40 7.89 -35.97
C GLU A 1329 -21.28 7.49 -36.91
N ALA A 1330 -20.82 8.44 -37.73
CA ALA A 1330 -19.62 8.20 -38.52
C ALA A 1330 -18.46 7.73 -37.66
N ALA A 1331 -18.17 8.45 -36.58
CA ALA A 1331 -17.09 8.07 -35.68
C ALA A 1331 -17.19 6.60 -35.30
N ARG A 1332 -18.28 6.22 -34.64
CA ARG A 1332 -18.47 4.83 -34.27
C ARG A 1332 -18.21 3.90 -35.44
N TYR A 1333 -18.84 4.17 -36.58
CA TYR A 1333 -18.61 3.33 -37.75
C TYR A 1333 -17.15 3.21 -38.11
N SER A 1334 -16.34 4.22 -37.78
CA SER A 1334 -14.90 4.13 -38.01
C SER A 1334 -14.18 3.33 -36.94
N ILE A 1335 -14.25 3.80 -35.70
CA ILE A 1335 -13.43 3.23 -34.63
C ILE A 1335 -13.51 1.72 -34.59
N ILE A 1336 -14.70 1.15 -34.78
CA ILE A 1336 -14.78 -0.30 -34.82
C ILE A 1336 -13.97 -0.84 -35.99
N ARG A 1337 -14.04 -0.18 -37.14
CA ARG A 1337 -13.28 -0.61 -38.30
C ARG A 1337 -11.79 -0.62 -38.01
N GLU A 1338 -11.28 0.41 -37.33
CA GLU A 1338 -9.90 0.35 -36.89
C GLU A 1338 -9.66 -0.80 -35.95
N ILE A 1339 -10.31 -0.80 -34.78
CA ILE A 1339 -10.09 -1.86 -33.80
C ILE A 1339 -10.16 -3.22 -34.44
N ASN A 1340 -11.19 -3.48 -35.23
CA ASN A 1340 -11.25 -4.71 -35.99
C ASN A 1340 -10.01 -4.90 -36.85
N TYR A 1341 -9.61 -3.88 -37.60
CA TYR A 1341 -8.45 -3.96 -38.48
C TYR A 1341 -7.18 -4.36 -37.73
N THR A 1342 -6.67 -3.46 -36.89
CA THR A 1342 -5.47 -3.74 -36.13
C THR A 1342 -5.58 -5.00 -35.28
N MET A 1343 -6.81 -5.42 -34.98
CA MET A 1343 -7.02 -6.59 -34.14
C MET A 1343 -6.83 -7.89 -34.89
N SER A 1344 -7.16 -7.94 -36.19
CA SER A 1344 -6.83 -9.12 -36.97
C SER A 1344 -5.34 -9.20 -37.28
N ASN A 1345 -4.61 -8.09 -37.13
CA ASN A 1345 -3.16 -8.15 -37.31
C ASN A 1345 -2.46 -8.83 -36.15
N HIS A 1346 -3.03 -8.74 -34.95
CA HIS A 1346 -2.67 -9.68 -33.90
C HIS A 1346 -3.13 -11.10 -34.23
N GLY A 1347 -3.86 -11.28 -35.31
CA GLY A 1347 -4.44 -12.56 -35.64
C GLY A 1347 -5.66 -12.87 -34.79
N MET A 1348 -5.70 -14.11 -34.31
CA MET A 1348 -6.82 -14.74 -33.63
C MET A 1348 -8.13 -14.52 -34.39
N SER A 1349 -9.26 -14.51 -33.69
CA SER A 1349 -10.50 -13.98 -34.21
C SER A 1349 -11.33 -13.51 -33.02
N VAL A 1350 -11.83 -12.28 -33.08
CA VAL A 1350 -12.63 -11.76 -31.99
C VAL A 1350 -14.13 -11.69 -32.31
N ASP A 1351 -14.53 -11.92 -33.55
CA ASP A 1351 -15.89 -11.79 -34.07
C ASP A 1351 -16.33 -10.33 -34.08
N PRO A 1352 -17.16 -9.92 -35.04
CA PRO A 1352 -17.53 -8.51 -35.13
C PRO A 1352 -18.52 -8.05 -34.08
N ARG A 1353 -19.39 -8.96 -33.62
CA ARG A 1353 -20.52 -8.56 -32.81
C ARG A 1353 -20.10 -7.70 -31.64
N HIS A 1354 -19.29 -8.24 -30.74
CA HIS A 1354 -18.83 -7.51 -29.58
C HIS A 1354 -18.25 -6.16 -29.95
N ILE A 1355 -17.35 -6.12 -30.92
CA ILE A 1355 -16.71 -4.85 -31.28
C ILE A 1355 -17.75 -3.81 -31.63
N GLN A 1356 -18.76 -4.19 -32.41
CA GLN A 1356 -19.85 -3.25 -32.63
C GLN A 1356 -20.38 -2.69 -31.33
N LEU A 1357 -20.66 -3.54 -30.36
CA LEU A 1357 -21.24 -3.05 -29.12
C LEU A 1357 -20.29 -2.12 -28.40
N LEU A 1358 -19.02 -2.51 -28.31
CA LEU A 1358 -18.02 -1.63 -27.69
C LEU A 1358 -18.04 -0.26 -28.35
N GLY A 1359 -18.14 -0.23 -29.67
CA GLY A 1359 -18.33 1.05 -30.29
C GLY A 1359 -19.57 1.78 -29.83
N ASP A 1360 -20.67 1.06 -29.65
CA ASP A 1360 -21.90 1.72 -29.27
C ASP A 1360 -21.75 2.50 -27.97
N VAL A 1361 -21.50 1.80 -26.87
CA VAL A 1361 -21.44 2.47 -25.57
C VAL A 1361 -20.42 3.57 -25.55
N MET A 1362 -19.46 3.56 -26.47
CA MET A 1362 -18.57 4.70 -26.56
C MET A 1362 -19.25 5.87 -27.26
N THR A 1363 -20.21 5.58 -28.14
CA THR A 1363 -20.98 6.60 -28.84
C THR A 1363 -22.31 6.87 -28.13
N TYR A 1364 -22.59 6.12 -27.07
CA TYR A 1364 -23.91 6.08 -26.45
C TYR A 1364 -24.46 7.46 -26.14
N LYS A 1365 -23.68 8.29 -25.45
CA LYS A 1365 -24.28 9.54 -25.01
C LYS A 1365 -24.28 10.60 -26.09
N GLY A 1366 -23.19 11.36 -26.20
CA GLY A 1366 -23.10 12.31 -27.28
C GLY A 1366 -22.01 12.05 -28.30
N GLU A 1367 -21.00 11.28 -27.90
CA GLU A 1367 -19.74 11.31 -28.64
C GLU A 1367 -18.68 10.45 -27.97
N VAL A 1368 -17.51 10.46 -28.59
CA VAL A 1368 -16.35 9.71 -28.14
C VAL A 1368 -16.05 10.08 -26.69
N LEU A 1369 -15.97 9.06 -25.84
CA LEU A 1369 -15.36 9.13 -24.52
C LEU A 1369 -15.31 7.72 -23.98
N GLY A 1370 -14.70 7.54 -22.82
CA GLY A 1370 -14.98 6.39 -21.99
C GLY A 1370 -13.78 5.90 -21.24
N ILE A 1371 -14.01 4.90 -20.41
CA ILE A 1371 -13.00 3.94 -19.99
C ILE A 1371 -11.92 4.39 -19.01
N THR A 1372 -11.78 5.69 -18.82
CA THR A 1372 -10.86 6.19 -17.81
C THR A 1372 -11.60 7.14 -16.91
N ARG A 1373 -11.02 7.46 -15.74
CA ARG A 1373 -11.71 8.25 -14.74
C ARG A 1373 -12.50 9.47 -15.18
N PHE A 1374 -11.96 10.27 -16.10
CA PHE A 1374 -12.79 11.22 -16.81
C PHE A 1374 -13.89 10.52 -17.61
N GLY A 1375 -13.50 9.76 -18.63
CA GLY A 1375 -14.44 9.07 -19.49
C GLY A 1375 -15.58 8.26 -18.91
N LEU A 1376 -15.27 7.51 -17.85
CA LEU A 1376 -16.28 6.73 -17.15
C LEU A 1376 -17.23 7.77 -16.57
N SER A 1377 -16.68 8.72 -15.82
CA SER A 1377 -17.48 9.81 -15.27
C SER A 1377 -18.01 10.50 -16.50
N LYS A 1378 -19.26 10.21 -16.84
CA LYS A 1378 -19.84 10.74 -18.06
C LYS A 1378 -21.34 10.98 -17.93
N MET A 1379 -22.09 9.89 -17.90
CA MET A 1379 -23.49 9.74 -17.55
C MET A 1379 -23.51 8.95 -16.27
N ARG A 1380 -22.83 7.80 -16.29
CA ARG A 1380 -23.09 6.70 -15.38
C ARG A 1380 -23.20 7.23 -13.96
N ASP A 1381 -24.36 6.97 -13.36
CA ASP A 1381 -24.82 7.77 -12.25
C ASP A 1381 -24.60 7.08 -10.90
N SER A 1382 -24.06 5.87 -10.89
CA SER A 1382 -23.90 5.15 -9.62
C SER A 1382 -22.53 5.51 -9.04
N VAL A 1383 -22.55 6.30 -7.97
CA VAL A 1383 -21.31 6.87 -7.46
C VAL A 1383 -20.51 5.89 -6.64
N LEU A 1384 -21.15 4.90 -6.01
CA LEU A 1384 -20.36 3.90 -5.31
C LEU A 1384 -19.55 3.07 -6.29
N GLN A 1385 -20.11 2.76 -7.47
CA GLN A 1385 -19.25 2.04 -8.40
C GLN A 1385 -18.26 2.98 -9.08
N LEU A 1386 -18.53 4.29 -9.07
CA LEU A 1386 -17.47 5.22 -9.40
C LEU A 1386 -16.43 5.25 -8.30
N ALA A 1387 -16.78 4.73 -7.12
CA ALA A 1387 -15.79 4.48 -6.08
C ALA A 1387 -15.23 3.07 -6.19
N SER A 1388 -15.84 2.23 -7.03
CA SER A 1388 -15.23 0.93 -7.33
C SER A 1388 -14.00 1.08 -8.20
N PHE A 1389 -13.69 2.31 -8.63
CA PHE A 1389 -12.71 2.54 -9.68
C PHE A 1389 -11.46 3.25 -9.17
N GLU A 1390 -11.55 4.55 -8.92
CA GLU A 1390 -10.39 5.35 -8.57
C GLU A 1390 -10.89 6.63 -7.91
N LYS A 1391 -10.00 7.31 -7.19
CA LYS A 1391 -10.33 8.61 -6.63
C LYS A 1391 -11.61 8.63 -5.82
N THR A 1392 -11.85 7.59 -5.03
CA THR A 1392 -13.11 7.49 -4.30
C THR A 1392 -13.28 8.47 -3.09
N THR A 1393 -12.27 9.33 -2.97
CA THR A 1393 -12.25 10.33 -1.91
C THR A 1393 -13.15 11.42 -2.47
N ASP A 1394 -12.63 12.20 -3.42
CA ASP A 1394 -13.35 13.37 -3.91
C ASP A 1394 -14.61 12.99 -4.65
N HIS A 1395 -14.67 11.79 -5.22
CA HIS A 1395 -15.95 11.26 -5.65
C HIS A 1395 -16.94 11.24 -4.50
N LEU A 1396 -16.65 10.48 -3.44
CA LEU A 1396 -17.59 10.40 -2.32
C LEU A 1396 -17.96 11.77 -1.79
N PHE A 1397 -17.00 12.52 -1.25
CA PHE A 1397 -17.32 13.85 -0.74
C PHE A 1397 -18.12 14.67 -1.74
N ASP A 1398 -17.63 14.74 -2.97
CA ASP A 1398 -18.31 15.44 -4.03
C ASP A 1398 -19.78 15.04 -4.10
N ALA A 1399 -20.07 13.74 -4.03
CA ALA A 1399 -21.46 13.28 -4.14
C ALA A 1399 -22.32 13.87 -3.04
N ALA A 1400 -22.07 13.46 -1.79
CA ALA A 1400 -22.90 13.91 -0.68
C ALA A 1400 -22.98 15.42 -0.62
N PHE A 1401 -21.99 16.13 -1.15
CA PHE A 1401 -22.14 17.56 -1.28
C PHE A 1401 -23.38 17.91 -2.10
N TYR A 1402 -23.42 17.50 -3.36
CA TYR A 1402 -24.55 17.79 -4.23
C TYR A 1402 -25.83 17.11 -3.80
N MET A 1403 -25.77 16.24 -2.79
CA MET A 1403 -26.96 15.61 -2.22
C MET A 1403 -27.67 14.77 -3.28
N LYS A 1404 -26.86 13.99 -3.98
CA LYS A 1404 -27.38 13.14 -5.05
C LYS A 1404 -28.40 12.14 -4.50
N LYS A 1405 -29.43 11.87 -5.29
CA LYS A 1405 -30.39 10.84 -4.93
C LYS A 1405 -29.85 9.46 -5.26
N ASP A 1406 -29.16 9.36 -6.40
CA ASP A 1406 -28.57 8.12 -6.89
C ASP A 1406 -29.61 7.02 -6.97
N ALA A 1407 -29.21 5.76 -6.73
CA ALA A 1407 -30.09 4.60 -6.78
C ALA A 1407 -29.21 3.37 -6.66
N VAL A 1408 -29.81 2.22 -6.39
CA VAL A 1408 -29.07 0.98 -6.51
C VAL A 1408 -29.47 0.32 -7.84
N GLU A 1409 -28.57 0.36 -8.80
CA GLU A 1409 -28.89 -0.11 -10.14
C GLU A 1409 -27.83 -1.03 -10.73
N GLY A 1410 -26.62 -0.55 -10.99
CA GLY A 1410 -25.64 -1.33 -11.68
C GLY A 1410 -25.34 -2.66 -11.01
N VAL A 1411 -25.14 -3.67 -11.85
CA VAL A 1411 -24.87 -5.01 -11.33
C VAL A 1411 -23.65 -4.98 -10.42
N SER A 1412 -22.57 -4.35 -10.87
CA SER A 1412 -21.41 -4.15 -10.00
C SER A 1412 -21.81 -3.52 -8.69
N GLU A 1413 -22.62 -2.48 -8.73
CA GLU A 1413 -23.14 -1.87 -7.52
C GLU A 1413 -23.93 -2.85 -6.67
N CYS A 1414 -24.66 -3.77 -7.30
CA CYS A 1414 -25.60 -4.61 -6.57
C CYS A 1414 -24.91 -5.48 -5.53
N ILE A 1415 -23.78 -6.10 -5.89
CA ILE A 1415 -23.17 -7.05 -4.97
C ILE A 1415 -22.71 -6.39 -3.69
N ILE A 1416 -22.36 -5.10 -3.73
CA ILE A 1416 -22.02 -4.39 -2.50
C ILE A 1416 -23.17 -4.47 -1.52
N LEU A 1417 -24.30 -3.90 -1.86
CA LEU A 1417 -25.45 -3.98 -0.98
C LEU A 1417 -26.03 -5.38 -0.89
N GLY A 1418 -25.56 -6.31 -1.72
CA GLY A 1418 -25.81 -7.71 -1.47
C GLY A 1418 -27.20 -8.19 -1.77
N GLN A 1419 -28.07 -7.35 -2.29
CA GLN A 1419 -29.36 -7.85 -2.73
C GLN A 1419 -29.18 -8.55 -4.07
N THR A 1420 -30.29 -8.97 -4.68
CA THR A 1420 -30.22 -9.81 -5.86
C THR A 1420 -29.55 -9.08 -7.01
N MET A 1421 -29.02 -9.84 -7.95
CA MET A 1421 -28.53 -9.28 -9.19
C MET A 1421 -29.71 -8.71 -9.96
N SER A 1422 -29.44 -7.74 -10.83
CA SER A 1422 -30.49 -7.13 -11.63
C SER A 1422 -30.64 -7.73 -13.01
N ILE A 1423 -29.80 -8.69 -13.39
CA ILE A 1423 -29.83 -9.26 -14.73
C ILE A 1423 -29.75 -10.77 -14.64
N GLY A 1424 -29.56 -11.39 -15.78
CA GLY A 1424 -29.16 -12.79 -15.80
C GLY A 1424 -30.20 -13.67 -15.17
N THR A 1425 -29.79 -14.48 -14.21
CA THR A 1425 -30.75 -15.22 -13.41
C THR A 1425 -31.80 -14.30 -12.82
N GLY A 1426 -31.38 -13.12 -12.37
CA GLY A 1426 -32.31 -12.18 -11.78
C GLY A 1426 -33.02 -11.32 -12.80
N SER A 1427 -33.02 -11.77 -14.05
CA SER A 1427 -33.66 -11.01 -15.11
C SER A 1427 -35.17 -10.95 -14.97
N PHE A 1428 -35.76 -11.71 -14.06
CA PHE A 1428 -37.20 -11.74 -13.92
C PHE A 1428 -37.58 -12.16 -12.50
N LYS A 1429 -38.71 -11.66 -12.03
CA LYS A 1429 -39.35 -12.24 -10.86
C LYS A 1429 -40.01 -13.54 -11.28
N VAL A 1430 -40.30 -14.40 -10.30
CA VAL A 1430 -40.88 -15.72 -10.58
C VAL A 1430 -42.10 -15.95 -9.68
N VAL A 1431 -43.13 -16.57 -10.25
CA VAL A 1431 -44.42 -16.75 -9.60
C VAL A 1431 -44.74 -18.24 -9.60
N LYS A 1432 -45.59 -18.69 -8.67
CA LYS A 1432 -46.11 -20.04 -8.73
C LYS A 1432 -47.60 -20.01 -9.00
N GLY A 1433 -48.08 -21.12 -9.55
CA GLY A 1433 -49.50 -21.24 -9.84
C GLY A 1433 -50.35 -21.25 -8.58
N THR A 1434 -51.34 -20.36 -8.53
CA THR A 1434 -52.22 -20.31 -7.38
C THR A 1434 -53.22 -21.46 -7.39
N ASN A 1435 -53.67 -21.87 -8.56
CA ASN A 1435 -54.75 -22.85 -8.70
C ASN A 1435 -55.91 -22.51 -7.76
N ILE A 1436 -56.50 -21.35 -8.02
CA ILE A 1436 -57.48 -20.76 -7.13
C ILE A 1436 -58.72 -20.40 -7.92
N SER A 1437 -59.88 -20.46 -7.26
CA SER A 1437 -61.14 -20.10 -7.86
C SER A 1437 -61.73 -18.92 -7.10
N GLU A 1438 -61.96 -17.82 -7.80
CA GLU A 1438 -62.59 -16.64 -7.19
C GLU A 1438 -64.00 -16.93 -6.73
N LYS A 1439 -64.60 -18.03 -7.16
CA LYS A 1439 -65.97 -18.35 -6.79
C LYS A 1439 -66.15 -18.40 -5.28
N ASP A 1440 -65.36 -19.21 -4.59
CA ASP A 1440 -65.42 -19.29 -3.13
C ASP A 1440 -65.10 -17.96 -2.46
N LEU A 1441 -64.56 -17.00 -3.21
CA LEU A 1441 -64.31 -15.66 -2.70
C LEU A 1441 -65.60 -14.90 -2.38
N VAL A 1442 -66.76 -15.41 -2.81
CA VAL A 1442 -68.02 -14.72 -2.53
C VAL A 1442 -68.24 -14.73 -1.02
N PRO A 1443 -68.53 -13.60 -0.42
CA PRO A 1443 -68.75 -13.57 1.04
C PRO A 1443 -70.06 -14.25 1.36
N LYS A 1444 -70.39 -14.28 2.64
CA LYS A 1444 -71.68 -14.75 3.11
C LYS A 1444 -71.97 -14.02 4.41
N ARG A 1445 -73.23 -13.63 4.60
CA ARG A 1445 -73.67 -13.07 5.87
C ARG A 1445 -75.19 -13.19 5.89
N CYS A 1446 -75.77 -13.06 7.07
CA CYS A 1446 -77.22 -12.93 7.22
C CYS A 1446 -77.65 -11.47 7.19
N LEU A 1447 -76.67 -10.61 6.92
CA LEU A 1447 -76.87 -9.17 6.80
C LEU A 1447 -77.38 -8.56 8.10
N PHE A 1448 -76.55 -8.56 9.14
CA PHE A 1448 -76.78 -7.77 10.33
C PHE A 1448 -77.06 -6.31 10.00
N GLU A 1449 -76.38 -5.77 8.98
CA GLU A 1449 -76.60 -4.40 8.54
C GLU A 1449 -78.01 -4.17 8.03
N SER A 1450 -78.54 -5.06 7.19
CA SER A 1450 -79.82 -4.85 6.53
C SER A 1450 -81.00 -4.77 7.48
N LEU A 1451 -81.05 -5.62 8.50
CA LEU A 1451 -82.23 -5.72 9.36
C LEU A 1451 -82.52 -4.41 10.09
N SER A 1452 -81.53 -3.87 10.79
CA SER A 1452 -81.74 -2.73 11.67
C SER A 1452 -81.64 -1.40 10.95
N ASN A 1453 -81.42 -1.41 9.63
CA ASN A 1453 -81.22 -0.18 8.87
C ASN A 1453 -82.43 0.75 8.99
N GLU A 1454 -83.63 0.19 9.03
CA GLU A 1454 -84.83 1.01 8.86
C GLU A 1454 -85.21 1.76 10.13
N ALA A 1455 -84.52 1.53 11.24
CA ALA A 1455 -84.72 2.33 12.43
C ALA A 1455 -84.08 3.71 12.34
N ALA A 1456 -83.05 3.86 11.50
CA ALA A 1456 -82.38 5.14 11.32
C ALA A 1456 -82.90 5.91 10.11
N LEU A 1457 -83.84 5.33 9.35
CA LEU A 1457 -84.28 5.96 8.11
C LEU A 1457 -85.29 7.07 8.30
N LYS A 1458 -86.27 6.89 9.18
CA LYS A 1458 -87.34 7.86 9.32
C LYS A 1458 -86.98 8.96 10.31
N ALA A 1459 -87.87 9.95 10.43
CA ALA A 1459 -87.80 11.02 11.41
C ALA A 1459 -86.42 11.66 11.51
N ASN A 1460 -85.82 12.03 10.37
CA ASN A 1460 -84.50 12.63 10.38
C ASN A 1460 -84.22 13.44 9.11
N ASP B 36 52.95 -38.85 -20.18
CA ASP B 36 52.10 -38.03 -21.04
C ASP B 36 52.54 -36.58 -21.05
N GLU B 37 53.00 -36.11 -22.20
CA GLU B 37 53.35 -34.70 -22.34
C GLU B 37 52.10 -33.85 -22.25
N ILE B 38 52.29 -32.61 -21.84
CA ILE B 38 51.18 -31.68 -21.65
C ILE B 38 50.69 -31.22 -23.02
N ASN B 39 49.38 -31.08 -23.15
CA ASN B 39 48.74 -30.84 -24.44
C ASN B 39 47.92 -29.56 -24.39
N THR B 40 48.09 -28.72 -25.41
CA THR B 40 47.31 -27.47 -25.50
C THR B 40 45.81 -27.75 -25.42
N ALA B 41 45.34 -28.82 -26.05
CA ALA B 41 43.96 -29.24 -25.87
C ALA B 41 43.62 -29.51 -24.41
N GLN B 42 44.47 -30.26 -23.70
CA GLN B 42 44.25 -30.55 -22.28
C GLN B 42 44.71 -29.44 -21.34
N ASP B 43 45.86 -28.81 -21.57
CA ASP B 43 46.54 -28.03 -20.55
C ASP B 43 45.73 -26.86 -20.00
N LYS B 44 45.16 -26.02 -20.87
CA LYS B 44 44.46 -24.83 -20.41
C LYS B 44 43.45 -25.12 -19.33
N TRP B 45 42.86 -26.32 -19.36
CA TRP B 45 41.82 -26.66 -18.40
C TRP B 45 42.28 -26.57 -16.96
N HIS B 46 43.56 -26.82 -16.68
CA HIS B 46 44.00 -26.89 -15.30
C HIS B 46 44.10 -25.52 -14.66
N LEU B 47 43.92 -24.46 -15.45
CA LEU B 47 44.11 -23.10 -14.97
C LEU B 47 43.02 -22.63 -14.03
N LEU B 48 41.78 -22.54 -14.51
CA LEU B 48 40.67 -22.04 -13.72
C LEU B 48 40.63 -22.72 -12.36
N PRO B 49 40.72 -24.05 -12.28
CA PRO B 49 40.80 -24.66 -10.94
C PRO B 49 42.01 -24.19 -10.17
N ALA B 50 43.18 -24.23 -10.79
CA ALA B 50 44.38 -23.73 -10.12
C ALA B 50 44.22 -22.26 -9.77
N PHE B 51 43.63 -21.48 -10.68
CA PHE B 51 43.19 -20.14 -10.32
C PHE B 51 42.37 -20.13 -9.04
N LEU B 52 41.29 -20.90 -9.00
CA LEU B 52 40.45 -20.94 -7.81
C LEU B 52 41.06 -21.77 -6.70
N LYS B 53 42.07 -22.58 -7.01
CA LYS B 53 42.70 -23.43 -5.99
C LYS B 53 43.18 -22.61 -4.81
N VAL B 54 43.78 -21.46 -5.08
CA VAL B 54 44.28 -20.60 -4.02
C VAL B 54 43.21 -19.58 -3.67
N LYS B 55 42.98 -18.63 -4.57
CA LYS B 55 42.04 -17.55 -4.33
C LYS B 55 40.63 -18.14 -4.33
N GLY B 56 39.90 -17.90 -3.24
CA GLY B 56 38.72 -18.70 -2.96
C GLY B 56 37.54 -18.34 -3.84
N LEU B 57 36.51 -19.19 -3.77
CA LEU B 57 35.30 -18.97 -4.55
C LEU B 57 34.62 -17.67 -4.13
N VAL B 58 34.40 -17.49 -2.82
CA VAL B 58 33.97 -16.18 -2.39
C VAL B 58 35.12 -15.51 -1.65
N LYS B 59 35.80 -14.61 -2.34
CA LYS B 59 36.57 -13.56 -1.72
C LYS B 59 35.79 -12.27 -1.68
N GLN B 60 34.68 -12.20 -2.41
CA GLN B 60 33.99 -10.96 -2.67
C GLN B 60 33.30 -10.46 -1.42
N HIS B 61 32.86 -11.36 -0.57
CA HIS B 61 32.54 -11.00 0.80
C HIS B 61 33.71 -11.13 1.74
N LEU B 62 34.79 -11.82 1.33
CA LEU B 62 35.91 -12.01 2.23
C LEU B 62 36.89 -10.85 2.16
N ASP B 63 37.68 -10.79 1.09
CA ASP B 63 38.80 -9.85 1.04
C ASP B 63 38.36 -8.42 1.27
N SER B 64 37.12 -8.09 0.95
CA SER B 64 36.55 -6.83 1.42
C SER B 64 36.59 -6.76 2.94
N PHE B 65 35.85 -7.65 3.60
CA PHE B 65 35.76 -7.68 5.05
C PHE B 65 37.13 -7.71 5.72
N ASN B 66 38.05 -8.51 5.17
CA ASN B 66 39.43 -8.53 5.66
C ASN B 66 40.08 -7.16 5.50
N TYR B 67 40.05 -6.63 4.28
CA TYR B 67 40.58 -5.30 4.02
C TYR B 67 40.06 -4.27 5.00
N PHE B 68 38.80 -4.41 5.43
CA PHE B 68 38.21 -3.52 6.40
C PHE B 68 38.94 -3.55 7.73
N VAL B 69 39.29 -4.75 8.23
CA VAL B 69 39.75 -4.87 9.61
C VAL B 69 41.21 -4.50 9.69
N ASP B 70 41.81 -4.14 8.56
CA ASP B 70 43.15 -3.59 8.58
C ASP B 70 43.12 -2.16 8.10
N THR B 71 42.92 -1.97 6.80
CA THR B 71 42.91 -0.66 6.17
C THR B 71 41.91 0.29 6.81
N ASP B 72 40.63 -0.04 6.74
CA ASP B 72 39.58 0.93 7.05
C ASP B 72 39.75 1.52 8.44
N LEU B 73 39.49 0.74 9.49
CA LEU B 73 39.43 1.31 10.82
C LEU B 73 40.71 2.02 11.22
N LYS B 74 41.87 1.48 10.84
CA LYS B 74 43.11 2.20 11.05
C LYS B 74 43.11 3.58 10.41
N LYS B 75 42.48 3.73 9.24
CA LYS B 75 42.23 5.06 8.70
C LYS B 75 41.00 5.72 9.29
N ILE B 76 39.91 4.97 9.49
CA ILE B 76 38.64 5.59 9.80
C ILE B 76 38.70 6.36 11.11
N ILE B 77 39.36 5.81 12.12
CA ILE B 77 39.52 6.64 13.31
C ILE B 77 40.57 7.71 13.05
N LYS B 78 41.57 7.41 12.22
CA LYS B 78 42.59 8.39 11.95
C LYS B 78 41.99 9.65 11.32
N ALA B 79 40.78 9.55 10.80
CA ALA B 79 39.94 10.71 10.58
C ALA B 79 39.68 11.48 11.87
N ASN B 80 38.92 10.93 12.82
CA ASN B 80 38.69 11.64 14.07
C ASN B 80 39.46 10.89 15.15
N GLN B 81 40.63 11.42 15.51
CA GLN B 81 41.40 10.90 16.65
C GLN B 81 41.32 11.77 17.88
N LEU B 82 40.72 12.94 17.80
CA LEU B 82 40.81 13.96 18.84
C LEU B 82 39.46 14.63 19.01
N ILE B 83 39.01 14.75 20.25
CA ILE B 83 37.74 15.38 20.59
C ILE B 83 37.92 16.21 21.85
N LEU B 84 37.26 17.36 21.90
CA LEU B 84 37.19 18.14 23.12
C LEU B 84 35.85 18.86 23.16
N SER B 85 35.23 18.86 24.34
CA SER B 85 34.07 19.67 24.61
C SER B 85 34.48 21.13 24.74
N ASP B 86 33.52 22.03 24.63
CA ASP B 86 33.89 23.44 24.76
C ASP B 86 33.80 23.81 26.25
N VAL B 87 34.98 23.76 26.85
CA VAL B 87 35.19 23.86 28.29
C VAL B 87 36.63 23.44 28.53
N ASP B 88 37.16 23.73 29.72
CA ASP B 88 38.40 23.10 30.18
C ASP B 88 39.50 23.21 29.14
N PRO B 89 40.13 24.38 29.00
CA PRO B 89 41.11 24.57 27.93
C PRO B 89 42.08 23.41 27.79
N GLU B 90 42.53 22.84 28.90
CA GLU B 90 43.42 21.69 28.81
C GLU B 90 42.58 20.45 29.05
N PHE B 91 42.18 19.82 27.95
CA PHE B 91 41.66 18.47 27.93
C PHE B 91 41.75 17.95 26.51
N TYR B 92 42.03 16.66 26.34
CA TYR B 92 41.73 16.03 25.06
C TYR B 92 41.73 14.51 25.21
N LEU B 93 41.12 13.85 24.23
CA LEU B 93 41.00 12.39 24.18
C LEU B 93 41.55 11.95 22.83
N LYS B 94 42.66 11.21 22.84
CA LYS B 94 43.38 10.91 21.61
C LYS B 94 43.35 9.42 21.28
N TYR B 95 42.60 9.08 20.24
CA TYR B 95 42.58 7.73 19.69
C TYR B 95 43.92 7.38 19.07
N VAL B 96 44.32 6.12 19.21
CA VAL B 96 45.44 5.64 18.42
C VAL B 96 45.15 4.27 17.79
N ASP B 97 44.94 3.25 18.61
CA ASP B 97 44.89 1.88 18.11
C ASP B 97 43.46 1.41 17.88
N ILE B 98 43.30 0.67 16.78
CA ILE B 98 42.12 -0.15 16.52
C ILE B 98 42.60 -1.57 16.23
N ARG B 99 42.07 -2.54 16.94
CA ARG B 99 42.28 -3.93 16.58
C ARG B 99 41.00 -4.72 16.81
N VAL B 100 41.09 -6.01 16.53
CA VAL B 100 40.01 -6.95 16.77
C VAL B 100 40.65 -8.22 17.34
N GLY B 101 40.17 -8.65 18.49
CA GLY B 101 40.62 -9.92 19.06
C GLY B 101 42.07 -10.01 19.45
N LYS B 102 42.74 -8.89 19.70
CA LYS B 102 44.07 -8.95 20.31
C LYS B 102 44.16 -7.86 21.38
N LYS B 103 44.35 -8.29 22.62
CA LYS B 103 44.56 -7.38 23.74
C LYS B 103 46.04 -7.10 23.91
N SER B 104 46.83 -7.51 22.93
CA SER B 104 48.28 -7.64 23.01
C SER B 104 48.65 -8.70 24.06
N SER B 105 48.28 -9.93 23.72
CA SER B 105 48.66 -11.13 24.47
C SER B 105 49.32 -12.10 23.51
N SER B 106 48.53 -12.71 22.63
CA SER B 106 49.04 -13.50 21.53
C SER B 106 48.60 -12.84 20.23
N SER B 107 49.01 -13.42 19.10
CA SER B 107 48.69 -12.82 17.80
C SER B 107 47.24 -13.09 17.43
N THR B 108 46.92 -14.34 17.13
CA THR B 108 45.54 -14.75 16.95
C THR B 108 44.81 -14.67 18.28
N LYS B 109 43.52 -14.34 18.23
CA LYS B 109 42.73 -14.26 19.46
C LYS B 109 42.85 -15.56 20.25
N ASP B 110 43.07 -15.40 21.55
CA ASP B 110 43.33 -16.57 22.40
C ASP B 110 42.10 -17.46 22.48
N TYR B 111 40.92 -16.87 22.66
CA TYR B 111 39.69 -17.64 22.70
C TYR B 111 38.50 -16.81 22.26
N LEU B 112 37.51 -17.48 21.66
CA LEU B 112 36.20 -16.90 21.43
C LEU B 112 35.21 -18.05 21.29
N THR B 113 33.93 -17.73 21.47
CA THR B 113 32.91 -18.78 21.43
C THR B 113 32.85 -19.41 20.03
N PRO B 114 32.63 -20.72 19.96
CA PRO B 114 32.61 -21.40 18.67
C PRO B 114 31.40 -21.01 17.85
N PRO B 115 31.59 -20.72 16.56
CA PRO B 115 30.45 -20.21 15.77
C PRO B 115 29.30 -21.17 15.65
N HIS B 116 29.55 -22.43 15.27
CA HIS B 116 28.43 -23.34 15.16
C HIS B 116 27.67 -23.47 16.46
N GLU B 117 28.40 -23.72 17.54
CA GLU B 117 27.79 -23.76 18.86
C GLU B 117 26.94 -22.52 19.07
N CYS B 118 27.47 -21.35 18.72
CA CYS B 118 26.71 -20.12 18.85
C CYS B 118 25.43 -20.15 18.04
N ARG B 119 25.46 -20.79 16.87
CA ARG B 119 24.26 -20.88 16.04
C ARG B 119 23.10 -21.50 16.80
N LEU B 120 23.40 -22.33 17.78
CA LEU B 120 22.38 -22.90 18.65
C LEU B 120 21.95 -21.95 19.77
N ARG B 121 22.85 -21.10 20.27
CA ARG B 121 22.54 -20.25 21.42
C ARG B 121 21.85 -18.96 21.06
N ASP B 122 21.65 -18.68 19.78
CA ASP B 122 20.96 -17.46 19.35
C ASP B 122 21.74 -16.20 19.75
N MET B 123 23.04 -16.33 19.97
CA MET B 123 23.85 -15.16 20.23
C MET B 123 24.19 -14.48 18.91
N THR B 124 25.05 -13.48 18.95
CA THR B 124 25.67 -12.95 17.75
C THR B 124 27.14 -13.30 17.79
N TYR B 125 27.65 -13.81 16.69
CA TYR B 125 29.00 -14.34 16.68
C TYR B 125 29.94 -13.22 16.33
N SER B 126 30.73 -12.78 17.29
CA SER B 126 31.39 -11.49 17.21
C SER B 126 32.62 -11.46 18.09
N ALA B 127 33.50 -10.51 17.80
CA ALA B 127 34.70 -10.31 18.58
C ALA B 127 34.69 -8.92 19.18
N PRO B 128 35.17 -8.77 20.41
CA PRO B 128 35.26 -7.44 21.00
C PRO B 128 36.34 -6.61 20.33
N ILE B 129 36.17 -5.29 20.41
CA ILE B 129 37.12 -4.34 19.89
C ILE B 129 38.08 -3.95 21.01
N TYR B 130 39.35 -3.83 20.67
CA TYR B 130 40.35 -3.32 21.59
C TYR B 130 40.94 -2.06 21.00
N VAL B 131 40.92 -0.99 21.79
CA VAL B 131 41.31 0.32 21.30
C VAL B 131 42.19 1.00 22.33
N ASP B 132 43.33 1.51 21.86
CA ASP B 132 44.21 2.30 22.69
C ASP B 132 43.86 3.77 22.49
N ILE B 133 43.70 4.48 23.59
CA ILE B 133 43.46 5.91 23.56
C ILE B 133 44.34 6.52 24.64
N GLU B 134 45.27 7.36 24.22
CA GLU B 134 46.05 8.17 25.16
C GLU B 134 45.38 9.54 25.18
N TYR B 135 45.18 10.05 26.38
CA TYR B 135 44.30 11.19 26.55
C TYR B 135 44.63 11.94 27.82
N THR B 136 43.93 13.06 28.01
CA THR B 136 44.11 13.90 29.16
C THR B 136 42.91 13.74 30.08
N ARG B 137 43.17 13.78 31.38
CA ARG B 137 42.11 13.86 32.38
C ARG B 137 42.44 15.01 33.33
N GLY B 138 43.61 14.97 33.96
CA GLY B 138 44.00 15.97 34.92
C GLY B 138 45.50 16.18 34.87
N ARG B 139 46.04 16.98 35.79
CA ARG B 139 47.42 17.42 35.70
C ARG B 139 48.34 16.20 35.59
N ASN B 140 49.18 16.22 34.55
CA ASN B 140 50.18 15.17 34.32
C ASN B 140 49.55 13.79 34.27
N ILE B 141 48.79 13.55 33.22
CA ILE B 141 48.33 12.19 32.95
C ILE B 141 48.75 11.75 31.56
N ILE B 142 48.06 12.24 30.52
CA ILE B 142 48.30 11.91 29.12
C ILE B 142 48.59 10.42 28.98
N MET B 143 47.71 9.59 29.53
CA MET B 143 47.94 8.15 29.68
C MET B 143 47.08 7.35 28.72
N HIS B 144 47.73 6.44 28.00
CA HIS B 144 47.05 5.43 27.20
C HIS B 144 46.66 4.21 28.02
N LYS B 145 45.65 3.49 27.54
CA LYS B 145 45.36 2.13 27.95
C LYS B 145 44.94 1.30 26.74
N ASP B 146 44.44 0.09 26.98
CA ASP B 146 43.66 -0.67 25.99
C ASP B 146 42.21 -0.61 26.46
N VAL B 147 41.33 -0.22 25.55
CA VAL B 147 39.93 0.03 25.88
C VAL B 147 39.05 -0.83 24.98
N GLU B 148 37.79 -1.00 25.35
CA GLU B 148 36.84 -1.81 24.60
C GLU B 148 35.61 -0.96 24.29
N ILE B 149 35.43 -0.63 23.02
CA ILE B 149 34.26 0.14 22.61
C ILE B 149 33.06 -0.77 22.50
N GLY B 150 33.32 -2.06 22.29
CA GLY B 150 32.27 -3.02 22.10
C GLY B 150 32.74 -4.14 21.19
N ARG B 151 31.78 -4.89 20.65
CA ARG B 151 32.11 -6.04 19.83
C ARG B 151 31.77 -5.75 18.38
N MET B 152 32.53 -6.37 17.48
CA MET B 152 32.31 -6.23 16.05
C MET B 152 31.75 -7.52 15.49
N PRO B 153 30.63 -7.46 14.80
CA PRO B 153 29.99 -8.70 14.32
C PRO B 153 30.76 -9.32 13.18
N ILE B 154 31.74 -10.16 13.49
CA ILE B 154 32.70 -10.66 12.51
C ILE B 154 32.01 -11.57 11.51
N MET B 155 32.76 -12.09 10.54
CA MET B 155 32.19 -12.95 9.52
C MET B 155 33.01 -14.23 9.39
N LEU B 156 32.32 -15.30 9.00
CA LEU B 156 32.97 -16.60 8.87
C LEU B 156 34.12 -16.55 7.89
N ARG B 157 35.13 -17.38 8.16
CA ARG B 157 36.24 -17.62 7.25
C ARG B 157 36.91 -16.32 6.80
N SER B 158 36.94 -15.34 7.71
CA SER B 158 37.61 -14.08 7.52
C SER B 158 39.08 -14.22 7.91
N ASN B 159 39.78 -13.09 7.98
CA ASN B 159 41.08 -13.11 8.64
C ASN B 159 40.96 -13.51 10.09
N LYS B 160 39.97 -12.96 10.79
CA LYS B 160 39.84 -13.13 12.24
C LYS B 160 38.91 -14.27 12.60
N CYS B 161 38.42 -15.02 11.63
CA CYS B 161 37.58 -16.17 11.94
C CYS B 161 38.37 -17.22 12.70
N ILE B 162 37.63 -18.05 13.44
CA ILE B 162 38.27 -19.20 14.05
C ILE B 162 38.60 -20.25 13.01
N LEU B 163 37.66 -20.52 12.11
CA LEU B 163 37.83 -21.54 11.08
C LEU B 163 38.91 -21.17 10.08
N TYR B 164 39.36 -19.93 10.06
CA TYR B 164 40.42 -19.50 9.16
C TYR B 164 41.66 -20.31 9.51
N ASP B 165 42.23 -20.98 8.51
CA ASP B 165 43.33 -21.93 8.72
C ASP B 165 42.93 -22.96 9.77
N ALA B 166 42.01 -23.81 9.38
CA ALA B 166 41.57 -24.92 10.21
C ALA B 166 41.47 -26.19 9.38
N ASP B 167 42.15 -27.23 9.84
CA ASP B 167 42.20 -28.47 9.06
C ASP B 167 41.49 -29.61 9.77
N GLU B 168 40.26 -29.92 9.35
CA GLU B 168 39.62 -31.21 9.53
C GLU B 168 39.55 -31.68 10.97
N SER B 169 40.25 -30.98 11.85
CA SER B 169 40.24 -31.36 13.25
C SER B 169 39.52 -30.32 14.08
N LYS B 170 40.02 -29.08 14.08
CA LYS B 170 39.26 -27.97 14.64
C LYS B 170 37.87 -27.90 14.02
N MET B 171 37.72 -28.37 12.79
CA MET B 171 36.39 -28.65 12.28
C MET B 171 35.63 -29.58 13.22
N ALA B 172 36.14 -30.81 13.36
CA ALA B 172 35.45 -31.81 14.16
C ALA B 172 35.20 -31.35 15.59
N LYS B 173 36.27 -31.20 16.37
CA LYS B 173 36.16 -30.70 17.74
C LYS B 173 35.32 -29.44 17.81
N LEU B 174 35.39 -28.59 16.79
CA LEU B 174 34.59 -27.38 16.75
C LEU B 174 33.24 -27.59 16.08
N ASN B 175 32.92 -28.82 15.68
CA ASN B 175 31.54 -29.21 15.45
C ASN B 175 30.91 -28.38 14.32
N GLU B 176 31.63 -28.31 13.21
CA GLU B 176 31.10 -27.56 12.08
C GLU B 176 31.73 -28.07 10.78
N CYS B 177 30.95 -28.00 9.69
CA CYS B 177 31.34 -28.65 8.43
C CYS B 177 32.40 -27.85 7.70
N PRO B 178 33.39 -28.52 7.08
CA PRO B 178 34.38 -27.79 6.29
C PRO B 178 33.80 -27.13 5.07
N LEU B 179 32.71 -27.66 4.54
CA LEU B 179 32.32 -27.25 3.20
C LEU B 179 31.34 -26.09 3.19
N ASP B 180 31.00 -25.53 4.33
CA ASP B 180 30.23 -24.30 4.31
C ASP B 180 31.09 -23.21 3.69
N PRO B 181 30.67 -22.61 2.59
CA PRO B 181 31.54 -21.65 1.91
C PRO B 181 31.92 -20.46 2.75
N GLY B 182 31.21 -20.21 3.84
CA GLY B 182 31.54 -19.04 4.60
C GLY B 182 31.10 -17.79 3.85
N GLY B 183 31.65 -16.66 4.26
CA GLY B 183 31.26 -15.41 3.65
C GLY B 183 29.84 -15.02 3.98
N TYR B 184 29.46 -15.10 5.24
CA TYR B 184 28.16 -14.63 5.68
C TYR B 184 28.21 -14.36 7.17
N PHE B 185 27.28 -13.55 7.65
CA PHE B 185 27.22 -13.29 9.07
C PHE B 185 26.18 -14.17 9.74
N ILE B 186 26.22 -14.14 11.06
CA ILE B 186 25.27 -14.85 11.90
C ILE B 186 24.99 -13.99 13.11
N VAL B 187 23.73 -13.66 13.34
CA VAL B 187 23.36 -12.81 14.48
C VAL B 187 22.07 -13.37 15.05
N ASN B 188 21.93 -13.25 16.37
CA ASN B 188 20.75 -13.75 17.07
C ASN B 188 20.54 -15.23 16.83
N GLY B 189 21.60 -15.91 16.42
CA GLY B 189 21.52 -17.32 16.05
C GLY B 189 20.93 -17.59 14.70
N THR B 190 20.27 -16.60 14.09
CA THR B 190 19.92 -16.79 12.69
C THR B 190 21.11 -16.40 11.82
N GLU B 191 20.94 -16.61 10.53
CA GLU B 191 22.03 -16.59 9.57
C GLU B 191 21.67 -15.63 8.45
N LYS B 192 22.50 -14.61 8.24
CA LYS B 192 22.18 -13.61 7.23
C LYS B 192 23.42 -13.29 6.39
N VAL B 193 23.17 -12.75 5.21
CA VAL B 193 24.20 -12.40 4.25
C VAL B 193 23.97 -10.97 3.81
N ILE B 194 25.05 -10.20 3.69
CA ILE B 194 24.97 -8.96 2.95
C ILE B 194 24.93 -9.35 1.49
N LEU B 195 23.88 -8.97 0.79
CA LEU B 195 23.82 -9.23 -0.63
C LEU B 195 24.63 -8.16 -1.35
N VAL B 196 25.50 -8.59 -2.26
CA VAL B 196 26.34 -7.63 -2.96
C VAL B 196 25.42 -6.64 -3.65
N GLN B 197 25.58 -5.36 -3.32
CA GLN B 197 24.68 -4.34 -3.86
C GLN B 197 25.31 -3.71 -5.08
N GLU B 198 24.74 -3.99 -6.24
CA GLU B 198 25.10 -3.24 -7.43
C GLU B 198 24.64 -1.81 -7.25
N GLN B 199 25.56 -0.87 -7.41
CA GLN B 199 25.24 0.54 -7.32
C GLN B 199 25.59 1.17 -8.66
N LEU B 200 24.74 2.10 -9.09
CA LEU B 200 25.09 2.91 -10.24
C LEU B 200 26.46 3.53 -10.02
N SER B 201 27.32 3.41 -11.02
CA SER B 201 28.68 3.90 -10.88
C SER B 201 28.68 5.38 -10.53
N LYS B 202 29.63 5.78 -9.70
CA LYS B 202 29.57 7.06 -9.03
C LYS B 202 30.75 7.93 -9.46
N ASN B 203 30.47 9.22 -9.66
CA ASN B 203 31.46 10.23 -10.02
C ASN B 203 32.15 9.91 -11.36
N ARG B 204 31.34 9.96 -12.42
CA ARG B 204 31.86 10.19 -13.76
C ARG B 204 30.72 10.76 -14.59
N ILE B 205 31.06 11.52 -15.63
CA ILE B 205 30.04 12.13 -16.45
C ILE B 205 29.27 11.07 -17.21
N ILE B 206 27.96 11.08 -17.06
CA ILE B 206 27.03 10.33 -17.89
C ILE B 206 26.10 11.32 -18.56
N VAL B 207 25.84 11.13 -19.85
CA VAL B 207 24.99 12.03 -20.62
C VAL B 207 24.08 11.18 -21.48
N GLU B 208 22.77 11.32 -21.30
CA GLU B 208 21.87 10.45 -22.04
C GLU B 208 20.87 11.27 -22.86
N ALA B 209 20.89 11.01 -24.16
CA ALA B 209 19.93 11.59 -25.09
C ALA B 209 18.54 11.12 -24.74
N ASP B 210 17.57 12.00 -24.92
CA ASP B 210 16.20 11.67 -24.59
C ASP B 210 15.29 12.49 -25.49
N GLU B 211 14.13 11.93 -25.81
CA GLU B 211 13.16 12.62 -26.63
C GLU B 211 12.64 13.84 -25.89
N LYS B 212 12.02 14.77 -26.63
CA LYS B 212 11.66 16.11 -26.15
C LYS B 212 12.87 16.68 -25.41
N LYS B 213 12.67 17.24 -24.22
CA LYS B 213 13.79 17.42 -23.31
C LYS B 213 14.91 18.24 -23.93
N GLY B 214 15.95 17.59 -24.42
CA GLY B 214 17.25 18.22 -24.49
C GLY B 214 18.34 17.53 -23.70
N ILE B 215 18.17 16.23 -23.47
CA ILE B 215 19.29 15.35 -23.17
C ILE B 215 19.92 15.68 -21.82
N VAL B 216 19.30 15.21 -20.74
CA VAL B 216 19.85 15.33 -19.40
C VAL B 216 21.29 14.82 -19.41
N GLN B 217 22.17 15.60 -18.83
CA GLN B 217 23.53 15.23 -18.57
C GLN B 217 23.73 15.30 -17.06
N ALA B 218 24.70 14.55 -16.56
CA ALA B 218 24.98 14.59 -15.14
C ALA B 218 26.40 14.11 -14.89
N SER B 219 26.97 14.59 -13.80
CA SER B 219 28.06 13.92 -13.13
C SER B 219 27.81 14.15 -11.64
N VAL B 220 27.80 13.07 -10.87
CA VAL B 220 27.46 13.19 -9.46
C VAL B 220 28.61 12.62 -8.63
N THR B 221 29.18 13.45 -7.77
CA THR B 221 30.45 13.14 -7.14
C THR B 221 30.29 12.97 -5.63
N SER B 222 30.99 11.99 -5.09
CA SER B 222 30.97 11.73 -3.66
C SER B 222 32.36 11.33 -3.21
N SER B 223 32.92 12.06 -2.24
CA SER B 223 34.13 11.62 -1.56
C SER B 223 33.93 11.90 -0.08
N THR B 224 33.93 10.84 0.72
CA THR B 224 33.74 10.98 2.17
C THR B 224 32.51 11.82 2.44
N HIS B 225 32.73 13.01 3.01
CA HIS B 225 31.68 13.99 3.26
C HIS B 225 30.89 14.33 2.02
N GLU B 226 29.59 14.57 2.22
CA GLU B 226 28.65 15.17 1.26
C GLU B 226 28.60 14.51 -0.11
N ARG B 227 27.99 13.33 -0.19
CA ARG B 227 27.59 12.85 -1.51
C ARG B 227 26.62 13.85 -2.13
N LYS B 228 26.94 14.32 -3.33
CA LYS B 228 26.18 15.43 -3.88
C LYS B 228 25.99 15.25 -5.38
N SER B 229 24.80 15.59 -5.83
CA SER B 229 24.38 15.42 -7.21
C SER B 229 24.26 16.77 -7.90
N LYS B 230 24.77 16.87 -9.12
CA LYS B 230 24.46 17.99 -10.00
C LYS B 230 24.14 17.47 -11.40
N THR B 231 22.91 17.65 -11.82
CA THR B 231 22.51 17.48 -13.22
C THR B 231 22.87 18.76 -13.96
N TYR B 232 23.04 18.66 -15.27
CA TYR B 232 23.00 19.82 -16.15
C TYR B 232 22.18 19.44 -17.36
N VAL B 233 21.67 20.45 -18.07
CA VAL B 233 20.91 20.23 -19.30
C VAL B 233 20.57 21.58 -19.90
N ILE B 234 20.22 21.57 -21.18
CA ILE B 234 19.55 22.70 -21.80
C ILE B 234 18.22 22.94 -21.11
N THR B 235 17.83 24.22 -21.02
CA THR B 235 16.46 24.54 -20.67
C THR B 235 15.60 24.41 -21.92
N LYS B 236 15.83 25.27 -22.91
CA LYS B 236 15.04 25.29 -24.13
C LYS B 236 15.91 25.73 -25.28
N ASN B 237 15.74 25.10 -26.44
CA ASN B 237 16.15 25.63 -27.74
C ASN B 237 17.54 26.28 -27.69
N GLY B 238 18.55 25.43 -27.50
CA GLY B 238 19.92 25.87 -27.43
C GLY B 238 20.28 26.67 -26.21
N LYS B 239 19.30 27.07 -25.41
CA LYS B 239 19.52 27.98 -24.29
C LYS B 239 19.71 27.12 -23.04
N ILE B 240 20.94 27.09 -22.52
CA ILE B 240 21.40 26.02 -21.66
C ILE B 240 21.83 26.58 -20.31
N TYR B 241 21.47 25.88 -19.24
CA TYR B 241 21.57 26.40 -17.89
C TYR B 241 21.90 25.30 -16.89
N LEU B 242 22.49 25.70 -15.77
CA LEU B 242 22.81 24.82 -14.66
C LEU B 242 21.61 24.65 -13.74
N LYS B 243 21.25 23.38 -13.47
CA LYS B 243 20.50 23.02 -12.26
C LYS B 243 21.52 22.48 -11.28
N HIS B 244 21.64 23.13 -10.13
CA HIS B 244 22.24 22.48 -8.99
C HIS B 244 21.43 22.82 -7.74
N ASN B 245 20.89 21.77 -7.11
CA ASN B 245 20.03 21.96 -5.96
C ASN B 245 20.69 22.81 -4.89
N SER B 246 22.02 22.88 -4.89
CA SER B 246 22.71 23.84 -4.05
C SER B 246 22.54 25.25 -4.58
N ILE B 247 22.79 25.45 -5.88
CA ILE B 247 22.74 26.79 -6.45
C ILE B 247 21.27 27.19 -6.51
N ALA B 248 20.97 28.39 -6.98
CA ALA B 248 19.58 28.83 -7.00
C ALA B 248 18.83 28.05 -8.07
N GLU B 249 19.11 28.35 -9.34
CA GLU B 249 18.95 27.47 -10.50
C GLU B 249 19.20 28.26 -11.78
N GLU B 250 19.14 27.53 -12.90
CA GLU B 250 19.16 28.05 -14.26
C GLU B 250 20.20 29.15 -14.49
N ILE B 251 21.46 28.77 -14.51
CA ILE B 251 22.52 29.75 -14.77
C ILE B 251 23.08 29.54 -16.17
N PRO B 252 23.14 30.57 -17.00
CA PRO B 252 23.81 30.44 -18.29
C PRO B 252 25.21 29.90 -18.10
N ILE B 253 25.54 28.85 -18.85
CA ILE B 253 26.75 28.12 -18.54
C ILE B 253 28.00 28.88 -18.96
N ALA B 254 28.15 29.22 -20.23
CA ALA B 254 29.37 29.90 -20.69
C ALA B 254 29.69 31.10 -19.81
N ILE B 255 28.66 31.72 -19.24
CA ILE B 255 28.91 32.71 -18.20
C ILE B 255 29.67 32.10 -17.04
N VAL B 256 29.23 30.93 -16.56
CA VAL B 256 29.99 30.25 -15.52
C VAL B 256 31.39 29.90 -16.01
N LEU B 257 31.52 29.62 -17.31
CA LEU B 257 32.82 29.28 -17.84
C LEU B 257 33.77 30.46 -17.73
N LYS B 258 33.26 31.67 -18.00
CA LYS B 258 34.00 32.85 -17.57
C LYS B 258 34.28 32.79 -16.09
N ALA B 259 33.24 32.61 -15.27
CA ALA B 259 33.43 32.43 -13.84
C ALA B 259 34.37 31.29 -13.51
N CYS B 260 34.49 30.31 -14.40
CA CYS B 260 35.54 29.32 -14.31
C CYS B 260 36.92 29.92 -14.51
N GLY B 261 37.00 31.22 -14.78
CA GLY B 261 38.27 31.89 -14.75
C GLY B 261 38.89 32.03 -16.14
N ILE B 262 38.47 31.17 -17.06
CA ILE B 262 38.88 31.37 -18.44
C ILE B 262 38.14 32.59 -19.00
N LEU B 263 38.92 33.54 -19.49
CA LEU B 263 38.37 34.76 -20.04
C LEU B 263 38.23 34.72 -21.55
N SER B 264 38.59 33.61 -22.21
CA SER B 264 38.84 33.59 -23.64
C SER B 264 37.72 34.19 -24.47
N ASP B 265 36.49 33.68 -24.34
CA ASP B 265 35.36 34.10 -25.17
C ASP B 265 35.63 33.73 -26.62
N LEU B 266 36.84 33.28 -26.91
CA LEU B 266 37.15 32.75 -28.24
C LEU B 266 37.39 31.25 -28.17
N GLU B 267 38.47 30.85 -27.50
CA GLU B 267 38.67 29.44 -27.20
C GLU B 267 37.48 28.82 -26.50
N ILE B 268 36.80 29.59 -25.65
CA ILE B 268 35.60 29.09 -25.00
C ILE B 268 34.72 28.37 -26.00
N MET B 269 34.25 29.07 -27.03
CA MET B 269 33.73 28.38 -28.19
C MET B 269 34.72 27.33 -28.68
N GLN B 270 35.87 27.77 -29.17
CA GLN B 270 36.84 26.94 -29.86
C GLN B 270 37.20 25.67 -29.10
N LEU B 271 37.17 25.70 -27.78
CA LEU B 271 37.48 24.54 -26.97
C LEU B 271 36.35 23.51 -27.07
N VAL B 272 35.17 23.83 -26.56
CA VAL B 272 34.08 22.88 -26.60
C VAL B 272 33.61 22.59 -28.01
N CYS B 273 33.91 23.47 -28.97
CA CYS B 273 33.29 23.38 -30.28
C CYS B 273 33.95 22.35 -31.20
N GLY B 274 35.13 22.68 -31.73
CA GLY B 274 35.68 21.89 -32.80
C GLY B 274 36.52 22.78 -33.69
N ASN B 275 36.71 22.39 -34.94
CA ASN B 275 37.42 23.27 -35.87
C ASN B 275 36.47 23.89 -36.89
N ASP B 276 36.01 23.12 -37.89
CA ASP B 276 35.07 23.68 -38.85
C ASP B 276 33.82 22.82 -38.83
N SER B 277 33.79 21.74 -39.61
CA SER B 277 32.75 20.68 -39.56
C SER B 277 31.37 21.31 -39.39
N SER B 278 30.68 20.88 -38.32
CA SER B 278 29.35 21.33 -37.94
C SER B 278 29.37 22.29 -36.78
N TYR B 279 29.96 21.90 -35.65
CA TYR B 279 29.74 22.45 -34.32
C TYR B 279 29.79 23.97 -34.27
N GLN B 280 30.41 24.62 -35.27
CA GLN B 280 30.69 26.05 -35.19
C GLN B 280 29.51 26.82 -34.62
N ASP B 281 28.43 26.89 -35.37
CA ASP B 281 27.23 27.64 -35.01
C ASP B 281 26.58 27.14 -33.74
N ILE B 282 26.48 25.82 -33.58
CA ILE B 282 25.55 25.20 -32.66
C ILE B 282 25.63 25.80 -31.26
N PHE B 283 26.83 25.91 -30.71
CA PHE B 283 26.99 26.45 -29.37
C PHE B 283 26.86 27.96 -29.32
N ALA B 284 27.21 28.66 -30.40
CA ALA B 284 27.43 30.10 -30.35
C ALA B 284 26.25 30.87 -29.77
N VAL B 285 25.02 30.36 -29.90
CA VAL B 285 23.86 31.08 -29.39
C VAL B 285 24.03 31.37 -27.91
N ASN B 286 24.55 30.41 -27.17
CA ASN B 286 24.94 30.66 -25.79
C ASN B 286 25.80 31.91 -25.70
N LEU B 287 26.96 31.91 -26.36
CA LEU B 287 27.84 33.07 -26.34
C LEU B 287 27.09 34.34 -26.62
N GLU B 288 26.20 34.32 -27.62
CA GLU B 288 25.32 35.45 -27.86
C GLU B 288 24.65 35.90 -26.58
N GLU B 289 23.77 35.06 -26.03
CA GLU B 289 23.10 35.43 -24.80
C GLU B 289 24.05 35.53 -23.61
N SER B 290 25.17 34.80 -23.65
CA SER B 290 26.21 35.06 -22.67
C SER B 290 26.81 36.45 -22.82
N SER B 291 26.96 36.93 -24.05
CA SER B 291 27.53 38.25 -24.28
C SER B 291 26.54 39.38 -24.00
N LYS B 292 25.26 39.18 -24.29
CA LYS B 292 24.30 40.28 -24.23
C LYS B 292 24.07 40.79 -22.81
N LEU B 293 24.58 40.11 -21.80
CA LEU B 293 24.37 40.59 -20.44
C LEU B 293 25.61 41.22 -19.86
N ASP B 294 26.61 40.41 -19.51
CA ASP B 294 27.75 40.89 -18.75
C ASP B 294 29.02 40.29 -19.31
N ILE B 295 30.12 40.50 -18.59
CA ILE B 295 31.44 40.09 -19.05
C ILE B 295 32.36 40.03 -17.83
N TYR B 296 33.61 39.62 -18.02
CA TYR B 296 34.69 39.79 -17.06
C TYR B 296 34.33 39.38 -15.63
N THR B 297 34.26 38.09 -15.41
CA THR B 297 33.63 37.46 -14.24
C THR B 297 34.12 37.99 -12.93
N GLN B 298 35.25 38.71 -12.90
CA GLN B 298 36.05 38.84 -11.68
C GLN B 298 35.28 39.30 -10.46
N GLN B 299 34.32 40.20 -10.64
CA GLN B 299 33.16 40.43 -9.83
C GLN B 299 31.87 39.99 -10.53
N GLN B 300 31.45 40.80 -11.49
CA GLN B 300 30.24 40.56 -12.26
C GLN B 300 29.75 39.11 -12.21
N ALA B 301 30.22 38.31 -13.15
CA ALA B 301 29.83 36.89 -13.24
C ALA B 301 29.94 36.16 -11.90
N LEU B 302 31.15 36.13 -11.35
CA LEU B 302 31.38 35.45 -10.08
C LEU B 302 30.35 35.85 -9.05
N GLU B 303 30.32 37.13 -8.68
CA GLU B 303 29.30 37.61 -7.75
C GLU B 303 27.94 37.68 -8.43
N TYR B 304 27.84 37.34 -9.71
CA TYR B 304 26.53 36.98 -10.23
C TYR B 304 26.12 35.62 -9.67
N ILE B 305 27.09 34.74 -9.45
CA ILE B 305 26.77 33.47 -8.81
C ILE B 305 26.61 33.66 -7.31
N GLY B 306 27.51 34.41 -6.68
CA GLY B 306 27.36 34.71 -5.28
C GLY B 306 26.14 35.57 -5.04
N ALA B 307 25.67 36.20 -6.12
CA ALA B 307 24.45 37.00 -6.07
C ALA B 307 23.21 36.13 -6.20
N LYS B 308 23.22 35.14 -7.06
CA LYS B 308 22.14 34.18 -7.18
C LYS B 308 22.66 32.82 -6.73
N VAL B 309 22.22 32.42 -5.54
CA VAL B 309 22.75 31.25 -4.84
C VAL B 309 22.01 31.13 -3.52
N LYS B 310 22.05 29.94 -2.94
CA LYS B 310 21.49 29.83 -1.60
C LYS B 310 22.43 30.51 -0.60
N THR B 311 21.84 30.97 0.49
CA THR B 311 22.58 31.70 1.52
C THR B 311 23.55 30.78 2.24
N MET B 312 24.51 31.40 2.93
CA MET B 312 25.50 30.70 3.74
C MET B 312 24.88 29.92 4.90
N ARG B 313 23.56 30.04 5.10
CA ARG B 313 22.88 29.44 6.24
C ARG B 313 23.43 30.01 7.54
N ARG B 314 23.13 31.28 7.76
CA ARG B 314 23.54 32.01 8.95
C ARG B 314 25.06 32.00 9.12
N GLN B 315 25.53 31.37 10.20
CA GLN B 315 26.89 31.56 10.68
C GLN B 315 27.92 31.37 9.56
N LYS B 316 28.97 32.18 9.62
CA LYS B 316 30.05 32.22 8.63
C LYS B 316 29.51 32.69 7.28
N LEU B 317 28.54 33.59 7.37
CA LEU B 317 28.20 34.50 6.28
C LEU B 317 29.09 35.73 6.31
N THR B 318 30.04 35.80 7.24
CA THR B 318 31.09 36.80 7.16
C THR B 318 31.74 36.80 5.79
N ILE B 319 31.71 35.68 5.09
CA ILE B 319 32.20 35.52 3.74
C ILE B 319 31.27 36.21 2.74
N LEU B 320 30.17 36.80 3.22
CA LEU B 320 29.34 37.56 2.28
C LEU B 320 30.24 38.58 1.60
N GLN B 321 30.35 38.47 0.28
CA GLN B 321 31.36 39.16 -0.50
C GLN B 321 30.95 39.18 -1.96
N GLU B 322 31.86 39.65 -2.81
CA GLU B 322 31.84 39.21 -4.20
C GLU B 322 32.45 37.82 -4.32
N GLY B 323 33.41 37.50 -3.46
CA GLY B 323 34.03 36.20 -3.46
C GLY B 323 33.35 35.24 -2.52
N ILE B 324 32.14 35.59 -2.10
CA ILE B 324 31.34 34.67 -1.29
C ILE B 324 31.19 33.39 -2.12
N GLU B 325 30.83 33.54 -3.38
CA GLU B 325 30.83 32.41 -4.30
C GLU B 325 32.21 31.85 -4.67
N ALA B 326 33.18 32.74 -4.89
CA ALA B 326 34.53 32.30 -5.20
C ALA B 326 35.14 31.19 -4.37
N ILE B 327 34.84 31.15 -3.07
CA ILE B 327 35.04 29.93 -2.30
C ILE B 327 34.27 28.78 -2.92
N ALA B 328 32.94 28.85 -2.90
CA ALA B 328 32.14 27.72 -3.35
C ALA B 328 32.20 27.53 -4.86
N THR B 329 32.73 28.50 -5.60
CA THR B 329 32.95 28.29 -7.02
C THR B 329 33.73 27.01 -7.27
N THR B 330 34.85 26.84 -6.57
CA THR B 330 35.47 25.53 -6.47
C THR B 330 34.53 24.48 -5.94
N VAL B 331 34.09 24.58 -4.69
CA VAL B 331 33.23 23.52 -4.17
C VAL B 331 31.76 23.93 -4.25
N ILE B 332 31.11 23.48 -5.32
CA ILE B 332 29.67 23.34 -5.39
C ILE B 332 29.28 22.04 -6.07
N ALA B 333 29.57 21.91 -7.35
CA ALA B 333 29.35 20.68 -8.10
C ALA B 333 30.41 19.65 -7.72
N HIS B 334 31.67 19.96 -7.99
CA HIS B 334 32.73 18.97 -7.89
C HIS B 334 33.62 19.17 -6.67
N LEU B 335 33.56 18.20 -5.77
CA LEU B 335 34.70 17.91 -4.93
C LEU B 335 35.84 17.32 -5.74
N THR B 336 35.56 16.96 -6.99
CA THR B 336 36.46 16.15 -7.80
C THR B 336 37.82 16.81 -7.96
N VAL B 337 37.87 18.13 -8.09
CA VAL B 337 39.12 18.80 -8.40
C VAL B 337 39.46 19.93 -7.43
N GLU B 338 38.63 20.97 -7.36
CA GLU B 338 38.87 22.09 -6.46
C GLU B 338 40.22 22.75 -6.78
N ALA B 339 41.21 22.58 -5.90
CA ALA B 339 42.49 23.29 -5.94
C ALA B 339 42.31 24.79 -5.83
N LEU B 340 43.09 25.55 -6.60
CA LEU B 340 43.18 26.99 -6.40
C LEU B 340 42.84 27.83 -7.63
N ASP B 341 43.65 27.80 -8.69
CA ASP B 341 43.13 28.37 -9.92
C ASP B 341 42.25 27.32 -10.60
N PHE B 342 41.50 27.74 -11.61
CA PHE B 342 40.37 26.93 -12.03
C PHE B 342 40.59 26.15 -13.32
N ARG B 343 41.73 26.33 -14.00
CA ARG B 343 41.83 25.88 -15.38
C ARG B 343 41.60 24.38 -15.50
N GLU B 344 42.05 23.62 -14.51
CA GLU B 344 41.68 22.21 -14.43
C GLU B 344 40.17 22.04 -14.39
N LYS B 345 39.54 22.44 -13.28
CA LYS B 345 38.10 22.36 -13.15
C LYS B 345 37.37 22.99 -14.32
N ALA B 346 37.78 24.21 -14.68
CA ALA B 346 37.19 24.89 -15.82
C ALA B 346 37.15 23.98 -17.05
N LEU B 347 38.32 23.60 -17.55
CA LEU B 347 38.37 22.82 -18.77
C LEU B 347 37.67 21.49 -18.60
N TYR B 348 37.59 20.97 -17.37
CA TYR B 348 36.76 19.79 -17.14
C TYR B 348 35.31 20.06 -17.48
N ILE B 349 34.72 21.07 -16.83
CA ILE B 349 33.35 21.46 -17.13
C ILE B 349 33.17 21.67 -18.62
N ALA B 350 34.10 22.39 -19.24
CA ALA B 350 34.06 22.57 -20.68
C ALA B 350 33.97 21.22 -21.39
N MET B 351 34.79 20.27 -21.00
CA MET B 351 34.73 18.95 -21.61
C MET B 351 33.36 18.33 -21.44
N MET B 352 32.73 18.54 -20.29
CA MET B 352 31.35 18.11 -20.15
C MET B 352 30.47 18.76 -21.20
N THR B 353 30.61 20.06 -21.39
CA THR B 353 29.85 20.75 -22.43
C THR B 353 30.09 20.15 -23.81
N ARG B 354 31.34 19.79 -24.10
CA ARG B 354 31.68 19.21 -25.40
C ARG B 354 30.77 18.04 -25.72
N ARG B 355 30.90 16.94 -25.00
CA ARG B 355 30.14 15.73 -25.31
C ARG B 355 28.65 15.98 -25.42
N VAL B 356 28.10 16.92 -24.67
CA VAL B 356 26.66 17.11 -24.66
C VAL B 356 26.21 17.89 -25.88
N VAL B 357 27.02 18.85 -26.32
CA VAL B 357 26.68 19.50 -27.57
C VAL B 357 26.98 18.58 -28.75
N MET B 358 27.91 17.64 -28.58
CA MET B 358 28.27 16.71 -29.65
C MET B 358 27.08 15.91 -30.14
N ALA B 359 26.51 15.06 -29.30
CA ALA B 359 25.29 14.37 -29.72
C ALA B 359 24.05 15.22 -29.57
N MET B 360 24.15 16.36 -28.86
CA MET B 360 23.08 17.33 -28.95
C MET B 360 22.92 17.80 -30.39
N TYR B 361 23.99 17.70 -31.17
CA TYR B 361 23.89 17.84 -32.62
C TYR B 361 23.05 16.72 -33.22
N ASN B 362 23.40 15.48 -32.94
CA ASN B 362 22.70 14.36 -33.56
C ASN B 362 22.48 13.25 -32.55
N PRO B 363 21.32 12.60 -32.59
CA PRO B 363 21.05 11.50 -31.65
C PRO B 363 22.00 10.33 -31.82
N LYS B 364 21.71 9.25 -31.10
CA LYS B 364 22.68 8.21 -30.82
C LYS B 364 23.87 8.91 -30.18
N MET B 365 25.09 8.45 -30.47
CA MET B 365 26.32 9.10 -30.01
C MET B 365 26.23 9.51 -28.55
N ILE B 366 25.51 8.72 -27.76
CA ILE B 366 25.31 9.01 -26.34
C ILE B 366 25.53 7.75 -25.54
N ASP B 367 25.93 7.96 -24.29
CA ASP B 367 26.14 6.87 -23.36
C ASP B 367 24.79 6.44 -22.80
N ASP B 368 24.56 5.14 -22.78
CA ASP B 368 23.39 4.57 -22.14
C ASP B 368 23.84 3.75 -20.95
N ARG B 369 22.95 3.61 -19.97
CA ARG B 369 23.30 2.76 -18.84
C ARG B 369 22.86 1.34 -19.19
N ASP B 370 23.83 0.60 -19.71
CA ASP B 370 23.63 -0.80 -20.07
C ASP B 370 24.89 -1.53 -19.68
N TYR B 371 25.98 -1.18 -20.36
CA TYR B 371 27.28 -1.79 -20.13
C TYR B 371 27.72 -1.55 -18.70
N VAL B 372 28.51 -2.49 -18.19
CA VAL B 372 28.89 -2.48 -16.79
C VAL B 372 29.73 -1.25 -16.45
N GLY B 373 30.54 -0.76 -17.39
CA GLY B 373 31.44 0.33 -17.12
C GLY B 373 30.77 1.54 -16.48
N ASN B 374 29.49 1.74 -16.74
CA ASN B 374 28.75 2.81 -16.07
C ASN B 374 28.01 2.32 -14.83
N LYS B 375 28.17 1.06 -14.45
CA LYS B 375 27.58 0.55 -13.22
C LYS B 375 28.70 -0.13 -12.44
N ARG B 376 29.11 0.45 -11.33
CA ARG B 376 30.17 -0.12 -10.51
C ARG B 376 29.57 -0.57 -9.19
N LEU B 377 29.47 -1.88 -9.02
CA LEU B 377 29.00 -2.43 -7.76
C LEU B 377 30.09 -2.24 -6.71
N GLU B 378 29.70 -2.30 -5.45
CA GLU B 378 30.63 -2.14 -4.35
C GLU B 378 30.36 -3.21 -3.31
N LEU B 379 31.39 -3.98 -2.99
CA LEU B 379 31.23 -5.19 -2.20
C LEU B 379 30.93 -4.87 -0.73
N ALA B 380 30.78 -5.94 0.04
CA ALA B 380 30.34 -5.88 1.43
C ALA B 380 31.24 -5.00 2.30
N GLY B 381 32.55 -5.19 2.25
CA GLY B 381 33.42 -4.53 3.21
C GLY B 381 33.20 -3.03 3.27
N GLN B 382 33.31 -2.37 2.11
CA GLN B 382 33.11 -0.93 2.07
C GLN B 382 31.81 -0.49 2.71
N LEU B 383 30.73 -1.23 2.49
CA LEU B 383 29.46 -0.85 3.07
C LEU B 383 29.55 -0.85 4.59
N ILE B 384 30.13 -1.90 5.17
CA ILE B 384 30.32 -1.92 6.61
C ILE B 384 31.07 -0.73 7.21
N SER B 385 32.12 -0.26 6.55
CA SER B 385 32.75 0.97 7.02
C SER B 385 31.86 2.22 6.92
N LEU B 386 31.30 2.44 5.73
CA LEU B 386 30.42 3.60 5.53
C LEU B 386 29.44 3.60 6.69
N LEU B 387 28.76 2.49 6.91
CA LEU B 387 27.83 2.39 8.01
C LEU B 387 28.51 2.62 9.35
N PHE B 388 29.51 1.80 9.64
CA PHE B 388 30.24 1.86 10.90
C PHE B 388 30.65 3.29 11.23
N GLU B 389 31.50 3.90 10.38
CA GLU B 389 32.09 5.18 10.72
C GLU B 389 31.04 6.20 11.12
N ASP B 390 29.82 6.08 10.60
CA ASP B 390 28.79 7.02 11.00
C ASP B 390 28.18 6.61 12.32
N LEU B 391 28.05 5.30 12.54
CA LEU B 391 27.67 4.87 13.88
C LEU B 391 28.64 5.42 14.92
N PHE B 392 29.91 5.01 14.85
CA PHE B 392 30.96 5.53 15.71
C PHE B 392 31.00 7.05 15.73
N LYS B 393 30.64 7.68 14.61
CA LYS B 393 30.47 9.13 14.56
C LYS B 393 29.48 9.59 15.62
N LYS B 394 28.22 9.16 15.51
CA LYS B 394 27.22 9.49 16.51
C LYS B 394 27.72 9.17 17.91
N PHE B 395 28.41 8.03 18.06
CA PHE B 395 29.01 7.68 19.33
C PHE B 395 29.86 8.81 19.88
N ASN B 396 30.95 9.15 19.21
CA ASN B 396 31.83 10.21 19.70
C ASN B 396 31.06 11.50 19.96
N ASN B 397 30.25 11.91 18.99
CA ASN B 397 29.49 13.15 19.12
C ASN B 397 28.76 13.19 20.45
N ASP B 398 28.00 12.15 20.76
CA ASP B 398 27.31 12.13 22.03
C ASP B 398 28.27 11.92 23.20
N PHE B 399 29.47 11.42 22.95
CA PHE B 399 30.41 11.23 24.05
C PHE B 399 30.94 12.56 24.55
N LYS B 400 31.12 13.51 23.63
CA LYS B 400 31.25 14.90 24.04
C LYS B 400 30.18 15.27 25.05
N LEU B 401 28.91 15.16 24.65
CA LEU B 401 27.80 15.43 25.57
C LEU B 401 27.96 14.68 26.88
N SER B 402 28.50 13.47 26.85
CA SER B 402 28.77 12.75 28.08
C SER B 402 29.72 13.52 28.97
N ILE B 403 30.97 13.71 28.53
CA ILE B 403 31.94 14.40 29.38
C ILE B 403 31.50 15.82 29.72
N ASP B 404 30.59 16.39 28.93
CA ASP B 404 29.99 17.66 29.31
C ASP B 404 29.50 17.66 30.75
N LYS B 405 28.52 16.81 31.06
CA LYS B 405 27.95 16.81 32.40
C LYS B 405 29.02 16.55 33.45
N VAL B 406 30.15 15.95 33.08
CA VAL B 406 31.28 15.98 33.99
C VAL B 406 31.74 17.40 34.22
N LEU B 407 32.00 18.16 33.16
CA LEU B 407 32.63 19.46 33.34
C LEU B 407 31.64 20.59 33.58
N LYS B 408 30.35 20.30 33.69
CA LYS B 408 29.39 21.32 34.12
C LYS B 408 29.79 21.90 35.46
N LYS B 409 29.70 21.08 36.50
CA LYS B 409 29.79 21.57 37.87
C LYS B 409 31.11 21.12 38.48
N PRO B 410 32.08 22.02 38.67
CA PRO B 410 33.41 21.59 39.09
C PRO B 410 33.58 21.43 40.59
N ASN B 411 32.86 20.48 41.19
CA ASN B 411 33.05 20.15 42.60
C ASN B 411 34.43 19.51 42.74
N ARG B 412 35.20 19.97 43.72
CA ARG B 412 36.56 19.51 44.00
C ARG B 412 37.38 19.36 42.73
N ALA B 413 38.12 18.27 42.59
CA ALA B 413 38.93 18.03 41.39
C ALA B 413 38.40 16.79 40.69
N MET B 414 37.79 16.99 39.52
CA MET B 414 37.19 15.90 38.76
C MET B 414 38.09 15.59 37.57
N GLU B 415 38.75 14.43 37.63
CA GLU B 415 39.29 13.89 36.39
C GLU B 415 38.75 12.49 36.15
N TYR B 416 39.37 11.49 36.77
CA TYR B 416 38.80 10.16 36.93
C TYR B 416 38.40 9.58 35.57
N ASP B 417 39.00 10.20 34.55
CA ASP B 417 39.07 9.85 33.13
C ASP B 417 37.71 9.84 32.47
N ALA B 418 36.64 9.65 33.24
CA ALA B 418 35.31 9.38 32.70
C ALA B 418 35.36 8.38 31.56
N LEU B 419 36.33 7.46 31.58
CA LEU B 419 36.45 6.45 30.54
C LEU B 419 35.44 5.35 30.66
N LEU B 420 35.44 4.59 31.74
CA LEU B 420 34.50 3.49 31.88
C LEU B 420 33.06 3.90 31.56
N SER B 421 32.76 5.19 31.59
CA SER B 421 31.58 5.72 30.94
C SER B 421 31.45 5.48 29.44
N ILE B 422 32.53 5.09 28.76
CA ILE B 422 32.35 4.58 27.41
C ILE B 422 31.50 3.31 27.39
N ASN B 423 31.58 2.48 28.43
CA ASN B 423 30.75 1.29 28.52
C ASN B 423 29.30 1.74 28.41
N VAL B 424 28.83 2.53 29.37
CA VAL B 424 27.46 3.00 29.36
C VAL B 424 27.11 3.66 28.05
N HIS B 425 28.06 4.30 27.40
CA HIS B 425 27.78 5.02 26.17
C HIS B 425 28.14 4.16 24.95
N SER B 426 28.57 2.93 25.19
CA SER B 426 29.07 2.09 24.12
C SER B 426 27.92 1.45 23.34
N ASN B 427 28.25 0.51 22.47
CA ASN B 427 27.43 -0.62 22.02
C ASN B 427 26.15 -0.20 21.30
N ASN B 428 25.79 1.08 21.38
CA ASN B 428 25.01 1.62 20.29
C ASN B 428 25.75 1.43 18.99
N ILE B 429 27.08 1.58 19.03
CA ILE B 429 27.94 1.09 17.97
C ILE B 429 27.81 -0.42 17.79
N THR B 430 27.86 -1.20 18.85
CA THR B 430 27.86 -2.67 18.72
C THR B 430 26.43 -3.16 18.52
N SER B 431 25.63 -3.15 19.59
CA SER B 431 24.30 -3.74 19.52
C SER B 431 23.47 -3.07 18.44
N GLY B 432 23.56 -1.75 18.33
CA GLY B 432 22.92 -1.09 17.21
C GLY B 432 23.34 -1.65 15.88
N LEU B 433 24.61 -1.99 15.72
CA LEU B 433 25.06 -2.56 14.46
C LEU B 433 24.46 -3.93 14.23
N ASN B 434 24.40 -4.76 15.27
CA ASN B 434 23.62 -5.99 15.19
C ASN B 434 22.23 -5.72 14.66
N ARG B 435 21.46 -4.90 15.38
CA ARG B 435 20.11 -4.58 14.95
C ARG B 435 20.08 -4.17 13.49
N ALA B 436 21.08 -3.41 13.06
CA ALA B 436 21.18 -3.03 11.66
C ALA B 436 21.29 -4.25 10.75
N ILE B 437 22.41 -4.96 10.81
CA ILE B 437 22.65 -6.05 9.90
C ILE B 437 21.54 -7.10 9.94
N SER B 438 20.83 -7.22 11.04
CA SER B 438 19.68 -8.11 11.09
C SER B 438 18.47 -7.50 10.44
N THR B 439 18.31 -6.19 10.57
CA THR B 439 17.17 -5.51 9.97
C THR B 439 17.11 -5.76 8.48
N GLY B 440 18.12 -5.29 7.75
CA GLY B 440 18.05 -5.16 6.32
C GLY B 440 17.85 -3.74 5.85
N ASN B 441 17.87 -2.78 6.77
CA ASN B 441 17.65 -1.38 6.45
C ASN B 441 18.78 -0.59 7.12
N TRP B 442 19.45 0.26 6.35
CA TRP B 442 20.55 1.05 6.88
C TRP B 442 20.16 2.52 6.96
N SER B 443 20.37 3.11 8.14
CA SER B 443 20.12 4.53 8.35
C SER B 443 21.46 5.23 8.47
N LEU B 444 21.76 6.10 7.52
CA LEU B 444 22.99 6.88 7.52
C LEU B 444 22.62 8.30 7.93
N LYS B 445 23.00 8.69 9.15
CA LYS B 445 22.67 10.02 9.65
C LYS B 445 23.67 11.08 9.23
N ARG B 446 24.75 10.70 8.55
CA ARG B 446 25.62 11.71 7.95
C ARG B 446 25.00 12.27 6.67
N PHE B 447 24.56 11.39 5.76
CA PHE B 447 23.97 11.79 4.50
C PHE B 447 22.45 11.89 4.56
N LYS B 448 21.84 11.41 5.65
CA LYS B 448 20.38 11.29 5.74
C LYS B 448 19.84 10.42 4.61
N MET B 449 20.68 9.50 4.12
CA MET B 449 20.31 8.62 3.01
C MET B 449 20.12 7.21 3.56
N GLU B 450 19.00 6.60 3.18
CA GLU B 450 18.56 5.33 3.76
C GLU B 450 18.29 4.33 2.66
N ARG B 451 19.03 3.24 2.64
CA ARG B 451 18.83 2.15 1.69
C ARG B 451 18.21 0.97 2.41
N ALA B 452 17.39 0.20 1.71
CA ALA B 452 16.60 -0.87 2.28
C ALA B 452 16.88 -2.19 1.58
N GLY B 453 16.50 -3.29 2.22
CA GLY B 453 16.71 -4.61 1.67
C GLY B 453 18.17 -4.87 1.41
N VAL B 454 19.01 -4.58 2.40
CA VAL B 454 20.45 -4.61 2.22
C VAL B 454 21.00 -6.01 2.50
N THR B 455 20.20 -6.86 3.14
CA THR B 455 20.66 -8.19 3.53
C THR B 455 19.55 -9.22 3.34
N HIS B 456 19.87 -10.48 3.66
CA HIS B 456 18.90 -11.55 3.53
C HIS B 456 19.20 -12.68 4.52
N VAL B 457 18.20 -13.53 4.73
CA VAL B 457 18.45 -14.82 5.36
C VAL B 457 19.15 -15.73 4.36
N LEU B 458 20.22 -16.36 4.78
CA LEU B 458 20.91 -17.29 3.89
C LEU B 458 19.95 -18.41 3.56
N SER B 459 19.89 -18.78 2.28
CA SER B 459 18.98 -19.82 1.86
C SER B 459 19.66 -21.18 1.87
N ARG B 460 19.23 -22.05 2.79
CA ARG B 460 19.68 -23.44 2.76
C ARG B 460 18.49 -24.30 2.41
N LEU B 461 18.32 -24.61 1.14
CA LEU B 461 17.52 -25.74 0.73
C LEU B 461 18.36 -26.89 0.22
N SER B 462 19.66 -26.69 0.08
CA SER B 462 20.53 -27.62 -0.64
C SER B 462 21.95 -27.35 -0.17
N TYR B 463 22.91 -27.94 -0.88
CA TYR B 463 24.21 -27.31 -0.88
C TYR B 463 24.29 -26.19 -1.89
N ILE B 464 23.67 -26.38 -3.06
CA ILE B 464 23.78 -25.35 -4.09
C ILE B 464 23.22 -24.03 -3.60
N SER B 465 22.04 -24.06 -2.99
CA SER B 465 21.40 -22.85 -2.51
C SER B 465 22.32 -21.98 -1.68
N ALA B 466 23.15 -22.58 -0.83
CA ALA B 466 24.02 -21.80 0.04
C ALA B 466 24.87 -20.81 -0.76
N LEU B 467 25.80 -21.31 -1.54
CA LEU B 467 26.58 -20.45 -2.41
C LEU B 467 25.74 -19.84 -3.52
N GLY B 468 24.50 -20.27 -3.67
CA GLY B 468 23.63 -19.79 -4.72
C GLY B 468 23.18 -18.36 -4.52
N MET B 469 22.56 -18.08 -3.38
CA MET B 469 22.17 -16.70 -3.11
C MET B 469 23.38 -15.85 -2.77
N MET B 470 24.42 -16.44 -2.20
CA MET B 470 25.71 -15.80 -2.28
C MET B 470 26.10 -15.66 -3.74
N THR B 471 26.88 -14.63 -4.02
CA THR B 471 27.21 -14.31 -5.41
C THR B 471 25.93 -14.03 -6.19
N ARG B 472 25.00 -13.30 -5.59
CA ARG B 472 23.85 -12.76 -6.29
C ARG B 472 23.90 -11.25 -6.19
N ILE B 473 23.22 -10.57 -7.10
CA ILE B 473 23.43 -9.15 -7.32
C ILE B 473 22.08 -8.45 -7.38
N SER B 474 21.85 -7.53 -6.45
CA SER B 474 20.62 -6.75 -6.39
C SER B 474 20.83 -5.43 -7.10
N SER B 475 19.79 -4.93 -7.75
CA SER B 475 19.81 -3.60 -8.32
C SER B 475 18.87 -2.68 -7.56
N GLN B 476 18.78 -1.44 -8.02
CA GLN B 476 18.06 -0.42 -7.28
C GLN B 476 17.82 0.78 -8.20
N PHE B 477 17.13 1.78 -7.69
CA PHE B 477 16.93 3.09 -8.33
C PHE B 477 16.27 2.88 -9.69
N GLU B 478 16.73 3.53 -10.75
CA GLU B 478 16.13 3.43 -12.08
C GLU B 478 14.72 4.00 -12.12
N LYS B 479 14.43 4.94 -11.20
CA LYS B 479 13.15 5.66 -11.09
C LYS B 479 12.02 4.63 -11.00
N SER B 480 10.88 4.86 -11.65
CA SER B 480 9.80 3.89 -11.61
C SER B 480 10.12 2.73 -12.55
N ARG B 481 9.24 1.74 -12.62
CA ARG B 481 9.51 0.51 -13.34
C ARG B 481 9.34 0.63 -14.85
N LYS B 482 8.41 1.47 -15.31
CA LYS B 482 7.97 1.41 -16.70
C LYS B 482 9.02 1.90 -17.68
N VAL B 483 10.04 2.63 -17.20
CA VAL B 483 11.19 2.93 -18.05
C VAL B 483 11.77 1.62 -18.56
N SER B 484 12.05 1.57 -19.85
CA SER B 484 12.48 0.33 -20.48
C SER B 484 13.96 0.02 -20.26
N GLY B 485 14.68 0.89 -19.56
CA GLY B 485 16.08 0.67 -19.26
C GLY B 485 16.34 -0.63 -18.53
N PRO B 486 15.71 -0.85 -17.37
CA PRO B 486 15.94 -2.09 -16.63
C PRO B 486 15.29 -3.30 -17.27
N ARG B 487 15.63 -3.58 -18.53
CA ARG B 487 14.99 -4.69 -19.22
C ARG B 487 16.00 -5.60 -19.90
N ALA B 488 16.65 -5.08 -20.94
CA ALA B 488 17.43 -5.88 -21.86
C ALA B 488 18.71 -6.40 -21.20
N LEU B 489 19.18 -7.53 -21.73
CA LEU B 489 20.42 -8.17 -21.31
C LEU B 489 21.41 -8.10 -22.46
N GLN B 490 22.46 -7.27 -22.29
CA GLN B 490 23.34 -6.70 -23.30
C GLN B 490 24.50 -7.62 -23.66
N PRO B 491 25.11 -7.37 -24.83
CA PRO B 491 26.29 -8.14 -25.23
C PRO B 491 27.49 -7.97 -24.31
N SER B 492 27.75 -6.75 -23.83
CA SER B 492 28.90 -6.53 -22.95
C SER B 492 28.85 -7.38 -21.70
N GLN B 493 27.69 -7.94 -21.38
CA GLN B 493 27.49 -8.81 -20.25
C GLN B 493 28.25 -10.13 -20.39
N PHE B 494 28.87 -10.38 -21.54
CA PHE B 494 29.55 -11.64 -21.80
C PHE B 494 30.60 -11.94 -20.74
N GLY B 495 30.44 -13.09 -20.09
CA GLY B 495 31.48 -13.68 -19.28
C GLY B 495 31.67 -12.99 -17.95
N MET B 496 31.16 -11.77 -17.84
CA MET B 496 31.29 -11.01 -16.61
C MET B 496 30.02 -11.07 -15.77
N LEU B 497 28.98 -11.69 -16.30
CA LEU B 497 27.73 -11.96 -15.59
C LEU B 497 27.16 -13.25 -16.13
N CYS B 498 26.46 -13.99 -15.27
CA CYS B 498 25.91 -15.28 -15.67
C CYS B 498 24.93 -15.06 -16.81
N THR B 499 25.10 -15.81 -17.89
CA THR B 499 24.24 -15.73 -19.06
C THR B 499 22.98 -16.57 -18.91
N ALA B 500 22.81 -17.21 -17.76
CA ALA B 500 21.70 -18.13 -17.55
C ALA B 500 20.62 -17.57 -16.63
N ASP B 501 20.86 -17.53 -15.33
CA ASP B 501 19.81 -17.15 -14.39
C ASP B 501 19.76 -15.65 -14.23
N THR B 502 18.61 -15.08 -14.60
CA THR B 502 18.25 -13.72 -14.21
C THR B 502 16.77 -13.76 -13.91
N PRO B 503 16.39 -14.34 -12.77
CA PRO B 503 14.97 -14.68 -12.55
C PRO B 503 14.08 -13.46 -12.44
N GLU B 504 12.80 -13.76 -12.23
CA GLU B 504 11.70 -12.80 -12.35
C GLU B 504 11.42 -12.06 -11.07
N GLY B 505 12.29 -12.16 -10.07
CA GLY B 505 12.07 -11.57 -8.77
C GLY B 505 12.32 -10.07 -8.78
N GLU B 506 12.18 -9.46 -9.96
CA GLU B 506 12.56 -8.07 -10.23
C GLU B 506 12.14 -7.14 -9.09
N ALA B 507 10.84 -6.88 -8.96
CA ALA B 507 10.32 -6.12 -7.84
C ALA B 507 11.05 -4.79 -7.67
N CYS B 508 11.79 -4.66 -6.57
CA CYS B 508 12.49 -3.41 -6.26
C CYS B 508 13.88 -3.37 -6.87
N GLY B 509 14.23 -4.36 -7.69
CA GLY B 509 15.58 -4.43 -8.23
C GLY B 509 15.75 -5.40 -9.39
N LEU B 510 17.00 -5.76 -9.66
CA LEU B 510 17.32 -6.71 -10.71
C LEU B 510 18.43 -7.62 -10.20
N VAL B 511 18.18 -8.93 -10.28
CA VAL B 511 19.10 -9.94 -9.76
C VAL B 511 20.00 -10.43 -10.89
N LYS B 512 21.30 -10.44 -10.63
CA LYS B 512 22.28 -10.97 -11.58
C LYS B 512 23.27 -11.84 -10.80
N ASN B 513 24.21 -12.44 -11.51
CA ASN B 513 25.18 -13.30 -10.87
C ASN B 513 26.55 -13.14 -11.49
N LEU B 514 27.58 -13.27 -10.66
CA LEU B 514 28.93 -13.32 -11.16
C LEU B 514 29.16 -14.63 -11.89
N ALA B 515 30.13 -14.62 -12.79
CA ALA B 515 30.58 -15.85 -13.40
C ALA B 515 31.48 -16.58 -12.41
N LEU B 516 32.01 -17.74 -12.80
CA LEU B 516 33.06 -18.33 -11.97
C LEU B 516 34.20 -17.37 -11.75
N MET B 517 34.91 -16.99 -12.80
CA MET B 517 36.06 -16.12 -12.64
C MET B 517 35.57 -14.71 -12.85
N THR B 518 35.40 -13.99 -11.76
CA THR B 518 35.24 -12.54 -11.76
C THR B 518 36.01 -12.08 -10.55
N HIS B 519 36.99 -11.23 -10.77
CA HIS B 519 37.61 -10.54 -9.64
C HIS B 519 37.01 -9.16 -9.63
N ILE B 520 36.68 -8.66 -8.44
CA ILE B 520 36.26 -7.29 -8.34
C ILE B 520 37.39 -6.47 -7.74
N THR B 521 38.02 -5.66 -8.57
CA THR B 521 39.22 -4.95 -8.14
C THR B 521 38.83 -3.79 -7.24
N THR B 522 39.40 -3.76 -6.06
CA THR B 522 39.17 -2.66 -5.15
C THR B 522 39.94 -1.44 -5.65
N ASP B 523 39.75 -0.32 -4.95
CA ASP B 523 40.51 0.88 -5.26
C ASP B 523 41.99 0.61 -5.11
N ASP B 524 42.80 1.24 -5.95
CA ASP B 524 44.24 1.10 -5.79
C ASP B 524 44.82 2.35 -5.13
N GLU B 525 45.00 3.39 -5.94
CA GLU B 525 45.59 4.64 -5.46
C GLU B 525 45.72 5.57 -6.66
N GLU B 526 45.90 6.84 -6.38
CA GLU B 526 45.88 7.87 -7.40
C GLU B 526 47.25 8.44 -7.74
N GLU B 527 47.89 9.18 -6.84
CA GLU B 527 49.06 9.99 -7.16
C GLU B 527 50.12 9.26 -8.00
N PRO B 528 50.48 8.02 -7.65
CA PRO B 528 51.49 7.33 -8.46
C PRO B 528 51.13 7.26 -9.93
N ILE B 529 49.87 6.96 -10.25
CA ILE B 529 49.53 6.91 -11.67
C ILE B 529 49.48 8.31 -12.24
N LYS B 530 49.09 9.30 -11.44
CA LYS B 530 49.07 10.67 -11.94
C LYS B 530 50.45 11.09 -12.39
N LYS B 531 51.38 11.27 -11.45
CA LYS B 531 52.71 11.71 -11.85
C LYS B 531 53.41 10.67 -12.70
N LEU B 532 52.94 9.43 -12.68
CA LEU B 532 53.53 8.39 -13.51
C LEU B 532 53.19 8.61 -14.97
N CYS B 533 51.94 8.93 -15.27
CA CYS B 533 51.59 9.30 -16.63
C CYS B 533 52.46 10.46 -17.10
N TYR B 534 52.66 11.44 -16.23
CA TYR B 534 53.68 12.46 -16.47
C TYR B 534 55.05 11.85 -16.71
N VAL B 535 55.39 10.75 -16.03
CA VAL B 535 56.66 10.11 -16.32
C VAL B 535 56.67 9.61 -17.75
N LEU B 536 55.51 9.24 -18.28
CA LEU B 536 55.48 9.01 -19.71
C LEU B 536 55.65 10.31 -20.49
N GLY B 537 55.52 11.45 -19.83
CA GLY B 537 55.83 12.69 -20.49
C GLY B 537 54.60 13.44 -20.94
N VAL B 538 53.44 13.04 -20.42
CA VAL B 538 52.21 13.72 -20.72
C VAL B 538 52.28 15.12 -20.12
N GLU B 539 51.58 16.03 -20.75
CA GLU B 539 51.68 17.46 -20.49
C GLU B 539 50.59 17.93 -19.54
N ASP B 540 50.95 18.88 -18.69
CA ASP B 540 49.95 19.52 -17.84
C ASP B 540 48.97 20.29 -18.71
N ILE B 541 47.72 20.35 -18.23
CA ILE B 541 46.71 21.17 -18.87
C ILE B 541 47.22 22.58 -19.10
N THR B 542 48.03 23.08 -18.17
CA THR B 542 48.46 24.47 -18.22
C THR B 542 49.42 24.72 -19.37
N LEU B 543 50.06 23.68 -19.87
CA LEU B 543 51.08 23.84 -20.91
C LEU B 543 50.49 23.76 -22.31
N ILE B 544 49.17 23.78 -22.41
CA ILE B 544 48.49 23.29 -23.59
C ILE B 544 47.89 24.46 -24.35
N ASP B 545 47.63 24.24 -25.64
CA ASP B 545 47.51 25.22 -26.70
C ASP B 545 46.16 25.91 -26.67
N SER B 546 45.40 25.77 -25.58
CA SER B 546 44.01 26.21 -25.61
C SER B 546 43.33 25.35 -26.67
N ALA B 547 43.12 25.87 -27.87
CA ALA B 547 42.64 24.95 -28.89
C ALA B 547 43.54 23.73 -28.86
N SER B 548 42.94 22.59 -28.52
CA SER B 548 43.63 21.38 -28.13
C SER B 548 43.00 20.14 -28.73
N LEU B 549 41.73 19.91 -28.39
CA LEU B 549 41.00 18.68 -28.69
C LEU B 549 41.15 18.25 -30.13
N HIS B 550 41.44 19.18 -31.03
CA HIS B 550 41.83 18.86 -32.39
C HIS B 550 42.97 17.85 -32.42
N LEU B 551 43.96 17.97 -31.55
CA LEU B 551 45.15 17.14 -31.63
C LEU B 551 44.93 15.83 -30.90
N ASN B 552 45.17 14.74 -31.60
CA ASN B 552 45.02 13.36 -31.09
C ASN B 552 43.73 13.14 -30.32
N TYR B 553 43.74 12.50 -29.15
CA TYR B 553 42.51 12.10 -28.50
C TYR B 553 42.19 12.64 -27.12
N GLY B 554 42.79 12.04 -26.09
CA GLY B 554 42.71 12.56 -24.73
C GLY B 554 43.18 11.57 -23.69
N VAL B 555 43.53 12.08 -22.52
CA VAL B 555 43.88 11.24 -21.38
C VAL B 555 42.87 11.54 -20.29
N TYR B 556 42.51 10.53 -19.52
CA TYR B 556 41.56 10.73 -18.43
C TYR B 556 41.93 9.88 -17.23
N LEU B 557 42.03 10.52 -16.07
CA LEU B 557 42.14 9.84 -14.80
C LEU B 557 40.74 9.75 -14.22
N ASN B 558 40.20 8.54 -14.17
CA ASN B 558 38.90 8.30 -13.55
C ASN B 558 37.84 9.20 -14.18
N GLY B 559 38.08 9.61 -15.42
CA GLY B 559 37.25 10.62 -16.04
C GLY B 559 37.77 12.03 -15.89
N THR B 560 39.06 12.21 -15.62
CA THR B 560 39.62 13.55 -15.48
C THR B 560 40.80 13.70 -16.41
N LEU B 561 40.69 14.64 -17.34
CA LEU B 561 41.71 14.82 -18.35
C LEU B 561 42.90 15.59 -17.80
N ILE B 562 44.08 15.33 -18.36
CA ILE B 562 45.25 16.14 -18.03
C ILE B 562 45.81 16.80 -19.28
N GLY B 563 46.58 16.04 -20.08
CA GLY B 563 47.18 16.62 -21.26
C GLY B 563 46.68 16.23 -22.64
N SER B 564 45.99 15.10 -22.77
CA SER B 564 45.78 14.50 -24.08
C SER B 564 47.09 14.44 -24.85
N ILE B 565 48.03 13.63 -24.37
CA ILE B 565 49.38 13.62 -24.92
C ILE B 565 49.34 13.19 -26.38
N ARG B 566 50.36 13.59 -27.11
CA ARG B 566 50.61 13.15 -28.47
C ARG B 566 50.89 11.64 -28.49
N PHE B 567 50.69 11.03 -29.67
CA PHE B 567 51.11 9.66 -29.93
C PHE B 567 50.41 8.64 -29.00
N PRO B 568 49.13 8.41 -29.21
CA PRO B 568 48.37 7.55 -28.29
C PRO B 568 48.78 6.09 -28.28
N THR B 569 49.04 5.51 -29.46
CA THR B 569 49.26 4.07 -29.54
C THR B 569 50.45 3.64 -28.68
N LYS B 570 51.66 4.01 -29.09
CA LYS B 570 52.86 3.60 -28.36
C LYS B 570 52.76 3.94 -26.88
N PHE B 571 52.14 5.09 -26.57
CA PHE B 571 51.73 5.38 -25.20
C PHE B 571 51.04 4.19 -24.57
N VAL B 572 49.90 3.78 -25.13
CA VAL B 572 49.13 2.69 -24.55
C VAL B 572 49.96 1.43 -24.45
N THR B 573 50.69 1.10 -25.52
CA THR B 573 51.55 -0.08 -25.50
C THR B 573 52.46 -0.08 -24.29
N GLN B 574 53.33 0.93 -24.20
CA GLN B 574 54.19 1.07 -23.04
C GLN B 574 53.45 0.95 -21.73
N PHE B 575 52.35 1.69 -21.57
CA PHE B 575 51.62 1.68 -20.31
C PHE B 575 51.14 0.28 -19.95
N ARG B 576 50.24 -0.29 -20.77
CA ARG B 576 49.77 -1.65 -20.54
C ARG B 576 50.92 -2.59 -20.28
N HIS B 577 52.02 -2.42 -21.00
CA HIS B 577 53.24 -3.16 -20.69
C HIS B 577 53.67 -2.94 -19.24
N LEU B 578 53.83 -1.69 -18.83
CA LEU B 578 54.26 -1.41 -17.47
C LEU B 578 53.37 -2.09 -16.45
N ARG B 579 52.05 -2.08 -16.68
CA ARG B 579 51.16 -2.79 -15.78
C ARG B 579 51.50 -4.28 -15.72
N ARG B 580 51.37 -4.99 -16.84
CA ARG B 580 51.68 -6.41 -16.91
C ARG B 580 53.14 -6.70 -16.54
N THR B 581 53.96 -5.66 -16.45
CA THR B 581 55.37 -5.89 -16.13
C THR B 581 55.75 -5.37 -14.75
N GLY B 582 55.91 -4.06 -14.62
CA GLY B 582 56.59 -3.54 -13.45
C GLY B 582 55.77 -2.99 -12.31
N LYS B 583 54.52 -2.60 -12.55
CA LYS B 583 53.85 -1.81 -11.52
C LYS B 583 52.35 -1.88 -11.72
N VAL B 584 51.62 -1.51 -10.67
CA VAL B 584 50.17 -1.25 -10.65
C VAL B 584 49.40 -2.36 -11.34
N SER B 585 49.59 -3.59 -10.87
CA SER B 585 49.03 -4.76 -11.53
C SER B 585 47.52 -4.79 -11.35
N GLU B 586 46.90 -5.86 -11.83
CA GLU B 586 45.45 -6.00 -11.85
C GLU B 586 44.90 -4.90 -12.74
N PHE B 587 43.94 -4.16 -12.19
CA PHE B 587 43.32 -3.01 -12.89
C PHE B 587 44.25 -1.91 -13.31
N ILE B 588 43.81 -0.65 -13.17
CA ILE B 588 44.58 0.54 -13.57
C ILE B 588 44.77 0.19 -15.03
N SER B 589 43.66 -0.11 -15.69
CA SER B 589 43.66 -0.57 -17.07
C SER B 589 43.65 0.64 -17.99
N ILE B 590 43.61 0.38 -19.29
CA ILE B 590 43.65 1.45 -20.29
C ILE B 590 42.77 1.02 -21.45
N TYR B 591 41.96 1.96 -21.93
CA TYR B 591 41.16 1.71 -23.12
C TYR B 591 40.94 3.00 -23.87
N SER B 592 40.99 2.92 -25.20
CA SER B 592 40.97 4.08 -26.06
C SER B 592 39.59 4.23 -26.72
N ASN B 593 39.45 5.29 -27.51
CA ASN B 593 38.21 5.52 -28.24
C ASN B 593 38.51 6.34 -29.48
N SER B 594 37.73 6.11 -30.53
CA SER B 594 37.82 6.88 -31.77
C SER B 594 36.73 7.93 -31.87
N HIS B 595 35.46 7.48 -31.89
CA HIS B 595 34.30 8.34 -31.97
C HIS B 595 34.45 9.51 -31.01
N GLN B 596 34.45 9.21 -29.72
CA GLN B 596 35.02 10.13 -28.75
C GLN B 596 36.54 10.02 -28.88
N MET B 597 37.22 11.13 -29.11
CA MET B 597 38.67 11.05 -29.19
C MET B 597 39.17 11.14 -27.75
N ALA B 598 39.73 10.04 -27.28
CA ALA B 598 40.22 9.95 -25.91
C ALA B 598 41.00 8.66 -25.72
N VAL B 599 41.54 8.51 -24.52
CA VAL B 599 41.89 7.22 -23.94
C VAL B 599 41.67 7.34 -22.44
N HIS B 600 41.30 6.23 -21.81
CA HIS B 600 40.90 6.27 -20.41
C HIS B 600 41.72 5.29 -19.59
N ILE B 601 42.18 5.77 -18.43
CA ILE B 601 42.84 4.96 -17.43
C ILE B 601 42.16 5.31 -16.11
N ALA B 602 41.79 4.30 -15.34
CA ALA B 602 41.14 4.53 -14.07
C ALA B 602 41.84 3.79 -12.94
N THR B 603 41.84 4.41 -11.76
CA THR B 603 42.13 3.64 -10.55
C THR B 603 40.89 3.15 -9.81
N ASP B 604 39.69 3.48 -10.28
CA ASP B 604 38.45 3.30 -9.55
C ASP B 604 38.27 1.90 -8.99
N GLY B 605 37.69 1.83 -7.80
CA GLY B 605 37.41 0.57 -7.15
C GLY B 605 36.05 0.04 -7.55
N GLY B 606 35.77 -1.17 -7.11
CA GLY B 606 34.47 -1.78 -7.33
C GLY B 606 34.20 -2.03 -8.80
N ARG B 607 35.10 -2.76 -9.45
CA ARG B 607 34.99 -2.96 -10.90
C ARG B 607 35.07 -4.45 -11.19
N ILE B 608 34.43 -4.87 -12.27
CA ILE B 608 34.44 -6.29 -12.62
C ILE B 608 35.60 -6.59 -13.54
N CYS B 609 36.33 -7.66 -13.21
CA CYS B 609 37.53 -8.03 -13.94
C CYS B 609 37.48 -9.52 -14.24
N ARG B 610 37.98 -9.89 -15.41
CA ARG B 610 38.06 -11.31 -15.76
C ARG B 610 39.43 -11.63 -16.34
N PRO B 611 39.99 -12.77 -15.99
CA PRO B 611 41.26 -13.20 -16.58
C PRO B 611 41.05 -13.80 -17.96
N LEU B 612 42.15 -13.85 -18.71
CA LEU B 612 42.31 -14.68 -19.90
C LEU B 612 43.67 -14.37 -20.50
N ILE B 613 44.01 -15.09 -21.56
CA ILE B 613 45.39 -15.16 -22.04
C ILE B 613 45.65 -14.13 -23.12
N ILE B 614 46.67 -13.31 -22.91
CA ILE B 614 47.20 -12.43 -23.95
C ILE B 614 47.88 -13.30 -25.00
N VAL B 615 47.65 -12.99 -26.26
CA VAL B 615 48.37 -13.67 -27.33
C VAL B 615 49.71 -12.97 -27.47
N SER B 616 50.78 -13.74 -27.58
CA SER B 616 52.10 -13.18 -27.87
C SER B 616 52.35 -13.32 -29.36
N ASP B 617 52.38 -12.19 -30.05
CA ASP B 617 52.42 -12.19 -31.51
C ASP B 617 51.27 -13.05 -32.03
N GLY B 618 51.60 -14.15 -32.70
CA GLY B 618 50.59 -14.98 -33.31
C GLY B 618 49.99 -16.04 -32.40
N GLN B 619 50.59 -16.27 -31.23
CA GLN B 619 50.16 -17.34 -30.35
C GLN B 619 50.19 -16.84 -28.90
N SER B 620 49.97 -17.76 -27.95
CA SER B 620 49.87 -17.35 -26.55
C SER B 620 51.25 -17.02 -25.99
N ARG B 621 51.25 -16.56 -24.74
CA ARG B 621 52.48 -16.30 -24.00
C ARG B 621 52.95 -17.51 -23.19
N VAL B 622 52.10 -18.54 -23.05
CA VAL B 622 52.42 -19.64 -22.16
C VAL B 622 53.45 -20.56 -22.80
N LYS B 623 53.45 -20.65 -24.13
CA LYS B 623 54.35 -21.53 -24.88
C LYS B 623 54.14 -23.00 -24.53
N ASP B 624 52.98 -23.30 -23.95
CA ASP B 624 52.45 -24.65 -23.85
C ASP B 624 53.31 -25.57 -22.97
N ILE B 625 54.55 -25.17 -22.70
CA ILE B 625 55.40 -25.94 -21.81
C ILE B 625 55.31 -25.42 -20.40
N HIS B 626 54.71 -24.25 -20.23
CA HIS B 626 54.77 -23.59 -18.93
C HIS B 626 53.73 -24.15 -17.99
N LEU B 627 52.75 -24.89 -18.52
CA LEU B 627 51.78 -25.55 -17.65
C LEU B 627 52.31 -26.84 -17.07
N ARG B 628 53.20 -27.54 -17.77
CA ARG B 628 54.03 -28.51 -17.08
C ARG B 628 54.78 -27.85 -15.95
N LYS B 629 55.26 -26.63 -16.18
CA LYS B 629 55.88 -25.80 -15.15
C LYS B 629 54.85 -25.29 -14.15
N LEU B 630 53.56 -25.50 -14.43
CA LEU B 630 52.47 -25.32 -13.49
C LEU B 630 52.09 -26.60 -12.75
N LEU B 631 51.62 -27.62 -13.48
CA LEU B 631 51.19 -28.86 -12.85
C LEU B 631 52.29 -29.49 -12.00
N ASP B 632 53.55 -29.12 -12.24
CA ASP B 632 54.66 -29.62 -11.44
C ASP B 632 54.46 -29.37 -9.95
N GLY B 633 53.65 -28.38 -9.60
CA GLY B 633 53.41 -28.04 -8.22
C GLY B 633 54.15 -26.80 -7.77
N GLU B 634 55.24 -26.45 -8.45
CA GLU B 634 55.78 -25.12 -8.23
C GLU B 634 55.41 -24.22 -9.39
N LEU B 635 54.33 -23.46 -9.21
CA LEU B 635 54.03 -22.32 -10.04
C LEU B 635 53.44 -21.26 -9.12
N ASP B 636 52.41 -21.70 -8.39
CA ASP B 636 51.25 -21.01 -7.82
C ASP B 636 50.40 -20.38 -8.92
N PHE B 637 49.85 -19.21 -8.66
CA PHE B 637 49.08 -18.46 -9.62
C PHE B 637 49.38 -16.99 -9.38
N ASP B 638 49.00 -16.15 -10.34
CA ASP B 638 49.47 -14.78 -10.49
C ASP B 638 50.92 -14.76 -10.94
N ASP B 639 51.61 -15.90 -10.88
CA ASP B 639 52.90 -16.04 -11.51
C ASP B 639 52.83 -15.69 -12.98
N PHE B 640 51.80 -16.14 -13.69
CA PHE B 640 51.54 -15.59 -15.01
C PHE B 640 51.52 -14.06 -14.97
N LEU B 641 50.72 -13.51 -14.06
CA LEU B 641 50.61 -12.06 -13.95
C LEU B 641 51.97 -11.43 -13.71
N LYS B 642 52.60 -11.74 -12.57
CA LYS B 642 53.89 -11.12 -12.26
C LYS B 642 54.93 -11.43 -13.32
N LEU B 643 54.89 -12.62 -13.92
CA LEU B 643 55.79 -12.91 -15.03
C LEU B 643 55.21 -12.54 -16.38
N GLY B 644 54.06 -11.88 -16.41
CA GLY B 644 53.57 -11.30 -17.63
C GLY B 644 53.05 -12.28 -18.66
N LEU B 645 52.10 -13.11 -18.26
CA LEU B 645 51.41 -13.98 -19.21
C LEU B 645 49.95 -13.56 -19.35
N VAL B 646 49.16 -13.62 -18.28
CA VAL B 646 47.75 -13.27 -18.32
C VAL B 646 47.47 -12.28 -17.20
N GLU B 647 46.31 -11.63 -17.30
CA GLU B 647 45.90 -10.71 -16.24
C GLU B 647 44.41 -10.44 -16.35
N TYR B 648 43.90 -9.66 -15.41
CA TYR B 648 42.50 -9.29 -15.33
C TYR B 648 42.18 -8.24 -16.38
N LEU B 649 40.91 -8.14 -16.76
CA LEU B 649 40.49 -7.29 -17.84
C LEU B 649 39.29 -6.44 -17.41
N ASP B 650 38.69 -5.74 -18.37
CA ASP B 650 37.52 -4.90 -18.09
C ASP B 650 36.67 -4.81 -19.34
N VAL B 651 35.39 -4.48 -19.18
CA VAL B 651 34.48 -4.31 -20.31
C VAL B 651 35.09 -3.36 -21.33
N ASN B 652 35.26 -2.10 -20.95
CA ASN B 652 35.92 -1.12 -21.80
C ASN B 652 37.25 -1.64 -22.32
N GLU B 653 38.10 -2.10 -21.41
CA GLU B 653 39.34 -2.74 -21.78
C GLU B 653 39.11 -3.77 -22.86
N GLU B 654 38.40 -4.85 -22.54
CA GLU B 654 38.19 -5.88 -23.54
C GLU B 654 37.44 -5.35 -24.75
N ASN B 655 36.62 -4.32 -24.57
CA ASN B 655 35.99 -3.69 -25.72
C ASN B 655 37.06 -3.15 -26.68
N ASP B 656 38.21 -2.77 -26.14
CA ASP B 656 39.31 -2.45 -27.03
C ASP B 656 39.95 -3.70 -27.61
N SER B 657 40.27 -4.68 -26.78
CA SER B 657 41.11 -5.80 -27.20
C SER B 657 40.35 -6.74 -28.13
N TYR B 658 41.03 -7.76 -28.62
CA TYR B 658 40.46 -8.69 -29.59
C TYR B 658 40.81 -10.11 -29.11
N ILE B 659 39.77 -10.89 -28.82
CA ILE B 659 39.96 -12.17 -28.17
C ILE B 659 39.45 -13.28 -29.06
N ALA B 660 40.14 -14.41 -29.04
CA ALA B 660 39.67 -15.59 -29.77
C ALA B 660 38.96 -16.54 -28.81
N LEU B 661 38.41 -17.60 -29.38
CA LEU B 661 37.74 -18.62 -28.60
C LEU B 661 38.73 -19.69 -28.19
N TYR B 662 39.21 -20.46 -29.15
CA TYR B 662 40.10 -21.57 -28.88
C TYR B 662 41.45 -21.31 -29.53
N GLU B 663 42.48 -21.93 -28.96
CA GLU B 663 43.81 -21.85 -29.56
C GLU B 663 43.81 -22.38 -30.99
N LYS B 664 42.85 -23.25 -31.31
CA LYS B 664 42.67 -23.71 -32.69
C LYS B 664 42.53 -22.53 -33.65
N ASP B 665 41.67 -21.58 -33.31
CA ASP B 665 41.53 -20.38 -34.14
C ASP B 665 42.28 -19.22 -33.49
N ILE B 666 43.40 -18.87 -34.11
CA ILE B 666 44.28 -17.82 -33.65
C ILE B 666 44.89 -17.11 -34.85
N VAL B 667 44.98 -15.79 -34.75
CA VAL B 667 45.45 -14.96 -35.85
C VAL B 667 46.52 -14.01 -35.29
N PRO B 668 47.60 -13.72 -36.03
CA PRO B 668 48.59 -12.76 -35.54
C PRO B 668 48.01 -11.38 -35.32
N SER B 669 46.84 -11.11 -35.90
CA SER B 669 46.14 -9.85 -35.72
C SER B 669 45.44 -9.78 -34.37
N MET B 670 45.42 -10.88 -33.63
CA MET B 670 44.70 -10.94 -32.37
C MET B 670 45.47 -10.27 -31.25
N THR B 671 44.86 -10.25 -30.07
CA THR B 671 45.41 -9.57 -28.90
C THR B 671 45.42 -10.53 -27.72
N HIS B 672 44.24 -10.97 -27.31
CA HIS B 672 44.12 -11.85 -26.18
C HIS B 672 43.39 -13.12 -26.62
N LEU B 673 43.28 -14.07 -25.70
CA LEU B 673 42.46 -15.25 -25.93
C LEU B 673 41.98 -15.77 -24.58
N GLU B 674 40.74 -16.26 -24.56
CA GLU B 674 40.19 -16.78 -23.32
C GLU B 674 40.97 -18.00 -22.87
N ILE B 675 41.00 -18.23 -21.56
CA ILE B 675 41.55 -19.50 -21.10
C ILE B 675 40.63 -20.64 -21.52
N GLU B 676 39.33 -20.50 -21.22
CA GLU B 676 38.39 -21.57 -21.32
C GLU B 676 37.06 -20.92 -21.73
N PRO B 677 36.27 -21.60 -22.57
CA PRO B 677 34.93 -21.10 -22.85
C PRO B 677 33.98 -21.25 -21.69
N PHE B 678 34.13 -22.29 -20.88
CA PHE B 678 33.12 -22.72 -19.93
C PHE B 678 33.16 -21.94 -18.64
N THR B 679 34.04 -20.95 -18.54
CA THR B 679 33.97 -19.96 -17.47
C THR B 679 32.84 -18.97 -17.68
N ILE B 680 32.14 -19.04 -18.81
CA ILE B 680 31.11 -18.05 -19.12
C ILE B 680 29.93 -18.16 -18.16
N LEU B 681 29.45 -19.37 -17.91
CA LEU B 681 28.35 -19.56 -16.98
C LEU B 681 28.85 -19.57 -15.54
N GLY B 682 27.96 -19.20 -14.63
CA GLY B 682 28.31 -19.05 -13.23
C GLY B 682 28.28 -20.37 -12.48
N ALA B 683 28.33 -20.26 -11.15
CA ALA B 683 28.35 -21.43 -10.29
C ALA B 683 27.15 -22.34 -10.54
N VAL B 684 25.96 -21.86 -10.17
CA VAL B 684 24.74 -22.64 -10.35
C VAL B 684 24.62 -23.17 -11.77
N ALA B 685 24.58 -22.28 -12.76
CA ALA B 685 24.40 -22.67 -14.15
C ALA B 685 25.33 -23.81 -14.58
N GLY B 686 26.53 -23.88 -14.00
CA GLY B 686 27.42 -24.99 -14.29
C GLY B 686 26.78 -26.35 -14.12
N LEU B 687 25.78 -26.47 -13.24
CA LEU B 687 25.09 -27.74 -13.07
C LEU B 687 24.41 -28.23 -14.33
N ILE B 688 23.99 -27.35 -15.22
CA ILE B 688 23.28 -27.73 -16.44
C ILE B 688 24.25 -28.53 -17.31
N PRO B 689 23.95 -29.79 -17.62
CA PRO B 689 24.78 -30.55 -18.55
C PRO B 689 24.53 -30.08 -19.97
N TYR B 690 25.60 -30.01 -20.76
CA TYR B 690 25.51 -29.59 -22.16
C TYR B 690 24.66 -28.34 -22.35
N PRO B 691 24.87 -27.27 -21.57
CA PRO B 691 24.00 -26.10 -21.71
C PRO B 691 23.91 -25.60 -23.13
N HIS B 692 25.02 -25.60 -23.84
CA HIS B 692 25.12 -25.05 -25.18
C HIS B 692 24.24 -25.76 -26.19
N HIS B 693 23.67 -26.91 -25.83
CA HIS B 693 22.69 -27.58 -26.68
C HIS B 693 21.25 -27.24 -26.32
N ASN B 694 21.04 -26.36 -25.35
CA ASN B 694 19.68 -26.01 -24.93
C ASN B 694 19.35 -24.54 -25.04
N GLN B 695 18.10 -24.24 -25.38
CA GLN B 695 17.63 -22.87 -25.50
C GLN B 695 17.72 -22.19 -24.13
N SER B 696 18.12 -20.93 -24.13
CA SER B 696 18.26 -20.19 -22.88
C SER B 696 17.00 -20.15 -22.01
N PRO B 697 15.78 -20.10 -22.58
CA PRO B 697 14.59 -20.15 -21.72
C PRO B 697 14.64 -21.29 -20.72
N ARG B 698 15.19 -22.43 -21.11
CA ARG B 698 15.32 -23.57 -20.21
C ARG B 698 16.38 -23.35 -19.16
N ASN B 699 17.56 -22.86 -19.54
CA ASN B 699 18.59 -22.62 -18.56
C ASN B 699 18.15 -21.63 -17.50
N THR B 700 17.28 -20.70 -17.85
CA THR B 700 16.69 -19.83 -16.84
C THR B 700 15.98 -20.62 -15.75
N TYR B 701 14.86 -21.25 -16.07
CA TYR B 701 14.08 -21.96 -15.06
C TYR B 701 14.93 -23.03 -14.37
N GLN B 702 15.86 -23.64 -15.11
CA GLN B 702 16.68 -24.69 -14.51
C GLN B 702 17.61 -24.13 -13.45
N CYS B 703 18.20 -22.97 -13.70
CA CYS B 703 19.01 -22.36 -12.65
C CYS B 703 18.13 -21.93 -11.48
N ALA B 704 17.03 -21.23 -11.78
CA ALA B 704 16.17 -20.73 -10.70
C ALA B 704 15.63 -21.85 -9.82
N MET B 705 15.33 -23.02 -10.38
CA MET B 705 14.89 -24.16 -9.60
C MET B 705 16.03 -24.93 -8.96
N GLY B 706 17.14 -25.10 -9.67
CA GLY B 706 18.24 -25.89 -9.14
C GLY B 706 18.59 -25.51 -7.72
N LYS B 707 18.63 -24.22 -7.43
CA LYS B 707 18.87 -23.78 -6.07
C LYS B 707 17.84 -24.32 -5.09
N GLN B 708 16.65 -24.71 -5.56
CA GLN B 708 15.62 -25.22 -4.68
C GLN B 708 15.60 -26.74 -4.55
N ALA B 709 16.59 -27.43 -5.10
CA ALA B 709 16.59 -28.87 -4.94
C ALA B 709 16.86 -29.25 -3.49
N ILE B 710 16.85 -30.55 -3.21
CA ILE B 710 17.03 -31.06 -1.86
C ILE B 710 18.13 -32.11 -1.87
N GLY B 711 18.86 -32.21 -0.77
CA GLY B 711 20.02 -33.07 -0.76
C GLY B 711 20.92 -32.93 0.45
N ALA B 712 22.19 -33.24 0.25
CA ALA B 712 23.18 -33.43 1.30
C ALA B 712 23.20 -32.31 2.34
N ILE B 713 23.02 -31.06 1.95
CA ILE B 713 23.42 -29.92 2.78
C ILE B 713 24.91 -30.08 3.04
N ALA B 714 25.30 -30.29 4.29
CA ALA B 714 26.72 -30.33 4.62
C ALA B 714 26.94 -31.42 5.66
N TYR B 715 28.21 -31.80 5.84
CA TYR B 715 28.57 -32.83 6.82
C TYR B 715 28.05 -32.50 8.20
N ASN B 716 28.00 -31.22 8.55
CA ASN B 716 27.58 -30.76 9.88
C ASN B 716 26.12 -31.09 10.15
N GLN B 717 25.45 -31.65 9.15
CA GLN B 717 24.00 -31.63 9.02
C GLN B 717 23.30 -31.89 10.34
N PHE B 718 23.42 -33.09 10.87
CA PHE B 718 22.55 -33.51 11.95
C PHE B 718 22.86 -32.84 13.28
N LYS B 719 23.91 -32.04 13.35
CA LYS B 719 24.20 -31.27 14.55
C LYS B 719 23.69 -29.84 14.49
N ARG B 720 23.05 -29.44 13.40
CA ARG B 720 22.50 -28.10 13.33
C ARG B 720 20.99 -28.17 13.27
N ILE B 721 20.35 -27.10 13.73
CA ILE B 721 18.91 -27.05 13.89
C ILE B 721 18.39 -25.84 13.13
N ASP B 722 17.44 -26.09 12.23
CA ASP B 722 16.95 -25.05 11.34
C ASP B 722 15.45 -24.90 11.51
N THR B 723 14.93 -23.73 11.13
CA THR B 723 13.48 -23.59 11.07
C THR B 723 12.88 -24.58 10.09
N LEU B 724 13.29 -24.54 8.83
CA LEU B 724 12.86 -25.55 7.87
C LEU B 724 14.07 -25.94 7.05
N LEU B 725 14.51 -27.19 7.20
CA LEU B 725 15.67 -27.70 6.49
C LEU B 725 15.33 -29.06 5.92
N TYR B 726 15.31 -29.17 4.60
CA TYR B 726 15.05 -30.47 4.01
C TYR B 726 16.32 -31.30 4.02
N LEU B 727 16.22 -32.46 3.36
CA LEU B 727 17.36 -33.31 3.09
C LEU B 727 16.88 -34.41 2.16
N MET B 728 17.78 -35.31 1.83
CA MET B 728 17.44 -36.45 1.00
C MET B 728 17.97 -37.71 1.66
N THR B 729 17.21 -38.78 1.56
CA THR B 729 17.54 -39.98 2.32
C THR B 729 18.71 -40.73 1.70
N TYR B 730 18.68 -40.95 0.38
CA TYR B 730 19.77 -41.61 -0.32
C TYR B 730 20.24 -40.72 -1.45
N PRO B 731 21.19 -39.83 -1.21
CA PRO B 731 21.69 -38.98 -2.29
C PRO B 731 22.63 -39.75 -3.17
N GLN B 732 22.85 -39.26 -4.39
CA GLN B 732 23.66 -39.95 -5.37
C GLN B 732 24.33 -38.94 -6.31
N GLN B 733 25.51 -39.31 -6.79
CA GLN B 733 26.18 -38.51 -7.80
C GLN B 733 25.39 -38.49 -9.09
N PRO B 734 25.21 -37.32 -9.67
CA PRO B 734 24.67 -37.27 -11.03
C PRO B 734 25.61 -38.02 -11.95
N MET B 735 25.04 -38.91 -12.76
CA MET B 735 25.85 -39.85 -13.53
C MET B 735 26.87 -39.13 -14.39
N VAL B 736 26.53 -37.95 -14.88
CA VAL B 736 27.39 -37.19 -15.78
C VAL B 736 27.91 -35.98 -15.02
N LYS B 737 29.10 -35.55 -15.37
CA LYS B 737 29.72 -34.38 -14.76
C LYS B 737 29.85 -33.27 -15.77
N THR B 738 29.52 -32.06 -15.32
CA THR B 738 30.02 -30.84 -15.92
C THR B 738 31.23 -30.36 -15.14
N LYS B 739 32.31 -30.07 -15.86
CA LYS B 739 33.61 -29.83 -15.24
C LYS B 739 33.50 -28.87 -14.05
N THR B 740 32.67 -27.84 -14.17
CA THR B 740 32.32 -26.98 -13.04
C THR B 740 31.94 -27.67 -11.74
N ILE B 741 31.18 -28.77 -11.81
CA ILE B 741 30.83 -29.51 -10.60
C ILE B 741 32.07 -29.91 -9.83
N GLU B 742 33.08 -30.44 -10.52
CA GLU B 742 34.31 -30.78 -9.82
C GLU B 742 34.96 -29.55 -9.21
N LEU B 743 34.73 -28.38 -9.79
CA LEU B 743 35.41 -27.18 -9.33
C LEU B 743 34.87 -26.68 -7.99
N ILE B 744 33.55 -26.65 -7.81
CA ILE B 744 32.97 -26.23 -6.55
C ILE B 744 32.87 -27.38 -5.56
N ASP B 745 33.39 -28.55 -5.90
CA ASP B 745 33.35 -29.73 -5.04
C ASP B 745 31.90 -30.17 -4.84
N TYR B 746 31.08 -29.86 -5.83
CA TYR B 746 29.66 -30.18 -5.83
C TYR B 746 29.35 -31.63 -5.53
N ASP B 747 29.78 -32.55 -6.40
CA ASP B 747 29.33 -33.93 -6.29
C ASP B 747 29.59 -34.53 -4.93
N LYS B 748 30.57 -34.02 -4.20
CA LYS B 748 30.76 -34.47 -2.82
C LYS B 748 29.53 -34.19 -1.98
N LEU B 749 28.68 -33.27 -2.40
CA LEU B 749 27.40 -33.01 -1.74
C LEU B 749 26.32 -33.13 -2.80
N PRO B 750 25.92 -34.32 -3.12
CA PRO B 750 24.89 -34.49 -4.15
C PRO B 750 23.51 -34.14 -3.64
N ALA B 751 22.71 -33.52 -4.49
CA ALA B 751 21.29 -33.34 -4.21
C ALA B 751 20.53 -33.87 -5.41
N GLY B 752 19.88 -35.02 -5.25
CA GLY B 752 19.08 -35.59 -6.32
C GLY B 752 19.16 -37.09 -6.33
N GLN B 753 18.58 -37.69 -7.37
CA GLN B 753 18.55 -39.13 -7.54
C GLN B 753 19.03 -39.49 -8.93
N ASN B 754 19.86 -40.52 -9.01
CA ASN B 754 20.31 -40.96 -10.31
C ASN B 754 19.36 -42.05 -10.80
N ALA B 755 18.52 -41.73 -11.77
CA ALA B 755 17.30 -42.48 -11.98
C ALA B 755 17.27 -43.15 -13.34
N THR B 756 16.63 -44.31 -13.40
CA THR B 756 16.40 -44.95 -14.69
C THR B 756 15.08 -44.47 -15.26
N VAL B 757 15.14 -43.92 -16.47
CA VAL B 757 14.04 -43.18 -17.06
C VAL B 757 13.77 -43.67 -18.48
N ALA B 758 12.51 -43.82 -18.81
CA ALA B 758 12.07 -44.05 -20.16
C ALA B 758 11.26 -42.86 -20.64
N VAL B 759 11.25 -42.66 -21.95
CA VAL B 759 10.43 -41.63 -22.57
C VAL B 759 9.38 -42.35 -23.38
N MET B 760 8.13 -42.18 -23.00
CA MET B 760 7.03 -42.89 -23.64
C MET B 760 5.73 -42.26 -23.17
N SER B 761 4.62 -42.68 -23.74
CA SER B 761 3.33 -42.08 -23.40
C SER B 761 2.57 -42.91 -22.38
N TYR B 762 3.23 -43.93 -21.83
CA TYR B 762 2.54 -44.98 -21.09
C TYR B 762 1.61 -44.42 -20.03
N SER B 763 0.47 -45.09 -19.85
CA SER B 763 -0.48 -44.70 -18.83
C SER B 763 -0.96 -43.28 -19.06
N GLY B 764 -1.93 -43.10 -19.95
CA GLY B 764 -2.20 -41.82 -20.55
C GLY B 764 -2.43 -40.70 -19.56
N TYR B 765 -2.33 -40.96 -18.27
CA TYR B 765 -2.15 -39.89 -17.30
C TYR B 765 -0.98 -38.99 -17.63
N ASP B 766 -0.07 -39.43 -18.50
CA ASP B 766 1.14 -38.68 -18.78
C ASP B 766 0.86 -37.26 -19.21
N ILE B 767 0.39 -37.08 -20.44
CA ILE B 767 -0.11 -35.81 -20.94
C ILE B 767 0.91 -34.70 -20.75
N GLU B 768 0.60 -33.68 -19.98
CA GLU B 768 1.46 -32.50 -19.99
C GLU B 768 2.35 -32.55 -18.75
N ASP B 769 3.62 -32.84 -18.98
CA ASP B 769 4.68 -32.65 -18.00
C ASP B 769 4.50 -33.54 -16.78
N ALA B 770 3.40 -34.27 -16.71
CA ALA B 770 3.14 -35.14 -15.58
C ALA B 770 4.02 -36.37 -15.68
N LEU B 771 4.83 -36.61 -14.66
CA LEU B 771 5.63 -37.82 -14.62
C LEU B 771 4.82 -38.90 -13.94
N VAL B 772 5.35 -40.11 -13.91
CA VAL B 772 4.68 -41.25 -13.29
C VAL B 772 5.74 -42.22 -12.80
N LEU B 773 5.50 -42.83 -11.63
CA LEU B 773 6.58 -43.49 -10.89
C LEU B 773 6.37 -44.98 -10.79
N ASN B 774 7.29 -45.65 -10.09
CA ASN B 774 7.14 -47.08 -9.86
C ASN B 774 6.96 -47.31 -8.36
N LYS B 775 5.86 -47.92 -7.98
CA LYS B 775 5.83 -48.48 -6.66
C LYS B 775 6.76 -49.66 -6.42
N SER B 776 6.87 -50.10 -5.18
CA SER B 776 7.89 -51.07 -4.83
C SER B 776 9.27 -50.73 -5.47
N SER B 777 9.51 -49.46 -5.52
CA SER B 777 10.72 -48.78 -5.93
C SER B 777 10.84 -47.66 -4.91
N ILE B 778 9.98 -46.66 -5.01
CA ILE B 778 9.71 -45.80 -3.87
C ILE B 778 9.46 -46.65 -2.64
N ASP B 779 8.81 -47.80 -2.80
CA ASP B 779 8.74 -48.77 -1.72
C ASP B 779 10.10 -49.34 -1.38
N ARG B 780 10.86 -49.78 -2.38
CA ARG B 780 12.25 -50.17 -2.14
C ARG B 780 13.05 -49.02 -1.59
N GLY B 781 12.48 -47.84 -1.64
CA GLY B 781 13.15 -46.63 -1.26
C GLY B 781 13.61 -45.97 -2.52
N PHE B 782 13.48 -44.65 -2.53
CA PHE B 782 13.78 -43.80 -3.68
C PHE B 782 13.30 -42.45 -3.19
N GLY B 783 13.91 -41.37 -3.67
CA GLY B 783 13.30 -40.07 -3.48
C GLY B 783 12.81 -39.77 -2.07
N ARG B 784 13.18 -40.60 -1.10
CA ARG B 784 12.57 -40.51 0.21
C ARG B 784 13.08 -39.27 0.92
N CYS B 785 12.19 -38.60 1.64
CA CYS B 785 12.60 -37.34 2.22
C CYS B 785 12.41 -37.32 3.73
N GLU B 786 13.15 -36.42 4.36
CA GLU B 786 12.97 -36.10 5.78
C GLU B 786 12.90 -34.59 5.84
N THR B 787 12.08 -34.08 6.73
CA THR B 787 12.04 -32.64 6.94
C THR B 787 12.31 -32.35 8.40
N ARG B 788 13.44 -31.74 8.68
CA ARG B 788 13.75 -31.26 10.02
C ARG B 788 13.15 -29.86 10.09
N ARG B 789 12.19 -29.69 10.97
CA ARG B 789 11.62 -28.40 11.26
C ARG B 789 12.05 -28.04 12.68
N LYS B 790 11.69 -26.85 13.17
CA LYS B 790 12.01 -26.57 14.57
C LYS B 790 10.90 -25.72 15.17
N THR B 791 10.89 -25.69 16.49
CA THR B 791 10.04 -24.78 17.24
C THR B 791 10.94 -24.23 18.34
N THR B 792 10.78 -22.95 18.66
CA THR B 792 11.59 -22.33 19.69
C THR B 792 10.66 -21.65 20.70
N THR B 793 11.07 -21.67 21.96
CA THR B 793 10.32 -21.07 23.05
C THR B 793 11.31 -20.32 23.91
N VAL B 794 11.08 -19.02 24.11
CA VAL B 794 11.89 -18.27 25.04
C VAL B 794 11.17 -18.17 26.38
N LEU B 795 11.75 -18.82 27.39
CA LEU B 795 11.21 -18.70 28.74
C LEU B 795 11.73 -17.34 29.21
N LYS B 796 10.81 -16.42 29.48
CA LYS B 796 11.23 -15.11 29.94
C LYS B 796 10.70 -14.85 31.33
N ARG B 797 11.59 -14.38 32.19
CA ARG B 797 11.26 -14.11 33.58
C ARG B 797 10.44 -12.84 33.63
N TYR B 798 9.95 -12.48 34.80
CA TYR B 798 9.08 -11.32 34.89
C TYR B 798 9.43 -10.45 36.09
N ALA B 799 9.30 -9.14 35.90
CA ALA B 799 9.58 -8.18 36.95
C ALA B 799 8.78 -8.48 38.21
N ASN B 800 7.74 -9.28 38.08
CA ASN B 800 7.05 -9.89 39.21
C ASN B 800 7.95 -10.83 39.98
N HIS B 801 9.19 -11.02 39.50
CA HIS B 801 10.16 -11.90 40.13
C HIS B 801 9.69 -13.34 40.04
N THR B 802 8.93 -13.62 38.99
CA THR B 802 8.29 -14.91 38.83
C THR B 802 8.61 -15.47 37.46
N GLN B 803 9.32 -16.58 37.43
CA GLN B 803 9.68 -17.21 36.17
C GLN B 803 8.46 -17.94 35.60
N ASP B 804 8.69 -18.69 34.53
CA ASP B 804 7.64 -19.47 33.88
C ASP B 804 8.00 -20.95 34.00
N ILE B 805 6.98 -21.78 34.16
CA ILE B 805 7.21 -23.16 34.58
C ILE B 805 6.92 -24.12 33.43
N ILE B 806 7.78 -25.12 33.30
CA ILE B 806 7.67 -26.09 32.22
C ILE B 806 6.98 -27.39 32.66
N GLY B 807 6.52 -27.44 33.90
CA GLY B 807 5.94 -28.66 34.44
C GLY B 807 4.72 -29.15 33.66
N GLY B 808 4.32 -30.39 33.96
CA GLY B 808 3.22 -31.01 33.25
C GLY B 808 3.04 -32.49 33.53
N MET B 809 2.45 -33.21 32.58
CA MET B 809 2.24 -34.65 32.67
C MET B 809 1.35 -35.01 33.85
N ARG B 810 0.04 -34.76 33.72
CA ARG B 810 -0.91 -34.93 34.81
C ARG B 810 -1.23 -36.40 35.10
N VAL B 811 -1.42 -37.21 34.05
CA VAL B 811 -1.54 -38.66 34.21
C VAL B 811 -2.71 -39.01 35.12
N ASP B 812 -3.93 -38.93 34.62
CA ASP B 812 -5.08 -39.29 35.44
C ASP B 812 -5.13 -40.80 35.66
N GLU B 813 -6.05 -41.21 36.53
CA GLU B 813 -6.39 -42.61 36.78
C GLU B 813 -5.21 -43.43 37.31
N ASN B 814 -4.00 -42.85 37.33
CA ASN B 814 -2.74 -43.58 37.37
C ASN B 814 -2.55 -44.39 36.09
N GLY B 815 -3.58 -44.33 35.25
CA GLY B 815 -3.67 -45.15 34.08
C GLY B 815 -2.63 -44.81 33.03
N ASP B 816 -2.51 -43.52 32.71
CA ASP B 816 -1.63 -43.08 31.64
C ASP B 816 -1.68 -41.57 31.57
N PRO B 817 -0.60 -40.89 31.17
CA PRO B 817 -0.71 -39.49 30.83
C PRO B 817 -1.71 -39.29 29.70
N ILE B 818 -2.62 -38.33 29.93
CA ILE B 818 -3.79 -38.18 29.06
C ILE B 818 -3.37 -38.09 27.60
N TRP B 819 -4.13 -38.79 26.76
CA TRP B 819 -3.80 -38.85 25.34
C TRP B 819 -3.76 -37.47 24.72
N GLN B 820 -4.60 -36.55 25.19
CA GLN B 820 -4.48 -35.15 24.80
C GLN B 820 -3.06 -34.66 25.01
N HIS B 821 -2.36 -35.23 25.98
CA HIS B 821 -1.03 -34.76 26.33
C HIS B 821 0.00 -35.88 26.17
N GLN B 822 0.07 -36.74 27.17
CA GLN B 822 0.88 -37.95 27.16
C GLN B 822 2.30 -37.67 26.67
N SER B 823 2.93 -38.65 26.03
CA SER B 823 3.96 -38.46 25.03
C SER B 823 5.24 -37.77 25.48
N LEU B 824 5.28 -37.19 26.69
CA LEU B 824 6.46 -36.41 26.99
C LEU B 824 7.54 -37.18 27.72
N GLY B 825 7.35 -37.40 29.02
CA GLY B 825 8.34 -38.04 29.83
C GLY B 825 8.31 -37.54 31.25
N PRO B 826 9.14 -38.12 32.12
CA PRO B 826 9.11 -37.73 33.53
C PRO B 826 9.43 -36.27 33.74
N ASP B 827 10.36 -35.72 32.95
CA ASP B 827 10.64 -34.29 33.04
C ASP B 827 9.41 -33.46 32.75
N GLY B 828 8.45 -34.01 32.02
CA GLY B 828 7.42 -33.20 31.45
C GLY B 828 7.85 -32.42 30.23
N LEU B 829 8.53 -33.06 29.29
CA LEU B 829 8.94 -32.45 28.05
C LEU B 829 9.11 -33.53 27.00
N GLY B 830 9.02 -33.14 25.74
CA GLY B 830 9.00 -34.08 24.64
C GLY B 830 10.13 -35.09 24.66
N GLU B 831 9.81 -36.35 24.42
CA GLU B 831 10.82 -37.39 24.43
C GLU B 831 11.46 -37.59 23.07
N VAL B 832 12.73 -37.90 23.08
CA VAL B 832 13.45 -38.30 21.87
C VAL B 832 12.70 -39.45 21.22
N GLY B 833 12.57 -39.39 19.90
CA GLY B 833 12.15 -40.52 19.12
C GLY B 833 10.80 -41.10 19.48
N MET B 834 9.76 -40.29 19.43
CA MET B 834 8.43 -40.79 19.69
C MET B 834 7.48 -40.29 18.61
N LYS B 835 6.64 -41.18 18.10
CA LYS B 835 5.54 -40.81 17.23
C LYS B 835 4.69 -39.80 18.00
N VAL B 836 4.53 -38.62 17.45
CA VAL B 836 3.81 -37.56 18.14
C VAL B 836 2.84 -36.92 17.14
N GLN B 837 1.62 -36.67 17.61
CA GLN B 837 0.48 -36.57 16.73
C GLN B 837 -0.29 -35.29 17.03
N SER B 838 -1.03 -34.82 16.02
CA SER B 838 -1.75 -33.56 16.11
C SER B 838 -2.67 -33.53 17.32
N GLY B 839 -2.83 -32.36 17.92
CA GLY B 839 -3.68 -32.24 19.08
C GLY B 839 -2.89 -32.33 20.37
N GLN B 840 -1.68 -32.85 20.31
CA GLN B 840 -0.91 -33.13 21.50
C GLN B 840 0.20 -32.09 21.68
N ILE B 841 0.97 -32.27 22.75
CA ILE B 841 1.93 -31.28 23.20
C ILE B 841 3.30 -31.93 23.29
N TYR B 842 4.26 -31.41 22.54
CA TYR B 842 5.65 -31.81 22.76
C TYR B 842 6.42 -30.87 23.67
N ILE B 843 5.91 -29.68 23.96
CA ILE B 843 6.54 -28.80 24.92
C ILE B 843 5.50 -27.98 25.67
N ASN B 844 5.62 -27.94 27.00
CA ASN B 844 4.64 -27.30 27.86
C ASN B 844 5.25 -26.04 28.46
N LYS B 845 4.74 -24.88 28.04
CA LYS B 845 5.16 -23.58 28.56
C LYS B 845 3.96 -23.01 29.31
N SER B 846 4.20 -22.46 30.49
CA SER B 846 3.15 -21.87 31.30
C SER B 846 3.69 -20.62 31.99
N VAL B 847 2.90 -19.57 32.01
CA VAL B 847 3.27 -18.33 32.67
C VAL B 847 2.23 -18.06 33.76
N PRO B 848 2.56 -17.28 34.78
CA PRO B 848 1.56 -16.95 35.79
C PRO B 848 0.57 -15.91 35.26
N THR B 849 -0.62 -15.90 35.85
CA THR B 849 -1.60 -14.91 35.46
C THR B 849 -1.33 -13.55 36.09
N ASN B 850 -0.86 -13.53 37.33
CA ASN B 850 -0.43 -12.30 37.99
C ASN B 850 0.92 -11.82 37.47
N SER B 851 1.63 -12.65 36.71
CA SER B 851 2.89 -12.25 36.12
C SER B 851 2.75 -11.07 35.17
N ALA B 852 1.61 -10.95 34.51
CA ALA B 852 1.40 -9.89 33.53
C ALA B 852 1.31 -8.51 34.18
N ASP B 853 1.03 -8.44 35.47
CA ASP B 853 0.70 -7.16 36.08
C ASP B 853 1.86 -6.55 36.86
N ALA B 854 1.60 -5.41 37.50
CA ALA B 854 2.62 -4.64 38.21
C ALA B 854 2.84 -5.23 39.59
N PRO B 855 4.02 -5.79 39.88
CA PRO B 855 4.27 -6.40 41.19
C PRO B 855 4.55 -5.36 42.27
N ASN B 856 4.36 -5.80 43.51
CA ASN B 856 4.82 -5.08 44.68
C ASN B 856 5.60 -6.05 45.55
N PRO B 857 6.43 -5.56 46.46
CA PRO B 857 7.12 -6.48 47.38
C PRO B 857 6.24 -6.85 48.56
N ASN B 858 5.00 -7.23 48.28
CA ASN B 858 4.05 -7.66 49.29
C ASN B 858 3.45 -8.97 48.79
N ASN B 859 3.75 -10.06 49.49
CA ASN B 859 3.38 -11.40 49.05
C ASN B 859 3.29 -12.32 50.25
N VAL B 860 2.62 -13.46 50.07
CA VAL B 860 2.54 -14.44 51.15
C VAL B 860 2.93 -15.83 50.66
N ASN B 861 2.11 -16.44 49.81
CA ASN B 861 2.35 -17.82 49.41
C ASN B 861 2.29 -18.04 47.91
N VAL B 862 1.13 -17.77 47.30
CA VAL B 862 0.81 -18.37 46.00
C VAL B 862 1.31 -17.47 44.87
N GLN B 863 2.33 -17.95 44.17
CA GLN B 863 2.64 -17.56 42.81
C GLN B 863 2.00 -18.61 41.92
N THR B 864 1.34 -19.57 42.60
CA THR B 864 0.97 -20.86 42.05
C THR B 864 -0.03 -20.76 40.90
N GLN B 865 -0.60 -19.59 40.66
CA GLN B 865 -1.49 -19.42 39.52
C GLN B 865 -0.65 -19.47 38.26
N TYR B 866 -0.95 -20.43 37.38
CA TYR B 866 -0.28 -20.51 36.10
C TYR B 866 -1.28 -20.77 34.98
N ARG B 867 -1.42 -19.76 34.13
CA ARG B 867 -2.05 -19.88 32.82
C ARG B 867 -1.06 -20.67 31.97
N GLU B 868 -1.51 -21.81 31.45
CA GLU B 868 -0.61 -22.61 30.64
C GLU B 868 -1.04 -22.59 29.18
N ALA B 869 -0.07 -22.35 28.31
CA ALA B 869 -0.31 -22.36 26.86
C ALA B 869 0.65 -23.36 26.22
N PRO B 870 0.48 -24.64 26.52
CA PRO B 870 1.31 -25.64 25.86
C PRO B 870 1.01 -25.65 24.37
N VAL B 871 2.06 -25.55 23.58
CA VAL B 871 1.89 -25.39 22.15
C VAL B 871 1.61 -26.75 21.52
N ILE B 872 0.46 -26.89 20.90
CA ILE B 872 0.07 -28.10 20.20
C ILE B 872 0.93 -28.20 18.95
N TYR B 873 1.28 -29.41 18.57
CA TYR B 873 1.79 -29.62 17.23
C TYR B 873 0.60 -29.90 16.34
N ARG B 874 0.27 -28.95 15.48
CA ARG B 874 -0.75 -29.18 14.47
C ARG B 874 -0.05 -29.88 13.32
N GLY B 875 -0.82 -30.26 12.31
CA GLY B 875 -0.25 -30.92 11.15
C GLY B 875 -1.17 -31.94 10.53
N PRO B 876 -0.89 -32.30 9.27
CA PRO B 876 -1.70 -33.27 8.53
C PRO B 876 -1.19 -34.71 8.69
N GLU B 877 -0.15 -34.90 9.50
CA GLU B 877 0.39 -36.25 9.70
C GLU B 877 1.33 -36.40 10.91
N PRO B 878 1.65 -37.65 11.26
CA PRO B 878 2.52 -38.07 12.37
C PRO B 878 3.86 -37.36 12.27
N SER B 879 4.59 -37.38 13.37
CA SER B 879 5.89 -36.73 13.44
C SER B 879 6.71 -37.34 14.56
N HIS B 880 8.02 -37.09 14.52
CA HIS B 880 8.90 -37.60 15.55
C HIS B 880 9.76 -36.47 16.09
N ILE B 881 10.27 -36.66 17.30
CA ILE B 881 11.18 -35.73 17.93
C ILE B 881 12.49 -36.43 18.19
N ASP B 882 13.50 -36.12 17.40
CA ASP B 882 14.80 -36.70 17.67
C ASP B 882 15.79 -35.79 18.39
N GLN B 883 15.47 -34.53 18.63
CA GLN B 883 16.40 -33.69 19.38
C GLN B 883 15.65 -32.59 20.10
N VAL B 884 16.06 -32.30 21.33
CA VAL B 884 15.54 -31.18 22.09
C VAL B 884 16.70 -30.55 22.86
N MET B 885 16.59 -29.27 23.12
CA MET B 885 17.72 -28.51 23.63
C MET B 885 17.29 -27.58 24.76
N MET B 886 17.90 -27.78 25.93
CA MET B 886 17.71 -26.93 27.11
C MET B 886 18.99 -26.13 27.22
N SER B 887 18.91 -24.83 27.00
CA SER B 887 20.11 -24.01 26.98
C SER B 887 19.75 -22.55 27.21
N VAL B 888 20.77 -21.70 27.26
CA VAL B 888 20.56 -20.32 27.70
C VAL B 888 21.39 -19.39 26.82
N SER B 889 20.87 -18.19 26.61
CA SER B 889 21.59 -17.15 25.89
C SER B 889 22.41 -16.30 26.84
N ASP B 890 22.93 -15.18 26.33
CA ASP B 890 23.74 -14.27 27.12
C ASP B 890 23.02 -13.77 28.37
N ASN B 891 21.71 -13.55 28.27
CA ASN B 891 20.96 -12.80 29.26
C ASN B 891 20.53 -13.65 30.44
N ASP B 892 20.96 -14.91 30.51
CA ASP B 892 20.69 -15.79 31.64
C ASP B 892 19.17 -15.94 31.86
N GLN B 893 18.54 -16.54 30.86
CA GLN B 893 17.15 -16.96 30.97
C GLN B 893 16.96 -18.25 30.20
N ALA B 894 16.19 -19.16 30.78
CA ALA B 894 16.06 -20.50 30.24
C ALA B 894 15.43 -20.42 28.86
N LEU B 895 15.81 -21.35 28.00
CA LEU B 895 15.46 -21.35 26.59
C LEU B 895 15.39 -22.79 26.12
N ILE B 896 14.39 -23.11 25.32
CA ILE B 896 14.25 -24.43 24.74
C ILE B 896 13.92 -24.25 23.26
N LYS B 897 14.79 -24.75 22.39
CA LYS B 897 14.55 -24.77 20.95
C LYS B 897 14.66 -26.24 20.53
N VAL B 898 13.57 -26.78 20.00
CA VAL B 898 13.50 -28.20 19.66
C VAL B 898 13.22 -28.34 18.18
N LEU B 899 13.15 -29.59 17.71
CA LEU B 899 13.00 -29.84 16.30
C LEU B 899 12.23 -31.13 16.10
N LEU B 900 11.46 -31.18 15.02
CA LEU B 900 10.73 -32.38 14.66
C LEU B 900 11.22 -32.85 13.31
N ARG B 901 11.01 -34.13 13.03
CA ARG B 901 11.28 -34.65 11.70
C ARG B 901 10.20 -35.66 11.34
N GLN B 902 9.86 -35.67 10.07
CA GLN B 902 8.93 -36.63 9.52
C GLN B 902 9.41 -37.00 8.14
N ASN B 903 9.44 -38.29 7.84
CA ASN B 903 9.95 -38.72 6.55
C ASN B 903 8.79 -38.79 5.58
N ARG B 904 8.78 -37.90 4.61
CA ARG B 904 7.74 -37.86 3.60
C ARG B 904 8.11 -38.84 2.51
N ARG B 905 7.18 -39.71 2.19
CA ARG B 905 7.32 -40.60 1.05
C ARG B 905 6.99 -39.84 -0.23
N PRO B 906 7.87 -39.86 -1.20
CA PRO B 906 7.65 -39.03 -2.40
C PRO B 906 6.42 -39.45 -3.15
N GLU B 907 5.28 -39.24 -2.52
CA GLU B 907 3.96 -39.60 -3.00
C GLU B 907 3.49 -38.62 -4.08
N LEU B 908 2.45 -39.04 -4.79
CA LEU B 908 1.84 -38.31 -5.89
C LEU B 908 1.60 -36.82 -5.63
N GLY B 909 1.87 -36.00 -6.64
CA GLY B 909 1.66 -34.57 -6.51
C GLY B 909 2.95 -33.81 -6.35
N ASP B 910 4.02 -34.51 -5.98
CA ASP B 910 5.30 -33.88 -5.71
C ASP B 910 5.97 -33.44 -6.99
N LYS B 911 6.95 -32.56 -6.86
CA LYS B 911 7.63 -31.97 -8.00
C LYS B 911 9.00 -32.60 -8.21
N PHE B 912 9.12 -33.40 -9.25
CA PHE B 912 10.42 -33.89 -9.71
C PHE B 912 10.87 -33.05 -10.88
N SER B 913 12.15 -32.73 -10.92
CA SER B 913 12.70 -31.97 -12.04
C SER B 913 13.81 -32.76 -12.70
N SER B 914 14.31 -32.20 -13.80
CA SER B 914 15.23 -32.90 -14.67
C SER B 914 16.69 -32.50 -14.49
N ARG B 915 16.96 -31.49 -13.67
CA ARG B 915 18.25 -30.79 -13.60
C ARG B 915 18.54 -30.15 -14.95
N HIS B 916 17.72 -30.49 -15.96
CA HIS B 916 17.87 -29.94 -17.28
C HIS B 916 16.89 -28.84 -17.62
N GLY B 917 15.96 -28.47 -16.74
CA GLY B 917 14.92 -27.53 -17.11
C GLY B 917 13.53 -28.10 -17.33
N GLN B 918 13.28 -29.33 -16.87
CA GLN B 918 11.94 -29.88 -16.89
C GLN B 918 11.30 -29.79 -15.50
N LYS B 919 10.32 -28.91 -15.37
CA LYS B 919 9.60 -28.75 -14.12
C LYS B 919 8.37 -29.64 -14.22
N GLY B 920 8.26 -30.63 -13.35
CA GLY B 920 7.18 -31.59 -13.53
C GLY B 920 6.69 -32.14 -12.20
N VAL B 921 5.46 -32.67 -12.24
CA VAL B 921 4.80 -33.25 -11.08
C VAL B 921 4.51 -34.72 -11.34
N CYS B 922 4.88 -35.56 -10.38
CA CYS B 922 4.55 -36.97 -10.45
C CYS B 922 3.05 -37.15 -10.50
N GLY B 923 2.62 -37.96 -11.47
CA GLY B 923 1.22 -38.30 -11.61
C GLY B 923 0.92 -39.62 -10.93
N ILE B 924 0.01 -40.38 -11.53
CA ILE B 924 -0.38 -41.66 -10.98
C ILE B 924 0.84 -42.51 -10.70
N ILE B 925 0.80 -43.30 -9.65
CA ILE B 925 1.92 -44.18 -9.36
C ILE B 925 1.52 -45.59 -9.75
N VAL B 926 2.38 -46.29 -10.48
CA VAL B 926 2.04 -47.61 -10.99
C VAL B 926 2.73 -48.67 -10.16
N LYS B 927 2.10 -49.84 -10.04
CA LYS B 927 2.45 -50.73 -8.94
C LYS B 927 3.82 -51.33 -9.18
N GLN B 928 3.89 -52.39 -9.98
CA GLN B 928 5.17 -52.86 -10.46
C GLN B 928 5.05 -53.48 -11.84
N GLU B 929 4.20 -54.49 -11.92
CA GLU B 929 4.07 -55.31 -13.11
C GLU B 929 4.03 -54.46 -14.36
N ASP B 930 3.23 -53.42 -14.36
CA ASP B 930 3.07 -52.61 -15.55
C ASP B 930 4.32 -51.77 -15.76
N MET B 931 4.35 -51.02 -16.86
CA MET B 931 5.46 -50.31 -17.48
C MET B 931 6.47 -51.37 -17.92
N PRO B 932 7.26 -51.10 -18.92
CA PRO B 932 8.01 -52.20 -19.55
C PRO B 932 9.16 -52.73 -18.74
N PHE B 933 9.83 -53.76 -19.26
CA PHE B 933 10.96 -54.41 -18.62
C PHE B 933 12.13 -54.64 -19.56
N ASN B 934 11.84 -55.25 -20.72
CA ASN B 934 12.72 -55.75 -21.78
C ASN B 934 13.68 -56.85 -21.38
N ASP B 935 14.89 -56.84 -21.96
CA ASP B 935 15.75 -58.01 -21.98
C ASP B 935 16.33 -58.31 -20.61
N GLN B 936 16.77 -57.27 -19.91
CA GLN B 936 17.25 -57.48 -18.56
C GLN B 936 16.16 -57.22 -17.55
N GLY B 937 14.94 -56.96 -18.01
CA GLY B 937 13.85 -56.71 -17.12
C GLY B 937 13.98 -55.45 -16.30
N ILE B 938 14.89 -54.55 -16.67
CA ILE B 938 15.02 -53.31 -15.94
C ILE B 938 13.70 -52.56 -15.99
N VAL B 939 13.36 -51.89 -14.90
CA VAL B 939 12.09 -51.17 -14.87
C VAL B 939 12.35 -49.68 -15.01
N PRO B 940 11.73 -49.04 -15.95
CA PRO B 940 11.96 -47.62 -16.16
C PRO B 940 11.32 -46.83 -15.05
N ASP B 941 12.07 -46.67 -13.96
CA ASP B 941 11.51 -46.17 -12.72
C ASP B 941 10.73 -44.88 -12.89
N ILE B 942 11.26 -43.91 -13.62
CA ILE B 942 10.57 -42.66 -13.90
C ILE B 942 10.29 -42.58 -15.38
N ILE B 943 9.03 -42.66 -15.75
CA ILE B 943 8.63 -42.68 -17.15
C ILE B 943 8.04 -41.32 -17.50
N MET B 944 8.78 -40.57 -18.31
CA MET B 944 8.47 -39.19 -18.70
C MET B 944 7.68 -39.21 -20.00
N ASN B 945 7.53 -38.05 -20.65
CA ASN B 945 6.65 -37.79 -21.75
C ASN B 945 7.45 -37.44 -23.00
N PRO B 946 7.04 -37.93 -24.17
CA PRO B 946 7.69 -37.47 -25.39
C PRO B 946 7.51 -35.99 -25.66
N HIS B 947 6.28 -35.50 -25.63
CA HIS B 947 6.02 -34.13 -26.05
C HIS B 947 6.69 -33.11 -25.16
N GLY B 948 7.25 -33.53 -24.05
CA GLY B 948 8.04 -32.62 -23.26
C GLY B 948 9.15 -32.05 -24.11
N PHE B 949 9.95 -32.91 -24.73
CA PHE B 949 11.16 -32.37 -25.33
C PHE B 949 10.93 -31.47 -26.54
N PRO B 950 10.39 -31.97 -27.65
CA PRO B 950 10.65 -31.32 -28.93
C PRO B 950 10.02 -29.94 -29.08
N SER B 951 8.76 -29.83 -28.70
CA SER B 951 8.09 -28.54 -28.88
C SER B 951 8.55 -27.53 -27.83
N ARG B 952 8.90 -28.03 -26.65
CA ARG B 952 9.65 -27.24 -25.69
C ARG B 952 11.14 -27.19 -26.07
N MET B 953 11.59 -28.14 -26.88
CA MET B 953 12.89 -28.11 -27.55
C MET B 953 14.09 -28.00 -26.61
N THR B 954 14.44 -29.08 -25.92
CA THR B 954 15.74 -29.13 -25.23
C THR B 954 16.37 -30.50 -25.47
N VAL B 955 17.51 -30.52 -26.14
CA VAL B 955 18.15 -31.79 -26.51
C VAL B 955 19.22 -32.23 -25.53
N GLY B 956 19.62 -31.36 -24.60
CA GLY B 956 20.73 -31.69 -23.72
C GLY B 956 20.39 -32.82 -22.77
N LYS B 957 19.18 -32.80 -22.22
CA LYS B 957 18.69 -33.94 -21.45
C LYS B 957 18.74 -35.21 -22.29
N MET B 958 18.19 -35.14 -23.49
CA MET B 958 18.11 -36.29 -24.37
C MET B 958 19.48 -36.90 -24.63
N ILE B 959 20.37 -36.16 -25.29
CA ILE B 959 21.74 -36.65 -25.49
C ILE B 959 22.35 -37.11 -24.18
N GLU B 960 22.16 -36.33 -23.12
CA GLU B 960 22.71 -36.67 -21.83
C GLU B 960 22.36 -38.09 -21.43
N LEU B 961 21.14 -38.54 -21.73
CA LEU B 961 20.80 -39.92 -21.48
C LEU B 961 21.81 -40.86 -22.10
N ILE B 962 22.02 -40.73 -23.41
CA ILE B 962 23.01 -41.58 -24.07
C ILE B 962 24.33 -41.50 -23.33
N SER B 963 24.75 -40.29 -22.96
CA SER B 963 25.96 -40.15 -22.17
C SER B 963 25.92 -41.01 -20.92
N GLY B 964 24.77 -41.04 -20.24
CA GLY B 964 24.66 -41.82 -19.03
C GLY B 964 24.78 -43.31 -19.28
N LYS B 965 23.93 -43.84 -20.15
CA LYS B 965 23.99 -45.27 -20.44
C LYS B 965 25.38 -45.65 -20.90
N ALA B 966 26.09 -44.74 -21.53
CA ALA B 966 27.51 -44.96 -21.71
C ALA B 966 28.24 -45.06 -20.37
N GLY B 967 28.07 -44.07 -19.50
CA GLY B 967 28.85 -44.01 -18.27
C GLY B 967 28.82 -45.28 -17.46
N VAL B 968 27.64 -45.88 -17.36
CA VAL B 968 27.46 -47.11 -16.59
C VAL B 968 28.20 -48.29 -17.19
N LEU B 969 28.57 -48.18 -18.47
CA LEU B 969 29.29 -49.24 -19.15
C LEU B 969 30.75 -49.29 -18.71
N ASN B 970 31.59 -48.50 -19.37
CA ASN B 970 33.01 -48.45 -19.03
C ASN B 970 33.21 -48.07 -17.58
N GLY B 971 32.14 -47.75 -16.87
CA GLY B 971 32.22 -47.50 -15.45
C GLY B 971 32.94 -46.22 -15.10
N THR B 972 32.46 -45.10 -15.64
CA THR B 972 33.04 -43.81 -15.37
C THR B 972 31.96 -42.78 -15.08
N LEU B 973 32.25 -41.88 -14.14
CA LEU B 973 31.62 -40.57 -14.18
C LEU B 973 32.02 -39.96 -15.51
N GLU B 974 31.17 -39.14 -16.10
CA GLU B 974 31.49 -38.70 -17.45
C GLU B 974 31.26 -37.20 -17.65
N TYR B 975 32.16 -36.59 -18.39
CA TYR B 975 32.14 -35.15 -18.65
C TYR B 975 30.92 -34.69 -19.45
N GLY B 976 31.18 -33.98 -20.54
CA GLY B 976 30.13 -33.43 -21.38
C GLY B 976 29.91 -32.01 -20.91
N THR B 977 30.95 -31.44 -20.30
CA THR B 977 30.91 -30.09 -19.78
C THR B 977 30.59 -29.09 -20.88
N CYS B 978 30.50 -27.82 -20.52
CA CYS B 978 29.91 -26.82 -21.39
C CYS B 978 30.86 -26.57 -22.55
N PHE B 979 30.28 -26.51 -23.75
CA PHE B 979 31.02 -26.31 -25.00
C PHE B 979 32.02 -27.43 -25.26
N GLY B 980 31.80 -28.60 -24.65
CA GLY B 980 32.91 -29.54 -24.61
C GLY B 980 32.74 -30.76 -23.75
N GLY B 981 33.86 -31.28 -23.25
CA GLY B 981 33.81 -32.55 -22.55
C GLY B 981 33.65 -33.71 -23.51
N SER B 982 32.69 -34.57 -23.19
CA SER B 982 32.51 -35.81 -23.93
C SER B 982 31.84 -35.57 -25.27
N LYS B 983 32.50 -35.95 -26.34
CA LYS B 983 31.88 -36.00 -27.64
C LYS B 983 30.80 -37.08 -27.63
N LEU B 984 29.81 -36.94 -28.52
CA LEU B 984 28.81 -37.97 -28.67
C LEU B 984 29.25 -39.12 -29.56
N GLU B 985 29.86 -38.83 -30.70
CA GLU B 985 30.07 -39.83 -31.74
C GLU B 985 30.81 -41.05 -31.21
N ASP B 986 31.74 -40.83 -30.28
CA ASP B 986 32.46 -41.95 -29.68
C ASP B 986 31.56 -42.85 -28.85
N MET B 987 30.70 -42.29 -28.00
CA MET B 987 29.83 -43.07 -27.15
C MET B 987 29.04 -44.18 -27.84
N SER B 988 28.59 -43.93 -29.06
CA SER B 988 28.00 -45.00 -29.87
C SER B 988 28.87 -46.24 -29.97
N LYS B 989 30.08 -46.09 -30.52
CA LYS B 989 31.02 -47.20 -30.53
C LYS B 989 31.16 -47.71 -29.12
N ILE B 990 31.08 -46.83 -28.12
CA ILE B 990 31.22 -47.28 -26.75
C ILE B 990 30.08 -48.18 -26.34
N LEU B 991 28.88 -47.96 -26.88
CA LEU B 991 27.78 -48.88 -26.65
C LEU B 991 27.79 -50.09 -27.55
N VAL B 992 28.04 -49.90 -28.85
CA VAL B 992 27.74 -50.97 -29.81
C VAL B 992 28.46 -52.25 -29.44
N ASP B 993 29.68 -52.16 -28.93
CA ASP B 993 30.41 -53.33 -28.48
C ASP B 993 29.67 -54.11 -27.42
N GLN B 994 29.03 -53.42 -26.47
CA GLN B 994 28.23 -54.07 -25.45
C GLN B 994 26.82 -54.32 -25.96
N GLY B 995 26.54 -53.98 -27.22
CA GLY B 995 25.37 -54.48 -27.89
C GLY B 995 24.05 -53.82 -27.60
N PHE B 996 24.04 -52.50 -27.52
CA PHE B 996 22.81 -51.72 -27.54
C PHE B 996 22.86 -50.78 -28.72
N ASN B 997 21.70 -50.24 -29.08
CA ASN B 997 21.58 -49.37 -30.25
C ASN B 997 22.55 -48.20 -30.15
N TYR B 998 22.98 -47.72 -31.32
CA TYR B 998 23.79 -46.51 -31.32
C TYR B 998 22.94 -45.30 -30.98
N SER B 999 21.63 -45.48 -30.88
CA SER B 999 20.79 -44.55 -30.14
C SER B 999 20.48 -45.16 -28.78
N GLY B 1000 19.81 -44.39 -27.94
CA GLY B 1000 19.43 -44.91 -26.65
C GLY B 1000 18.24 -45.84 -26.79
N LYS B 1001 17.70 -45.87 -28.00
CA LYS B 1001 16.47 -46.58 -28.30
C LYS B 1001 16.64 -48.07 -28.04
N ASP B 1002 15.55 -48.72 -27.68
CA ASP B 1002 15.54 -50.17 -27.45
C ASP B 1002 14.11 -50.66 -27.58
N MET B 1003 13.98 -51.96 -27.79
CA MET B 1003 12.69 -52.61 -27.66
C MET B 1003 12.29 -52.63 -26.20
N LEU B 1004 10.99 -52.70 -25.96
CA LEU B 1004 10.44 -52.96 -24.65
C LEU B 1004 9.22 -53.83 -24.79
N TYR B 1005 8.62 -54.20 -23.67
CA TYR B 1005 7.47 -55.08 -23.67
C TYR B 1005 6.36 -54.50 -22.83
N SER B 1006 5.13 -54.66 -23.30
CA SER B 1006 3.99 -54.03 -22.66
C SER B 1006 3.94 -54.37 -21.19
N GLY B 1007 4.00 -53.34 -20.37
CA GLY B 1007 3.85 -53.55 -18.95
C GLY B 1007 2.57 -54.21 -18.56
N ILE B 1008 1.51 -53.92 -19.30
CA ILE B 1008 0.25 -54.64 -19.18
C ILE B 1008 0.23 -55.86 -20.09
N THR B 1009 0.13 -55.63 -21.38
CA THR B 1009 -0.30 -56.71 -22.27
C THR B 1009 0.83 -57.70 -22.52
N GLY B 1010 2.07 -57.31 -22.26
CA GLY B 1010 3.19 -58.21 -22.37
C GLY B 1010 3.54 -58.66 -23.77
N GLU B 1011 3.84 -57.74 -24.68
CA GLU B 1011 4.38 -58.08 -25.98
C GLU B 1011 5.23 -56.93 -26.49
N CYS B 1012 5.76 -57.11 -27.70
CA CYS B 1012 6.67 -56.13 -28.27
C CYS B 1012 5.99 -54.79 -28.46
N LEU B 1013 6.66 -53.72 -28.06
CA LEU B 1013 6.14 -52.39 -28.34
C LEU B 1013 6.40 -52.02 -29.78
N GLN B 1014 5.51 -51.22 -30.35
CA GLN B 1014 5.55 -51.00 -31.78
C GLN B 1014 6.74 -50.14 -32.18
N ALA B 1015 7.07 -49.14 -31.36
CA ALA B 1015 8.16 -48.23 -31.66
C ALA B 1015 9.27 -48.39 -30.62
N TYR B 1016 10.51 -48.42 -31.10
CA TYR B 1016 11.62 -48.50 -30.19
C TYR B 1016 11.60 -47.29 -29.26
N ILE B 1017 12.14 -47.47 -28.07
CA ILE B 1017 12.09 -46.41 -27.07
C ILE B 1017 13.49 -46.03 -26.66
N PHE B 1018 13.83 -44.77 -26.91
CA PHE B 1018 14.96 -44.11 -26.29
C PHE B 1018 14.73 -44.12 -24.78
N PHE B 1019 15.67 -44.74 -24.05
CA PHE B 1019 15.71 -44.61 -22.60
C PHE B 1019 17.07 -45.02 -22.07
N GLY B 1020 17.34 -44.60 -20.85
CA GLY B 1020 18.57 -44.93 -20.15
C GLY B 1020 18.69 -44.08 -18.92
N PRO B 1021 19.56 -44.47 -17.99
CA PRO B 1021 19.63 -43.78 -16.69
C PRO B 1021 19.93 -42.30 -16.83
N ILE B 1022 19.27 -41.50 -15.99
CA ILE B 1022 19.51 -40.06 -15.92
C ILE B 1022 19.35 -39.67 -14.45
N TYR B 1023 19.27 -38.37 -14.19
CA TYR B 1023 19.35 -37.87 -12.82
C TYR B 1023 18.22 -36.88 -12.56
N TYR B 1024 17.33 -37.24 -11.64
CA TYR B 1024 16.17 -36.41 -11.29
C TYR B 1024 16.22 -36.07 -9.82
N GLN B 1025 15.49 -35.04 -9.44
CA GLN B 1025 15.57 -34.53 -8.08
C GLN B 1025 14.23 -33.95 -7.65
N LYS B 1026 14.09 -33.78 -6.35
CA LYS B 1026 12.84 -33.42 -5.73
C LYS B 1026 12.97 -32.04 -5.09
N LEU B 1027 12.03 -31.17 -5.39
CA LEU B 1027 12.16 -29.78 -5.02
C LEU B 1027 11.40 -29.50 -3.73
N LYS B 1028 11.26 -28.22 -3.41
CA LYS B 1028 10.31 -27.78 -2.39
C LYS B 1028 8.95 -27.93 -3.03
N HIS B 1029 7.91 -27.37 -2.43
CA HIS B 1029 6.56 -27.49 -2.94
C HIS B 1029 6.09 -28.94 -2.85
N MET B 1030 6.49 -29.59 -1.76
CA MET B 1030 5.82 -30.80 -1.36
C MET B 1030 4.32 -30.55 -1.33
N VAL B 1031 3.56 -31.44 -1.98
CA VAL B 1031 2.11 -31.23 -2.01
C VAL B 1031 1.56 -31.16 -0.61
N LEU B 1032 2.11 -31.93 0.31
CA LEU B 1032 1.51 -32.15 1.60
C LEU B 1032 1.52 -30.92 2.47
N ASP B 1033 2.40 -29.96 2.20
CA ASP B 1033 2.30 -28.66 2.84
C ASP B 1033 1.16 -27.83 2.31
N LYS B 1034 0.97 -27.83 0.99
CA LYS B 1034 0.21 -26.77 0.35
C LYS B 1034 -1.27 -27.12 0.21
N MET B 1035 -1.66 -28.35 0.50
CA MET B 1035 -3.06 -28.73 0.39
C MET B 1035 -3.84 -28.22 1.58
N HIS B 1036 -4.79 -27.34 1.33
CA HIS B 1036 -5.32 -26.51 2.39
C HIS B 1036 -6.80 -26.26 2.13
N ALA B 1037 -7.61 -26.38 3.17
CA ALA B 1037 -9.06 -26.28 3.00
C ALA B 1037 -9.68 -25.69 4.27
N ARG B 1038 -10.79 -24.98 4.09
CA ARG B 1038 -11.44 -24.32 5.20
C ARG B 1038 -12.93 -24.56 5.17
N ALA B 1039 -13.47 -25.14 6.24
CA ALA B 1039 -14.91 -25.26 6.39
C ALA B 1039 -15.45 -23.99 7.02
N ARG B 1040 -15.21 -23.81 8.31
CA ARG B 1040 -15.47 -22.54 8.99
C ARG B 1040 -14.22 -22.18 9.76
N GLY B 1041 -13.53 -21.13 9.33
CA GLY B 1041 -12.35 -20.69 10.03
C GLY B 1041 -12.55 -19.39 10.75
N PRO B 1042 -11.52 -18.91 11.42
CA PRO B 1042 -11.60 -17.63 12.12
C PRO B 1042 -11.95 -16.40 11.29
N ARG B 1043 -12.49 -15.40 11.96
CA ARG B 1043 -12.64 -14.05 11.42
C ARG B 1043 -11.86 -12.87 11.96
N ALA B 1044 -11.24 -12.10 11.06
CA ALA B 1044 -10.26 -11.10 11.42
C ALA B 1044 -11.01 -10.15 12.34
N VAL B 1045 -10.26 -9.58 13.31
CA VAL B 1045 -10.84 -8.62 14.25
C VAL B 1045 -11.67 -7.57 13.56
N LEU B 1046 -11.11 -6.90 12.56
CA LEU B 1046 -11.83 -5.89 11.80
C LEU B 1046 -13.07 -6.39 11.10
N THR B 1047 -12.93 -7.22 10.07
CA THR B 1047 -13.99 -7.28 9.07
C THR B 1047 -14.81 -8.50 9.42
N ARG B 1048 -14.43 -9.31 10.41
CA ARG B 1048 -15.08 -10.62 10.63
C ARG B 1048 -15.57 -11.28 9.29
N GLN B 1049 -14.56 -11.82 8.61
CA GLN B 1049 -14.75 -12.54 7.36
C GLN B 1049 -13.91 -13.80 7.45
N PRO B 1050 -13.19 -14.14 6.37
CA PRO B 1050 -12.33 -15.32 6.36
C PRO B 1050 -10.86 -14.94 6.56
N THR B 1051 -10.34 -15.11 7.77
CA THR B 1051 -8.95 -14.76 8.02
C THR B 1051 -8.07 -15.17 6.85
N GLU B 1052 -6.97 -14.46 6.69
CA GLU B 1052 -6.23 -14.47 5.45
C GLU B 1052 -5.30 -15.67 5.31
N GLY B 1053 -5.05 -16.05 4.07
CA GLY B 1053 -4.10 -17.02 3.55
C GLY B 1053 -4.26 -18.44 4.06
N ARG B 1054 -3.15 -19.16 3.98
CA ARG B 1054 -2.92 -20.43 4.65
C ARG B 1054 -2.24 -20.08 5.97
N SER B 1055 -1.54 -21.04 6.61
CA SER B 1055 -0.93 -20.76 7.91
C SER B 1055 -2.02 -20.45 8.92
N ARG B 1056 -2.18 -19.17 9.27
CA ARG B 1056 -3.08 -18.72 10.33
C ARG B 1056 -4.34 -19.58 10.33
N ASP B 1057 -5.12 -19.46 9.26
CA ASP B 1057 -6.03 -20.53 8.87
C ASP B 1057 -6.53 -20.22 7.48
N GLY B 1058 -7.45 -21.05 6.97
CA GLY B 1058 -7.76 -21.05 5.55
C GLY B 1058 -8.63 -19.91 5.07
N GLY B 1059 -9.34 -20.17 3.98
CA GLY B 1059 -10.13 -19.16 3.31
C GLY B 1059 -9.35 -18.66 2.12
N LEU B 1060 -10.04 -18.32 1.05
CA LEU B 1060 -9.33 -18.00 -0.18
C LEU B 1060 -9.80 -16.69 -0.79
N ARG B 1061 -9.22 -16.35 -1.92
CA ARG B 1061 -9.36 -15.01 -2.47
C ARG B 1061 -10.10 -15.02 -3.80
N LEU B 1062 -11.33 -14.50 -3.82
CA LEU B 1062 -12.01 -14.21 -5.07
C LEU B 1062 -11.91 -12.72 -5.29
N GLY B 1063 -11.10 -12.33 -6.25
CA GLY B 1063 -10.84 -10.92 -6.50
C GLY B 1063 -11.75 -10.37 -7.57
N GLU B 1064 -11.55 -9.09 -7.86
CA GLU B 1064 -12.32 -8.45 -8.93
C GLU B 1064 -12.29 -9.26 -10.21
N MET B 1065 -11.12 -9.34 -10.85
CA MET B 1065 -11.03 -9.90 -12.19
C MET B 1065 -11.67 -11.28 -12.26
N GLU B 1066 -11.42 -12.12 -11.28
CA GLU B 1066 -12.11 -13.40 -11.21
C GLU B 1066 -13.60 -13.22 -11.03
N ARG B 1067 -14.02 -12.36 -10.11
CA ARG B 1067 -15.44 -12.20 -9.84
C ARG B 1067 -16.21 -11.82 -11.09
N ASP B 1068 -15.77 -10.77 -11.76
CA ASP B 1068 -16.46 -10.28 -12.95
C ASP B 1068 -16.80 -11.39 -13.91
N CYS B 1069 -15.99 -12.44 -13.95
CA CYS B 1069 -16.33 -13.60 -14.76
C CYS B 1069 -17.77 -14.04 -14.53
N VAL B 1070 -18.12 -14.42 -13.29
CA VAL B 1070 -19.44 -15.01 -13.05
C VAL B 1070 -20.58 -14.11 -13.51
N ILE B 1071 -20.32 -12.83 -13.75
CA ILE B 1071 -21.32 -12.04 -14.44
C ILE B 1071 -21.64 -12.65 -15.79
N ALA B 1072 -20.62 -12.95 -16.58
CA ALA B 1072 -20.86 -13.32 -17.97
C ALA B 1072 -21.61 -14.64 -18.09
N TYR B 1073 -21.79 -15.35 -16.98
CA TYR B 1073 -22.72 -16.45 -17.00
C TYR B 1073 -24.09 -16.03 -16.52
N GLY B 1074 -24.26 -14.76 -16.17
CA GLY B 1074 -25.54 -14.28 -15.71
C GLY B 1074 -26.00 -14.87 -14.39
N ALA B 1075 -25.14 -15.58 -13.70
CA ALA B 1075 -25.56 -16.26 -12.48
C ALA B 1075 -25.67 -15.22 -11.38
N SER B 1076 -26.89 -15.05 -10.85
CA SER B 1076 -27.07 -14.24 -9.66
C SER B 1076 -26.76 -15.02 -8.40
N GLN B 1077 -27.35 -16.20 -8.27
CA GLN B 1077 -27.36 -16.87 -6.99
C GLN B 1077 -25.96 -17.30 -6.58
N LEU B 1078 -25.06 -17.48 -7.53
CA LEU B 1078 -23.69 -17.76 -7.15
C LEU B 1078 -23.10 -16.56 -6.44
N LEU B 1079 -23.48 -15.36 -6.84
CA LEU B 1079 -23.07 -14.19 -6.06
C LEU B 1079 -23.78 -14.14 -4.73
N LEU B 1080 -25.11 -14.19 -4.74
CA LEU B 1080 -25.84 -14.06 -3.48
C LEU B 1080 -25.38 -15.08 -2.44
N GLU B 1081 -25.03 -16.29 -2.85
CA GLU B 1081 -24.32 -17.15 -1.93
C GLU B 1081 -22.95 -16.62 -1.61
N ARG B 1082 -22.20 -16.21 -2.63
CA ARG B 1082 -20.76 -16.10 -2.51
C ARG B 1082 -20.35 -14.89 -1.68
N LEU B 1083 -20.57 -13.69 -2.19
CA LEU B 1083 -20.11 -12.52 -1.45
C LEU B 1083 -21.14 -12.07 -0.42
N MET B 1084 -22.22 -12.83 -0.27
CA MET B 1084 -23.24 -12.43 0.69
C MET B 1084 -23.38 -13.41 1.86
N ILE B 1085 -23.95 -14.59 1.62
CA ILE B 1085 -24.18 -15.52 2.74
C ILE B 1085 -22.87 -15.94 3.39
N SER B 1086 -21.95 -16.49 2.61
CA SER B 1086 -20.83 -17.19 3.22
C SER B 1086 -19.62 -16.30 3.39
N SER B 1087 -19.71 -15.04 2.97
CA SER B 1087 -18.65 -14.09 3.26
C SER B 1087 -18.86 -13.44 4.61
N ASP B 1088 -19.89 -12.61 4.72
CA ASP B 1088 -20.35 -12.12 6.02
C ASP B 1088 -21.88 -12.22 6.05
N ALA B 1089 -22.39 -13.11 6.88
CA ALA B 1089 -23.84 -13.26 7.00
C ALA B 1089 -24.27 -12.37 8.15
N PHE B 1090 -25.00 -11.30 7.86
CA PHE B 1090 -25.15 -10.23 8.83
C PHE B 1090 -26.48 -9.51 8.62
N GLU B 1091 -27.08 -9.11 9.74
CA GLU B 1091 -28.32 -8.35 9.79
C GLU B 1091 -28.02 -6.95 10.31
N VAL B 1092 -28.79 -5.98 9.86
CA VAL B 1092 -28.72 -4.63 10.40
C VAL B 1092 -30.12 -4.15 10.71
N ASP B 1093 -30.26 -3.47 11.84
CA ASP B 1093 -31.51 -2.85 12.24
C ASP B 1093 -31.53 -1.43 11.71
N VAL B 1094 -32.47 -1.12 10.82
CA VAL B 1094 -32.51 0.16 10.13
C VAL B 1094 -33.89 0.79 10.31
N CYS B 1095 -33.99 2.09 10.02
CA CYS B 1095 -35.22 2.83 10.26
C CYS B 1095 -35.62 3.57 8.99
N ASP B 1096 -36.85 3.36 8.54
CA ASP B 1096 -37.36 4.10 7.40
C ASP B 1096 -37.18 5.60 7.61
N LYS B 1097 -37.90 6.15 8.59
CA LYS B 1097 -37.64 7.53 8.99
C LYS B 1097 -36.16 7.71 9.27
N CYS B 1098 -35.59 8.80 8.77
CA CYS B 1098 -34.19 9.15 8.97
C CYS B 1098 -33.30 7.92 8.86
N GLY B 1099 -33.19 7.39 7.65
CA GLY B 1099 -32.53 6.11 7.45
C GLY B 1099 -31.09 6.08 7.90
N LEU B 1100 -30.82 5.20 8.86
CA LEU B 1100 -29.49 4.98 9.42
C LEU B 1100 -29.44 3.55 9.92
N MET B 1101 -28.34 3.21 10.57
CA MET B 1101 -28.23 1.85 11.11
C MET B 1101 -28.21 1.87 12.63
N GLY B 1102 -29.28 1.36 13.20
CA GLY B 1102 -29.31 1.20 14.63
C GLY B 1102 -29.09 -0.26 15.00
N TYR B 1103 -29.58 -0.65 16.16
CA TYR B 1103 -29.47 -2.02 16.61
C TYR B 1103 -30.62 -2.30 17.55
N SER B 1104 -31.02 -3.57 17.64
CA SER B 1104 -32.06 -3.99 18.57
C SER B 1104 -33.30 -3.13 18.40
N GLY B 1105 -33.62 -2.34 19.42
CA GLY B 1105 -34.83 -1.55 19.45
C GLY B 1105 -34.73 -0.06 19.24
N TRP B 1106 -33.69 0.45 18.58
CA TRP B 1106 -33.60 1.90 18.46
C TRP B 1106 -33.00 2.32 17.13
N CYS B 1107 -33.52 3.42 16.60
CA CYS B 1107 -32.85 4.18 15.56
C CYS B 1107 -31.90 5.23 16.14
N THR B 1108 -32.04 5.56 17.42
CA THR B 1108 -31.03 6.23 18.21
C THR B 1108 -30.75 7.65 17.77
N THR B 1109 -31.09 8.00 16.52
CA THR B 1109 -31.26 9.41 16.21
C THR B 1109 -32.66 9.86 16.55
N CYS B 1110 -33.64 9.03 16.27
CA CYS B 1110 -34.99 9.18 16.77
C CYS B 1110 -35.18 8.10 17.83
N LYS B 1111 -35.43 8.50 19.06
CA LYS B 1111 -35.90 7.53 20.03
C LYS B 1111 -37.17 6.93 19.47
N SER B 1112 -37.14 5.63 19.21
CA SER B 1112 -38.11 5.08 18.26
C SER B 1112 -38.75 3.80 18.75
N ALA B 1113 -37.97 2.72 18.75
CA ALA B 1113 -38.44 1.38 19.08
C ALA B 1113 -39.59 0.94 18.17
N GLU B 1114 -39.65 1.49 16.96
CA GLU B 1114 -40.71 1.10 16.06
C GLU B 1114 -40.28 0.80 14.62
N ASN B 1115 -39.81 1.79 13.86
CA ASN B 1115 -39.76 1.74 12.41
C ASN B 1115 -38.69 0.79 11.89
N ILE B 1116 -37.92 0.19 12.80
CA ILE B 1116 -36.81 -0.70 12.45
C ILE B 1116 -37.33 -1.80 11.53
N ILE B 1117 -36.49 -2.21 10.58
CA ILE B 1117 -36.75 -3.37 9.74
C ILE B 1117 -35.53 -4.27 9.80
N LYS B 1118 -35.70 -5.46 10.38
CA LYS B 1118 -34.62 -6.43 10.44
C LYS B 1118 -34.36 -6.93 9.03
N MET B 1119 -33.09 -6.91 8.61
CA MET B 1119 -32.74 -7.27 7.25
C MET B 1119 -31.28 -7.69 7.19
N THR B 1120 -30.86 -8.12 5.99
CA THR B 1120 -29.54 -8.69 5.80
C THR B 1120 -28.74 -7.87 4.80
N ILE B 1121 -27.46 -7.68 5.13
CA ILE B 1121 -26.54 -6.89 4.33
C ILE B 1121 -25.16 -7.48 4.59
N PRO B 1122 -24.18 -7.33 3.70
CA PRO B 1122 -22.82 -7.72 4.07
C PRO B 1122 -22.31 -6.89 5.24
N TYR B 1123 -21.78 -7.59 6.25
CA TYR B 1123 -21.15 -6.88 7.36
C TYR B 1123 -20.03 -6.00 6.88
N ALA B 1124 -19.37 -6.38 5.79
CA ALA B 1124 -18.48 -5.45 5.13
C ALA B 1124 -19.21 -4.18 4.75
N ALA B 1125 -20.44 -4.29 4.27
CA ALA B 1125 -21.16 -3.09 3.86
C ALA B 1125 -21.47 -2.20 5.04
N LYS B 1126 -22.00 -2.78 6.12
CA LYS B 1126 -22.18 -2.00 7.32
C LYS B 1126 -20.89 -1.29 7.69
N LEU B 1127 -19.79 -2.04 7.68
CA LEU B 1127 -18.50 -1.42 7.97
C LEU B 1127 -18.28 -0.22 7.09
N LEU B 1128 -18.57 -0.34 5.79
CA LEU B 1128 -18.38 0.79 4.89
C LEU B 1128 -19.22 1.98 5.33
N PHE B 1129 -20.51 1.77 5.60
CA PHE B 1129 -21.29 2.88 6.11
C PHE B 1129 -20.65 3.49 7.33
N GLN B 1130 -20.61 2.77 8.44
CA GLN B 1130 -20.11 3.35 9.69
C GLN B 1130 -18.81 4.12 9.55
N GLU B 1131 -17.84 3.60 8.79
CA GLU B 1131 -16.69 4.41 8.38
C GLU B 1131 -17.08 5.74 7.77
N LEU B 1132 -17.82 5.71 6.67
CA LEU B 1132 -18.33 6.92 6.06
C LEU B 1132 -18.97 7.79 7.13
N LEU B 1133 -20.05 7.31 7.74
CA LEU B 1133 -20.78 8.08 8.73
C LEU B 1133 -19.90 8.41 9.93
N SER B 1134 -18.81 7.69 10.14
CA SER B 1134 -17.85 8.15 11.15
C SER B 1134 -17.15 9.42 10.70
N MET B 1135 -16.80 9.50 9.44
CA MET B 1135 -16.52 10.78 8.82
C MET B 1135 -17.86 11.46 8.58
N ASN B 1136 -17.84 12.67 8.04
CA ASN B 1136 -19.15 13.28 7.84
C ASN B 1136 -19.65 12.96 6.44
N ILE B 1137 -20.69 12.13 6.38
CA ILE B 1137 -21.43 11.80 5.17
C ILE B 1137 -22.53 10.82 5.57
N ALA B 1138 -23.63 10.84 4.84
CA ALA B 1138 -24.75 9.95 5.15
C ALA B 1138 -25.46 9.46 3.90
N PRO B 1139 -25.38 8.15 3.64
CA PRO B 1139 -26.10 7.54 2.53
C PRO B 1139 -27.36 6.97 3.18
N ARG B 1140 -28.23 7.84 3.71
CA ARG B 1140 -29.49 7.40 4.34
C ARG B 1140 -30.27 6.52 3.37
N LEU B 1141 -30.84 5.43 3.85
CA LEU B 1141 -31.43 4.51 2.88
C LEU B 1141 -32.90 4.75 2.55
N ARG B 1142 -33.29 4.34 1.35
CA ARG B 1142 -34.69 4.20 1.00
C ARG B 1142 -35.04 2.73 0.79
N LEU B 1143 -36.25 2.37 1.22
CA LEU B 1143 -36.71 0.99 1.21
C LEU B 1143 -37.97 0.89 0.37
N GLU B 1144 -38.33 -0.34 0.02
CA GLU B 1144 -39.46 -0.63 -0.84
C GLU B 1144 -39.99 -2.02 -0.53
N ASP B 1145 -41.23 -2.24 -0.92
CA ASP B 1145 -41.82 -3.57 -0.81
C ASP B 1145 -41.13 -4.51 -1.78
N ILE B 1146 -40.66 -5.65 -1.28
CA ILE B 1146 -40.11 -6.64 -2.19
C ILE B 1146 -41.21 -7.27 -3.01
N PHE B 1147 -42.35 -7.53 -2.39
CA PHE B 1147 -43.51 -8.05 -3.05
C PHE B 1147 -44.43 -6.91 -3.48
N GLN B 1148 -45.64 -7.25 -3.88
CA GLN B 1148 -46.62 -6.26 -4.34
C GLN B 1148 -46.05 -5.50 -5.53
N GLN B 1149 -45.95 -6.23 -6.64
CA GLN B 1149 -45.25 -5.77 -7.84
C GLN B 1149 -43.81 -5.40 -7.50
N MET C 1 0.98 -63.81 -37.47
CA MET C 1 1.25 -64.75 -38.55
C MET C 1 2.61 -65.40 -38.45
N SER C 2 2.60 -66.74 -38.46
CA SER C 2 3.80 -67.53 -38.68
C SER C 2 4.87 -67.17 -37.65
N ASN C 3 4.40 -66.72 -36.49
CA ASN C 3 5.21 -66.36 -35.34
C ASN C 3 6.42 -65.53 -35.75
N ILE C 4 6.25 -64.63 -36.71
CA ILE C 4 7.33 -63.76 -37.16
C ILE C 4 7.04 -62.36 -36.65
N VAL C 5 8.05 -61.73 -36.06
CA VAL C 5 7.92 -60.33 -35.71
C VAL C 5 8.85 -59.54 -36.62
N GLY C 6 8.31 -58.47 -37.18
CA GLY C 6 9.14 -57.59 -37.97
C GLY C 6 10.14 -56.87 -37.10
N ILE C 7 11.42 -56.98 -37.41
CA ILE C 7 12.40 -56.08 -36.84
C ILE C 7 12.95 -55.21 -37.96
N GLU C 8 12.53 -53.95 -37.98
CA GLU C 8 12.97 -53.02 -38.99
C GLU C 8 13.56 -51.81 -38.29
N TYR C 9 14.48 -51.14 -38.98
CA TYR C 9 15.29 -50.11 -38.35
C TYR C 9 14.45 -49.07 -37.60
N ASN C 10 13.35 -48.60 -38.17
CA ASN C 10 12.51 -47.68 -37.44
C ASN C 10 11.25 -48.29 -36.83
N ARG C 11 10.95 -49.57 -37.01
CA ARG C 11 9.63 -50.04 -36.62
C ARG C 11 9.61 -51.53 -36.33
N VAL C 12 8.42 -52.03 -35.99
CA VAL C 12 8.15 -53.44 -35.77
C VAL C 12 6.92 -53.87 -36.57
N THR C 13 6.69 -55.18 -36.63
CA THR C 13 5.62 -55.73 -37.45
C THR C 13 5.04 -56.97 -36.79
N ASN C 14 3.71 -57.11 -36.90
CA ASN C 14 3.02 -58.34 -36.53
C ASN C 14 3.23 -58.67 -35.06
N THR C 15 2.59 -57.91 -34.18
CA THR C 15 2.81 -58.04 -32.75
C THR C 15 1.76 -58.89 -32.07
N THR C 16 0.50 -58.47 -32.14
CA THR C 16 -0.58 -59.14 -31.43
C THR C 16 -0.64 -60.61 -31.81
N SER C 17 -1.05 -61.45 -30.85
CA SER C 17 -0.99 -62.91 -31.00
C SER C 17 -1.57 -63.40 -32.31
N THR C 18 -2.72 -62.88 -32.73
CA THR C 18 -3.38 -63.17 -34.00
C THR C 18 -3.42 -64.65 -34.37
N ASP C 19 -3.77 -65.52 -33.42
CA ASP C 19 -4.12 -66.89 -33.78
C ASP C 19 -5.36 -67.33 -33.01
N PHE C 20 -6.45 -67.55 -33.73
CA PHE C 20 -7.77 -67.94 -33.26
C PHE C 20 -8.74 -67.89 -34.44
N PRO C 21 -9.79 -68.68 -34.45
CA PRO C 21 -10.63 -68.70 -35.65
C PRO C 21 -11.62 -67.58 -35.62
N GLY C 22 -11.20 -66.42 -35.16
CA GLY C 22 -11.99 -65.23 -35.38
C GLY C 22 -11.64 -64.62 -36.72
N PHE C 23 -10.35 -64.53 -36.98
CA PHE C 23 -9.89 -63.57 -37.97
C PHE C 23 -9.65 -64.15 -39.34
N SER C 24 -9.96 -65.42 -39.56
CA SER C 24 -9.65 -66.01 -40.86
C SER C 24 -10.75 -66.62 -41.73
N LYS C 25 -10.60 -66.45 -43.05
CA LYS C 25 -11.53 -67.15 -43.96
C LYS C 25 -11.91 -68.57 -43.46
N ASP C 26 -11.04 -69.54 -43.72
CA ASP C 26 -10.95 -70.72 -42.88
C ASP C 26 -10.79 -70.45 -41.40
N ALA C 27 -11.66 -71.05 -40.59
CA ALA C 27 -11.62 -70.73 -39.18
C ALA C 27 -10.91 -71.84 -38.43
N GLU C 28 -9.70 -71.56 -37.97
CA GLU C 28 -8.88 -72.57 -37.31
C GLU C 28 -8.08 -71.96 -36.19
N ASN C 29 -7.17 -72.78 -35.66
CA ASN C 29 -6.64 -72.59 -34.31
C ASN C 29 -7.77 -72.25 -33.36
N GLU C 30 -8.71 -73.19 -33.26
CA GLU C 30 -9.76 -73.07 -32.26
C GLU C 30 -9.45 -74.02 -31.12
N TRP C 31 -8.93 -73.42 -30.04
CA TRP C 31 -8.86 -74.05 -28.73
C TRP C 31 -8.52 -75.52 -28.80
N ASN C 32 -9.47 -76.37 -28.38
CA ASN C 32 -9.25 -77.76 -28.03
C ASN C 32 -8.13 -77.82 -27.01
N VAL C 33 -7.37 -78.91 -27.03
CA VAL C 33 -6.19 -79.16 -26.22
C VAL C 33 -5.51 -80.24 -27.04
N GLU C 34 -4.43 -80.81 -26.54
CA GLU C 34 -3.82 -82.04 -27.03
C GLU C 34 -3.25 -81.83 -28.43
N LYS C 35 -3.76 -80.82 -29.13
CA LYS C 35 -2.95 -80.16 -30.14
C LYS C 35 -2.06 -79.13 -29.47
N PHE C 36 -2.62 -78.37 -28.53
CA PHE C 36 -1.84 -77.59 -27.60
C PHE C 36 -0.79 -78.43 -26.90
N LYS C 37 -1.23 -79.38 -26.07
CA LYS C 37 -0.35 -80.24 -25.30
C LYS C 37 0.78 -80.80 -26.15
N LYS C 38 0.45 -81.65 -27.12
CA LYS C 38 1.49 -82.34 -27.88
C LYS C 38 2.36 -81.36 -28.66
N ASP C 39 1.85 -80.19 -29.03
CA ASP C 39 2.72 -79.20 -29.62
C ASP C 39 3.50 -78.43 -28.56
N PHE C 40 2.87 -78.10 -27.45
CA PHE C 40 3.52 -77.30 -26.42
C PHE C 40 4.70 -78.06 -25.85
N GLU C 41 5.81 -77.36 -25.64
CA GLU C 41 7.00 -77.92 -25.05
C GLU C 41 7.61 -76.91 -24.10
N VAL C 42 8.71 -77.29 -23.47
CA VAL C 42 9.46 -76.40 -22.60
C VAL C 42 10.88 -76.95 -22.48
N ASN C 43 11.82 -76.07 -22.15
CA ASN C 43 13.20 -76.47 -21.95
C ASN C 43 13.80 -75.64 -20.81
N ILE C 44 14.93 -76.10 -20.31
CA ILE C 44 15.63 -75.40 -19.23
C ILE C 44 16.96 -74.88 -19.77
N SER C 45 17.39 -73.75 -19.24
CA SER C 45 18.73 -73.26 -19.54
C SER C 45 19.70 -73.89 -18.55
N SER C 46 19.61 -73.47 -17.30
CA SER C 46 20.40 -74.05 -16.21
C SER C 46 19.70 -73.76 -14.90
N LEU C 47 20.06 -74.49 -13.86
CA LEU C 47 19.47 -74.35 -12.54
C LEU C 47 20.54 -73.95 -11.55
N ASP C 48 20.34 -72.84 -10.86
CA ASP C 48 21.28 -72.43 -9.83
C ASP C 48 20.56 -72.26 -8.50
N ALA C 49 21.32 -71.99 -7.45
CA ALA C 49 20.71 -71.69 -6.17
C ALA C 49 19.80 -70.47 -6.25
N ARG C 50 20.39 -69.28 -6.40
CA ARG C 50 19.64 -68.04 -6.32
C ARG C 50 19.19 -67.55 -7.69
N GLU C 51 19.39 -68.36 -8.73
CA GLU C 51 19.02 -67.91 -10.07
C GLU C 51 18.47 -69.08 -10.88
N ALA C 52 17.53 -68.79 -11.78
CA ALA C 52 17.10 -69.78 -12.75
C ALA C 52 16.91 -69.12 -14.11
N ASN C 53 17.11 -69.91 -15.15
CA ASN C 53 16.88 -69.46 -16.51
C ASN C 53 16.36 -70.66 -17.30
N PHE C 54 15.39 -70.41 -18.18
CA PHE C 54 14.88 -71.47 -19.04
C PHE C 54 14.10 -70.89 -20.21
N ASP C 55 13.51 -71.80 -20.97
CA ASP C 55 12.93 -71.47 -22.28
C ASP C 55 11.57 -72.11 -22.40
N LEU C 56 10.67 -71.45 -23.13
CA LEU C 56 9.30 -71.89 -23.31
C LEU C 56 8.94 -71.75 -24.79
N ILE C 57 7.89 -72.42 -25.22
CA ILE C 57 7.58 -72.47 -26.66
C ILE C 57 6.08 -72.64 -26.89
N ASN C 58 5.61 -72.09 -28.01
CA ASN C 58 4.32 -72.45 -28.60
C ASN C 58 3.14 -72.06 -27.72
N ILE C 59 3.16 -70.84 -27.21
CA ILE C 59 2.01 -70.24 -26.54
C ILE C 59 2.01 -68.75 -26.82
N ASP C 60 0.86 -68.12 -26.60
CA ASP C 60 0.71 -66.71 -26.88
C ASP C 60 1.48 -65.89 -25.84
N THR C 61 1.50 -64.59 -26.01
CA THR C 61 2.12 -63.74 -25.02
C THR C 61 1.40 -63.77 -23.69
N SER C 62 0.07 -63.84 -23.70
CA SER C 62 -0.69 -63.51 -22.50
C SER C 62 -0.28 -64.37 -21.31
N ILE C 63 -0.66 -65.65 -21.31
CA ILE C 63 -0.43 -66.48 -20.14
C ILE C 63 1.00 -66.37 -19.63
N ALA C 64 1.98 -66.32 -20.52
CA ALA C 64 3.35 -66.07 -20.09
C ALA C 64 3.44 -64.77 -19.31
N ASN C 65 2.95 -63.69 -19.91
CA ASN C 65 2.89 -62.41 -19.21
C ASN C 65 2.29 -62.60 -17.84
N ALA C 66 1.19 -63.35 -17.73
CA ALA C 66 0.65 -63.67 -16.43
C ALA C 66 1.73 -64.20 -15.51
N PHE C 67 2.33 -65.34 -15.87
CA PHE C 67 3.35 -65.92 -15.00
C PHE C 67 4.37 -64.89 -14.55
N ARG C 68 4.85 -64.06 -15.47
CA ARG C 68 5.75 -62.98 -15.04
C ARG C 68 5.09 -62.11 -14.00
N ARG C 69 3.91 -61.60 -14.31
CA ARG C 69 3.23 -60.65 -13.43
C ARG C 69 2.96 -61.22 -12.06
N ILE C 70 2.11 -62.23 -11.97
CA ILE C 70 1.86 -62.88 -10.69
C ILE C 70 3.16 -63.26 -10.00
N MET C 71 4.18 -63.65 -10.78
CA MET C 71 5.48 -63.96 -10.23
C MET C 71 6.14 -62.76 -9.56
N ILE C 72 5.97 -61.55 -10.08
CA ILE C 72 6.60 -60.38 -9.48
C ILE C 72 5.71 -59.70 -8.45
N SER C 73 4.43 -60.07 -8.38
CA SER C 73 3.53 -59.40 -7.45
C SER C 73 2.71 -60.37 -6.63
N GLU C 74 1.86 -61.15 -7.28
CA GLU C 74 0.81 -61.85 -6.55
C GLU C 74 1.30 -63.12 -5.87
N VAL C 75 2.58 -63.47 -5.99
CA VAL C 75 3.13 -64.62 -5.29
C VAL C 75 3.40 -64.25 -3.83
N PRO C 76 3.46 -65.23 -2.93
CA PRO C 76 3.80 -64.90 -1.54
C PRO C 76 5.29 -64.77 -1.34
N SER C 77 5.66 -63.93 -0.39
CA SER C 77 6.96 -64.01 0.25
C SER C 77 6.86 -63.35 1.62
N VAL C 78 7.63 -63.86 2.58
CA VAL C 78 7.56 -63.42 3.95
C VAL C 78 8.75 -62.54 4.25
N ALA C 79 8.55 -61.54 5.12
CA ALA C 79 9.63 -60.64 5.47
C ALA C 79 9.32 -60.01 6.82
N ALA C 80 10.35 -59.47 7.45
CA ALA C 80 10.13 -58.68 8.64
C ALA C 80 9.61 -57.31 8.25
N GLU C 81 8.57 -56.86 8.95
CA GLU C 81 7.93 -55.61 8.57
C GLU C 81 7.77 -54.65 9.73
N TYR C 82 6.91 -54.97 10.67
CA TYR C 82 6.68 -54.09 11.81
C TYR C 82 7.93 -54.05 12.66
N VAL C 83 8.25 -52.89 13.21
CA VAL C 83 9.53 -52.68 13.87
C VAL C 83 9.31 -52.14 15.27
N TYR C 84 9.96 -52.80 16.23
CA TYR C 84 9.92 -52.42 17.64
C TYR C 84 11.38 -52.17 17.99
N PHE C 85 11.65 -51.16 18.82
CA PHE C 85 13.04 -50.85 19.12
C PHE C 85 13.45 -50.71 20.59
N PHE C 86 14.66 -51.19 20.86
CA PHE C 86 15.31 -51.12 22.17
C PHE C 86 16.13 -49.85 21.97
N ASN C 87 15.58 -48.73 22.40
CA ASN C 87 16.21 -47.44 22.17
C ASN C 87 16.94 -47.32 20.83
N ASN C 88 17.92 -46.41 20.79
CA ASN C 88 19.00 -46.31 19.80
C ASN C 88 19.62 -44.95 20.08
N THR C 89 20.92 -44.79 19.84
CA THR C 89 21.51 -43.46 19.80
C THR C 89 22.06 -43.05 18.42
N SER C 90 22.07 -43.97 17.47
CA SER C 90 23.07 -43.87 16.42
C SER C 90 22.78 -42.75 15.43
N VAL C 91 23.71 -42.57 14.49
CA VAL C 91 23.61 -41.50 13.52
C VAL C 91 22.42 -41.70 12.62
N ILE C 92 22.29 -42.89 12.06
CA ILE C 92 21.28 -43.13 11.04
C ILE C 92 19.90 -42.78 11.57
N GLN C 93 19.11 -42.12 10.73
CA GLN C 93 17.72 -41.89 11.06
C GLN C 93 17.04 -43.21 11.33
N ASP C 94 16.44 -43.33 12.51
CA ASP C 94 15.98 -44.62 12.99
C ASP C 94 14.88 -45.20 12.09
N GLU C 95 14.00 -44.36 11.58
CA GLU C 95 13.06 -44.83 10.57
C GLU C 95 13.76 -45.50 9.41
N VAL C 96 14.61 -44.73 8.70
CA VAL C 96 15.31 -45.29 7.55
C VAL C 96 15.96 -46.61 7.91
N LEU C 97 16.61 -46.67 9.06
CA LEU C 97 17.14 -47.94 9.53
C LEU C 97 16.08 -49.03 9.50
N ALA C 98 14.91 -48.75 10.07
CA ALA C 98 13.86 -49.75 10.03
C ALA C 98 13.52 -50.15 8.61
N HIS C 99 13.34 -49.17 7.72
CA HIS C 99 13.18 -49.46 6.31
C HIS C 99 14.21 -50.44 5.79
N ARG C 100 15.47 -50.29 6.22
CA ARG C 100 16.48 -51.24 5.79
C ARG C 100 16.09 -52.67 6.12
N ILE C 101 16.07 -53.00 7.41
CA ILE C 101 15.75 -54.35 7.85
C ILE C 101 14.45 -54.81 7.22
N GLY C 102 13.49 -53.91 7.11
CA GLY C 102 12.25 -54.22 6.43
C GLY C 102 12.53 -54.85 5.08
N LEU C 103 13.47 -54.28 4.35
CA LEU C 103 13.72 -54.78 3.00
C LEU C 103 14.57 -56.04 2.95
N VAL C 104 15.47 -56.26 3.89
CA VAL C 104 16.51 -57.27 3.66
C VAL C 104 15.87 -58.64 3.50
N PRO C 105 16.25 -59.40 2.48
CA PRO C 105 15.63 -60.70 2.27
C PRO C 105 15.97 -61.65 3.40
N LEU C 106 15.20 -62.73 3.46
CA LEU C 106 15.40 -63.78 4.45
C LEU C 106 15.41 -65.09 3.67
N LYS C 107 16.11 -66.09 4.19
CA LYS C 107 15.92 -67.43 3.66
C LYS C 107 15.02 -68.18 4.62
N VAL C 108 13.75 -68.30 4.25
CA VAL C 108 12.78 -69.03 5.04
C VAL C 108 11.62 -69.37 4.12
N ASP C 109 10.93 -70.42 4.45
CA ASP C 109 9.89 -70.86 3.54
C ASP C 109 8.54 -70.28 3.98
N PRO C 110 7.60 -70.13 3.05
CA PRO C 110 6.18 -70.06 3.43
C PRO C 110 5.73 -71.42 3.92
N ASP C 111 4.42 -71.64 3.99
CA ASP C 111 3.86 -72.95 4.25
C ASP C 111 4.11 -73.35 5.69
N MET C 112 5.05 -72.68 6.34
CA MET C 112 5.22 -72.80 7.78
C MET C 112 4.50 -71.68 8.51
N LEU C 113 3.77 -70.84 7.78
CA LEU C 113 3.11 -69.68 8.34
C LEU C 113 1.64 -69.68 7.98
N THR C 114 0.98 -68.58 8.31
CA THR C 114 -0.39 -68.29 7.92
C THR C 114 -0.46 -66.82 7.53
N TRP C 115 -1.67 -66.32 7.37
CA TRP C 115 -1.86 -64.90 7.09
C TRP C 115 -2.36 -64.16 8.31
N VAL C 116 -1.90 -62.93 8.47
CA VAL C 116 -2.44 -62.02 9.47
C VAL C 116 -3.88 -61.69 9.12
N ASP C 117 -4.71 -61.49 10.14
CA ASP C 117 -6.06 -61.02 9.95
C ASP C 117 -6.15 -59.56 10.36
N SER C 118 -6.77 -58.75 9.52
CA SER C 118 -7.06 -57.37 9.91
C SER C 118 -7.94 -57.33 11.15
N ASN C 119 -8.82 -58.32 11.30
CA ASN C 119 -9.65 -58.44 12.48
C ASN C 119 -8.83 -59.10 13.57
N LEU C 120 -9.49 -59.55 14.64
CA LEU C 120 -8.80 -60.18 15.75
C LEU C 120 -7.62 -59.30 16.13
N PRO C 121 -7.92 -58.12 16.69
CA PRO C 121 -6.96 -57.09 17.09
C PRO C 121 -6.06 -57.38 18.29
N ASP C 122 -5.22 -56.39 18.55
CA ASP C 122 -4.23 -56.36 19.63
C ASP C 122 -3.20 -57.48 19.52
N ASP C 123 -2.79 -58.04 20.66
CA ASP C 123 -1.80 -59.10 20.64
C ASP C 123 -2.26 -60.30 19.84
N GLU C 124 -3.57 -60.49 19.71
CA GLU C 124 -4.10 -61.58 18.92
C GLU C 124 -3.72 -61.46 17.45
N LYS C 125 -3.40 -60.25 16.99
CA LYS C 125 -2.96 -60.09 15.61
C LYS C 125 -1.75 -60.97 15.31
N PHE C 126 -0.61 -60.64 15.88
CA PHE C 126 0.64 -61.30 15.53
C PHE C 126 0.85 -62.46 16.49
N THR C 127 0.76 -63.68 15.99
CA THR C 127 0.77 -64.86 16.85
C THR C 127 1.58 -66.00 16.24
N ASP C 128 2.58 -66.45 17.01
CA ASP C 128 3.18 -67.77 16.85
C ASP C 128 3.50 -68.08 15.40
N GLU C 129 2.88 -69.14 14.86
CA GLU C 129 3.16 -69.59 13.50
C GLU C 129 2.88 -68.52 12.46
N ASN C 130 2.19 -67.46 12.83
CA ASN C 130 1.90 -66.39 11.89
C ASN C 130 2.92 -65.26 11.94
N THR C 131 3.95 -65.38 12.77
CA THR C 131 4.86 -64.26 13.01
C THR C 131 6.27 -64.78 13.25
N ILE C 132 7.27 -64.03 12.80
CA ILE C 132 8.66 -64.30 13.14
C ILE C 132 9.31 -63.01 13.59
N VAL C 133 9.68 -62.94 14.85
CA VAL C 133 10.08 -61.68 15.48
C VAL C 133 11.58 -61.71 15.76
N LEU C 134 12.28 -60.68 15.34
CA LEU C 134 13.74 -60.68 15.35
C LEU C 134 14.22 -59.63 16.34
N SER C 135 15.31 -59.95 17.03
CA SER C 135 15.93 -59.01 17.95
C SER C 135 17.39 -58.84 17.60
N LEU C 136 17.89 -57.62 17.82
CA LEU C 136 19.30 -57.32 17.59
C LEU C 136 19.70 -56.21 18.55
N ASN C 137 20.93 -56.31 19.05
CA ASN C 137 21.50 -55.21 19.83
C ASN C 137 23.01 -55.23 19.65
N VAL C 138 23.60 -54.06 19.47
CA VAL C 138 25.04 -53.88 19.56
C VAL C 138 25.31 -52.54 20.23
N LYS C 139 26.14 -52.54 21.26
CA LYS C 139 26.77 -51.34 21.76
C LYS C 139 28.23 -51.37 21.35
N CYS C 140 28.59 -50.48 20.43
CA CYS C 140 29.94 -50.49 19.86
C CYS C 140 30.96 -50.24 20.95
N THR C 141 32.01 -51.04 20.95
CA THR C 141 33.10 -50.92 21.90
C THR C 141 34.39 -50.58 21.18
N ARG C 142 35.10 -49.60 21.71
CA ARG C 142 36.45 -49.32 21.24
C ARG C 142 37.33 -50.53 21.46
N ASN C 143 37.95 -51.01 20.40
CA ASN C 143 38.96 -52.03 20.57
C ASN C 143 40.18 -51.38 21.21
N PRO C 144 40.57 -51.76 22.43
CA PRO C 144 41.70 -51.10 23.08
C PRO C 144 43.01 -51.30 22.36
N ASP C 145 43.12 -52.33 21.52
CA ASP C 145 44.29 -52.53 20.70
C ASP C 145 44.28 -51.49 19.60
N ALA C 146 45.36 -50.70 19.51
CA ALA C 146 45.45 -49.60 18.56
C ALA C 146 46.71 -49.81 17.71
N PRO C 147 46.64 -50.65 16.69
CA PRO C 147 47.83 -50.94 15.88
C PRO C 147 48.40 -49.72 15.20
N LYS C 148 47.54 -48.94 14.55
CA LYS C 148 47.96 -47.82 13.72
C LYS C 148 47.08 -46.62 14.03
N GLY C 149 47.34 -45.53 13.31
CA GLY C 149 46.34 -44.49 13.12
C GLY C 149 45.47 -44.89 11.95
N SER C 150 44.17 -44.62 12.09
CA SER C 150 43.18 -44.88 11.04
C SER C 150 43.36 -46.23 10.35
N THR C 151 43.09 -47.32 11.06
CA THR C 151 42.93 -48.59 10.38
C THR C 151 41.54 -48.59 9.76
N ASP C 152 41.11 -49.70 9.25
CA ASP C 152 39.66 -49.74 9.26
C ASP C 152 39.19 -49.68 10.71
N PRO C 153 38.23 -48.82 11.03
CA PRO C 153 37.89 -48.63 12.44
C PRO C 153 37.21 -49.86 13.01
N LYS C 154 37.83 -51.01 12.76
CA LYS C 154 37.48 -52.28 13.36
C LYS C 154 38.53 -52.55 14.42
N GLU C 155 39.79 -52.63 13.99
CA GLU C 155 40.92 -52.62 14.90
C GLU C 155 40.81 -51.46 15.88
N LEU C 156 40.24 -50.35 15.45
CA LEU C 156 39.81 -49.32 16.38
C LEU C 156 38.63 -49.79 17.21
N TYR C 157 37.57 -50.26 16.57
CA TYR C 157 36.27 -50.36 17.19
C TYR C 157 35.64 -51.70 16.84
N ASN C 158 35.28 -52.46 17.86
CA ASN C 158 34.70 -53.78 17.62
C ASN C 158 33.35 -53.65 16.93
N ASN C 159 33.09 -54.59 16.02
CA ASN C 159 31.83 -54.74 15.30
C ASN C 159 31.20 -53.43 14.87
N ALA C 160 31.90 -52.67 14.02
CA ALA C 160 31.38 -51.40 13.55
C ALA C 160 30.37 -51.57 12.42
N HIS C 161 30.64 -52.46 11.47
CA HIS C 161 29.78 -52.68 10.33
C HIS C 161 28.82 -53.81 10.68
N VAL C 162 27.54 -53.48 10.83
CA VAL C 162 26.58 -54.46 11.31
C VAL C 162 25.91 -55.17 10.14
N TYR C 163 25.76 -56.48 10.26
CA TYR C 163 25.34 -57.31 9.15
C TYR C 163 24.07 -58.06 9.49
N ALA C 164 23.37 -58.53 8.46
CA ALA C 164 22.31 -59.50 8.65
C ALA C 164 22.78 -60.68 9.48
N ARG C 165 24.03 -61.10 9.30
CA ARG C 165 24.65 -62.03 10.22
C ARG C 165 24.46 -61.63 11.66
N ASP C 166 24.59 -60.34 11.96
CA ASP C 166 24.45 -59.90 13.34
C ASP C 166 23.02 -60.06 13.84
N LEU C 167 22.06 -60.25 12.95
CA LEU C 167 20.72 -60.55 13.41
C LEU C 167 20.69 -61.96 13.99
N LYS C 168 19.86 -62.15 15.00
CA LYS C 168 19.51 -63.47 15.47
C LYS C 168 18.00 -63.53 15.61
N PHE C 169 17.50 -64.66 16.09
CA PHE C 169 16.06 -64.82 16.21
C PHE C 169 15.72 -65.53 17.51
N GLU C 170 14.61 -65.10 18.12
CA GLU C 170 14.11 -65.73 19.34
C GLU C 170 12.95 -66.65 18.98
N PRO C 171 13.14 -67.97 19.02
CA PRO C 171 12.01 -68.88 18.86
C PRO C 171 11.14 -68.92 20.10
N GLN C 172 9.94 -69.46 19.93
CA GLN C 172 8.94 -69.52 21.00
C GLN C 172 8.23 -70.87 21.04
N GLY C 173 7.19 -70.96 21.86
CA GLY C 173 6.44 -72.20 21.97
C GLY C 173 5.91 -72.64 20.62
N ARG C 174 6.24 -73.87 20.22
CA ARG C 174 5.89 -74.45 18.93
C ARG C 174 6.63 -73.74 17.81
N GLN C 175 7.16 -72.56 18.11
CA GLN C 175 8.00 -71.83 17.16
C GLN C 175 9.38 -72.43 17.07
N SER C 176 9.99 -72.78 18.20
CA SER C 176 11.27 -73.47 18.23
C SER C 176 11.21 -74.79 17.48
N THR C 177 10.41 -75.73 17.98
CA THR C 177 10.42 -77.13 17.54
C THR C 177 10.40 -77.29 16.03
N THR C 178 9.75 -76.39 15.29
CA THR C 178 9.59 -76.53 13.86
C THR C 178 10.80 -76.13 13.03
N PHE C 179 11.52 -75.07 13.40
CA PHE C 179 12.63 -74.59 12.59
C PHE C 179 13.98 -75.13 13.05
N ALA C 180 13.98 -76.12 13.96
CA ALA C 180 15.25 -76.67 14.44
C ALA C 180 16.20 -77.01 13.30
N ASP C 181 15.76 -77.79 12.31
CA ASP C 181 16.62 -78.08 11.17
C ASP C 181 16.44 -77.06 10.07
N CYS C 182 15.62 -76.04 10.30
CA CYS C 182 15.46 -74.93 9.36
C CYS C 182 15.91 -73.68 10.09
N PRO C 183 17.21 -73.54 10.37
CA PRO C 183 17.66 -72.41 11.15
C PRO C 183 17.33 -71.11 10.46
N VAL C 184 16.70 -70.22 11.21
CA VAL C 184 16.30 -68.94 10.66
C VAL C 184 17.53 -68.14 10.24
N VAL C 185 17.55 -67.73 8.97
CA VAL C 185 18.72 -67.07 8.41
C VAL C 185 18.28 -65.93 7.51
N PRO C 186 19.01 -64.84 7.47
CA PRO C 186 18.62 -63.66 6.70
C PRO C 186 19.14 -63.63 5.28
N ALA C 187 18.82 -64.67 4.51
CA ALA C 187 19.25 -64.74 3.12
C ALA C 187 20.75 -64.50 3.00
N ASP C 188 21.13 -63.45 2.27
CA ASP C 188 22.53 -63.07 2.22
C ASP C 188 22.91 -62.40 3.52
N PRO C 189 23.77 -63.00 4.35
CA PRO C 189 24.11 -62.39 5.63
C PRO C 189 24.86 -61.08 5.52
N ASP C 190 25.46 -60.81 4.37
CA ASP C 190 26.30 -59.63 4.19
C ASP C 190 25.45 -58.53 3.60
N ILE C 191 25.14 -57.53 4.41
CA ILE C 191 24.57 -56.26 3.97
C ILE C 191 24.96 -55.22 5.01
N LEU C 192 25.09 -53.96 4.60
CA LEU C 192 25.41 -52.96 5.59
C LEU C 192 24.11 -52.42 6.15
N LEU C 193 23.82 -52.79 7.39
CA LEU C 193 22.62 -52.28 8.01
C LEU C 193 22.86 -50.88 8.55
N ALA C 194 24.00 -50.69 9.21
CA ALA C 194 24.35 -49.41 9.78
C ALA C 194 25.85 -49.34 9.96
N LYS C 195 26.37 -48.12 10.05
CA LYS C 195 27.72 -47.85 10.51
C LYS C 195 27.61 -47.01 11.76
N LEU C 196 28.66 -47.01 12.57
CA LEU C 196 28.60 -46.44 13.91
C LEU C 196 29.99 -46.34 14.51
N ARG C 197 30.05 -45.79 15.72
CA ARG C 197 31.27 -45.65 16.48
C ARG C 197 30.96 -45.84 17.96
N PRO C 198 31.91 -46.35 18.75
CA PRO C 198 31.61 -46.61 20.16
C PRO C 198 31.17 -45.35 20.85
N GLY C 199 30.41 -45.51 21.93
CA GLY C 199 29.53 -44.46 22.39
C GLY C 199 28.21 -44.47 21.66
N GLN C 200 27.96 -45.50 20.86
CA GLN C 200 26.69 -45.68 20.15
C GLN C 200 26.20 -47.10 20.36
N GLU C 201 24.89 -47.27 20.30
CA GLU C 201 24.25 -48.56 20.48
C GLU C 201 22.92 -48.57 19.75
N ILE C 202 22.53 -49.75 19.25
CA ILE C 202 21.23 -49.94 18.60
C ILE C 202 20.67 -51.27 19.07
N SER C 203 19.42 -51.27 19.51
CA SER C 203 18.72 -52.51 19.84
C SER C 203 17.27 -52.41 19.39
N LEU C 204 16.72 -53.55 19.00
CA LEU C 204 15.40 -53.61 18.41
C LEU C 204 14.89 -55.04 18.53
N LYS C 205 13.57 -55.17 18.46
CA LYS C 205 12.98 -56.39 17.93
C LYS C 205 11.88 -55.95 16.97
N ALA C 206 12.05 -56.27 15.71
CA ALA C 206 11.01 -56.03 14.72
C ALA C 206 10.22 -57.32 14.54
N HIS C 207 9.18 -57.24 13.73
CA HIS C 207 8.29 -58.38 13.53
C HIS C 207 8.29 -58.77 12.05
N CYS C 208 7.87 -60.00 11.79
CA CYS C 208 7.98 -60.60 10.47
C CYS C 208 6.65 -61.25 10.13
N ILE C 209 6.03 -60.76 9.06
CA ILE C 209 4.76 -61.26 8.57
C ILE C 209 4.97 -61.78 7.15
N LEU C 210 4.08 -62.67 6.75
CA LEU C 210 3.98 -63.05 5.36
C LEU C 210 3.37 -61.91 4.56
N GLY C 211 3.75 -61.80 3.29
CA GLY C 211 3.32 -60.70 2.47
C GLY C 211 3.24 -61.02 0.98
N ILE C 212 2.80 -60.05 0.19
CA ILE C 212 2.57 -60.24 -1.23
C ILE C 212 3.24 -59.11 -1.99
N GLY C 213 3.83 -59.44 -3.14
CA GLY C 213 4.71 -58.53 -3.85
C GLY C 213 4.06 -57.26 -4.35
N GLY C 214 2.89 -57.36 -4.97
CA GLY C 214 2.23 -56.16 -5.46
C GLY C 214 2.09 -55.08 -4.42
N ASP C 215 1.91 -55.46 -3.16
CA ASP C 215 1.81 -54.46 -2.10
C ASP C 215 3.15 -53.78 -1.83
N HIS C 216 4.23 -54.54 -1.74
CA HIS C 216 5.57 -53.97 -1.62
C HIS C 216 6.58 -54.93 -2.22
N ALA C 217 7.58 -54.36 -2.90
CA ALA C 217 8.65 -55.19 -3.44
C ALA C 217 9.35 -56.00 -2.39
N LYS C 218 9.42 -55.47 -1.17
CA LYS C 218 10.04 -56.21 -0.09
C LYS C 218 9.41 -57.57 0.09
N PHE C 219 8.21 -57.77 -0.45
CA PHE C 219 7.58 -59.08 -0.49
C PHE C 219 7.87 -59.84 -1.78
N SER C 220 8.73 -59.32 -2.64
CA SER C 220 9.06 -60.07 -3.84
C SER C 220 9.85 -61.31 -3.47
N PRO C 221 9.52 -62.47 -4.02
CA PRO C 221 10.45 -63.60 -3.97
C PRO C 221 11.64 -63.39 -4.85
N VAL C 222 11.57 -62.42 -5.74
CA VAL C 222 12.46 -62.32 -6.89
C VAL C 222 13.10 -60.95 -6.91
N SER C 223 14.41 -60.91 -7.14
CA SER C 223 15.02 -59.66 -7.55
C SER C 223 14.34 -59.14 -8.80
N THR C 224 14.57 -59.80 -9.93
CA THR C 224 13.83 -59.47 -11.13
C THR C 224 13.72 -60.73 -11.97
N ALA C 225 12.58 -60.89 -12.64
CA ALA C 225 12.31 -61.99 -13.55
C ALA C 225 11.69 -61.38 -14.79
N SER C 226 12.11 -61.84 -15.95
CA SER C 226 11.65 -61.28 -17.21
C SER C 226 11.83 -62.30 -18.33
N TYR C 227 11.13 -62.08 -19.43
CA TYR C 227 11.25 -62.92 -20.59
C TYR C 227 11.72 -62.11 -21.79
N ARG C 228 12.95 -62.36 -22.20
CA ARG C 228 13.50 -61.88 -23.45
C ARG C 228 13.01 -62.78 -24.57
N LEU C 229 12.41 -62.18 -25.59
CA LEU C 229 11.85 -62.93 -26.69
C LEU C 229 12.97 -63.52 -27.54
N LEU C 230 12.84 -64.79 -27.89
CA LEU C 230 13.95 -65.50 -28.52
C LEU C 230 14.27 -64.89 -29.87
N PRO C 231 15.51 -64.49 -30.11
CA PRO C 231 15.88 -63.85 -31.37
C PRO C 231 16.03 -64.86 -32.49
N GLN C 232 15.89 -64.36 -33.71
CA GLN C 232 15.94 -65.15 -34.93
C GLN C 232 16.56 -64.28 -36.00
N ILE C 233 17.27 -64.89 -36.94
CA ILE C 233 17.84 -64.16 -38.06
C ILE C 233 17.68 -65.00 -39.33
N ASN C 234 17.09 -64.38 -40.35
CA ASN C 234 17.07 -64.96 -41.69
C ASN C 234 18.09 -64.22 -42.55
N ILE C 235 18.85 -64.97 -43.33
CA ILE C 235 19.93 -64.44 -44.13
C ILE C 235 19.79 -64.92 -45.56
N LEU C 236 20.34 -64.15 -46.51
CA LEU C 236 20.23 -64.47 -47.93
C LEU C 236 21.57 -64.22 -48.61
N GLN C 237 21.79 -64.94 -49.71
CA GLN C 237 22.95 -64.83 -50.60
C GLN C 237 24.24 -65.27 -49.93
N PRO C 238 25.24 -65.74 -50.69
CA PRO C 238 26.51 -66.12 -50.07
C PRO C 238 27.25 -64.98 -49.40
N ILE C 239 27.42 -63.85 -50.08
CA ILE C 239 27.97 -62.60 -49.53
C ILE C 239 29.22 -62.83 -48.70
N LYS C 240 29.97 -63.88 -49.02
CA LYS C 240 31.09 -64.32 -48.20
C LYS C 240 32.31 -63.42 -48.37
N GLY C 241 33.25 -63.55 -47.43
CA GLY C 241 34.47 -62.77 -47.46
C GLY C 241 34.54 -61.70 -46.38
N GLU C 242 35.60 -60.90 -46.40
CA GLU C 242 35.83 -59.91 -45.36
C GLU C 242 34.60 -59.06 -45.10
N SER C 243 33.88 -58.68 -46.16
CA SER C 243 32.58 -58.05 -45.98
C SER C 243 31.69 -58.85 -45.06
N ALA C 244 31.55 -60.15 -45.30
CA ALA C 244 30.83 -61.00 -44.35
C ALA C 244 31.54 -61.03 -43.00
N ARG C 245 32.87 -61.01 -42.99
CA ARG C 245 33.58 -60.94 -41.72
C ARG C 245 33.23 -59.66 -40.98
N ARG C 246 33.15 -58.54 -41.69
CA ARG C 246 32.59 -57.32 -41.11
C ARG C 246 31.19 -57.53 -40.58
N PHE C 247 30.38 -58.31 -41.29
CA PHE C 247 29.00 -58.54 -40.88
C PHE C 247 28.93 -59.08 -39.46
N GLN C 248 29.53 -60.25 -39.21
CA GLN C 248 29.54 -60.74 -37.84
C GLN C 248 30.21 -59.76 -36.89
N LYS C 249 31.18 -58.98 -37.37
CA LYS C 249 31.76 -57.94 -36.52
C LYS C 249 30.72 -56.90 -36.14
N CYS C 250 29.58 -56.87 -36.82
CA CYS C 250 28.53 -55.94 -36.44
C CYS C 250 27.76 -56.43 -35.21
N PHE C 251 27.98 -57.64 -34.76
CA PHE C 251 27.21 -58.23 -33.67
C PHE C 251 28.10 -58.66 -32.51
N PRO C 252 27.51 -58.88 -31.34
CA PRO C 252 28.25 -59.42 -30.19
C PRO C 252 28.88 -60.76 -30.52
N PRO C 253 29.87 -61.20 -29.74
CA PRO C 253 30.68 -62.35 -30.14
C PRO C 253 29.91 -63.61 -30.47
N GLY C 254 28.73 -63.79 -29.88
CA GLY C 254 27.99 -65.02 -30.16
C GLY C 254 27.61 -65.09 -31.62
N VAL C 255 26.86 -64.10 -32.07
CA VAL C 255 26.63 -63.76 -33.48
C VAL C 255 26.31 -64.99 -34.31
N ILE C 256 26.78 -64.99 -35.55
CA ILE C 256 26.79 -66.09 -36.48
C ILE C 256 28.12 -66.80 -36.32
N GLY C 257 28.47 -67.62 -37.29
CA GLY C 257 29.78 -68.23 -37.30
C GLY C 257 30.31 -68.30 -38.72
N ILE C 258 31.62 -68.46 -38.82
CA ILE C 258 32.32 -68.47 -40.09
C ILE C 258 33.05 -69.80 -40.22
N ASP C 259 32.61 -70.61 -41.17
CA ASP C 259 33.29 -71.86 -41.44
C ASP C 259 34.61 -71.64 -42.16
N GLU C 260 34.62 -70.70 -43.09
CA GLU C 260 35.73 -70.54 -44.01
C GLU C 260 35.55 -69.19 -44.71
N GLY C 261 36.51 -68.82 -45.56
CA GLY C 261 36.24 -67.76 -46.51
C GLY C 261 35.04 -68.09 -47.38
N SER C 262 34.95 -69.34 -47.82
CA SER C 262 33.74 -69.88 -48.40
C SER C 262 32.81 -70.30 -47.28
N ASP C 263 31.65 -70.84 -47.65
CA ASP C 263 30.61 -71.24 -46.70
C ASP C 263 30.13 -70.05 -45.88
N GLU C 264 30.36 -68.86 -46.42
CA GLU C 264 29.77 -67.59 -46.00
C GLU C 264 29.71 -67.38 -44.49
N ALA C 265 28.56 -66.89 -44.02
CA ALA C 265 28.31 -66.64 -42.61
C ALA C 265 27.11 -67.47 -42.19
N TYR C 266 27.35 -68.48 -41.36
CA TYR C 266 26.25 -69.25 -40.83
C TYR C 266 26.00 -68.85 -39.38
N VAL C 267 24.73 -68.84 -39.00
CA VAL C 267 24.35 -68.57 -37.61
C VAL C 267 25.06 -69.59 -36.73
N LYS C 268 25.83 -69.09 -35.77
CA LYS C 268 26.47 -69.97 -34.81
C LYS C 268 25.39 -70.48 -33.89
N ASP C 269 24.79 -69.57 -33.14
CA ASP C 269 23.58 -69.83 -32.38
C ASP C 269 22.84 -68.53 -32.15
N ALA C 270 21.54 -68.63 -31.89
CA ALA C 270 20.76 -67.47 -31.51
C ALA C 270 20.91 -67.24 -30.02
N ARG C 271 20.05 -66.39 -29.47
CA ARG C 271 19.81 -66.22 -28.04
C ARG C 271 21.04 -65.66 -27.33
N LYS C 272 22.16 -65.65 -28.02
CA LYS C 272 23.31 -64.91 -27.52
C LYS C 272 23.22 -63.43 -27.87
N ASP C 273 22.67 -63.11 -29.04
CA ASP C 273 22.62 -61.74 -29.51
C ASP C 273 21.68 -60.93 -28.62
N THR C 274 21.88 -59.61 -28.60
CA THR C 274 21.07 -58.70 -27.81
C THR C 274 19.85 -58.21 -28.58
N VAL C 275 19.68 -58.68 -29.82
CA VAL C 275 18.59 -58.26 -30.70
C VAL C 275 18.76 -56.76 -30.89
N SER C 276 20.00 -56.33 -31.03
CA SER C 276 20.32 -54.92 -30.95
C SER C 276 20.30 -54.22 -32.31
N ARG C 277 19.88 -54.92 -33.36
CA ARG C 277 19.47 -54.32 -34.63
C ARG C 277 20.42 -53.28 -35.22
N GLU C 278 21.72 -53.53 -35.16
CA GLU C 278 22.67 -52.60 -35.75
C GLU C 278 22.74 -52.66 -37.26
N VAL C 279 22.74 -53.85 -37.86
CA VAL C 279 23.09 -53.99 -39.28
C VAL C 279 22.37 -53.00 -40.17
N LEU C 280 21.16 -52.60 -39.82
CA LEU C 280 20.38 -51.77 -40.72
C LEU C 280 20.94 -50.37 -40.89
N ARG C 281 21.92 -49.97 -40.08
CA ARG C 281 22.52 -48.66 -40.27
C ARG C 281 23.57 -48.64 -41.37
N TYR C 282 24.36 -49.69 -41.51
CA TYR C 282 25.42 -49.74 -42.51
C TYR C 282 24.88 -49.85 -43.93
N GLU C 283 23.61 -50.20 -44.06
CA GLU C 283 22.84 -49.95 -45.29
C GLU C 283 23.30 -50.82 -46.45
N GLU C 284 24.49 -51.39 -46.39
CA GLU C 284 24.87 -52.37 -47.39
C GLU C 284 24.35 -53.75 -47.05
N PHE C 285 24.43 -54.14 -45.78
CA PHE C 285 24.05 -55.48 -45.33
C PHE C 285 22.56 -55.72 -45.43
N ALA C 286 21.78 -54.70 -45.74
CA ALA C 286 20.34 -54.77 -45.66
C ALA C 286 19.73 -55.94 -46.41
N ASP C 287 19.77 -55.91 -47.74
CA ASP C 287 18.90 -56.74 -48.56
C ASP C 287 19.11 -58.24 -48.36
N LYS C 288 20.20 -58.66 -47.74
CA LYS C 288 20.43 -60.09 -47.58
C LYS C 288 19.89 -60.66 -46.27
N VAL C 289 19.48 -59.83 -45.32
CA VAL C 289 19.16 -60.30 -43.98
C VAL C 289 17.95 -59.55 -43.48
N LYS C 290 16.98 -60.30 -42.95
CA LYS C 290 15.88 -59.72 -42.19
C LYS C 290 15.99 -60.17 -40.75
N LEU C 291 15.51 -59.31 -39.85
CA LEU C 291 15.62 -59.54 -38.42
C LEU C 291 14.23 -59.76 -37.83
N GLY C 292 14.14 -60.66 -36.87
CA GLY C 292 12.87 -60.94 -36.26
C GLY C 292 13.00 -61.91 -35.11
N ARG C 293 11.86 -62.25 -34.54
CA ARG C 293 11.77 -63.15 -33.41
C ARG C 293 10.47 -63.93 -33.50
N VAL C 294 10.39 -65.02 -32.74
CA VAL C 294 9.25 -65.92 -32.81
C VAL C 294 8.40 -65.78 -31.56
N ARG C 295 7.15 -65.33 -31.73
CA ARG C 295 6.30 -65.07 -30.58
C ARG C 295 5.98 -66.35 -29.81
N ASN C 296 6.24 -67.51 -30.38
CA ASN C 296 5.97 -68.73 -29.65
C ASN C 296 7.05 -69.00 -28.61
N HIS C 297 8.26 -68.51 -28.83
CA HIS C 297 9.44 -69.05 -28.18
C HIS C 297 9.99 -68.00 -27.22
N PHE C 298 9.88 -68.24 -25.92
CA PHE C 298 10.18 -67.27 -24.89
C PHE C 298 11.43 -67.65 -24.12
N ILE C 299 12.46 -66.82 -24.23
CA ILE C 299 13.54 -66.82 -23.27
C ILE C 299 12.93 -66.24 -22.00
N PHE C 300 12.99 -66.99 -20.91
CA PHE C 300 12.36 -66.56 -19.67
C PHE C 300 13.26 -66.93 -18.50
N ASN C 301 13.65 -65.96 -17.70
CA ASN C 301 14.49 -66.22 -16.55
C ASN C 301 14.10 -65.39 -15.33
N VAL C 302 14.75 -65.70 -14.21
CA VAL C 302 14.35 -65.19 -12.90
C VAL C 302 15.57 -65.17 -11.98
N GLU C 303 15.61 -64.18 -11.10
CA GLU C 303 16.53 -64.13 -9.97
C GLU C 303 15.76 -64.55 -8.73
N SER C 304 16.24 -65.56 -8.02
CA SER C 304 15.74 -65.76 -6.67
C SER C 304 16.33 -64.70 -5.75
N ALA C 305 15.48 -64.12 -4.91
CA ALA C 305 16.02 -63.25 -3.87
C ALA C 305 16.88 -64.05 -2.90
N GLY C 306 16.90 -65.37 -3.04
CA GLY C 306 17.51 -66.25 -2.08
C GLY C 306 16.42 -66.91 -1.28
N ALA C 307 15.17 -66.54 -1.59
CA ALA C 307 14.03 -67.07 -0.85
C ALA C 307 14.00 -68.59 -0.92
N MET C 308 13.96 -69.14 -2.14
CA MET C 308 13.94 -70.58 -2.31
C MET C 308 14.22 -70.88 -3.77
N THR C 309 14.25 -72.16 -4.09
CA THR C 309 14.64 -72.56 -5.43
C THR C 309 13.63 -72.00 -6.43
N PRO C 310 14.09 -71.22 -7.39
CA PRO C 310 13.17 -70.54 -8.31
C PRO C 310 12.38 -71.50 -9.15
N GLU C 311 12.96 -72.62 -9.54
CA GLU C 311 12.18 -73.66 -10.21
C GLU C 311 10.88 -73.94 -9.46
N GLU C 312 10.93 -74.00 -8.13
CA GLU C 312 9.69 -74.20 -7.40
C GLU C 312 8.91 -72.91 -7.26
N ILE C 313 9.58 -71.75 -7.27
CA ILE C 313 8.87 -70.48 -7.36
C ILE C 313 7.99 -70.45 -8.60
N PHE C 314 8.62 -70.50 -9.77
CA PHE C 314 7.88 -70.55 -11.03
C PHE C 314 6.78 -71.59 -10.97
N PHE C 315 7.08 -72.78 -10.49
CA PHE C 315 6.05 -73.80 -10.38
C PHE C 315 4.88 -73.32 -9.53
N LYS C 316 5.17 -72.69 -8.40
CA LYS C 316 4.13 -72.09 -7.58
C LYS C 316 3.31 -71.08 -8.36
N SER C 317 3.93 -70.00 -8.82
CA SER C 317 3.21 -68.92 -9.47
C SER C 317 2.20 -69.46 -10.47
N VAL C 318 2.55 -70.49 -11.22
CA VAL C 318 1.58 -71.23 -12.01
C VAL C 318 0.38 -71.63 -11.19
N ARG C 319 0.58 -72.49 -10.18
CA ARG C 319 -0.54 -72.99 -9.40
C ARG C 319 -1.33 -71.85 -8.78
N ILE C 320 -0.65 -70.78 -8.36
CA ILE C 320 -1.37 -69.67 -7.76
C ILE C 320 -2.42 -69.14 -8.73
N LEU C 321 -2.05 -69.05 -10.01
CA LEU C 321 -3.01 -68.66 -11.02
C LEU C 321 -4.06 -69.74 -11.20
N LYS C 322 -3.65 -71.02 -11.27
CA LYS C 322 -4.62 -72.09 -11.38
C LYS C 322 -5.71 -71.99 -10.32
N ASN C 323 -5.29 -71.87 -9.07
CA ASN C 323 -6.20 -71.51 -7.98
C ASN C 323 -7.06 -70.32 -8.36
N LYS C 324 -6.44 -69.18 -8.67
CA LYS C 324 -7.20 -67.97 -8.92
C LYS C 324 -8.35 -68.21 -9.89
N ALA C 325 -8.11 -68.97 -10.95
CA ALA C 325 -9.20 -69.44 -11.79
C ALA C 325 -10.18 -70.30 -11.01
N GLU C 326 -9.72 -71.45 -10.51
CA GLU C 326 -10.58 -72.43 -9.86
C GLU C 326 -11.53 -71.83 -8.85
N TYR C 327 -11.01 -71.03 -7.93
CA TYR C 327 -11.84 -70.27 -7.00
C TYR C 327 -12.92 -69.49 -7.73
N LEU C 328 -12.63 -69.02 -8.94
CA LEU C 328 -13.62 -68.29 -9.70
C LEU C 328 -14.63 -69.21 -10.37
N LYS C 329 -14.20 -70.40 -10.81
CA LYS C 329 -15.13 -71.34 -11.43
C LYS C 329 -16.33 -71.61 -10.54
N ASN C 330 -16.12 -72.31 -9.44
CA ASN C 330 -17.24 -72.75 -8.62
C ASN C 330 -17.74 -71.64 -7.71
N CYS C 331 -17.16 -70.47 -7.80
CA CYS C 331 -17.79 -69.30 -7.21
C CYS C 331 -19.07 -68.98 -7.98
N PRO C 332 -20.17 -68.71 -7.30
CA PRO C 332 -21.44 -68.46 -8.01
C PRO C 332 -21.42 -67.09 -8.66
N ILE C 333 -22.52 -66.79 -9.35
CA ILE C 333 -22.66 -65.53 -10.08
C ILE C 333 -23.98 -64.90 -9.68
N THR C 334 -23.92 -63.78 -8.98
CA THR C 334 -25.10 -62.98 -8.71
C THR C 334 -25.44 -62.09 -9.89
N GLN C 335 -26.71 -61.74 -10.00
CA GLN C 335 -27.14 -60.76 -10.98
C GLN C 335 -27.24 -59.39 -10.34
N MET D 1 -49.96 -4.52 8.38
CA MET D 1 -50.18 -3.86 7.10
C MET D 1 -51.41 -2.98 7.17
N LYS D 2 -51.50 -2.00 6.29
CA LYS D 2 -52.53 -0.98 6.39
C LYS D 2 -53.93 -1.59 6.39
N VAL D 3 -54.73 -1.14 7.35
CA VAL D 3 -56.17 -1.42 7.35
C VAL D 3 -56.82 -0.55 6.28
N LEU D 4 -57.50 -1.18 5.33
CA LEU D 4 -58.21 -0.40 4.34
C LEU D 4 -59.51 0.16 4.89
N GLU D 5 -60.31 -0.67 5.54
CA GLU D 5 -61.52 -0.19 6.18
C GLU D 5 -61.56 -0.71 7.60
N GLU D 6 -61.44 0.21 8.57
CA GLU D 6 -61.54 -0.16 9.97
C GLU D 6 -62.99 -0.40 10.36
N ARG D 7 -63.81 0.64 10.26
CA ARG D 7 -65.22 0.57 10.60
C ARG D 7 -65.92 0.20 9.29
N ASN D 8 -66.41 -1.04 9.22
CA ASN D 8 -66.95 -1.54 7.97
C ASN D 8 -68.38 -2.05 8.15
N ALA D 9 -68.51 -3.21 8.77
CA ALA D 9 -69.81 -3.83 9.01
C ALA D 9 -69.99 -4.04 10.50
N PHE D 10 -70.95 -3.32 11.08
CA PHE D 10 -71.23 -3.48 12.49
C PHE D 10 -71.84 -4.86 12.71
N LEU D 11 -71.21 -5.63 13.58
CA LEU D 11 -71.48 -7.06 13.67
C LEU D 11 -71.67 -7.45 15.13
N SER D 12 -72.88 -7.88 15.47
CA SER D 12 -73.09 -8.61 16.70
C SER D 12 -72.96 -10.10 16.41
N ASP D 13 -73.34 -10.91 17.38
CA ASP D 13 -73.50 -12.34 17.14
C ASP D 13 -74.98 -12.67 17.02
N TYR D 14 -75.32 -13.35 15.93
CA TYR D 14 -76.54 -14.14 15.93
C TYR D 14 -76.17 -15.53 15.43
N GLU D 15 -75.84 -15.60 14.14
CA GLU D 15 -75.21 -16.77 13.54
C GLU D 15 -73.70 -16.72 13.61
N VAL D 16 -73.14 -15.61 14.08
CA VAL D 16 -71.68 -15.46 14.16
C VAL D 16 -71.09 -16.58 15.00
N LEU D 17 -71.40 -16.59 16.29
CA LEU D 17 -70.95 -17.69 17.15
C LEU D 17 -71.41 -19.03 16.63
N LYS D 18 -72.60 -19.09 16.02
CA LYS D 18 -73.04 -20.33 15.39
C LYS D 18 -72.10 -20.77 14.29
N PHE D 19 -71.66 -19.84 13.44
CA PHE D 19 -70.73 -20.23 12.37
C PHE D 19 -69.34 -20.51 12.93
N LEU D 20 -69.03 -19.93 14.10
CA LEU D 20 -67.83 -20.34 14.80
C LEU D 20 -67.95 -21.78 15.28
N THR D 21 -69.16 -22.18 15.67
CA THR D 21 -69.41 -23.58 15.97
C THR D 21 -69.37 -24.40 14.68
N ASP D 22 -69.63 -23.78 13.55
CA ASP D 22 -69.55 -24.50 12.27
C ASP D 22 -68.10 -24.80 11.92
N LEU D 23 -67.25 -23.78 11.91
CA LEU D 23 -65.82 -23.99 11.74
C LEU D 23 -65.28 -24.90 12.83
N GLU D 24 -65.90 -24.86 14.00
CA GLU D 24 -65.51 -25.80 15.03
C GLU D 24 -65.82 -27.23 14.64
N LYS D 25 -67.04 -27.50 14.19
CA LYS D 25 -67.35 -28.78 13.58
C LYS D 25 -66.37 -29.14 12.48
N LYS D 26 -65.90 -28.15 11.73
CA LYS D 26 -64.81 -28.34 10.78
C LYS D 26 -63.49 -28.62 11.48
N HIS D 27 -63.13 -27.84 12.49
CA HIS D 27 -61.85 -28.02 13.17
C HIS D 27 -62.07 -28.44 14.61
N LEU D 28 -61.84 -29.72 14.92
CA LEU D 28 -61.69 -30.25 16.27
C LEU D 28 -62.99 -30.37 17.04
N TRP D 29 -64.02 -29.63 16.64
CA TRP D 29 -65.38 -29.67 17.21
C TRP D 29 -65.36 -29.89 18.72
N ASP D 30 -64.80 -28.89 19.40
CA ASP D 30 -64.78 -28.74 20.87
C ASP D 30 -64.28 -30.04 21.52
N GLN D 31 -64.84 -30.41 22.67
CA GLN D 31 -64.39 -31.55 23.46
C GLN D 31 -64.99 -32.89 23.03
N LYS D 32 -66.23 -32.90 22.57
CA LYS D 32 -66.98 -34.15 22.46
C LYS D 32 -66.61 -34.92 21.20
N SER D 33 -65.66 -34.39 20.43
CA SER D 33 -65.24 -34.99 19.16
C SER D 33 -64.60 -36.36 19.29
N LEU D 34 -64.18 -36.78 20.49
CA LEU D 34 -63.40 -38.00 20.62
C LEU D 34 -64.20 -39.25 20.26
N ALA D 35 -65.51 -39.13 20.06
CA ALA D 35 -66.31 -40.28 19.66
C ALA D 35 -66.28 -40.46 18.15
N PRO D 53 -52.84 -26.45 17.43
CA PRO D 53 -53.09 -25.14 16.81
C PRO D 53 -53.40 -24.05 17.83
N GLU D 54 -53.90 -24.44 19.01
CA GLU D 54 -54.10 -23.53 20.14
C GLU D 54 -55.22 -22.53 19.90
N LEU D 55 -55.66 -22.40 18.64
CA LEU D 55 -56.68 -21.40 18.32
C LEU D 55 -57.97 -21.65 19.08
N GLN D 56 -58.19 -22.88 19.53
CA GLN D 56 -59.38 -23.24 20.28
C GLN D 56 -59.53 -22.48 21.59
N GLY D 57 -58.45 -21.90 22.12
CA GLY D 57 -58.51 -21.30 23.44
C GLY D 57 -59.57 -20.23 23.60
N ILE D 58 -59.53 -19.19 22.78
CA ILE D 58 -60.58 -18.18 22.77
C ILE D 58 -61.94 -18.73 22.39
N THR D 59 -62.00 -19.76 21.53
CA THR D 59 -63.29 -20.26 21.05
C THR D 59 -64.24 -20.52 22.21
N ARG D 60 -63.75 -21.17 23.26
CA ARG D 60 -64.50 -21.25 24.50
C ARG D 60 -64.81 -19.87 25.08
N ASN D 61 -63.79 -19.03 25.28
CA ASN D 61 -64.01 -17.68 25.76
C ASN D 61 -64.97 -16.91 24.86
N VAL D 62 -64.87 -17.15 23.55
CA VAL D 62 -65.86 -16.61 22.63
C VAL D 62 -67.26 -17.02 23.04
N VAL D 63 -67.54 -18.33 23.02
CA VAL D 63 -68.90 -18.83 23.20
C VAL D 63 -69.38 -18.56 24.63
N ASN D 64 -68.46 -18.55 25.58
CA ASN D 64 -68.77 -18.79 26.98
C ASN D 64 -69.96 -18.00 27.49
N TYR D 65 -69.78 -16.68 27.69
CA TYR D 65 -70.92 -15.91 28.17
C TYR D 65 -71.92 -15.63 27.06
N LEU D 66 -71.44 -15.48 25.83
CA LEU D 66 -72.33 -15.40 24.68
C LEU D 66 -73.33 -16.54 24.66
N SER D 67 -72.87 -17.77 24.90
CA SER D 67 -73.75 -18.89 25.19
C SER D 67 -74.61 -18.71 26.42
N ILE D 68 -74.01 -18.66 27.61
CA ILE D 68 -74.77 -18.92 28.84
C ILE D 68 -75.95 -17.98 29.06
N ASN D 69 -75.87 -16.72 28.64
CA ASN D 69 -76.99 -15.82 28.88
C ASN D 69 -78.18 -16.23 28.02
N LYS D 70 -77.92 -16.78 26.83
CA LYS D 70 -78.98 -17.40 26.05
C LYS D 70 -79.64 -18.53 26.84
N ASN D 71 -78.85 -19.39 27.48
CA ASN D 71 -79.37 -20.37 28.41
C ASN D 71 -80.02 -19.71 29.62
N PHE D 72 -79.25 -18.89 30.34
CA PHE D 72 -79.76 -18.21 31.53
C PHE D 72 -79.08 -16.86 31.70
N MET D 98 -81.41 -21.00 21.91
CA MET D 98 -81.40 -19.92 20.94
C MET D 98 -82.36 -20.19 19.79
N SER D 99 -82.17 -19.49 18.68
CA SER D 99 -83.05 -19.63 17.52
C SER D 99 -82.31 -19.15 16.28
N ASP D 100 -83.00 -19.22 15.14
CA ASP D 100 -82.47 -18.76 13.87
C ASP D 100 -83.42 -17.75 13.23
N GLU D 101 -84.63 -18.20 12.88
CA GLU D 101 -85.59 -17.33 12.23
C GLU D 101 -85.96 -16.11 13.09
N SER D 102 -85.76 -16.19 14.40
CA SER D 102 -85.93 -15.01 15.24
C SER D 102 -85.05 -13.86 14.78
N PHE D 103 -83.94 -14.16 14.09
CA PHE D 103 -83.20 -13.12 13.40
C PHE D 103 -84.09 -12.38 12.42
N ALA D 104 -84.74 -13.12 11.51
CA ALA D 104 -85.69 -12.49 10.60
C ALA D 104 -86.87 -11.88 11.35
N GLU D 105 -87.42 -12.61 12.33
CA GLU D 105 -88.49 -12.10 13.18
C GLU D 105 -88.09 -10.85 13.94
N LEU D 106 -86.81 -10.68 14.22
CA LEU D 106 -86.31 -9.52 14.95
C LEU D 106 -86.70 -8.20 14.28
N MET D 107 -86.19 -7.96 13.08
CA MET D 107 -86.33 -6.67 12.40
C MET D 107 -87.78 -6.27 12.17
N THR D 108 -88.68 -7.24 12.06
CA THR D 108 -90.00 -7.05 11.45
C THR D 108 -90.68 -5.77 11.94
N LYS D 109 -91.12 -5.75 13.20
CA LYS D 109 -91.71 -4.55 13.77
C LYS D 109 -90.64 -3.56 14.20
N LEU D 110 -89.43 -4.03 14.48
CA LEU D 110 -88.33 -3.18 14.90
C LEU D 110 -87.91 -2.17 13.84
N ASN D 111 -88.32 -2.37 12.59
CA ASN D 111 -87.95 -1.45 11.50
C ASN D 111 -88.60 -0.08 11.64
N SER D 112 -89.56 0.08 12.55
CA SER D 112 -90.37 1.29 12.63
C SER D 112 -89.87 2.29 13.67
N PHE D 113 -88.75 2.01 14.33
CA PHE D 113 -88.36 2.73 15.53
C PHE D 113 -87.31 3.80 15.23
N LYS D 114 -86.94 4.52 16.28
CA LYS D 114 -85.95 5.60 16.22
C LYS D 114 -84.57 5.11 16.66
N LEU D 115 -84.44 3.81 16.91
CA LEU D 115 -83.30 3.20 17.59
C LEU D 115 -81.99 3.33 16.85
N PHE D 116 -82.00 3.85 15.62
CA PHE D 116 -80.83 3.96 14.74
C PHE D 116 -80.24 2.56 14.56
N LYS D 117 -78.92 2.42 14.47
CA LYS D 117 -78.27 1.12 14.45
C LYS D 117 -77.59 0.73 15.76
N ALA D 118 -77.56 1.61 16.75
CA ALA D 118 -76.61 1.39 17.85
C ALA D 118 -77.16 0.42 18.89
N GLU D 119 -78.09 0.90 19.72
CA GLU D 119 -78.77 0.00 20.63
C GLU D 119 -79.67 -0.96 19.85
N LYS D 120 -80.07 -0.56 18.65
CA LYS D 120 -80.91 -1.39 17.81
C LYS D 120 -80.29 -2.77 17.57
N LEU D 121 -78.96 -2.83 17.47
CA LEU D 121 -78.26 -4.10 17.54
C LEU D 121 -78.04 -4.56 18.98
N GLN D 122 -77.80 -3.64 19.90
CA GLN D 122 -77.55 -3.99 21.30
C GLN D 122 -78.77 -4.57 21.99
N ILE D 123 -79.98 -4.18 21.58
CA ILE D 123 -81.19 -4.76 22.16
C ILE D 123 -81.30 -6.26 21.96
N VAL D 124 -80.61 -6.81 20.96
CA VAL D 124 -80.78 -8.20 20.60
C VAL D 124 -80.36 -9.11 21.75
N ASN D 125 -79.33 -8.71 22.49
CA ASN D 125 -78.72 -9.56 23.51
C ASN D 125 -78.85 -8.96 24.90
N GLN D 126 -78.09 -7.90 25.20
CA GLN D 126 -78.06 -7.37 26.57
C GLN D 126 -79.39 -6.73 26.93
N LEU D 127 -79.80 -6.88 28.19
CA LEU D 127 -81.06 -6.30 28.63
C LEU D 127 -82.15 -6.70 27.65
N PRO D 128 -82.78 -7.85 27.91
CA PRO D 128 -83.84 -8.46 27.09
C PRO D 128 -85.05 -7.59 26.75
N ALA D 129 -84.86 -6.31 26.44
CA ALA D 129 -86.01 -5.49 26.08
C ALA D 129 -87.07 -5.48 27.19
N ASN D 130 -86.74 -4.79 28.28
CA ASN D 130 -87.70 -4.58 29.36
C ASN D 130 -87.44 -3.25 30.05
N MET D 131 -88.54 -2.62 30.48
CA MET D 131 -88.56 -1.52 31.43
C MET D 131 -87.51 -0.45 31.18
N VAL D 132 -86.81 -0.03 32.23
CA VAL D 132 -85.82 1.04 32.16
C VAL D 132 -84.58 0.59 31.41
N HIS D 133 -84.32 -0.73 31.42
CA HIS D 133 -83.17 -1.28 30.70
C HIS D 133 -83.08 -0.69 29.30
N LEU D 134 -84.06 -0.98 28.46
CA LEU D 134 -84.14 -0.45 27.11
C LEU D 134 -84.06 1.08 27.08
N TYR D 135 -84.69 1.77 28.02
CA TYR D 135 -84.68 3.22 28.02
C TYR D 135 -83.34 3.81 28.44
N SER D 136 -82.53 3.03 29.17
CA SER D 136 -81.31 3.52 29.77
C SER D 136 -80.22 3.88 28.75
N ILE D 137 -80.44 3.60 27.46
CA ILE D 137 -79.36 3.80 26.50
C ILE D 137 -79.72 4.82 25.43
N VAL D 138 -80.56 4.44 24.47
CA VAL D 138 -80.61 5.15 23.19
C VAL D 138 -81.39 6.46 23.36
N GLU D 139 -81.05 7.43 22.50
CA GLU D 139 -81.65 8.75 22.55
C GLU D 139 -83.17 8.69 22.42
N GLU D 140 -83.86 9.32 23.36
CA GLU D 140 -85.32 9.43 23.36
C GLU D 140 -85.99 8.06 23.33
N CYS D 141 -85.38 7.09 24.02
CA CYS D 141 -85.90 5.73 23.98
C CYS D 141 -87.33 5.65 24.48
N ASP D 142 -87.68 6.37 25.54
CA ASP D 142 -89.08 6.56 25.90
C ASP D 142 -89.45 7.96 25.42
N ALA D 143 -89.16 9.00 26.22
CA ALA D 143 -89.32 10.38 25.77
C ALA D 143 -90.61 10.57 24.99
N ARG D 144 -90.47 10.97 23.74
CA ARG D 144 -91.55 11.03 22.75
C ARG D 144 -92.35 9.74 22.68
N PHE D 145 -91.77 8.65 22.17
CA PHE D 145 -92.52 7.43 21.94
C PHE D 145 -92.41 6.49 23.14
N ASP D 146 -93.57 6.18 23.73
CA ASP D 146 -93.54 5.52 25.04
C ASP D 146 -94.21 4.16 25.07
N GLU D 147 -95.54 4.15 25.17
CA GLU D 147 -96.28 3.01 25.70
C GLU D 147 -96.09 1.74 24.88
N LYS D 148 -96.68 1.70 23.68
CA LYS D 148 -96.54 0.53 22.83
C LYS D 148 -95.13 0.37 22.32
N THR D 149 -94.35 1.45 22.25
CA THR D 149 -93.00 1.36 21.74
C THR D 149 -92.10 0.60 22.71
N ILE D 150 -92.09 0.99 23.99
CA ILE D 150 -91.32 0.23 24.97
C ILE D 150 -91.98 -1.10 25.30
N GLU D 151 -93.29 -1.21 25.12
CA GLU D 151 -94.00 -2.45 25.41
C GLU D 151 -93.71 -3.55 24.40
N GLU D 152 -93.84 -3.25 23.10
CA GLU D 152 -93.58 -4.24 22.07
C GLU D 152 -92.23 -4.91 22.28
N MET D 153 -91.22 -4.15 22.67
CA MET D 153 -89.93 -4.73 23.02
C MET D 153 -90.06 -5.89 24.00
N LEU D 154 -90.88 -5.76 25.04
CA LEU D 154 -91.12 -6.84 25.97
C LEU D 154 -91.82 -8.04 25.33
N GLU D 155 -92.81 -7.81 24.47
CA GLU D 155 -93.51 -8.92 23.84
C GLU D 155 -92.73 -9.48 22.66
N ILE D 156 -91.98 -8.64 21.95
CA ILE D 156 -91.19 -9.14 20.83
C ILE D 156 -90.00 -9.95 21.32
N ILE D 157 -89.38 -9.51 22.43
CA ILE D 157 -88.30 -10.30 22.99
C ILE D 157 -88.81 -11.62 23.53
N SER D 158 -90.07 -11.67 23.98
CA SER D 158 -90.67 -12.94 24.37
C SER D 158 -90.78 -13.89 23.19
N GLY D 159 -90.82 -13.34 21.97
CA GLY D 159 -90.70 -14.18 20.79
C GLY D 159 -89.39 -14.92 20.71
N TYR D 160 -88.35 -14.43 21.37
CA TYR D 160 -87.07 -15.12 21.48
C TYR D 160 -86.63 -15.28 22.93
N ALA D 161 -86.26 -14.19 23.60
CA ALA D 161 -85.76 -14.27 24.97
C ALA D 161 -86.84 -13.85 25.97
N MET E 1 -2.68 36.98 -57.15
CA MET E 1 -2.47 36.02 -58.22
C MET E 1 -3.77 35.43 -58.73
N ASP E 2 -3.93 35.42 -60.05
CA ASP E 2 -5.04 34.73 -60.67
C ASP E 2 -5.19 33.30 -60.18
N GLN E 3 -4.07 32.58 -60.04
CA GLN E 3 -4.13 31.21 -59.56
C GLN E 3 -4.71 31.13 -58.16
N GLU E 4 -4.17 31.91 -57.22
CA GLU E 4 -4.70 31.85 -55.85
C GLU E 4 -6.14 32.36 -55.81
N ASN E 5 -6.50 33.27 -56.71
CA ASN E 5 -7.90 33.66 -56.82
C ASN E 5 -8.75 32.49 -57.30
N GLU E 6 -8.30 31.79 -58.34
CA GLU E 6 -9.00 30.60 -58.78
C GLU E 6 -9.12 29.57 -57.66
N ARG E 7 -8.14 29.51 -56.75
CA ARG E 7 -8.29 28.72 -55.54
C ARG E 7 -9.45 29.21 -54.70
N ASN E 8 -9.58 30.52 -54.54
CA ASN E 8 -10.58 31.07 -53.63
C ASN E 8 -11.98 30.90 -54.19
N ILE E 9 -12.21 31.39 -55.41
CA ILE E 9 -13.50 31.22 -56.06
C ILE E 9 -13.78 29.75 -56.29
N SER E 10 -12.75 28.95 -56.49
CA SER E 10 -12.89 27.50 -56.56
C SER E 10 -13.46 26.96 -55.26
N ARG E 11 -12.96 27.46 -54.13
CA ARG E 11 -13.58 27.16 -52.84
C ARG E 11 -15.04 27.58 -52.81
N LEU E 12 -15.30 28.88 -52.95
CA LEU E 12 -16.65 29.39 -52.76
C LEU E 12 -17.65 28.72 -53.70
N TRP E 13 -17.19 28.27 -54.87
CA TRP E 13 -18.03 27.45 -55.73
C TRP E 13 -18.20 26.05 -55.17
N ARG E 14 -17.09 25.44 -54.75
CA ARG E 14 -17.13 24.15 -54.07
C ARG E 14 -18.18 24.12 -52.97
N ALA E 15 -17.99 24.92 -51.92
CA ALA E 15 -18.98 25.04 -50.87
C ALA E 15 -20.31 25.54 -51.39
N PHE E 16 -20.32 26.33 -52.47
CA PHE E 16 -21.59 26.83 -52.97
C PHE E 16 -22.50 25.68 -53.38
N ARG E 17 -21.95 24.69 -54.08
CA ARG E 17 -22.74 23.50 -54.36
C ARG E 17 -23.12 22.79 -53.07
N THR E 18 -22.19 22.70 -52.12
CA THR E 18 -22.47 22.07 -50.83
C THR E 18 -23.73 22.64 -50.21
N VAL E 19 -23.66 23.90 -49.77
CA VAL E 19 -24.84 24.54 -49.18
C VAL E 19 -26.03 24.49 -50.11
N LYS E 20 -25.79 24.54 -51.43
CA LYS E 20 -26.90 24.52 -52.37
C LYS E 20 -27.73 23.26 -52.18
N GLU E 21 -27.15 22.09 -52.44
CA GLU E 21 -27.87 20.86 -52.16
C GLU E 21 -28.26 20.72 -50.70
N MET E 22 -27.60 21.46 -49.81
CA MET E 22 -27.90 21.34 -48.39
C MET E 22 -29.30 21.87 -48.08
N VAL E 23 -29.89 22.67 -48.97
CA VAL E 23 -31.28 23.06 -48.79
C VAL E 23 -32.26 22.03 -49.34
N LYS E 24 -31.87 21.27 -50.38
CA LYS E 24 -32.81 20.38 -51.04
C LYS E 24 -33.36 19.33 -50.08
N ASP E 25 -32.46 18.56 -49.47
CA ASP E 25 -32.79 17.67 -48.36
C ASP E 25 -33.66 18.32 -47.31
N ARG E 26 -33.44 19.60 -47.00
CA ARG E 26 -34.28 20.28 -46.03
C ARG E 26 -35.69 20.48 -46.56
N GLY E 27 -35.95 20.10 -47.80
CA GLY E 27 -37.29 20.10 -48.35
C GLY E 27 -37.66 21.32 -49.17
N TYR E 28 -36.68 22.11 -49.63
CA TYR E 28 -37.03 23.35 -50.29
C TYR E 28 -36.87 23.23 -51.80
N PHE E 29 -37.75 23.91 -52.52
CA PHE E 29 -37.90 23.69 -53.95
C PHE E 29 -36.69 24.26 -54.68
N ILE E 30 -35.98 23.38 -55.38
CA ILE E 30 -34.88 23.69 -56.29
C ILE E 30 -34.81 22.52 -57.26
N THR E 31 -33.74 22.46 -58.06
CA THR E 31 -33.53 21.33 -58.94
C THR E 31 -32.05 20.96 -58.92
N GLN E 32 -31.75 19.77 -59.43
CA GLN E 32 -30.37 19.35 -59.56
C GLN E 32 -29.56 20.32 -60.43
N GLU E 33 -30.19 20.94 -61.41
CA GLU E 33 -29.53 21.98 -62.18
C GLU E 33 -29.22 23.20 -61.34
N GLU E 34 -30.08 23.52 -60.35
CA GLU E 34 -29.74 24.52 -59.36
C GLU E 34 -28.53 24.14 -58.53
N VAL E 35 -28.31 22.85 -58.29
CA VAL E 35 -27.11 22.40 -57.58
C VAL E 35 -26.02 21.92 -58.53
N GLU E 36 -26.28 21.84 -59.84
CA GLU E 36 -25.24 21.50 -60.80
C GLU E 36 -24.90 22.77 -61.59
N LEU E 37 -23.76 23.37 -61.26
CA LEU E 37 -23.31 24.58 -61.91
C LEU E 37 -21.96 24.35 -62.58
N PRO E 38 -21.86 24.49 -63.89
CA PRO E 38 -20.55 24.64 -64.51
C PRO E 38 -19.81 25.80 -63.85
N LEU E 39 -18.58 25.52 -63.43
CA LEU E 39 -17.82 26.53 -62.71
C LEU E 39 -17.66 27.81 -63.50
N GLU E 40 -17.50 27.70 -64.82
CA GLU E 40 -17.44 28.90 -65.65
C GLU E 40 -18.77 29.65 -65.63
N ASP E 41 -19.89 28.93 -65.66
CA ASP E 41 -21.19 29.58 -65.53
C ASP E 41 -21.37 30.19 -64.16
N PHE E 42 -20.83 29.55 -63.12
CA PHE E 42 -20.79 30.16 -61.80
C PHE E 42 -20.00 31.47 -61.84
N LYS E 43 -18.92 31.52 -62.62
CA LYS E 43 -18.23 32.78 -62.83
C LYS E 43 -19.13 33.79 -63.52
N ALA E 44 -19.81 33.40 -64.59
CA ALA E 44 -20.81 34.25 -65.20
C ALA E 44 -21.86 34.72 -64.21
N LYS E 45 -22.05 33.99 -63.12
CA LYS E 45 -22.98 34.36 -62.07
C LYS E 45 -22.40 35.36 -61.10
N TYR E 46 -21.49 34.94 -60.22
CA TYR E 46 -20.98 35.82 -59.18
C TYR E 46 -19.62 36.45 -59.45
N CYS E 47 -18.95 36.07 -60.53
CA CYS E 47 -17.67 36.69 -60.86
C CYS E 47 -17.89 37.91 -61.75
N ASP E 48 -17.08 38.94 -61.54
CA ASP E 48 -17.33 40.24 -62.10
C ASP E 48 -16.45 40.47 -63.34
N SER E 49 -16.54 41.67 -63.92
CA SER E 49 -15.66 42.05 -65.00
C SER E 49 -14.19 41.95 -64.61
N MET E 50 -13.85 42.32 -63.38
CA MET E 50 -12.50 42.10 -62.88
C MET E 50 -12.25 40.61 -62.62
N GLY E 51 -13.32 39.81 -62.60
CA GLY E 51 -13.18 38.42 -62.26
C GLY E 51 -13.16 38.22 -60.77
N ARG E 52 -13.87 39.09 -60.07
CA ARG E 52 -13.93 38.99 -58.62
C ARG E 52 -15.34 38.61 -58.19
N PRO E 53 -15.48 37.95 -57.04
CA PRO E 53 -16.81 37.47 -56.65
C PRO E 53 -17.73 38.59 -56.19
N GLN E 54 -18.97 38.25 -55.88
CA GLN E 54 -19.91 39.14 -55.23
C GLN E 54 -20.68 38.39 -54.15
N ARG E 55 -20.48 38.85 -52.91
CA ARG E 55 -21.11 38.23 -51.77
C ARG E 55 -22.61 38.47 -51.70
N LYS E 56 -23.07 39.69 -51.98
CA LYS E 56 -24.49 40.01 -51.90
C LYS E 56 -25.34 39.29 -52.93
N MET E 57 -24.83 39.06 -54.14
CA MET E 57 -25.66 38.39 -55.13
C MET E 57 -25.89 36.91 -54.80
N MET E 58 -24.98 36.28 -54.08
CA MET E 58 -25.14 34.88 -53.72
C MET E 58 -26.28 34.67 -52.72
N SER E 59 -26.81 35.74 -52.16
CA SER E 59 -27.99 35.68 -51.33
C SER E 59 -29.21 35.43 -52.22
N PHE E 60 -30.15 34.63 -51.74
CA PHE E 60 -31.43 34.41 -52.42
C PHE E 60 -32.41 33.84 -51.40
N GLN E 61 -33.56 33.36 -51.88
CA GLN E 61 -34.56 32.82 -50.97
C GLN E 61 -34.71 31.33 -51.18
N ALA E 62 -34.89 30.60 -50.08
CA ALA E 62 -35.28 29.21 -50.11
C ALA E 62 -36.78 29.11 -49.88
N ASN E 63 -37.43 28.19 -50.58
CA ASN E 63 -38.85 27.96 -50.37
C ASN E 63 -39.16 26.48 -50.52
N PRO E 64 -40.08 25.96 -49.71
CA PRO E 64 -40.30 24.52 -49.68
C PRO E 64 -40.96 24.03 -50.97
N THR E 65 -41.25 22.73 -50.95
CA THR E 65 -42.03 22.13 -52.01
C THR E 65 -42.82 20.97 -51.42
N GLU E 66 -44.06 20.82 -51.90
CA GLU E 66 -44.86 19.60 -51.73
C GLU E 66 -44.77 19.02 -50.33
N GLU E 67 -44.30 17.77 -50.23
CA GLU E 67 -44.31 17.00 -49.00
C GLU E 67 -43.67 17.73 -47.83
N SER E 68 -42.86 18.75 -48.10
CA SER E 68 -42.40 19.62 -47.03
C SER E 68 -43.54 20.01 -46.09
N ILE E 69 -44.56 20.69 -46.61
CA ILE E 69 -45.66 21.08 -45.74
C ILE E 69 -46.38 19.87 -45.14
N SER E 70 -46.61 18.82 -45.93
CA SER E 70 -47.22 17.61 -45.38
C SER E 70 -46.34 17.00 -44.30
N LYS E 71 -45.18 16.47 -44.70
CA LYS E 71 -44.32 15.74 -43.77
C LYS E 71 -44.01 16.58 -42.54
N PHE E 72 -43.65 17.84 -42.74
CA PHE E 72 -43.48 18.74 -41.60
C PHE E 72 -44.64 19.72 -41.62
N PRO E 73 -45.61 19.59 -40.70
CA PRO E 73 -46.80 20.45 -40.78
C PRO E 73 -46.50 21.92 -40.74
N ASP E 74 -45.51 22.35 -39.97
CA ASP E 74 -45.04 23.73 -40.03
C ASP E 74 -43.64 23.72 -40.64
N MET E 75 -43.58 24.06 -41.92
CA MET E 75 -42.36 24.58 -42.51
C MET E 75 -42.76 25.59 -43.58
N GLY E 76 -42.17 26.77 -43.53
CA GLY E 76 -42.36 27.75 -44.57
C GLY E 76 -41.10 27.94 -45.37
N SER E 77 -41.06 28.97 -46.19
CA SER E 77 -39.81 29.34 -46.85
C SER E 77 -38.80 29.79 -45.81
N LEU E 78 -37.54 29.80 -46.20
CA LEU E 78 -36.50 30.43 -45.39
C LEU E 78 -35.62 31.26 -46.30
N TRP E 79 -34.64 31.93 -45.70
CA TRP E 79 -33.77 32.81 -46.47
C TRP E 79 -32.36 32.27 -46.42
N VAL E 80 -31.65 32.41 -47.55
CA VAL E 80 -30.25 32.03 -47.65
C VAL E 80 -29.47 33.26 -48.08
N GLU E 81 -28.30 33.43 -47.51
CA GLU E 81 -27.46 34.58 -47.84
C GLU E 81 -26.05 34.29 -47.36
N PHE E 82 -25.16 35.23 -47.60
CA PHE E 82 -23.80 35.16 -47.10
C PHE E 82 -23.23 36.57 -46.99
N CYS E 83 -22.41 36.78 -45.97
CA CYS E 83 -21.90 38.12 -45.70
C CYS E 83 -20.73 38.41 -46.64
N ASP E 84 -20.09 39.55 -46.44
CA ASP E 84 -18.95 39.92 -47.27
C ASP E 84 -17.64 39.93 -46.51
N GLU E 85 -17.45 40.92 -45.63
CA GLU E 85 -16.24 41.11 -44.86
C GLU E 85 -15.84 39.83 -44.14
N PRO E 86 -14.58 39.40 -44.26
CA PRO E 86 -14.13 38.26 -43.46
C PRO E 86 -14.40 38.45 -41.98
N SER E 87 -14.15 39.65 -41.46
CA SER E 87 -14.54 39.99 -40.10
C SER E 87 -16.05 40.12 -40.07
N VAL E 88 -16.65 39.52 -39.05
CA VAL E 88 -18.09 39.63 -38.83
C VAL E 88 -18.30 40.45 -37.57
N GLY E 89 -19.53 40.64 -37.16
CA GLY E 89 -19.75 41.39 -35.93
C GLY E 89 -21.19 41.86 -35.82
N VAL E 90 -21.43 42.62 -34.76
CA VAL E 90 -22.74 43.23 -34.55
C VAL E 90 -23.15 44.06 -35.77
N LYS E 91 -22.20 44.75 -36.40
CA LYS E 91 -22.52 45.62 -37.53
C LYS E 91 -23.25 44.86 -38.62
N THR E 92 -22.66 43.78 -39.13
CA THR E 92 -23.36 42.97 -40.11
C THR E 92 -24.58 42.27 -39.52
N MET E 93 -24.59 42.01 -38.22
CA MET E 93 -25.80 41.49 -37.58
C MET E 93 -26.89 42.53 -37.48
N LYS E 94 -26.57 43.82 -37.51
CA LYS E 94 -27.62 44.83 -37.47
C LYS E 94 -28.63 44.60 -38.58
N THR E 95 -28.20 44.79 -39.83
CA THR E 95 -29.07 44.58 -40.97
C THR E 95 -29.56 43.15 -41.10
N PHE E 96 -28.86 42.18 -40.52
CA PHE E 96 -29.33 40.80 -40.55
C PHE E 96 -30.56 40.61 -39.67
N VAL E 97 -30.45 40.99 -38.39
CA VAL E 97 -31.60 40.95 -37.51
C VAL E 97 -32.69 41.87 -38.02
N ILE E 98 -32.33 42.82 -38.89
CA ILE E 98 -33.36 43.52 -39.66
C ILE E 98 -33.99 42.58 -40.66
N HIS E 99 -33.17 41.76 -41.34
CA HIS E 99 -33.72 40.76 -42.25
C HIS E 99 -34.61 39.77 -41.52
N ILE E 100 -34.53 39.71 -40.20
CA ILE E 100 -35.59 39.02 -39.46
C ILE E 100 -36.94 39.65 -39.75
N GLN E 101 -36.98 40.96 -39.99
CA GLN E 101 -38.25 41.65 -40.11
C GLN E 101 -38.89 41.43 -41.47
N GLU E 102 -38.23 41.85 -42.55
CA GLU E 102 -38.82 41.63 -43.86
C GLU E 102 -38.69 40.18 -44.30
N LYS E 103 -37.57 39.54 -43.98
CA LYS E 103 -37.35 38.15 -44.38
C LYS E 103 -38.13 37.17 -43.52
N ASN E 104 -38.08 37.31 -42.20
CA ASN E 104 -38.88 36.49 -41.30
C ASN E 104 -38.62 35.00 -41.46
N PHE E 105 -39.67 34.30 -41.89
CA PHE E 105 -39.71 32.87 -42.15
C PHE E 105 -39.37 32.03 -40.92
N GLN E 106 -38.78 30.86 -41.15
CA GLN E 106 -38.16 30.08 -40.08
C GLN E 106 -36.73 30.47 -39.78
N THR E 107 -35.89 30.70 -40.79
CA THR E 107 -34.53 31.14 -40.53
C THR E 107 -34.02 31.92 -41.73
N GLY E 108 -33.11 32.85 -41.45
CA GLY E 108 -32.15 33.26 -42.46
C GLY E 108 -30.91 32.44 -42.21
N ILE E 109 -30.10 32.23 -43.22
CA ILE E 109 -28.86 31.50 -43.04
C ILE E 109 -27.75 32.31 -43.67
N PHE E 110 -26.57 32.27 -43.06
CA PHE E 110 -25.38 32.68 -43.79
C PHE E 110 -24.18 32.08 -43.09
N VAL E 111 -23.01 32.40 -43.60
CA VAL E 111 -21.77 31.73 -43.23
C VAL E 111 -20.71 32.78 -42.97
N TYR E 112 -19.74 32.46 -42.11
CA TYR E 112 -18.56 33.29 -41.97
C TYR E 112 -17.79 33.29 -43.29
N GLN E 113 -17.17 34.41 -43.62
CA GLN E 113 -16.21 34.43 -44.71
C GLN E 113 -14.94 33.74 -44.23
N ASN E 114 -14.21 34.40 -43.34
CA ASN E 114 -13.11 33.75 -42.65
C ASN E 114 -13.17 34.04 -41.15
N ASN E 115 -12.95 35.30 -40.80
CA ASN E 115 -12.91 35.71 -39.41
C ASN E 115 -14.24 35.43 -38.72
N ILE E 116 -14.16 35.10 -37.43
CA ILE E 116 -15.32 34.78 -36.62
C ILE E 116 -15.27 35.64 -35.37
N THR E 117 -16.17 36.57 -35.24
CA THR E 117 -16.05 37.21 -33.95
C THR E 117 -17.02 36.61 -32.94
N PRO E 118 -16.58 36.42 -31.69
CA PRO E 118 -17.55 36.13 -30.61
C PRO E 118 -18.41 37.32 -30.26
N SER E 119 -18.00 38.54 -30.63
CA SER E 119 -18.85 39.70 -30.39
C SER E 119 -20.19 39.57 -31.08
N ALA E 120 -20.20 39.09 -32.33
CA ALA E 120 -21.45 38.70 -32.95
C ALA E 120 -22.09 37.52 -32.23
N MET E 121 -21.28 36.58 -31.76
CA MET E 121 -21.78 35.44 -31.00
C MET E 121 -22.09 35.79 -29.56
N LYS E 122 -21.78 37.02 -29.11
CA LYS E 122 -22.23 37.47 -27.80
C LYS E 122 -23.71 37.18 -27.61
N LEU E 123 -24.57 37.81 -28.41
CA LEU E 123 -25.92 37.29 -28.63
C LEU E 123 -26.01 36.89 -30.09
N VAL E 124 -25.88 35.59 -30.35
CA VAL E 124 -26.39 34.98 -31.58
C VAL E 124 -27.91 34.76 -31.54
N PRO E 125 -28.51 34.21 -30.44
CA PRO E 125 -29.88 33.72 -30.56
C PRO E 125 -30.90 34.83 -30.43
N SER E 126 -31.02 35.67 -31.45
CA SER E 126 -31.84 36.87 -31.41
C SER E 126 -33.33 36.59 -31.33
N ILE E 127 -33.87 35.85 -32.29
CA ILE E 127 -35.30 35.83 -32.56
C ILE E 127 -35.83 34.42 -32.32
N PRO E 128 -36.67 34.24 -31.31
CA PRO E 128 -37.26 32.91 -31.03
C PRO E 128 -38.17 32.41 -32.15
N PRO E 129 -39.13 33.22 -32.63
CA PRO E 129 -40.10 32.66 -33.59
C PRO E 129 -39.49 32.25 -34.92
N ALA E 130 -38.36 32.84 -35.29
CA ALA E 130 -37.57 32.36 -36.41
C ALA E 130 -36.28 31.80 -35.81
N THR E 131 -35.30 31.44 -36.64
CA THR E 131 -34.02 31.04 -36.08
C THR E 131 -32.90 31.46 -37.02
N ILE E 132 -31.68 31.04 -36.69
CA ILE E 132 -30.49 31.41 -37.43
C ILE E 132 -29.82 30.14 -37.94
N GLU E 133 -29.01 30.32 -38.98
CA GLU E 133 -28.06 29.28 -39.38
C GLU E 133 -26.74 29.95 -39.70
N THR E 134 -25.71 29.64 -38.94
CA THR E 134 -24.42 30.31 -39.02
C THR E 134 -23.29 29.31 -39.16
N PHE E 135 -22.51 29.45 -40.23
CA PHE E 135 -21.37 28.58 -40.48
C PHE E 135 -20.13 29.41 -40.71
N ASN E 136 -18.99 28.75 -40.65
CA ASN E 136 -17.81 29.19 -41.36
C ASN E 136 -17.59 28.26 -42.54
N GLU E 137 -17.19 28.84 -43.67
CA GLU E 137 -17.16 28.08 -44.90
C GLU E 137 -16.13 26.97 -44.84
N ALA E 138 -14.98 27.23 -44.21
CA ALA E 138 -13.88 26.27 -44.22
C ALA E 138 -14.35 24.87 -43.87
N ALA E 139 -15.25 24.74 -42.90
CA ALA E 139 -15.75 23.43 -42.54
C ALA E 139 -16.62 22.81 -43.63
N LEU E 140 -17.18 23.64 -44.51
CA LEU E 140 -18.02 23.15 -45.59
C LEU E 140 -17.32 23.41 -46.91
N VAL E 141 -16.79 22.35 -47.51
CA VAL E 141 -16.21 22.43 -48.84
C VAL E 141 -16.78 21.29 -49.67
N VAL E 142 -16.42 20.07 -49.32
CA VAL E 142 -17.17 18.88 -49.73
C VAL E 142 -18.18 18.61 -48.63
N ASN E 143 -19.43 18.37 -49.03
CA ASN E 143 -20.48 18.18 -48.05
C ASN E 143 -20.26 16.87 -47.29
N ILE E 144 -20.17 16.99 -45.97
CA ILE E 144 -19.96 15.83 -45.12
C ILE E 144 -21.00 14.77 -45.41
N THR E 145 -22.25 15.18 -45.63
CA THR E 145 -23.35 14.26 -45.86
C THR E 145 -23.04 13.27 -46.98
N HIS E 146 -22.26 13.68 -47.96
CA HIS E 146 -22.06 12.95 -49.20
C HIS E 146 -20.81 12.08 -49.16
N HIS E 147 -20.14 12.01 -48.01
CA HIS E 147 -18.74 11.61 -48.08
C HIS E 147 -18.56 10.10 -48.22
N GLU E 148 -18.43 9.38 -47.12
CA GLU E 148 -18.39 7.93 -47.19
C GLU E 148 -18.93 7.35 -45.90
N LEU E 149 -18.14 7.52 -44.84
CA LEU E 149 -18.39 6.99 -43.51
C LEU E 149 -19.77 7.30 -42.98
N VAL E 150 -20.17 8.57 -42.98
CA VAL E 150 -21.45 9.00 -42.43
C VAL E 150 -22.54 8.18 -43.12
N PRO E 151 -23.31 7.41 -42.39
CA PRO E 151 -24.47 6.73 -42.99
C PRO E 151 -25.49 7.78 -43.37
N LYS E 152 -26.58 7.34 -44.01
CA LYS E 152 -27.59 8.29 -44.39
C LYS E 152 -28.56 8.50 -43.25
N HIS E 153 -28.86 9.76 -42.97
CA HIS E 153 -29.71 10.18 -41.88
C HIS E 153 -31.00 10.75 -42.45
N ILE E 154 -32.11 10.46 -41.79
CA ILE E 154 -33.42 10.90 -42.23
C ILE E 154 -34.15 11.52 -41.05
N ARG E 155 -34.45 12.81 -41.14
CA ARG E 155 -35.31 13.45 -40.18
C ARG E 155 -36.70 12.85 -40.32
N LEU E 156 -37.40 12.71 -39.21
CA LEU E 156 -38.73 12.12 -39.20
C LEU E 156 -39.76 13.13 -38.69
N SER E 157 -41.02 12.90 -39.09
CA SER E 157 -42.10 13.74 -38.64
C SER E 157 -42.25 13.63 -37.13
N SER E 158 -42.45 14.78 -36.48
CA SER E 158 -42.61 14.80 -35.03
C SER E 158 -43.71 13.85 -34.58
N ASP E 159 -44.72 13.64 -35.43
CA ASP E 159 -45.71 12.62 -35.15
C ASP E 159 -45.11 11.22 -35.24
N GLU E 160 -44.32 10.95 -36.28
CA GLU E 160 -43.67 9.68 -36.43
C GLU E 160 -42.87 9.30 -35.20
N LYS E 161 -42.28 10.28 -34.51
CA LYS E 161 -41.68 10.04 -33.21
C LYS E 161 -42.58 9.21 -32.31
N ARG E 162 -43.73 9.76 -31.96
CA ARG E 162 -44.63 9.09 -31.02
C ARG E 162 -44.91 7.66 -31.44
N GLU E 163 -45.21 7.46 -32.74
CA GLU E 163 -45.35 6.10 -33.24
C GLU E 163 -44.15 5.25 -32.88
N LEU E 164 -42.94 5.76 -33.15
CA LEU E 164 -41.75 4.99 -32.87
C LEU E 164 -41.66 4.63 -31.41
N LEU E 165 -41.67 5.63 -30.54
CA LEU E 165 -41.65 5.40 -29.10
C LEU E 165 -42.67 4.38 -28.64
N LYS E 166 -43.88 4.39 -29.19
CA LYS E 166 -44.88 3.41 -28.83
C LYS E 166 -44.59 2.03 -29.38
N ARG E 167 -43.91 1.93 -30.52
CA ARG E 167 -43.49 0.62 -31.01
C ARG E 167 -42.60 -0.08 -29.99
N TYR E 168 -41.62 0.64 -29.46
CA TYR E 168 -40.76 0.09 -28.43
C TYR E 168 -41.23 0.44 -27.03
N ARG E 169 -42.39 1.07 -26.89
CA ARG E 169 -42.99 1.37 -25.59
C ARG E 169 -42.02 2.18 -24.74
N LEU E 170 -41.54 3.26 -25.34
CA LEU E 170 -40.53 4.11 -24.73
C LEU E 170 -41.05 5.53 -24.59
N LYS E 171 -40.55 6.22 -23.58
CA LYS E 171 -40.77 7.64 -23.40
C LYS E 171 -39.61 8.39 -24.03
N GLU E 172 -39.65 9.72 -23.97
CA GLU E 172 -38.58 10.51 -24.56
C GLU E 172 -37.38 10.52 -23.61
N SER E 173 -36.40 11.33 -23.95
CA SER E 173 -35.04 11.18 -23.41
C SER E 173 -34.63 9.74 -23.64
N GLN E 174 -33.88 9.16 -22.71
CA GLN E 174 -33.59 7.73 -22.65
C GLN E 174 -33.31 7.11 -24.02
N LEU E 175 -32.68 7.87 -24.91
CA LEU E 175 -32.44 7.45 -26.28
C LEU E 175 -31.02 7.74 -26.69
N PRO E 176 -30.53 7.06 -27.72
CA PRO E 176 -29.26 7.46 -28.34
C PRO E 176 -29.34 8.91 -28.76
N ARG E 177 -28.35 9.68 -28.36
CA ARG E 177 -28.42 11.13 -28.51
C ARG E 177 -27.49 11.62 -29.60
N ILE E 178 -27.54 12.92 -29.83
CA ILE E 178 -26.65 13.63 -30.74
C ILE E 178 -26.38 14.99 -30.13
N GLN E 179 -25.09 15.33 -29.98
CA GLN E 179 -24.76 16.63 -29.42
C GLN E 179 -25.18 17.74 -30.37
N ARG E 180 -25.91 18.70 -29.81
CA ARG E 180 -26.30 19.88 -30.56
C ARG E 180 -25.05 20.54 -31.13
N ALA E 181 -25.22 21.14 -32.31
CA ALA E 181 -24.12 21.66 -33.11
C ALA E 181 -23.17 20.56 -33.56
N ASP E 182 -23.66 19.32 -33.65
CA ASP E 182 -22.81 18.50 -34.50
C ASP E 182 -22.95 18.95 -35.94
N PRO E 183 -21.85 18.99 -36.71
CA PRO E 183 -21.97 19.40 -38.12
C PRO E 183 -23.04 18.64 -38.87
N VAL E 184 -23.07 17.32 -38.77
CA VAL E 184 -24.15 16.56 -39.38
C VAL E 184 -25.50 16.98 -38.82
N ALA E 185 -25.59 17.10 -37.50
CA ALA E 185 -26.78 17.70 -36.91
C ALA E 185 -27.02 19.08 -37.49
N LEU E 186 -25.98 19.91 -37.51
CA LEU E 186 -26.11 21.20 -38.18
C LEU E 186 -26.44 21.03 -39.65
N TYR E 187 -26.00 19.94 -40.26
CA TYR E 187 -26.31 19.76 -41.68
C TYR E 187 -27.81 19.68 -41.90
N LEU E 188 -28.51 18.87 -41.11
CA LEU E 188 -29.96 18.94 -41.10
C LEU E 188 -30.48 20.18 -40.40
N GLY E 189 -29.65 20.82 -39.60
CA GLY E 189 -30.12 21.96 -38.85
C GLY E 189 -31.13 21.55 -37.81
N LEU E 190 -30.72 20.65 -36.91
CA LEU E 190 -31.59 20.14 -35.88
C LEU E 190 -32.00 21.27 -34.93
N LYS E 191 -33.13 21.08 -34.27
CA LYS E 191 -33.51 21.86 -33.11
C LYS E 191 -33.69 20.88 -31.95
N ARG E 192 -34.04 21.40 -30.78
CA ARG E 192 -34.23 20.57 -29.59
C ARG E 192 -35.25 19.48 -29.90
N GLY E 193 -34.95 18.26 -29.47
CA GLY E 193 -35.92 17.18 -29.53
C GLY E 193 -36.32 16.75 -30.91
N GLU E 194 -35.47 16.97 -31.90
CA GLU E 194 -35.72 16.42 -33.24
C GLU E 194 -35.08 15.04 -33.29
N VAL E 195 -35.73 14.12 -33.96
CA VAL E 195 -35.30 12.73 -33.98
C VAL E 195 -34.95 12.34 -35.41
N VAL E 196 -33.91 11.52 -35.57
CA VAL E 196 -33.44 11.11 -36.88
C VAL E 196 -33.25 9.60 -36.91
N LYS E 197 -33.80 8.97 -37.94
CA LYS E 197 -33.64 7.56 -38.23
C LYS E 197 -32.43 7.41 -39.13
N ILE E 198 -31.51 6.52 -38.78
CA ILE E 198 -30.21 6.46 -39.43
C ILE E 198 -29.98 5.05 -39.95
N ILE E 199 -29.70 4.94 -41.24
CA ILE E 199 -29.41 3.65 -41.86
C ILE E 199 -27.90 3.57 -42.07
N ARG E 200 -27.25 2.71 -41.30
CA ARG E 200 -25.83 2.45 -41.47
C ARG E 200 -25.64 1.25 -42.38
N LYS E 201 -24.84 1.43 -43.41
CA LYS E 201 -24.66 0.39 -44.42
C LYS E 201 -23.28 -0.24 -44.30
N SER E 202 -23.25 -1.48 -43.83
CA SER E 202 -22.06 -2.29 -43.74
C SER E 202 -22.51 -3.74 -43.81
N GLU E 203 -21.64 -4.62 -44.30
CA GLU E 203 -22.00 -6.03 -44.26
C GLU E 203 -21.32 -6.72 -43.09
N THR E 204 -22.11 -6.85 -42.05
CA THR E 204 -21.92 -7.65 -40.87
C THR E 204 -23.17 -8.45 -40.55
N SER E 205 -24.22 -7.77 -40.14
CA SER E 205 -25.58 -8.27 -40.36
C SER E 205 -25.99 -7.92 -41.79
N GLY E 206 -25.79 -6.67 -42.17
CA GLY E 206 -26.26 -6.16 -43.45
C GLY E 206 -26.66 -4.70 -43.29
N ARG E 207 -27.41 -4.15 -44.23
CA ARG E 207 -28.00 -2.82 -44.03
C ARG E 207 -29.01 -2.91 -42.89
N TYR E 208 -28.96 -1.95 -41.99
CA TYR E 208 -29.96 -1.84 -40.92
C TYR E 208 -29.91 -0.42 -40.39
N ALA E 209 -30.72 -0.13 -39.38
CA ALA E 209 -30.90 1.25 -38.97
C ALA E 209 -30.99 1.34 -37.46
N SER E 210 -31.08 2.57 -36.98
CA SER E 210 -31.21 2.92 -35.57
C SER E 210 -31.83 4.33 -35.52
N TYR E 211 -31.81 4.93 -34.35
CA TYR E 211 -32.40 6.25 -34.17
C TYR E 211 -31.56 7.05 -33.20
N ARG E 212 -31.54 8.36 -33.37
CA ARG E 212 -31.00 9.26 -32.36
C ARG E 212 -31.83 10.53 -32.31
N ILE E 213 -31.46 11.44 -31.40
CA ILE E 213 -32.23 12.64 -31.13
C ILE E 213 -31.29 13.75 -30.69
N CYS E 214 -31.61 14.97 -31.11
CA CYS E 214 -30.89 16.16 -30.64
C CYS E 214 -30.92 16.20 -29.12
N MET E 215 -29.79 16.56 -28.52
CA MET E 215 -29.71 16.72 -27.07
C MET E 215 -28.47 17.52 -26.66
N GLU F 71 -49.84 -0.67 -17.99
CA GLU F 71 -48.97 -1.01 -16.88
C GLU F 71 -49.25 -2.42 -16.38
N LYS F 72 -50.52 -2.80 -16.41
CA LYS F 72 -50.96 -4.05 -15.81
C LYS F 72 -50.66 -5.22 -16.73
N ALA F 73 -51.23 -6.37 -16.39
CA ALA F 73 -50.90 -7.63 -17.05
C ALA F 73 -51.25 -7.60 -18.52
N ILE F 74 -50.54 -8.41 -19.28
CA ILE F 74 -50.74 -8.55 -20.72
C ILE F 74 -51.60 -9.78 -20.96
N PRO F 75 -52.66 -9.68 -21.76
CA PRO F 75 -53.55 -10.83 -21.96
C PRO F 75 -52.87 -11.93 -22.74
N LYS F 76 -53.24 -13.17 -22.39
CA LYS F 76 -52.69 -14.36 -23.03
C LYS F 76 -52.83 -14.31 -24.55
N ASP F 77 -53.85 -13.60 -25.05
CA ASP F 77 -53.99 -13.40 -26.48
C ASP F 77 -52.72 -12.86 -27.12
N GLN F 78 -52.24 -11.72 -26.63
CA GLN F 78 -51.07 -11.06 -27.21
C GLN F 78 -49.81 -11.47 -26.44
N ARG F 79 -48.90 -12.13 -27.15
CA ARG F 79 -47.66 -12.62 -26.57
C ARG F 79 -46.50 -12.33 -27.50
N ALA F 80 -45.55 -11.50 -27.06
CA ALA F 80 -44.34 -11.28 -27.84
C ALA F 80 -43.11 -11.72 -27.03
N THR F 81 -42.56 -12.88 -27.39
CA THR F 81 -41.27 -13.40 -26.92
C THR F 81 -41.17 -14.82 -27.46
N THR F 82 -40.02 -15.45 -27.28
CA THR F 82 -39.85 -16.81 -27.77
C THR F 82 -40.83 -17.74 -27.08
N PRO F 83 -41.31 -18.78 -27.74
CA PRO F 83 -41.82 -19.94 -27.01
C PRO F 83 -40.71 -20.71 -26.33
N TYR F 84 -39.46 -20.48 -26.73
CA TYR F 84 -38.33 -21.23 -26.23
C TYR F 84 -37.95 -20.78 -24.82
N MET F 85 -37.20 -21.63 -24.14
CA MET F 85 -36.78 -21.36 -22.77
C MET F 85 -35.82 -20.18 -22.69
N THR F 86 -35.85 -19.51 -21.54
CA THR F 86 -34.91 -18.45 -21.18
C THR F 86 -33.47 -18.94 -21.23
N LYS F 87 -33.29 -20.22 -20.95
CA LYS F 87 -32.05 -20.86 -20.56
C LYS F 87 -31.73 -20.49 -19.13
N TYR F 88 -32.26 -19.36 -18.66
CA TYR F 88 -32.20 -19.12 -17.23
C TYR F 88 -33.49 -19.56 -16.59
N GLU F 89 -34.52 -19.80 -17.40
CA GLU F 89 -35.60 -20.67 -16.97
C GLU F 89 -35.02 -21.93 -16.37
N ARG F 90 -34.30 -22.69 -17.19
CA ARG F 90 -33.58 -23.84 -16.70
C ARG F 90 -32.73 -23.52 -15.49
N ALA F 91 -32.33 -22.28 -15.31
CA ALA F 91 -31.56 -22.00 -14.11
C ALA F 91 -32.44 -21.84 -12.88
N ARG F 92 -33.09 -20.69 -12.74
CA ARG F 92 -33.81 -20.39 -11.51
C ARG F 92 -35.04 -21.27 -11.33
N ILE F 93 -35.71 -21.66 -12.41
CA ILE F 93 -36.80 -22.61 -12.27
C ILE F 93 -36.33 -23.84 -11.52
N LEU F 94 -35.21 -24.41 -11.95
CA LEU F 94 -34.68 -25.55 -11.21
C LEU F 94 -34.28 -25.17 -9.79
N GLY F 95 -33.39 -24.18 -9.64
CA GLY F 95 -32.92 -23.83 -8.30
C GLY F 95 -34.04 -23.61 -7.31
N THR F 96 -34.99 -22.76 -7.66
CA THR F 96 -36.23 -22.64 -6.92
C THR F 96 -36.84 -24.00 -6.63
N ARG F 97 -37.18 -24.76 -7.67
CA ARG F 97 -37.88 -26.02 -7.49
C ARG F 97 -37.21 -26.89 -6.43
N ALA F 98 -35.97 -27.32 -6.71
CA ALA F 98 -35.27 -28.16 -5.76
C ALA F 98 -35.22 -27.51 -4.39
N LEU F 99 -35.07 -26.19 -4.33
CA LEU F 99 -34.99 -25.54 -3.03
C LEU F 99 -36.29 -25.72 -2.25
N GLN F 100 -37.44 -25.60 -2.92
CA GLN F 100 -38.67 -26.10 -2.33
C GLN F 100 -38.49 -27.52 -1.84
N ILE F 101 -38.17 -28.44 -2.75
CA ILE F 101 -38.13 -29.86 -2.42
C ILE F 101 -37.37 -30.11 -1.14
N SER F 102 -36.24 -29.42 -0.96
CA SER F 102 -35.52 -29.47 0.30
C SER F 102 -36.42 -29.18 1.48
N MET F 103 -37.32 -28.23 1.36
CA MET F 103 -38.21 -27.84 2.44
C MET F 103 -39.42 -28.76 2.53
N ASN F 104 -39.36 -29.86 1.78
CA ASN F 104 -40.37 -30.91 1.84
C ASN F 104 -41.73 -30.44 1.37
N ALA F 105 -41.87 -30.26 0.07
CA ALA F 105 -43.17 -30.20 -0.56
C ALA F 105 -43.32 -31.45 -1.41
N PRO F 106 -44.53 -31.95 -1.62
CA PRO F 106 -44.68 -33.21 -2.35
C PRO F 106 -44.24 -33.06 -3.79
N VAL F 107 -43.75 -34.15 -4.34
CA VAL F 107 -43.27 -34.13 -5.71
C VAL F 107 -44.28 -34.85 -6.59
N PHE F 108 -44.43 -34.34 -7.81
CA PHE F 108 -45.55 -34.71 -8.67
C PHE F 108 -45.17 -35.77 -9.69
N VAL F 109 -43.94 -36.29 -9.63
CA VAL F 109 -43.41 -37.13 -10.68
C VAL F 109 -43.25 -38.53 -10.15
N ASP F 110 -43.25 -39.50 -11.05
CA ASP F 110 -42.72 -40.80 -10.72
C ASP F 110 -41.31 -40.56 -10.17
N LEU F 111 -41.06 -41.02 -8.96
CA LEU F 111 -39.76 -40.84 -8.32
C LEU F 111 -39.19 -42.21 -8.00
N GLU F 112 -38.11 -42.57 -8.69
CA GLU F 112 -37.51 -43.88 -8.47
C GLU F 112 -36.69 -43.85 -7.19
N GLY F 113 -35.99 -44.95 -6.91
CA GLY F 113 -35.40 -45.12 -5.60
C GLY F 113 -34.35 -44.10 -5.22
N GLU F 114 -33.96 -43.26 -6.18
CA GLU F 114 -32.95 -42.22 -5.98
C GLU F 114 -33.39 -41.13 -5.01
N THR F 115 -32.61 -40.07 -4.92
CA THR F 115 -32.94 -38.98 -4.02
C THR F 115 -32.42 -37.63 -4.47
N ASP F 116 -31.86 -36.90 -3.49
CA ASP F 116 -31.34 -35.51 -3.62
C ASP F 116 -32.31 -34.42 -4.06
N PRO F 117 -32.20 -33.24 -3.45
CA PRO F 117 -33.14 -32.18 -3.84
C PRO F 117 -33.06 -31.58 -5.23
N LEU F 118 -32.05 -31.95 -6.01
CA LEU F 118 -31.88 -31.43 -7.36
C LEU F 118 -32.22 -32.48 -8.41
N ARG F 119 -31.56 -33.63 -8.33
CA ARG F 119 -31.66 -34.60 -9.41
C ARG F 119 -33.09 -35.03 -9.65
N ILE F 120 -33.89 -35.13 -8.59
CA ILE F 120 -35.28 -35.51 -8.78
C ILE F 120 -36.07 -34.40 -9.48
N ALA F 121 -35.69 -33.14 -9.28
CA ALA F 121 -36.33 -32.08 -10.04
C ALA F 121 -35.97 -32.18 -11.51
N MET F 122 -34.69 -32.40 -11.80
CA MET F 122 -34.27 -32.70 -13.15
C MET F 122 -35.16 -33.77 -13.77
N LYS F 123 -35.17 -34.95 -13.15
CA LYS F 123 -36.03 -36.05 -13.61
C LYS F 123 -37.46 -35.58 -13.81
N GLU F 124 -37.97 -34.71 -12.94
CA GLU F 124 -39.29 -34.14 -13.17
C GLU F 124 -39.38 -33.43 -14.50
N LEU F 125 -38.59 -32.37 -14.68
CA LEU F 125 -38.89 -31.37 -15.69
C LEU F 125 -39.10 -31.96 -17.08
N ALA F 126 -38.42 -33.07 -17.38
CA ALA F 126 -38.71 -33.75 -18.64
C ALA F 126 -40.18 -34.12 -18.74
N GLU F 127 -40.85 -34.27 -17.61
CA GLU F 127 -42.29 -34.55 -17.58
C GLU F 127 -43.13 -33.29 -17.62
N LYS F 128 -42.50 -32.11 -17.54
CA LYS F 128 -43.21 -30.84 -17.55
C LYS F 128 -44.31 -30.78 -16.50
N LYS F 129 -44.01 -31.26 -15.30
CA LYS F 129 -45.00 -31.29 -14.22
C LYS F 129 -44.89 -30.13 -13.26
N ILE F 130 -43.91 -29.24 -13.44
CA ILE F 130 -43.63 -28.18 -12.47
C ILE F 130 -44.78 -27.18 -12.51
N PRO F 131 -45.37 -26.81 -11.37
CA PRO F 131 -46.46 -25.85 -11.35
C PRO F 131 -46.05 -24.41 -11.67
N LEU F 132 -44.76 -24.10 -11.65
CA LEU F 132 -44.32 -22.71 -11.58
C LEU F 132 -44.68 -21.93 -12.83
N VAL F 133 -44.67 -20.60 -12.69
CA VAL F 133 -45.01 -19.68 -13.76
C VAL F 133 -44.03 -18.51 -13.73
N ILE F 134 -43.33 -18.28 -14.85
CA ILE F 134 -42.37 -17.20 -14.94
C ILE F 134 -43.08 -15.90 -15.26
N ARG F 135 -42.76 -14.87 -14.50
CA ARG F 135 -43.21 -13.51 -14.77
C ARG F 135 -42.09 -12.87 -15.58
N ARG F 136 -42.46 -12.08 -16.58
CA ARG F 136 -41.48 -11.34 -17.35
C ARG F 136 -41.79 -9.85 -17.39
N TYR F 137 -40.86 -9.06 -16.90
CA TYR F 137 -40.96 -7.60 -16.94
C TYR F 137 -40.28 -7.11 -18.20
N LEU F 138 -41.04 -6.48 -19.07
CA LEU F 138 -40.39 -5.62 -20.04
C LEU F 138 -39.84 -4.40 -19.29
N PRO F 139 -39.11 -3.53 -19.96
CA PRO F 139 -38.60 -2.35 -19.24
C PRO F 139 -39.69 -1.40 -18.81
N ASP F 140 -40.71 -1.21 -19.62
CA ASP F 140 -41.82 -0.32 -19.27
C ASP F 140 -42.61 -0.81 -18.07
N GLY F 141 -42.35 -2.03 -17.60
CA GLY F 141 -43.15 -2.60 -16.55
C GLY F 141 -44.48 -3.13 -17.06
N SER F 142 -44.46 -3.82 -18.19
CA SER F 142 -45.64 -4.39 -18.80
C SER F 142 -45.99 -5.75 -18.22
N PHE F 143 -45.29 -6.18 -17.19
CA PHE F 143 -45.45 -7.49 -16.55
C PHE F 143 -45.20 -8.58 -17.57
N GLU F 144 -45.66 -9.81 -17.32
CA GLU F 144 -45.81 -10.91 -18.28
C GLU F 144 -45.96 -12.20 -17.49
N ASP F 145 -46.56 -13.23 -18.10
CA ASP F 145 -46.74 -14.53 -17.48
C ASP F 145 -46.59 -15.64 -18.50
N TRP F 146 -45.88 -16.70 -18.12
CA TRP F 146 -45.90 -17.95 -18.89
C TRP F 146 -45.83 -19.10 -17.89
N SER F 147 -46.71 -20.07 -18.02
CA SER F 147 -46.52 -21.28 -17.25
C SER F 147 -45.36 -22.09 -17.80
N VAL F 148 -44.61 -22.72 -16.90
CA VAL F 148 -43.52 -23.59 -17.32
C VAL F 148 -44.01 -24.60 -18.32
N GLU F 149 -45.16 -25.21 -18.03
CA GLU F 149 -45.72 -26.19 -18.95
C GLU F 149 -46.15 -25.54 -20.27
N GLU F 150 -46.60 -24.29 -20.22
CA GLU F 150 -46.91 -23.58 -21.47
C GLU F 150 -45.70 -23.49 -22.37
N LEU F 151 -44.56 -23.10 -21.81
CA LEU F 151 -43.38 -22.79 -22.60
C LEU F 151 -42.77 -24.08 -23.13
N ILE F 152 -42.00 -23.99 -24.20
CA ILE F 152 -41.46 -25.18 -24.85
C ILE F 152 -39.94 -25.13 -24.83
N VAL F 153 -39.34 -26.31 -24.80
CA VAL F 153 -37.89 -26.47 -24.78
C VAL F 153 -37.26 -25.87 -26.03
N PHE G 2 -66.59 -8.31 17.87
CA PHE G 2 -67.79 -7.60 17.46
C PHE G 2 -67.87 -7.36 15.96
N ILE G 3 -67.52 -6.17 15.52
CA ILE G 3 -67.85 -5.73 14.16
C ILE G 3 -66.96 -6.44 13.14
N LEU G 4 -67.08 -6.05 11.88
CA LEU G 4 -66.34 -6.63 10.78
C LEU G 4 -65.55 -5.53 10.09
N SER G 5 -64.44 -5.89 9.44
CA SER G 5 -63.55 -4.90 8.87
C SER G 5 -62.85 -5.42 7.62
N LYS G 6 -62.65 -4.53 6.66
CA LYS G 6 -61.89 -4.80 5.45
C LYS G 6 -60.45 -4.36 5.68
N ILE G 7 -59.54 -5.33 5.76
CA ILE G 7 -58.14 -5.07 6.02
C ILE G 7 -57.31 -5.95 5.09
N ALA G 8 -56.08 -5.48 4.82
CA ALA G 8 -55.19 -6.12 3.88
C ALA G 8 -53.85 -6.40 4.54
N ASP G 9 -53.18 -7.45 4.07
CA ASP G 9 -51.84 -7.77 4.56
C ASP G 9 -51.23 -8.84 3.65
N LEU G 10 -50.00 -9.20 3.96
CA LEU G 10 -49.22 -10.17 3.19
C LEU G 10 -49.08 -11.45 3.99
N VAL G 11 -49.02 -12.57 3.30
CA VAL G 11 -49.00 -13.89 3.93
C VAL G 11 -47.85 -14.70 3.34
N ARG G 12 -47.06 -15.30 4.22
CA ARG G 12 -46.01 -16.23 3.85
C ARG G 12 -46.54 -17.64 4.00
N ILE G 13 -46.70 -18.35 2.90
CA ILE G 13 -47.17 -19.72 2.99
C ILE G 13 -45.96 -20.63 3.05
N PRO G 14 -45.81 -21.42 4.10
CA PRO G 14 -44.66 -22.30 4.20
C PRO G 14 -44.76 -23.42 3.17
N PRO G 15 -43.65 -24.08 2.86
CA PRO G 15 -43.69 -25.14 1.85
C PRO G 15 -44.48 -26.35 2.27
N ASP G 16 -44.49 -26.68 3.55
CA ASP G 16 -45.10 -27.92 4.01
C ASP G 16 -46.56 -28.04 3.62
N GLN G 17 -47.26 -26.93 3.53
CA GLN G 17 -48.70 -26.92 3.34
C GLN G 17 -49.11 -27.11 1.89
N PHE G 18 -48.13 -27.19 0.98
CA PHE G 18 -48.45 -27.20 -0.44
C PHE G 18 -49.37 -28.36 -0.81
N HIS G 19 -49.43 -29.39 0.03
CA HIS G 19 -50.46 -30.40 -0.14
C HIS G 19 -51.85 -29.85 0.13
N ARG G 20 -51.98 -29.02 1.16
CA ARG G 20 -53.26 -28.54 1.64
C ARG G 20 -53.84 -27.48 0.72
N ASP G 21 -55.15 -27.28 0.85
CA ASP G 21 -55.84 -26.24 0.11
C ASP G 21 -55.29 -24.85 0.48
N THR G 22 -55.37 -23.95 -0.49
CA THR G 22 -54.85 -22.60 -0.32
C THR G 22 -55.46 -21.92 0.90
N ILE G 23 -56.76 -21.63 0.85
CA ILE G 23 -57.41 -20.86 1.90
C ILE G 23 -57.11 -21.40 3.29
N SER G 24 -57.01 -22.71 3.44
CA SER G 24 -56.68 -23.28 4.73
C SER G 24 -55.33 -22.83 5.23
N ALA G 25 -54.28 -23.06 4.45
CA ALA G 25 -52.97 -22.51 4.75
C ALA G 25 -53.02 -21.02 5.02
N ILE G 26 -53.69 -20.27 4.15
CA ILE G 26 -53.99 -18.88 4.44
C ILE G 26 -54.61 -18.76 5.83
N THR G 27 -55.77 -19.40 6.01
CA THR G 27 -56.45 -19.38 7.30
C THR G 27 -55.49 -19.67 8.44
N HIS G 28 -54.89 -20.87 8.44
CA HIS G 28 -54.00 -21.26 9.51
C HIS G 28 -52.93 -20.21 9.78
N GLN G 29 -52.31 -19.69 8.72
CA GLN G 29 -51.34 -18.62 8.89
C GLN G 29 -51.92 -17.42 9.61
N LEU G 30 -52.91 -16.76 9.03
CA LEU G 30 -53.48 -15.58 9.65
C LEU G 30 -53.89 -15.85 11.08
N ASN G 31 -54.42 -17.05 11.35
CA ASN G 31 -54.66 -17.48 12.71
C ASN G 31 -53.40 -17.32 13.55
N ASN G 32 -52.34 -18.05 13.21
CA ASN G 32 -51.10 -17.96 13.96
C ASN G 32 -50.61 -16.53 14.10
N LYS G 33 -50.89 -15.67 13.12
CA LYS G 33 -50.55 -14.27 13.19
C LYS G 33 -51.53 -13.48 14.05
N PHE G 34 -52.79 -13.88 14.10
CA PHE G 34 -53.76 -13.06 14.82
C PHE G 34 -54.28 -13.76 16.05
N ALA G 35 -55.23 -14.68 15.88
CA ALA G 35 -55.72 -15.51 16.98
C ALA G 35 -55.97 -14.72 18.25
N ASN G 36 -55.29 -15.13 19.33
CA ASN G 36 -55.36 -14.47 20.62
C ASN G 36 -54.76 -13.06 20.61
N LYS G 37 -54.02 -12.69 19.57
CA LYS G 37 -53.34 -11.40 19.58
C LYS G 37 -54.34 -10.25 19.44
N ILE G 38 -53.80 -9.04 19.39
CA ILE G 38 -54.60 -7.84 19.23
C ILE G 38 -53.99 -7.00 18.11
N ILE G 39 -54.83 -6.29 17.38
CA ILE G 39 -54.44 -5.47 16.24
C ILE G 39 -54.50 -3.99 16.65
N PRO G 40 -53.43 -3.23 16.46
CA PRO G 40 -53.31 -1.92 17.11
C PRO G 40 -54.28 -0.89 16.54
N ASN G 41 -54.68 0.02 17.44
CA ASN G 41 -55.47 1.23 17.20
C ASN G 41 -56.76 0.93 16.46
N VAL G 42 -57.20 -0.32 16.52
CA VAL G 42 -58.43 -0.74 15.86
C VAL G 42 -59.23 -1.72 16.73
N GLY G 43 -58.54 -2.73 17.24
CA GLY G 43 -59.18 -3.73 18.08
C GLY G 43 -58.41 -5.04 18.10
N LEU G 44 -59.01 -6.05 18.74
CA LEU G 44 -58.38 -7.37 18.83
C LEU G 44 -59.18 -8.42 18.06
N CYS G 45 -58.62 -8.88 16.95
CA CYS G 45 -59.28 -9.88 16.13
C CYS G 45 -59.59 -11.11 16.96
N ILE G 46 -60.29 -12.04 16.33
CA ILE G 46 -60.51 -13.37 16.88
C ILE G 46 -59.98 -14.35 15.86
N THR G 47 -60.73 -14.53 14.78
CA THR G 47 -60.22 -15.15 13.57
C THR G 47 -60.66 -14.29 12.40
N ILE G 48 -60.25 -14.69 11.21
CA ILE G 48 -60.70 -14.03 10.00
C ILE G 48 -62.04 -14.67 9.73
N TYR G 49 -63.00 -13.88 9.27
CA TYR G 49 -64.29 -14.43 8.87
C TYR G 49 -64.35 -14.86 7.40
N ASP G 50 -64.15 -13.93 6.48
CA ASP G 50 -64.11 -14.24 5.05
C ASP G 50 -62.85 -13.72 4.38
N LEU G 51 -62.68 -14.06 3.11
CA LEU G 51 -61.44 -13.78 2.39
C LEU G 51 -61.76 -13.52 0.93
N LEU G 52 -60.88 -12.76 0.26
CA LEU G 52 -61.12 -12.39 -1.12
C LEU G 52 -59.83 -11.88 -1.75
N THR G 53 -59.93 -11.54 -3.04
CA THR G 53 -58.93 -10.92 -3.91
C THR G 53 -57.57 -11.58 -3.88
N VAL G 54 -57.53 -12.89 -3.64
CA VAL G 54 -56.28 -13.63 -3.70
C VAL G 54 -55.64 -13.47 -5.07
N GLU G 55 -54.32 -13.41 -5.11
CA GLU G 55 -53.61 -13.06 -6.33
C GLU G 55 -52.50 -14.05 -6.64
N GLU G 56 -51.79 -13.81 -7.74
CA GLU G 56 -50.66 -14.65 -8.13
C GLU G 56 -49.59 -14.56 -7.06
N GLY G 57 -49.17 -15.71 -6.54
CA GLY G 57 -48.18 -15.71 -5.47
C GLY G 57 -46.80 -15.30 -5.95
N GLN G 58 -46.28 -14.25 -5.33
CA GLN G 58 -44.94 -13.77 -5.68
C GLN G 58 -43.94 -14.58 -4.86
N LEU G 59 -42.65 -14.35 -5.09
CA LEU G 59 -41.64 -15.21 -4.50
C LEU G 59 -40.34 -14.44 -4.35
N LYS G 60 -39.58 -14.77 -3.31
CA LYS G 60 -38.25 -14.17 -3.26
C LYS G 60 -37.20 -15.27 -3.35
N PRO G 61 -36.01 -14.95 -3.86
CA PRO G 61 -35.03 -16.02 -4.17
C PRO G 61 -34.63 -16.86 -2.98
N GLY G 62 -34.30 -16.26 -1.84
CA GLY G 62 -33.76 -17.03 -0.75
C GLY G 62 -34.72 -18.05 -0.15
N ASP G 63 -35.88 -17.56 0.30
CA ASP G 63 -36.82 -18.43 1.00
C ASP G 63 -37.31 -19.55 0.10
N GLY G 64 -37.87 -19.20 -1.06
CA GLY G 64 -38.51 -20.18 -1.90
C GLY G 64 -39.94 -20.48 -1.52
N SER G 65 -40.35 -20.16 -0.30
CA SER G 65 -41.73 -20.28 0.11
C SER G 65 -42.52 -19.13 -0.51
N SER G 66 -43.73 -19.44 -1.00
CA SER G 66 -44.48 -18.43 -1.72
C SER G 66 -45.07 -17.38 -0.77
N TYR G 67 -45.34 -16.22 -1.34
CA TYR G 67 -45.89 -15.09 -0.61
C TYR G 67 -47.10 -14.59 -1.39
N ILE G 68 -48.21 -14.38 -0.70
CA ILE G 68 -49.45 -13.91 -1.29
C ILE G 68 -50.02 -12.85 -0.37
N ASN G 69 -50.17 -11.64 -0.88
CA ASN G 69 -50.72 -10.53 -0.09
C ASN G 69 -52.15 -10.26 -0.53
N VAL G 70 -53.10 -10.52 0.35
CA VAL G 70 -54.51 -10.42 0.04
C VAL G 70 -55.15 -9.43 0.99
N THR G 71 -56.45 -9.23 0.80
CA THR G 71 -57.27 -8.55 1.78
C THR G 71 -58.51 -9.37 2.04
N PHE G 72 -59.32 -8.92 2.99
CA PHE G 72 -60.33 -9.77 3.59
C PHE G 72 -61.07 -8.96 4.64
N ARG G 73 -62.21 -9.47 5.08
CA ARG G 73 -62.92 -8.90 6.22
C ARG G 73 -62.78 -9.88 7.38
N ALA G 74 -62.32 -9.39 8.52
CA ALA G 74 -61.93 -10.25 9.62
C ALA G 74 -62.83 -10.06 10.83
N VAL G 75 -62.98 -11.13 11.61
CA VAL G 75 -63.73 -11.08 12.86
C VAL G 75 -62.92 -10.25 13.84
N VAL G 76 -63.49 -9.15 14.33
CA VAL G 76 -62.76 -8.26 15.23
C VAL G 76 -63.67 -7.84 16.37
N PHE G 77 -63.14 -7.03 17.29
CA PHE G 77 -63.87 -6.65 18.49
C PHE G 77 -63.85 -5.12 18.62
N LYS G 78 -65.01 -4.50 18.42
CA LYS G 78 -65.11 -3.05 18.58
C LYS G 78 -66.42 -2.64 19.25
N PRO G 79 -66.47 -2.58 20.56
CA PRO G 79 -67.65 -2.00 21.22
C PRO G 79 -67.76 -0.51 20.99
N PHE G 80 -68.97 0.02 21.00
CA PHE G 80 -69.20 1.46 20.89
C PHE G 80 -69.01 2.06 22.27
N LEU G 81 -69.30 3.36 22.42
CA LEU G 81 -68.79 4.02 23.62
C LEU G 81 -69.66 3.77 24.84
N GLY G 82 -70.77 4.49 24.98
CA GLY G 82 -71.62 4.26 26.13
C GLY G 82 -72.35 2.96 26.02
N GLU G 83 -72.12 2.02 26.94
CA GLU G 83 -72.73 0.69 26.83
C GLU G 83 -72.83 0.03 28.20
N ILE G 84 -73.89 -0.76 28.36
CA ILE G 84 -74.15 -1.52 29.58
C ILE G 84 -74.02 -3.00 29.23
N VAL G 85 -73.20 -3.73 29.98
CA VAL G 85 -72.86 -5.10 29.63
C VAL G 85 -72.40 -5.86 30.88
N THR G 86 -72.46 -7.19 30.78
CA THR G 86 -72.10 -8.08 31.88
C THR G 86 -70.60 -8.04 32.16
N GLY G 87 -70.25 -8.25 33.41
CA GLY G 87 -68.87 -8.21 33.86
C GLY G 87 -68.84 -8.22 35.37
N TRP G 88 -67.66 -8.01 35.95
CA TRP G 88 -67.50 -8.15 37.39
C TRP G 88 -66.09 -7.77 37.80
N ILE G 89 -65.94 -7.50 39.10
CA ILE G 89 -64.65 -7.18 39.71
C ILE G 89 -63.70 -8.36 39.55
N SER G 90 -62.41 -8.05 39.37
CA SER G 90 -61.37 -9.07 39.50
C SER G 90 -60.24 -8.60 40.40
N LYS G 91 -59.42 -7.67 39.91
CA LYS G 91 -58.36 -7.04 40.71
C LYS G 91 -58.62 -5.53 40.68
N CYS G 92 -58.99 -4.99 41.82
CA CYS G 92 -59.51 -3.63 41.89
C CYS G 92 -59.02 -2.89 43.13
N THR G 93 -59.22 -1.58 43.12
CA THR G 93 -58.91 -0.73 44.25
C THR G 93 -60.19 -0.13 44.82
N ALA G 94 -60.06 0.73 45.82
CA ALA G 94 -61.20 1.47 46.34
C ALA G 94 -61.85 2.29 45.24
N GLU G 95 -61.13 3.30 44.73
CA GLU G 95 -61.66 4.16 43.67
C GLU G 95 -61.66 3.38 42.36
N GLY G 96 -62.84 3.25 41.76
CA GLY G 96 -62.99 2.52 40.52
C GLY G 96 -62.86 1.03 40.72
N ILE G 97 -63.32 0.25 39.75
CA ILE G 97 -63.09 -1.20 39.77
C ILE G 97 -62.67 -1.64 38.37
N LYS G 98 -62.07 -2.82 38.30
CA LYS G 98 -61.61 -3.40 37.05
C LYS G 98 -62.57 -4.54 36.71
N VAL G 99 -63.46 -4.27 35.76
CA VAL G 99 -64.50 -5.24 35.40
C VAL G 99 -63.95 -6.26 34.42
N SER G 100 -64.56 -7.45 34.44
CA SER G 100 -64.00 -8.57 33.71
C SER G 100 -65.12 -9.45 33.15
N LEU G 101 -64.91 -9.89 31.90
CA LEU G 101 -65.64 -11.02 31.34
C LEU G 101 -64.65 -12.18 31.29
N LEU G 102 -65.16 -13.39 31.50
CA LEU G 102 -64.28 -14.54 31.72
C LEU G 102 -63.51 -14.87 30.44
N GLY G 103 -62.20 -15.05 30.57
CA GLY G 103 -61.37 -15.62 29.54
C GLY G 103 -61.00 -14.66 28.42
N ILE G 104 -61.60 -13.48 28.38
CA ILE G 104 -61.27 -12.52 27.33
C ILE G 104 -60.11 -11.65 27.81
N PHE G 105 -60.36 -10.79 28.80
CA PHE G 105 -59.33 -10.06 29.53
C PHE G 105 -60.01 -9.19 30.57
N ASP G 106 -59.24 -8.79 31.57
CA ASP G 106 -59.71 -7.96 32.67
C ASP G 106 -59.38 -6.50 32.45
N ASP G 107 -58.70 -6.19 31.34
CA ASP G 107 -58.06 -4.90 31.13
C ASP G 107 -59.00 -3.72 31.36
N ILE G 108 -60.31 -3.92 31.19
CA ILE G 108 -61.25 -2.82 31.41
C ILE G 108 -61.23 -2.45 32.89
N PHE G 109 -61.00 -1.18 33.18
CA PHE G 109 -61.10 -0.65 34.53
C PHE G 109 -62.04 0.55 34.48
N ILE G 110 -63.18 0.45 35.14
CA ILE G 110 -64.15 1.54 35.22
C ILE G 110 -63.84 2.37 36.45
N PRO G 111 -63.41 3.63 36.30
CA PRO G 111 -63.21 4.48 37.47
C PRO G 111 -64.54 4.90 38.07
N GLN G 112 -64.53 5.77 39.07
CA GLN G 112 -65.77 6.25 39.64
C GLN G 112 -65.89 7.76 39.43
N ASN G 113 -66.77 8.12 38.51
CA ASN G 113 -67.25 9.48 38.31
C ASN G 113 -68.76 9.51 38.20
N MET G 114 -69.32 8.87 37.18
CA MET G 114 -70.76 8.66 37.06
C MET G 114 -71.28 7.68 38.11
N LEU G 115 -70.40 6.85 38.66
CA LEU G 115 -70.79 5.93 39.72
C LEU G 115 -71.35 6.73 40.90
N PHE G 116 -72.40 6.16 41.52
CA PHE G 116 -73.23 6.93 42.44
C PHE G 116 -72.40 7.58 43.54
N GLU G 117 -72.78 8.81 43.90
CA GLU G 117 -72.01 9.59 44.87
C GLU G 117 -72.07 8.95 46.25
N GLY G 118 -73.26 8.57 46.70
CA GLY G 118 -73.34 7.86 47.97
C GLY G 118 -72.71 6.48 47.86
N CYS G 119 -71.65 6.27 48.65
CA CYS G 119 -70.93 5.01 48.62
C CYS G 119 -70.06 4.92 49.87
N TYR G 120 -69.65 3.69 50.22
CA TYR G 120 -68.60 3.51 51.20
C TYR G 120 -67.76 2.29 50.85
N TYR G 121 -66.44 2.44 50.94
CA TYR G 121 -65.51 1.37 50.67
C TYR G 121 -65.16 0.62 51.95
N THR G 122 -65.05 -0.70 51.83
CA THR G 122 -64.43 -1.49 52.87
C THR G 122 -63.28 -2.26 52.26
N PRO G 123 -62.16 -2.43 52.98
CA PRO G 123 -61.17 -3.41 52.55
C PRO G 123 -61.71 -4.82 52.50
N GLU G 124 -62.87 -5.07 53.11
CA GLU G 124 -63.52 -6.38 53.07
C GLU G 124 -64.59 -6.43 51.98
N GLU G 125 -64.27 -7.18 50.92
CA GLU G 125 -65.24 -7.73 49.98
C GLU G 125 -65.95 -6.68 49.13
N SER G 126 -65.88 -5.41 49.52
CA SER G 126 -66.72 -4.42 48.85
C SER G 126 -65.90 -3.27 48.30
N ALA G 127 -66.20 -2.87 47.07
CA ALA G 127 -65.60 -1.67 46.51
C ALA G 127 -66.31 -0.45 47.07
N TRP G 128 -67.56 -0.22 46.70
CA TRP G 128 -68.35 0.84 47.32
C TRP G 128 -69.78 0.37 47.48
N ILE G 129 -70.26 0.37 48.72
CA ILE G 129 -71.64 0.01 49.01
C ILE G 129 -72.44 1.30 49.17
N TRP G 130 -73.67 1.29 48.67
CA TRP G 130 -74.46 2.48 48.42
C TRP G 130 -75.68 2.52 49.33
N PRO G 131 -76.27 3.70 49.56
CA PRO G 131 -77.49 3.75 50.37
C PRO G 131 -78.68 3.10 49.67
N LYS G 137 -76.95 0.33 45.67
CA LYS G 137 -77.67 -0.06 46.89
C LYS G 137 -76.79 -0.91 47.80
N LEU G 138 -75.88 -1.67 47.22
CA LEU G 138 -74.94 -2.48 47.98
C LEU G 138 -73.82 -2.96 47.05
N TYR G 139 -73.01 -3.87 47.56
CA TYR G 139 -71.80 -4.36 46.91
C TYR G 139 -72.09 -5.27 45.72
N PHE G 140 -71.04 -5.90 45.19
CA PHE G 140 -71.11 -6.77 44.03
C PHE G 140 -70.02 -7.83 44.14
N ASP G 141 -70.16 -8.88 43.33
CA ASP G 141 -69.33 -10.07 43.45
C ASP G 141 -68.54 -10.33 42.16
N VAL G 142 -67.46 -11.09 42.31
CA VAL G 142 -66.75 -11.61 41.14
C VAL G 142 -67.61 -12.66 40.46
N ASN G 143 -67.35 -12.86 39.16
CA ASN G 143 -67.95 -13.93 38.36
C ASN G 143 -69.45 -13.73 38.16
N GLU G 144 -70.05 -12.83 38.92
CA GLU G 144 -71.47 -12.57 38.80
C GLU G 144 -71.75 -11.68 37.61
N LYS G 145 -72.89 -11.90 36.95
CA LYS G 145 -73.31 -10.98 35.91
C LYS G 145 -73.50 -9.60 36.52
N ILE G 146 -72.77 -8.63 35.99
CA ILE G 146 -72.81 -7.27 36.49
C ILE G 146 -72.87 -6.33 35.30
N ARG G 147 -73.98 -5.62 35.16
CA ARG G 147 -74.14 -4.69 34.06
C ARG G 147 -73.44 -3.38 34.41
N PHE G 148 -72.44 -3.04 33.60
CA PHE G 148 -71.64 -1.83 33.78
C PHE G 148 -71.60 -1.08 32.46
N ARG G 149 -71.39 0.22 32.56
CA ARG G 149 -71.27 1.05 31.37
C ARG G 149 -69.81 1.37 31.12
N ILE G 150 -69.46 1.44 29.84
CA ILE G 150 -68.16 1.88 29.37
C ILE G 150 -68.37 3.16 28.59
N GLU G 151 -67.30 3.96 28.45
CA GLU G 151 -67.34 5.10 27.53
C GLU G 151 -66.12 5.10 26.62
N ARG G 152 -64.94 5.40 27.12
CA ARG G 152 -63.78 5.67 26.27
C ARG G 152 -62.83 4.48 26.25
N GLU G 153 -62.30 4.19 25.06
CA GLU G 153 -61.24 3.23 24.89
C GLU G 153 -59.97 3.98 24.51
N VAL G 154 -58.84 3.48 24.98
CA VAL G 154 -57.54 4.06 24.63
C VAL G 154 -56.63 2.95 24.12
N PHE G 155 -56.04 3.18 22.95
CA PHE G 155 -55.03 2.30 22.39
C PHE G 155 -53.67 2.85 22.79
N VAL G 156 -52.96 2.12 23.66
CA VAL G 156 -51.58 2.48 23.95
C VAL G 156 -50.67 1.38 23.45
N ASP G 157 -49.95 1.65 22.36
CA ASP G 157 -48.98 0.69 21.86
C ASP G 157 -47.77 0.63 22.78
N VAL G 158 -47.00 1.72 22.84
CA VAL G 158 -46.06 1.99 23.92
C VAL G 158 -45.18 0.78 24.18
N LYS G 159 -44.24 0.52 23.28
CA LYS G 159 -43.25 -0.54 23.48
C LYS G 159 -41.88 0.12 23.55
N PRO G 160 -41.52 0.67 24.71
CA PRO G 160 -40.15 1.19 24.86
C PRO G 160 -39.15 0.05 25.02
N LYS G 161 -39.22 -0.93 24.13
CA LYS G 161 -38.29 -2.05 24.16
C LYS G 161 -36.89 -1.49 23.99
N SER G 162 -36.02 -1.75 24.97
CA SER G 162 -34.77 -1.05 24.90
C SER G 162 -33.65 -1.89 25.50
N PRO G 163 -32.42 -1.65 25.10
CA PRO G 163 -31.29 -2.07 25.94
C PRO G 163 -31.36 -1.44 27.32
N LYS G 164 -32.03 -0.29 27.45
CA LYS G 164 -32.24 0.32 28.75
C LYS G 164 -33.15 -0.55 29.63
N GLU G 165 -34.33 -0.89 29.12
CA GLU G 165 -35.33 -1.59 29.92
C GLU G 165 -35.09 -3.09 30.00
N ARG G 166 -34.32 -3.66 29.07
CA ARG G 166 -34.05 -5.09 29.08
C ARG G 166 -33.36 -5.53 30.37
N GLU G 189 -43.73 -3.57 33.12
CA GLU G 189 -44.25 -4.14 31.88
C GLU G 189 -45.32 -3.23 31.29
N LYS G 190 -46.44 -3.12 31.99
CA LYS G 190 -47.55 -2.24 31.64
C LYS G 190 -48.04 -2.54 30.22
N PRO G 191 -48.66 -3.70 29.98
CA PRO G 191 -49.29 -3.94 28.69
C PRO G 191 -50.81 -3.82 28.72
N PRO G 192 -51.41 -2.65 29.07
CA PRO G 192 -52.85 -2.46 28.85
C PRO G 192 -53.13 -1.75 27.53
N ALA G 193 -52.66 -2.34 26.42
CA ALA G 193 -52.75 -1.67 25.14
C ALA G 193 -54.18 -1.32 24.78
N TYR G 194 -55.13 -2.18 25.15
CA TYR G 194 -56.55 -1.96 24.89
C TYR G 194 -57.22 -1.77 26.26
N ALA G 195 -57.63 -0.55 26.55
CA ALA G 195 -58.13 -0.19 27.88
C ALA G 195 -59.44 0.56 27.75
N LEU G 196 -60.37 0.25 28.65
CA LEU G 196 -61.71 0.83 28.64
C LEU G 196 -62.02 1.42 30.01
N LEU G 197 -63.05 2.26 30.06
CA LEU G 197 -63.38 3.00 31.27
C LEU G 197 -64.88 3.28 31.31
N GLY G 198 -65.39 3.41 32.53
CA GLY G 198 -66.80 3.71 32.72
C GLY G 198 -67.13 3.91 34.17
N SER G 199 -68.43 3.90 34.47
CA SER G 199 -68.95 4.00 35.83
C SER G 199 -70.45 3.69 35.79
N CYS G 200 -71.12 3.80 36.95
CA CYS G 200 -72.54 3.44 37.04
C CYS G 200 -73.35 4.71 37.34
N GLN G 201 -74.04 5.23 36.32
CA GLN G 201 -74.81 6.45 36.48
C GLN G 201 -76.30 6.21 36.67
N THR G 202 -76.75 4.96 36.59
CA THR G 202 -78.17 4.64 36.75
C THR G 202 -78.30 3.38 37.61
N ASP G 203 -79.55 2.98 37.86
CA ASP G 203 -79.79 1.88 38.77
C ASP G 203 -79.52 0.55 38.06
N GLY G 204 -79.63 -0.55 38.81
CA GLY G 204 -79.29 -1.85 38.26
C GLY G 204 -77.86 -1.98 37.81
N MET G 205 -77.01 -1.01 38.12
CA MET G 205 -75.66 -0.93 37.58
C MET G 205 -74.65 -1.28 38.66
N GLY G 206 -73.84 -2.30 38.39
CA GLY G 206 -72.98 -2.90 39.36
C GLY G 206 -73.61 -4.08 40.08
N LEU G 207 -74.93 -4.10 40.17
CA LEU G 207 -75.65 -5.30 40.59
C LEU G 207 -76.91 -5.39 39.74
N VAL G 208 -77.05 -6.50 39.02
CA VAL G 208 -78.14 -6.60 38.05
C VAL G 208 -79.50 -6.78 38.71
N SER G 209 -79.55 -7.31 39.93
CA SER G 209 -80.83 -7.57 40.56
C SER G 209 -81.46 -6.32 41.16
N TRP G 210 -80.75 -5.20 41.17
CA TRP G 210 -81.40 -3.91 41.44
C TRP G 210 -82.48 -3.65 40.40
N TRP G 211 -82.11 -3.75 39.12
CA TRP G 211 -83.06 -3.92 38.03
C TRP G 211 -83.46 -5.39 37.96
N GLU G 212 -84.08 -5.79 36.84
CA GLU G 212 -84.54 -7.17 36.64
C GLU G 212 -85.72 -7.46 37.56
N MET H 1 -24.71 -64.57 -58.39
CA MET H 1 -25.61 -64.30 -59.51
C MET H 1 -25.07 -63.19 -60.39
N SER H 2 -25.97 -62.48 -61.07
CA SER H 2 -25.62 -61.31 -61.86
C SER H 2 -25.07 -60.20 -60.97
N ASN H 3 -25.10 -60.43 -59.67
CA ASN H 3 -24.61 -59.49 -58.67
C ASN H 3 -23.14 -59.13 -58.85
N THR H 4 -22.43 -59.80 -59.74
CA THR H 4 -21.16 -59.25 -60.21
C THR H 4 -21.48 -57.91 -60.85
N LEU H 5 -20.88 -56.84 -60.34
CA LEU H 5 -21.21 -55.53 -60.87
C LEU H 5 -20.34 -55.23 -62.08
N PHE H 6 -19.05 -55.04 -61.86
CA PHE H 6 -18.13 -54.93 -62.97
C PHE H 6 -16.82 -55.63 -62.66
N ASP H 7 -16.28 -56.27 -63.69
CA ASP H 7 -15.00 -56.96 -63.58
C ASP H 7 -14.20 -56.67 -64.83
N ASP H 8 -12.89 -56.50 -64.69
CA ASP H 8 -12.04 -56.42 -65.86
C ASP H 8 -10.61 -56.73 -65.48
N ILE H 9 -9.81 -57.06 -66.48
CA ILE H 9 -8.37 -57.22 -66.36
C ILE H 9 -7.72 -55.86 -66.58
N PHE H 10 -6.71 -55.55 -65.77
CA PHE H 10 -6.08 -54.24 -65.77
C PHE H 10 -4.56 -54.38 -65.84
N GLN H 11 -3.93 -53.37 -66.42
CA GLN H 11 -2.47 -53.30 -66.49
C GLN H 11 -1.96 -52.38 -65.40
N VAL H 12 -0.89 -52.82 -64.72
CA VAL H 12 -0.29 -51.99 -63.68
C VAL H 12 0.42 -50.81 -64.32
N SER H 13 0.26 -49.63 -63.72
CA SER H 13 0.96 -48.43 -64.18
C SER H 13 2.19 -48.17 -63.31
N GLU H 14 1.98 -47.77 -62.06
CA GLU H 14 3.09 -47.50 -61.16
C GLU H 14 2.76 -47.94 -59.74
N VAL H 15 3.81 -48.05 -58.93
CA VAL H 15 3.72 -48.34 -57.50
C VAL H 15 4.65 -47.39 -56.79
N ASP H 16 4.09 -46.53 -55.94
CA ASP H 16 4.88 -45.55 -55.19
C ASP H 16 4.38 -45.43 -53.77
N PRO H 17 4.93 -46.24 -52.85
CA PRO H 17 4.54 -46.24 -51.43
C PRO H 17 5.03 -44.99 -50.72
N GLY H 18 4.63 -43.82 -51.20
CA GLY H 18 5.02 -42.57 -50.61
C GLY H 18 4.72 -42.47 -49.12
N ARG H 19 5.75 -42.21 -48.33
CA ARG H 19 5.64 -41.78 -46.94
C ARG H 19 4.99 -42.85 -46.06
N TYR H 20 4.45 -43.89 -46.66
CA TYR H 20 3.97 -45.06 -45.95
C TYR H 20 4.96 -46.19 -46.17
N ASN H 21 4.70 -47.34 -45.56
CA ASN H 21 5.58 -48.46 -45.80
C ASN H 21 4.80 -49.71 -46.21
N LYS H 22 3.98 -50.26 -45.32
CA LYS H 22 3.27 -51.48 -45.65
C LYS H 22 1.98 -51.22 -46.42
N VAL H 23 1.67 -49.96 -46.72
CA VAL H 23 0.55 -49.58 -47.56
C VAL H 23 1.10 -48.72 -48.68
N CYS H 24 0.51 -48.85 -49.88
CA CYS H 24 0.96 -48.06 -51.02
C CYS H 24 -0.18 -47.49 -51.84
N ARG H 25 0.16 -46.49 -52.65
CA ARG H 25 -0.73 -45.93 -53.66
C ARG H 25 -0.57 -46.67 -54.98
N ILE H 26 -1.60 -47.39 -55.39
CA ILE H 26 -1.57 -48.16 -56.62
C ILE H 26 -2.52 -47.55 -57.64
N GLU H 27 -1.97 -46.96 -58.68
CA GLU H 27 -2.75 -46.56 -59.84
C GLU H 27 -2.29 -47.46 -60.97
N ALA H 28 -3.24 -48.13 -61.61
CA ALA H 28 -2.95 -49.05 -62.69
C ALA H 28 -3.82 -48.74 -63.89
N ALA H 29 -3.29 -49.01 -65.07
CA ALA H 29 -4.03 -48.79 -66.30
C ALA H 29 -5.09 -49.87 -66.47
N SER H 30 -5.86 -49.78 -67.55
CA SER H 30 -6.85 -50.80 -67.86
C SER H 30 -6.67 -51.21 -69.30
N THR H 31 -6.84 -52.50 -69.55
CA THR H 31 -6.75 -53.00 -70.91
C THR H 31 -8.01 -52.59 -71.67
N THR H 32 -8.04 -52.97 -72.95
CA THR H 32 -9.18 -52.72 -73.82
C THR H 32 -9.49 -51.22 -73.86
N GLN H 33 -10.67 -50.81 -73.39
CA GLN H 33 -11.11 -49.42 -73.54
C GLN H 33 -10.34 -48.51 -72.60
N ASP H 34 -9.90 -47.37 -73.14
CA ASP H 34 -9.01 -46.45 -72.43
C ASP H 34 -9.75 -45.48 -71.53
N GLN H 35 -11.07 -45.35 -71.69
CA GLN H 35 -11.86 -44.40 -70.95
C GLN H 35 -11.78 -44.60 -69.44
N CYS H 36 -11.28 -45.76 -69.01
CA CYS H 36 -11.17 -46.08 -67.59
C CYS H 36 -9.71 -46.35 -67.26
N LYS H 37 -9.14 -45.52 -66.38
CA LYS H 37 -7.94 -45.90 -65.65
C LYS H 37 -8.38 -46.30 -64.24
N LEU H 38 -7.43 -46.76 -63.44
CA LEU H 38 -7.82 -47.17 -62.11
C LEU H 38 -6.92 -46.50 -61.08
N THR H 39 -7.51 -45.62 -60.28
CA THR H 39 -6.86 -45.03 -59.13
C THR H 39 -7.24 -45.88 -57.93
N LEU H 40 -6.25 -46.22 -57.11
CA LEU H 40 -6.50 -47.08 -55.96
C LEU H 40 -5.39 -46.90 -54.93
N ASP H 41 -5.68 -47.31 -53.70
CA ASP H 41 -4.68 -47.54 -52.67
C ASP H 41 -4.85 -48.99 -52.23
N ILE H 42 -3.76 -49.62 -51.80
CA ILE H 42 -3.85 -51.04 -51.45
C ILE H 42 -2.77 -51.38 -50.44
N ASN H 43 -3.02 -52.46 -49.71
CA ASN H 43 -2.00 -53.11 -48.92
C ASN H 43 -0.97 -53.70 -49.87
N VAL H 44 0.29 -53.30 -49.71
CA VAL H 44 1.32 -53.93 -50.53
C VAL H 44 1.74 -55.25 -49.93
N GLU H 45 1.83 -55.34 -48.60
CA GLU H 45 2.23 -56.59 -47.97
C GLU H 45 1.34 -57.75 -48.37
N LEU H 46 0.10 -57.74 -47.90
CA LEU H 46 -0.83 -58.83 -48.09
C LEU H 46 -0.97 -59.23 -49.54
N PHE H 47 -0.82 -58.28 -50.46
CA PHE H 47 -0.90 -58.59 -51.88
C PHE H 47 0.31 -58.02 -52.61
N PRO H 48 1.36 -58.80 -52.82
CA PRO H 48 2.49 -58.31 -53.59
C PRO H 48 2.05 -57.83 -54.96
N VAL H 49 2.74 -56.81 -55.45
CA VAL H 49 2.40 -56.18 -56.72
C VAL H 49 3.66 -55.56 -57.31
N ALA H 50 3.73 -55.53 -58.65
CA ALA H 50 4.83 -54.88 -59.34
C ALA H 50 4.37 -54.25 -60.64
N ALA H 51 5.29 -53.60 -61.35
CA ALA H 51 4.93 -52.84 -62.54
C ALA H 51 4.47 -53.76 -63.67
N GLN H 52 3.48 -53.28 -64.43
CA GLN H 52 2.96 -53.97 -65.61
C GLN H 52 2.55 -55.41 -65.27
N ASP H 53 1.47 -55.50 -64.51
CA ASP H 53 0.91 -56.80 -64.15
C ASP H 53 -0.54 -56.85 -64.60
N SER H 54 -1.02 -58.07 -64.83
CA SER H 54 -2.36 -58.31 -65.35
C SER H 54 -3.26 -58.72 -64.19
N LEU H 55 -4.23 -57.86 -63.87
CA LEU H 55 -5.00 -58.00 -62.64
C LEU H 55 -6.46 -58.25 -62.95
N THR H 56 -7.09 -59.12 -62.16
CA THR H 56 -8.53 -59.29 -62.19
C THR H 56 -9.10 -58.40 -61.10
N VAL H 57 -9.98 -57.48 -61.49
CA VAL H 57 -10.64 -56.60 -60.53
C VAL H 57 -12.14 -56.69 -60.73
N THR H 58 -12.84 -57.21 -59.74
CA THR H 58 -14.28 -57.34 -59.74
C THR H 58 -14.83 -56.59 -58.54
N ILE H 59 -15.53 -55.50 -58.80
CA ILE H 59 -16.39 -54.88 -57.80
C ILE H 59 -17.77 -55.48 -57.96
N ALA H 60 -18.38 -55.86 -56.85
CA ALA H 60 -19.63 -56.60 -56.97
C ALA H 60 -20.36 -56.58 -55.61
N SER H 61 -21.54 -57.19 -55.59
CA SER H 61 -22.38 -57.22 -54.43
C SER H 61 -22.71 -58.67 -54.08
N SER H 62 -23.03 -58.90 -52.81
CA SER H 62 -23.59 -60.16 -52.35
C SER H 62 -22.73 -61.36 -52.74
N LEU H 63 -21.61 -61.55 -52.06
CA LEU H 63 -20.77 -62.74 -52.25
C LEU H 63 -21.47 -64.03 -51.90
N ASN H 64 -22.71 -63.98 -51.43
CA ASN H 64 -23.49 -65.19 -51.21
C ASN H 64 -23.61 -66.06 -52.46
N LEU H 65 -23.25 -65.53 -53.64
CA LEU H 65 -23.40 -66.25 -54.90
C LEU H 65 -24.88 -66.65 -55.03
N GLU H 66 -25.17 -67.94 -55.02
CA GLU H 66 -26.52 -68.39 -54.71
C GLU H 66 -26.51 -68.95 -53.30
N ASP H 67 -27.44 -68.47 -52.48
CA ASP H 67 -27.56 -68.89 -51.08
C ASP H 67 -26.26 -68.67 -50.30
N SER H 74 -29.31 -64.94 -37.50
CA SER H 74 -28.33 -63.95 -37.05
C SER H 74 -29.02 -62.82 -36.29
N ALA H 75 -29.23 -61.70 -37.00
CA ALA H 75 -29.87 -60.51 -36.44
C ALA H 75 -29.10 -60.01 -35.22
N THR H 76 -27.80 -60.27 -35.21
CA THR H 76 -26.94 -59.86 -34.11
C THR H 76 -26.32 -58.51 -34.33
N ARG H 77 -26.69 -57.85 -35.44
CA ARG H 77 -26.25 -56.49 -35.72
C ARG H 77 -24.75 -56.43 -35.98
N SER H 78 -24.06 -57.54 -35.84
CA SER H 78 -22.64 -57.59 -36.16
C SER H 78 -22.44 -58.51 -37.34
N TRP H 79 -21.19 -58.67 -37.75
CA TRP H 79 -20.89 -59.38 -38.97
C TRP H 79 -20.34 -60.76 -38.66
N ARG H 80 -21.01 -61.76 -39.15
CA ARG H 80 -20.49 -63.10 -39.03
C ARG H 80 -19.66 -63.42 -40.26
N PRO H 81 -18.64 -64.27 -40.16
CA PRO H 81 -18.00 -64.76 -41.38
C PRO H 81 -18.84 -65.81 -42.06
N PRO H 82 -18.80 -65.88 -43.37
CA PRO H 82 -19.55 -66.92 -44.07
C PRO H 82 -18.99 -68.31 -43.83
N GLN H 83 -19.25 -68.84 -42.63
CA GLN H 83 -18.86 -70.19 -42.25
C GLN H 83 -17.37 -70.46 -42.41
N ALA H 84 -17.05 -71.68 -42.85
CA ALA H 84 -15.69 -72.16 -43.08
C ALA H 84 -15.57 -72.80 -44.46
N GLY H 85 -16.35 -73.85 -44.70
CA GLY H 85 -16.54 -74.40 -46.02
C GLY H 85 -17.62 -73.55 -46.67
N ASP H 86 -18.46 -74.15 -47.51
CA ASP H 86 -19.50 -73.36 -48.17
C ASP H 86 -18.84 -72.30 -49.04
N ARG H 87 -18.34 -72.72 -50.20
CA ARG H 87 -17.57 -71.85 -51.08
C ARG H 87 -18.28 -70.52 -51.25
N SER H 88 -17.56 -69.43 -51.01
CA SER H 88 -18.15 -68.12 -51.20
C SER H 88 -18.24 -67.82 -52.68
N LEU H 89 -18.83 -66.68 -53.02
CA LEU H 89 -18.51 -66.12 -54.31
C LEU H 89 -17.07 -65.60 -54.25
N ALA H 90 -16.45 -65.51 -55.42
CA ALA H 90 -15.16 -64.85 -55.59
C ALA H 90 -14.00 -65.61 -54.96
N ASP H 91 -14.26 -66.71 -54.24
CA ASP H 91 -13.16 -67.42 -53.60
C ASP H 91 -12.09 -67.82 -54.60
N ASP H 92 -12.46 -68.01 -55.87
CA ASP H 92 -11.46 -68.26 -56.88
C ASP H 92 -10.61 -67.04 -57.16
N TYR H 93 -11.16 -65.84 -57.01
CA TYR H 93 -10.32 -64.66 -57.08
C TYR H 93 -9.53 -64.58 -55.78
N ASP H 94 -8.64 -63.60 -55.66
CA ASP H 94 -7.68 -63.69 -54.57
C ASP H 94 -7.78 -62.54 -53.58
N TYR H 95 -7.25 -61.37 -53.95
CA TYR H 95 -7.25 -60.26 -53.00
C TYR H 95 -8.63 -59.61 -52.95
N VAL H 96 -9.05 -59.23 -51.75
CA VAL H 96 -10.35 -58.58 -51.59
C VAL H 96 -10.16 -57.30 -50.79
N MET H 97 -11.08 -56.37 -51.02
CA MET H 97 -11.32 -55.27 -50.11
C MET H 97 -12.78 -55.36 -49.67
N TYR H 98 -13.19 -54.42 -48.85
CA TYR H 98 -14.61 -54.17 -48.65
C TYR H 98 -14.77 -52.74 -48.20
N GLY H 99 -15.95 -52.18 -48.40
CA GLY H 99 -16.14 -50.78 -48.10
C GLY H 99 -17.33 -50.24 -48.84
N THR H 100 -17.35 -48.93 -49.12
CA THR H 100 -18.52 -48.40 -49.81
C THR H 100 -18.15 -47.22 -50.67
N ALA H 101 -18.87 -47.10 -51.78
CA ALA H 101 -18.83 -45.90 -52.60
C ALA H 101 -19.71 -44.85 -51.97
N TYR H 102 -19.36 -43.58 -52.19
CA TYR H 102 -20.23 -42.50 -51.75
C TYR H 102 -20.43 -41.46 -52.86
N LYS H 103 -19.37 -40.80 -53.30
CA LYS H 103 -19.54 -39.66 -54.18
C LYS H 103 -19.29 -40.07 -55.63
N PHE H 104 -20.36 -40.11 -56.41
CA PHE H 104 -20.25 -40.15 -57.87
C PHE H 104 -19.93 -38.75 -58.36
N GLU H 105 -19.32 -38.66 -59.53
CA GLU H 105 -19.28 -37.43 -60.31
C GLU H 105 -18.79 -37.76 -61.71
N GLU H 106 -18.61 -36.71 -62.52
CA GLU H 106 -18.28 -36.86 -63.92
C GLU H 106 -17.05 -36.04 -64.24
N VAL H 107 -16.61 -36.17 -65.49
CA VAL H 107 -15.54 -35.37 -66.06
C VAL H 107 -15.95 -35.09 -67.49
N SER H 108 -15.79 -33.83 -67.93
CA SER H 108 -16.12 -33.42 -69.28
C SER H 108 -17.51 -33.91 -69.66
N LYS H 109 -17.63 -34.47 -70.85
CA LYS H 109 -18.80 -35.27 -71.17
C LYS H 109 -18.49 -36.72 -70.82
N ASP H 110 -19.48 -37.40 -70.26
CA ASP H 110 -19.56 -38.86 -70.14
C ASP H 110 -18.25 -39.52 -69.70
N LEU H 111 -17.49 -38.86 -68.85
CA LEU H 111 -16.36 -39.49 -68.14
C LEU H 111 -16.74 -39.55 -66.67
N ILE H 112 -17.02 -40.76 -66.19
CA ILE H 112 -17.79 -40.90 -64.96
C ILE H 112 -16.86 -41.31 -63.83
N ALA H 113 -16.65 -40.42 -62.87
CA ALA H 113 -15.74 -40.67 -61.76
C ALA H 113 -16.51 -41.26 -60.59
N VAL H 114 -15.97 -42.32 -60.00
CA VAL H 114 -16.58 -42.98 -58.86
C VAL H 114 -15.55 -43.16 -57.76
N TYR H 115 -15.97 -42.92 -56.52
CA TYR H 115 -15.11 -42.93 -55.35
C TYR H 115 -15.53 -44.04 -54.40
N TYR H 116 -14.59 -44.47 -53.58
CA TYR H 116 -14.80 -45.48 -52.56
C TYR H 116 -13.95 -45.16 -51.34
N SER H 117 -14.55 -45.29 -50.18
CA SER H 117 -13.80 -45.33 -48.92
C SER H 117 -14.06 -46.70 -48.32
N PHE H 118 -12.99 -47.42 -48.07
CA PHE H 118 -13.04 -48.70 -47.39
C PHE H 118 -12.74 -48.56 -45.91
N GLY H 119 -12.78 -47.34 -45.40
CA GLY H 119 -12.22 -47.08 -44.09
C GLY H 119 -10.74 -46.86 -44.18
N GLY H 120 -10.34 -45.95 -45.08
CA GLY H 120 -8.97 -45.58 -45.28
C GLY H 120 -8.38 -46.12 -46.56
N LEU H 121 -9.20 -46.79 -47.37
CA LEU H 121 -8.75 -47.30 -48.64
C LEU H 121 -9.50 -46.58 -49.74
N LEU H 122 -8.75 -45.87 -50.58
CA LEU H 122 -9.32 -44.90 -51.50
C LEU H 122 -9.27 -45.44 -52.92
N MET H 123 -10.44 -45.49 -53.55
CA MET H 123 -10.61 -46.12 -54.83
C MET H 123 -11.36 -45.18 -55.77
N ARG H 124 -10.69 -44.78 -56.84
CA ARG H 124 -11.28 -43.90 -57.83
C ARG H 124 -11.22 -44.57 -59.18
N LEU H 125 -12.28 -44.40 -59.96
CA LEU H 125 -12.22 -44.89 -61.33
C LEU H 125 -13.05 -43.98 -62.23
N GLU H 126 -13.00 -44.27 -63.51
CA GLU H 126 -13.56 -43.39 -64.53
C GLU H 126 -14.09 -44.26 -65.67
N GLY H 127 -14.69 -43.61 -66.66
CA GLY H 127 -15.21 -44.31 -67.82
C GLY H 127 -16.46 -43.62 -68.30
N ASN H 128 -17.11 -44.24 -69.29
CA ASN H 128 -18.38 -43.70 -69.72
C ASN H 128 -19.52 -44.56 -69.19
N TYR H 129 -19.80 -45.64 -69.92
CA TYR H 129 -20.87 -46.59 -69.60
C TYR H 129 -20.34 -47.90 -69.06
N ARG H 130 -20.63 -48.12 -67.78
CA ARG H 130 -20.27 -49.30 -67.03
C ARG H 130 -21.04 -48.97 -65.78
N ASN H 131 -21.80 -47.90 -65.91
CA ASN H 131 -22.64 -47.33 -64.87
C ASN H 131 -23.81 -48.21 -64.47
N LEU H 132 -24.33 -49.04 -65.38
CA LEU H 132 -25.61 -49.71 -65.17
C LEU H 132 -25.67 -50.46 -63.85
N ASN H 133 -24.53 -50.93 -63.32
CA ASN H 133 -24.53 -51.51 -62.00
C ASN H 133 -24.10 -50.56 -60.89
N ASN H 134 -23.81 -49.29 -61.18
CA ASN H 134 -23.14 -48.45 -60.21
C ASN H 134 -24.13 -47.53 -59.51
N LEU H 135 -24.36 -47.80 -58.23
CA LEU H 135 -25.18 -46.96 -57.38
C LEU H 135 -24.38 -46.67 -56.12
N LYS H 136 -24.70 -45.57 -55.44
CA LYS H 136 -24.11 -45.34 -54.12
C LYS H 136 -24.70 -46.36 -53.15
N GLN H 137 -23.81 -47.19 -52.65
CA GLN H 137 -24.23 -48.42 -51.99
C GLN H 137 -23.30 -48.75 -50.83
N GLU H 138 -23.88 -48.96 -49.65
CA GLU H 138 -23.16 -49.43 -48.48
C GLU H 138 -22.33 -50.66 -48.79
N ASN H 139 -22.81 -51.53 -49.66
CA ASN H 139 -22.09 -52.73 -50.05
C ASN H 139 -21.18 -52.37 -51.22
N ALA H 140 -19.89 -52.57 -51.02
CA ALA H 140 -18.99 -52.67 -52.14
C ALA H 140 -18.02 -53.80 -51.85
N TYR H 141 -18.06 -54.84 -52.67
CA TYR H 141 -17.01 -55.86 -52.64
C TYR H 141 -15.98 -55.43 -53.67
N LEU H 142 -14.81 -54.99 -53.21
CA LEU H 142 -13.69 -54.78 -54.11
C LEU H 142 -12.85 -56.05 -54.13
N LEU H 143 -12.63 -56.58 -55.32
CA LEU H 143 -12.20 -57.94 -55.51
C LEU H 143 -11.06 -57.96 -56.50
N ILE H 144 -10.06 -58.80 -56.24
CA ILE H 144 -8.84 -58.83 -57.06
C ILE H 144 -8.28 -60.24 -57.06
N ARG H 145 -7.73 -60.66 -58.20
CA ARG H 145 -6.69 -61.67 -58.23
C ARG H 145 -5.67 -61.23 -59.28
N ARG H 146 -4.70 -62.10 -59.54
CA ARG H 146 -3.84 -61.94 -60.69
C ARG H 146 -3.97 -63.17 -61.57
N MET I 1 29.40 38.71 -38.17
CA MET I 1 29.68 37.48 -38.88
C MET I 1 30.08 36.43 -37.85
N LEU I 2 29.98 36.82 -36.58
CA LEU I 2 30.24 35.93 -35.46
C LEU I 2 31.68 35.42 -35.56
N SER I 3 32.65 36.30 -35.36
CA SER I 3 34.02 36.01 -35.75
C SER I 3 34.98 36.57 -34.70
N PHE I 4 36.27 36.54 -35.03
CA PHE I 4 37.35 36.83 -34.10
C PHE I 4 37.35 38.29 -33.66
N CYS I 5 37.50 38.49 -32.36
CA CYS I 5 37.81 39.79 -31.79
C CYS I 5 39.31 40.03 -31.94
N PRO I 6 39.74 40.99 -32.75
CA PRO I 6 41.13 41.43 -32.72
C PRO I 6 41.39 42.12 -31.38
N SER I 7 42.60 42.65 -31.24
CA SER I 7 42.90 43.43 -30.03
C SER I 7 42.61 42.60 -28.80
N CYS I 8 41.55 42.98 -28.10
CA CYS I 8 41.09 42.28 -26.90
C CYS I 8 41.09 40.77 -27.05
N ASN I 9 40.74 40.25 -28.23
CA ASN I 9 40.59 38.82 -28.40
C ASN I 9 39.55 38.33 -27.41
N ASN I 10 38.32 38.79 -27.56
CA ASN I 10 37.24 38.30 -26.73
C ASN I 10 36.15 37.72 -27.63
N MET I 11 35.33 38.58 -28.20
CA MET I 11 34.42 38.20 -29.29
C MET I 11 33.98 39.47 -30.01
N LEU I 12 33.56 39.32 -31.27
CA LEU I 12 32.97 40.44 -31.99
C LEU I 12 31.49 40.60 -31.61
N LEU I 13 30.99 41.82 -31.81
CA LEU I 13 29.55 42.06 -31.80
C LEU I 13 29.25 43.30 -32.63
N ILE I 14 28.03 43.32 -33.18
CA ILE I 14 27.50 44.51 -33.85
C ILE I 14 26.95 45.39 -32.74
N THR I 15 27.09 46.71 -32.91
CA THR I 15 26.49 47.68 -32.01
C THR I 15 25.63 48.64 -32.81
N SER I 16 25.01 49.59 -32.12
CA SER I 16 24.40 50.72 -32.80
C SER I 16 25.36 51.89 -32.76
N GLY I 17 25.94 52.22 -33.91
CA GLY I 17 26.85 53.33 -34.03
C GLY I 17 26.14 54.63 -34.20
N ASP I 18 26.69 55.67 -33.59
CA ASP I 18 26.23 57.03 -33.80
C ASP I 18 26.69 57.52 -35.16
N SER I 19 26.05 58.60 -35.63
CA SER I 19 26.09 58.99 -37.03
C SER I 19 25.52 57.86 -37.89
N GLY I 20 24.60 57.10 -37.29
CA GLY I 20 24.11 55.89 -37.94
C GLY I 20 25.25 54.93 -38.14
N VAL I 21 25.18 54.19 -39.24
CA VAL I 21 26.27 53.37 -39.77
C VAL I 21 26.43 52.10 -38.94
N TYR I 22 25.91 52.12 -37.71
CA TYR I 22 25.88 50.99 -36.78
C TYR I 22 27.28 50.52 -36.39
N THR I 23 28.28 50.81 -37.23
CA THR I 23 29.67 50.38 -37.10
C THR I 23 29.76 48.97 -36.55
N LEU I 24 30.72 48.74 -35.65
CA LEU I 24 30.63 47.75 -34.59
C LEU I 24 31.81 48.01 -33.66
N ALA I 25 31.87 47.25 -32.58
CA ALA I 25 33.00 47.28 -31.69
C ALA I 25 33.02 45.99 -30.90
N CYS I 26 33.95 45.88 -29.97
CA CYS I 26 33.82 44.85 -28.97
C CYS I 26 33.40 45.47 -27.65
N ARG I 27 32.36 44.90 -27.06
CA ARG I 27 31.93 45.30 -25.73
C ARG I 27 33.14 45.18 -24.81
N SER I 28 33.46 46.27 -24.13
CA SER I 28 34.57 46.30 -23.18
C SER I 28 35.90 45.98 -23.83
N CYS I 29 36.22 46.68 -24.92
CA CYS I 29 37.59 46.93 -25.35
C CYS I 29 37.54 47.88 -26.52
N PRO I 30 38.46 48.81 -26.59
CA PRO I 30 38.37 49.87 -27.59
C PRO I 30 38.87 49.46 -28.96
N TYR I 31 38.30 48.40 -29.52
CA TYR I 31 38.47 48.18 -30.96
C TYR I 31 37.18 48.54 -31.65
N GLU I 32 37.29 49.23 -32.79
CA GLU I 32 36.12 49.75 -33.47
C GLU I 32 36.11 49.25 -34.91
N PHE I 33 35.17 49.72 -35.72
CA PHE I 33 34.99 49.01 -36.95
C PHE I 33 35.10 49.84 -38.21
N PRO I 34 35.79 49.32 -39.22
CA PRO I 34 36.00 50.06 -40.47
C PRO I 34 34.76 50.22 -41.35
N ILE I 35 33.68 49.49 -41.06
CA ILE I 35 32.50 49.34 -41.92
C ILE I 35 32.94 49.02 -43.34
N GLU I 36 32.25 49.58 -44.34
CA GLU I 36 32.48 49.21 -45.74
C GLU I 36 32.46 47.69 -45.91
N GLY I 37 31.56 47.04 -45.18
CA GLY I 37 31.63 45.62 -44.92
C GLY I 37 31.69 44.77 -46.17
N ILE I 38 32.75 43.96 -46.25
CA ILE I 38 32.87 42.88 -47.21
C ILE I 38 32.70 41.57 -46.45
N GLU I 39 31.55 40.93 -46.68
CA GLU I 39 31.11 39.80 -45.86
C GLU I 39 30.27 38.89 -46.75
N ILE I 40 30.43 37.58 -46.54
CA ILE I 40 29.64 36.58 -47.25
C ILE I 40 29.52 35.35 -46.35
N TYR I 41 28.35 34.70 -46.40
CA TYR I 41 28.16 33.43 -45.72
C TYR I 41 27.01 32.70 -46.39
N ASP I 42 26.92 31.41 -46.12
CA ASP I 42 25.83 30.59 -46.64
C ASP I 42 24.97 30.06 -45.51
N MET J 1 23.71 -42.24 2.36
CA MET J 1 24.26 -42.50 3.68
C MET J 1 24.83 -43.90 3.75
N ILE J 2 24.09 -44.86 3.22
CA ILE J 2 24.50 -46.25 3.21
C ILE J 2 24.28 -46.76 1.80
N VAL J 3 25.05 -47.77 1.41
CA VAL J 3 24.62 -48.50 0.23
C VAL J 3 23.16 -48.88 0.37
N PRO J 4 22.29 -48.48 -0.54
CA PRO J 4 20.91 -48.96 -0.48
C PRO J 4 20.89 -50.46 -0.65
N VAL J 5 20.01 -51.11 0.10
CA VAL J 5 19.98 -52.56 0.13
C VAL J 5 19.75 -53.16 -1.26
N ARG J 6 18.86 -52.56 -2.06
CA ARG J 6 18.63 -53.01 -3.42
C ARG J 6 18.57 -51.80 -4.32
N CYS J 7 18.78 -52.03 -5.62
CA CYS J 7 18.62 -50.91 -6.53
C CYS J 7 17.14 -50.62 -6.73
N PHE J 8 16.86 -49.41 -7.19
CA PHE J 8 15.51 -48.91 -7.31
C PHE J 8 14.72 -49.60 -8.41
N SER J 9 15.39 -50.45 -9.19
CA SER J 9 14.73 -51.14 -10.28
C SER J 9 14.86 -52.64 -10.09
N CYS J 10 16.08 -53.17 -10.23
CA CYS J 10 16.29 -54.60 -10.08
C CYS J 10 15.77 -55.11 -8.75
N GLY J 11 16.27 -54.56 -7.67
CA GLY J 11 15.94 -55.14 -6.39
C GLY J 11 16.70 -56.43 -6.18
N LYS J 12 17.90 -56.49 -6.73
CA LYS J 12 18.89 -57.44 -6.26
C LYS J 12 19.57 -56.85 -5.04
N VAL J 13 19.95 -57.73 -4.11
CA VAL J 13 20.64 -57.21 -2.94
C VAL J 13 21.90 -56.51 -3.39
N VAL J 14 21.98 -55.22 -3.11
CA VAL J 14 23.19 -54.46 -3.37
C VAL J 14 24.16 -54.48 -2.18
N GLY J 15 23.65 -54.36 -0.95
CA GLY J 15 24.45 -54.05 0.21
C GLY J 15 25.71 -54.87 0.37
N ASP J 16 25.63 -56.18 0.20
CA ASP J 16 26.78 -57.05 0.30
C ASP J 16 27.99 -56.55 -0.46
N LYS J 17 27.80 -56.03 -1.66
CA LYS J 17 28.89 -55.84 -2.59
C LYS J 17 29.67 -54.54 -2.36
N TRP J 18 29.04 -53.53 -1.75
CA TRP J 18 29.71 -52.26 -1.52
C TRP J 18 31.02 -52.41 -0.76
N GLU J 19 31.00 -53.13 0.37
CA GLU J 19 32.23 -53.41 1.09
C GLU J 19 33.25 -54.07 0.20
N SER J 20 32.96 -55.28 -0.28
CA SER J 20 33.88 -56.02 -1.13
C SER J 20 34.30 -55.24 -2.36
N TYR J 21 33.37 -54.50 -2.98
CA TYR J 21 33.76 -53.60 -4.07
C TYR J 21 34.91 -52.71 -3.65
N LEU J 22 34.67 -51.82 -2.69
CA LEU J 22 35.70 -50.90 -2.24
C LEU J 22 37.00 -51.62 -1.93
N ASN J 23 36.91 -52.80 -1.33
CA ASN J 23 38.09 -53.64 -1.17
C ASN J 23 38.79 -53.87 -2.50
N LEU J 24 38.04 -54.27 -3.53
CA LEU J 24 38.64 -54.57 -4.82
C LEU J 24 39.16 -53.31 -5.50
N LEU J 25 38.66 -52.14 -5.12
CA LEU J 25 39.16 -50.92 -5.71
C LEU J 25 40.46 -50.47 -5.05
N GLN J 26 40.55 -50.57 -3.73
CA GLN J 26 41.71 -50.04 -3.04
C GLN J 26 42.91 -50.92 -3.31
N GLU J 27 42.92 -52.12 -2.74
CA GLU J 27 43.85 -53.14 -3.19
C GLU J 27 43.45 -53.57 -4.60
N ASP J 28 44.39 -54.12 -5.35
CA ASP J 28 44.13 -54.60 -6.70
C ASP J 28 43.64 -53.47 -7.60
N GLU J 29 44.54 -52.59 -8.00
CA GLU J 29 44.17 -51.54 -8.92
C GLU J 29 43.53 -52.15 -10.15
N LEU J 30 42.30 -51.75 -10.44
CA LEU J 30 41.54 -52.43 -11.47
C LEU J 30 40.40 -51.53 -11.92
N ASP J 31 39.89 -51.80 -13.11
CA ASP J 31 38.87 -50.94 -13.70
C ASP J 31 37.52 -51.19 -13.05
N GLU J 32 36.74 -50.12 -12.95
CA GLU J 32 35.47 -50.11 -12.23
C GLU J 32 34.52 -51.20 -12.72
N GLY J 33 34.00 -51.06 -13.94
CA GLY J 33 33.03 -52.03 -14.43
C GLY J 33 33.58 -53.44 -14.45
N THR J 34 34.78 -53.60 -14.99
CA THR J 34 35.46 -54.90 -14.97
C THR J 34 35.43 -55.53 -13.59
N ALA J 35 35.64 -54.75 -12.54
CA ALA J 35 35.40 -55.27 -11.20
C ALA J 35 33.99 -55.80 -11.07
N LEU J 36 32.99 -54.93 -11.18
CA LEU J 36 31.61 -55.34 -11.12
C LEU J 36 31.26 -56.42 -12.13
N SER J 37 31.97 -56.47 -13.26
CA SER J 37 31.75 -57.54 -14.22
C SER J 37 31.90 -58.90 -13.55
N ARG J 38 33.00 -59.12 -12.85
CA ARG J 38 33.15 -60.35 -12.10
C ARG J 38 32.60 -60.22 -10.68
N LEU J 39 32.16 -59.04 -10.29
CA LEU J 39 31.50 -58.89 -9.00
C LEU J 39 30.03 -59.30 -9.08
N GLY J 40 29.52 -59.54 -10.28
CA GLY J 40 28.22 -60.16 -10.40
C GLY J 40 27.07 -59.26 -10.83
N LEU J 41 27.36 -58.03 -11.24
CA LEU J 41 26.34 -57.15 -11.80
C LEU J 41 26.54 -57.10 -13.30
N LYS J 42 25.66 -57.78 -14.03
CA LYS J 42 25.71 -57.74 -15.49
C LYS J 42 24.71 -56.77 -16.09
N ARG J 43 23.94 -56.07 -15.28
CA ARG J 43 22.95 -55.15 -15.80
C ARG J 43 23.07 -53.79 -15.11
N TYR J 44 23.16 -52.76 -15.93
CA TYR J 44 23.56 -51.43 -15.51
C TYR J 44 22.73 -50.85 -14.39
N CYS J 45 21.41 -51.09 -14.41
CA CYS J 45 20.52 -50.53 -13.41
C CYS J 45 21.05 -50.70 -12.00
N CYS J 46 21.22 -51.94 -11.56
CA CYS J 46 21.97 -52.21 -10.34
C CYS J 46 23.29 -51.46 -10.30
N ARG J 47 24.07 -51.56 -11.38
CA ARG J 47 25.45 -51.11 -11.37
C ARG J 47 25.61 -49.66 -10.96
N ARG J 48 24.70 -48.77 -11.39
CA ARG J 48 24.89 -47.35 -11.11
C ARG J 48 25.21 -47.12 -9.64
N MET J 49 24.45 -47.71 -8.74
CA MET J 49 24.57 -47.39 -7.33
C MET J 49 25.93 -47.79 -6.79
N ILE J 50 26.52 -48.82 -7.37
CA ILE J 50 27.91 -49.07 -7.05
C ILE J 50 28.78 -47.97 -7.64
N LEU J 51 28.50 -47.56 -8.87
CA LEU J 51 29.26 -46.44 -9.43
C LEU J 51 28.87 -45.13 -8.76
N THR J 52 27.78 -45.13 -8.01
CA THR J 52 27.19 -43.90 -7.52
C THR J 52 27.07 -44.04 -6.01
N HIS J 53 26.31 -43.17 -5.35
CA HIS J 53 26.19 -43.22 -3.90
C HIS J 53 27.51 -42.97 -3.21
N VAL J 54 27.94 -41.71 -3.22
CA VAL J 54 29.01 -41.30 -2.33
C VAL J 54 28.68 -41.73 -0.92
N ASP J 55 29.68 -42.21 -0.19
CA ASP J 55 29.47 -42.72 1.15
C ASP J 55 29.68 -41.56 2.10
N LEU J 56 28.58 -41.05 2.64
CA LEU J 56 28.63 -39.95 3.59
C LEU J 56 28.86 -40.42 5.01
N ILE J 57 28.23 -41.53 5.40
CA ILE J 57 27.99 -41.81 6.80
C ILE J 57 29.25 -41.66 7.63
N GLU J 58 30.42 -42.01 7.08
CA GLU J 58 31.65 -41.75 7.81
C GLU J 58 31.92 -40.26 7.92
N LYS J 59 31.78 -39.52 6.81
CA LYS J 59 31.93 -38.09 6.90
C LYS J 59 30.98 -37.49 7.93
N PHE J 60 29.86 -38.16 8.20
CA PHE J 60 29.07 -37.77 9.37
C PHE J 60 29.76 -38.15 10.67
N LEU J 61 30.26 -39.38 10.78
CA LEU J 61 30.79 -39.86 12.04
C LEU J 61 31.83 -38.94 12.64
N ARG J 62 32.44 -38.07 11.83
CA ARG J 62 33.28 -37.01 12.36
C ARG J 62 32.59 -36.26 13.50
N TYR J 63 31.29 -36.07 13.38
CA TYR J 63 30.51 -35.23 14.27
C TYR J 63 29.81 -36.03 15.36
N ASN J 64 30.17 -37.31 15.47
CA ASN J 64 29.54 -38.20 16.43
C ASN J 64 29.52 -37.57 17.82
N PRO J 65 28.52 -37.91 18.63
CA PRO J 65 28.32 -37.19 19.89
C PRO J 65 29.52 -37.25 20.83
N LEU J 66 30.15 -38.42 20.97
CA LEU J 66 31.27 -38.55 21.90
C LEU J 66 32.53 -37.93 21.32
N GLU J 67 32.53 -37.67 20.01
CA GLU J 67 33.73 -37.27 19.27
C GLU J 67 34.74 -38.41 19.27
N PRO K 42 -18.51 -69.36 1.02
CA PRO K 42 -19.02 -68.72 -0.19
C PRO K 42 -19.19 -67.21 -0.03
N ASP K 43 -18.52 -66.43 -0.87
CA ASP K 43 -18.58 -64.99 -0.76
C ASP K 43 -19.33 -64.38 -1.94
N ARG K 44 -20.34 -63.59 -1.63
CA ARG K 44 -21.28 -63.08 -2.63
C ARG K 44 -20.92 -61.70 -3.15
N GLU K 45 -19.79 -61.14 -2.70
CA GLU K 45 -19.16 -60.05 -3.44
C GLU K 45 -17.97 -60.64 -4.19
N LYS K 46 -18.18 -61.01 -5.45
CA LYS K 46 -17.12 -61.42 -6.34
C LYS K 46 -17.29 -60.87 -7.75
N ILE K 47 -18.30 -61.37 -8.44
CA ILE K 47 -18.68 -60.83 -9.73
C ILE K 47 -20.14 -60.42 -9.67
N LYS K 48 -20.39 -59.12 -9.75
CA LYS K 48 -21.75 -58.60 -9.74
C LYS K 48 -22.10 -58.27 -11.17
N LEU K 49 -22.99 -59.06 -11.75
CA LEU K 49 -23.36 -58.91 -13.14
C LEU K 49 -23.92 -57.52 -13.39
N LEU K 50 -23.58 -56.94 -14.53
CA LEU K 50 -24.08 -55.60 -14.85
C LEU K 50 -25.38 -55.73 -15.63
N THR K 51 -26.46 -55.29 -15.01
CA THR K 51 -27.77 -55.45 -15.63
C THR K 51 -27.90 -54.60 -16.88
N GLN K 52 -27.53 -53.32 -16.79
CA GLN K 52 -27.60 -52.39 -17.90
C GLN K 52 -26.86 -52.90 -19.14
N ALA K 53 -25.83 -53.70 -18.94
CA ALA K 53 -25.09 -54.27 -20.05
C ALA K 53 -25.93 -55.09 -21.01
N THR K 54 -26.41 -56.25 -20.60
CA THR K 54 -27.12 -57.14 -21.50
C THR K 54 -28.44 -56.54 -21.96
N SER K 55 -28.94 -57.05 -23.09
CA SER K 55 -30.33 -56.83 -23.42
C SER K 55 -31.13 -57.96 -22.80
N GLU K 56 -31.04 -59.15 -23.38
CA GLU K 56 -31.71 -60.36 -22.89
C GLU K 56 -30.93 -61.56 -23.39
N ASP K 57 -31.18 -62.71 -22.77
CA ASP K 57 -30.93 -63.99 -23.43
C ASP K 57 -29.49 -64.18 -23.84
N GLY K 58 -28.59 -64.42 -22.88
CA GLY K 58 -27.22 -64.69 -23.28
C GLY K 58 -26.61 -63.46 -23.91
N THR K 59 -26.27 -63.58 -25.19
CA THR K 59 -25.90 -62.41 -25.99
C THR K 59 -24.67 -61.76 -25.37
N SER K 60 -24.80 -60.53 -24.90
CA SER K 60 -23.67 -59.78 -24.41
C SER K 60 -23.85 -59.50 -22.93
N ALA K 61 -22.73 -59.37 -22.22
CA ALA K 61 -22.76 -58.97 -20.83
C ALA K 61 -21.46 -58.26 -20.50
N SER K 62 -21.53 -57.32 -19.57
CA SER K 62 -20.37 -56.64 -19.01
C SER K 62 -20.23 -57.11 -17.57
N PHE K 63 -19.00 -57.35 -17.15
CA PHE K 63 -18.74 -57.92 -15.84
C PHE K 63 -17.75 -57.07 -15.06
N GLN K 64 -17.94 -57.05 -13.75
CA GLN K 64 -16.94 -56.54 -12.84
C GLN K 64 -16.47 -57.66 -11.93
N ILE K 65 -15.19 -57.99 -12.05
CA ILE K 65 -14.52 -58.91 -11.17
C ILE K 65 -13.81 -58.05 -10.13
N VAL K 66 -13.95 -58.40 -8.87
CA VAL K 66 -13.43 -57.57 -7.80
C VAL K 66 -12.02 -58.01 -7.44
N GLU K 67 -11.16 -57.03 -7.18
CA GLU K 67 -9.81 -57.26 -6.67
C GLU K 67 -9.06 -58.24 -7.58
N GLU K 68 -8.67 -57.72 -8.72
CA GLU K 68 -8.21 -58.53 -9.84
C GLU K 68 -7.72 -57.58 -10.90
N ASP K 69 -6.90 -58.09 -11.82
CA ASP K 69 -6.26 -57.17 -12.76
C ASP K 69 -5.66 -57.88 -13.98
N HIS K 70 -4.88 -57.14 -14.76
CA HIS K 70 -4.34 -57.56 -16.05
C HIS K 70 -3.76 -58.95 -16.03
N THR K 71 -3.18 -59.37 -14.91
CA THR K 71 -2.73 -60.74 -14.78
C THR K 71 -3.78 -61.70 -15.30
N LEU K 72 -4.91 -61.78 -14.61
CA LEU K 72 -6.02 -62.51 -15.19
C LEU K 72 -6.50 -61.90 -16.50
N GLY K 73 -7.10 -60.71 -16.45
CA GLY K 73 -7.91 -60.24 -17.56
C GLY K 73 -7.22 -60.39 -18.90
N ASN K 74 -5.96 -59.97 -18.99
CA ASN K 74 -5.22 -60.15 -20.23
C ASN K 74 -5.10 -61.62 -20.59
N ALA K 75 -4.87 -62.49 -19.62
CA ALA K 75 -4.94 -63.91 -19.92
C ALA K 75 -6.32 -64.32 -20.39
N LEU K 76 -7.31 -64.21 -19.51
CA LEU K 76 -8.64 -64.70 -19.75
C LEU K 76 -9.18 -64.28 -21.10
N ARG K 77 -8.99 -63.02 -21.50
CA ARG K 77 -9.50 -62.59 -22.78
C ARG K 77 -9.02 -63.49 -23.91
N TYR K 78 -7.76 -63.90 -23.89
CA TYR K 78 -7.25 -64.81 -24.89
C TYR K 78 -7.97 -66.14 -24.90
N VAL K 79 -8.00 -66.82 -23.77
CA VAL K 79 -8.67 -68.11 -23.70
C VAL K 79 -10.10 -67.99 -24.18
N ILE K 80 -10.76 -66.89 -23.87
CA ILE K 80 -12.13 -66.69 -24.34
C ILE K 80 -12.20 -66.53 -25.84
N MET K 81 -11.39 -65.63 -26.40
CA MET K 81 -11.60 -65.17 -27.76
C MET K 81 -11.62 -66.31 -28.76
N LYS K 82 -10.98 -67.43 -28.45
CA LYS K 82 -10.94 -68.53 -29.40
C LYS K 82 -12.20 -69.39 -29.37
N ASN K 83 -13.16 -69.07 -28.52
CA ASN K 83 -14.39 -69.85 -28.53
C ASN K 83 -15.29 -69.38 -29.68
N PRO K 84 -15.60 -70.26 -30.63
CA PRO K 84 -16.17 -69.81 -31.91
C PRO K 84 -17.35 -68.87 -31.84
N ASP K 85 -18.34 -69.15 -31.01
CA ASP K 85 -19.55 -68.35 -30.96
C ASP K 85 -19.34 -66.93 -30.44
N VAL K 86 -18.17 -66.66 -29.86
CA VAL K 86 -17.94 -65.39 -29.19
C VAL K 86 -17.73 -64.35 -30.28
N GLU K 87 -18.13 -63.10 -30.00
CA GLU K 87 -17.70 -61.97 -30.80
C GLU K 87 -16.60 -61.18 -30.15
N PHE K 88 -16.92 -60.49 -29.07
CA PHE K 88 -16.16 -59.37 -28.56
C PHE K 88 -15.93 -59.61 -27.08
N CYS K 89 -14.72 -59.94 -26.66
CA CYS K 89 -14.43 -60.05 -25.23
C CYS K 89 -13.23 -59.15 -24.95
N GLY K 90 -13.48 -58.03 -24.30
CA GLY K 90 -12.43 -57.14 -23.86
C GLY K 90 -12.34 -57.12 -22.35
N TYR K 91 -11.51 -56.22 -21.85
CA TYR K 91 -11.53 -55.88 -20.44
C TYR K 91 -10.80 -54.56 -20.29
N SER K 92 -11.01 -53.92 -19.15
CA SER K 92 -10.15 -52.83 -18.74
C SER K 92 -10.36 -52.55 -17.26
N ILE K 93 -9.55 -51.65 -16.74
CA ILE K 93 -9.77 -51.10 -15.40
C ILE K 93 -10.53 -49.79 -15.56
N PRO K 94 -11.52 -49.51 -14.74
CA PRO K 94 -12.08 -48.16 -14.77
C PRO K 94 -11.05 -47.12 -14.38
N HIS K 95 -10.37 -47.32 -13.25
CA HIS K 95 -9.30 -46.42 -12.87
C HIS K 95 -8.24 -47.22 -12.13
N PRO K 96 -6.98 -46.96 -12.36
CA PRO K 96 -5.95 -47.65 -11.57
C PRO K 96 -6.03 -47.33 -10.11
N SER K 97 -6.42 -46.10 -9.77
CA SER K 97 -6.51 -45.69 -8.38
C SER K 97 -7.53 -46.51 -7.61
N GLU K 98 -8.44 -47.20 -8.31
CA GLU K 98 -9.43 -48.06 -7.71
C GLU K 98 -9.18 -49.48 -8.20
N ASN K 99 -9.62 -50.48 -7.44
CA ASN K 99 -9.46 -51.85 -7.93
C ASN K 99 -10.81 -52.49 -8.20
N LEU K 100 -11.13 -52.52 -9.49
CA LEU K 100 -12.22 -53.29 -10.08
C LEU K 100 -11.81 -53.62 -11.51
N LEU K 101 -12.22 -54.80 -11.97
CA LEU K 101 -11.85 -55.21 -13.32
C LEU K 101 -13.12 -55.48 -14.12
N ASN K 102 -13.22 -54.91 -15.30
CA ASN K 102 -14.41 -55.03 -16.12
C ASN K 102 -14.09 -55.79 -17.40
N ILE K 103 -14.73 -56.95 -17.57
CA ILE K 103 -14.54 -57.78 -18.74
C ILE K 103 -15.85 -57.80 -19.53
N ARG K 104 -15.76 -57.47 -20.81
CA ARG K 104 -16.91 -57.39 -21.69
C ARG K 104 -16.95 -58.61 -22.59
N ILE K 105 -18.15 -59.11 -22.87
CA ILE K 105 -18.33 -60.33 -23.66
C ILE K 105 -19.53 -60.16 -24.58
N GLN K 106 -19.39 -60.63 -25.81
CA GLN K 106 -20.38 -60.51 -26.85
C GLN K 106 -20.23 -61.69 -27.80
N THR K 107 -21.34 -62.20 -28.33
CA THR K 107 -21.32 -63.46 -29.05
C THR K 107 -22.40 -63.45 -30.14
N TYR K 108 -22.47 -64.56 -30.89
CA TYR K 108 -23.56 -64.83 -31.81
C TYR K 108 -24.73 -65.36 -30.99
N GLY K 109 -25.72 -65.96 -31.65
CA GLY K 109 -26.78 -66.57 -30.90
C GLY K 109 -26.44 -67.85 -30.16
N GLU K 110 -27.45 -68.56 -29.68
CA GLU K 110 -27.20 -69.78 -28.89
C GLU K 110 -26.46 -69.68 -27.58
N THR K 111 -25.37 -70.41 -27.38
CA THR K 111 -24.63 -70.37 -26.12
C THR K 111 -24.61 -68.98 -25.46
N THR K 112 -24.83 -68.96 -24.14
CA THR K 112 -24.82 -67.73 -23.37
C THR K 112 -23.45 -67.19 -23.02
N ALA K 113 -23.37 -65.87 -22.81
CA ALA K 113 -22.16 -65.25 -22.33
C ALA K 113 -21.61 -65.95 -21.09
N VAL K 114 -22.35 -65.90 -19.97
CA VAL K 114 -21.85 -66.50 -18.74
C VAL K 114 -21.50 -67.96 -18.94
N ASP K 115 -22.24 -68.68 -19.78
CA ASP K 115 -21.84 -70.02 -20.16
C ASP K 115 -20.47 -70.04 -20.84
N ALA K 116 -20.24 -69.10 -21.76
CA ALA K 116 -18.94 -69.03 -22.41
C ALA K 116 -17.84 -68.76 -21.40
N LEU K 117 -18.05 -67.77 -20.52
CA LEU K 117 -17.07 -67.50 -19.48
C LEU K 117 -16.78 -68.73 -18.65
N GLN K 118 -17.82 -69.46 -18.27
CA GLN K 118 -17.64 -70.78 -17.67
C GLN K 118 -16.67 -71.62 -18.49
N LYS K 119 -17.04 -71.95 -19.73
CA LYS K 119 -16.21 -72.83 -20.54
C LYS K 119 -14.77 -72.34 -20.59
N GLY K 120 -14.55 -71.17 -21.18
CA GLY K 120 -13.19 -70.67 -21.31
C GLY K 120 -12.41 -70.68 -20.02
N LEU K 121 -13.04 -70.25 -18.92
CA LEU K 121 -12.33 -70.24 -17.65
C LEU K 121 -11.91 -71.65 -17.25
N LYS K 122 -12.85 -72.59 -17.27
CA LYS K 122 -12.53 -73.99 -16.98
C LYS K 122 -11.48 -74.52 -17.92
N ASP K 123 -11.34 -73.90 -19.09
CA ASP K 123 -10.28 -74.28 -20.01
C ASP K 123 -8.95 -73.75 -19.53
N LEU K 124 -8.92 -72.49 -19.09
CA LEU K 124 -7.71 -71.94 -18.50
C LEU K 124 -7.23 -72.81 -17.35
N MET K 125 -8.16 -73.40 -16.59
CA MET K 125 -7.76 -74.45 -15.66
C MET K 125 -6.90 -75.50 -16.35
N ASP K 126 -7.41 -76.07 -17.44
CA ASP K 126 -6.68 -77.12 -18.13
C ASP K 126 -5.32 -76.64 -18.61
N LEU K 127 -5.21 -75.37 -19.03
CA LEU K 127 -3.91 -74.85 -19.41
C LEU K 127 -2.90 -75.01 -18.28
N CYS K 128 -3.23 -74.46 -17.10
CA CYS K 128 -2.38 -74.67 -15.94
C CYS K 128 -2.07 -76.15 -15.76
N ASP K 129 -3.08 -77.01 -15.85
CA ASP K 129 -2.84 -78.44 -15.76
C ASP K 129 -1.73 -78.90 -16.68
N VAL K 130 -1.72 -78.40 -17.91
CA VAL K 130 -0.64 -78.75 -18.82
C VAL K 130 0.68 -78.20 -18.32
N VAL K 131 0.69 -76.91 -17.95
CA VAL K 131 1.94 -76.27 -17.53
C VAL K 131 2.62 -77.07 -16.45
N GLU K 132 1.90 -77.39 -15.38
CA GLU K 132 2.49 -78.28 -14.39
C GLU K 132 2.86 -79.61 -15.00
N SER K 133 1.94 -80.20 -15.77
CA SER K 133 2.13 -81.57 -16.27
C SER K 133 3.47 -81.74 -16.95
N LYS K 134 3.76 -80.90 -17.95
CA LYS K 134 5.04 -81.01 -18.64
C LYS K 134 6.18 -80.38 -17.87
N PHE K 135 5.96 -79.22 -17.24
CA PHE K 135 7.05 -78.56 -16.54
C PHE K 135 7.66 -79.44 -15.46
N THR K 136 6.88 -79.80 -14.43
CA THR K 136 7.43 -80.62 -13.38
C THR K 136 7.98 -81.94 -13.91
N GLU K 137 7.39 -82.50 -14.96
CA GLU K 137 7.89 -83.72 -15.57
C GLU K 137 9.32 -83.55 -16.05
N LYS K 138 9.53 -82.69 -17.06
CA LYS K 138 10.88 -82.45 -17.56
C LYS K 138 11.84 -82.05 -16.46
N ILE K 139 11.38 -81.25 -15.49
CA ILE K 139 12.31 -80.87 -14.44
C ILE K 139 12.50 -82.00 -13.44
N LYS K 140 11.50 -82.86 -13.25
CA LYS K 140 11.74 -84.05 -12.45
C LYS K 140 12.83 -84.90 -13.09
N SER K 141 12.76 -85.07 -14.41
CA SER K 141 13.87 -85.68 -15.13
C SER K 141 15.13 -84.85 -15.04
N MET K 142 15.02 -83.52 -15.09
CA MET K 142 16.15 -82.62 -15.00
C MET K 142 17.22 -82.94 -16.04
N ALA L 25 24.15 -42.17 29.89
CA ALA L 25 23.49 -43.44 29.61
C ALA L 25 22.01 -43.36 29.95
N THR L 26 21.59 -44.26 30.85
CA THR L 26 20.21 -44.34 31.29
C THR L 26 19.66 -43.02 31.82
N LEU L 27 20.49 -42.18 32.43
CA LEU L 27 20.02 -40.96 33.08
C LEU L 27 19.62 -39.90 32.05
N LYS L 28 19.26 -38.71 32.53
CA LYS L 28 18.41 -37.78 31.79
C LYS L 28 19.00 -37.19 30.51
N TYR L 29 20.24 -36.71 30.53
CA TYR L 29 20.73 -35.96 29.38
C TYR L 29 22.25 -35.99 29.26
N ILE L 30 22.76 -35.25 28.28
CA ILE L 30 24.14 -35.32 27.82
C ILE L 30 24.66 -33.92 27.58
N CYS L 31 25.98 -33.76 27.63
CA CYS L 31 26.62 -32.52 27.22
C CYS L 31 26.53 -32.35 25.73
N ALA L 32 27.13 -31.26 25.25
CA ALA L 32 27.34 -31.10 23.81
C ALA L 32 28.76 -31.53 23.49
N GLU L 33 29.74 -30.81 24.01
CA GLU L 33 31.15 -31.14 23.79
C GLU L 33 31.63 -32.28 24.67
N CYS L 34 31.28 -32.25 25.96
CA CYS L 34 31.75 -33.28 26.86
C CYS L 34 31.18 -34.64 26.51
N SER L 35 29.94 -34.68 26.01
CA SER L 35 29.20 -35.91 25.82
C SER L 35 29.11 -36.67 27.14
N SER L 36 29.12 -35.89 28.22
CA SER L 36 29.12 -36.40 29.57
C SER L 36 27.71 -36.42 30.12
N LYS L 37 27.29 -37.61 30.54
CA LYS L 37 25.97 -37.78 31.11
C LYS L 37 25.82 -36.93 32.37
N LEU L 38 24.64 -36.34 32.54
CA LEU L 38 24.36 -35.59 33.76
C LEU L 38 22.86 -35.54 34.00
N SER L 39 22.46 -35.41 35.26
CA SER L 39 21.09 -35.17 35.66
C SER L 39 21.03 -33.83 36.40
N LEU L 40 19.83 -33.24 36.48
CA LEU L 40 19.70 -31.89 36.98
C LEU L 40 18.45 -31.75 37.84
N SER L 41 18.47 -30.78 38.75
CA SER L 41 17.29 -30.37 39.49
C SER L 41 16.57 -29.24 38.76
N ARG L 42 15.57 -28.67 39.39
CA ARG L 42 14.78 -27.62 38.76
C ARG L 42 15.23 -26.24 39.25
N THR L 43 15.24 -25.27 38.34
CA THR L 43 15.87 -23.98 38.56
C THR L 43 17.20 -24.22 39.24
N ASP L 44 18.11 -24.91 38.57
CA ASP L 44 19.27 -25.43 39.27
C ASP L 44 20.55 -24.88 38.64
N ALA L 45 20.95 -25.42 37.49
CA ALA L 45 22.10 -24.89 36.77
C ALA L 45 21.96 -25.23 35.30
N VAL L 46 22.42 -24.32 34.44
CA VAL L 46 22.50 -24.60 33.01
C VAL L 46 23.79 -25.32 32.64
N ARG L 47 24.92 -24.94 33.23
CA ARG L 47 26.19 -25.62 33.00
C ARG L 47 26.10 -27.09 33.37
N CYS L 48 26.95 -27.90 32.72
CA CYS L 48 27.11 -29.26 33.22
C CYS L 48 28.11 -29.21 34.35
N LYS L 49 28.57 -30.37 34.79
CA LYS L 49 29.69 -30.38 35.72
C LYS L 49 30.97 -30.07 34.98
N ASP L 50 31.39 -31.00 34.12
CA ASP L 50 32.77 -30.99 33.64
C ASP L 50 33.00 -29.93 32.56
N CYS L 51 31.96 -29.57 31.82
CA CYS L 51 32.19 -28.66 30.71
C CYS L 51 32.04 -27.23 31.18
N GLY L 52 32.96 -26.38 30.73
CA GLY L 52 32.82 -24.95 30.81
C GLY L 52 31.96 -24.52 29.64
N HIS L 53 31.23 -25.49 29.10
CA HIS L 53 30.36 -25.36 27.95
C HIS L 53 28.91 -25.38 28.42
N ARG L 54 28.02 -24.70 27.70
CA ARG L 54 26.65 -24.58 28.18
C ARG L 54 25.68 -25.60 27.60
N ILE L 55 25.40 -25.58 26.30
CA ILE L 55 24.22 -26.24 25.80
C ILE L 55 24.29 -27.74 26.06
N LEU L 56 23.11 -28.35 26.15
CA LEU L 56 23.02 -29.78 26.42
C LEU L 56 21.75 -30.32 25.79
N LEU L 57 21.83 -31.57 25.32
CA LEU L 57 20.70 -32.24 24.70
C LEU L 57 19.90 -32.99 25.75
N LYS L 58 18.98 -33.83 25.30
CA LYS L 58 18.21 -34.66 26.22
C LYS L 58 18.28 -36.10 25.72
N ALA L 59 18.65 -37.00 26.61
CA ALA L 59 18.87 -38.38 26.22
C ALA L 59 17.58 -39.04 25.78
N ARG L 60 17.72 -40.08 24.97
CA ARG L 60 16.57 -40.85 24.51
C ARG L 60 16.14 -41.84 25.57
N THR L 61 14.83 -42.11 25.61
CA THR L 61 14.26 -42.88 26.69
C THR L 61 14.66 -44.34 26.60
N LYS L 62 14.23 -45.08 27.61
CA LYS L 62 14.15 -46.53 27.56
C LYS L 62 12.77 -46.98 27.10
N ARG L 63 11.83 -46.05 26.98
CA ARG L 63 10.47 -46.37 26.61
C ARG L 63 10.40 -46.92 25.19
N LEU L 64 9.65 -48.00 25.02
CA LEU L 64 9.51 -48.63 23.72
C LEU L 64 8.84 -47.70 22.73
N VAL L 65 9.23 -47.81 21.47
CA VAL L 65 8.65 -47.03 20.38
C VAL L 65 8.38 -48.01 19.25
N GLN L 66 7.77 -47.53 18.16
CA GLN L 66 7.42 -48.38 17.03
C GLN L 66 7.54 -47.61 15.72
N PHE L 67 8.05 -48.29 14.70
CA PHE L 67 7.94 -47.89 13.30
C PHE L 67 7.41 -49.07 12.53
N GLU L 68 6.96 -48.83 11.31
CA GLU L 68 6.64 -49.90 10.37
C GLU L 68 7.39 -49.70 9.07
N ALA L 69 8.14 -50.73 8.67
CA ALA L 69 8.97 -50.62 7.49
C ALA L 69 8.17 -51.06 6.27
N ARG L 70 7.92 -50.08 5.41
CA ARG L 70 7.20 -50.28 4.17
C ARG L 70 7.30 -49.02 3.33
N ILE M 71 73.70 7.42 -33.53
CA ILE M 71 74.99 6.77 -33.73
C ILE M 71 76.15 7.67 -33.28
N GLU M 72 76.17 8.93 -33.72
CA GLU M 72 77.06 9.93 -33.15
C GLU M 72 76.41 10.51 -31.89
N GLU M 73 76.91 11.66 -31.41
CA GLU M 73 76.38 12.29 -30.21
C GLU M 73 76.35 13.80 -30.38
N PHE M 74 75.31 14.44 -29.86
CA PHE M 74 75.24 15.91 -29.76
C PHE M 74 75.30 16.31 -28.30
N PRO M 75 76.30 17.07 -27.88
CA PRO M 75 76.55 17.24 -26.45
C PRO M 75 75.46 18.04 -25.76
N LEU M 76 75.22 17.69 -24.50
CA LEU M 76 74.40 18.48 -23.60
C LEU M 76 74.87 18.23 -22.18
N LYS M 77 74.76 19.25 -21.32
CA LYS M 77 75.10 19.10 -19.92
C LYS M 77 74.08 19.87 -19.09
N ILE M 78 74.11 19.62 -17.78
CA ILE M 78 73.10 20.18 -16.87
C ILE M 78 73.24 21.69 -16.68
N SER M 79 72.33 22.27 -15.91
CA SER M 79 72.36 23.66 -15.53
C SER M 79 72.38 23.90 -14.03
N GLY M 80 72.49 25.15 -13.63
CA GLY M 80 72.44 25.54 -12.24
C GLY M 80 71.16 26.33 -12.02
N GLU M 81 71.10 27.03 -10.90
CA GLU M 81 69.94 27.85 -10.59
C GLU M 81 69.97 29.11 -11.44
N GLU M 82 70.97 29.97 -11.21
CA GLU M 82 71.18 31.18 -11.99
C GLU M 82 69.91 32.04 -11.98
N GLU M 83 69.52 32.44 -10.77
CA GLU M 83 68.35 33.26 -10.45
C GLU M 83 67.11 32.71 -11.16
N SER M 84 67.13 31.40 -11.44
CA SER M 84 66.03 30.74 -12.10
C SER M 84 65.43 31.59 -13.23
N LEU M 85 64.44 31.02 -13.91
CA LEU M 85 63.78 31.73 -15.00
C LEU M 85 62.29 31.38 -15.05
N HIS M 86 61.54 32.12 -15.86
CA HIS M 86 60.11 31.91 -16.00
C HIS M 86 59.72 32.21 -17.44
N VAL M 87 58.53 31.80 -17.85
CA VAL M 87 58.12 31.90 -19.25
C VAL M 87 56.63 32.22 -19.33
N PHE M 88 56.25 32.94 -20.39
CA PHE M 88 54.88 33.27 -20.69
C PHE M 88 54.42 32.56 -21.95
N GLN M 89 53.11 32.32 -22.03
CA GLN M 89 52.44 32.24 -23.33
C GLN M 89 51.02 32.72 -23.14
N TYR M 90 50.36 33.05 -24.25
CA TYR M 90 49.07 33.71 -24.21
C TYR M 90 48.31 33.43 -25.51
N ALA M 91 47.00 33.61 -25.45
CA ALA M 91 46.11 33.37 -26.57
C ALA M 91 45.86 34.65 -27.38
N ASN M 92 46.49 35.75 -26.99
CA ASN M 92 46.15 37.05 -27.54
C ASN M 92 46.62 37.23 -28.98
N ARG M 93 47.91 37.05 -29.24
CA ARG M 93 48.50 37.37 -30.54
C ARG M 93 49.23 36.15 -31.08
N PRO M 94 48.58 35.37 -31.92
CA PRO M 94 49.22 34.16 -32.47
C PRO M 94 50.27 34.43 -33.54
N ARG M 95 50.72 33.36 -34.18
CA ARG M 95 51.68 33.46 -35.27
C ARG M 95 51.07 34.15 -36.47
N LEU M 96 51.93 34.61 -37.39
CA LEU M 96 51.47 35.15 -38.65
C LEU M 96 51.86 34.18 -39.77
N VAL M 97 50.85 33.51 -40.34
CA VAL M 97 51.09 32.36 -41.20
C VAL M 97 51.87 32.69 -42.47
N GLY M 98 51.64 33.85 -43.08
CA GLY M 98 52.17 34.09 -44.40
C GLY M 98 53.68 34.19 -44.48
N ARG M 99 54.27 35.13 -43.74
CA ARG M 99 55.71 35.33 -43.79
C ARG M 99 56.33 35.41 -42.40
N LYS M 100 55.94 36.41 -41.61
CA LYS M 100 56.63 36.76 -40.37
C LYS M 100 55.69 36.61 -39.18
N PRO M 101 55.64 35.42 -38.57
CA PRO M 101 54.98 35.31 -37.27
C PRO M 101 55.60 36.20 -36.21
N ALA M 102 56.82 36.68 -36.44
CA ALA M 102 57.52 37.47 -35.45
C ALA M 102 56.78 38.76 -35.15
N GLU M 103 56.48 38.95 -33.88
CA GLU M 103 55.89 40.18 -33.37
C GLU M 103 56.25 40.27 -31.90
N HIS M 104 56.32 41.47 -31.36
CA HIS M 104 56.66 41.36 -29.96
C HIS M 104 55.81 42.29 -29.10
N PRO M 105 55.44 41.85 -27.89
CA PRO M 105 54.80 42.76 -26.93
C PRO M 105 55.75 43.87 -26.52
N PHE M 106 55.31 44.75 -25.62
CA PHE M 106 56.12 45.91 -25.31
C PHE M 106 55.73 46.50 -23.96
N ILE M 107 56.63 47.34 -23.44
CA ILE M 107 56.47 48.31 -22.36
C ILE M 107 56.56 47.64 -21.00
N SER M 108 56.45 46.30 -20.97
CA SER M 108 56.51 45.59 -19.70
C SER M 108 55.51 46.18 -18.72
N ALA M 109 56.03 46.82 -17.67
CA ALA M 109 55.22 47.33 -16.56
C ALA M 109 54.51 46.15 -15.92
N ALA M 110 55.29 45.28 -15.28
CA ALA M 110 54.82 44.00 -14.81
C ALA M 110 54.78 43.99 -13.29
N ARG M 111 54.34 42.85 -12.75
CA ARG M 111 54.31 42.64 -11.32
C ARG M 111 54.80 41.23 -10.99
N TYR M 112 55.16 41.06 -9.71
CA TYR M 112 55.34 39.75 -9.10
C TYR M 112 55.02 39.92 -7.62
N LYS M 113 54.53 38.85 -7.01
CA LYS M 113 54.46 38.81 -5.56
C LYS M 113 54.71 37.38 -5.15
N PRO M 114 55.21 37.15 -3.93
CA PRO M 114 55.45 35.77 -3.48
C PRO M 114 54.15 34.99 -3.42
N LYS M 115 54.22 33.73 -2.99
CA LYS M 115 53.05 32.86 -3.02
C LYS M 115 52.56 32.80 -4.46
N SER M 116 51.34 33.26 -4.71
CA SER M 116 50.81 33.39 -6.05
C SER M 116 51.58 34.49 -6.77
N HIS M 117 51.99 34.23 -8.01
CA HIS M 117 52.86 35.18 -8.67
C HIS M 117 52.04 36.39 -9.13
N LEU M 118 50.93 36.14 -9.82
CA LEU M 118 49.99 37.16 -10.25
C LEU M 118 50.69 38.36 -10.89
N TRP M 119 51.15 38.16 -12.11
CA TRP M 119 51.88 39.21 -12.81
C TRP M 119 50.92 40.03 -13.68
N GLU M 120 51.06 41.35 -13.60
CA GLU M 120 50.25 42.27 -14.40
C GLU M 120 51.07 42.75 -15.59
N ILE M 121 50.76 42.24 -16.76
CA ILE M 121 51.49 42.56 -17.98
C ILE M 121 50.72 43.62 -18.74
N ASP M 122 51.44 44.58 -19.30
CA ASP M 122 50.85 45.78 -19.85
C ASP M 122 51.33 46.01 -21.28
N ILE M 123 50.44 46.51 -22.12
CA ILE M 123 50.78 46.81 -23.51
C ILE M 123 50.15 48.15 -23.88
N PRO M 124 50.84 49.01 -24.61
CA PRO M 124 50.24 50.29 -25.02
C PRO M 124 49.05 50.07 -25.95
N LEU M 125 48.18 51.06 -25.99
CA LEU M 125 47.03 51.05 -26.87
C LEU M 125 47.21 52.03 -28.01
N ASP M 126 47.25 51.50 -29.22
CA ASP M 126 47.42 52.28 -30.44
C ASP M 126 46.14 53.05 -30.72
N GLU M 127 46.26 54.34 -31.03
CA GLU M 127 45.08 55.17 -31.21
C GLU M 127 44.45 54.96 -32.58
N GLN M 128 45.29 54.85 -33.63
CA GLN M 128 44.82 54.63 -34.98
C GLN M 128 44.16 53.27 -35.18
N ALA M 129 44.13 52.45 -34.14
CA ALA M 129 43.74 51.04 -34.17
C ALA M 129 42.24 50.84 -34.22
N PHE M 130 41.48 51.90 -34.48
CA PHE M 130 40.07 52.03 -34.15
C PHE M 130 39.89 52.03 -32.63
N TYR M 131 40.47 53.04 -32.01
CA TYR M 131 40.40 53.19 -30.57
C TYR M 131 39.09 53.79 -30.08
N ASN M 132 38.65 54.91 -30.66
CA ASN M 132 37.43 55.58 -30.23
C ASN M 132 37.46 55.97 -28.76
N LYS M 133 38.18 57.04 -28.42
CA LYS M 133 38.28 57.47 -27.03
C LYS M 133 36.93 57.75 -26.38
N ASP M 134 35.85 57.78 -27.16
CA ASP M 134 34.51 57.77 -26.56
C ASP M 134 34.38 56.67 -25.52
N LYS M 135 34.93 55.49 -25.80
CA LYS M 135 35.01 54.46 -24.76
C LYS M 135 35.82 54.94 -23.56
N ALA M 136 36.97 55.56 -23.81
CA ALA M 136 37.72 56.17 -22.72
C ALA M 136 36.96 57.34 -22.12
N GLU M 137 36.17 58.03 -22.95
CA GLU M 137 35.32 59.11 -22.47
C GLU M 137 34.00 58.60 -21.92
N SER M 138 33.67 57.32 -22.13
CA SER M 138 32.46 56.76 -21.56
C SER M 138 32.46 56.88 -20.04
N GLU M 139 33.29 56.08 -19.37
CA GLU M 139 33.46 56.23 -17.93
C GLU M 139 34.94 56.23 -17.58
N TRP M 140 35.58 55.07 -17.75
CA TRP M 140 36.98 54.87 -17.45
C TRP M 140 37.85 55.33 -18.61
N ASN M 141 39.03 55.84 -18.29
CA ASN M 141 39.97 56.31 -19.31
C ASN M 141 40.90 55.16 -19.66
N GLY M 142 40.74 54.63 -20.87
CA GLY M 142 41.47 53.47 -21.30
C GLY M 142 42.63 53.70 -22.24
N VAL M 143 42.91 54.96 -22.60
CA VAL M 143 44.04 55.26 -23.49
C VAL M 143 45.35 54.82 -22.86
N ASN M 144 45.33 54.49 -21.57
CA ASN M 144 46.51 54.04 -20.89
C ASN M 144 46.91 52.65 -21.39
N VAL M 145 47.94 52.10 -20.77
CA VAL M 145 48.49 50.82 -21.19
C VAL M 145 47.46 49.72 -20.97
N GLN M 146 47.65 48.58 -21.64
CA GLN M 146 46.66 47.53 -21.57
C GLN M 146 46.73 46.87 -20.18
N THR M 147 45.80 45.95 -19.93
CA THR M 147 45.69 45.28 -18.64
C THR M 147 45.68 43.78 -18.87
N LEU M 148 46.68 43.09 -18.32
CA LEU M 148 46.81 41.65 -18.47
C LEU M 148 47.24 41.06 -17.14
N LYS M 149 46.75 39.86 -16.84
CA LYS M 149 47.17 39.17 -15.64
C LYS M 149 46.87 37.69 -15.81
N GLY M 150 47.56 36.84 -15.06
CA GLY M 150 47.30 35.42 -15.08
C GLY M 150 47.96 34.70 -13.93
N VAL M 151 47.37 33.55 -13.58
CA VAL M 151 47.96 32.61 -12.64
C VAL M 151 48.97 31.75 -13.39
N GLY M 152 49.95 31.22 -12.68
CA GLY M 152 50.94 30.35 -13.28
C GLY M 152 51.63 29.48 -12.25
N VAL M 153 52.16 28.36 -12.72
CA VAL M 153 52.63 27.31 -11.81
C VAL M 153 53.78 26.54 -12.44
N GLU M 154 54.72 26.14 -11.60
CA GLU M 154 55.77 25.20 -11.90
C GLU M 154 55.29 23.75 -11.75
N ASN M 155 55.96 22.85 -12.47
CA ASN M 155 55.98 21.44 -12.10
C ASN M 155 57.20 20.79 -12.72
N ASN M 156 57.60 19.64 -12.16
CA ASN M 156 58.88 19.04 -12.47
C ASN M 156 58.94 18.49 -13.88
N GLY M 157 60.16 18.25 -14.36
CA GLY M 157 60.41 17.59 -15.63
C GLY M 157 60.49 18.55 -16.80
N GLN M 158 59.96 19.76 -16.65
CA GLN M 158 59.88 20.70 -17.74
C GLN M 158 61.13 21.58 -17.70
N TYR M 159 61.97 21.47 -18.73
CA TYR M 159 63.22 22.21 -18.76
C TYR M 159 63.53 22.67 -20.18
N ALA M 160 63.89 23.95 -20.29
CA ALA M 160 64.30 24.55 -21.55
C ALA M 160 65.72 24.11 -21.90
N ALA M 161 66.28 24.78 -22.91
CA ALA M 161 67.69 24.63 -23.25
C ALA M 161 68.06 25.75 -24.22
N PHE M 162 69.33 25.78 -24.60
CA PHE M 162 69.79 26.65 -25.68
C PHE M 162 70.93 25.96 -26.39
N VAL M 163 71.04 26.20 -27.69
CA VAL M 163 72.08 25.61 -28.50
C VAL M 163 73.17 26.65 -28.70
N LYS M 164 74.32 26.45 -28.07
CA LYS M 164 75.50 27.24 -28.35
C LYS M 164 76.30 26.51 -29.41
N ASP M 165 76.41 27.13 -30.58
CA ASP M 165 77.14 26.55 -31.70
C ASP M 165 76.64 25.14 -31.96
N MET M 166 77.51 24.16 -31.79
CA MET M 166 77.13 22.76 -31.79
C MET M 166 76.42 22.33 -30.52
N GLN M 167 77.07 22.47 -29.36
CA GLN M 167 76.56 21.85 -28.15
C GLN M 167 75.32 22.58 -27.64
N VAL M 168 74.74 22.03 -26.58
CA VAL M 168 73.49 22.50 -26.01
C VAL M 168 73.64 22.50 -24.50
N TYR M 169 72.93 23.41 -23.84
CA TYR M 169 72.87 23.44 -22.38
C TYR M 169 71.41 23.57 -21.94
N LEU M 170 70.99 22.67 -21.07
CA LEU M 170 69.64 22.70 -20.54
C LEU M 170 69.42 23.95 -19.71
N VAL M 171 68.16 24.34 -19.56
CA VAL M 171 67.79 25.48 -18.75
C VAL M 171 66.69 25.03 -17.78
N PRO M 172 66.71 25.46 -16.53
CA PRO M 172 65.56 25.23 -15.66
C PRO M 172 64.44 26.19 -16.01
N ILE M 173 63.22 25.83 -15.58
CA ILE M 173 62.04 26.58 -15.97
C ILE M 173 61.23 27.01 -14.76
N GLU M 174 60.73 26.03 -14.00
CA GLU M 174 59.76 26.28 -12.93
C GLU M 174 58.46 26.96 -13.31
N ARG M 175 58.15 28.06 -12.65
CA ARG M 175 56.80 28.62 -12.71
C ARG M 175 56.48 29.10 -14.12
N VAL M 176 55.38 28.57 -14.67
CA VAL M 176 54.93 28.91 -16.01
C VAL M 176 53.51 29.45 -15.90
N ALA M 177 53.27 30.58 -16.54
CA ALA M 177 52.00 31.28 -16.44
C ALA M 177 51.38 31.51 -17.81
N GLN M 178 50.06 31.57 -17.82
CA GLN M 178 49.34 32.07 -18.97
C GLN M 178 49.06 33.55 -18.72
N LEU M 179 48.52 34.24 -19.72
CA LEU M 179 48.31 35.67 -19.56
C LEU M 179 46.97 36.05 -20.18
N LYS M 180 46.06 36.56 -19.36
CA LYS M 180 44.72 36.91 -19.81
C LYS M 180 44.49 38.40 -19.61
N PRO M 181 44.24 39.16 -20.67
CA PRO M 181 43.90 40.56 -20.50
C PRO M 181 42.49 40.73 -19.96
N PHE M 182 42.24 41.91 -19.40
CA PHE M 182 40.94 42.31 -18.87
C PHE M 182 41.00 43.80 -18.62
N PHE M 183 39.99 44.35 -17.95
CA PHE M 183 40.05 45.72 -17.49
C PHE M 183 40.12 45.74 -15.97
N LYS M 184 41.18 46.36 -15.43
CA LYS M 184 41.06 46.96 -14.11
C LYS M 184 39.91 47.95 -14.09
N TYR M 185 39.52 48.46 -15.27
CA TYR M 185 38.41 49.37 -15.40
C TYR M 185 37.08 48.69 -15.15
N ILE M 186 37.06 47.37 -15.01
CA ILE M 186 35.85 46.69 -14.55
C ILE M 186 35.70 46.86 -13.05
N ASP M 187 36.77 46.61 -12.31
CA ASP M 187 36.78 46.95 -10.90
C ASP M 187 36.34 48.39 -10.69
N ASP M 188 36.91 49.32 -11.45
CA ASP M 188 36.46 50.71 -11.40
C ASP M 188 35.01 50.83 -11.83
N ALA M 189 34.59 50.02 -12.81
CA ALA M 189 33.19 50.02 -13.23
C ALA M 189 32.27 49.68 -12.07
N ASN M 190 32.77 48.96 -11.07
CA ASN M 190 32.05 48.88 -9.80
C ASN M 190 32.31 50.08 -8.90
N VAL M 191 33.56 50.56 -8.82
CA VAL M 191 33.95 51.52 -7.80
C VAL M 191 32.97 52.70 -7.74
N THR M 192 32.52 53.17 -8.90
CA THR M 192 31.50 54.20 -8.94
C THR M 192 30.15 53.70 -8.42
N ARG M 193 29.96 52.39 -8.30
CA ARG M 193 28.70 51.80 -7.90
C ARG M 193 28.66 51.30 -6.46
N LYS M 194 29.53 50.36 -6.10
CA LYS M 194 29.46 49.69 -4.80
C LYS M 194 29.42 50.69 -3.64
N GLN M 195 30.01 51.87 -3.81
CA GLN M 195 29.98 52.85 -2.74
C GLN M 195 28.59 53.44 -2.63
N GLU M 196 28.20 54.26 -3.61
CA GLU M 196 26.85 54.79 -3.70
C GLU M 196 26.42 54.89 -5.15
N ASN M 225 36.81 34.34 10.68
CA ASN M 225 36.73 32.90 10.91
C ASN M 225 36.95 32.11 9.63
N ARG M 226 37.21 30.81 9.79
CA ARG M 226 37.33 29.90 8.65
C ARG M 226 38.37 30.42 7.66
N LEU M 227 37.95 30.86 6.48
CA LEU M 227 38.84 31.31 5.42
C LEU M 227 39.73 30.17 4.96
N THR M 228 39.12 29.23 4.24
CA THR M 228 39.78 28.04 3.76
C THR M 228 39.82 28.07 2.24
N GLY M 229 40.84 27.45 1.65
CA GLY M 229 40.91 27.30 0.22
C GLY M 229 41.21 28.56 -0.56
N SER M 230 40.35 28.87 -1.54
CA SER M 230 40.65 29.92 -2.51
C SER M 230 40.92 31.26 -1.84
N LEU M 231 39.89 31.87 -1.26
CA LEU M 231 40.09 33.18 -0.62
C LEU M 231 41.03 33.10 0.56
N LEU M 232 41.21 31.92 1.15
CA LEU M 232 42.35 31.74 2.03
C LEU M 232 43.63 32.14 1.32
N ALA M 233 43.83 31.67 0.10
CA ALA M 233 44.93 32.09 -0.73
C ALA M 233 44.70 33.42 -1.42
N HIS M 234 43.50 33.65 -1.97
CA HIS M 234 43.29 34.75 -2.89
C HIS M 234 43.07 36.08 -2.16
N LYS M 235 42.49 36.05 -0.97
CA LYS M 235 42.37 37.28 -0.20
C LYS M 235 43.72 37.72 0.34
N VAL M 236 44.45 36.81 0.98
CA VAL M 236 45.82 37.12 1.37
C VAL M 236 46.60 37.62 0.17
N ALA M 237 46.45 36.95 -0.97
CA ALA M 237 47.03 37.45 -2.21
C ALA M 237 46.63 38.89 -2.48
N ASP M 238 45.36 39.23 -2.22
CA ASP M 238 44.94 40.62 -2.37
C ASP M 238 45.70 41.55 -1.46
N GLU M 239 45.85 41.20 -0.18
CA GLU M 239 46.78 41.90 0.68
C GLU M 239 48.22 41.79 0.19
N GLU M 240 48.60 40.65 -0.34
CA GLU M 240 49.95 40.43 -0.87
C GLU M 240 50.19 41.15 -2.19
N ALA M 241 49.16 41.75 -2.79
CA ALA M 241 49.32 42.25 -4.15
C ALA M 241 50.12 43.54 -4.08
N ASN M 242 51.33 43.52 -4.64
CA ASN M 242 52.15 44.75 -4.63
C ASN M 242 53.65 44.62 -4.93
N ILE M 243 54.08 45.20 -6.06
CA ILE M 243 55.49 45.18 -6.50
C ILE M 243 55.75 46.13 -7.67
N GLU M 244 56.93 46.76 -7.69
CA GLU M 244 57.32 47.64 -8.78
C GLU M 244 58.42 46.95 -9.57
N LEU M 245 58.13 46.62 -10.82
CA LEU M 245 59.06 45.90 -11.66
C LEU M 245 59.40 46.68 -12.92
N THR M 246 60.67 47.03 -13.05
CA THR M 246 61.18 47.48 -14.33
C THR M 246 61.56 46.25 -15.14
N TRP M 247 62.25 46.45 -16.26
CA TRP M 247 62.41 45.37 -17.22
C TRP M 247 63.81 45.43 -17.83
N ALA M 248 64.27 44.29 -18.33
CA ALA M 248 65.63 44.17 -18.86
C ALA M 248 65.64 43.23 -20.05
N GLU M 249 66.72 43.31 -20.82
CA GLU M 249 66.94 42.42 -21.95
C GLU M 249 68.44 42.32 -22.21
N GLY M 250 68.89 41.17 -22.70
CA GLY M 250 70.23 41.09 -23.25
C GLY M 250 70.84 39.72 -23.04
N THR M 251 72.12 39.63 -23.39
CA THR M 251 72.92 38.43 -23.21
C THR M 251 74.07 38.80 -22.28
N PHE M 252 74.05 38.30 -21.05
CA PHE M 252 75.11 38.66 -20.12
C PHE M 252 75.86 37.40 -19.69
N GLU M 253 75.27 36.67 -18.75
CA GLU M 253 75.76 35.38 -18.33
C GLU M 253 75.01 34.23 -18.99
N GLN M 254 73.99 34.53 -19.79
CA GLN M 254 73.19 33.47 -20.39
C GLN M 254 74.03 32.62 -21.33
N PHE M 255 74.97 33.22 -22.06
CA PHE M 255 76.07 32.45 -22.63
C PHE M 255 77.09 32.02 -21.59
N LYS M 256 77.63 32.96 -20.82
CA LYS M 256 78.88 32.78 -20.10
C LYS M 256 78.73 31.95 -18.84
N ASP M 257 77.75 32.27 -17.99
CA ASP M 257 77.54 31.46 -16.79
C ASP M 257 77.25 30.01 -17.14
N THR M 258 76.31 29.79 -18.06
CA THR M 258 75.99 28.46 -18.56
C THR M 258 77.20 27.72 -19.09
N ILE M 259 78.23 28.44 -19.56
CA ILE M 259 79.50 27.84 -19.93
C ILE M 259 80.37 27.58 -18.71
N VAL M 260 80.78 28.63 -18.01
CA VAL M 260 81.82 28.55 -16.99
C VAL M 260 81.46 27.56 -15.89
N LYS M 261 80.17 27.29 -15.72
CA LYS M 261 79.70 26.39 -14.67
C LYS M 261 80.08 24.94 -14.91
N GLU M 262 80.19 24.49 -16.16
CA GLU M 262 80.45 23.10 -16.45
C GLU M 262 81.84 22.69 -15.98
N LYS N 274 45.63 -0.66 -40.23
CA LYS N 274 46.50 0.51 -40.24
C LYS N 274 46.42 1.29 -38.93
N GLU N 275 47.49 1.25 -38.15
CA GLU N 275 47.48 1.98 -36.88
C GLU N 275 48.62 2.98 -36.76
N ALA N 276 49.82 2.49 -36.45
CA ALA N 276 50.93 3.36 -36.09
C ALA N 276 51.89 3.62 -37.24
N ALA N 277 51.66 2.99 -38.39
CA ALA N 277 52.59 3.12 -39.51
C ALA N 277 52.87 4.58 -39.82
N ALA N 278 51.81 5.36 -40.05
CA ALA N 278 51.93 6.80 -40.08
C ALA N 278 52.43 7.37 -38.77
N GLU N 279 51.80 7.00 -37.65
CA GLU N 279 52.18 7.53 -36.35
C GLU N 279 53.67 7.40 -36.11
N LEU N 280 54.27 6.27 -36.46
CA LEU N 280 55.71 6.15 -36.38
C LEU N 280 56.42 6.82 -37.53
N GLU N 281 55.79 6.88 -38.71
CA GLU N 281 56.35 7.72 -39.76
C GLU N 281 56.20 9.18 -39.41
N LEU N 282 55.10 9.54 -38.71
CA LEU N 282 55.03 10.85 -38.08
C LEU N 282 56.18 11.06 -37.11
N LEU N 283 56.57 10.01 -36.39
CA LEU N 283 57.78 10.09 -35.57
C LEU N 283 58.99 10.45 -36.41
N ASN N 284 59.23 9.68 -37.48
CA ASN N 284 60.44 9.90 -38.29
C ASN N 284 60.46 11.27 -38.98
N ALA N 285 59.44 11.55 -39.79
CA ALA N 285 59.36 12.87 -40.42
C ALA N 285 59.35 13.97 -39.37
N ASP N 286 58.99 13.64 -38.13
CA ASP N 286 59.17 14.59 -37.05
C ASP N 286 60.62 14.69 -36.63
N HIS N 287 61.39 13.60 -36.72
CA HIS N 287 62.82 13.70 -36.53
C HIS N 287 63.40 14.69 -37.52
N GLN N 288 62.83 14.71 -38.73
CA GLN N 288 63.18 15.78 -39.66
C GLN N 288 62.67 17.13 -39.17
N HIS N 289 61.44 17.17 -38.67
CA HIS N 289 60.83 18.42 -38.20
C HIS N 289 61.71 19.11 -37.18
N ILE N 290 61.89 18.50 -36.01
CA ILE N 290 62.81 19.03 -35.03
C ILE N 290 64.24 19.07 -35.57
N LEU N 291 64.56 18.24 -36.55
CA LEU N 291 65.94 18.18 -37.03
C LEU N 291 66.36 19.49 -37.68
N ARG N 292 65.61 19.96 -38.68
CA ARG N 292 66.00 21.17 -39.39
C ARG N 292 66.10 22.37 -38.44
N LYS N 293 64.96 22.87 -37.97
CA LYS N 293 64.97 24.02 -37.08
C LYS N 293 65.85 23.80 -35.84
N LEU N 294 66.01 22.55 -35.43
CA LEU N 294 66.98 22.19 -34.42
C LEU N 294 68.38 22.67 -34.79
N LYS N 295 68.95 22.11 -35.86
CA LYS N 295 70.28 22.54 -36.28
C LYS N 295 70.31 24.01 -36.67
N LYS N 296 69.17 24.60 -36.98
CA LYS N 296 69.11 26.03 -37.25
C LYS N 296 69.27 26.86 -35.98
N MET N 297 69.30 26.21 -34.82
CA MET N 297 69.68 26.85 -33.56
C MET N 297 71.19 26.91 -33.40
N ASN N 298 71.92 26.46 -34.42
CA ASN N 298 73.38 26.52 -34.41
C ASN N 298 73.87 27.90 -33.99
N ASN N 299 73.37 28.94 -34.64
CA ASN N 299 73.78 30.31 -34.29
C ASN N 299 73.17 30.66 -32.94
N LYS N 300 73.47 31.85 -32.43
CA LYS N 300 72.97 32.27 -31.12
C LYS N 300 72.28 33.63 -31.21
N PRO N 301 71.14 33.70 -31.92
CA PRO N 301 70.18 34.78 -31.64
C PRO N 301 69.42 34.39 -30.40
N GLU N 302 68.32 35.05 -30.09
CA GLU N 302 67.53 34.65 -28.93
C GLU N 302 66.35 33.79 -29.39
N ARG N 303 66.52 32.48 -29.14
CA ARG N 303 65.57 31.45 -29.50
C ARG N 303 65.65 30.38 -28.42
N PHE N 304 64.50 29.91 -27.94
CA PHE N 304 64.48 28.88 -26.92
C PHE N 304 63.71 27.66 -27.38
N MET N 305 64.06 26.52 -26.78
CA MET N 305 63.37 25.26 -27.02
C MET N 305 63.19 24.61 -25.64
N VAL N 306 61.93 24.38 -25.26
CA VAL N 306 61.63 23.90 -23.92
C VAL N 306 61.27 22.42 -23.96
N PHE N 307 61.87 21.65 -23.07
CA PHE N 307 61.76 20.20 -23.14
C PHE N 307 61.17 19.64 -21.84
N GLN N 308 60.54 18.48 -21.97
CA GLN N 308 60.02 17.73 -20.82
C GLN N 308 60.84 16.46 -20.73
N LEU N 309 61.54 16.29 -19.64
CA LEU N 309 62.28 15.06 -19.45
C LEU N 309 61.80 14.34 -18.21
N PRO N 310 62.03 13.03 -18.11
CA PRO N 310 61.55 12.28 -16.94
C PRO N 310 62.13 12.84 -15.65
N THR N 311 61.27 12.93 -14.65
CA THR N 311 61.64 13.50 -13.37
C THR N 311 62.55 12.53 -12.61
N ARG N 312 62.88 12.91 -11.38
CA ARG N 312 63.83 12.20 -10.51
C ARG N 312 65.25 12.37 -11.02
N LEU N 313 65.40 12.99 -12.20
CA LEU N 313 66.68 13.17 -12.88
C LEU N 313 67.38 11.81 -12.90
N PRO N 314 66.79 10.81 -13.55
CA PRO N 314 67.29 9.44 -13.39
C PRO N 314 68.43 9.11 -14.34
N ALA N 315 69.66 9.49 -13.99
CA ALA N 315 70.78 9.11 -14.84
C ALA N 315 71.53 7.92 -14.24
N PHE N 316 72.40 8.19 -13.28
CA PHE N 316 73.02 7.12 -12.51
C PHE N 316 72.99 7.49 -11.03
N GLU N 317 73.64 8.59 -10.67
CA GLU N 317 73.80 9.00 -9.28
C GLU N 317 73.73 10.52 -9.23
N ARG N 318 74.04 11.07 -8.05
CA ARG N 318 74.36 12.49 -7.91
C ARG N 318 75.78 12.57 -7.36
N PRO N 319 76.78 12.17 -8.16
CA PRO N 319 78.13 11.99 -7.63
C PRO N 319 78.78 13.28 -7.18
N ALA N 320 78.56 14.37 -7.91
CA ALA N 320 79.15 15.66 -7.58
C ALA N 320 78.41 16.31 -6.43
N VAL N 360 76.44 16.11 -19.07
CA VAL N 360 75.81 14.81 -18.95
C VAL N 360 75.59 14.14 -20.30
N GLY N 361 74.34 13.87 -20.67
CA GLY N 361 74.01 13.05 -21.81
C GLY N 361 74.23 13.74 -23.15
N SER N 362 73.64 13.15 -24.19
CA SER N 362 73.79 13.67 -25.54
C SER N 362 72.60 13.22 -26.38
N ILE N 363 72.67 13.54 -27.67
CA ILE N 363 71.57 13.34 -28.60
C ILE N 363 72.16 12.96 -29.95
N ARG N 364 71.41 12.21 -30.76
CA ARG N 364 71.78 11.95 -32.15
C ARG N 364 70.59 11.35 -32.89
N VAL N 365 70.77 11.16 -34.18
CA VAL N 365 69.87 10.34 -35.01
C VAL N 365 70.72 9.23 -35.60
N HIS N 366 70.44 7.98 -35.21
CA HIS N 366 71.15 6.87 -35.82
C HIS N 366 70.69 6.76 -37.27
N LYS N 367 71.28 5.83 -38.01
CA LYS N 367 71.01 5.73 -39.44
C LYS N 367 69.52 5.58 -39.70
N SER N 368 69.01 6.47 -40.56
CA SER N 368 67.60 6.51 -40.95
C SER N 368 66.66 6.74 -39.77
N GLY N 369 66.65 7.97 -39.25
CA GLY N 369 65.58 8.41 -38.36
C GLY N 369 65.50 7.79 -36.98
N LYS N 370 66.56 7.93 -36.19
CA LYS N 370 66.57 7.40 -34.84
C LYS N 370 66.88 8.49 -33.83
N LEU N 371 67.08 8.10 -32.56
CA LEU N 371 67.52 9.01 -31.52
C LEU N 371 68.52 8.28 -30.63
N SER N 372 69.65 8.93 -30.38
CA SER N 372 70.65 8.44 -29.44
C SER N 372 70.70 9.42 -28.28
N VAL N 373 70.16 9.01 -27.13
CA VAL N 373 70.20 9.78 -25.90
C VAL N 373 70.52 8.86 -24.75
N LYS N 374 71.64 9.13 -24.08
CA LYS N 374 71.99 8.44 -22.85
C LYS N 374 71.94 9.46 -21.72
N ILE N 375 71.66 8.98 -20.51
CA ILE N 375 71.52 9.86 -19.36
C ILE N 375 72.55 9.44 -18.32
N GLY N 376 72.40 8.22 -17.81
CA GLY N 376 73.39 7.64 -16.92
C GLY N 376 73.27 6.14 -16.91
N ASN N 377 74.36 5.48 -16.49
CA ASN N 377 74.51 4.03 -16.66
C ASN N 377 74.37 3.66 -18.14
N VAL N 378 74.74 4.61 -19.01
CA VAL N 378 74.55 4.57 -20.47
C VAL N 378 73.16 4.03 -20.79
N VAL N 379 72.18 4.45 -19.98
CA VAL N 379 70.80 4.03 -20.23
C VAL N 379 70.33 4.64 -21.55
N MET N 380 69.56 3.86 -22.31
CA MET N 380 68.95 4.39 -23.51
C MET N 380 67.55 4.84 -23.17
N ASP N 381 67.35 6.16 -23.16
CA ASP N 381 66.02 6.75 -23.12
C ASP N 381 65.88 7.66 -24.34
N ILE N 382 64.81 7.43 -25.08
CA ILE N 382 64.51 8.23 -26.26
C ILE N 382 63.15 8.88 -26.07
N GLY N 383 63.04 10.13 -26.48
CA GLY N 383 61.75 10.76 -26.57
C GLY N 383 61.80 11.82 -27.64
N LYS N 384 60.67 12.09 -28.27
CA LYS N 384 60.65 12.86 -29.51
C LYS N 384 59.42 13.75 -29.52
N GLY N 385 59.33 14.54 -30.58
CA GLY N 385 58.10 15.20 -30.96
C GLY N 385 57.59 16.20 -29.95
N ALA N 386 56.43 16.76 -30.25
CA ALA N 386 55.71 17.61 -29.32
C ALA N 386 54.30 17.81 -29.84
N GLU N 387 53.46 18.43 -29.01
CA GLU N 387 52.15 18.88 -29.41
C GLU N 387 52.21 20.23 -30.10
N THR N 388 51.22 20.49 -30.94
CA THR N 388 51.06 21.80 -31.55
C THR N 388 50.80 22.83 -30.45
N THR N 389 51.61 23.88 -30.43
CA THR N 389 51.32 25.05 -29.61
C THR N 389 51.32 26.29 -30.50
N PHE N 390 52.46 26.61 -31.12
CA PHE N 390 52.45 27.42 -32.32
C PHE N 390 51.75 28.75 -32.07
N LEU N 391 50.49 28.85 -32.49
CA LEU N 391 49.71 30.06 -32.27
C LEU N 391 49.93 30.65 -30.88
N GLN N 392 50.05 29.83 -29.84
CA GLN N 392 50.52 30.34 -28.57
C GLN N 392 51.93 30.90 -28.78
N ASP N 393 52.10 32.19 -28.52
CA ASP N 393 53.40 32.82 -28.73
C ASP N 393 54.05 33.00 -27.36
N VAL N 394 55.23 32.40 -27.23
CA VAL N 394 55.76 32.03 -25.92
C VAL N 394 57.06 32.79 -25.68
N ILE N 395 57.16 33.43 -24.51
CA ILE N 395 58.28 34.31 -24.19
C ILE N 395 58.78 33.96 -22.79
N ALA N 396 60.10 33.82 -22.67
CA ALA N 396 60.73 33.34 -21.44
C ALA N 396 61.58 34.45 -20.83
N LEU N 397 61.51 34.57 -19.50
CA LEU N 397 62.22 35.62 -18.77
C LEU N 397 62.83 35.07 -17.49
N SER N 398 63.37 35.96 -16.65
CA SER N 398 63.86 35.57 -15.34
C SER N 398 63.78 36.77 -14.41
N ILE N 399 63.68 36.48 -13.11
CA ILE N 399 63.66 37.51 -12.08
C ILE N 399 65.10 37.72 -11.60
N ALA N 400 65.52 38.99 -11.53
CA ALA N 400 66.79 39.35 -10.94
C ALA N 400 66.50 40.15 -9.66
N ASP N 401 66.71 39.50 -8.52
CA ASP N 401 66.51 40.09 -7.20
C ASP N 401 65.17 40.83 -7.10
N ASP N 402 64.09 40.06 -7.09
CA ASP N 402 62.78 40.58 -6.72
C ASP N 402 62.37 41.77 -7.59
N ALA N 403 62.28 42.95 -6.99
CA ALA N 403 61.76 44.12 -7.66
C ALA N 403 62.64 44.50 -8.84
N SER N 404 62.09 45.34 -9.73
CA SER N 404 62.70 45.60 -11.04
C SER N 404 62.78 44.31 -11.83
N SER N 405 63.98 43.84 -12.10
CA SER N 405 64.24 42.52 -12.68
C SER N 405 63.66 42.47 -14.10
N ALA N 406 62.95 41.38 -14.41
CA ALA N 406 62.27 41.16 -15.68
C ALA N 406 63.26 41.33 -16.84
N GLU N 407 64.19 40.39 -16.93
CA GLU N 407 65.09 40.29 -18.09
C GLU N 407 64.47 39.30 -19.06
N LEU N 408 64.26 39.76 -20.28
CA LEU N 408 63.76 38.90 -21.35
C LEU N 408 64.95 38.26 -22.04
N LEU N 409 64.82 36.98 -22.39
CA LEU N 409 66.01 36.35 -22.96
C LEU N 409 65.82 35.86 -24.38
N GLY N 410 65.26 34.67 -24.55
CA GLY N 410 65.32 33.99 -25.82
C GLY N 410 64.01 33.76 -26.57
N ARG N 411 62.92 34.39 -26.13
CA ARG N 411 61.55 34.02 -26.50
C ARG N 411 61.39 32.51 -26.38
N VAL N 412 60.60 31.88 -27.24
CA VAL N 412 60.45 30.42 -27.24
C VAL N 412 60.06 29.97 -28.64
N ASP N 413 60.57 28.81 -29.07
CA ASP N 413 59.96 28.08 -30.16
C ASP N 413 59.85 26.62 -29.77
N GLY N 414 60.94 25.90 -29.57
CA GLY N 414 60.93 24.45 -29.62
C GLY N 414 60.34 23.77 -28.40
N LYS N 415 59.87 22.55 -28.63
CA LYS N 415 59.27 21.72 -27.60
C LYS N 415 59.57 20.26 -27.93
N ILE N 416 59.90 19.46 -26.91
CA ILE N 416 60.03 18.02 -27.08
C ILE N 416 59.80 17.38 -25.72
N VAL N 417 59.59 16.06 -25.73
CA VAL N 417 59.41 15.29 -24.51
C VAL N 417 60.31 14.06 -24.57
N VAL N 418 60.56 13.46 -23.41
CA VAL N 418 61.44 12.30 -23.28
C VAL N 418 60.84 11.30 -22.30
N THR N 419 60.68 10.04 -22.74
CA THR N 419 60.38 8.93 -21.82
C THR N 419 60.94 7.61 -22.34
N PRO N 420 61.46 6.74 -21.47
CA PRO N 420 62.10 5.51 -21.95
C PRO N 420 61.11 4.56 -22.61
N GLN N 421 61.62 3.70 -23.47
CA GLN N 421 60.81 2.74 -24.21
C GLN N 421 60.98 1.33 -23.66
N ILE N 422 60.36 0.37 -24.33
CA ILE N 422 60.60 -1.04 -24.06
C ILE N 422 61.24 -1.71 -25.26
N VAL O 31 -29.04 15.89 23.80
CA VAL O 31 -29.05 15.03 24.98
C VAL O 31 -30.17 15.44 25.91
N MET O 32 -31.20 14.60 25.98
CA MET O 32 -32.38 14.83 26.81
C MET O 32 -33.13 16.11 26.43
N THR O 33 -32.92 16.58 25.20
CA THR O 33 -33.77 17.57 24.54
C THR O 33 -33.72 18.94 25.22
N ILE O 34 -33.16 19.02 26.43
CA ILE O 34 -33.20 20.27 27.17
C ILE O 34 -32.27 21.32 26.57
N SER O 35 -31.14 20.90 26.01
CA SER O 35 -30.31 21.84 25.26
C SER O 35 -30.98 22.17 23.93
N SER O 36 -31.90 21.30 23.49
CA SER O 36 -32.79 21.60 22.38
C SER O 36 -32.06 21.78 21.06
N LEU O 37 -30.87 21.17 20.93
CA LEU O 37 -29.99 21.40 19.79
C LEU O 37 -30.69 21.31 18.45
N GLU O 38 -31.39 20.22 18.19
CA GLU O 38 -32.26 20.17 17.01
C GLU O 38 -33.17 21.38 16.95
N GLN O 39 -34.04 21.55 17.94
CA GLN O 39 -34.93 22.70 18.04
C GLN O 39 -34.15 23.99 18.23
N ARG O 40 -32.84 23.87 18.29
CA ARG O 40 -31.97 25.04 18.43
C ARG O 40 -30.58 24.70 17.94
N THR O 41 -30.43 24.47 16.64
CA THR O 41 -29.13 24.11 16.10
C THR O 41 -28.83 24.39 14.62
N LEU O 42 -29.84 24.48 13.74
CA LEU O 42 -29.51 24.70 12.35
C LEU O 42 -30.49 25.55 11.59
N ASN O 43 -31.48 26.19 12.21
CA ASN O 43 -32.51 26.92 11.49
C ASN O 43 -32.42 28.41 11.86
N PRO O 44 -31.61 29.16 11.18
CA PRO O 44 -31.74 30.61 11.26
C PRO O 44 -32.92 31.11 10.45
N ASP O 45 -33.27 32.37 10.64
CA ASP O 45 -34.32 32.99 9.83
C ASP O 45 -35.62 32.22 9.99
N LEU O 46 -36.05 31.52 8.95
CA LEU O 46 -37.38 30.93 8.82
C LEU O 46 -37.87 30.23 10.07
N PHE O 47 -36.95 29.66 10.85
CA PHE O 47 -37.29 29.01 12.11
C PHE O 47 -38.23 29.84 12.96
N LEU O 48 -38.02 31.15 12.99
CA LEU O 48 -39.05 32.08 13.46
C LEU O 48 -40.40 31.79 12.84
N TYR O 49 -40.50 31.88 11.52
CA TYR O 49 -41.80 32.00 10.86
C TYR O 49 -42.64 30.75 11.05
N LYS O 50 -42.03 29.57 10.90
CA LYS O 50 -42.86 28.38 10.94
C LYS O 50 -43.65 28.25 12.23
N GLU O 51 -43.06 28.60 13.37
CA GLU O 51 -43.90 28.59 14.56
C GLU O 51 -44.81 29.80 14.61
N LEU O 52 -44.40 30.91 14.00
CA LEU O 52 -45.33 32.04 13.90
C LEU O 52 -46.67 31.56 13.38
N VAL O 53 -46.68 31.00 12.17
CA VAL O 53 -47.96 30.50 11.66
C VAL O 53 -48.42 29.27 12.44
N LYS O 54 -47.51 28.36 12.81
CA LYS O 54 -47.93 27.12 13.46
C LYS O 54 -48.73 27.41 14.72
N ALA O 55 -48.09 28.00 15.73
CA ALA O 55 -48.81 28.51 16.88
C ALA O 55 -49.94 29.43 16.50
N HIS O 56 -49.76 30.21 15.43
CA HIS O 56 -50.71 31.24 15.05
C HIS O 56 -51.88 30.69 14.24
N LEU O 57 -51.62 30.25 13.02
CA LEU O 57 -52.63 29.57 12.20
C LEU O 57 -52.48 28.07 12.24
N GLY O 58 -51.34 27.55 11.79
CA GLY O 58 -50.97 26.18 12.07
C GLY O 58 -51.55 25.11 11.17
N GLU O 59 -51.86 23.96 11.77
CA GLU O 59 -52.43 22.79 11.12
C GLU O 59 -51.70 22.50 9.81
N ARG O 60 -52.46 22.18 8.76
CA ARG O 60 -51.90 22.15 7.43
C ARG O 60 -51.53 23.54 6.92
N ALA O 61 -52.21 24.57 7.38
CA ALA O 61 -52.00 25.94 6.92
C ALA O 61 -50.58 26.43 7.15
N ALA O 62 -49.89 25.87 8.13
CA ALA O 62 -48.56 26.36 8.51
C ALA O 62 -47.48 25.97 7.53
N SER O 63 -47.22 24.67 7.40
CA SER O 63 -46.02 24.15 6.75
C SER O 63 -45.70 24.81 5.42
N VAL O 64 -46.72 25.11 4.61
CA VAL O 64 -46.49 25.68 3.29
C VAL O 64 -45.61 26.92 3.37
N ILE O 65 -45.81 27.77 4.37
CA ILE O 65 -45.06 29.02 4.43
C ILE O 65 -43.57 28.75 4.53
N GLY O 66 -43.17 27.82 5.40
CA GLY O 66 -41.75 27.52 5.52
C GLY O 66 -41.15 27.05 4.21
N MET O 67 -41.73 26.01 3.61
CA MET O 67 -41.28 25.53 2.32
C MET O 67 -41.14 26.66 1.31
N LEU O 68 -42.12 27.57 1.27
CA LEU O 68 -41.94 28.79 0.50
C LEU O 68 -40.64 29.48 0.86
N VAL O 69 -40.55 30.00 2.08
CA VAL O 69 -39.36 30.73 2.49
C VAL O 69 -38.12 29.86 2.36
N ALA O 70 -38.28 28.55 2.47
CA ALA O 70 -37.16 27.66 2.17
C ALA O 70 -36.67 27.86 0.75
N LEU O 71 -37.45 27.42 -0.24
CA LEU O 71 -36.97 27.45 -1.61
C LEU O 71 -37.31 28.75 -2.32
N GLY O 72 -38.13 29.59 -1.73
CA GLY O 72 -38.52 30.80 -2.41
C GLY O 72 -39.43 30.58 -3.60
N ARG O 73 -39.00 31.04 -4.78
CA ARG O 73 -39.86 31.14 -5.95
C ARG O 73 -40.54 29.80 -6.24
N LEU O 74 -41.85 29.83 -6.46
CA LEU O 74 -42.67 28.64 -6.39
C LEU O 74 -43.87 28.75 -7.32
N SER O 75 -44.28 27.62 -7.88
CA SER O 75 -45.50 27.50 -8.66
C SER O 75 -46.53 26.67 -7.93
N VAL O 76 -47.80 26.99 -8.16
CA VAL O 76 -48.89 26.28 -7.51
C VAL O 76 -48.78 24.79 -7.79
N ARG O 77 -48.64 24.42 -9.06
CA ARG O 77 -48.36 23.05 -9.44
C ARG O 77 -47.08 22.54 -8.77
N GLU O 78 -46.09 23.41 -8.59
CA GLU O 78 -44.82 23.03 -8.00
C GLU O 78 -44.93 22.65 -6.53
N LEU O 79 -45.95 23.13 -5.82
CA LEU O 79 -46.05 22.84 -4.40
C LEU O 79 -46.04 21.35 -4.12
N VAL O 80 -47.13 20.67 -4.44
CA VAL O 80 -47.38 19.36 -3.87
C VAL O 80 -46.46 18.32 -4.46
N GLU O 81 -45.70 18.68 -5.49
CA GLU O 81 -44.59 17.84 -5.92
C GLU O 81 -43.62 17.55 -4.79
N LYS O 82 -43.58 18.39 -3.76
CA LYS O 82 -42.65 18.23 -2.65
C LYS O 82 -43.37 18.22 -1.30
N ILE O 83 -44.07 19.32 -0.98
CA ILE O 83 -44.69 19.47 0.34
C ILE O 83 -45.49 18.24 0.72
N ASP O 84 -46.20 17.65 -0.24
CA ASP O 84 -47.21 16.62 0.03
C ASP O 84 -48.30 17.20 0.92
N GLY O 85 -48.76 18.40 0.57
CA GLY O 85 -49.73 19.13 1.35
C GLY O 85 -51.16 18.84 0.97
N MET O 86 -51.41 17.65 0.40
CA MET O 86 -52.76 17.25 -0.01
C MET O 86 -53.31 18.22 -1.04
N ASP O 87 -52.85 18.04 -2.29
CA ASP O 87 -52.90 19.05 -3.34
C ASP O 87 -54.25 19.73 -3.49
N VAL O 88 -54.17 21.04 -3.75
CA VAL O 88 -55.21 21.91 -4.30
C VAL O 88 -56.34 22.05 -3.28
N ASP O 89 -56.34 21.20 -2.27
CA ASP O 89 -57.27 21.35 -1.16
C ASP O 89 -56.77 22.35 -0.15
N SER O 90 -55.76 21.99 0.64
CA SER O 90 -55.02 22.96 1.40
C SER O 90 -54.51 24.10 0.55
N VAL O 91 -53.85 23.78 -0.57
CA VAL O 91 -53.23 24.79 -1.42
C VAL O 91 -54.17 25.96 -1.66
N LYS O 92 -55.24 25.74 -2.42
CA LYS O 92 -56.22 26.79 -2.63
C LYS O 92 -56.79 27.32 -1.33
N THR O 93 -56.95 26.47 -0.32
CA THR O 93 -57.44 26.95 0.97
C THR O 93 -56.37 27.77 1.68
N THR O 94 -55.25 27.13 2.02
CA THR O 94 -54.16 27.83 2.66
C THR O 94 -53.82 29.12 1.94
N LEU O 95 -53.73 29.11 0.61
CA LEU O 95 -53.29 30.29 -0.12
C LEU O 95 -54.25 31.45 0.12
N VAL O 96 -55.55 31.22 -0.08
CA VAL O 96 -56.50 32.30 0.16
C VAL O 96 -56.53 32.69 1.63
N SER O 97 -56.22 31.75 2.52
CA SER O 97 -56.07 32.09 3.92
C SER O 97 -54.99 33.13 4.10
N LEU O 98 -53.81 32.88 3.52
CA LEU O 98 -52.75 33.84 3.43
C LEU O 98 -53.24 35.16 2.85
N THR O 99 -54.08 35.10 1.82
CA THR O 99 -54.57 36.29 1.15
C THR O 99 -55.23 37.26 2.12
N GLN O 100 -56.34 36.84 2.72
CA GLN O 100 -57.12 37.73 3.58
C GLN O 100 -56.23 38.37 4.64
N LEU O 101 -55.19 37.67 5.08
CA LEU O 101 -54.21 38.23 5.98
C LEU O 101 -52.96 38.73 5.25
N ARG O 102 -52.97 38.69 3.91
CA ARG O 102 -51.82 39.00 3.05
C ARG O 102 -50.54 38.42 3.64
N CYS O 103 -50.48 37.10 3.77
CA CYS O 103 -49.31 36.47 4.36
C CYS O 103 -48.18 36.29 3.36
N VAL O 104 -48.48 36.26 2.06
CA VAL O 104 -47.51 35.91 1.04
C VAL O 104 -47.59 36.89 -0.11
N LYS O 105 -46.48 37.03 -0.82
CA LYS O 105 -46.43 37.83 -2.04
C LYS O 105 -47.27 37.14 -3.10
N TYR O 106 -48.07 37.92 -3.82
CA TYR O 106 -48.90 37.38 -4.88
C TYR O 106 -48.43 37.89 -6.24
N LEU O 107 -47.85 36.99 -7.03
CA LEU O 107 -47.35 37.37 -8.34
C LEU O 107 -48.10 36.60 -9.41
N GLN O 108 -48.78 37.34 -10.29
CA GLN O 108 -49.56 36.74 -11.36
C GLN O 108 -49.10 37.32 -12.68
N GLU O 109 -48.94 36.45 -13.67
CA GLU O 109 -48.45 36.88 -14.97
C GLU O 109 -48.79 35.80 -15.98
N THR O 110 -48.29 35.96 -17.19
CA THR O 110 -48.51 34.98 -18.24
C THR O 110 -47.17 34.61 -18.86
N ALA O 111 -47.10 33.40 -19.42
CA ALA O 111 -45.90 32.94 -20.07
C ALA O 111 -45.75 33.63 -21.42
N ILE O 112 -44.62 33.37 -22.10
CA ILE O 112 -44.42 33.96 -23.41
C ILE O 112 -45.17 33.20 -24.50
N SER O 113 -45.27 31.88 -24.39
CA SER O 113 -46.04 31.11 -25.36
C SER O 113 -47.52 31.39 -25.22
N GLY O 114 -47.98 31.62 -24.00
CA GLY O 114 -49.38 31.88 -23.75
C GLY O 114 -49.75 31.43 -22.35
N LYS O 115 -51.03 31.14 -22.19
CA LYS O 115 -51.60 30.62 -20.95
C LYS O 115 -51.32 31.61 -19.83
N LYS O 116 -50.95 31.10 -18.65
CA LYS O 116 -50.78 31.94 -17.48
C LYS O 116 -49.86 31.22 -16.50
N THR O 117 -49.20 31.97 -15.63
CA THR O 117 -48.38 31.40 -14.58
C THR O 117 -48.32 32.36 -13.40
N THR O 118 -48.14 31.80 -12.22
CA THR O 118 -48.08 32.58 -10.99
C THR O 118 -46.90 32.12 -10.15
N TYR O 119 -46.30 33.08 -9.46
CA TYR O 119 -45.25 32.80 -8.50
C TYR O 119 -45.51 33.62 -7.25
N TYR O 120 -45.23 33.00 -6.11
CA TYR O 120 -45.59 33.58 -4.84
C TYR O 120 -44.36 33.61 -3.95
N TYR O 121 -44.18 34.74 -3.28
CA TYR O 121 -43.15 34.86 -2.27
C TYR O 121 -43.86 35.15 -0.95
N TYR O 122 -43.10 35.35 0.12
CA TYR O 122 -43.70 35.69 1.41
C TYR O 122 -43.88 37.19 1.48
N ASN O 123 -45.11 37.66 1.71
CA ASN O 123 -45.40 39.10 1.74
C ASN O 123 -44.57 39.90 2.73
N GLU O 124 -43.58 40.64 2.22
CA GLU O 124 -42.62 41.43 3.01
C GLU O 124 -42.11 40.46 4.03
N GLU O 125 -42.27 40.73 5.32
CA GLU O 125 -41.95 39.63 6.22
C GLU O 125 -43.33 38.97 6.83
N GLY O 126 -44.41 39.60 6.33
CA GLY O 126 -45.79 39.21 6.57
C GLY O 126 -46.25 39.17 8.00
N ILE O 127 -45.81 38.12 8.67
CA ILE O 127 -46.12 37.88 10.06
C ILE O 127 -45.43 38.92 10.93
N HIS O 128 -44.37 39.52 10.40
CA HIS O 128 -43.78 40.69 11.02
C HIS O 128 -44.82 41.67 11.53
N ILE O 129 -45.79 42.01 10.68
CA ILE O 129 -46.96 42.74 11.15
C ILE O 129 -47.52 42.11 12.41
N LEU O 130 -48.00 40.87 12.28
CA LEU O 130 -48.47 40.09 13.41
C LEU O 130 -47.60 39.96 14.65
N LEU O 131 -46.33 39.61 14.46
CA LEU O 131 -45.48 39.29 15.61
C LEU O 131 -45.13 40.49 16.54
N TYR O 132 -45.53 41.67 16.05
CA TYR O 132 -45.42 42.92 16.78
C TYR O 132 -46.70 42.96 17.61
N SER O 133 -47.84 42.80 16.92
CA SER O 133 -49.14 42.74 17.58
C SER O 133 -49.17 43.84 18.63
N GLY O 134 -49.29 43.46 19.91
CA GLY O 134 -49.66 44.42 20.94
C GLY O 134 -48.86 45.71 21.00
N LEU O 135 -47.66 45.72 20.43
CA LEU O 135 -46.97 46.99 20.27
C LEU O 135 -47.74 47.90 19.30
N ILE O 136 -48.53 47.30 18.41
CA ILE O 136 -49.46 48.09 17.60
C ILE O 136 -50.60 48.60 18.48
N ILE O 137 -50.99 47.82 19.49
CA ILE O 137 -51.88 48.38 20.51
C ILE O 137 -51.23 49.61 21.12
N ASP O 138 -49.92 49.55 21.35
CA ASP O 138 -49.20 50.73 21.80
C ASP O 138 -49.20 51.84 20.76
N GLU O 139 -49.33 51.51 19.47
CA GLU O 139 -49.51 52.57 18.49
C GLU O 139 -50.72 53.42 18.81
N ILE O 140 -51.80 52.82 19.31
CA ILE O 140 -52.97 53.59 19.72
C ILE O 140 -52.62 54.54 20.84
N ILE O 141 -51.60 54.22 21.63
CA ILE O 141 -51.25 55.08 22.77
C ILE O 141 -50.78 56.44 22.28
N THR O 142 -50.41 56.55 21.00
CA THR O 142 -50.24 57.87 20.41
C THR O 142 -51.57 58.57 20.26
N GLN O 143 -52.57 57.86 19.76
CA GLN O 143 -53.94 58.37 19.62
C GLN O 143 -54.75 58.11 20.89
N MET O 144 -54.09 57.59 21.93
CA MET O 144 -54.66 57.52 23.27
C MET O 144 -55.24 58.84 23.72
N ARG O 145 -54.74 59.95 23.20
CA ARG O 145 -55.27 61.26 23.55
C ARG O 145 -56.71 61.39 23.04
N VAL O 146 -57.42 62.35 23.64
CA VAL O 146 -58.79 62.76 23.33
C VAL O 146 -59.81 61.79 23.90
N ASN O 147 -59.39 60.56 24.21
CA ASN O 147 -60.11 59.68 25.14
C ASN O 147 -59.08 58.99 26.02
N ASP O 148 -59.07 59.35 27.30
CA ASP O 148 -58.03 58.90 28.22
C ASP O 148 -58.64 57.98 29.28
N GLU O 149 -58.04 56.80 29.43
CA GLU O 149 -58.47 55.79 30.39
C GLU O 149 -59.97 55.49 30.21
N GLU O 150 -60.27 54.96 29.03
CA GLU O 150 -61.64 54.81 28.60
C GLU O 150 -61.91 53.37 28.19
N GLU O 151 -63.17 52.98 28.30
CA GLU O 151 -63.64 51.89 27.46
C GLU O 151 -63.51 52.24 25.99
N HIS O 152 -63.70 53.51 25.64
CA HIS O 152 -63.44 53.98 24.28
C HIS O 152 -62.03 53.63 23.83
N LYS O 153 -61.04 53.73 24.73
CA LYS O 153 -59.74 53.15 24.46
C LYS O 153 -59.85 51.70 24.06
N GLN O 154 -60.54 50.89 24.88
CA GLN O 154 -60.66 49.48 24.57
C GLN O 154 -61.63 49.25 23.42
N LEU O 155 -62.58 50.16 23.21
CA LEU O 155 -63.41 50.10 22.02
C LEU O 155 -62.57 50.19 20.76
N VAL O 156 -61.91 51.33 20.55
CA VAL O 156 -61.07 51.49 19.38
C VAL O 156 -59.98 50.43 19.34
N ALA O 157 -59.60 49.90 20.50
CA ALA O 157 -58.70 48.75 20.51
C ALA O 157 -59.34 47.55 19.81
N GLU O 158 -60.59 47.25 20.15
CA GLU O 158 -61.31 46.18 19.48
C GLU O 158 -61.42 46.45 17.98
N ILE O 159 -61.74 47.69 17.61
CA ILE O 159 -61.69 48.09 16.21
C ILE O 159 -60.38 47.62 15.59
N VAL O 160 -59.27 48.15 16.10
CA VAL O 160 -57.96 47.88 15.53
C VAL O 160 -57.69 46.38 15.46
N GLN O 161 -57.59 45.72 16.60
CA GLN O 161 -57.25 44.30 16.62
C GLN O 161 -58.13 43.49 15.69
N ASN O 162 -59.43 43.79 15.63
CA ASN O 162 -60.29 43.17 14.63
C ASN O 162 -59.79 43.41 13.22
N VAL O 163 -59.44 44.65 12.88
CA VAL O 163 -58.90 44.94 11.56
C VAL O 163 -57.65 44.12 11.31
N ILE O 164 -56.67 44.22 12.22
CA ILE O 164 -55.43 43.46 12.12
C ILE O 164 -55.72 42.00 11.87
N SER O 165 -56.61 41.41 12.67
CA SER O 165 -56.97 40.01 12.49
C SER O 165 -57.48 39.75 11.09
N LEU O 166 -58.36 40.63 10.59
CA LEU O 166 -58.95 40.39 9.28
C LEU O 166 -58.18 41.12 8.17
N GLY O 167 -57.15 41.86 8.55
CA GLY O 167 -56.41 42.61 7.55
C GLY O 167 -57.20 43.77 6.98
N SER O 168 -57.36 43.81 5.66
CA SER O 168 -58.05 44.89 4.97
C SER O 168 -59.53 44.89 5.33
N LEU O 169 -60.06 46.05 5.69
CA LEU O 169 -61.48 46.20 6.01
C LEU O 169 -62.01 47.50 5.41
N THR O 170 -63.30 47.48 5.06
CA THR O 170 -64.00 48.69 4.66
C THR O 170 -64.82 49.19 5.84
N VAL O 171 -64.90 50.52 5.95
CA VAL O 171 -65.81 51.11 6.92
C VAL O 171 -67.21 50.58 6.73
N GLU O 172 -67.65 50.45 5.48
CA GLU O 172 -69.00 50.01 5.19
C GLU O 172 -69.23 48.57 5.65
N ASP O 173 -68.31 47.67 5.32
CA ASP O 173 -68.44 46.29 5.80
C ASP O 173 -68.21 46.20 7.29
N TYR O 174 -67.31 47.03 7.84
CA TYR O 174 -67.11 46.99 9.28
C TYR O 174 -68.39 47.34 10.02
N LEU O 175 -68.86 48.58 9.88
CA LEU O 175 -70.10 48.98 10.55
C LEU O 175 -71.26 48.09 10.13
N SER O 176 -71.22 47.53 8.92
CA SER O 176 -72.19 46.52 8.54
C SER O 176 -72.16 45.33 9.50
N SER O 177 -70.97 44.78 9.72
CA SER O 177 -70.82 43.70 10.70
C SER O 177 -71.16 44.19 12.10
N VAL O 178 -70.79 45.43 12.41
CA VAL O 178 -71.13 46.00 13.70
C VAL O 178 -72.63 46.26 13.74
N THR O 179 -73.18 46.38 14.95
CA THR O 179 -74.56 46.80 15.10
C THR O 179 -74.80 48.11 14.37
N SER O 180 -75.96 48.19 13.71
CA SER O 180 -76.39 49.41 13.05
C SER O 180 -77.08 50.31 14.07
N ASP O 181 -77.79 51.32 13.58
CA ASP O 181 -78.74 52.16 14.31
C ASP O 181 -78.17 52.70 15.62
N SER O 182 -76.86 52.88 15.66
CA SER O 182 -76.18 53.55 16.75
C SER O 182 -75.53 54.80 16.16
N MET O 183 -74.72 55.48 16.96
CA MET O 183 -74.04 56.69 16.52
C MET O 183 -72.77 56.36 15.76
N LYS O 184 -72.65 56.87 14.54
CA LYS O 184 -71.48 56.63 13.71
C LYS O 184 -70.22 57.22 14.33
N TYR O 185 -70.36 58.39 14.94
CA TYR O 185 -69.24 59.06 15.58
C TYR O 185 -69.23 58.80 17.08
N THR O 186 -69.38 57.54 17.46
CA THR O 186 -69.39 57.16 18.87
C THR O 186 -68.78 55.78 19.08
N ILE O 187 -69.28 54.80 18.34
CA ILE O 187 -68.78 53.43 18.44
C ILE O 187 -67.28 53.47 18.71
N SER O 188 -66.54 54.08 17.79
CA SER O 188 -65.08 54.19 17.92
C SER O 188 -64.60 55.60 17.64
N SER O 189 -65.53 56.50 17.30
CA SER O 189 -65.22 57.89 17.00
C SER O 189 -64.08 58.00 15.99
N LEU O 190 -63.47 56.86 15.68
CA LEU O 190 -62.36 56.78 14.73
C LEU O 190 -62.77 57.06 13.28
N PHE O 191 -64.08 57.24 13.13
CA PHE O 191 -64.74 57.67 11.90
C PHE O 191 -63.92 58.75 11.21
N VAL O 192 -63.81 59.90 11.86
CA VAL O 192 -62.97 60.98 11.35
C VAL O 192 -61.48 60.74 11.51
N GLN O 193 -61.11 60.03 12.58
CA GLN O 193 -59.70 59.77 12.89
C GLN O 193 -59.12 58.56 12.13
N LEU O 194 -59.91 58.01 11.19
CA LEU O 194 -59.48 56.90 10.36
C LEU O 194 -58.22 57.35 9.64
N CYS O 195 -58.08 58.65 9.39
CA CYS O 195 -56.96 59.09 8.55
C CYS O 195 -55.70 59.25 9.38
N GLU O 196 -55.62 60.37 10.10
CA GLU O 196 -54.49 60.67 10.97
C GLU O 196 -53.16 60.46 10.26
N MET O 197 -52.34 59.57 10.79
CA MET O 197 -50.97 59.33 10.31
C MET O 197 -50.86 57.88 9.83
N GLY O 198 -51.07 56.94 10.74
CA GLY O 198 -50.94 55.53 10.42
C GLY O 198 -52.06 54.89 9.63
N TYR O 199 -52.97 54.25 10.35
CA TYR O 199 -54.15 53.56 9.79
C TYR O 199 -53.86 52.43 8.79
N LEU O 200 -54.25 52.64 7.54
CA LEU O 200 -54.11 51.66 6.50
C LEU O 200 -53.57 52.15 5.16
N ILE O 201 -54.22 51.69 4.10
CA ILE O 201 -53.89 52.02 2.71
C ILE O 201 -54.22 50.76 1.92
N GLN O 202 -55.05 50.91 0.89
CA GLN O 202 -55.57 49.76 0.16
C GLN O 202 -54.44 48.99 -0.50
N ILE O 203 -54.65 47.69 -0.67
CA ILE O 203 -53.76 46.90 -1.51
C ILE O 203 -54.00 47.35 -2.95
N SER O 204 -52.93 47.81 -3.58
CA SER O 204 -53.03 48.25 -4.96
C SER O 204 -51.90 47.61 -5.73
N LYS O 205 -52.23 46.66 -6.62
CA LYS O 205 -51.28 46.17 -7.60
C LYS O 205 -49.98 45.78 -6.90
N LEU O 206 -48.94 46.55 -7.17
CA LEU O 206 -47.59 46.40 -6.62
C LEU O 206 -47.58 46.28 -5.11
N HIS O 207 -48.63 46.76 -4.44
CA HIS O 207 -48.65 46.96 -2.99
C HIS O 207 -48.07 45.80 -2.22
N TYR O 208 -48.75 44.66 -2.21
CA TYR O 208 -48.24 43.45 -1.55
C TYR O 208 -47.51 42.57 -2.56
N THR O 209 -47.32 43.07 -3.77
CA THR O 209 -46.56 42.43 -4.82
C THR O 209 -45.07 42.69 -4.60
N PRO O 210 -44.21 41.71 -4.86
CA PRO O 210 -42.79 41.83 -4.51
C PRO O 210 -42.13 43.08 -5.05
N ILE O 211 -41.33 43.72 -4.18
CA ILE O 211 -40.64 44.96 -4.53
C ILE O 211 -39.73 44.75 -5.73
N GLU O 212 -38.70 43.92 -5.59
CA GLU O 212 -37.79 43.67 -6.70
C GLU O 212 -38.54 43.32 -7.97
N ASP O 213 -39.49 42.40 -7.87
CA ASP O 213 -40.35 42.05 -8.99
C ASP O 213 -41.02 43.28 -9.61
N LEU O 214 -41.58 44.17 -8.78
CA LEU O 214 -42.29 45.31 -9.34
C LEU O 214 -41.32 46.35 -9.91
N TRP O 215 -40.06 46.33 -9.47
CA TRP O 215 -39.06 47.15 -10.14
C TRP O 215 -38.64 46.52 -11.46
N GLN O 216 -38.85 45.22 -11.62
CA GLN O 216 -38.65 44.63 -12.94
C GLN O 216 -39.81 44.94 -13.86
N PHE O 217 -41.05 44.79 -13.38
CA PHE O 217 -42.21 45.11 -14.19
C PHE O 217 -42.23 46.58 -14.56
N LEU O 218 -42.14 47.46 -13.57
CA LEU O 218 -41.98 48.88 -13.83
C LEU O 218 -40.68 49.19 -14.56
N TYR O 219 -39.68 48.33 -14.42
CA TYR O 219 -38.42 48.51 -15.13
C TYR O 219 -38.62 48.40 -16.63
N GLU O 220 -39.75 47.86 -17.05
CA GLU O 220 -40.15 47.80 -18.44
C GLU O 220 -40.62 49.19 -18.88
N LYS O 221 -41.16 49.29 -20.10
CA LYS O 221 -41.73 50.52 -20.65
C LYS O 221 -40.67 51.58 -20.93
N HIS O 222 -39.42 51.29 -20.61
CA HIS O 222 -38.32 52.21 -20.87
C HIS O 222 -37.28 51.56 -21.78
N TYR O 223 -36.66 50.48 -21.32
CA TYR O 223 -35.92 49.64 -22.25
C TYR O 223 -36.87 48.86 -23.15
N LYS O 224 -38.11 48.69 -22.74
CA LYS O 224 -39.18 48.22 -23.59
C LYS O 224 -39.62 49.27 -24.60
N ASN O 225 -39.83 50.50 -24.16
CA ASN O 225 -40.22 51.57 -25.08
C ASN O 225 -38.97 52.40 -25.33
N ILE O 226 -38.35 52.17 -26.47
CA ILE O 226 -37.18 52.93 -26.92
C ILE O 226 -37.52 53.57 -28.25
N PRO O 227 -37.63 54.90 -28.32
CA PRO O 227 -38.01 55.53 -29.59
C PRO O 227 -36.89 55.52 -30.61
N ARG O 228 -36.25 54.37 -30.79
CA ARG O 228 -35.21 54.15 -31.79
C ARG O 228 -34.24 55.33 -31.85
N ASN O 229 -33.42 55.50 -30.81
CA ASN O 229 -32.50 56.62 -30.77
C ASN O 229 -31.28 56.33 -31.64
N SER O 230 -30.51 55.32 -31.27
CA SER O 230 -29.28 54.97 -31.98
C SER O 230 -29.18 53.45 -32.05
N PRO O 231 -28.61 52.90 -33.13
CA PRO O 231 -28.51 51.44 -33.23
C PRO O 231 -27.57 50.82 -32.21
N LEU O 232 -26.69 51.61 -31.60
CA LEU O 232 -25.75 51.12 -30.61
C LEU O 232 -25.74 52.04 -29.39
N SER O 233 -24.85 51.72 -28.44
CA SER O 233 -24.68 52.51 -27.23
C SER O 233 -25.95 52.59 -26.41
N ASP O 234 -26.36 51.48 -25.78
CA ASP O 234 -27.46 51.53 -24.84
C ASP O 234 -27.23 52.53 -23.71
N LEU O 235 -25.97 52.89 -23.45
CA LEU O 235 -25.64 53.81 -22.36
C LEU O 235 -26.49 55.07 -22.41
N LYS O 236 -26.47 55.77 -23.55
CA LYS O 236 -27.33 56.94 -23.71
C LYS O 236 -28.80 56.60 -23.49
N LYS O 237 -29.26 55.48 -24.03
CA LYS O 237 -30.60 54.97 -23.76
C LYS O 237 -30.74 54.47 -22.33
N ARG O 238 -29.65 54.04 -21.71
CA ARG O 238 -29.71 53.45 -20.38
C ARG O 238 -29.92 54.52 -19.32
N SER O 239 -28.95 55.43 -19.18
CA SER O 239 -29.00 56.47 -18.16
C SER O 239 -30.35 57.17 -18.14
N GLN O 240 -30.85 57.58 -19.30
CA GLN O 240 -32.16 58.21 -19.35
C GLN O 240 -33.25 57.28 -18.85
N ALA O 241 -33.32 56.07 -19.40
CA ALA O 241 -34.39 55.15 -19.04
C ALA O 241 -34.34 54.82 -17.55
N LYS O 242 -33.15 54.60 -17.01
CA LYS O 242 -33.01 54.50 -15.56
C LYS O 242 -33.66 55.69 -14.87
N MET O 243 -33.28 56.91 -15.28
CA MET O 243 -34.00 58.09 -14.83
C MET O 243 -35.50 57.92 -15.04
N ASN O 244 -35.90 57.57 -16.27
CA ASN O 244 -37.30 57.31 -16.55
C ASN O 244 -37.86 56.24 -15.62
N ALA O 245 -37.09 55.19 -15.36
CA ALA O 245 -37.48 54.23 -14.34
C ALA O 245 -37.49 54.84 -12.95
N LYS O 246 -36.47 55.60 -12.59
CA LYS O 246 -36.40 56.29 -11.30
C LYS O 246 -37.52 57.29 -11.12
N THR O 247 -37.70 58.21 -12.05
CA THR O 247 -38.67 59.27 -11.86
C THR O 247 -40.10 58.75 -11.86
N ASP O 248 -40.42 57.74 -12.68
CA ASP O 248 -41.73 57.14 -12.62
C ASP O 248 -41.98 56.40 -11.33
N PHE O 249 -41.02 55.56 -10.92
CA PHE O 249 -41.10 54.83 -9.66
C PHE O 249 -41.45 55.73 -8.49
N ALA O 250 -41.02 56.99 -8.52
CA ALA O 250 -41.37 57.94 -7.47
C ALA O 250 -42.87 57.98 -7.22
N LYS O 251 -43.64 58.46 -8.21
CA LYS O 251 -45.09 58.52 -8.04
C LYS O 251 -45.72 57.14 -8.04
N ILE O 252 -45.00 56.12 -8.50
CA ILE O 252 -45.50 54.76 -8.41
C ILE O 252 -45.64 54.35 -6.95
N ILE O 253 -44.60 54.55 -6.15
CA ILE O 253 -44.69 54.22 -4.73
C ILE O 253 -45.37 55.30 -3.92
N ASN O 254 -45.40 56.54 -4.42
CA ASN O 254 -46.10 57.62 -3.73
C ASN O 254 -47.60 57.56 -3.93
N LYS O 255 -48.06 56.94 -5.03
CA LYS O 255 -49.49 56.70 -5.20
C LYS O 255 -50.08 56.04 -3.96
N PRO O 256 -49.53 54.94 -3.43
CA PRO O 256 -50.04 54.41 -2.16
C PRO O 256 -49.72 55.28 -0.95
N ASN O 257 -48.66 56.09 -1.02
CA ASN O 257 -48.19 56.84 0.15
C ASN O 257 -49.35 57.58 0.80
N GLU O 258 -49.91 58.56 0.10
CA GLU O 258 -51.18 59.12 0.53
C GLU O 258 -51.98 59.45 -0.72
N LEU O 259 -53.26 59.11 -0.72
CA LEU O 259 -54.17 59.58 -1.75
C LEU O 259 -55.50 59.93 -1.10
N SER O 260 -55.93 61.17 -1.35
CA SER O 260 -57.06 61.74 -0.63
C SER O 260 -58.40 61.45 -1.30
N GLN O 261 -58.42 60.93 -2.52
CA GLN O 261 -59.69 60.48 -3.10
C GLN O 261 -60.36 59.42 -2.24
N ILE O 262 -59.58 58.74 -1.39
CA ILE O 262 -60.14 57.97 -0.29
C ILE O 262 -60.61 58.98 0.75
N LEU O 263 -59.65 59.76 1.27
CA LEU O 263 -59.88 60.69 2.37
C LEU O 263 -60.99 61.70 2.08
N THR O 264 -61.39 61.85 0.83
CA THR O 264 -62.26 62.93 0.39
C THR O 264 -63.66 62.92 1.02
N VAL O 265 -64.28 61.74 1.17
CA VAL O 265 -65.72 61.65 1.29
C VAL O 265 -66.25 62.53 2.41
N ASP O 266 -67.17 63.43 2.06
CA ASP O 266 -67.84 64.30 3.04
C ASP O 266 -69.33 64.18 2.76
N PRO O 267 -69.98 63.14 3.25
CA PRO O 267 -71.38 62.88 2.91
C PRO O 267 -72.29 63.90 3.57
N LYS O 268 -73.58 63.79 3.25
CA LYS O 268 -74.57 64.72 3.75
C LYS O 268 -74.96 64.37 5.17
N THR O 269 -75.38 65.40 5.92
CA THR O 269 -75.63 65.30 7.36
C THR O 269 -74.42 64.73 8.08
N SER O 270 -73.22 65.03 7.57
CA SER O 270 -72.01 64.42 8.12
C SER O 270 -70.83 65.35 7.84
N LEU O 271 -69.62 64.85 8.11
CA LEU O 271 -68.38 65.59 7.90
C LEU O 271 -67.43 64.69 7.14
N ARG O 272 -66.33 65.27 6.64
CA ARG O 272 -65.42 64.55 5.76
C ARG O 272 -64.93 63.26 6.41
N ILE O 273 -65.07 62.16 5.67
CA ILE O 273 -64.54 60.86 6.04
C ILE O 273 -63.67 60.39 4.88
N VAL O 274 -62.86 59.37 5.15
CA VAL O 274 -62.18 58.69 4.06
C VAL O 274 -63.22 57.88 3.31
N LYS O 275 -62.82 57.24 2.21
CA LYS O 275 -63.77 56.50 1.39
C LYS O 275 -64.27 55.29 2.17
N PRO O 276 -65.55 55.23 2.52
CA PRO O 276 -66.05 54.10 3.31
C PRO O 276 -66.06 52.79 2.54
N THR O 277 -65.95 52.85 1.21
CA THR O 277 -66.17 51.71 0.32
C THR O 277 -65.02 50.71 0.32
N VAL O 278 -63.78 51.16 0.42
CA VAL O 278 -62.65 50.31 0.06
C VAL O 278 -61.96 49.78 1.31
N SER O 279 -61.51 48.52 1.23
CA SER O 279 -60.64 47.98 2.27
C SER O 279 -59.23 48.51 2.10
N LEU O 280 -58.69 49.02 3.20
CA LEU O 280 -57.32 49.50 3.23
C LEU O 280 -56.60 48.73 4.33
N THR O 281 -55.30 48.96 4.50
CA THR O 281 -54.53 48.08 5.37
C THR O 281 -53.41 48.82 6.07
N ILE O 282 -53.19 48.46 7.34
CA ILE O 282 -52.21 49.11 8.19
C ILE O 282 -50.84 49.10 7.53
N ASN O 283 -50.18 50.25 7.53
CA ASN O 283 -48.77 50.37 7.17
C ASN O 283 -47.95 50.44 8.44
N LEU O 284 -46.77 49.83 8.42
CA LEU O 284 -45.88 49.81 9.57
C LEU O 284 -45.02 51.06 9.63
N ASP O 285 -45.21 51.97 8.68
CA ASP O 285 -44.42 53.21 8.67
C ASP O 285 -44.50 53.93 10.02
N ARG O 286 -45.67 54.43 10.39
CA ARG O 286 -45.81 55.10 11.68
C ARG O 286 -45.35 54.20 12.81
N PHE O 287 -45.51 52.89 12.63
CA PHE O 287 -44.93 51.96 13.57
C PHE O 287 -43.42 52.07 13.59
N MET O 288 -42.77 52.03 12.42
CA MET O 288 -41.32 52.18 12.34
C MET O 288 -40.82 53.34 13.21
N LYS O 289 -41.10 54.57 12.76
CA LYS O 289 -40.60 55.72 13.49
C LYS O 289 -41.11 55.72 14.92
N GLY O 290 -42.43 55.61 15.12
CA GLY O 290 -42.98 55.72 16.46
C GLY O 290 -42.24 54.87 17.47
N ARG O 291 -42.03 53.59 17.16
CA ARG O 291 -41.33 52.73 18.10
C ARG O 291 -39.87 53.12 18.23
N ARG O 292 -39.16 53.35 17.12
CA ARG O 292 -37.74 53.65 17.27
C ARG O 292 -37.54 54.93 18.05
N SER O 293 -38.39 55.92 17.78
CA SER O 293 -38.36 57.20 18.47
C SER O 293 -38.29 57.01 19.97
N LYS O 294 -39.05 56.06 20.50
CA LYS O 294 -38.95 55.77 21.93
C LYS O 294 -37.53 55.39 22.30
N GLN O 295 -36.90 54.50 21.53
CA GLN O 295 -35.52 54.13 21.81
C GLN O 295 -34.58 55.32 21.65
N LEU O 296 -34.99 56.33 20.88
CA LEU O 296 -34.17 57.51 20.73
C LEU O 296 -34.31 58.41 21.95
N ILE O 297 -35.54 58.58 22.41
CA ILE O 297 -35.81 59.22 23.69
C ILE O 297 -35.00 58.54 24.77
N ASN O 298 -34.79 57.22 24.65
CA ASN O 298 -33.90 56.53 25.57
C ASN O 298 -32.46 56.93 25.32
N LEU O 299 -32.08 57.03 24.04
CA LEU O 299 -30.71 57.36 23.69
C LEU O 299 -30.29 58.69 24.29
N ALA O 300 -30.90 59.80 23.84
CA ALA O 300 -30.62 61.07 24.48
C ALA O 300 -30.96 61.04 25.96
N LYS O 301 -32.02 60.32 26.33
CA LYS O 301 -32.43 60.21 27.73
C LYS O 301 -31.26 59.75 28.59
N THR O 302 -30.29 59.08 27.99
CA THR O 302 -28.98 58.92 28.59
C THR O 302 -28.20 60.22 28.49
N ARG O 303 -27.92 60.67 27.27
CA ARG O 303 -26.96 61.75 27.07
C ARG O 303 -27.48 63.09 27.58
N VAL O 304 -28.80 63.29 27.60
CA VAL O 304 -29.36 64.58 27.92
C VAL O 304 -30.07 64.52 29.26
N GLY O 305 -30.62 65.66 29.69
CA GLY O 305 -31.30 65.74 30.96
C GLY O 305 -32.80 65.60 30.84
N SER O 306 -33.43 65.31 31.99
CA SER O 306 -34.83 64.92 32.03
C SER O 306 -35.72 65.94 31.32
N VAL O 307 -35.65 67.20 31.73
CA VAL O 307 -36.49 68.21 31.09
C VAL O 307 -36.15 68.33 29.61
N THR O 308 -34.87 68.44 29.27
CA THR O 308 -34.48 68.47 27.87
C THR O 308 -34.92 67.20 27.16
N ALA O 309 -34.77 66.05 27.82
CA ALA O 309 -35.24 64.79 27.27
C ALA O 309 -36.70 64.88 26.86
N GLN O 310 -37.60 65.15 27.79
CA GLN O 310 -39.01 65.23 27.47
C GLN O 310 -39.28 66.29 26.41
N VAL O 311 -38.48 67.36 26.39
CA VAL O 311 -38.62 68.35 25.33
C VAL O 311 -38.42 67.70 23.97
N TYR O 312 -37.23 67.17 23.71
CA TYR O 312 -37.01 66.48 22.45
C TYR O 312 -38.08 65.42 22.21
N LYS O 313 -38.49 64.73 23.27
CA LYS O 313 -39.56 63.73 23.17
C LYS O 313 -40.80 64.32 22.52
N ILE O 314 -41.20 65.53 22.94
CA ILE O 314 -42.39 66.12 22.34
C ILE O 314 -42.08 66.75 20.99
N ALA O 315 -40.82 67.05 20.71
CA ALA O 315 -40.46 67.49 19.37
C ALA O 315 -40.73 66.41 18.35
N LEU O 316 -40.64 65.15 18.76
CA LEU O 316 -40.88 64.00 17.90
C LEU O 316 -42.28 63.93 17.33
N ARG O 317 -43.27 64.48 18.05
CA ARG O 317 -44.67 64.31 17.69
C ARG O 317 -44.99 64.70 16.26
N LEU O 318 -44.51 65.85 15.79
CA LEU O 318 -44.79 66.26 14.42
C LEU O 318 -43.87 65.60 13.41
N THR O 319 -42.59 65.47 13.71
CA THR O 319 -41.64 64.93 12.75
C THR O 319 -41.86 63.47 12.44
N GLU O 320 -42.44 62.71 13.38
CA GLU O 320 -42.75 61.31 13.14
C GLU O 320 -43.80 61.12 12.05
N GLN O 321 -44.38 62.21 11.57
CA GLN O 321 -45.40 62.15 10.53
C GLN O 321 -44.80 61.80 9.16
N LYS O 322 -44.05 62.73 8.57
CA LYS O 322 -43.55 62.51 7.22
C LYS O 322 -42.17 61.87 7.19
N SER O 323 -41.57 61.62 8.33
CA SER O 323 -40.22 61.06 8.36
C SER O 323 -40.18 59.73 7.61
N PRO O 324 -39.35 59.60 6.58
CA PRO O 324 -39.25 58.31 5.88
C PRO O 324 -38.77 57.21 6.80
N LYS O 325 -37.68 57.45 7.52
CA LYS O 325 -37.12 56.48 8.46
C LYS O 325 -36.87 55.16 7.73
N ILE O 326 -37.31 54.05 8.30
CA ILE O 326 -37.07 52.74 7.71
C ILE O 326 -37.91 52.50 6.46
N ARG O 327 -38.76 53.45 6.08
CA ARG O 327 -39.25 53.50 4.70
C ARG O 327 -38.09 53.75 3.73
N ASP O 328 -36.89 53.94 4.27
CA ASP O 328 -35.71 54.18 3.45
C ASP O 328 -35.42 53.14 2.37
N PRO O 329 -35.49 51.80 2.61
CA PRO O 329 -34.68 50.91 1.77
C PRO O 329 -35.05 51.04 0.31
N LEU O 330 -36.34 50.94 -0.02
CA LEU O 330 -36.81 51.47 -1.29
C LEU O 330 -35.95 50.92 -2.41
N THR O 331 -35.16 51.81 -3.02
CA THR O 331 -34.22 51.47 -4.08
C THR O 331 -33.12 50.52 -3.62
N GLN O 332 -33.02 50.26 -2.32
CA GLN O 332 -31.97 49.38 -1.79
C GLN O 332 -31.97 48.02 -2.48
N THR O 333 -33.11 47.62 -3.02
CA THR O 333 -33.31 46.26 -3.52
C THR O 333 -33.68 46.29 -4.98
N GLY O 334 -33.12 45.35 -5.75
CA GLY O 334 -33.61 45.04 -7.08
C GLY O 334 -33.04 45.87 -8.22
N LEU O 335 -32.47 47.02 -7.92
CA LEU O 335 -31.93 47.89 -8.95
C LEU O 335 -30.42 47.98 -8.82
N LEU O 336 -29.77 48.16 -9.98
CA LEU O 336 -28.33 48.16 -10.07
C LEU O 336 -27.72 49.23 -9.16
N GLN O 337 -26.78 48.80 -8.33
CA GLN O 337 -26.02 49.72 -7.51
C GLN O 337 -24.70 50.02 -8.24
N ASP O 338 -23.90 50.93 -7.69
CA ASP O 338 -22.68 51.36 -8.35
C ASP O 338 -21.69 51.84 -7.30
N LEU O 339 -20.41 51.66 -7.59
CA LEU O 339 -19.39 52.31 -6.77
C LEU O 339 -19.43 53.81 -6.97
N GLU O 340 -20.13 54.26 -8.02
CA GLU O 340 -20.47 55.65 -8.26
C GLU O 340 -21.91 55.98 -7.88
N GLU O 341 -22.86 55.51 -8.71
CA GLU O 341 -24.24 55.92 -8.59
C GLU O 341 -25.03 55.42 -7.37
N ALA O 342 -24.50 54.44 -6.63
CA ALA O 342 -25.22 54.02 -5.43
C ALA O 342 -24.75 54.98 -4.35
N LYS O 343 -23.45 55.26 -4.32
CA LYS O 343 -22.89 56.18 -3.34
C LYS O 343 -23.24 57.60 -3.75
N SER O 344 -23.43 57.80 -5.05
CA SER O 344 -23.81 59.10 -5.58
C SER O 344 -25.32 59.36 -5.48
N PHE O 345 -26.09 58.39 -5.97
CA PHE O 345 -27.55 58.47 -5.92
C PHE O 345 -28.17 58.30 -4.54
N GLN O 346 -27.37 57.89 -3.57
CA GLN O 346 -27.84 57.69 -2.21
C GLN O 346 -27.63 59.02 -1.49
N ASP O 347 -26.66 59.81 -1.95
CA ASP O 347 -26.40 61.12 -1.38
C ASP O 347 -27.73 61.87 -1.33
N GLU O 348 -28.50 61.67 -2.41
CA GLU O 348 -29.84 62.25 -2.50
C GLU O 348 -30.69 62.09 -1.26
N ALA O 349 -30.69 60.86 -0.71
CA ALA O 349 -31.45 60.57 0.49
C ALA O 349 -30.88 61.42 1.62
N GLU O 350 -29.56 61.49 1.68
CA GLU O 350 -28.88 62.30 2.69
C GLU O 350 -29.21 63.77 2.58
N LEU O 351 -29.39 64.30 1.38
CA LEU O 351 -29.81 65.68 1.25
C LEU O 351 -31.33 65.89 1.31
N VAL O 352 -32.16 64.88 1.05
CA VAL O 352 -33.55 65.16 0.73
C VAL O 352 -34.28 65.74 1.93
N GLU O 353 -34.29 65.02 3.06
CA GLU O 353 -35.09 65.43 4.20
C GLU O 353 -34.55 66.68 4.86
N GLU O 354 -33.27 66.99 4.68
CA GLU O 354 -32.68 68.17 5.26
C GLU O 354 -33.21 69.46 4.66
N LYS O 355 -33.81 69.40 3.47
CA LYS O 355 -34.29 70.62 2.83
C LYS O 355 -35.79 70.59 2.55
N THR O 356 -36.21 69.84 1.53
CA THR O 356 -37.59 69.98 1.06
C THR O 356 -38.61 69.47 2.09
N PRO O 357 -38.48 68.27 2.65
CA PRO O 357 -39.32 67.92 3.80
C PRO O 357 -38.97 68.73 5.04
N GLY O 358 -37.80 69.37 5.07
CA GLY O 358 -37.52 70.33 6.12
C GLY O 358 -38.59 71.38 6.26
N LEU O 359 -39.28 71.70 5.16
CA LEU O 359 -40.51 72.48 5.24
C LEU O 359 -41.48 71.90 6.26
N THR O 360 -41.73 70.60 6.19
CA THR O 360 -42.59 69.93 7.16
C THR O 360 -41.94 69.90 8.54
N PHE O 361 -40.63 70.13 8.60
CA PHE O 361 -39.86 69.86 9.81
C PHE O 361 -39.69 71.09 10.67
N ASN O 362 -39.02 70.95 11.82
CA ASN O 362 -39.03 71.99 12.83
C ASN O 362 -38.24 73.22 12.38
N ALA O 363 -38.91 74.36 12.40
CA ALA O 363 -38.26 75.64 12.22
C ALA O 363 -38.55 76.48 13.45
N ILE O 364 -39.79 76.95 13.57
CA ILE O 364 -40.27 77.61 14.79
C ILE O 364 -41.57 76.92 15.16
N ASP O 365 -41.57 76.21 16.29
CA ASP O 365 -42.78 75.62 16.83
C ASP O 365 -43.11 76.28 18.17
N LEU O 366 -44.40 76.31 18.48
CA LEU O 366 -44.84 77.03 19.67
C LEU O 366 -45.64 76.14 20.61
N ALA O 367 -45.08 75.87 21.79
CA ALA O 367 -45.81 75.31 22.91
C ALA O 367 -46.70 74.14 22.52
N ARG O 368 -46.10 72.98 22.24
CA ARG O 368 -46.89 71.79 21.95
C ARG O 368 -47.91 71.56 23.06
N HIS O 369 -47.46 71.19 24.25
CA HIS O 369 -48.39 71.11 25.39
C HIS O 369 -47.86 71.83 26.62
N LEU O 370 -46.71 71.36 27.15
CA LEU O 370 -46.15 71.67 28.47
C LEU O 370 -47.03 71.02 29.54
N PRO O 371 -46.45 70.67 30.71
CA PRO O 371 -47.22 70.01 31.77
C PRO O 371 -48.37 70.86 32.30
N SER O 449 -39.41 75.57 32.39
CA SER O 449 -40.48 74.93 31.64
C SER O 449 -41.67 75.87 31.47
N ALA O 450 -42.31 76.19 32.59
CA ALA O 450 -43.45 77.09 32.60
C ALA O 450 -42.95 78.54 32.58
N SER O 451 -43.86 79.49 32.81
CA SER O 451 -43.57 80.93 32.77
C SER O 451 -43.11 81.25 31.35
N LEU O 452 -41.93 81.83 31.15
CA LEU O 452 -41.49 82.23 29.82
C LEU O 452 -40.96 81.00 29.08
N ILE O 453 -41.62 80.65 27.98
CA ILE O 453 -41.26 79.46 27.22
C ILE O 453 -40.25 79.72 26.10
N ASN O 454 -40.06 80.98 25.69
CA ASN O 454 -39.48 81.23 24.38
C ASN O 454 -37.96 81.00 24.37
N SER O 455 -37.24 81.58 25.33
CA SER O 455 -35.82 81.28 25.41
C SER O 455 -35.60 79.87 25.92
N HIS O 456 -36.56 79.34 26.69
CA HIS O 456 -36.52 77.95 27.07
C HIS O 456 -36.66 77.05 25.85
N LEU O 457 -37.14 77.61 24.73
CA LEU O 457 -37.23 76.86 23.49
C LEU O 457 -35.87 76.75 22.81
N LYS O 458 -34.94 77.62 23.18
CA LYS O 458 -33.57 77.54 22.71
C LYS O 458 -32.88 76.29 23.21
N ILE O 459 -33.57 75.54 24.07
CA ILE O 459 -33.11 74.25 24.58
C ILE O 459 -32.70 73.31 23.46
N LEU O 460 -33.13 73.56 22.23
CA LEU O 460 -32.58 72.81 21.11
C LEU O 460 -31.06 72.95 21.06
N ALA O 461 -30.55 74.15 21.29
CA ALA O 461 -29.11 74.32 21.40
C ALA O 461 -28.26 73.46 22.32
N SER O 462 -28.83 73.11 23.48
CA SER O 462 -28.19 72.25 24.45
C SER O 462 -28.01 70.87 23.85
N SER O 463 -29.03 70.40 23.14
CA SER O 463 -28.96 69.13 22.43
C SER O 463 -27.83 69.43 21.48
N ASN O 464 -26.73 68.68 21.55
CA ASN O 464 -25.60 69.06 20.74
C ASN O 464 -25.04 67.84 20.00
N PHE O 465 -24.56 66.85 20.75
CA PHE O 465 -23.65 65.84 20.22
C PHE O 465 -23.94 64.46 20.83
N PRO O 466 -23.66 63.39 20.09
CA PRO O 466 -23.24 63.38 18.69
C PRO O 466 -24.41 63.18 17.73
N PHE O 467 -25.36 64.11 17.74
CA PHE O 467 -26.60 63.95 16.99
C PHE O 467 -27.43 65.20 17.15
N LEU O 468 -28.49 65.29 16.35
CA LEU O 468 -29.36 66.46 16.31
C LEU O 468 -28.57 67.72 16.02
N ASN O 469 -28.99 68.83 16.63
CA ASN O 469 -28.23 70.08 16.69
C ASN O 469 -27.62 70.49 15.35
N GLU O 470 -28.40 70.37 14.27
CA GLU O 470 -28.01 70.90 12.96
C GLU O 470 -29.25 71.53 12.33
N THR O 471 -29.14 72.80 11.98
CA THR O 471 -30.29 73.59 11.60
C THR O 471 -30.01 74.38 10.33
N LYS O 472 -31.03 75.09 9.87
CA LYS O 472 -30.80 76.17 8.95
C LYS O 472 -30.22 77.36 9.72
N PRO O 473 -29.25 78.08 9.15
CA PRO O 473 -28.41 78.97 9.96
C PRO O 473 -29.13 80.18 10.53
N GLY O 474 -29.64 80.03 11.75
CA GLY O 474 -30.38 81.09 12.41
C GLY O 474 -31.85 80.83 12.62
N VAL O 475 -32.28 79.61 12.36
CA VAL O 475 -33.55 79.09 12.87
C VAL O 475 -33.21 77.80 13.60
N TYR O 476 -34.12 77.31 14.43
CA TYR O 476 -33.83 76.08 15.15
C TYR O 476 -34.43 74.89 14.43
N TYR O 477 -33.57 73.94 14.08
CA TYR O 477 -33.95 72.78 13.27
C TYR O 477 -33.06 71.62 13.67
N VAL O 478 -33.60 70.41 13.57
CA VAL O 478 -32.83 69.20 13.85
C VAL O 478 -32.52 68.49 12.54
N PRO O 479 -31.28 68.11 12.27
CA PRO O 479 -31.00 67.31 11.08
C PRO O 479 -31.84 66.04 11.16
N TYR O 480 -32.26 65.57 10.00
CA TYR O 480 -33.11 64.40 9.92
C TYR O 480 -32.54 63.43 8.89
N SER O 481 -32.44 63.92 7.65
CA SER O 481 -31.98 63.10 6.54
C SER O 481 -30.69 62.36 6.88
N LYS O 482 -29.66 63.06 7.39
CA LYS O 482 -28.47 62.41 7.91
C LYS O 482 -28.55 62.06 9.39
N LEU O 483 -29.54 62.60 10.11
CA LEU O 483 -29.71 62.23 11.51
C LEU O 483 -29.85 60.73 11.66
N MET O 484 -30.88 60.16 11.05
CA MET O 484 -31.06 58.70 11.13
C MET O 484 -29.77 57.97 10.81
N PRO O 485 -29.09 58.22 9.68
CA PRO O 485 -27.85 57.47 9.41
C PRO O 485 -26.80 57.61 10.48
N VAL O 486 -26.47 58.84 10.90
CA VAL O 486 -25.51 59.00 11.99
C VAL O 486 -26.04 58.41 13.28
N LEU O 487 -27.35 58.48 13.49
CA LEU O 487 -28.02 57.74 14.55
C LEU O 487 -27.85 56.24 14.41
N LYS O 488 -28.16 55.69 13.24
CA LYS O 488 -28.03 54.25 13.03
C LYS O 488 -26.68 53.72 13.47
N SER O 489 -25.60 54.38 13.05
CA SER O 489 -24.26 54.00 13.45
C SER O 489 -24.07 53.98 14.96
N SER O 490 -24.80 54.81 15.69
CA SER O 490 -24.59 54.98 17.12
C SER O 490 -25.24 53.86 17.92
N VAL O 491 -26.31 53.29 17.39
CA VAL O 491 -27.29 52.57 18.20
C VAL O 491 -26.66 51.42 18.98
N TYR O 492 -25.58 50.83 18.45
CA TYR O 492 -25.13 49.57 19.01
C TYR O 492 -24.45 49.77 20.35
N GLU O 493 -23.19 50.18 20.34
CA GLU O 493 -22.48 50.56 21.56
C GLU O 493 -22.63 49.53 22.67
N TYR O 494 -23.31 49.91 23.75
CA TYR O 494 -23.33 49.21 25.02
C TYR O 494 -23.77 47.76 24.91
N VAL O 495 -24.18 47.32 23.73
CA VAL O 495 -24.87 46.04 23.59
C VAL O 495 -24.19 44.94 24.39
N ILE O 496 -22.88 44.98 24.53
CA ILE O 496 -22.17 43.88 25.16
C ILE O 496 -21.94 44.17 26.64
N ALA O 497 -22.33 45.37 27.09
CA ALA O 497 -21.77 45.94 28.32
C ALA O 497 -21.79 45.00 29.51
N SER O 498 -22.95 44.82 30.15
CA SER O 498 -23.03 43.75 31.11
C SER O 498 -23.48 42.47 30.45
N THR O 499 -23.82 42.54 29.17
CA THR O 499 -23.93 41.32 28.38
C THR O 499 -22.67 40.49 28.52
N LEU O 500 -21.57 40.94 27.93
CA LEU O 500 -20.29 40.35 28.26
C LEU O 500 -19.28 41.45 28.57
N GLY O 501 -18.99 41.62 29.86
CA GLY O 501 -17.83 42.33 30.36
C GLY O 501 -17.95 43.84 30.30
N PRO O 502 -17.55 44.53 31.37
CA PRO O 502 -17.45 45.99 31.31
C PRO O 502 -16.28 46.48 30.49
N SER O 503 -15.11 45.88 30.68
CA SER O 503 -13.91 46.26 29.95
C SER O 503 -13.96 45.86 28.50
N ALA O 504 -14.67 44.77 28.20
CA ALA O 504 -14.94 44.39 26.83
C ALA O 504 -15.45 45.56 26.00
N MET O 505 -16.34 46.37 26.56
CA MET O 505 -16.77 47.58 25.87
C MET O 505 -15.59 48.46 25.52
N ARG O 506 -14.98 49.07 26.53
CA ARG O 506 -13.98 50.12 26.32
C ARG O 506 -12.92 49.71 25.30
N LEU O 507 -12.47 48.46 25.33
CA LEU O 507 -11.51 48.02 24.34
C LEU O 507 -12.16 47.92 22.97
N SER O 508 -13.27 47.19 22.86
CA SER O 508 -13.96 47.11 21.59
C SER O 508 -14.42 48.49 21.13
N ARG O 509 -14.95 49.29 22.06
CA ARG O 509 -15.19 50.69 21.79
C ARG O 509 -13.92 51.35 21.24
N CYS O 510 -12.79 51.16 21.92
CA CYS O 510 -11.51 51.60 21.37
C CYS O 510 -11.25 50.95 20.03
N ILE O 511 -11.52 49.65 19.91
CA ILE O 511 -11.34 48.97 18.63
C ILE O 511 -12.14 49.67 17.54
N ARG O 512 -13.20 50.36 17.90
CA ARG O 512 -13.93 51.12 16.89
C ARG O 512 -13.09 52.26 16.32
N ASP O 513 -12.47 53.07 17.19
CA ASP O 513 -11.71 54.21 16.71
C ASP O 513 -10.42 53.76 16.02
N ASN O 514 -9.63 52.97 16.71
CA ASN O 514 -8.39 52.46 16.14
C ASN O 514 -8.72 51.37 15.13
N LYS O 515 -7.69 50.81 14.49
CA LYS O 515 -7.89 49.75 13.51
C LYS O 515 -6.59 49.06 13.12
N LEU O 516 -6.66 47.74 12.96
CA LEU O 516 -5.52 46.88 12.58
C LEU O 516 -4.19 47.25 13.25
N VAL O 517 -4.08 46.96 14.54
CA VAL O 517 -2.86 47.26 15.29
C VAL O 517 -2.16 46.02 15.83
N SER O 518 -2.45 45.69 17.08
CA SER O 518 -1.83 44.55 17.76
C SER O 518 -2.05 44.63 19.26
N GLU O 519 -1.60 43.59 19.96
CA GLU O 519 -1.97 43.43 21.37
C GLU O 519 -1.15 44.29 22.31
N LYS O 520 0.17 44.38 22.14
CA LYS O 520 0.95 45.25 23.02
C LYS O 520 0.44 46.65 22.77
N ILE O 521 0.20 46.99 21.50
CA ILE O 521 -0.31 48.32 21.20
C ILE O 521 -1.72 48.58 21.77
N ILE O 522 -2.51 47.50 21.85
CA ILE O 522 -3.64 47.50 22.78
C ILE O 522 -3.31 47.47 24.26
N ASN O 523 -2.40 46.60 24.68
CA ASN O 523 -1.98 46.60 26.07
C ASN O 523 -1.46 47.97 26.47
N SER O 524 -0.65 48.58 25.62
CA SER O 524 -0.23 49.95 25.83
C SER O 524 -1.22 51.10 25.75
N THR O 525 -2.29 50.96 24.97
CA THR O 525 -3.28 52.04 24.90
C THR O 525 -4.19 52.28 26.12
N ALA O 526 -4.67 51.21 26.73
CA ALA O 526 -5.44 51.44 27.94
C ALA O 526 -4.96 50.80 29.23
N LEU O 527 -5.46 49.61 29.56
CA LEU O 527 -5.39 49.22 30.96
C LEU O 527 -4.93 47.81 31.27
N MET O 528 -5.78 46.82 30.99
CA MET O 528 -5.70 45.55 31.70
C MET O 528 -4.49 44.74 31.27
N LYS O 529 -4.13 43.79 32.12
CA LYS O 529 -2.96 42.94 31.91
C LYS O 529 -3.26 41.95 30.79
N GLU O 530 -2.27 41.14 30.42
CA GLU O 530 -2.47 40.17 29.35
C GLU O 530 -3.46 39.10 29.76
N LYS O 531 -3.38 38.63 31.01
CA LYS O 531 -4.32 37.62 31.50
C LYS O 531 -5.76 38.00 31.21
N ASP O 532 -6.10 39.28 31.36
CA ASP O 532 -7.41 39.78 31.00
C ASP O 532 -7.58 40.09 29.53
N ILE O 533 -6.79 41.03 29.01
CA ILE O 533 -6.97 41.49 27.63
C ILE O 533 -7.06 40.32 26.68
N ARG O 534 -6.23 39.29 26.88
CA ARG O 534 -6.46 38.09 26.10
C ARG O 534 -7.83 37.50 26.41
N SER O 535 -8.15 37.29 27.68
CA SER O 535 -9.43 36.73 28.09
C SER O 535 -10.60 37.40 27.38
N THR O 536 -10.94 38.62 27.76
CA THR O 536 -12.00 39.38 27.13
C THR O 536 -11.97 39.44 25.61
N LEU O 537 -10.79 39.60 25.00
CA LEU O 537 -10.72 39.60 23.56
C LEU O 537 -10.94 38.20 22.99
N ALA O 538 -10.33 37.19 23.62
CA ALA O 538 -10.73 35.83 23.31
C ALA O 538 -12.19 35.59 23.64
N SER O 539 -12.67 36.15 24.74
CA SER O 539 -14.09 36.14 25.00
C SER O 539 -14.87 36.89 23.93
N LEU O 540 -14.34 37.99 23.42
CA LEU O 540 -14.97 38.69 22.30
C LEU O 540 -15.12 37.80 21.07
N ILE O 541 -14.00 37.38 20.51
CA ILE O 541 -13.99 36.54 19.32
C ILE O 541 -15.01 35.42 19.42
N ARG O 542 -15.16 34.87 20.62
CA ARG O 542 -16.11 33.79 20.86
C ARG O 542 -17.50 34.22 20.42
N TYR O 543 -17.56 35.26 19.61
CA TYR O 543 -18.84 35.77 19.12
C TYR O 543 -18.68 36.85 18.06
N ASN O 544 -17.79 36.61 17.10
CA ASN O 544 -17.52 37.56 16.01
C ASN O 544 -16.84 38.82 16.54
N SER O 545 -17.25 40.02 16.10
CA SER O 545 -16.73 41.30 16.55
C SER O 545 -15.22 41.40 16.44
N VAL O 546 -14.62 40.68 15.49
CA VAL O 546 -13.16 40.69 15.39
C VAL O 546 -12.67 40.93 13.97
N GLU O 547 -12.95 40.01 13.05
CA GLU O 547 -12.38 40.03 11.71
C GLU O 547 -10.86 40.14 11.78
N ILE O 548 -10.24 39.08 12.30
CA ILE O 548 -8.85 39.17 12.71
C ILE O 548 -7.93 39.11 11.50
N GLN O 549 -7.16 40.18 11.30
CA GLN O 549 -6.11 40.24 10.30
C GLN O 549 -4.86 39.55 10.80
N GLU O 550 -4.03 39.12 9.84
CA GLU O 550 -2.72 38.59 10.15
C GLU O 550 -1.85 38.80 8.92
N VAL O 551 -0.55 38.89 9.14
CA VAL O 551 0.41 39.07 8.05
C VAL O 551 1.62 38.18 8.30
N PRO O 552 2.20 37.58 7.27
CA PRO O 552 3.36 36.71 7.47
C PRO O 552 4.57 37.48 7.95
N ARG O 553 5.15 36.97 9.03
CA ARG O 553 6.39 37.49 9.59
C ARG O 553 7.36 36.34 9.70
N THR O 554 8.60 36.57 9.23
CA THR O 554 9.68 35.58 9.23
C THR O 554 9.19 34.20 8.79
N ALA O 555 8.32 34.16 7.79
CA ALA O 555 7.81 32.94 7.19
C ALA O 555 7.14 33.30 5.87
N ASP O 556 6.68 32.27 5.16
CA ASP O 556 5.99 32.50 3.90
C ASP O 556 4.50 32.67 4.15
N ARG O 557 3.82 31.55 4.44
CA ARG O 557 2.50 31.57 5.07
C ARG O 557 2.51 30.50 6.16
N SER O 558 2.38 30.95 7.41
CA SER O 558 2.44 30.06 8.56
C SER O 558 1.85 30.78 9.77
N ALA O 559 1.96 30.17 10.95
CA ALA O 559 1.30 30.72 12.12
C ALA O 559 2.26 31.37 13.09
N SER O 560 3.01 30.57 13.84
CA SER O 560 3.84 31.03 14.95
C SER O 560 4.72 32.21 14.57
N ARG O 561 5.35 32.16 13.41
CA ARG O 561 6.30 33.16 12.97
C ARG O 561 5.61 34.49 12.65
N ALA O 562 4.34 34.43 12.26
CA ALA O 562 3.63 35.60 11.74
C ALA O 562 3.20 36.49 12.91
N VAL O 563 2.54 37.59 12.58
CA VAL O 563 2.03 38.53 13.56
C VAL O 563 0.60 38.91 13.20
N PHE O 564 -0.11 39.48 14.17
CA PHE O 564 -1.58 39.54 14.15
C PHE O 564 -2.07 40.97 14.30
N LEU O 565 -3.28 41.22 13.77
CA LEU O 565 -3.90 42.54 13.74
C LEU O 565 -5.40 42.39 13.99
N PHE O 566 -6.02 43.44 14.54
CA PHE O 566 -7.40 43.42 15.00
C PHE O 566 -8.17 44.62 14.46
N ARG O 567 -9.41 44.39 14.01
CA ARG O 567 -10.27 45.43 13.46
C ARG O 567 -11.72 45.18 13.88
N CYS O 568 -12.63 45.93 13.26
CA CYS O 568 -14.05 45.87 13.60
C CYS O 568 -14.93 45.36 12.47
N LYS O 569 -15.00 46.10 11.36
CA LYS O 569 -15.90 45.80 10.26
C LYS O 569 -17.36 45.80 10.73
N GLU O 570 -17.89 46.99 11.00
CA GLU O 570 -19.23 47.13 11.56
C GLU O 570 -20.30 46.40 10.74
N THR O 571 -20.00 46.08 9.48
CA THR O 571 -20.88 45.25 8.69
C THR O 571 -21.32 44.03 9.48
N HIS O 572 -20.38 43.10 9.73
CA HIS O 572 -20.67 41.97 10.58
C HIS O 572 -21.27 42.39 11.90
N SER O 573 -20.79 43.48 12.48
CA SER O 573 -21.24 43.92 13.79
C SER O 573 -22.72 44.18 13.68
N TYR O 574 -23.10 45.18 12.89
CA TYR O 574 -24.51 45.49 12.69
C TYR O 574 -25.14 44.41 11.84
N ASN O 575 -24.65 43.17 12.01
CA ASN O 575 -25.17 42.05 11.24
C ASN O 575 -25.19 40.70 11.97
N PHE O 576 -24.23 40.46 12.85
CA PHE O 576 -24.21 39.18 13.54
C PHE O 576 -25.32 39.04 14.58
N MET O 577 -26.03 40.12 14.89
CA MET O 577 -26.99 40.00 15.96
C MET O 577 -28.34 39.45 15.52
N ARG O 578 -28.48 39.10 14.24
CA ARG O 578 -29.78 38.63 13.78
C ARG O 578 -30.13 37.27 14.36
N GLN O 579 -29.16 36.39 14.55
CA GLN O 579 -29.42 35.16 15.29
C GLN O 579 -29.86 35.44 16.72
N ASN O 580 -29.64 36.66 17.20
CA ASN O 580 -30.36 37.15 18.37
C ASN O 580 -31.85 36.89 18.25
N LEU O 581 -32.44 37.18 17.08
CA LEU O 581 -33.83 36.79 16.86
C LEU O 581 -33.98 35.28 16.96
N GLU O 582 -33.12 34.52 16.32
CA GLU O 582 -33.10 33.08 16.47
C GLU O 582 -32.81 32.68 17.89
N TRP O 583 -32.40 33.65 18.72
CA TRP O 583 -31.76 33.39 19.97
C TRP O 583 -32.65 32.68 20.98
N ASN O 584 -33.37 33.46 21.78
CA ASN O 584 -34.63 33.04 22.36
C ASN O 584 -35.95 33.18 21.58
N MET O 585 -36.00 34.23 20.74
CA MET O 585 -37.29 34.66 20.24
C MET O 585 -38.25 33.65 19.63
N ALA O 586 -37.78 32.93 18.61
CA ALA O 586 -38.49 31.73 18.21
C ALA O 586 -38.42 30.67 19.30
N ASN O 587 -37.22 30.38 19.82
CA ASN O 587 -37.07 29.35 20.85
C ASN O 587 -38.03 29.47 22.03
N LEU O 588 -38.05 30.65 22.66
CA LEU O 588 -39.12 30.97 23.61
C LEU O 588 -40.52 30.78 23.06
N LEU O 589 -40.79 31.36 21.89
CA LEU O 589 -42.13 31.25 21.31
C LEU O 589 -42.53 29.79 21.39
N PHE O 590 -41.63 28.87 21.02
CA PHE O 590 -41.82 27.47 21.38
C PHE O 590 -42.11 27.32 22.85
N LYS O 591 -41.18 27.72 23.71
CA LYS O 591 -41.31 27.49 25.15
C LYS O 591 -42.68 27.89 25.66
N LYS O 592 -43.28 28.94 25.09
CA LYS O 592 -44.70 29.15 25.25
C LYS O 592 -45.50 27.97 24.72
N GLU O 593 -45.51 27.78 23.40
CA GLU O 593 -46.29 26.71 22.81
C GLU O 593 -45.77 25.33 23.16
N LYS O 594 -44.58 25.22 23.75
CA LYS O 594 -44.19 23.96 24.35
C LYS O 594 -44.96 23.69 25.63
N LEU O 595 -45.38 24.73 26.34
CA LEU O 595 -46.12 24.55 27.58
C LEU O 595 -47.59 24.22 27.35
N LYS O 596 -48.17 24.71 26.25
CA LYS O 596 -49.60 24.54 26.00
C LYS O 596 -50.03 23.09 26.17
N GLN O 597 -49.33 22.17 25.51
CA GLN O 597 -49.70 20.76 25.54
C GLN O 597 -49.78 20.21 26.96
N GLU O 598 -48.97 20.74 27.89
CA GLU O 598 -49.09 20.33 29.27
C GLU O 598 -50.48 20.61 29.82
N ASN O 599 -50.96 21.84 29.67
CA ASN O 599 -52.26 22.26 30.19
C ASN O 599 -53.32 22.14 29.11
N SER O 600 -52.97 21.58 27.95
CA SER O 600 -53.93 21.47 26.86
C SER O 600 -55.19 20.75 27.29
N THR O 601 -55.06 19.70 28.11
CA THR O 601 -56.21 19.02 28.69
C THR O 601 -57.14 19.97 29.43
N LEU O 602 -56.60 20.92 30.16
CA LEU O 602 -57.32 22.01 30.80
C LEU O 602 -57.63 23.18 29.88
N LEU O 603 -56.68 23.59 29.04
CA LEU O 603 -56.79 24.87 28.33
C LEU O 603 -58.12 25.01 27.61
N LYS O 604 -58.34 24.21 26.57
CA LYS O 604 -59.60 24.29 25.82
C LYS O 604 -60.78 23.90 26.68
N LYS O 605 -60.56 23.13 27.75
CA LYS O 605 -61.62 22.94 28.73
C LYS O 605 -61.88 24.21 29.51
N ALA O 606 -60.82 24.81 30.08
CA ALA O 606 -60.97 26.01 30.89
C ALA O 606 -61.48 27.20 30.08
N ASN O 607 -61.01 27.35 28.84
CA ASN O 607 -61.45 28.48 28.02
C ASN O 607 -62.93 28.37 27.67
N ARG O 608 -63.35 27.23 27.12
CA ARG O 608 -64.74 27.02 26.74
C ARG O 608 -65.66 26.87 27.95
N ASP O 609 -65.10 26.67 29.14
CA ASP O 609 -65.91 26.61 30.36
C ASP O 609 -66.47 27.97 30.76
N ASP O 610 -65.63 28.98 30.85
CA ASP O 610 -66.08 30.31 31.27
C ASP O 610 -66.63 31.10 30.09
N LEU O 619 -62.46 25.50 39.64
CA LEU O 619 -62.66 24.06 39.71
C LEU O 619 -61.35 23.34 39.96
N LEU O 620 -61.36 22.43 40.94
CA LEU O 620 -60.25 21.58 41.38
C LEU O 620 -59.19 22.42 42.08
N PRO O 621 -58.49 21.88 43.09
CA PRO O 621 -57.41 22.65 43.72
C PRO O 621 -56.19 22.83 42.84
N SER O 622 -55.73 21.76 42.17
CA SER O 622 -54.51 21.83 41.39
C SER O 622 -54.68 22.69 40.15
N GLU O 623 -55.88 22.69 39.56
CA GLU O 623 -56.18 23.58 38.45
C GLU O 623 -55.99 25.04 38.88
N LEU O 624 -56.64 25.43 39.97
CA LEU O 624 -56.39 26.73 40.58
C LEU O 624 -54.91 26.98 40.84
N ASN O 625 -54.17 25.96 41.25
CA ASN O 625 -52.73 26.13 41.46
C ASN O 625 -52.02 26.46 40.16
N GLN O 626 -52.19 25.63 39.14
CA GLN O 626 -51.46 25.77 37.89
C GLN O 626 -51.92 26.95 37.05
N LEU O 627 -53.08 27.54 37.36
CA LEU O 627 -53.48 28.77 36.67
C LEU O 627 -52.46 29.87 36.90
N LYS O 628 -52.04 30.07 38.15
CA LYS O 628 -51.02 31.06 38.43
C LYS O 628 -49.68 30.71 37.78
N MET O 629 -49.32 29.43 37.77
CA MET O 629 -48.10 29.00 37.11
C MET O 629 -48.10 29.34 35.63
N VAL O 630 -49.18 29.03 34.92
CA VAL O 630 -49.21 29.27 33.49
C VAL O 630 -49.42 30.74 33.16
N ASN O 631 -50.16 31.48 33.98
CA ASN O 631 -50.44 32.88 33.66
C ASN O 631 -49.27 33.77 34.02
N GLU O 632 -48.71 33.62 35.22
CA GLU O 632 -47.44 34.26 35.51
C GLU O 632 -46.39 33.82 34.51
N ARG O 633 -46.40 32.54 34.16
CA ARG O 633 -45.58 32.04 33.07
C ARG O 633 -45.79 32.86 31.79
N GLU O 634 -47.03 33.28 31.53
CA GLU O 634 -47.28 34.13 30.37
C GLU O 634 -46.63 35.49 30.56
N LEU O 635 -46.82 36.09 31.74
CA LEU O 635 -46.15 37.33 32.09
C LEU O 635 -44.68 37.25 31.76
N ASN O 636 -44.04 36.12 32.05
CA ASN O 636 -42.68 35.89 31.61
C ASN O 636 -42.54 35.82 30.10
N VAL O 637 -43.29 34.95 29.43
CA VAL O 637 -43.00 34.65 28.04
C VAL O 637 -43.26 35.82 27.10
N PHE O 638 -44.37 36.51 27.23
CA PHE O 638 -44.63 37.59 26.29
C PHE O 638 -43.86 38.86 26.60
N ALA O 639 -44.13 39.47 27.74
CA ALA O 639 -43.38 40.67 28.13
C ALA O 639 -41.87 40.42 28.05
N ARG O 640 -41.47 39.17 28.28
CA ARG O 640 -40.13 38.75 27.90
C ARG O 640 -39.81 39.24 26.50
N LEU O 641 -40.57 38.79 25.51
CA LEU O 641 -40.38 39.29 24.16
C LEU O 641 -40.47 40.81 24.12
N SER O 642 -41.41 41.42 24.83
CA SER O 642 -41.48 42.88 24.84
C SER O 642 -40.13 43.50 25.12
N ARG O 643 -39.38 42.97 26.07
CA ARG O 643 -37.96 43.26 26.14
C ARG O 643 -37.24 42.92 24.84
N LEU O 644 -37.24 41.63 24.49
CA LEU O 644 -36.42 41.11 23.39
C LEU O 644 -36.58 41.90 22.09
N LEU O 645 -37.75 41.82 21.47
CA LEU O 645 -38.04 42.53 20.23
C LEU O 645 -37.59 43.99 20.28
N SER O 646 -37.88 44.68 21.38
CA SER O 646 -37.46 46.08 21.50
C SER O 646 -36.00 46.23 21.14
N LEU O 647 -35.16 45.36 21.67
CA LEU O 647 -33.80 45.23 21.15
C LEU O 647 -33.78 44.82 19.69
N TRP O 648 -34.44 43.72 19.34
CA TRP O 648 -34.42 43.17 17.99
C TRP O 648 -34.81 44.17 16.92
N GLU O 649 -35.48 45.25 17.29
CA GLU O 649 -35.89 46.26 16.32
C GLU O 649 -34.72 46.78 15.49
N VAL O 650 -33.59 47.08 16.13
CA VAL O 650 -32.53 47.85 15.49
C VAL O 650 -31.98 47.18 14.22
N PHE O 651 -31.24 46.09 14.37
CA PHE O 651 -30.36 45.63 13.31
C PHE O 651 -31.10 45.25 12.04
N GLN O 652 -32.31 44.71 12.16
CA GLN O 652 -33.10 44.40 10.99
C GLN O 652 -33.53 45.64 10.24
N MET O 653 -33.28 46.82 10.80
CA MET O 653 -33.69 48.06 10.15
C MET O 653 -32.52 49.03 10.11
N ALA O 654 -32.05 49.31 8.89
CA ALA O 654 -30.88 50.14 8.65
C ALA O 654 -29.69 49.70 9.49
N GLN P 10 57.29 57.00 22.15
CA GLN P 10 57.80 56.04 23.13
C GLN P 10 56.63 55.38 23.86
N LEU P 11 56.86 54.16 24.36
CA LEU P 11 55.80 53.41 25.03
C LEU P 11 55.19 54.21 26.17
N SER P 12 56.02 54.72 27.08
CA SER P 12 55.49 55.53 28.17
C SER P 12 55.16 56.95 27.70
N ASP P 13 56.00 57.55 26.87
CA ASP P 13 55.73 58.90 26.39
C ASP P 13 54.44 58.96 25.58
N ASN P 14 54.38 58.21 24.48
CA ASN P 14 53.15 58.19 23.69
C ASN P 14 52.03 57.51 24.45
N ALA P 15 52.37 56.70 25.46
CA ALA P 15 51.33 56.17 26.34
C ALA P 15 50.69 57.27 27.18
N LYS P 16 51.48 58.11 27.82
CA LYS P 16 50.96 59.14 28.71
C LYS P 16 50.38 60.34 27.97
N THR P 17 50.99 60.73 26.84
CA THR P 17 50.43 61.81 26.04
C THR P 17 49.29 61.34 25.15
N LEU P 18 49.29 60.06 24.77
CA LEU P 18 48.12 59.48 24.11
C LEU P 18 46.98 59.28 25.09
N HIS P 19 47.27 58.86 26.32
CA HIS P 19 46.27 58.88 27.38
C HIS P 19 45.90 60.29 27.78
N SER P 20 46.70 61.29 27.41
CA SER P 20 46.36 62.67 27.73
C SER P 20 45.27 63.20 26.81
N GLN P 21 45.42 63.01 25.50
CA GLN P 21 44.38 63.40 24.57
C GLN P 21 43.11 62.59 24.77
N MET P 22 43.21 61.39 25.35
CA MET P 22 42.05 60.60 25.68
C MET P 22 41.38 61.08 26.96
N MET P 23 42.16 61.33 28.01
CA MET P 23 41.60 61.76 29.29
C MET P 23 41.05 63.18 29.22
N SER P 24 41.59 64.02 28.34
CA SER P 24 41.01 65.34 28.13
C SER P 24 39.73 65.23 27.33
N LYS P 25 39.82 64.76 26.08
CA LYS P 25 38.65 64.53 25.25
C LYS P 25 38.53 63.06 24.88
N GLY P 26 39.54 62.52 24.19
CA GLY P 26 39.35 61.25 23.52
C GLY P 26 38.52 61.35 22.27
N ILE P 27 38.45 62.54 21.68
CA ILE P 27 37.56 62.85 20.57
C ILE P 27 36.16 62.39 20.99
N GLY P 28 35.79 62.70 22.23
CA GLY P 28 34.56 62.24 22.84
C GLY P 28 34.45 60.72 22.72
N ALA P 29 33.25 60.29 22.32
CA ALA P 29 33.03 58.90 21.93
C ALA P 29 33.22 58.67 20.44
N LEU P 30 33.43 59.73 19.66
CA LEU P 30 33.49 59.66 18.21
C LEU P 30 34.87 59.25 17.70
N PHE P 31 35.83 59.04 18.58
CA PHE P 31 37.21 58.72 18.19
C PHE P 31 37.26 57.48 17.32
N THR P 32 37.88 57.59 16.15
CA THR P 32 38.29 56.42 15.39
C THR P 32 39.82 56.39 15.36
N GLN P 33 40.40 55.35 14.76
CA GLN P 33 41.85 55.32 14.70
C GLN P 33 42.42 56.39 13.79
N GLN P 34 41.68 56.77 12.75
CA GLN P 34 42.10 57.90 11.92
C GLN P 34 42.20 59.18 12.74
N GLU P 35 41.40 59.30 13.81
CA GLU P 35 41.48 60.45 14.68
C GLU P 35 42.79 60.49 15.46
N LEU P 36 43.47 59.35 15.60
CA LEU P 36 44.78 59.35 16.23
C LEU P 36 45.76 60.21 15.42
N GLN P 37 45.95 59.87 14.14
CA GLN P 37 46.75 60.71 13.26
C GLN P 37 46.22 62.13 13.16
N LYS P 38 44.91 62.33 13.34
CA LYS P 38 44.35 63.67 13.29
C LYS P 38 45.03 64.59 14.31
N GLN P 39 45.20 64.12 15.54
CA GLN P 39 45.89 64.87 16.57
C GLN P 39 47.38 64.58 16.60
N MET P 40 47.77 63.34 16.92
CA MET P 40 49.18 62.94 16.93
C MET P 40 49.40 61.90 15.84
N GLY P 41 50.03 62.30 14.76
CA GLY P 41 50.40 61.39 13.70
C GLY P 41 51.89 61.14 13.65
N ILE P 42 52.62 61.74 14.60
CA ILE P 42 54.07 61.74 14.58
C ILE P 42 54.65 60.34 14.70
N GLY P 43 54.06 59.49 15.55
CA GLY P 43 54.56 58.14 15.68
C GLY P 43 54.40 57.34 14.41
N SER P 44 55.38 56.46 14.16
CA SER P 44 55.32 55.61 12.99
C SER P 44 54.10 54.69 13.06
N LEU P 45 53.63 54.28 11.89
CA LEU P 45 52.40 53.49 11.83
C LEU P 45 52.49 52.26 12.71
N THR P 46 53.62 51.54 12.66
CA THR P 46 53.81 50.37 13.50
C THR P 46 53.96 50.71 14.98
N ASP P 47 54.57 51.85 15.31
CA ASP P 47 54.73 52.26 16.71
C ASP P 47 53.40 52.58 17.36
N LEU P 48 52.59 53.43 16.72
CA LEU P 48 51.29 53.78 17.29
C LEU P 48 50.36 52.58 17.37
N MET P 49 50.50 51.62 16.46
CA MET P 49 49.73 50.38 16.54
C MET P 49 50.22 49.45 17.64
N SER P 50 51.54 49.27 17.76
CA SER P 50 52.10 48.44 18.82
C SER P 50 51.81 49.02 20.20
N ILE P 51 51.85 50.34 20.34
CA ILE P 51 51.60 50.94 21.65
C ILE P 51 50.11 50.87 21.99
N VAL P 52 49.21 50.98 21.01
CA VAL P 52 47.80 50.69 21.29
C VAL P 52 47.63 49.24 21.70
N GLN P 53 48.35 48.34 21.04
CA GLN P 53 48.31 46.93 21.40
C GLN P 53 48.71 46.69 22.84
N GLU P 54 49.87 47.18 23.26
CA GLU P 54 50.32 46.92 24.63
C GLU P 54 49.50 47.71 25.64
N LEU P 55 49.11 48.93 25.30
CA LEU P 55 48.31 49.72 26.23
C LEU P 55 46.91 49.14 26.40
N LEU P 56 46.47 48.29 25.48
CA LEU P 56 45.32 47.46 25.78
C LEU P 56 45.74 46.22 26.58
N ASP P 57 46.89 45.65 26.25
CA ASP P 57 47.45 44.56 27.04
C ASP P 57 47.78 45.02 28.45
N LYS P 58 48.41 46.18 28.58
CA LYS P 58 48.61 46.84 29.86
C LYS P 58 47.39 47.64 30.28
N ASN P 59 46.31 47.55 29.51
CA ASN P 59 44.99 48.11 29.80
C ASN P 59 45.07 49.57 30.25
N LEU P 60 46.00 50.29 29.62
CA LEU P 60 46.06 51.74 29.76
C LEU P 60 45.22 52.50 28.74
N ILE P 61 44.77 51.85 27.67
CA ILE P 61 43.73 52.37 26.79
C ILE P 61 42.77 51.24 26.46
N LYS P 62 41.72 51.56 25.70
CA LYS P 62 40.68 50.60 25.39
C LYS P 62 40.23 50.75 23.93
N LEU P 63 39.45 49.77 23.48
CA LEU P 63 38.90 49.73 22.14
C LEU P 63 37.39 49.49 22.25
N VAL P 64 36.64 49.98 21.27
CA VAL P 64 35.21 49.74 21.16
C VAL P 64 34.92 49.38 19.72
N LYS P 65 34.07 48.36 19.51
CA LYS P 65 33.72 47.91 18.17
C LYS P 65 32.33 48.45 17.84
N GLN P 66 32.31 49.49 17.01
CA GLN P 66 31.08 50.11 16.53
C GLN P 66 31.33 50.81 15.20
N ASN P 67 30.30 50.82 14.35
CA ASN P 67 30.22 51.67 13.15
C ASN P 67 31.49 51.49 12.31
N ASP P 68 32.02 52.60 11.81
CA ASP P 68 33.21 52.56 10.98
C ASP P 68 34.48 52.67 11.83
N GLU P 69 35.51 51.94 11.40
CA GLU P 69 36.79 51.81 12.11
C GLU P 69 36.48 51.28 13.51
N LEU P 70 37.18 51.77 14.53
CA LEU P 70 37.01 51.30 15.90
C LEU P 70 37.30 52.46 16.85
N LYS P 71 36.53 52.55 17.93
CA LYS P 71 36.70 53.59 18.93
C LYS P 71 37.83 53.24 19.88
N PHE P 72 38.39 54.27 20.52
CA PHE P 72 39.43 54.11 21.52
C PHE P 72 39.22 55.13 22.63
N GLN P 73 39.79 54.85 23.79
CA GLN P 73 39.67 55.74 24.95
C GLN P 73 40.85 55.49 25.88
N GLY P 74 41.08 56.45 26.77
CA GLY P 74 42.03 56.30 27.86
C GLY P 74 41.36 55.61 29.02
N VAL P 75 42.13 54.81 29.76
CA VAL P 75 41.55 53.98 30.80
C VAL P 75 41.30 54.83 32.04
N LEU P 76 40.27 54.44 32.79
CA LEU P 76 40.04 54.99 34.12
C LEU P 76 40.95 54.35 35.16
N GLU P 77 41.55 53.21 34.81
CA GLU P 77 42.54 52.47 35.58
C GLU P 77 41.89 51.77 36.77
N SER P 78 40.68 52.20 37.15
CA SER P 78 39.88 51.40 38.06
C SER P 78 39.18 50.28 37.31
N GLU P 79 38.62 50.59 36.14
CA GLU P 79 38.18 49.58 35.20
C GLU P 79 39.31 48.67 34.75
N ALA P 80 40.53 49.21 34.60
CA ALA P 80 41.68 48.39 34.26
C ALA P 80 41.91 47.29 35.28
N GLN P 81 42.24 47.66 36.52
CA GLN P 81 42.37 46.69 37.61
C GLN P 81 41.15 45.80 37.72
N LYS P 82 39.95 46.37 37.57
CA LYS P 82 38.73 45.60 37.67
C LYS P 82 38.71 44.43 36.69
N LYS P 83 38.69 44.75 35.39
CA LYS P 83 38.63 43.70 34.36
C LYS P 83 39.87 42.83 34.34
N ALA P 84 41.01 43.35 34.81
CA ALA P 84 42.22 42.54 34.85
C ALA P 84 42.15 41.49 35.96
N THR P 85 41.48 41.81 37.06
CA THR P 85 41.22 40.81 38.08
C THR P 85 40.34 39.69 37.56
N MET P 86 39.54 39.99 36.53
CA MET P 86 38.57 39.04 36.01
C MET P 86 39.28 37.94 35.21
N SER P 87 38.47 37.05 34.65
CA SER P 87 38.99 36.00 33.79
C SER P 87 39.19 36.54 32.38
N ALA P 88 39.59 35.65 31.47
CA ALA P 88 39.82 36.07 30.09
C ALA P 88 38.52 36.45 29.40
N GLU P 89 37.48 35.64 29.54
CA GLU P 89 36.20 35.99 28.94
C GLU P 89 35.65 37.28 29.52
N GLU P 90 35.63 37.39 30.84
CA GLU P 90 35.05 38.54 31.53
C GLU P 90 35.66 39.86 31.09
N ALA P 91 36.87 39.84 30.53
CA ALA P 91 37.30 41.01 29.76
C ALA P 91 36.32 41.29 28.63
N LEU P 92 36.23 40.40 27.64
CA LEU P 92 35.26 40.52 26.57
C LEU P 92 33.82 40.43 27.05
N VAL P 93 33.56 39.70 28.13
CA VAL P 93 32.19 39.58 28.61
C VAL P 93 31.72 40.89 29.21
N TYR P 94 32.37 41.32 30.30
CA TYR P 94 32.01 42.59 30.92
C TYR P 94 32.10 43.74 29.94
N SER P 95 33.31 44.04 29.45
CA SER P 95 33.49 45.17 28.54
C SER P 95 32.62 45.07 27.31
N TYR P 96 32.30 43.86 26.85
CA TYR P 96 31.33 43.70 25.78
C TYR P 96 29.93 44.08 26.23
N ILE P 97 29.59 43.80 27.49
CA ILE P 97 28.25 44.10 27.99
C ILE P 97 28.15 45.58 28.36
N GLU P 98 29.20 46.16 28.92
CA GLU P 98 29.15 47.59 29.19
C GLU P 98 29.00 48.39 27.91
N ALA P 99 29.45 47.82 26.77
CA ALA P 99 29.13 48.37 25.47
C ALA P 99 27.65 48.26 25.15
N SER P 100 26.97 47.23 25.65
CA SER P 100 25.51 47.16 25.48
C SER P 100 24.83 48.30 26.21
N GLY P 101 25.48 48.83 27.26
CA GLY P 101 25.04 50.06 27.89
C GLY P 101 23.62 50.05 28.40
N ARG P 102 22.81 50.98 27.90
CA ARG P 102 21.44 51.17 28.34
C ARG P 102 20.51 49.99 28.11
N GLU P 103 20.42 49.46 26.89
CA GLU P 103 19.50 48.37 26.60
C GLU P 103 20.00 47.02 27.09
N GLY P 104 21.26 46.94 27.55
CA GLY P 104 21.77 45.66 28.00
C GLY P 104 21.85 44.66 26.85
N ILE P 105 21.92 43.38 27.22
CA ILE P 105 21.98 42.32 26.22
C ILE P 105 21.45 41.04 26.87
N TRP P 106 21.01 40.11 26.03
CA TRP P 106 20.33 38.94 26.53
C TRP P 106 21.24 37.70 26.46
N SER P 107 20.74 36.58 26.99
CA SER P 107 21.60 35.43 27.25
C SER P 107 21.95 34.68 25.97
N LYS P 108 20.99 34.01 25.35
CA LYS P 108 21.34 33.19 24.20
C LYS P 108 21.84 34.05 23.03
N THR P 109 21.46 35.33 23.00
CA THR P 109 21.96 36.21 21.95
C THR P 109 23.41 36.62 22.19
N ILE P 110 23.86 36.70 23.45
CA ILE P 110 25.26 37.00 23.69
C ILE P 110 26.14 35.77 23.49
N LYS P 111 25.60 34.57 23.72
CA LYS P 111 26.37 33.36 23.43
C LYS P 111 26.78 33.30 21.97
N ALA P 112 25.81 33.42 21.05
CA ALA P 112 26.12 33.42 19.62
C ALA P 112 27.12 34.49 19.25
N ARG P 113 27.13 35.62 19.95
CA ARG P 113 28.13 36.66 19.70
C ARG P 113 29.52 36.25 20.19
N THR P 114 29.61 35.67 21.39
CA THR P 114 30.88 35.31 21.99
C THR P 114 31.28 33.87 21.75
N ASN P 115 30.43 33.07 21.12
CA ASN P 115 30.70 31.66 20.84
C ASN P 115 30.98 30.89 22.14
N LEU P 116 29.94 30.72 22.95
CA LEU P 116 30.04 30.02 24.23
C LEU P 116 28.74 29.27 24.51
N HIS P 117 28.64 28.79 25.74
CA HIS P 117 27.51 28.01 26.25
C HIS P 117 26.92 28.70 27.47
N GLN P 118 25.71 28.27 27.84
CA GLN P 118 25.08 28.77 29.06
C GLN P 118 25.99 28.66 30.28
N HIS P 119 26.40 27.45 30.65
CA HIS P 119 27.27 27.27 31.80
C HIS P 119 28.43 28.25 31.80
N VAL P 120 29.28 28.20 30.79
CA VAL P 120 30.43 29.10 30.72
C VAL P 120 30.05 30.58 30.70
N VAL P 121 28.87 30.93 30.16
CA VAL P 121 28.43 32.32 30.32
C VAL P 121 27.75 32.55 31.66
N LEU P 122 27.20 31.51 32.29
CA LEU P 122 26.66 31.66 33.63
C LEU P 122 27.71 32.07 34.66
N LYS P 123 28.90 31.48 34.61
CA LYS P 123 29.91 31.75 35.62
C LYS P 123 30.34 33.22 35.65
N CYS P 124 30.48 33.87 34.51
CA CYS P 124 30.80 35.28 34.52
C CYS P 124 29.62 36.11 35.01
N LEU P 125 28.41 35.70 34.67
CA LEU P 125 27.22 36.36 35.21
C LEU P 125 27.23 36.32 36.73
N LYS P 126 27.66 35.19 37.30
CA LYS P 126 27.74 35.08 38.75
C LYS P 126 28.90 35.91 39.29
N SER P 127 30.01 35.97 38.55
CA SER P 127 31.17 36.72 39.01
C SER P 127 30.87 38.20 39.11
N LEU P 128 30.40 38.80 38.01
CA LEU P 128 29.99 40.20 38.07
C LEU P 128 28.76 40.39 38.94
N GLU P 129 27.94 39.36 39.09
CA GLU P 129 26.89 39.38 40.11
C GLU P 129 27.47 39.69 41.48
N SER P 130 28.51 38.96 41.88
CA SER P 130 29.21 39.29 43.11
C SER P 130 29.84 40.67 43.03
N GLN P 131 30.43 41.01 41.87
CA GLN P 131 31.00 42.34 41.66
C GLN P 131 29.96 43.44 41.76
N ARG P 132 28.73 43.17 41.33
CA ARG P 132 27.66 44.18 41.32
C ARG P 132 28.05 45.38 40.48
N TYR P 133 28.89 45.14 39.47
CA TYR P 133 29.08 46.13 38.41
C TYR P 133 28.19 45.85 37.20
N VAL P 134 27.55 44.69 37.14
CA VAL P 134 26.44 44.45 36.24
C VAL P 134 25.26 44.07 37.13
N LYS P 135 24.05 44.13 36.61
CA LYS P 135 22.89 43.87 37.44
C LYS P 135 21.87 43.01 36.71
N SER P 136 21.15 42.22 37.50
CA SER P 136 19.95 41.53 37.06
C SER P 136 19.01 42.59 36.54
N VAL P 137 18.55 42.45 35.30
CA VAL P 137 17.63 43.40 34.70
C VAL P 137 16.44 42.63 34.15
N LYS P 138 15.28 42.85 34.77
CA LYS P 138 14.01 42.40 34.23
C LYS P 138 13.27 43.66 33.77
N SER P 139 13.19 43.86 32.47
CA SER P 139 12.81 45.16 31.93
C SER P 139 11.31 45.23 31.71
N VAL P 140 10.88 46.31 31.05
CA VAL P 140 9.46 46.52 30.78
C VAL P 140 8.92 45.48 29.81
N LYS P 141 9.76 44.93 28.94
CA LYS P 141 9.29 43.87 28.05
C LYS P 141 9.13 42.60 28.88
N PHE P 142 8.65 41.53 28.26
CA PHE P 142 8.33 40.33 29.02
C PHE P 142 9.58 39.73 29.66
N PRO P 143 9.46 39.21 30.89
CA PRO P 143 10.62 38.61 31.55
C PRO P 143 11.01 37.26 30.97
N THR P 144 11.16 37.21 29.65
CA THR P 144 11.90 36.13 29.01
C THR P 144 13.36 36.49 28.88
N ARG P 145 13.79 37.65 29.40
CA ARG P 145 15.09 38.20 29.09
C ARG P 145 16.08 38.06 30.24
N LYS P 146 15.85 38.80 31.33
CA LYS P 146 16.82 38.94 32.40
C LYS P 146 18.12 39.52 31.85
N ILE P 147 17.97 40.54 31.00
CA ILE P 147 19.14 41.15 30.39
C ILE P 147 19.91 41.89 31.47
N TYR P 148 21.20 42.09 31.24
CA TYR P 148 22.09 42.63 32.25
C TYR P 148 22.79 43.85 31.69
N MET P 149 22.69 44.96 32.39
CA MET P 149 23.48 46.15 32.08
C MET P 149 24.29 46.54 33.30
N LEU P 150 25.11 47.58 33.13
CA LEU P 150 25.97 48.03 34.21
C LEU P 150 25.14 48.38 35.44
N TYR P 151 25.47 47.74 36.56
CA TYR P 151 24.71 47.90 37.78
C TYR P 151 24.54 49.35 38.18
N SER P 152 25.52 50.19 37.84
CA SER P 152 25.49 51.60 38.22
C SER P 152 24.36 52.39 37.58
N LEU P 153 23.86 51.95 36.42
CA LEU P 153 22.92 52.77 35.65
C LEU P 153 21.79 51.90 35.13
N GLN P 154 20.56 52.35 35.36
CA GLN P 154 19.42 51.67 34.74
C GLN P 154 18.48 52.62 34.00
N PRO P 155 18.96 53.42 33.05
CA PRO P 155 18.02 54.09 32.16
C PRO P 155 17.39 53.11 31.19
N SER P 156 16.07 53.18 31.05
CA SER P 156 15.35 52.29 30.16
C SER P 156 14.03 52.96 29.80
N VAL P 157 13.39 52.45 28.76
CA VAL P 157 12.10 52.98 28.38
C VAL P 157 11.11 52.57 29.47
N ASP P 158 10.49 53.56 30.11
CA ASP P 158 9.72 53.37 31.33
C ASP P 158 10.35 52.34 32.26
N GLU P 169 3.92 54.89 33.14
CA GLU P 169 3.99 54.88 34.59
C GLU P 169 4.67 53.59 35.03
N LEU P 170 3.83 52.60 35.24
CA LEU P 170 4.25 51.23 35.52
C LEU P 170 3.13 50.30 35.06
N ASP P 171 3.50 49.07 34.72
CA ASP P 171 2.54 48.18 34.09
C ASP P 171 1.39 47.79 35.01
N ILE P 172 1.61 47.81 36.32
CA ILE P 172 0.65 47.23 37.26
C ILE P 172 -0.29 48.33 37.74
N GLU P 173 -1.06 48.06 38.79
CA GLU P 173 -2.22 48.84 39.20
C GLU P 173 -1.90 50.10 39.99
N PHE P 174 -2.94 50.63 40.64
CA PHE P 174 -2.94 51.92 41.34
C PHE P 174 -2.74 53.06 40.35
N ILE P 175 -2.91 52.76 39.07
CA ILE P 175 -3.33 53.73 38.08
C ILE P 175 -4.85 53.83 38.00
N ASN P 176 -5.52 52.68 38.06
CA ASN P 176 -6.96 52.63 38.22
C ASN P 176 -7.46 53.49 39.37
N SER P 177 -6.76 53.49 40.50
CA SER P 177 -7.13 54.36 41.61
C SER P 177 -7.14 55.82 41.18
N LEU P 178 -6.04 56.29 40.59
CA LEU P 178 -5.95 57.69 40.18
C LEU P 178 -6.91 58.02 39.05
N LEU P 179 -7.14 57.09 38.12
CA LEU P 179 -8.21 57.29 37.15
C LEU P 179 -9.55 57.52 37.83
N THR P 180 -10.04 56.52 38.57
CA THR P 180 -11.38 56.64 39.14
C THR P 180 -11.54 57.86 40.02
N ILE P 181 -10.45 58.37 40.61
CA ILE P 181 -10.56 59.57 41.43
C ILE P 181 -10.57 60.82 40.57
N VAL P 182 -9.73 60.88 39.52
CA VAL P 182 -9.73 62.07 38.68
C VAL P 182 -11.03 62.17 37.90
N TRP P 183 -11.62 61.03 37.53
CA TRP P 183 -12.93 61.03 36.92
C TRP P 183 -13.96 61.74 37.79
N ARG P 184 -13.86 61.57 39.11
CA ARG P 184 -14.70 62.34 40.02
C ARG P 184 -14.54 63.83 39.78
N PHE P 185 -13.35 64.38 40.01
CA PHE P 185 -13.07 65.80 39.85
C PHE P 185 -13.49 66.32 38.50
N ILE P 186 -13.32 65.53 37.44
CA ILE P 186 -13.70 65.98 36.12
C ILE P 186 -15.22 66.00 35.98
N SER P 187 -15.90 64.99 36.52
CA SER P 187 -17.36 65.00 36.54
C SER P 187 -17.88 66.22 37.28
N GLU P 188 -17.35 66.51 38.45
CA GLU P 188 -17.64 67.75 39.14
C GLU P 188 -17.31 68.97 38.28
N ASN P 189 -16.32 68.86 37.40
CA ASN P 189 -15.98 69.99 36.54
C ASN P 189 -17.02 70.20 35.45
N THR P 190 -17.89 69.22 35.20
CA THR P 190 -18.88 69.36 34.15
C THR P 190 -20.00 70.29 34.57
N PHE P 191 -20.85 69.81 35.46
CA PHE P 191 -21.81 70.66 36.14
C PHE P 191 -21.55 70.48 37.63
N PRO P 192 -22.34 71.14 38.52
CA PRO P 192 -22.07 70.95 39.96
C PRO P 192 -22.22 69.49 40.39
N ASN P 193 -22.00 69.21 41.68
CA ASN P 193 -21.85 67.83 42.11
C ASN P 193 -23.19 67.10 42.02
N GLY P 194 -23.22 65.86 42.49
CA GLY P 194 -24.30 64.95 42.15
C GLY P 194 -25.69 65.54 42.21
N PHE P 195 -26.02 66.23 43.32
CA PHE P 195 -27.32 66.89 43.49
C PHE P 195 -28.47 66.00 43.07
N LYS P 196 -28.39 64.71 43.39
CA LYS P 196 -29.40 63.72 43.03
C LYS P 196 -30.46 63.63 44.12
N ASN P 197 -30.36 64.56 45.08
CA ASN P 197 -31.34 64.71 46.15
C ASN P 197 -32.76 64.76 45.62
N PHE P 198 -32.93 65.24 44.38
CA PHE P 198 -34.18 65.07 43.65
C PHE P 198 -33.93 65.01 42.15
N GLU P 199 -35.00 64.78 41.38
CA GLU P 199 -34.91 64.40 39.97
C GLU P 199 -34.16 65.37 39.09
N ASN P 200 -34.67 66.60 38.97
CA ASN P 200 -34.06 67.61 38.10
C ASN P 200 -32.95 68.34 38.86
N GLY P 201 -32.71 67.89 40.08
CA GLY P 201 -31.64 68.39 40.91
C GLY P 201 -30.31 68.51 40.21
N PRO P 202 -29.91 67.51 39.44
CA PRO P 202 -28.70 67.63 38.62
C PRO P 202 -28.80 68.78 37.62
N LYS P 203 -27.76 69.61 37.67
CA LYS P 203 -27.27 70.58 36.68
C LYS P 203 -28.21 71.75 36.38
N LYS P 204 -29.50 71.64 36.69
CA LYS P 204 -30.42 72.78 36.62
C LYS P 204 -30.21 73.63 35.36
N ASN P 205 -30.23 72.94 34.21
CA ASN P 205 -29.94 73.53 32.90
C ASN P 205 -28.50 74.01 32.79
N VAL P 206 -27.59 73.45 33.60
CA VAL P 206 -26.17 73.78 33.61
C VAL P 206 -26.00 75.29 33.57
N PHE P 207 -26.33 75.95 34.68
CA PHE P 207 -26.31 77.41 34.75
C PHE P 207 -27.28 77.94 33.69
N TYR P 208 -26.88 78.93 32.92
CA TYR P 208 -27.70 79.54 31.88
C TYR P 208 -27.10 79.12 30.55
N ALA P 209 -27.83 78.28 29.80
CA ALA P 209 -27.39 77.90 28.46
C ALA P 209 -25.99 77.30 28.48
N PRO P 210 -25.83 76.04 28.90
CA PRO P 210 -24.48 75.43 28.95
C PRO P 210 -23.67 75.63 27.69
N ASN P 211 -24.31 75.97 26.58
CA ASN P 211 -23.60 76.48 25.41
C ASN P 211 -22.57 77.54 25.82
N VAL P 212 -22.90 78.37 26.80
CA VAL P 212 -21.94 79.37 27.26
C VAL P 212 -20.74 78.72 27.95
N LYS P 213 -20.94 77.57 28.57
CA LYS P 213 -19.85 76.92 29.31
C LYS P 213 -19.17 75.92 28.38
N ASN P 214 -17.97 76.26 27.94
CA ASN P 214 -17.14 75.38 27.11
C ASN P 214 -15.84 75.19 27.88
N TYR P 215 -15.63 73.98 28.39
CA TYR P 215 -14.65 73.77 29.44
C TYR P 215 -14.10 72.35 29.44
N SER P 216 -12.84 72.25 29.83
CA SER P 216 -12.23 71.00 30.28
C SER P 216 -10.92 71.35 30.96
N THR P 217 -10.22 70.35 31.50
CA THR P 217 -8.95 70.65 32.12
C THR P 217 -7.80 70.47 31.14
N THR P 218 -7.44 69.22 30.86
CA THR P 218 -6.46 68.78 29.87
C THR P 218 -5.10 69.39 30.19
N GLN P 219 -5.10 70.33 31.11
CA GLN P 219 -3.97 71.13 31.55
C GLN P 219 -3.96 71.05 33.06
N GLU P 220 -5.04 71.55 33.67
CA GLU P 220 -5.19 71.64 35.12
C GLU P 220 -4.93 70.32 35.82
N ILE P 221 -5.05 69.20 35.10
CA ILE P 221 -4.95 67.88 35.74
C ILE P 221 -3.75 67.78 36.65
N LEU P 222 -2.54 68.08 36.14
CA LEU P 222 -1.35 68.00 36.98
C LEU P 222 -1.39 68.98 38.13
N GLU P 223 -1.84 70.21 37.89
CA GLU P 223 -2.19 71.14 38.95
C GLU P 223 -3.10 70.50 39.99
N PHE P 224 -4.07 69.70 39.54
CA PHE P 224 -4.86 68.89 40.44
C PHE P 224 -4.02 67.75 41.05
N ILE P 225 -3.15 67.14 40.25
CA ILE P 225 -2.34 66.02 40.74
C ILE P 225 -1.45 66.44 41.91
N THR P 226 -1.27 67.74 42.11
CA THR P 226 -0.55 68.24 43.28
C THR P 226 -1.08 67.66 44.58
N ALA P 227 -2.36 67.27 44.62
CA ALA P 227 -2.98 66.66 45.79
C ALA P 227 -2.17 65.47 46.31
N ALA P 228 -1.65 64.64 45.41
CA ALA P 228 -0.82 63.48 45.77
C ALA P 228 -1.61 62.59 46.73
N GLN P 229 -1.17 62.45 47.98
CA GLN P 229 -1.81 61.58 48.98
C GLN P 229 -1.70 60.10 48.59
N VAL P 230 -0.69 59.80 47.78
CA VAL P 230 -0.45 58.43 47.33
C VAL P 230 1.00 58.35 46.88
N ALA P 231 1.53 57.14 46.79
CA ALA P 231 2.81 56.89 46.12
C ALA P 231 2.58 57.23 44.65
N ASN P 232 3.39 58.14 44.14
CA ASN P 232 3.17 58.70 42.81
C ASN P 232 4.31 59.66 42.48
N VAL P 233 4.41 60.02 41.20
CA VAL P 233 5.35 61.04 40.74
C VAL P 233 4.60 61.94 39.77
N GLU P 234 5.31 62.85 39.12
CA GLU P 234 4.67 63.64 38.08
C GLU P 234 4.43 62.77 36.85
N LEU P 235 3.80 63.34 35.83
CA LEU P 235 3.43 62.59 34.65
C LEU P 235 3.26 63.55 33.49
N THR P 236 3.40 63.04 32.26
CA THR P 236 3.37 63.91 31.11
C THR P 236 1.95 64.19 30.66
N PRO P 237 1.66 65.42 30.24
CA PRO P 237 0.33 65.74 29.70
C PRO P 237 -0.09 64.82 28.57
N SER P 238 0.87 64.26 27.83
CA SER P 238 0.52 63.27 26.81
C SER P 238 -0.13 62.05 27.43
N ASN P 239 0.50 61.47 28.46
CA ASN P 239 -0.08 60.32 29.12
C ASN P 239 -1.35 60.70 29.88
N ILE P 240 -1.42 61.91 30.45
CA ILE P 240 -2.70 62.42 30.94
C ILE P 240 -3.76 62.27 29.87
N ARG P 241 -3.46 62.73 28.65
CA ARG P 241 -4.39 62.58 27.55
C ARG P 241 -4.71 61.12 27.27
N SER P 242 -3.80 60.21 27.63
CA SER P 242 -4.10 58.79 27.47
C SER P 242 -5.09 58.33 28.53
N LEU P 243 -4.89 58.76 29.78
CA LEU P 243 -5.89 58.60 30.81
C LEU P 243 -7.25 59.04 30.30
N CYS P 244 -7.31 60.21 29.67
CA CYS P 244 -8.56 60.67 29.07
C CYS P 244 -9.05 59.73 27.98
N GLU P 245 -8.15 59.25 27.13
CA GLU P 245 -8.54 58.33 26.07
C GLU P 245 -9.22 57.10 26.63
N VAL P 246 -8.72 56.57 27.74
CA VAL P 246 -9.36 55.43 28.38
C VAL P 246 -10.82 55.76 28.70
N LEU P 247 -11.04 56.84 29.45
CA LEU P 247 -12.38 57.20 29.86
C LEU P 247 -13.29 57.45 28.66
N VAL P 248 -12.72 57.99 27.58
CA VAL P 248 -13.44 57.99 26.30
C VAL P 248 -13.87 56.58 25.96
N TYR P 249 -12.90 55.69 25.75
CA TYR P 249 -13.20 54.29 25.50
C TYR P 249 -14.13 53.73 26.56
N ASP P 250 -13.86 54.04 27.82
CA ASP P 250 -14.72 53.65 28.93
C ASP P 250 -16.13 54.17 28.78
N ASP P 251 -16.31 55.17 27.93
CA ASP P 251 -17.54 55.95 27.87
C ASP P 251 -17.84 56.63 29.19
N LYS P 252 -16.79 56.91 29.97
CA LYS P 252 -16.94 57.72 31.17
C LYS P 252 -17.02 59.20 30.84
N LEU P 253 -16.18 59.67 29.93
CA LEU P 253 -16.21 61.07 29.50
C LEU P 253 -16.35 61.14 28.00
N GLU P 254 -16.26 62.37 27.49
CA GLU P 254 -16.62 62.70 26.11
C GLU P 254 -15.52 63.57 25.52
N LYS P 255 -15.27 63.36 24.22
CA LYS P 255 -14.25 64.11 23.50
C LYS P 255 -14.90 65.14 22.58
N VAL P 256 -14.66 66.42 22.89
CA VAL P 256 -15.18 67.53 22.10
C VAL P 256 -14.06 68.54 21.86
N THR P 257 -13.91 68.94 20.60
CA THR P 257 -12.92 69.94 20.18
C THR P 257 -11.55 69.60 20.73
N HIS P 258 -11.07 68.39 20.40
CA HIS P 258 -9.78 67.91 20.88
C HIS P 258 -9.79 67.89 22.40
N ASP P 259 -8.98 68.74 23.03
CA ASP P 259 -8.73 68.63 24.46
C ASP P 259 -9.96 68.97 25.30
N CYS P 260 -11.06 69.39 24.68
CA CYS P 260 -12.21 69.59 25.53
C CYS P 260 -12.92 68.25 25.76
N TYR P 261 -13.45 68.08 26.97
CA TYR P 261 -13.98 66.78 27.38
C TYR P 261 -15.18 67.00 28.27
N ARG P 262 -16.21 66.17 28.08
CA ARG P 262 -17.45 66.31 28.82
C ARG P 262 -17.90 64.96 29.32
N VAL P 263 -17.95 64.79 30.64
CA VAL P 263 -18.26 63.50 31.25
C VAL P 263 -19.64 63.05 30.82
N THR P 264 -19.81 61.75 30.67
CA THR P 264 -21.09 61.21 30.21
C THR P 264 -22.11 61.16 31.33
N LEU P 265 -21.70 61.61 32.51
CA LEU P 265 -22.54 61.61 33.72
C LEU P 265 -23.07 60.23 34.06
N GLU P 266 -22.21 59.22 33.92
CA GLU P 266 -22.59 57.86 34.22
C GLU P 266 -22.84 57.79 35.70
N SER P 267 -22.66 58.93 36.37
CA SER P 267 -22.89 58.99 37.80
C SER P 267 -24.26 58.48 38.19
N ILE P 268 -25.30 58.79 37.39
CA ILE P 268 -26.60 58.18 37.63
C ILE P 268 -26.50 56.67 37.42
N LEU P 269 -25.80 56.24 36.38
CA LEU P 269 -25.32 54.86 36.31
C LEU P 269 -24.61 54.47 37.61
N GLN P 270 -23.70 55.32 38.08
CA GLN P 270 -23.13 55.12 39.41
C GLN P 270 -24.20 55.14 40.49
N MET P 271 -25.22 55.98 40.31
CA MET P 271 -26.30 56.14 41.29
C MET P 271 -25.75 56.48 42.67
N SER P 292 -36.43 46.37 26.54
CA SER P 292 -37.20 47.60 26.57
C SER P 292 -36.40 48.72 27.19
N ILE P 293 -36.84 49.16 28.37
CA ILE P 293 -36.11 50.15 29.13
C ILE P 293 -34.68 49.65 29.35
N PHE P 294 -33.71 50.48 28.99
CA PHE P 294 -32.35 50.03 28.73
C PHE P 294 -31.37 50.60 29.75
N ASN P 295 -30.91 49.74 30.64
CA ASN P 295 -29.67 49.97 31.38
C ASN P 295 -29.16 48.61 31.86
N TYR P 296 -27.85 48.51 32.00
CA TYR P 296 -27.24 47.29 32.53
C TYR P 296 -27.20 47.30 34.05
N PHE P 297 -27.27 48.48 34.65
CA PHE P 297 -27.44 48.62 36.08
C PHE P 297 -28.94 48.59 36.35
N LYS P 298 -29.31 48.66 37.62
CA LYS P 298 -30.70 48.52 38.04
C LYS P 298 -31.29 47.19 37.58
N MET P 299 -30.44 46.20 37.36
CA MET P 299 -30.84 44.93 36.78
C MET P 299 -30.46 43.79 37.71
N PHE P 300 -31.38 42.83 37.83
CA PHE P 300 -31.12 41.66 38.62
C PHE P 300 -31.71 40.46 37.91
N PRO P 301 -31.03 39.32 37.92
CA PRO P 301 -31.54 38.13 37.24
C PRO P 301 -32.58 37.38 38.07
N ALA P 302 -33.41 36.62 37.35
CA ALA P 302 -34.21 35.56 37.99
C ALA P 302 -33.27 34.39 38.29
N SER P 303 -32.76 33.75 37.24
CA SER P 303 -31.61 32.85 37.32
C SER P 303 -31.82 31.72 38.32
N LYS P 304 -33.07 31.27 38.43
CA LYS P 304 -33.36 30.15 39.32
C LYS P 304 -34.57 29.40 38.77
N HIS P 305 -34.55 28.07 38.94
CA HIS P 305 -35.67 27.25 38.50
C HIS P 305 -35.96 27.44 37.02
N ASP P 306 -37.10 28.06 36.72
CA ASP P 306 -37.74 27.94 35.41
C ASP P 306 -36.76 28.11 34.27
N LYS P 307 -36.82 27.16 33.34
CA LYS P 307 -35.83 27.01 32.28
C LYS P 307 -36.13 27.90 31.09
N GLU P 308 -37.15 28.74 31.19
CA GLU P 308 -37.48 29.64 30.08
C GLU P 308 -36.89 31.01 30.41
N VAL P 309 -35.80 31.31 29.71
CA VAL P 309 -34.90 32.39 30.08
C VAL P 309 -34.15 32.83 28.83
N VAL P 310 -33.15 33.67 29.03
CA VAL P 310 -32.30 34.17 27.96
C VAL P 310 -30.86 34.15 28.47
N TYR P 311 -29.93 33.77 27.60
CA TYR P 311 -28.50 33.85 27.89
C TYR P 311 -27.81 34.65 26.79
N PHE P 312 -26.50 34.81 26.95
CA PHE P 312 -25.69 35.17 25.79
C PHE P 312 -25.02 33.96 25.16
N ASP P 313 -25.32 32.74 25.60
CA ASP P 313 -24.90 31.65 24.73
C ASP P 313 -26.08 30.82 24.23
N GLU P 314 -26.45 29.75 24.95
CA GLU P 314 -27.68 28.96 24.80
C GLU P 314 -28.07 28.72 23.34
N TRP P 315 -27.19 29.12 22.42
CA TRP P 315 -27.37 28.96 20.99
C TRP P 315 -26.00 28.67 20.40
N THR P 316 -25.14 29.67 20.50
CA THR P 316 -23.71 29.57 20.18
C THR P 316 -23.48 29.28 18.71
N PHE Q 36 -25.91 23.86 31.21
CA PHE Q 36 -24.72 23.89 30.37
C PHE Q 36 -24.43 25.29 29.80
N PRO Q 37 -25.44 25.98 29.26
CA PRO Q 37 -25.23 27.38 28.87
C PRO Q 37 -25.20 28.29 30.09
N SER Q 38 -24.70 29.50 29.88
CA SER Q 38 -24.43 30.41 31.00
C SER Q 38 -24.67 31.84 30.52
N ILE Q 39 -24.21 32.82 31.30
CA ILE Q 39 -24.15 34.24 30.95
C ILE Q 39 -25.46 34.75 30.35
N PRO Q 40 -26.47 35.00 31.16
CA PRO Q 40 -27.72 35.58 30.66
C PRO Q 40 -27.52 36.99 30.09
N LEU Q 41 -28.65 37.55 29.50
CA LEU Q 41 -28.92 38.89 28.96
C LEU Q 41 -29.76 39.72 29.91
N PRO Q 42 -29.37 40.95 30.14
CA PRO Q 42 -30.11 41.81 31.06
C PRO Q 42 -31.46 42.24 30.50
N ILE Q 43 -32.24 41.26 30.04
CA ILE Q 43 -33.61 41.48 29.62
C ILE Q 43 -34.59 41.05 30.69
N ASN Q 44 -34.07 40.48 31.77
CA ASN Q 44 -34.80 39.55 32.62
C ASN Q 44 -35.57 40.24 33.74
N GLY Q 45 -35.61 41.56 33.72
CA GLY Q 45 -36.38 42.32 34.68
C GLY Q 45 -37.82 41.86 34.75
N PRO Q 46 -38.30 41.63 35.96
CA PRO Q 46 -39.67 41.15 36.15
C PRO Q 46 -40.69 42.12 35.60
N ILE Q 47 -41.90 41.61 35.41
CA ILE Q 47 -42.91 42.29 34.62
C ILE Q 47 -43.60 43.36 35.47
N THR Q 48 -43.90 44.50 34.86
CA THR Q 48 -44.74 45.52 35.47
C THR Q 48 -46.12 45.53 34.82
N ASN Q 49 -47.01 46.40 35.31
CA ASN Q 49 -48.42 46.31 34.96
C ASN Q 49 -48.69 46.81 33.54
N LYS Q 50 -48.18 47.99 33.19
CA LYS Q 50 -48.24 48.40 31.78
C LYS Q 50 -47.70 47.30 30.89
N GLU Q 51 -46.52 46.81 31.21
CA GLU Q 51 -45.96 45.61 30.62
C GLU Q 51 -46.95 44.45 30.66
N ARG Q 52 -47.55 44.17 31.83
CA ARG Q 52 -48.63 43.20 31.90
C ARG Q 52 -49.76 43.56 30.94
N SER Q 53 -50.41 44.71 31.19
CA SER Q 53 -51.55 45.14 30.38
C SER Q 53 -51.24 45.04 28.90
N LEU Q 54 -50.03 45.39 28.48
CA LEU Q 54 -49.58 45.03 27.15
C LEU Q 54 -49.73 43.54 26.88
N ALA Q 55 -49.04 42.71 27.66
CA ALA Q 55 -48.97 41.27 27.40
C ALA Q 55 -50.34 40.60 27.30
N VAL Q 56 -51.22 40.82 28.27
CA VAL Q 56 -52.50 40.11 28.28
C VAL Q 56 -53.37 40.56 27.12
N LYS Q 57 -53.57 41.87 26.99
CA LYS Q 57 -54.33 42.41 25.86
C LYS Q 57 -53.76 41.92 24.53
N TYR Q 58 -52.43 41.83 24.43
CA TYR Q 58 -51.79 41.12 23.33
C TYR Q 58 -52.35 39.72 23.15
N ILE Q 59 -52.36 38.94 24.23
CA ILE Q 59 -52.86 37.57 24.16
C ILE Q 59 -54.28 37.55 23.65
N ASN Q 60 -55.11 38.49 24.10
CA ASN Q 60 -56.50 38.56 23.64
C ASN Q 60 -56.58 38.59 22.13
N PHE Q 61 -55.71 39.36 21.49
CA PHE Q 61 -55.57 39.22 20.04
C PHE Q 61 -55.07 37.83 19.68
N GLY Q 62 -54.27 37.22 20.57
CA GLY Q 62 -53.81 35.87 20.32
C GLY Q 62 -54.93 34.87 20.11
N LYS Q 63 -55.85 34.76 21.08
CA LYS Q 63 -56.97 33.85 20.91
C LYS Q 63 -57.96 34.38 19.88
N THR Q 64 -58.07 35.71 19.77
CA THR Q 64 -58.82 36.30 18.65
C THR Q 64 -58.38 35.68 17.34
N VAL Q 65 -57.06 35.54 17.17
CA VAL Q 65 -56.54 34.74 16.07
C VAL Q 65 -57.01 33.29 16.18
N LYS Q 66 -56.77 32.65 17.32
CA LYS Q 66 -57.18 31.26 17.49
C LYS Q 66 -58.67 31.09 17.21
N ASP Q 67 -59.46 32.11 17.52
CA ASP Q 67 -60.89 32.12 17.22
C ASP Q 67 -61.18 32.75 15.86
N GLY Q 68 -60.15 33.17 15.14
CA GLY Q 68 -60.33 33.68 13.79
C GLY Q 68 -60.66 32.56 12.83
N PRO Q 69 -60.73 32.88 11.54
CA PRO Q 69 -61.05 31.85 10.54
C PRO Q 69 -60.03 30.74 10.44
N PHE Q 70 -58.83 30.89 11.00
CA PHE Q 70 -57.80 29.86 10.86
C PHE Q 70 -56.93 29.75 12.10
N UNK Q 71 -67.59 35.70 3.71
CA UNK Q 71 -68.07 36.83 4.51
C UNK Q 71 -67.33 38.09 4.10
N UNK Q 72 -66.38 37.95 3.18
CA UNK Q 72 -65.60 39.08 2.70
C UNK Q 72 -64.90 38.69 1.40
N UNK Q 73 -63.57 38.61 1.45
CA UNK Q 73 -62.76 38.21 0.31
C UNK Q 73 -63.05 39.05 -0.92
N UNK Q 74 -63.00 40.37 -0.75
CA UNK Q 74 -63.25 41.28 -1.86
C UNK Q 74 -62.20 41.07 -2.95
N UNK Q 75 -62.49 40.16 -3.86
CA UNK Q 75 -61.54 39.73 -4.89
C UNK Q 75 -60.93 40.86 -5.69
N UNK Q 76 -61.51 42.05 -5.60
CA UNK Q 76 -60.91 43.25 -6.14
C UNK Q 76 -59.50 43.34 -5.58
N UNK Q 77 -58.52 43.03 -6.42
CA UNK Q 77 -57.11 42.99 -6.04
C UNK Q 77 -56.76 41.83 -5.10
N UNK Q 78 -57.70 41.43 -4.25
CA UNK Q 78 -57.47 40.29 -3.37
C UNK Q 78 -57.19 39.06 -4.23
N UNK Q 79 -55.91 38.88 -4.57
CA UNK Q 79 -55.51 37.90 -5.57
C UNK Q 79 -56.32 38.12 -6.84
N UNK Q 80 -56.62 37.03 -7.55
CA UNK Q 80 -57.45 37.13 -8.75
C UNK Q 80 -57.96 35.77 -9.19
N UNK Q 81 -58.23 35.66 -10.49
CA UNK Q 81 -58.78 34.45 -11.09
C UNK Q 81 -57.90 33.25 -10.83
N UNK Q 82 -56.60 33.48 -10.68
CA UNK Q 82 -55.66 32.42 -10.40
C UNK Q 82 -56.01 31.76 -9.07
N UNK Q 83 -56.51 32.58 -8.15
CA UNK Q 83 -56.87 32.08 -6.83
C UNK Q 83 -58.37 31.94 -6.70
N UNK Q 84 -59.11 32.70 -7.49
CA UNK Q 84 -60.57 32.81 -7.35
C UNK Q 84 -61.33 31.49 -7.50
N UNK Q 85 -60.63 30.43 -7.87
CA UNK Q 85 -61.25 29.12 -8.06
C UNK Q 85 -61.99 28.67 -6.82
N UNK Q 86 -61.26 28.12 -5.85
CA UNK Q 86 -61.88 27.70 -4.61
C UNK Q 86 -62.18 28.93 -3.77
N UNK Q 87 -61.55 30.05 -4.12
CA UNK Q 87 -61.77 31.30 -3.42
C UNK Q 87 -63.17 31.82 -3.71
N UNK Q 88 -63.79 31.30 -4.77
CA UNK Q 88 -65.17 31.64 -5.08
C UNK Q 88 -66.06 31.16 -3.94
N UNK Q 89 -65.57 30.18 -3.21
CA UNK Q 89 -66.26 29.68 -2.03
C UNK Q 89 -65.58 30.20 -0.77
N MET R 1 -15.07 -19.81 31.24
CA MET R 1 -15.96 -19.39 32.31
C MET R 1 -17.45 -19.72 32.09
N PRO R 2 -18.01 -19.40 30.91
CA PRO R 2 -19.45 -19.62 30.72
C PRO R 2 -19.79 -21.11 30.74
N VAL R 3 -21.08 -21.38 30.54
CA VAL R 3 -21.64 -22.72 30.71
C VAL R 3 -22.60 -22.96 29.56
N CYS R 4 -22.78 -24.23 29.18
CA CYS R 4 -23.61 -24.56 28.03
C CYS R 4 -25.02 -24.01 28.16
N LYS R 5 -25.55 -23.57 27.03
CA LYS R 5 -26.93 -23.11 26.96
C LYS R 5 -27.94 -24.18 27.35
N ASN R 6 -27.56 -25.46 27.27
CA ASN R 6 -28.46 -26.52 27.68
C ASN R 6 -27.83 -27.53 28.63
N CYS R 7 -26.82 -28.28 28.20
CA CYS R 7 -26.28 -29.36 29.01
C CYS R 7 -25.71 -28.89 30.34
N HIS R 8 -25.49 -27.59 30.50
CA HIS R 8 -24.96 -27.01 31.73
C HIS R 8 -23.53 -27.49 31.99
N GLY R 9 -22.84 -27.85 30.91
CA GLY R 9 -21.42 -28.16 30.96
C GLY R 9 -20.57 -26.92 31.13
N THR R 10 -19.65 -26.98 32.08
CA THR R 10 -18.71 -25.89 32.31
C THR R 10 -17.32 -26.09 31.72
N GLU R 11 -17.04 -27.25 31.13
CA GLU R 11 -15.70 -27.58 30.67
C GLU R 11 -15.62 -27.54 29.14
N PHE R 12 -14.81 -26.63 28.63
CA PHE R 12 -14.81 -26.29 27.22
C PHE R 12 -13.50 -26.71 26.56
N GLU R 13 -13.61 -27.57 25.57
CA GLU R 13 -12.46 -28.05 24.80
C GLU R 13 -12.59 -27.53 23.38
N ARG R 14 -11.53 -26.92 22.87
CA ARG R 14 -11.56 -26.28 21.56
C ARG R 14 -10.86 -27.17 20.56
N ASP R 15 -11.61 -27.71 19.61
CA ASP R 15 -11.01 -28.58 18.60
C ASP R 15 -10.38 -27.72 17.52
N LEU R 16 -9.06 -27.84 17.39
CA LEU R 16 -8.30 -27.24 16.30
C LEU R 16 -7.96 -28.24 15.20
N SER R 17 -8.40 -29.48 15.34
CA SER R 17 -7.98 -30.53 14.43
C SER R 17 -8.28 -30.19 12.97
N ASN R 18 -9.55 -30.01 12.62
CA ASN R 18 -9.97 -29.86 11.24
C ASN R 18 -9.78 -28.45 10.73
N ALA R 19 -9.17 -27.58 11.54
CA ALA R 19 -8.96 -26.18 11.21
C ALA R 19 -10.29 -25.42 11.13
N ASN R 20 -11.29 -25.93 11.85
CA ASN R 20 -12.44 -25.07 12.14
C ASN R 20 -12.18 -24.17 13.33
N ASN R 21 -11.37 -24.64 14.28
CA ASN R 21 -11.20 -23.97 15.56
C ASN R 21 -12.54 -23.70 16.24
N ASP R 22 -13.20 -24.77 16.68
CA ASP R 22 -14.52 -24.60 17.26
C ASP R 22 -14.51 -25.18 18.68
N LEU R 23 -14.92 -24.36 19.63
CA LEU R 23 -14.90 -24.70 21.05
C LEU R 23 -16.24 -25.29 21.44
N VAL R 24 -16.21 -26.47 22.05
CA VAL R 24 -17.43 -27.13 22.52
C VAL R 24 -17.14 -27.82 23.84
N CYS R 25 -18.15 -27.91 24.69
CA CYS R 25 -18.01 -28.69 25.90
C CYS R 25 -18.28 -30.16 25.62
N LYS R 26 -17.48 -31.02 26.23
CA LYS R 26 -17.65 -32.45 26.10
C LYS R 26 -18.96 -32.89 26.75
N ALA R 27 -19.66 -31.95 27.40
CA ALA R 27 -20.94 -32.23 28.01
C ALA R 27 -22.15 -31.99 27.12
N CYS R 28 -22.01 -31.35 25.96
CA CYS R 28 -23.20 -31.07 25.16
C CYS R 28 -23.05 -31.53 23.72
N GLY R 29 -22.09 -30.94 23.01
CA GLY R 29 -22.00 -31.12 21.59
C GLY R 29 -22.43 -29.90 20.82
N VAL R 30 -22.63 -28.79 21.52
CA VAL R 30 -22.98 -27.55 20.84
C VAL R 30 -21.90 -26.52 21.11
N VAL R 31 -21.31 -25.97 20.05
CA VAL R 31 -20.39 -24.86 20.22
C VAL R 31 -21.18 -23.65 20.69
N SER R 32 -20.53 -22.84 21.52
CA SER R 32 -21.15 -21.60 21.96
C SER R 32 -20.74 -20.42 21.10
N GLU R 33 -19.99 -20.68 20.03
CA GLU R 33 -19.45 -19.60 19.22
C GLU R 33 -19.16 -20.11 17.82
N ASP R 34 -19.07 -19.18 16.88
CA ASP R 34 -18.70 -19.46 15.50
C ASP R 34 -17.51 -18.59 15.12
N ASN R 35 -16.44 -19.25 14.69
CA ASN R 35 -15.34 -18.56 14.04
C ASN R 35 -14.73 -17.49 14.95
N PRO R 36 -14.02 -17.89 15.99
CA PRO R 36 -13.46 -16.91 16.92
C PRO R 36 -12.62 -15.84 16.24
N ILE R 37 -12.90 -14.59 16.59
CA ILE R 37 -12.20 -13.44 16.05
C ILE R 37 -10.74 -13.43 16.50
N VAL R 38 -9.82 -13.13 15.59
CA VAL R 38 -8.40 -13.04 15.92
C VAL R 38 -7.80 -11.80 15.28
N SER R 39 -6.66 -11.37 15.81
CA SER R 39 -5.96 -10.17 15.37
C SER R 39 -5.25 -10.45 14.05
N GLU R 40 -4.52 -9.46 13.55
CA GLU R 40 -3.89 -9.55 12.25
C GLU R 40 -2.51 -8.93 12.34
N VAL R 41 -1.84 -8.82 11.19
CA VAL R 41 -0.48 -8.30 11.01
C VAL R 41 0.37 -8.25 12.29
N ALA R 72 4.63 13.91 24.97
CA ALA R 72 5.34 13.49 26.18
C ALA R 72 5.60 14.68 27.10
N LEU R 73 4.56 15.48 27.32
CA LEU R 73 4.67 16.65 28.19
C LEU R 73 4.02 16.28 29.53
N GLU R 74 4.87 16.05 30.53
CA GLU R 74 4.46 15.75 31.90
C GLU R 74 5.57 16.20 32.82
N SER R 75 5.21 16.59 34.04
CA SER R 75 6.25 16.79 35.04
C SER R 75 6.94 15.48 35.37
N ARG R 76 6.18 14.43 35.65
CA ARG R 76 6.76 13.16 36.05
C ARG R 76 7.28 12.35 34.87
N GLU R 77 6.47 12.20 33.81
CA GLU R 77 6.76 11.17 32.82
C GLU R 77 7.96 11.52 31.95
N ALA R 78 8.18 12.79 31.66
CA ALA R 78 9.41 13.16 30.94
C ALA R 78 10.63 12.76 31.76
N THR R 79 10.62 13.08 33.06
CA THR R 79 11.70 12.63 33.94
C THR R 79 11.72 11.12 34.06
N LEU R 80 10.63 10.45 33.70
CA LEU R 80 10.64 8.99 33.71
C LEU R 80 11.34 8.45 32.47
N ASN R 81 11.09 9.08 31.31
CA ASN R 81 11.91 8.78 30.14
C ASN R 81 13.37 9.04 30.45
N ASN R 82 13.66 10.10 31.19
CA ASN R 82 14.99 10.27 31.73
C ASN R 82 15.37 9.12 32.65
N ALA R 83 14.41 8.59 33.39
CA ALA R 83 14.72 7.58 34.41
C ALA R 83 15.17 6.28 33.78
N ARG R 84 14.37 5.74 32.86
CA ARG R 84 14.84 4.61 32.07
C ARG R 84 16.10 4.97 31.31
N ARG R 85 16.13 6.13 30.64
CA ARG R 85 17.29 6.49 29.83
C ARG R 85 18.57 6.36 30.62
N LYS R 86 18.79 7.21 31.61
CA LYS R 86 19.95 7.07 32.49
C LYS R 86 20.05 5.66 33.06
N LEU R 87 18.94 5.09 33.55
CA LEU R 87 18.99 3.72 34.02
C LEU R 87 19.45 2.78 32.93
N ARG R 88 18.63 2.58 31.91
CA ARG R 88 18.97 1.66 30.84
C ARG R 88 20.38 1.90 30.34
N ALA R 89 20.78 3.16 30.20
CA ALA R 89 22.16 3.46 29.88
C ALA R 89 23.11 2.84 30.89
N VAL R 90 23.13 3.37 32.12
CA VAL R 90 24.11 2.92 33.10
C VAL R 90 23.90 1.47 33.48
N SER R 91 22.70 0.95 33.28
CA SER R 91 22.41 -0.44 33.63
C SER R 91 23.34 -1.40 32.91
N TYR R 92 23.21 -1.47 31.60
CA TYR R 92 23.84 -2.64 31.00
C TYR R 92 25.26 -2.42 30.67
N ALA R 93 25.80 -1.27 31.04
CA ALA R 93 27.25 -1.12 31.01
C ALA R 93 27.93 -2.25 31.76
N LEU R 94 27.26 -2.80 32.77
CA LEU R 94 27.70 -4.00 33.47
C LEU R 94 27.17 -5.28 32.84
N HIS R 95 26.39 -5.17 31.77
CA HIS R 95 25.81 -6.33 31.08
C HIS R 95 24.89 -7.11 32.02
N ILE R 96 24.35 -6.41 33.00
CA ILE R 96 23.30 -6.94 33.87
C ILE R 96 22.11 -7.24 32.99
N PRO R 97 21.21 -8.12 33.39
CA PRO R 97 20.05 -8.44 32.55
C PRO R 97 19.14 -7.29 32.15
N GLU R 98 18.91 -7.18 30.84
CA GLU R 98 17.86 -6.29 30.33
C GLU R 98 16.55 -6.39 31.16
N TYR R 99 16.12 -7.63 31.35
CA TYR R 99 15.12 -7.93 32.37
C TYR R 99 15.19 -7.21 33.71
N ILE R 100 16.21 -7.51 34.51
CA ILE R 100 16.32 -6.95 35.85
C ILE R 100 16.27 -5.43 35.83
N THR R 101 16.76 -4.80 34.77
CA THR R 101 16.68 -3.36 34.66
C THR R 101 15.23 -2.95 34.66
N ASP R 102 14.46 -3.49 33.70
CA ASP R 102 13.01 -3.29 33.70
C ASP R 102 12.43 -3.48 35.09
N ALA R 103 12.82 -4.56 35.77
CA ALA R 103 12.37 -4.76 37.13
C ALA R 103 12.66 -3.59 38.06
N ALA R 104 13.88 -3.07 38.03
CA ALA R 104 14.25 -1.99 38.93
C ALA R 104 13.54 -0.69 38.61
N PHE R 105 13.26 -0.44 37.33
CA PHE R 105 12.55 0.78 36.96
C PHE R 105 11.30 0.97 37.77
N GLN R 106 10.44 -0.06 37.82
CA GLN R 106 9.24 0.04 38.62
C GLN R 106 9.54 0.32 40.08
N TRP R 107 10.70 -0.12 40.57
CA TRP R 107 11.09 0.27 41.92
C TRP R 107 11.37 1.75 42.00
N TYR R 108 12.08 2.31 41.02
CA TYR R 108 12.25 3.76 40.99
C TYR R 108 10.90 4.47 40.98
N LYS R 109 9.89 3.87 40.35
CA LYS R 109 8.57 4.46 40.42
C LYS R 109 7.98 4.29 41.81
N LEU R 110 8.32 3.20 42.49
CA LEU R 110 7.84 2.99 43.84
C LEU R 110 8.36 4.06 44.79
N ALA R 111 9.68 4.21 44.88
CA ALA R 111 10.24 5.28 45.68
C ALA R 111 9.80 6.65 45.18
N LEU R 112 9.59 6.77 43.87
CA LEU R 112 9.05 8.00 43.32
C LEU R 112 7.71 8.34 43.94
N ALA R 113 6.86 7.33 44.15
CA ALA R 113 5.61 7.57 44.86
C ALA R 113 5.84 8.06 46.28
N ASN R 114 6.73 7.42 47.03
CA ASN R 114 7.09 7.85 48.37
C ASN R 114 7.81 9.18 48.38
N ASN R 115 8.19 9.69 47.20
CA ASN R 115 8.91 10.95 47.08
C ASN R 115 10.25 10.83 47.80
N PHE R 116 10.72 9.60 47.91
CA PHE R 116 12.11 9.33 48.28
C PHE R 116 13.10 9.96 47.31
N VAL R 117 12.65 10.28 46.11
CA VAL R 117 13.51 10.74 45.03
C VAL R 117 13.79 12.24 45.02
N GLN R 118 13.34 12.96 46.03
CA GLN R 118 13.32 14.42 45.95
C GLN R 118 14.69 15.05 46.13
N GLY R 119 15.25 14.98 47.35
CA GLY R 119 16.34 15.85 47.72
C GLY R 119 17.75 15.29 47.71
N ARG R 120 18.02 14.24 46.93
CA ARG R 120 19.31 13.58 46.98
C ARG R 120 19.83 13.38 45.57
N ARG R 121 21.15 13.17 45.46
CA ARG R 121 21.83 13.02 44.18
C ARG R 121 21.23 11.84 43.41
N SER R 122 20.87 12.11 42.16
CA SER R 122 20.15 11.10 41.37
C SER R 122 20.96 9.83 41.19
N GLN R 123 22.29 9.94 41.17
CA GLN R 123 23.12 8.76 40.99
C GLN R 123 22.91 7.77 42.13
N ASN R 124 23.09 8.23 43.37
CA ASN R 124 22.84 7.39 44.54
C ASN R 124 21.49 6.72 44.47
N VAL R 125 20.49 7.40 43.92
CA VAL R 125 19.16 6.83 43.81
C VAL R 125 19.13 5.73 42.76
N ILE R 126 19.35 6.10 41.50
CA ILE R 126 19.29 5.18 40.38
C ILE R 126 20.15 3.94 40.65
N ALA R 127 21.31 4.12 41.29
CA ALA R 127 22.11 3.00 41.72
C ALA R 127 21.33 2.07 42.63
N SER R 128 20.96 2.57 43.81
CA SER R 128 20.23 1.77 44.79
C SER R 128 19.05 1.04 44.16
N CYS R 129 18.27 1.75 43.34
CA CYS R 129 17.16 1.13 42.65
C CYS R 129 17.58 -0.17 41.97
N LEU R 130 18.49 -0.10 41.01
CA LEU R 130 19.02 -1.31 40.40
C LEU R 130 19.53 -2.31 41.42
N TYR R 131 20.23 -1.83 42.45
CA TYR R 131 20.89 -2.73 43.38
C TYR R 131 19.90 -3.60 44.13
N VAL R 132 18.75 -3.04 44.55
CA VAL R 132 17.78 -3.85 45.27
C VAL R 132 17.27 -5.00 44.42
N ALA R 133 17.11 -4.78 43.11
CA ALA R 133 16.69 -5.84 42.21
C ALA R 133 17.67 -7.01 42.22
N CYS R 134 18.88 -6.78 41.72
CA CYS R 134 19.88 -7.84 41.68
C CYS R 134 20.05 -8.50 43.03
N ARG R 135 20.06 -7.71 44.11
CA ARG R 135 20.03 -8.31 45.43
C ARG R 135 18.81 -9.21 45.61
N LYS R 136 17.62 -8.72 45.26
CA LYS R 136 16.43 -9.54 45.39
C LYS R 136 16.49 -10.76 44.50
N GLU R 137 17.18 -10.67 43.37
CA GLU R 137 17.24 -11.76 42.40
C GLU R 137 18.51 -12.53 42.72
N LYS R 138 19.29 -12.10 43.71
CA LYS R 138 20.54 -12.78 44.03
C LYS R 138 21.32 -13.19 42.78
N THR R 139 21.98 -12.22 42.17
CA THR R 139 22.72 -12.41 40.94
C THR R 139 24.10 -11.89 41.35
N HIS R 140 25.11 -12.17 40.52
CA HIS R 140 26.47 -11.90 40.96
C HIS R 140 26.88 -10.49 40.54
N HIS R 141 26.86 -9.63 41.54
CA HIS R 141 27.37 -8.27 41.50
C HIS R 141 27.58 -7.90 42.95
N MET R 142 28.39 -6.89 43.21
CA MET R 142 28.55 -6.44 44.58
C MET R 142 28.32 -4.95 44.65
N LEU R 143 27.75 -4.52 45.77
CA LEU R 143 27.53 -3.10 45.98
C LEU R 143 28.82 -2.32 45.77
N ILE R 144 29.83 -2.59 46.59
CA ILE R 144 31.15 -1.99 46.37
C ILE R 144 31.60 -2.18 44.93
N ASP R 145 31.37 -3.37 44.37
CA ASP R 145 31.59 -3.55 42.95
C ASP R 145 30.75 -2.59 42.12
N PHE R 146 29.42 -2.74 42.18
CA PHE R 146 28.54 -1.86 41.42
C PHE R 146 28.58 -0.36 41.61
N SER R 147 28.98 0.08 42.80
CA SER R 147 29.04 1.50 43.13
C SER R 147 30.07 2.26 42.29
N SER R 148 31.10 1.53 41.88
CA SER R 148 32.22 2.05 41.10
C SER R 148 31.90 2.24 39.62
N ARG R 149 31.56 3.48 39.29
CA ARG R 149 31.23 3.92 37.94
C ARG R 149 31.15 5.42 38.15
N LEU R 150 31.73 5.84 39.27
CA LEU R 150 31.72 7.23 39.69
C LEU R 150 32.70 7.47 40.83
N GLN R 151 32.51 8.62 41.46
CA GLN R 151 33.30 9.16 42.56
C GLN R 151 32.93 8.55 43.90
N VAL R 152 32.00 7.61 43.87
CA VAL R 152 31.27 7.14 45.04
C VAL R 152 32.24 6.67 46.13
N SER R 153 31.99 7.13 47.36
CA SER R 153 32.72 6.67 48.53
C SER R 153 32.10 5.40 49.11
N VAL R 154 30.96 4.99 48.54
CA VAL R 154 30.31 3.72 48.80
C VAL R 154 29.63 3.77 50.17
N TYR R 155 30.05 4.74 50.98
CA TYR R 155 29.19 5.15 52.09
C TYR R 155 28.06 6.02 51.58
N SER R 156 28.30 6.73 50.47
CA SER R 156 27.23 7.49 49.82
C SER R 156 26.08 6.58 49.44
N ILE R 157 26.31 5.72 48.44
CA ILE R 157 25.24 4.87 47.96
C ILE R 157 24.76 3.94 49.06
N GLY R 158 25.68 3.26 49.76
CA GLY R 158 25.27 2.39 50.84
C GLY R 158 24.35 3.09 51.82
N ALA R 159 24.66 4.34 52.14
CA ALA R 159 23.78 5.12 52.99
C ALA R 159 22.42 5.31 52.34
N THR R 160 22.41 5.73 51.07
CA THR R 160 21.16 5.93 50.35
C THR R 160 20.29 4.69 50.39
N PHE R 161 20.79 3.60 49.81
CA PHE R 161 20.14 2.30 49.86
C PHE R 161 19.65 1.97 51.26
N LEU R 162 20.47 2.21 52.27
CA LEU R 162 20.04 2.03 53.65
C LEU R 162 18.81 2.87 53.97
N LYS R 163 18.74 4.11 53.46
CA LYS R 163 17.62 4.97 53.79
C LYS R 163 16.35 4.55 53.10
N MET R 164 16.41 4.31 51.79
CA MET R 164 15.22 3.81 51.11
C MET R 164 14.72 2.52 51.73
N VAL R 165 15.61 1.76 52.37
CA VAL R 165 15.17 0.65 53.19
C VAL R 165 14.38 1.16 54.40
N LYS R 166 14.89 2.20 55.07
CA LYS R 166 14.14 2.76 56.20
C LYS R 166 12.73 3.15 55.78
N LYS R 167 12.56 3.62 54.55
CA LYS R 167 11.22 4.01 54.13
C LYS R 167 10.53 2.93 53.30
N LEU R 168 11.19 1.79 53.09
CA LEU R 168 10.52 0.68 52.42
C LEU R 168 10.53 -0.59 53.25
N HIS R 169 9.41 -1.30 53.28
CA HIS R 169 9.27 -2.43 54.18
C HIS R 169 9.81 -3.71 53.54
N ILE R 170 10.41 -3.59 52.37
CA ILE R 170 11.20 -4.66 51.78
C ILE R 170 12.22 -5.15 52.80
N THR R 171 12.27 -6.47 53.02
CA THR R 171 12.99 -6.94 54.20
C THR R 171 14.10 -7.96 53.95
N GLU R 172 13.75 -9.24 53.77
CA GLU R 172 14.74 -10.30 53.94
C GLU R 172 15.42 -10.68 52.63
N LEU R 173 14.88 -10.25 51.51
CA LEU R 173 15.28 -10.82 50.23
C LEU R 173 16.76 -10.64 49.90
N PRO R 174 17.41 -9.49 50.14
CA PRO R 174 18.80 -9.35 49.72
C PRO R 174 19.79 -10.15 50.57
N LEU R 175 19.97 -11.42 50.24
CA LEU R 175 20.90 -12.29 50.95
C LEU R 175 22.03 -12.64 49.99
N ALA R 176 23.18 -13.02 50.52
CA ALA R 176 24.37 -13.19 49.68
C ALA R 176 25.21 -14.40 50.10
N ASP R 177 25.89 -14.96 49.11
CA ASP R 177 26.96 -15.92 49.33
C ASP R 177 28.02 -15.72 48.26
N PRO R 178 29.25 -16.17 48.51
CA PRO R 178 30.30 -16.05 47.48
C PRO R 178 30.09 -16.93 46.27
N SER R 179 29.36 -18.04 46.42
CA SER R 179 29.18 -18.99 45.33
C SER R 179 28.74 -18.31 44.04
N LEU R 180 27.90 -17.30 44.14
CA LEU R 180 27.65 -16.40 43.02
C LEU R 180 28.92 -15.76 42.49
N PHE R 181 29.63 -15.01 43.32
CA PHE R 181 30.74 -14.18 42.89
C PHE R 181 31.85 -14.97 42.22
N ILE R 182 32.22 -16.13 42.77
CA ILE R 182 33.38 -16.86 42.28
C ILE R 182 33.35 -17.13 40.79
N GLN R 183 32.18 -17.45 40.22
CA GLN R 183 32.10 -17.62 38.78
C GLN R 183 32.56 -16.39 38.04
N HIS R 184 31.85 -15.27 38.23
CA HIS R 184 32.21 -14.02 37.59
C HIS R 184 33.66 -13.63 37.86
N PHE R 185 34.22 -14.08 38.99
CA PHE R 185 35.64 -13.86 39.22
C PHE R 185 36.48 -14.71 38.26
N ALA R 186 36.19 -16.00 38.18
CA ALA R 186 36.93 -16.92 37.32
C ALA R 186 37.00 -16.46 35.89
N GLU R 187 35.96 -15.79 35.38
CA GLU R 187 35.98 -15.29 34.01
C GLU R 187 37.10 -14.28 33.83
N LYS R 188 37.54 -13.63 34.91
CA LYS R 188 38.65 -12.70 34.86
C LYS R 188 39.98 -13.38 35.16
N LEU R 189 39.97 -14.66 35.50
CA LEU R 189 41.16 -15.34 35.97
C LEU R 189 41.93 -16.07 34.88
N ASP R 190 41.42 -16.09 33.65
CA ASP R 190 42.13 -16.66 32.50
C ASP R 190 42.69 -18.08 32.49
N LEU R 191 43.94 -18.26 32.09
CA LEU R 191 44.55 -19.59 32.08
C LEU R 191 43.70 -20.64 31.36
N ALA R 192 43.22 -21.63 32.11
CA ALA R 192 42.42 -22.71 31.53
C ALA R 192 41.11 -23.01 32.25
N ASP R 193 40.70 -24.29 32.22
CA ASP R 193 39.47 -24.73 32.84
C ASP R 193 39.70 -25.59 34.07
N LYS R 194 40.95 -25.93 34.38
CA LYS R 194 41.26 -26.46 35.70
C LYS R 194 40.66 -25.51 36.72
N LYS R 195 40.65 -24.20 36.42
CA LYS R 195 40.00 -23.25 37.30
C LYS R 195 38.61 -23.72 37.73
N ILE R 196 37.78 -24.10 36.76
CA ILE R 196 36.50 -24.71 37.05
C ILE R 196 36.53 -25.89 38.01
N LYS R 197 37.38 -26.88 37.72
CA LYS R 197 37.70 -27.91 38.69
C LYS R 197 38.10 -27.28 40.02
N VAL R 198 39.05 -26.36 39.99
CA VAL R 198 39.41 -25.59 41.17
C VAL R 198 38.20 -24.90 41.78
N VAL R 199 37.29 -24.40 40.95
CA VAL R 199 36.09 -23.76 41.47
C VAL R 199 35.37 -24.70 42.44
N LYS R 200 35.05 -25.91 41.98
CA LYS R 200 34.46 -26.90 42.86
C LYS R 200 35.30 -27.09 44.11
N ASP R 201 36.62 -27.08 43.96
CA ASP R 201 37.52 -27.02 45.10
C ASP R 201 37.13 -25.93 46.08
N ALA R 202 37.17 -24.67 45.65
CA ALA R 202 36.87 -23.54 46.52
C ALA R 202 35.50 -23.66 47.16
N VAL R 203 34.49 -24.09 46.40
CA VAL R 203 33.13 -24.15 46.94
C VAL R 203 33.08 -25.02 48.17
N LYS R 204 33.49 -26.29 48.05
CA LYS R 204 33.63 -27.14 49.22
C LYS R 204 34.46 -26.45 50.29
N LEU R 205 35.57 -25.84 49.88
CA LEU R 205 36.28 -24.94 50.77
C LEU R 205 35.35 -23.87 51.33
N ALA R 206 34.79 -23.04 50.45
CA ALA R 206 33.92 -21.94 50.88
C ALA R 206 32.89 -22.39 51.89
N GLN R 207 31.96 -23.27 51.48
CA GLN R 207 30.92 -23.71 52.39
C GLN R 207 31.50 -24.29 53.67
N ARG R 208 32.68 -24.91 53.59
CA ARG R 208 33.32 -25.34 54.83
C ARG R 208 33.73 -24.15 55.67
N MET R 209 34.29 -23.12 55.04
CA MET R 209 34.60 -21.90 55.78
C MET R 209 33.33 -21.26 56.32
N SER R 210 32.24 -21.32 55.56
CA SER R 210 30.95 -20.99 56.15
C SER R 210 30.64 -21.90 57.32
N LYS R 211 30.84 -23.21 57.15
CA LYS R 211 30.80 -24.11 58.29
C LYS R 211 31.73 -23.92 59.49
N ASP R 212 32.97 -23.54 59.21
CA ASP R 212 33.99 -23.30 60.24
C ASP R 212 33.76 -21.98 60.97
N TRP R 213 32.66 -21.32 60.66
CA TRP R 213 32.24 -20.05 61.27
C TRP R 213 33.15 -18.81 61.17
N MET R 214 33.96 -18.70 60.12
CA MET R 214 34.77 -17.51 59.96
C MET R 214 34.24 -16.66 58.82
N PHE R 215 33.20 -17.18 58.17
CA PHE R 215 32.56 -16.55 57.02
C PHE R 215 31.88 -15.24 57.40
N GLU R 216 31.45 -15.14 58.66
CA GLU R 216 30.58 -14.04 59.07
C GLU R 216 31.38 -12.77 59.30
N GLY R 217 30.72 -11.62 59.14
CA GLY R 217 31.27 -10.35 59.55
C GLY R 217 32.34 -9.78 58.65
N ARG R 218 32.49 -10.31 57.44
CA ARG R 218 33.52 -9.87 56.52
C ARG R 218 32.95 -9.83 55.11
N ARG R 219 33.66 -9.18 54.21
CA ARG R 219 33.12 -8.95 52.88
C ARG R 219 33.07 -10.25 52.09
N PRO R 220 31.95 -10.54 51.42
CA PRO R 220 31.93 -11.70 50.53
C PRO R 220 33.06 -11.70 49.53
N ALA R 221 33.46 -10.52 49.03
CA ALA R 221 34.60 -10.47 48.11
C ALA R 221 35.87 -11.00 48.77
N GLY R 222 36.10 -10.65 50.04
CA GLY R 222 37.32 -11.08 50.69
C GLY R 222 37.41 -12.58 50.83
N ILE R 223 36.43 -13.20 51.48
CA ILE R 223 36.46 -14.65 51.63
C ILE R 223 36.38 -15.33 50.27
N ALA R 224 35.70 -14.69 49.32
CA ALA R 224 35.66 -15.22 47.96
C ALA R 224 37.06 -15.36 47.38
N GLY R 225 37.73 -14.23 47.16
CA GLY R 225 39.10 -14.27 46.70
C GLY R 225 40.00 -15.06 47.62
N ALA R 226 39.67 -15.14 48.90
CA ALA R 226 40.38 -16.03 49.80
C ALA R 226 40.35 -17.46 49.30
N CYS R 227 39.16 -18.05 49.21
CA CYS R 227 39.04 -19.41 48.70
C CYS R 227 39.66 -19.55 47.32
N ILE R 228 39.43 -18.56 46.45
CA ILE R 228 40.01 -18.60 45.11
C ILE R 228 41.51 -18.76 45.19
N LEU R 229 42.18 -17.93 45.98
CA LEU R 229 43.60 -18.12 46.22
C LEU R 229 43.88 -19.52 46.73
N LEU R 230 43.38 -19.85 47.92
CA LEU R 230 43.71 -21.11 48.56
C LEU R 230 43.63 -22.30 47.61
N ALA R 231 42.62 -22.32 46.74
CA ALA R 231 42.52 -23.43 45.78
C ALA R 231 43.47 -23.24 44.62
N CYS R 232 43.82 -22.00 44.28
CA CYS R 232 44.87 -21.79 43.28
C CYS R 232 46.24 -22.24 43.78
N ARG R 233 46.56 -21.93 45.03
CA ARG R 233 47.68 -22.56 45.71
C ARG R 233 47.50 -24.08 45.75
N MET R 234 46.26 -24.55 45.82
CA MET R 234 45.99 -25.96 45.61
C MET R 234 46.15 -26.35 44.15
N ASN R 235 46.04 -25.38 43.24
CA ASN R 235 46.17 -25.63 41.82
C ASN R 235 47.60 -25.51 41.32
N ASN R 236 48.56 -25.35 42.23
CA ASN R 236 49.99 -25.16 41.95
C ASN R 236 50.21 -24.21 40.78
N LEU R 237 49.75 -22.98 40.95
CA LEU R 237 49.94 -21.90 39.99
C LEU R 237 50.59 -20.73 40.70
N ARG R 238 51.11 -19.79 39.91
CA ARG R 238 51.67 -18.57 40.48
C ARG R 238 50.82 -17.37 40.09
N ARG R 239 50.06 -16.89 41.08
CA ARG R 239 49.29 -15.66 40.93
C ARG R 239 49.53 -14.74 42.12
N THR R 240 48.95 -13.55 42.05
CA THR R 240 49.28 -12.50 43.00
C THR R 240 48.02 -11.97 43.67
N HIS R 241 48.18 -11.61 44.94
CA HIS R 241 47.14 -10.89 45.65
C HIS R 241 46.64 -9.70 44.87
N THR R 242 47.55 -8.95 44.24
CA THR R 242 47.14 -7.88 43.33
C THR R 242 46.09 -8.37 42.34
N GLU R 243 46.44 -9.34 41.52
CA GLU R 243 45.51 -9.90 40.55
C GLU R 243 44.23 -10.38 41.19
N ILE R 244 44.26 -10.72 42.48
CA ILE R 244 43.05 -11.16 43.16
C ILE R 244 42.15 -9.98 43.49
N VAL R 245 42.63 -9.06 44.31
CA VAL R 245 41.86 -7.86 44.62
C VAL R 245 41.45 -7.11 43.37
N ALA R 246 42.13 -7.35 42.25
CA ALA R 246 41.67 -6.80 40.98
C ALA R 246 40.19 -7.06 40.77
N VAL R 247 39.72 -8.28 41.04
CA VAL R 247 38.29 -8.53 41.05
C VAL R 247 37.74 -8.13 42.42
N SER R 248 38.49 -8.41 43.49
CA SER R 248 37.92 -8.26 44.82
C SER R 248 37.79 -6.81 45.28
N HIS R 249 38.77 -5.96 44.94
CA HIS R 249 38.76 -4.54 45.33
C HIS R 249 38.77 -4.39 46.84
N VAL R 250 39.67 -5.14 47.48
CA VAL R 250 39.98 -5.00 48.90
C VAL R 250 41.48 -4.83 48.98
N ALA R 251 42.03 -4.79 50.19
CA ALA R 251 43.48 -4.73 50.32
C ALA R 251 44.07 -6.13 50.32
N GLU R 252 45.40 -6.18 50.33
CA GLU R 252 46.10 -7.44 50.48
C GLU R 252 46.12 -7.87 51.95
N GLU R 253 46.68 -7.01 52.80
CA GLU R 253 46.63 -7.22 54.24
C GLU R 253 45.24 -7.64 54.68
N THR R 254 44.21 -7.02 54.09
CA THR R 254 42.85 -7.51 54.24
C THR R 254 42.80 -9.03 54.04
N LEU R 255 43.16 -9.48 52.84
CA LEU R 255 43.13 -10.90 52.55
C LEU R 255 43.95 -11.71 53.55
N GLN R 256 45.27 -11.53 53.58
CA GLN R 256 46.11 -12.42 54.37
C GLN R 256 45.77 -12.40 55.85
N GLN R 257 45.08 -11.37 56.35
CA GLN R 257 44.46 -11.51 57.65
C GLN R 257 43.45 -12.64 57.64
N ARG R 258 42.78 -12.85 56.51
CA ARG R 258 41.90 -14.00 56.37
C ARG R 258 42.64 -15.27 56.03
N LEU R 259 43.76 -15.18 55.32
CA LEU R 259 44.63 -16.33 55.18
C LEU R 259 45.01 -16.90 56.53
N ASN R 260 45.71 -16.10 57.35
CA ASN R 260 46.03 -16.53 58.70
C ASN R 260 44.78 -16.84 59.50
N GLU R 261 43.68 -16.14 59.21
CA GLU R 261 42.40 -16.45 59.86
C GLU R 261 41.96 -17.87 59.55
N PHE R 262 42.43 -18.44 58.44
CA PHE R 262 42.36 -19.87 58.25
C PHE R 262 43.49 -20.62 58.92
N LYS R 263 44.71 -20.07 58.89
CA LYS R 263 45.89 -20.78 59.38
C LYS R 263 45.78 -21.18 60.84
N ASN R 264 45.11 -20.38 61.66
CA ASN R 264 44.98 -20.61 63.08
C ASN R 264 43.94 -21.70 63.39
N THR R 265 43.14 -22.06 62.39
CA THR R 265 41.98 -22.90 62.63
C THR R 265 42.41 -24.33 62.91
N LYS R 266 41.43 -25.19 63.20
CA LYS R 266 41.69 -26.59 63.50
C LYS R 266 41.77 -27.36 62.19
N ALA R 267 42.73 -28.28 62.11
CA ALA R 267 43.01 -29.04 60.89
C ALA R 267 43.36 -28.10 59.74
N ALA R 268 43.81 -26.89 60.08
CA ALA R 268 44.25 -25.94 59.07
C ALA R 268 45.36 -26.48 58.20
N LYS R 269 46.59 -26.60 58.73
CA LYS R 269 47.66 -27.29 58.04
C LYS R 269 47.62 -28.80 58.23
N LEU R 270 47.04 -29.29 59.32
CA LEU R 270 46.93 -30.72 59.54
C LEU R 270 46.18 -31.44 58.43
N SER R 271 45.07 -30.86 57.93
CA SER R 271 44.35 -31.41 56.81
C SER R 271 44.65 -30.70 55.48
N VAL R 272 45.52 -29.67 55.49
CA VAL R 272 45.72 -28.83 54.32
C VAL R 272 46.22 -29.61 53.11
N GLN R 273 46.62 -30.86 53.29
CA GLN R 273 47.17 -31.69 52.24
C GLN R 273 46.08 -32.14 51.28
N LYS R 274 46.36 -33.18 50.49
CA LYS R 274 45.56 -33.60 49.35
C LYS R 274 44.21 -34.17 49.80
N PHE R 275 43.60 -34.95 48.91
CA PHE R 275 42.32 -35.64 49.07
C PHE R 275 41.18 -34.65 49.23
N ARG R 276 41.36 -33.43 48.71
CA ARG R 276 40.28 -32.46 48.56
C ARG R 276 39.56 -32.21 49.87
N GLU R 277 40.30 -32.35 50.98
CA GLU R 277 39.75 -32.13 52.32
C GLU R 277 38.57 -33.05 52.59
N ASN R 278 38.81 -34.37 52.63
CA ASN R 278 37.75 -35.30 52.96
C ASN R 278 37.13 -35.05 54.32
N ASP R 279 37.93 -34.55 55.26
CA ASP R 279 37.41 -34.11 56.55
C ASP R 279 36.39 -33.00 56.29
N VAL R 280 35.14 -33.26 56.62
CA VAL R 280 34.10 -32.24 56.61
C VAL R 280 33.78 -31.76 58.03
N GLU R 281 34.39 -32.37 59.04
CA GLU R 281 33.99 -32.21 60.42
C GLU R 281 34.22 -30.80 60.93
N ASP R 282 33.37 -30.40 61.86
CA ASP R 282 33.20 -29.01 62.28
C ASP R 282 34.30 -28.48 63.19
N GLY R 283 34.64 -29.21 64.24
CA GLY R 283 35.42 -28.61 65.31
C GLY R 283 34.54 -27.69 66.12
N GLU R 284 35.05 -26.52 66.51
CA GLU R 284 34.25 -25.52 67.20
C GLU R 284 33.96 -24.36 66.26
N ALA R 285 33.20 -23.38 66.76
CA ALA R 285 32.90 -22.15 66.03
C ALA R 285 33.30 -20.98 66.93
N ARG R 286 34.36 -20.28 66.54
CA ARG R 286 35.06 -19.33 67.40
C ARG R 286 35.56 -18.14 66.60
N PRO R 287 34.70 -17.16 66.31
CA PRO R 287 35.14 -15.97 65.59
C PRO R 287 36.21 -15.22 66.38
N PRO R 288 37.06 -14.46 65.69
CA PRO R 288 38.15 -13.76 66.38
C PRO R 288 37.66 -12.73 67.38
N SER R 289 36.38 -12.37 67.27
CA SER R 289 35.84 -11.26 68.04
C SER R 289 36.07 -11.44 69.54
N PHE R 290 35.43 -12.45 70.15
CA PHE R 290 35.55 -12.67 71.58
C PHE R 290 36.97 -13.02 72.00
N VAL R 291 37.79 -13.52 71.07
CA VAL R 291 39.19 -13.77 71.38
C VAL R 291 39.88 -12.48 71.77
N LYS R 292 39.45 -11.37 71.19
CA LYS R 292 39.95 -10.07 71.63
C LYS R 292 39.54 -9.79 73.07
N ASN R 293 38.36 -10.24 73.48
CA ASN R 293 38.00 -10.19 74.90
C ASN R 293 38.91 -11.10 75.72
N ARG R 294 39.36 -12.21 75.13
CA ARG R 294 40.32 -13.08 75.81
C ARG R 294 41.65 -12.38 76.05
N LYS R 295 42.21 -11.74 75.02
CA LYS R 295 43.46 -11.01 75.19
C LYS R 295 43.29 -9.85 76.17
N LYS R 296 42.21 -9.08 76.00
CA LYS R 296 41.95 -7.96 76.89
C LYS R 296 41.54 -8.39 78.29
N GLU R 297 41.21 -9.65 78.48
CA GLU R 297 40.93 -10.18 79.81
C GLU R 297 42.24 -10.29 80.60
N SER R 387 20.10 -10.72 80.62
CA SER R 387 19.71 -11.61 81.71
C SER R 387 20.50 -11.31 82.98
N GLY R 388 21.35 -12.25 83.37
CA GLY R 388 22.19 -12.04 84.54
C GLY R 388 23.11 -10.84 84.38
N ILE R 389 23.70 -10.69 83.20
CA ILE R 389 24.48 -9.50 82.88
C ILE R 389 23.52 -8.34 82.71
N VAL R 390 23.72 -7.28 83.49
CA VAL R 390 22.86 -6.11 83.42
C VAL R 390 23.38 -5.19 82.31
N PRO R 391 22.52 -4.73 81.42
CA PRO R 391 22.98 -3.82 80.35
C PRO R 391 23.53 -2.51 80.93
N THR R 392 24.28 -1.80 80.10
CA THR R 392 25.09 -0.68 80.54
C THR R 392 24.61 0.63 79.94
N LEU R 393 24.57 1.66 80.79
CA LEU R 393 24.27 3.01 80.33
C LEU R 393 25.51 3.62 79.70
N GLN R 394 25.40 4.01 78.44
CA GLN R 394 26.50 4.66 77.76
C GLN R 394 26.34 6.17 77.82
N ASN R 395 25.32 6.68 77.15
CA ASN R 395 25.05 8.11 77.15
C ASN R 395 23.56 8.34 76.93
N ILE R 396 23.08 9.49 77.40
CA ILE R 396 21.70 9.90 77.23
C ILE R 396 21.69 11.29 76.59
N VAL R 397 20.86 11.47 75.58
CA VAL R 397 20.73 12.74 74.89
C VAL R 397 19.56 13.49 75.50
N ALA R 398 19.84 14.62 76.14
CA ALA R 398 18.82 15.51 76.65
C ALA R 398 18.95 16.84 75.95
N THR R 399 18.12 17.80 76.36
CA THR R 399 18.21 19.17 75.87
C THR R 399 17.60 20.08 76.92
N VAL R 400 18.04 21.33 76.94
CA VAL R 400 17.57 22.32 77.91
C VAL R 400 17.47 23.67 77.20
N THR R 401 16.36 24.38 77.41
CA THR R 401 16.21 25.72 76.84
C THR R 401 16.51 26.77 77.90
N LEU R 402 17.26 27.80 77.51
CA LEU R 402 17.50 28.92 78.42
C LEU R 402 16.30 29.85 78.47
N GLY R 403 15.76 30.21 77.32
CA GLY R 403 14.61 31.10 77.25
C GLY R 403 14.92 32.48 76.71
N CYS R 404 16.20 32.84 76.61
CA CYS R 404 16.53 34.14 76.03
C CYS R 404 17.63 33.94 74.99
N ARG R 405 17.35 34.37 73.77
CA ARG R 405 18.37 34.40 72.72
C ARG R 405 19.40 35.46 73.06
N LEU R 406 20.66 35.14 72.85
CA LEU R 406 21.76 36.01 73.26
C LEU R 406 22.97 35.79 72.36
N ASP R 407 23.90 36.73 72.44
CA ASP R 407 25.11 36.68 71.61
C ASP R 407 25.99 35.53 72.09
N LEU R 408 26.28 34.61 71.16
CA LEU R 408 27.26 33.56 71.44
C LEU R 408 28.66 34.12 71.58
N LYS R 409 29.04 35.04 70.69
CA LYS R 409 30.36 35.65 70.76
C LYS R 409 30.63 36.24 72.14
N THR R 410 29.91 37.31 72.49
CA THR R 410 30.21 38.07 73.69
C THR R 410 30.26 37.19 74.94
N VAL R 411 29.31 36.24 75.05
CA VAL R 411 29.27 35.42 76.25
C VAL R 411 30.41 34.40 76.25
N ALA R 412 30.66 33.76 75.11
CA ALA R 412 31.75 32.80 74.99
C ALA R 412 33.13 33.44 75.10
N LEU R 413 33.20 34.76 75.09
CA LEU R 413 34.48 35.45 75.22
C LEU R 413 35.19 35.08 76.51
N HIS R 414 34.43 34.89 77.60
CA HIS R 414 35.02 34.41 78.84
C HIS R 414 34.49 33.01 79.15
N ALA R 415 35.36 32.03 78.91
CA ALA R 415 35.20 30.68 79.44
C ALA R 415 36.54 29.98 79.34
N ARG R 416 36.76 28.98 80.19
CA ARG R 416 37.90 28.10 79.96
C ARG R 416 37.58 27.04 78.92
N ASN R 417 36.34 26.58 78.86
CA ASN R 417 35.88 25.65 77.85
C ASN R 417 34.92 26.37 76.92
N ALA R 418 35.41 26.70 75.73
CA ALA R 418 34.58 27.27 74.69
C ALA R 418 35.23 27.01 73.34
N GLU R 419 34.41 26.82 72.31
CA GLU R 419 34.85 26.95 70.92
C GLU R 419 33.69 27.58 70.15
N TYR R 420 33.98 28.64 69.42
CA TYR R 420 33.00 29.32 68.59
C TYR R 420 33.62 29.56 67.23
N ASN R 421 33.12 28.88 66.21
CA ASN R 421 33.61 29.10 64.85
C ASN R 421 32.49 28.92 63.84
N PRO R 422 31.60 29.90 63.68
CA PRO R 422 30.49 29.75 62.72
C PRO R 422 30.93 29.36 61.33
N LYS R 423 32.17 29.68 60.93
CA LYS R 423 32.70 29.17 59.68
C LYS R 423 32.63 27.66 59.62
N ARG R 424 33.01 26.99 60.71
CA ARG R 424 32.84 25.54 60.87
C ARG R 424 31.46 25.16 61.39
N PHE R 425 31.15 25.54 62.63
CA PHE R 425 29.83 25.27 63.21
C PHE R 425 29.42 26.53 63.98
N ALA R 426 28.15 26.89 63.88
CA ALA R 426 27.64 28.16 64.40
C ALA R 426 27.91 28.30 65.90
N ALA R 427 27.30 27.41 66.68
CA ALA R 427 27.14 27.62 68.11
C ALA R 427 28.47 27.46 68.82
N VAL R 428 28.43 27.65 70.14
CA VAL R 428 29.60 27.53 70.99
C VAL R 428 29.66 26.12 71.56
N ILE R 429 30.86 25.57 71.68
CA ILE R 429 31.07 24.25 72.23
C ILE R 429 31.24 24.36 73.73
N MET R 430 30.32 23.73 74.47
CA MET R 430 30.46 23.51 75.89
C MET R 430 31.02 22.10 76.12
N ARG R 431 32.05 22.03 76.94
CA ARG R 431 32.66 20.77 77.34
C ARG R 431 33.21 20.93 78.75
N ILE R 432 33.17 19.86 79.54
CA ILE R 432 33.74 19.91 80.88
C ILE R 432 34.18 18.51 81.30
N ARG R 433 35.31 18.46 82.01
CA ARG R 433 35.80 17.24 82.61
C ARG R 433 34.96 16.76 83.78
N GLU R 434 34.20 17.67 84.39
CA GLU R 434 33.32 17.27 85.48
C GLU R 434 31.88 17.70 85.22
N PRO R 435 30.93 16.79 85.47
CA PRO R 435 31.18 15.38 85.75
C PRO R 435 31.37 14.56 84.46
N LYS R 436 32.42 14.86 83.70
CA LYS R 436 32.72 14.18 82.43
C LYS R 436 31.53 14.27 81.49
N THR R 437 31.21 15.50 81.10
CA THR R 437 30.07 15.79 80.26
C THR R 437 30.46 16.81 79.21
N THR R 438 29.52 17.09 78.31
CA THR R 438 29.74 18.02 77.20
C THR R 438 28.61 19.02 77.11
N ALA R 439 27.39 18.51 76.87
CA ALA R 439 26.23 19.31 76.51
C ALA R 439 26.53 20.12 75.26
N LEU R 440 26.04 21.35 75.21
CA LEU R 440 26.07 22.17 74.00
C LEU R 440 25.41 23.51 74.33
N ILE R 441 25.38 24.41 73.36
CA ILE R 441 24.56 25.61 73.45
C ILE R 441 24.07 25.92 72.05
N PHE R 442 22.99 26.69 71.96
CA PHE R 442 22.54 27.27 70.71
C PHE R 442 22.64 28.79 70.80
N ALA R 443 22.33 29.45 69.67
CA ALA R 443 22.21 30.89 69.65
C ALA R 443 20.86 31.36 70.16
N SER R 444 19.81 30.59 69.85
CA SER R 444 18.45 30.97 70.19
C SER R 444 18.19 30.97 71.69
N GLY R 445 19.14 30.52 72.49
CA GLY R 445 18.88 30.37 73.91
C GLY R 445 18.43 28.96 74.26
N LYS R 446 18.81 27.99 73.44
CA LYS R 446 18.60 26.59 73.76
C LYS R 446 19.96 25.90 73.81
N MET R 447 19.95 24.62 74.18
CA MET R 447 21.15 23.82 74.19
C MET R 447 20.75 22.34 74.19
N VAL R 448 21.72 21.51 73.81
CA VAL R 448 21.60 20.06 73.91
C VAL R 448 22.46 19.63 75.09
N VAL R 449 21.99 18.63 75.83
CA VAL R 449 22.74 18.05 76.93
C VAL R 449 23.27 16.69 76.49
N THR R 450 24.59 16.53 76.59
CA THR R 450 25.26 15.33 76.09
C THR R 450 26.28 14.86 77.13
N GLY R 451 26.79 13.64 76.91
CA GLY R 451 27.77 13.07 77.81
C GLY R 451 27.20 12.62 79.13
N ALA R 452 25.91 12.30 79.18
CA ALA R 452 25.22 11.93 80.40
C ALA R 452 25.04 10.42 80.44
N LYS R 453 25.73 9.76 81.37
CA LYS R 453 25.52 8.34 81.57
C LYS R 453 24.29 8.08 82.43
N SER R 454 23.91 9.04 83.28
CA SER R 454 22.70 8.92 84.09
C SER R 454 22.03 10.28 84.15
N GLU R 455 20.87 10.31 84.83
CA GLU R 455 20.12 11.56 84.93
C GLU R 455 20.73 12.49 85.97
N ASP R 456 21.41 11.92 86.98
CA ASP R 456 22.07 12.75 87.98
C ASP R 456 23.01 13.77 87.33
N ASP R 457 24.11 13.30 86.73
CA ASP R 457 25.04 14.18 86.04
C ASP R 457 24.40 14.93 84.89
N SER R 458 23.23 14.50 84.43
CA SER R 458 22.57 15.13 83.30
C SER R 458 21.96 16.47 83.69
N LYS R 459 20.90 16.46 84.49
CA LYS R 459 20.22 17.70 84.85
C LYS R 459 21.12 18.56 85.74
N LEU R 460 21.96 17.93 86.56
CA LEU R 460 22.81 18.67 87.47
C LEU R 460 23.85 19.51 86.71
N ALA R 461 24.64 18.87 85.86
CA ALA R 461 25.55 19.63 85.02
C ALA R 461 24.80 20.58 84.11
N SER R 462 23.64 20.15 83.60
CA SER R 462 22.78 21.05 82.84
C SER R 462 22.52 22.34 83.60
N ARG R 463 22.35 22.23 84.92
CA ARG R 463 22.22 23.41 85.75
C ARG R 463 23.56 24.13 85.90
N LYS R 464 24.67 23.37 85.90
CA LYS R 464 25.98 24.00 86.01
C LYS R 464 26.26 24.93 84.83
N TYR R 465 25.96 24.50 83.61
CA TYR R 465 26.22 25.34 82.46
C TYR R 465 25.47 26.66 82.52
N ALA R 466 24.28 26.68 83.12
CA ALA R 466 23.55 27.92 83.33
C ALA R 466 24.23 28.84 84.33
N ARG R 467 25.05 28.30 85.24
CA ARG R 467 25.79 29.15 86.17
C ARG R 467 26.81 30.00 85.45
N ILE R 468 27.32 29.54 84.31
CA ILE R 468 28.22 30.37 83.51
C ILE R 468 27.50 31.62 83.05
N ILE R 469 26.44 31.46 82.26
CA ILE R 469 25.69 32.57 81.72
C ILE R 469 25.11 33.44 82.83
N GLN R 470 24.19 32.88 83.62
CA GLN R 470 23.60 33.64 84.71
C GLN R 470 24.64 34.26 85.63
N LYS R 471 25.83 33.67 85.73
CA LYS R 471 26.99 34.32 86.32
C LYS R 471 27.62 35.37 85.42
N ILE R 472 27.84 35.03 84.14
CA ILE R 472 28.50 35.92 83.20
C ILE R 472 27.51 36.60 82.29
N GLY R 473 26.79 35.83 81.48
CA GLY R 473 25.90 36.37 80.47
C GLY R 473 24.51 36.70 80.98
N PHE R 474 23.53 36.53 80.10
CA PHE R 474 22.17 37.04 80.27
C PHE R 474 21.33 36.16 81.17
N ALA R 475 20.00 36.35 81.14
CA ALA R 475 19.11 35.80 82.15
C ALA R 475 19.07 34.28 82.05
N ALA R 476 18.52 33.74 80.97
CA ALA R 476 18.76 32.34 80.60
C ALA R 476 18.51 31.35 81.73
N LYS R 477 17.25 31.14 82.09
CA LYS R 477 16.90 30.22 83.17
C LYS R 477 17.06 28.78 82.68
N PHE R 478 16.80 27.82 83.56
CA PHE R 478 16.85 26.39 83.21
C PHE R 478 15.43 26.00 82.83
N THR R 479 15.20 25.78 81.54
CA THR R 479 13.88 25.44 81.03
C THR R 479 14.03 24.37 79.97
N ASP R 480 12.94 23.65 79.74
CA ASP R 480 12.89 22.63 78.70
C ASP R 480 14.05 21.67 78.85
N PHE R 481 13.97 20.81 79.87
CA PHE R 481 14.85 19.65 80.02
C PHE R 481 14.07 18.44 79.52
N LYS R 482 14.53 17.85 78.40
CA LYS R 482 13.84 16.72 77.80
C LYS R 482 14.86 15.72 77.27
N ILE R 483 14.61 14.43 77.55
CA ILE R 483 15.45 13.36 77.00
C ILE R 483 15.15 13.23 75.52
N GLN R 484 16.17 12.93 74.72
CA GLN R 484 15.98 12.61 73.32
C GLN R 484 16.41 11.18 73.00
N ASN R 485 17.70 10.88 73.18
CA ASN R 485 18.20 9.54 72.91
C ASN R 485 18.89 9.02 74.15
N ILE R 486 18.97 7.70 74.26
CA ILE R 486 19.61 7.00 75.38
C ILE R 486 20.38 5.84 74.79
N VAL R 487 21.60 5.59 75.29
CA VAL R 487 22.48 4.57 74.73
C VAL R 487 22.83 3.55 75.80
N GLY R 488 23.00 2.29 75.38
CA GLY R 488 23.40 1.23 76.28
C GLY R 488 24.01 0.07 75.53
N SER R 489 24.82 -0.72 76.24
CA SER R 489 25.55 -1.80 75.60
C SER R 489 25.60 -3.01 76.52
N CYS R 490 25.98 -4.17 75.96
CA CYS R 490 26.09 -5.39 76.75
C CYS R 490 26.88 -6.43 75.96
N ASP R 491 27.09 -7.59 76.58
CA ASP R 491 27.76 -8.72 75.96
C ASP R 491 27.21 -10.02 76.53
N VAL R 492 27.01 -11.03 75.67
CA VAL R 492 26.54 -12.33 76.13
C VAL R 492 27.65 -13.37 76.23
N LYS R 493 28.89 -13.03 75.86
CA LYS R 493 30.05 -13.89 76.03
C LYS R 493 29.97 -15.20 75.25
N PHE R 494 29.20 -15.25 74.16
CA PHE R 494 29.28 -16.42 73.30
C PHE R 494 29.02 -16.02 71.85
N PRO R 495 29.62 -16.72 70.89
CA PRO R 495 29.35 -16.43 69.48
C PRO R 495 27.88 -16.65 69.14
N ILE R 496 27.41 -15.94 68.12
CA ILE R 496 26.00 -15.90 67.77
C ILE R 496 25.86 -15.99 66.26
N ARG R 497 24.80 -16.64 65.79
CA ARG R 497 24.50 -16.63 64.37
C ARG R 497 23.53 -15.49 64.06
N LEU R 498 24.04 -14.45 63.39
CA LEU R 498 23.23 -13.29 63.08
C LEU R 498 22.37 -13.49 61.85
N GLU R 499 22.93 -14.11 60.81
CA GLU R 499 22.23 -14.34 59.56
C GLU R 499 20.88 -15.04 59.76
N GLY R 500 20.83 -16.05 60.61
CA GLY R 500 19.58 -16.74 60.87
C GLY R 500 18.55 -15.82 61.47
N LEU R 501 18.99 -14.96 62.38
CA LEU R 501 18.10 -13.95 62.94
C LEU R 501 17.60 -13.02 61.85
N ALA R 502 18.50 -12.50 61.03
CA ALA R 502 18.11 -11.82 59.82
C ALA R 502 17.29 -12.73 58.90
N PHE R 503 17.65 -14.00 58.82
CA PHE R 503 16.81 -14.94 58.09
C PHE R 503 15.45 -15.13 58.75
N SER R 504 15.35 -14.85 60.05
CA SER R 504 14.10 -15.00 60.78
C SER R 504 13.41 -13.67 61.03
N HIS R 505 14.04 -12.81 61.82
CA HIS R 505 13.43 -11.57 62.29
C HIS R 505 13.69 -10.41 61.34
N GLY R 506 14.26 -10.74 60.17
CA GLY R 506 14.58 -9.72 59.18
C GLY R 506 13.43 -8.78 58.89
N THR R 507 12.19 -9.23 59.10
CA THR R 507 11.08 -8.29 59.15
C THR R 507 11.35 -7.17 60.15
N PHE R 508 11.82 -7.51 61.35
CA PHE R 508 12.20 -6.54 62.36
C PHE R 508 13.71 -6.28 62.37
N SER R 509 14.46 -6.91 61.47
CA SER R 509 15.91 -6.91 61.56
C SER R 509 16.50 -6.41 60.25
N SER R 510 17.70 -5.85 60.33
CA SER R 510 18.40 -5.37 59.12
C SER R 510 19.85 -5.81 59.22
N TYR R 511 20.29 -6.62 58.25
CA TYR R 511 21.68 -7.05 58.16
C TYR R 511 22.14 -6.87 56.73
N GLU R 512 23.09 -5.96 56.54
CA GLU R 512 23.69 -5.72 55.24
C GLU R 512 25.13 -6.17 55.42
N PRO R 513 25.36 -7.50 55.27
CA PRO R 513 26.58 -8.30 55.42
C PRO R 513 27.82 -7.50 55.81
N GLU R 514 28.55 -7.00 54.82
CA GLU R 514 29.71 -6.17 55.09
C GLU R 514 29.46 -4.70 54.77
N LEU R 515 28.25 -4.36 54.34
CA LEU R 515 27.91 -2.95 54.26
C LEU R 515 28.19 -2.26 55.58
N PHE R 516 28.15 -3.03 56.68
CA PHE R 516 28.59 -2.66 58.01
C PHE R 516 28.41 -3.91 58.87
N PRO R 517 29.38 -4.24 59.72
CA PRO R 517 29.28 -5.49 60.50
C PRO R 517 28.14 -5.49 61.49
N GLY R 518 27.85 -4.35 62.13
CA GLY R 518 26.79 -4.28 63.11
C GLY R 518 25.44 -4.53 62.49
N LEU R 519 24.71 -5.50 63.05
CA LEU R 519 23.39 -5.83 62.54
C LEU R 519 22.35 -4.90 63.17
N ILE R 520 21.40 -4.47 62.36
CA ILE R 520 20.37 -3.53 62.77
C ILE R 520 19.10 -4.31 63.07
N TYR R 521 18.46 -4.01 64.20
CA TYR R 521 17.16 -4.57 64.52
C TYR R 521 16.19 -3.42 64.70
N ARG R 522 14.92 -3.64 64.33
CA ARG R 522 13.90 -2.61 64.38
C ARG R 522 12.75 -3.10 65.25
N MET R 523 12.55 -2.43 66.38
CA MET R 523 11.43 -2.71 67.27
C MET R 523 10.73 -1.41 67.63
N VAL R 524 9.42 -1.38 67.43
CA VAL R 524 8.59 -0.25 67.83
C VAL R 524 7.99 -0.42 69.21
N LYS R 525 8.10 -1.60 69.81
CA LYS R 525 7.51 -1.85 71.12
C LYS R 525 8.48 -2.56 72.06
N PRO R 526 9.32 -1.80 72.77
CA PRO R 526 9.41 -0.33 72.69
C PRO R 526 10.14 0.11 71.43
N LYS R 527 10.21 1.41 71.16
CA LYS R 527 10.69 1.86 69.86
C LYS R 527 12.19 2.13 69.98
N ILE R 528 12.97 1.21 69.41
CA ILE R 528 14.43 1.22 69.52
C ILE R 528 15.01 0.48 68.31
N VAL R 529 16.18 0.92 67.85
CA VAL R 529 17.00 0.14 66.94
C VAL R 529 18.06 -0.60 67.75
N LEU R 530 18.23 -1.89 67.48
CA LEU R 530 19.15 -2.72 68.25
C LEU R 530 20.41 -3.00 67.46
N LEU R 531 21.52 -3.12 68.19
CA LEU R 531 22.86 -3.20 67.62
C LEU R 531 23.42 -4.58 67.92
N ILE R 532 23.54 -5.40 66.88
CA ILE R 532 23.67 -6.85 67.03
C ILE R 532 25.03 -7.28 66.49
N PHE R 533 25.60 -8.31 67.10
CA PHE R 533 26.95 -8.78 66.78
C PHE R 533 27.08 -10.28 67.08
N VAL R 534 27.94 -10.95 66.30
CA VAL R 534 28.29 -12.33 66.58
C VAL R 534 29.02 -12.44 67.90
N SER R 535 29.89 -11.47 68.19
CA SER R 535 30.69 -11.49 69.40
C SER R 535 29.84 -11.62 70.66
N GLY R 536 28.54 -11.34 70.56
CA GLY R 536 27.70 -11.25 71.73
C GLY R 536 27.70 -9.90 72.37
N LYS R 537 28.70 -9.07 72.11
CA LYS R 537 28.65 -7.67 72.48
C LYS R 537 27.47 -7.06 71.73
N ILE R 538 26.54 -6.49 72.49
CA ILE R 538 25.32 -5.93 71.91
C ILE R 538 25.12 -4.53 72.43
N VAL R 539 24.85 -3.60 71.53
CA VAL R 539 24.71 -2.20 71.91
C VAL R 539 23.30 -1.75 71.56
N LEU R 540 22.79 -0.75 72.29
CA LEU R 540 21.42 -0.30 72.07
C LEU R 540 21.36 1.21 72.21
N THR R 541 20.61 1.84 71.32
CA THR R 541 20.34 3.28 71.39
C THR R 541 19.03 3.59 70.68
N GLY R 542 18.71 4.87 70.64
CA GLY R 542 17.41 5.32 70.22
C GLY R 542 16.35 5.19 71.28
N ALA R 543 16.69 4.67 72.44
CA ALA R 543 15.74 4.46 73.54
C ALA R 543 15.40 5.78 74.19
N LYS R 544 14.12 5.94 74.53
CA LYS R 544 13.65 7.10 75.27
C LYS R 544 13.50 6.85 76.76
N GLN R 545 13.78 5.63 77.22
CA GLN R 545 13.54 5.29 78.62
C GLN R 545 14.52 4.23 79.09
N ARG R 546 14.93 4.35 80.36
CA ARG R 546 15.83 3.37 80.96
C ARG R 546 15.20 2.00 81.07
N GLU R 547 13.89 1.93 81.31
CA GLU R 547 13.25 0.63 81.42
C GLU R 547 13.13 -0.05 80.05
N GLU R 548 13.02 0.73 78.98
CA GLU R 548 13.08 0.18 77.64
C GLU R 548 14.30 -0.70 77.43
N ILE R 549 15.42 -0.34 78.07
CA ILE R 549 16.63 -1.16 78.03
C ILE R 549 16.31 -2.61 78.32
N TYR R 550 15.78 -2.88 79.51
CA TYR R 550 15.51 -4.25 79.91
C TYR R 550 14.30 -4.81 79.17
N GLN R 551 13.32 -3.96 78.85
CA GLN R 551 12.16 -4.38 78.07
C GLN R 551 12.56 -5.03 76.76
N ALA R 552 13.10 -4.25 75.82
CA ALA R 552 13.49 -4.83 74.53
C ALA R 552 14.69 -5.75 74.68
N PHE R 553 15.62 -5.40 75.58
CA PHE R 553 16.79 -6.24 75.82
C PHE R 553 16.42 -7.67 76.16
N GLU R 554 15.87 -7.89 77.36
CA GLU R 554 15.55 -9.25 77.76
C GLU R 554 14.30 -9.74 77.04
N ALA R 555 13.59 -8.84 76.36
CA ALA R 555 12.55 -9.26 75.44
C ALA R 555 13.12 -10.05 74.27
N ILE R 556 14.24 -9.59 73.71
CA ILE R 556 14.84 -10.26 72.56
C ILE R 556 15.99 -11.19 72.96
N TYR R 557 16.33 -11.24 74.25
CA TYR R 557 17.32 -12.24 74.67
C TYR R 557 16.86 -13.67 74.42
N PRO R 558 15.59 -14.04 74.64
CA PRO R 558 15.17 -15.39 74.21
C PRO R 558 15.34 -15.62 72.74
N VAL R 559 15.52 -14.56 71.95
CA VAL R 559 15.95 -14.75 70.57
C VAL R 559 17.43 -15.09 70.53
N LEU R 560 18.23 -14.44 71.38
CA LEU R 560 19.64 -14.78 71.49
C LEU R 560 19.82 -16.24 71.86
N SER R 561 19.48 -16.60 73.10
CA SER R 561 19.53 -18.00 73.51
C SER R 561 18.70 -18.89 72.61
N GLU R 562 17.68 -18.34 71.96
CA GLU R 562 16.94 -19.09 70.95
C GLU R 562 17.85 -19.49 69.80
N PHE R 563 18.68 -18.57 69.31
CA PHE R 563 19.54 -18.84 68.17
C PHE R 563 20.92 -19.21 68.70
N ARG R 564 21.23 -20.50 68.57
CA ARG R 564 22.49 -21.08 69.05
C ARG R 564 22.83 -22.29 68.19
N LYS R 565 24.09 -22.70 68.28
CA LYS R 565 24.57 -23.88 67.58
C LYS R 565 25.30 -24.78 68.56
N MET R 566 25.53 -26.02 68.13
CA MET R 566 26.16 -27.02 68.99
C MET R 566 26.84 -28.10 68.16
N SER R 576 23.52 -14.76 83.10
CA SER R 576 23.50 -16.02 82.37
C SER R 576 22.22 -16.17 81.55
N GLY R 577 21.36 -17.10 81.96
CA GLY R 577 20.11 -17.32 81.26
C GLY R 577 18.91 -16.78 82.00
N SER R 578 19.14 -16.20 83.17
CA SER R 578 18.00 -15.74 83.98
C SER R 578 17.89 -14.22 83.94
N PRO R 579 16.74 -13.68 83.56
CA PRO R 579 16.54 -12.22 83.61
C PRO R 579 16.59 -11.64 85.01
N ARG R 580 16.52 -12.47 86.06
CA ARG R 580 16.28 -12.02 87.42
C ARG R 580 14.96 -11.24 87.43
N ASN R 581 15.01 -9.95 87.74
CA ASN R 581 13.80 -9.13 87.77
C ASN R 581 13.79 -8.20 86.57
N LEU R 582 12.58 -7.92 86.08
CA LEU R 582 12.42 -7.00 84.96
C LEU R 582 12.94 -5.60 85.28
N HIS R 583 12.60 -5.06 86.44
CA HIS R 583 13.09 -3.75 86.84
C HIS R 583 13.63 -3.86 88.26
N LEU R 584 14.83 -3.33 88.48
CA LEU R 584 15.46 -3.29 89.79
C LEU R 584 15.92 -1.89 90.19
N LEU R 585 16.84 -1.30 89.44
CA LEU R 585 17.38 0.00 89.78
C LEU R 585 16.28 1.07 89.70
N PRO R 586 16.46 2.19 90.39
CA PRO R 586 15.42 3.24 90.38
C PRO R 586 15.18 3.79 88.98
N THR R 587 14.02 4.44 88.84
CA THR R 587 13.58 4.93 87.55
C THR R 587 14.36 6.17 87.13
N THR R 588 13.98 6.70 85.96
CA THR R 588 14.55 7.95 85.48
C THR R 588 14.10 9.12 86.35
N ASP R 589 12.81 9.18 86.69
CA ASP R 589 12.27 10.27 87.48
C ASP R 589 12.91 10.36 88.85
N THR R 590 13.40 9.24 89.41
CA THR R 590 14.09 9.30 90.68
C THR R 590 15.36 10.12 90.57
N TYR R 591 16.23 9.80 89.61
CA TYR R 591 17.48 10.51 89.45
C TYR R 591 17.26 11.93 88.92
N LEU R 592 16.16 12.16 88.20
CA LEU R 592 15.81 13.53 87.85
C LEU R 592 15.43 14.32 89.09
N SER R 593 14.71 13.70 90.02
CA SER R 593 14.38 14.36 91.28
C SER R 593 15.59 14.52 92.19
N LYS R 594 16.61 13.68 92.02
CA LYS R 594 17.83 13.81 92.82
C LYS R 594 18.56 15.11 92.49
N VAL R 595 18.20 15.75 91.39
CA VAL R 595 18.78 17.03 90.99
C VAL R 595 17.77 18.13 91.30
N SER R 596 18.28 19.29 91.71
CA SER R 596 17.40 20.44 91.90
C SER R 596 16.76 20.83 90.58
N ASP R 597 15.42 20.87 90.57
CA ASP R 597 14.65 21.10 89.36
C ASP R 597 14.28 22.56 89.14
N ASP R 598 14.59 23.44 90.10
CA ASP R 598 14.16 24.83 90.01
C ASP R 598 15.17 25.63 89.20
N PRO R 599 14.78 26.19 88.06
CA PRO R 599 15.73 26.99 87.25
C PRO R 599 16.41 28.11 88.01
N ASP R 600 15.75 28.71 89.01
CA ASP R 600 16.34 29.84 89.71
C ASP R 600 17.35 29.39 90.75
N ASN R 601 17.29 28.13 91.19
CA ASN R 601 18.36 27.61 92.03
C ASN R 601 19.57 27.32 91.16
N LEU R 602 20.67 27.99 91.47
CA LEU R 602 21.82 28.00 90.57
C LEU R 602 23.12 27.73 91.32
N GLU R 603 23.47 28.64 92.22
CA GLU R 603 24.72 28.58 92.97
C GLU R 603 24.90 27.30 93.75
N ASP R 604 23.82 26.55 94.01
CA ASP R 604 23.92 25.27 94.71
C ASP R 604 24.81 24.27 93.98
N VAL R 605 24.74 24.22 92.64
CA VAL R 605 25.59 23.32 91.88
C VAL R 605 26.86 23.99 91.40
N ASP R 606 27.05 25.28 91.69
CA ASP R 606 28.28 25.95 91.32
C ASP R 606 29.46 25.29 92.03
N ASP R 607 30.46 24.87 91.24
CA ASP R 607 31.62 24.15 91.76
C ASP R 607 32.67 25.09 92.33
N GLU R 608 32.47 26.40 92.17
CA GLU R 608 33.41 27.46 92.55
C GLU R 608 34.58 27.46 91.58
N GLU R 609 34.73 26.38 90.82
CA GLU R 609 35.63 26.38 89.68
C GLU R 609 34.95 26.99 88.48
N LEU R 610 33.63 27.16 88.54
CA LEU R 610 32.96 27.89 87.47
C LEU R 610 33.27 29.37 87.57
N ASN R 611 33.52 29.86 88.78
CA ASN R 611 34.25 31.12 88.91
C ASN R 611 35.55 31.07 88.13
N ALA R 612 36.27 29.96 88.22
CA ALA R 612 37.49 29.75 87.47
C ALA R 612 37.26 29.33 86.03
N HIS R 613 36.13 28.69 85.72
CA HIS R 613 35.86 28.24 84.35
C HIS R 613 35.74 29.38 83.36
N LEU R 614 35.78 30.63 83.81
CA LEU R 614 35.89 31.78 82.93
C LEU R 614 37.35 32.20 82.84
N LEU R 615 37.80 32.52 81.64
CA LEU R 615 39.11 33.12 81.46
C LEU R 615 39.09 34.58 81.89
N ASN R 616 40.27 35.13 82.18
CA ASN R 616 40.33 36.51 82.61
C ASN R 616 40.09 37.45 81.42
N GLU R 617 40.04 38.75 81.71
CA GLU R 617 39.61 39.69 80.68
C GLU R 617 40.64 39.82 79.56
N GLU R 618 41.93 39.83 79.89
CA GLU R 618 42.94 39.96 78.84
C GLU R 618 42.95 38.72 77.95
N ALA R 619 42.69 37.55 78.52
CA ALA R 619 42.54 36.36 77.67
C ALA R 619 41.41 36.52 76.68
N SER R 620 40.31 37.14 77.11
CA SER R 620 39.21 37.42 76.20
C SER R 620 39.61 38.42 75.13
N LYS R 621 40.24 39.53 75.53
CA LYS R 621 40.70 40.52 74.57
C LYS R 621 41.69 39.93 73.56
N LEU R 622 42.90 39.60 74.00
CA LEU R 622 43.97 39.11 73.15
C LEU R 622 43.66 37.78 72.49
N LYS R 623 43.15 36.80 73.25
CA LYS R 623 42.67 35.57 72.62
C LYS R 623 41.64 35.87 71.55
N GLU R 624 40.52 36.48 71.94
CA GLU R 624 39.55 36.99 70.98
C GLU R 624 40.22 37.84 69.89
N ARG R 625 41.22 38.62 70.26
CA ARG R 625 41.95 39.41 69.26
C ARG R 625 42.55 38.50 68.19
N ILE R 626 42.95 37.29 68.57
CA ILE R 626 43.50 36.35 67.60
C ILE R 626 42.38 35.69 66.81
N TRP R 627 41.37 35.18 67.52
CA TRP R 627 40.27 34.49 66.86
C TRP R 627 39.62 35.37 65.81
N ILE R 628 39.32 36.61 66.19
CA ILE R 628 38.95 37.63 65.21
C ILE R 628 40.13 37.91 64.28
N GLY R 629 41.34 37.66 64.76
CA GLY R 629 42.50 37.73 63.89
C GLY R 629 42.32 36.96 62.60
N LEU R 630 41.83 35.72 62.70
CA LEU R 630 41.42 34.98 61.51
C LEU R 630 40.04 35.34 61.00
N ASN R 631 39.08 35.52 61.90
CA ASN R 631 37.65 35.54 61.56
C ASN R 631 37.16 36.88 61.06
N ALA R 632 37.99 37.92 61.11
CA ALA R 632 37.57 39.23 60.61
C ALA R 632 37.33 39.19 59.11
N ASP R 633 37.80 38.14 58.44
CA ASP R 633 37.42 37.92 57.04
C ASP R 633 36.05 37.27 56.95
N PHE R 634 35.77 36.30 57.82
CA PHE R 634 34.43 35.72 57.90
C PHE R 634 33.39 36.79 58.20
N LEU R 635 33.44 37.36 59.40
CA LEU R 635 32.61 38.50 59.74
C LEU R 635 32.76 39.65 58.76
N LEU R 636 33.94 39.76 58.13
CA LEU R 636 34.11 40.77 57.09
C LEU R 636 33.11 40.58 55.96
N GLU R 637 33.24 39.48 55.22
CA GLU R 637 32.33 39.26 54.09
C GLU R 637 30.88 39.18 54.54
N GLN R 638 30.66 38.73 55.77
CA GLN R 638 29.35 38.90 56.39
C GLN R 638 28.89 40.36 56.27
N GLU R 639 29.64 41.28 56.85
CA GLU R 639 29.34 42.70 56.76
C GLU R 639 29.34 43.18 55.32
N SER R 640 29.98 42.46 54.40
CA SER R 640 29.97 42.86 53.01
C SER R 640 28.63 42.55 52.36
N LYS R 641 28.06 41.39 52.69
CA LYS R 641 26.67 41.12 52.34
C LYS R 641 25.75 42.12 53.00
N ARG R 642 25.96 42.40 54.28
CA ARG R 642 25.17 43.42 54.97
C ARG R 642 25.28 44.76 54.24
N LEU R 643 26.40 45.00 53.58
CA LEU R 643 26.55 46.20 52.76
C LEU R 643 25.81 46.05 51.43
N LYS R 644 25.76 44.84 50.89
CA LYS R 644 24.95 44.59 49.70
C LYS R 644 23.48 44.80 49.98
N GLN R 645 23.06 44.68 51.24
CA GLN R 645 21.70 45.05 51.61
C GLN R 645 21.42 46.52 51.29
N GLU R 646 22.46 47.36 51.30
CA GLU R 646 22.32 48.68 50.71
C GLU R 646 22.22 48.60 49.20
N ALA R 647 23.02 47.73 48.57
CA ALA R 647 22.95 47.57 47.13
C ALA R 647 21.59 47.07 46.67
N ASP R 648 20.72 46.65 47.61
CA ASP R 648 19.35 46.35 47.27
C ASP R 648 18.67 47.52 46.57
N ILE R 649 19.09 48.74 46.89
CA ILE R 649 18.54 49.93 46.26
C ILE R 649 18.68 49.86 44.75
N ALA R 650 19.92 49.89 44.26
CA ALA R 650 20.15 49.82 42.82
C ALA R 650 19.97 48.39 42.32
N UNK S 317 49.48 -34.51 50.62
CA UNK S 317 50.93 -34.46 50.47
C UNK S 317 51.44 -33.03 50.29
N UNK S 318 52.75 -32.88 50.29
CA UNK S 318 53.43 -31.63 49.97
C UNK S 318 53.12 -30.44 50.88
N UNK S 319 52.74 -29.32 50.26
CA UNK S 319 52.67 -28.02 50.91
C UNK S 319 51.76 -27.94 52.14
N UNK S 320 51.93 -26.84 52.87
CA UNK S 320 51.13 -26.56 54.05
C UNK S 320 50.11 -25.49 53.72
N UNK S 321 49.98 -24.51 54.61
CA UNK S 321 49.11 -23.37 54.38
C UNK S 321 49.88 -22.12 54.78
N UNK S 322 50.31 -21.35 53.79
CA UNK S 322 51.19 -20.21 54.06
C UNK S 322 51.09 -19.11 53.01
N UNK S 323 51.51 -17.91 53.40
CA UNK S 323 51.53 -16.76 52.51
C UNK S 323 52.83 -16.75 51.72
N UNK S 324 52.92 -15.84 50.75
CA UNK S 324 54.11 -15.64 49.94
C UNK S 324 54.56 -16.93 49.25
N UNK S 325 53.64 -17.85 49.06
CA UNK S 325 53.94 -19.13 48.44
C UNK S 325 54.25 -18.92 46.95
N UNK S 326 54.94 -19.88 46.36
CA UNK S 326 55.31 -19.78 44.95
C UNK S 326 55.53 -21.17 44.37
N UNK S 327 55.39 -21.29 43.05
CA UNK S 327 55.64 -22.55 42.39
C UNK S 327 54.69 -22.84 41.23
N UNK S 328 55.27 -23.00 40.04
CA UNK S 328 54.57 -23.52 38.86
C UNK S 328 53.48 -22.62 38.26
N UNK S 329 53.33 -22.75 36.95
CA UNK S 329 52.18 -22.22 36.20
C UNK S 329 52.00 -20.71 36.20
N UNK S 330 51.12 -20.26 35.30
CA UNK S 330 50.60 -18.89 35.27
C UNK S 330 51.59 -17.82 34.83
N UNK S 331 51.07 -16.78 34.19
CA UNK S 331 51.92 -15.71 33.64
C UNK S 331 51.26 -14.34 33.75
N UNK S 332 51.50 -13.48 32.78
CA UNK S 332 50.93 -12.13 32.73
C UNK S 332 51.14 -11.36 34.03
N UNK S 333 52.22 -11.68 34.74
CA UNK S 333 52.41 -11.17 36.10
C UNK S 333 53.65 -10.28 36.25
N UNK S 334 54.31 -9.97 35.15
CA UNK S 334 55.41 -9.02 35.20
C UNK S 334 54.78 -7.69 35.50
N UNK S 335 53.59 -7.51 34.96
CA UNK S 335 52.79 -6.33 35.22
C UNK S 335 52.45 -6.27 36.69
N UNK S 336 52.30 -7.43 37.32
CA UNK S 336 51.96 -7.50 38.74
C UNK S 336 53.10 -6.97 39.58
N UNK S 337 54.31 -7.43 39.27
CA UNK S 337 55.49 -6.97 39.97
C UNK S 337 55.64 -5.47 39.75
N UNK S 338 55.34 -5.05 38.52
CA UNK S 338 55.40 -3.64 38.18
C UNK S 338 54.41 -2.86 39.05
N UNK S 339 53.32 -3.53 39.40
CA UNK S 339 52.28 -2.91 40.20
C UNK S 339 52.72 -2.80 41.64
N UNK S 340 53.44 -3.82 42.13
CA UNK S 340 53.94 -3.78 43.49
C UNK S 340 54.94 -2.64 43.60
N UNK S 341 55.86 -2.61 42.64
CA UNK S 341 56.86 -1.56 42.58
C UNK S 341 56.20 -0.21 42.34
N UNK S 342 54.96 -0.23 41.87
CA UNK S 342 54.22 1.00 41.61
C UNK S 342 53.62 1.52 42.90
N UNK S 343 53.07 0.60 43.71
CA UNK S 343 52.51 0.97 44.99
C UNK S 343 53.61 1.48 45.89
N UNK S 344 54.75 0.79 45.86
CA UNK S 344 55.90 1.19 46.65
C UNK S 344 56.48 2.49 46.09
N UNK S 345 56.36 2.64 44.77
CA UNK S 345 56.93 3.78 44.08
C UNK S 345 56.20 5.06 44.43
N UNK S 346 54.96 5.17 43.96
CA UNK S 346 54.12 6.32 44.26
C UNK S 346 53.92 6.44 45.76
N UNK S 347 54.07 5.31 46.45
CA UNK S 347 54.05 5.30 47.90
C UNK S 347 55.16 6.22 48.40
N UNK S 348 56.41 5.80 48.20
CA UNK S 348 57.56 6.57 48.67
C UNK S 348 57.53 8.01 48.15
N UNK S 349 57.01 8.18 46.94
CA UNK S 349 56.87 9.51 46.36
C UNK S 349 55.90 10.34 47.17
N UNK S 350 54.89 9.68 47.72
CA UNK S 350 53.89 10.36 48.55
C UNK S 350 54.44 10.58 49.94
N UNK S 351 55.34 9.71 50.37
CA UNK S 351 56.00 9.82 51.65
C UNK S 351 56.84 11.07 51.60
N UNK S 352 57.41 11.30 50.42
CA UNK S 352 58.16 12.52 50.17
C UNK S 352 57.18 13.68 50.14
N UNK S 353 56.03 13.45 49.50
CA UNK S 353 55.01 14.49 49.36
C UNK S 353 54.55 14.97 50.73
N UNK S 354 54.53 14.05 51.69
CA UNK S 354 54.20 14.40 53.06
C UNK S 354 55.41 15.07 53.69
N UNK S 355 56.59 14.50 53.43
CA UNK S 355 57.82 15.01 54.00
C UNK S 355 58.26 16.31 53.32
N UNK S 356 57.65 16.61 52.18
CA UNK S 356 57.97 17.84 51.46
C UNK S 356 57.49 19.04 52.26
N UNK S 357 56.22 19.01 52.65
CA UNK S 357 55.63 20.09 53.41
C UNK S 357 56.11 20.06 54.87
N UNK S 358 56.80 18.98 55.23
CA UNK S 358 57.29 18.81 56.60
C UNK S 358 58.29 19.89 57.00
N UNK S 359 58.82 20.61 56.02
CA UNK S 359 59.75 21.69 56.27
C UNK S 359 59.01 22.93 56.78
N THR S 360 47.97 38.58 24.68
CA THR S 360 47.10 37.41 24.57
C THR S 360 45.68 37.81 24.21
N ALA S 361 45.47 39.11 24.00
CA ALA S 361 44.16 39.62 23.60
C ALA S 361 44.04 39.66 22.09
N ILE S 362 43.00 40.30 21.58
CA ILE S 362 42.79 40.47 20.15
C ILE S 362 43.98 41.26 19.61
N GLN S 363 44.65 40.73 18.60
CA GLN S 363 45.87 41.34 18.10
C GLN S 363 45.58 42.26 16.91
N LEU S 364 46.64 42.75 16.28
CA LEU S 364 46.53 43.66 15.15
C LEU S 364 47.87 43.69 14.41
N LYS S 365 47.91 44.43 13.31
CA LYS S 365 49.13 44.64 12.54
C LYS S 365 48.91 45.83 11.62
N LEU S 366 49.89 46.06 10.74
CA LEU S 366 49.85 47.15 9.78
C LEU S 366 49.31 46.66 8.43
N ASN S 367 49.29 47.57 7.47
CA ASN S 367 48.96 47.29 6.07
C ASN S 367 49.09 48.57 5.25
N PRO S 368 49.73 48.49 4.08
CA PRO S 368 49.79 49.69 3.21
C PRO S 368 48.45 50.09 2.63
N ASP S 369 47.64 49.14 2.18
CA ASP S 369 46.41 49.46 1.47
C ASP S 369 45.31 49.84 2.45
N GLY S 370 44.76 48.86 3.16
CA GLY S 370 43.87 49.14 4.25
C GLY S 370 44.65 49.81 5.36
N THR S 371 44.24 50.99 5.79
CA THR S 371 45.06 51.73 6.73
C THR S 371 44.96 51.11 8.11
N MET S 372 46.11 50.65 8.64
CA MET S 372 46.22 50.08 9.98
C MET S 372 45.18 48.96 10.16
N ALA S 373 45.36 47.93 9.35
CA ALA S 373 44.39 46.85 9.22
C ALA S 373 44.43 45.90 10.40
N ILE S 374 43.26 45.69 11.00
CA ILE S 374 43.07 44.73 12.08
C ILE S 374 43.19 43.33 11.50
N ASP S 375 43.60 42.36 12.32
CA ASP S 375 43.59 40.98 11.89
C ASP S 375 42.24 40.35 12.23
N GLU S 376 42.13 39.03 12.07
CA GLU S 376 40.84 38.37 12.28
C GLU S 376 40.92 37.28 13.35
N GLU S 377 41.78 36.27 13.16
CA GLU S 377 41.72 35.04 13.94
C GLU S 377 41.84 35.31 15.43
N THR S 378 42.37 36.47 15.82
CA THR S 378 42.53 36.80 17.23
C THR S 378 41.25 37.35 17.85
N MET S 379 40.17 37.48 17.07
CA MET S 379 38.90 37.96 17.62
C MET S 379 38.45 37.08 18.78
N VAL S 380 38.26 35.79 18.52
CA VAL S 380 37.97 34.83 19.56
C VAL S 380 39.15 33.87 19.68
N VAL S 381 39.37 33.37 20.89
CA VAL S 381 40.53 32.56 21.18
C VAL S 381 40.24 31.10 20.81
N ASP S 382 41.25 30.42 20.28
CA ASP S 382 41.17 28.99 20.08
C ASP S 382 40.95 28.23 21.38
N ARG S 383 41.65 28.63 22.45
CA ARG S 383 41.61 28.01 23.77
C ARG S 383 42.37 26.69 23.73
N HIS S 384 42.60 26.18 22.52
CA HIS S 384 43.50 25.04 22.35
C HIS S 384 44.96 25.47 22.23
N LYS S 385 45.21 26.72 21.82
CA LYS S 385 46.59 27.17 21.64
C LYS S 385 47.39 27.07 22.93
N ASN S 386 47.13 27.99 23.87
CA ASN S 386 47.96 28.09 25.07
C ASN S 386 47.83 26.86 25.95
N ALA S 387 46.67 26.23 25.96
CA ALA S 387 46.48 24.94 26.62
C ALA S 387 47.39 23.87 26.05
N SER S 388 47.30 23.62 24.74
CA SER S 388 48.16 22.63 24.11
C SER S 388 49.63 23.05 24.20
N ILE S 389 49.90 24.36 24.18
CA ILE S 389 51.27 24.83 24.38
C ILE S 389 51.77 24.35 25.73
N GLU S 390 50.97 24.52 26.79
CA GLU S 390 51.36 24.00 28.09
C GLU S 390 51.42 22.48 28.08
N ASN S 391 50.50 21.83 27.36
CA ASN S 391 50.45 20.38 27.28
C ASN S 391 51.68 19.74 26.65
N GLU S 392 52.47 20.50 25.90
CA GLU S 392 53.60 19.95 25.16
C GLU S 392 54.66 19.35 26.06
N TYR S 393 55.00 19.99 27.17
CA TYR S 393 56.07 19.51 28.03
C TYR S 393 55.60 18.49 29.06
N LYS S 394 54.32 18.13 29.04
CA LYS S 394 53.85 17.10 29.96
C LYS S 394 54.50 15.76 29.64
N GLU S 395 54.57 14.91 30.67
CA GLU S 395 55.29 13.65 30.56
C GLU S 395 54.33 12.49 30.30
N LYS S 396 54.62 11.74 29.23
CA LYS S 396 53.90 10.52 28.90
C LYS S 396 54.07 9.51 30.03
N VAL S 397 53.00 8.79 30.35
CA VAL S 397 53.07 7.74 31.36
C VAL S 397 52.07 6.66 30.98
N ASP S 398 52.38 5.42 31.35
CA ASP S 398 51.65 4.26 30.89
C ASP S 398 50.92 3.58 32.04
N GLU S 399 49.87 2.83 31.69
CA GLU S 399 48.98 2.24 32.67
C GLU S 399 49.15 0.72 32.73
N ASN S 400 49.67 0.24 33.84
CA ASN S 400 49.35 -1.17 33.95
C ASN S 400 47.91 -1.30 34.46
N PRO S 401 47.24 -2.41 34.19
CA PRO S 401 45.84 -2.54 34.61
C PRO S 401 45.66 -2.35 36.10
N PHE S 402 46.75 -2.44 36.84
CA PHE S 402 46.73 -2.45 38.29
C PHE S 402 46.90 -1.07 38.91
N ALA S 403 47.22 -0.04 38.14
CA ALA S 403 47.47 1.28 38.73
C ALA S 403 46.17 1.94 39.19
N ASN S 404 45.07 1.71 38.48
CA ASN S 404 43.77 2.26 38.84
C ASN S 404 43.16 1.61 40.08
N LEU S 405 43.87 0.62 40.65
CA LEU S 405 43.30 -0.29 41.64
C LEU S 405 42.55 0.48 42.72
N TYR S 406 41.30 0.10 42.96
CA TYR S 406 40.43 0.83 43.84
C TYR S 406 39.75 -0.12 44.82
N ASN S 407 39.43 0.42 45.99
CA ASN S 407 38.83 -0.39 47.04
C ASN S 407 38.05 0.54 47.96
N TYR S 408 37.62 0.03 49.11
CA TYR S 408 36.96 0.87 50.10
C TYR S 408 37.76 2.12 50.43
N GLY S 409 39.10 2.00 50.42
CA GLY S 409 39.92 3.18 50.57
C GLY S 409 39.70 4.24 49.52
N SER S 410 39.38 3.84 48.30
CA SER S 410 39.13 4.82 47.26
C SER S 410 37.97 5.72 47.65
N TYR S 411 38.15 7.02 47.38
CA TYR S 411 37.14 8.03 47.67
C TYR S 411 36.81 8.08 49.16
N GLY S 412 37.72 7.59 49.99
CA GLY S 412 37.46 7.48 51.41
C GLY S 412 37.68 8.78 52.17
N ARG S 413 36.82 9.00 53.16
CA ARG S 413 36.98 10.14 54.05
C ARG S 413 38.20 9.91 54.94
N GLY S 414 38.72 11.00 55.51
CA GLY S 414 39.92 10.95 56.31
C GLY S 414 41.15 10.83 55.44
N SER S 415 42.29 11.15 56.05
CA SER S 415 43.56 11.15 55.34
C SER S 415 44.64 10.63 56.27
N TYR S 416 45.87 10.61 55.76
CA TYR S 416 47.01 10.18 56.55
C TYR S 416 47.29 11.18 57.66
N THR S 417 47.55 10.66 58.86
CA THR S 417 47.89 11.46 60.03
C THR S 417 49.34 11.20 60.39
N ASP S 418 50.18 12.20 60.18
CA ASP S 418 51.57 12.07 60.57
C ASP S 418 51.65 11.94 62.08
N PRO S 419 52.41 10.98 62.60
CA PRO S 419 52.53 10.86 64.06
C PRO S 419 53.08 12.15 64.68
N TRP S 420 52.84 12.30 65.98
CA TRP S 420 53.15 13.53 66.68
C TRP S 420 54.34 13.32 67.61
N THR S 421 55.47 13.94 67.30
CA THR S 421 56.68 13.71 68.08
C THR S 421 56.59 14.42 69.43
N VAL S 422 57.63 14.26 70.25
CA VAL S 422 57.61 14.72 71.63
C VAL S 422 57.37 16.22 71.71
N GLU S 423 58.33 17.03 71.27
CA GLU S 423 58.18 18.48 71.29
C GLU S 423 56.91 18.93 70.59
N GLU S 424 56.51 18.24 69.53
CA GLU S 424 55.23 18.51 68.91
C GLU S 424 54.07 18.19 69.85
N MET S 425 54.27 17.24 70.77
CA MET S 425 53.22 16.86 71.70
C MET S 425 53.20 17.72 72.96
N ILE S 426 54.28 18.42 73.28
CA ILE S 426 54.32 19.10 74.56
C ILE S 426 53.56 20.41 74.50
N LYS S 427 53.69 21.16 73.40
CA LYS S 427 52.78 22.27 73.15
C LYS S 427 51.34 21.80 73.12
N PHE S 428 51.10 20.63 72.53
CA PHE S 428 49.81 19.95 72.65
C PHE S 428 49.41 19.80 74.11
N TYR S 429 50.37 19.60 75.01
CA TYR S 429 50.05 19.71 76.44
C TYR S 429 50.01 21.15 76.91
N LYS S 430 50.89 22.01 76.37
CA LYS S 430 51.02 23.37 76.90
C LYS S 430 49.71 24.14 76.79
N ALA S 431 49.14 24.22 75.59
CA ALA S 431 47.95 25.04 75.37
C ALA S 431 46.82 24.70 76.33
N LEU S 432 46.77 23.44 76.79
CA LEU S 432 45.80 23.06 77.81
C LEU S 432 45.93 23.90 79.07
N SER S 433 47.05 23.78 79.80
CA SER S 433 47.32 24.64 80.94
C SER S 433 47.39 26.12 80.58
N MET S 434 47.55 26.47 79.31
CA MET S 434 47.60 27.87 78.90
C MET S 434 46.18 28.42 78.78
N TRP S 435 45.47 28.02 77.73
CA TRP S 435 44.20 28.66 77.41
C TRP S 435 43.02 27.79 77.78
N GLY S 436 42.76 26.74 77.00
CA GLY S 436 41.56 25.95 77.21
C GLY S 436 41.30 24.95 76.11
N THR S 437 40.03 24.57 75.95
CA THR S 437 39.63 23.49 75.06
C THR S 437 39.74 23.84 73.58
N ASP S 438 39.99 25.10 73.24
CA ASP S 438 39.88 25.50 71.85
C ASP S 438 41.12 25.02 71.10
N PHE S 439 40.91 24.14 70.13
CA PHE S 439 42.00 23.59 69.34
C PHE S 439 42.40 24.50 68.20
N ASN S 440 41.49 25.33 67.70
CA ASN S 440 41.80 26.23 66.59
C ASN S 440 43.03 27.07 66.91
N LEU S 441 43.22 27.41 68.19
CA LEU S 441 44.49 27.97 68.63
C LEU S 441 45.66 27.10 68.20
N ILE S 442 45.56 25.78 68.43
CA ILE S 442 46.67 24.89 68.10
C ILE S 442 46.79 24.74 66.59
N SER S 443 45.68 24.87 65.87
CA SER S 443 45.75 24.88 64.41
C SER S 443 46.65 26.01 63.92
N GLN S 444 46.57 27.18 64.57
CA GLN S 444 47.55 28.23 64.30
C GLN S 444 48.94 27.84 64.78
N LEU S 445 49.03 26.98 65.79
CA LEU S 445 50.34 26.57 66.29
C LEU S 445 51.00 25.57 65.35
N TYR S 446 50.19 24.69 64.75
CA TYR S 446 50.69 23.71 63.79
C TYR S 446 49.87 23.79 62.51
N PRO S 447 50.02 24.85 61.71
CA PRO S 447 49.26 24.92 60.45
C PRO S 447 49.58 23.80 59.50
N TYR S 448 50.83 23.31 59.50
CA TYR S 448 51.16 22.08 58.79
C TYR S 448 50.23 20.94 59.18
N ARG S 449 49.94 20.83 60.47
CA ARG S 449 48.95 19.91 61.00
C ARG S 449 47.54 20.42 60.73
N SER S 450 46.58 19.51 60.74
CA SER S 450 45.18 19.88 60.63
C SER S 450 44.57 20.02 62.03
N ARG S 451 43.29 20.39 62.06
CA ARG S 451 42.59 20.61 63.32
C ARG S 451 41.89 19.36 63.84
N LYS S 452 40.94 18.80 63.09
CA LYS S 452 40.28 17.57 63.50
C LYS S 452 41.27 16.49 63.89
N GLN S 453 42.49 16.55 63.35
CA GLN S 453 43.59 15.81 63.92
C GLN S 453 43.66 16.00 65.42
N VAL S 454 43.97 17.21 65.87
CA VAL S 454 44.13 17.46 67.30
C VAL S 454 42.84 17.16 68.04
N LYS S 455 41.69 17.35 67.39
CA LYS S 455 40.43 16.93 67.99
C LYS S 455 40.47 15.44 68.33
N ALA S 456 40.90 14.62 67.38
CA ALA S 456 41.02 13.19 67.62
C ALA S 456 42.07 12.88 68.68
N LYS S 457 43.31 13.31 68.45
CA LYS S 457 44.41 13.03 69.37
C LYS S 457 44.06 13.40 70.80
N PHE S 458 43.41 14.55 70.97
CA PHE S 458 42.90 14.95 72.27
C PHE S 458 42.04 13.86 72.89
N VAL S 459 41.22 13.20 72.08
CA VAL S 459 40.43 12.09 72.61
C VAL S 459 41.30 10.87 72.83
N ASN S 460 42.32 10.67 71.99
CA ASN S 460 43.22 9.54 72.15
C ASN S 460 43.90 9.58 73.51
N GLU S 461 44.80 10.54 73.71
CA GLU S 461 45.54 10.56 74.97
C GLU S 461 44.68 11.04 76.12
N GLU S 462 43.60 11.77 75.80
CA GLU S 462 42.56 12.00 76.79
C GLU S 462 42.07 10.69 77.37
N LYS S 463 41.73 9.73 76.52
CA LYS S 463 41.22 8.44 76.96
C LYS S 463 42.28 7.65 77.70
N LYS S 464 43.44 7.44 77.07
CA LYS S 464 44.41 6.51 77.63
C LYS S 464 45.23 7.14 78.76
N ARG S 465 45.41 8.47 78.74
CA ARG S 465 46.14 9.16 79.80
C ARG S 465 45.27 10.28 80.36
N PRO S 466 44.23 9.94 81.13
CA PRO S 466 43.40 10.98 81.74
C PRO S 466 44.10 11.75 82.84
N ILE S 467 45.15 11.20 83.45
CA ILE S 467 45.86 11.92 84.49
C ILE S 467 46.60 13.12 83.90
N LEU S 468 47.23 12.92 82.75
CA LEU S 468 47.82 14.03 82.03
C LEU S 468 46.77 15.09 81.71
N ILE S 469 45.53 14.66 81.49
CA ILE S 469 44.42 15.60 81.37
C ILE S 469 44.13 16.27 82.71
N GLU S 470 44.33 15.55 83.81
CA GLU S 470 44.11 16.14 85.12
C GLU S 470 45.07 17.27 85.37
N LEU S 471 46.34 17.10 84.97
CA LEU S 471 47.29 18.19 85.13
C LEU S 471 47.09 19.26 84.05
N ALA S 472 47.45 18.94 82.80
CA ALA S 472 47.40 19.92 81.73
C ALA S 472 46.04 20.61 81.64
N LEU S 473 44.95 19.86 81.80
CA LEU S 473 43.64 20.47 81.85
C LEU S 473 43.35 21.14 83.19
N ARG S 474 43.52 20.43 84.29
CA ARG S 474 43.19 20.99 85.60
C ARG S 474 44.18 22.07 86.00
N SER S 475 45.47 21.74 86.02
CA SER S 475 46.50 22.71 86.38
C SER S 475 46.58 23.73 85.25
N LYS S 476 46.48 25.02 85.61
CA LYS S 476 46.46 26.10 84.63
C LYS S 476 47.53 27.11 85.01
N LEU S 477 48.59 27.20 84.18
CA LEU S 477 49.46 28.33 84.48
C LEU S 477 49.04 29.54 83.64
N PRO S 478 49.15 30.74 84.20
CA PRO S 478 48.72 31.94 83.46
C PRO S 478 49.53 32.12 82.19
N PRO S 479 48.87 32.30 81.05
CA PRO S 479 49.60 32.54 79.80
C PRO S 479 50.32 33.88 79.84
N ASN S 480 51.62 33.85 79.51
CA ASN S 480 52.39 35.08 79.38
C ASN S 480 53.27 35.12 78.14
N PHE S 481 54.32 34.29 78.14
CA PHE S 481 55.41 34.35 77.17
C PHE S 481 55.24 33.38 76.01
N ASP S 482 55.24 32.08 76.29
CA ASP S 482 54.94 31.10 75.24
C ASP S 482 53.58 31.39 74.62
N GLU S 483 52.66 32.01 75.38
CA GLU S 483 51.46 32.58 74.82
C GLU S 483 51.79 33.45 73.60
N TYR S 484 52.68 34.41 73.78
CA TYR S 484 53.09 35.26 72.66
C TYR S 484 53.91 34.48 71.65
N CYS S 485 54.84 33.64 72.11
CA CYS S 485 55.79 32.99 71.22
C CYS S 485 55.10 32.08 70.21
N CYS S 486 54.34 31.10 70.68
CA CYS S 486 53.56 30.28 69.75
C CYS S 486 52.36 31.04 69.20
N GLU S 487 51.85 32.02 69.96
CA GLU S 487 50.83 32.93 69.46
C GLU S 487 51.26 33.61 68.16
N ILE S 488 52.28 34.46 68.24
CA ILE S 488 52.78 35.17 67.06
C ILE S 488 54.02 34.42 66.59
N LYS S 489 53.81 33.84 65.41
CA LYS S 489 54.77 33.11 64.59
C LYS S 489 54.54 33.70 63.19
N LYS S 490 53.26 33.88 62.85
CA LYS S 490 52.79 34.48 61.60
C LYS S 490 51.77 35.52 62.05
N ASN S 491 52.28 36.61 62.63
CA ASN S 491 51.48 37.70 63.21
C ASN S 491 50.31 38.35 62.46
N ILE S 492 49.48 39.01 63.27
CA ILE S 492 48.30 39.75 62.87
C ILE S 492 48.37 41.16 63.43
N GLY S 493 48.54 42.15 62.56
CA GLY S 493 48.74 43.51 63.02
C GLY S 493 47.41 44.22 63.21
N THR S 494 47.34 45.08 64.23
CA THR S 494 46.23 45.99 64.49
C THR S 494 44.87 45.33 64.29
N VAL S 495 44.55 44.31 65.07
CA VAL S 495 43.31 43.55 64.88
C VAL S 495 42.09 44.44 64.97
N ALA S 496 41.81 45.00 66.15
CA ALA S 496 40.66 45.88 66.29
C ALA S 496 40.78 47.13 65.44
N ASP S 497 42.00 47.57 65.14
CA ASP S 497 42.21 48.75 64.31
C ASP S 497 42.05 48.47 62.83
N PHE S 498 42.49 47.31 62.35
CA PHE S 498 42.23 46.92 60.96
C PHE S 498 40.78 46.49 60.78
N ASN S 499 40.12 46.08 61.87
CA ASN S 499 38.68 45.86 61.84
C ASN S 499 37.94 47.14 61.48
N GLU S 500 38.01 48.15 62.34
CA GLU S 500 37.33 49.42 62.09
C GLU S 500 37.91 50.10 60.85
N LYS S 501 39.18 49.86 60.55
CA LYS S 501 39.78 50.37 59.33
C LYS S 501 39.13 49.77 58.09
N LEU S 502 38.91 48.47 58.10
CA LEU S 502 38.38 47.79 56.93
C LEU S 502 36.88 48.02 56.81
N ILE S 503 36.18 48.08 57.95
CA ILE S 503 34.83 48.61 57.98
C ILE S 503 34.79 49.99 57.37
N GLU S 504 35.82 50.80 57.64
CA GLU S 504 35.92 52.12 57.04
C GLU S 504 36.19 52.02 55.54
N LEU S 505 36.80 50.92 55.10
CA LEU S 505 36.95 50.71 53.66
C LEU S 505 35.61 50.42 53.01
N GLN S 506 34.83 49.48 53.59
CA GLN S 506 33.48 49.25 53.11
C GLN S 506 32.62 50.50 53.23
N ASN S 507 32.99 51.41 54.13
CA ASN S 507 32.28 52.67 54.26
C ASN S 507 32.73 53.67 53.21
N GLU S 508 33.96 53.53 52.72
CA GLU S 508 34.43 54.41 51.65
C GLU S 508 33.84 54.00 50.31
N HIS S 509 33.88 52.70 50.01
CA HIS S 509 33.17 52.22 48.83
C HIS S 509 31.67 52.26 49.05
N LYS S 510 31.25 52.43 50.31
CA LYS S 510 29.82 52.62 50.61
C LYS S 510 29.39 54.03 50.27
N HIS S 511 30.17 55.03 50.67
CA HIS S 511 29.95 56.37 50.16
C HIS S 511 30.14 56.42 48.66
N HIS S 512 30.88 55.46 48.10
CA HIS S 512 30.94 55.31 46.66
C HIS S 512 29.68 54.61 46.14
N MET S 513 28.95 53.94 47.01
CA MET S 513 27.66 53.38 46.62
C MET S 513 26.60 54.47 46.57
N LYS S 514 26.56 55.32 47.59
CA LYS S 514 25.75 56.53 47.50
C LYS S 514 26.20 57.42 46.36
N GLU S 515 27.49 57.38 46.01
CA GLU S 515 27.99 58.12 44.87
C GLU S 515 27.45 57.57 43.57
N ILE S 516 27.58 56.26 43.37
CA ILE S 516 27.00 55.60 42.20
C ILE S 516 25.51 55.88 42.12
N GLU S 517 24.84 55.89 43.27
CA GLU S 517 23.43 56.30 43.30
C GLU S 517 23.26 57.73 42.84
N GLU S 518 24.19 58.61 43.20
CA GLU S 518 24.09 60.02 42.84
C GLU S 518 24.21 60.22 41.34
N ALA S 519 25.32 59.75 40.76
CA ALA S 519 25.48 59.79 39.31
C ALA S 519 24.36 59.06 38.59
N LYS S 520 23.84 58.00 39.20
CA LYS S 520 22.67 57.32 38.65
C LYS S 520 21.47 58.23 38.55
N ASN S 521 21.03 58.81 39.68
CA ASN S 521 19.90 59.72 39.70
C ASN S 521 20.10 60.93 38.79
N THR S 522 21.34 61.38 38.61
CA THR S 522 21.62 62.50 37.72
C THR S 522 21.08 62.22 36.32
N ALA S 523 21.67 61.24 35.63
CA ALA S 523 21.16 60.86 34.31
C ALA S 523 19.77 60.27 34.39
N LYS S 524 19.38 59.73 35.55
CA LYS S 524 18.04 59.19 35.72
C LYS S 524 16.99 60.26 35.46
N GLU S 525 17.08 61.39 36.15
CA GLU S 525 16.14 62.47 35.90
C GLU S 525 16.48 63.26 34.65
N GLU S 526 17.76 63.28 34.27
CA GLU S 526 18.17 63.94 33.03
C GLU S 526 17.43 63.36 31.83
N ASP S 527 17.47 62.04 31.68
CA ASP S 527 16.69 61.39 30.65
C ASP S 527 15.22 61.77 30.73
N GLN S 528 14.65 61.76 31.94
CA GLN S 528 13.27 62.18 32.13
C GLN S 528 13.02 63.56 31.53
N THR S 529 13.96 64.48 31.69
CA THR S 529 13.84 65.78 31.06
C THR S 529 13.92 65.67 29.55
N ALA S 530 14.77 64.77 29.04
CA ALA S 530 14.93 64.64 27.59
C ALA S 530 13.81 63.84 26.94
N GLN S 531 12.89 63.26 27.73
CA GLN S 531 11.87 62.38 27.18
C GLN S 531 10.73 63.12 26.51
N ARG S 532 10.54 64.40 26.83
CA ARG S 532 9.34 65.12 26.42
C ARG S 532 9.25 65.36 24.92
N LEU S 533 10.29 65.04 24.17
CA LEU S 533 10.24 65.18 22.71
C LEU S 533 9.56 63.97 22.08
#